data_8K2S
#
_entry.id   8K2S
#
loop_
_entity.id
_entity.type
_entity.pdbx_description
1 polymer 'Molecular chaperone HtpG (Fragment)'
2 polymer 'Disordered protein (D131D)'
#
loop_
_entity_poly.entity_id
_entity_poly.type
_entity_poly.pdbx_seq_one_letter_code
_entity_poly.pdbx_strand_id
1 'polypeptide(L)'
;MKHHHHHHPMSDYDIPTTENLYFQGHMAQALWTRNKSEITDEEYKEFYKHIAHDFNDPLTWSHNRVEGKQEYTSLLYIPS
QAPWDMWNRDHKHGLKLYVQRVFIMDDAEQFMPNYLRFVRGLIDSSDLPLNVSREILQDSTVTRNLRNALTKRVLQMLEK
LAKDDAEKYQTFWQQFGLVLKEGPAEDFANQEAIAKLLRFASTHTDSSAQTVSLEDYVSRMKEGQEKIYYITADSYAAAK
SSPHLELLRKKGIEVLLLSDRIDEWMMNYLTEFDGKPFQSVSKVDESLEKLA
;
A
2 'polypeptide(L)' LEGSGSGSGSGSGQGHMATSTLIKAIDGDTVKLMYKGQPMTFRLLLVDTPETKHPKKGVEKYGPEASAFTKKMVENA B
#
# COMPACT_ATOMS: atom_id res chain seq x y z
N ALA A 28 -20.91 -15.11 21.67
CA ALA A 28 -20.80 -13.72 22.14
C ALA A 28 -19.78 -13.61 23.29
N GLN A 29 -18.50 -13.55 22.91
CA GLN A 29 -17.36 -13.40 23.84
C GLN A 29 -16.39 -12.36 23.28
N ALA A 30 -15.44 -11.92 24.10
CA ALA A 30 -14.32 -11.07 23.66
C ALA A 30 -13.66 -11.69 22.39
N LEU A 31 -14.00 -11.10 21.23
CA LEU A 31 -13.75 -11.69 19.90
C LEU A 31 -12.26 -11.77 19.58
N TRP A 32 -11.48 -10.80 20.10
CA TRP A 32 -10.03 -10.73 19.83
C TRP A 32 -9.27 -11.90 20.49
N THR A 33 -9.77 -12.40 21.65
CA THR A 33 -9.14 -13.53 22.37
C THR A 33 -9.80 -14.87 21.97
N ARG A 34 -10.88 -14.80 21.18
CA ARG A 34 -11.58 -16.00 20.67
C ARG A 34 -10.75 -16.67 19.57
N ASN A 35 -10.86 -18.02 19.46
CA ASN A 35 -10.12 -18.78 18.42
C ASN A 35 -10.82 -18.61 17.05
N LYS A 36 -10.01 -18.50 15.99
CA LYS A 36 -10.45 -18.17 14.61
C LYS A 36 -11.47 -19.19 14.04
N SER A 37 -11.43 -20.43 14.57
CA SER A 37 -12.30 -21.55 14.14
C SER A 37 -13.79 -21.19 14.28
N GLU A 38 -14.14 -20.54 15.40
CA GLU A 38 -15.53 -20.14 15.68
C GLU A 38 -15.89 -18.81 15.01
N ILE A 39 -14.86 -18.00 14.72
CA ILE A 39 -15.04 -16.63 14.23
C ILE A 39 -15.23 -16.65 12.71
N THR A 40 -16.50 -16.68 12.28
CA THR A 40 -16.87 -16.59 10.86
C THR A 40 -16.72 -15.14 10.38
N ASP A 41 -16.93 -14.93 9.08
CA ASP A 41 -16.80 -13.61 8.44
C ASP A 41 -17.74 -12.55 9.07
N GLU A 42 -18.96 -13.01 9.47
CA GLU A 42 -20.00 -12.15 10.10
C GLU A 42 -19.41 -11.42 11.31
N GLU A 43 -18.76 -12.23 12.15
CA GLU A 43 -18.12 -11.81 13.40
C GLU A 43 -17.12 -10.67 13.16
N TYR A 44 -16.23 -10.86 12.17
CA TYR A 44 -15.18 -9.88 11.82
C TYR A 44 -15.77 -8.56 11.28
N LYS A 45 -16.64 -8.68 10.28
CA LYS A 45 -17.23 -7.53 9.53
C LYS A 45 -18.10 -6.65 10.45
N GLU A 46 -18.70 -7.28 11.47
CA GLU A 46 -19.54 -6.59 12.48
C GLU A 46 -18.61 -5.89 13.50
N PHE A 47 -17.60 -6.65 13.96
CA PHE A 47 -16.69 -6.22 15.04
C PHE A 47 -15.85 -5.01 14.63
N TYR A 48 -15.52 -4.93 13.31
CA TYR A 48 -14.84 -3.76 12.72
C TYR A 48 -15.67 -2.48 12.94
N LYS A 49 -16.96 -2.54 12.56
CA LYS A 49 -17.90 -1.42 12.68
C LYS A 49 -18.07 -1.00 14.16
N HIS A 50 -17.98 -1.99 15.05
CA HIS A 50 -18.22 -1.83 16.48
C HIS A 50 -17.02 -1.08 17.14
N ILE A 51 -15.80 -1.55 16.85
CA ILE A 51 -14.56 -1.09 17.53
C ILE A 51 -14.06 0.27 17.02
N ALA A 52 -14.30 0.54 15.73
CA ALA A 52 -13.83 1.76 15.06
C ALA A 52 -14.88 2.87 15.14
N HIS A 53 -16.12 2.48 15.55
CA HIS A 53 -17.32 3.35 15.50
C HIS A 53 -17.64 3.79 14.06
N ASP A 54 -17.19 2.96 13.11
CA ASP A 54 -17.31 3.20 11.66
C ASP A 54 -18.44 2.29 11.13
N PHE A 55 -18.96 2.58 9.93
CA PHE A 55 -20.11 1.79 9.38
C PHE A 55 -19.85 1.34 7.93
N ASN A 56 -18.64 1.61 7.42
CA ASN A 56 -18.18 0.98 6.16
C ASN A 56 -17.77 -0.46 6.48
N ASP A 57 -17.62 -1.28 5.44
CA ASP A 57 -17.19 -2.68 5.58
C ASP A 57 -15.65 -2.76 5.58
N PRO A 58 -15.06 -3.82 6.22
CA PRO A 58 -13.65 -4.15 6.03
C PRO A 58 -13.46 -4.94 4.71
N LEU A 59 -12.41 -4.57 3.96
CA LEU A 59 -12.01 -5.27 2.74
C LEU A 59 -11.45 -6.65 3.10
N THR A 60 -10.56 -6.66 4.11
CA THR A 60 -10.07 -7.88 4.72
C THR A 60 -9.60 -7.62 6.16
N TRP A 61 -9.12 -8.69 6.81
CA TRP A 61 -8.72 -8.70 8.22
C TRP A 61 -7.57 -9.70 8.41
N SER A 62 -6.86 -9.59 9.54
CA SER A 62 -5.79 -10.54 9.91
C SER A 62 -5.81 -10.75 11.43
N HIS A 63 -6.42 -11.87 11.85
CA HIS A 63 -6.45 -12.27 13.26
C HIS A 63 -5.27 -13.21 13.53
N ASN A 64 -4.35 -12.78 14.39
CA ASN A 64 -3.16 -13.56 14.78
C ASN A 64 -3.14 -13.70 16.31
N ARG A 65 -2.92 -14.91 16.81
CA ARG A 65 -2.63 -15.16 18.23
C ARG A 65 -1.15 -15.51 18.32
N VAL A 66 -0.43 -14.80 19.21
CA VAL A 66 0.99 -15.02 19.44
C VAL A 66 1.24 -15.12 20.95
N GLU A 67 2.12 -16.06 21.31
CA GLU A 67 2.43 -16.40 22.69
C GLU A 67 3.89 -16.87 22.79
N GLY A 68 4.31 -17.27 23.99
CA GLY A 68 5.67 -17.74 24.23
C GLY A 68 6.46 -16.67 24.94
N LYS A 69 7.29 -15.93 24.20
CA LYS A 69 7.96 -14.73 24.73
C LYS A 69 6.95 -13.58 24.85
N GLN A 70 6.49 -13.10 23.68
CA GLN A 70 5.54 -11.98 23.60
C GLN A 70 4.13 -12.52 23.40
N GLU A 71 3.35 -12.45 24.49
CA GLU A 71 1.96 -12.92 24.53
C GLU A 71 1.04 -11.78 24.08
N TYR A 72 0.85 -11.66 22.75
CA TYR A 72 0.00 -10.64 22.16
C TYR A 72 -0.92 -11.27 21.12
N THR A 73 -2.20 -10.88 21.14
CA THR A 73 -3.19 -11.32 20.16
C THR A 73 -3.66 -10.10 19.36
N SER A 74 -3.32 -10.08 18.06
CA SER A 74 -3.63 -8.96 17.17
C SER A 74 -4.83 -9.28 16.29
N LEU A 75 -5.63 -8.26 15.99
CA LEU A 75 -6.80 -8.36 15.12
C LEU A 75 -6.93 -7.06 14.33
N LEU A 76 -6.40 -7.09 13.11
CA LEU A 76 -6.28 -5.92 12.23
C LEU A 76 -7.40 -5.96 11.18
N TYR A 77 -7.85 -4.77 10.73
CA TYR A 77 -8.83 -4.63 9.64
C TYR A 77 -8.33 -3.58 8.64
N ILE A 78 -8.72 -3.77 7.37
CA ILE A 78 -8.44 -2.83 6.29
C ILE A 78 -9.76 -2.12 5.92
N PRO A 79 -9.93 -0.80 6.29
CA PRO A 79 -11.14 0.00 5.93
C PRO A 79 -11.35 0.09 4.40
N SER A 80 -12.62 0.05 3.97
CA SER A 80 -12.98 0.25 2.56
C SER A 80 -12.87 1.73 2.17
N GLN A 81 -13.20 2.61 3.14
CA GLN A 81 -13.23 4.07 2.96
C GLN A 81 -12.31 4.72 3.99
N ALA A 82 -11.65 5.81 3.58
CA ALA A 82 -10.79 6.60 4.45
C ALA A 82 -11.64 7.54 5.31
N PRO A 83 -11.57 7.46 6.68
CA PRO A 83 -12.21 8.46 7.55
C PRO A 83 -11.56 9.85 7.32
N TRP A 84 -12.31 10.92 7.60
CA TRP A 84 -11.82 12.30 7.38
C TRP A 84 -10.62 12.59 8.30
N ASP A 85 -10.65 11.96 9.47
CA ASP A 85 -9.63 12.11 10.53
C ASP A 85 -8.34 11.30 10.23
N MET A 86 -8.26 10.70 9.04
CA MET A 86 -7.05 10.06 8.53
C MET A 86 -6.02 11.15 8.12
N TRP A 87 -6.53 12.37 7.80
CA TRP A 87 -5.69 13.52 7.36
C TRP A 87 -5.97 14.77 8.23
N ASN A 88 -6.54 14.56 9.43
CA ASN A 88 -6.84 15.64 10.39
C ASN A 88 -5.66 15.83 11.35
N ARG A 89 -5.59 17.01 12.03
CA ARG A 89 -4.55 17.27 13.06
C ARG A 89 -4.88 16.52 14.36
N ASP A 90 -6.14 16.06 14.51
CA ASP A 90 -6.57 15.16 15.57
C ASP A 90 -6.61 13.75 14.99
N HIS A 91 -5.96 12.79 15.66
CA HIS A 91 -5.65 11.48 15.08
C HIS A 91 -6.79 10.47 15.35
N LYS A 92 -7.07 9.63 14.34
CA LYS A 92 -8.02 8.50 14.47
C LYS A 92 -7.40 7.20 13.91
N HIS A 93 -6.23 7.33 13.26
CA HIS A 93 -5.46 6.19 12.76
C HIS A 93 -4.84 5.41 13.93
N GLY A 94 -4.83 4.07 13.82
CA GLY A 94 -4.25 3.21 14.85
C GLY A 94 -5.22 2.14 15.35
N LEU A 95 -4.79 1.43 16.41
CA LEU A 95 -5.51 0.28 16.98
C LEU A 95 -6.09 0.65 18.36
N LYS A 96 -6.99 -0.20 18.87
CA LYS A 96 -7.42 -0.13 20.27
C LYS A 96 -6.43 -0.93 21.11
N LEU A 97 -5.68 -0.24 21.95
CA LEU A 97 -4.73 -0.87 22.86
C LEU A 97 -5.49 -1.54 24.02
N TYR A 98 -5.28 -2.86 24.14
CA TYR A 98 -5.70 -3.68 25.27
C TYR A 98 -4.45 -4.31 25.90
N VAL A 99 -4.44 -4.40 27.22
CA VAL A 99 -3.43 -5.14 27.99
C VAL A 99 -4.15 -6.11 28.92
N GLN A 100 -4.05 -7.42 28.60
CA GLN A 100 -4.61 -8.54 29.41
C GLN A 100 -6.16 -8.45 29.47
N ARG A 101 -6.75 -8.28 28.27
CA ARG A 101 -8.22 -8.12 28.02
C ARG A 101 -8.75 -6.73 28.43
N VAL A 102 -7.91 -5.91 29.09
CA VAL A 102 -8.31 -4.61 29.66
C VAL A 102 -7.97 -3.49 28.68
N PHE A 103 -8.99 -2.78 28.18
CA PHE A 103 -8.82 -1.58 27.33
C PHE A 103 -8.03 -0.50 28.07
N ILE A 104 -7.01 0.07 27.40
CA ILE A 104 -6.12 1.10 27.98
C ILE A 104 -6.29 2.42 27.19
N MET A 105 -6.10 2.33 25.87
CA MET A 105 -6.13 3.51 24.97
C MET A 105 -6.77 3.14 23.62
N ASP A 106 -7.39 4.13 22.97
CA ASP A 106 -7.97 4.00 21.61
C ASP A 106 -7.14 4.85 20.63
N ASP A 107 -7.16 4.48 19.33
CA ASP A 107 -6.42 5.20 18.24
C ASP A 107 -4.89 5.16 18.46
N ALA A 108 -4.39 4.11 19.14
CA ALA A 108 -2.96 3.94 19.43
C ALA A 108 -2.24 3.54 18.13
N GLU A 109 -1.75 4.56 17.39
CA GLU A 109 -1.09 4.36 16.08
C GLU A 109 0.37 3.91 16.23
N GLN A 110 0.86 3.83 17.46
CA GLN A 110 2.25 3.44 17.74
C GLN A 110 2.54 1.96 17.44
N PHE A 111 1.50 1.22 17.03
CA PHE A 111 1.61 -0.17 16.55
C PHE A 111 1.77 -0.24 15.01
N MET A 112 1.45 0.87 14.30
CA MET A 112 1.66 1.02 12.83
C MET A 112 2.33 2.36 12.52
N PRO A 113 3.48 2.42 11.77
CA PRO A 113 4.06 3.70 11.32
C PRO A 113 3.04 4.54 10.48
N ASN A 114 3.35 5.82 10.26
CA ASN A 114 2.41 6.78 9.62
C ASN A 114 2.10 6.39 8.14
N TYR A 115 2.95 5.53 7.59
CA TYR A 115 2.87 5.05 6.19
C TYR A 115 1.92 3.83 6.09
N LEU A 116 1.66 3.22 7.27
CA LEU A 116 0.71 2.10 7.42
C LEU A 116 -0.49 2.57 8.27
N ARG A 117 -0.77 3.90 8.26
CA ARG A 117 -1.76 4.55 9.16
C ARG A 117 -3.19 4.02 8.95
N PHE A 118 -3.44 3.46 7.76
CA PHE A 118 -4.77 2.97 7.33
C PHE A 118 -5.28 1.81 8.19
N VAL A 119 -4.36 0.98 8.73
CA VAL A 119 -4.72 -0.21 9.51
C VAL A 119 -5.44 0.23 10.80
N ARG A 120 -6.70 -0.21 10.93
CA ARG A 120 -7.56 0.10 12.08
C ARG A 120 -8.11 -1.23 12.62
N GLY A 121 -8.08 -1.37 13.95
CA GLY A 121 -8.50 -2.60 14.61
C GLY A 121 -8.20 -2.54 16.08
N LEU A 122 -7.59 -3.60 16.62
CA LEU A 122 -7.17 -3.66 18.03
C LEU A 122 -6.05 -4.68 18.18
N ILE A 123 -5.34 -4.58 19.30
CA ILE A 123 -4.23 -5.48 19.66
C ILE A 123 -4.16 -5.58 21.20
N ASP A 124 -4.06 -6.82 21.70
CA ASP A 124 -3.97 -7.11 23.13
C ASP A 124 -2.55 -7.59 23.45
N SER A 125 -1.95 -7.06 24.52
CA SER A 125 -0.59 -7.39 24.95
C SER A 125 -0.60 -7.85 26.41
N SER A 126 0.28 -8.81 26.75
CA SER A 126 0.55 -9.19 28.15
C SER A 126 1.97 -8.74 28.56
N ASP A 127 2.65 -8.06 27.63
CA ASP A 127 4.08 -7.67 27.78
C ASP A 127 4.17 -6.22 28.22
N LEU A 128 3.44 -5.36 27.46
CA LEU A 128 3.32 -3.92 27.73
C LEU A 128 2.58 -3.71 29.07
N PRO A 129 3.00 -2.70 29.93
CA PRO A 129 2.36 -2.44 31.24
C PRO A 129 0.86 -2.09 31.09
N LEU A 130 0.09 -2.20 32.18
CA LEU A 130 -1.35 -1.86 32.16
C LEU A 130 -1.52 -0.33 32.21
N ASN A 131 -0.59 0.37 32.89
CA ASN A 131 -0.59 1.84 33.00
C ASN A 131 0.14 2.51 31.81
N VAL A 132 0.33 1.75 30.71
CA VAL A 132 1.08 2.18 29.53
C VAL A 132 0.48 3.46 28.90
N SER A 133 1.36 4.40 28.56
CA SER A 133 1.00 5.70 27.99
C SER A 133 1.34 5.71 26.49
N ARG A 134 0.85 6.74 25.78
CA ARG A 134 1.08 6.93 24.32
C ARG A 134 2.60 7.11 24.05
N GLU A 135 3.28 7.69 25.03
CA GLU A 135 4.71 7.97 25.02
C GLU A 135 5.52 6.66 25.11
N ILE A 136 5.06 5.72 25.99
CA ILE A 136 5.67 4.38 26.13
C ILE A 136 5.49 3.60 24.81
N LEU A 137 4.29 3.71 24.25
CA LEU A 137 3.91 3.02 23.01
C LEU A 137 4.87 3.36 21.85
N GLN A 138 5.23 4.64 21.72
CA GLN A 138 6.12 5.10 20.65
C GLN A 138 7.58 4.68 20.93
N ASP A 139 8.04 5.03 22.15
CA ASP A 139 9.47 5.01 22.51
C ASP A 139 10.00 3.61 22.87
N SER A 140 9.22 2.84 23.66
CA SER A 140 9.65 1.54 24.24
C SER A 140 10.08 0.54 23.15
N THR A 141 11.13 -0.24 23.47
CA THR A 141 11.73 -1.20 22.54
C THR A 141 10.86 -2.46 22.38
N VAL A 142 10.18 -2.90 23.46
CA VAL A 142 9.27 -4.07 23.39
C VAL A 142 8.07 -3.77 22.47
N THR A 143 7.60 -2.51 22.55
CA THR A 143 6.50 -2.02 21.72
C THR A 143 6.99 -1.68 20.30
N ARG A 144 8.30 -1.37 20.19
CA ARG A 144 8.96 -1.16 18.89
C ARG A 144 8.97 -2.50 18.12
N ASN A 145 9.36 -3.59 18.82
CA ASN A 145 9.34 -4.97 18.26
C ASN A 145 7.90 -5.40 17.93
N LEU A 146 6.94 -4.94 18.77
CA LEU A 146 5.49 -5.21 18.59
C LEU A 146 5.03 -4.56 17.25
N ARG A 147 5.48 -3.31 17.04
CA ARG A 147 5.11 -2.48 15.88
C ARG A 147 5.61 -3.08 14.54
N ASN A 148 6.86 -3.60 14.54
CA ASN A 148 7.49 -4.22 13.35
C ASN A 148 6.91 -5.62 13.09
N ALA A 149 6.53 -6.31 14.18
CA ALA A 149 5.86 -7.63 14.10
C ALA A 149 4.52 -7.50 13.36
N LEU A 150 3.83 -6.39 13.64
CA LEU A 150 2.53 -6.07 13.02
C LEU A 150 2.71 -5.57 11.58
N THR A 151 3.88 -4.93 11.29
CA THR A 151 4.24 -4.49 9.92
C THR A 151 4.30 -5.69 8.95
N LYS A 152 4.68 -6.87 9.49
CA LYS A 152 4.66 -8.14 8.74
C LYS A 152 3.24 -8.49 8.29
N ARG A 153 2.27 -8.29 9.21
CA ARG A 153 0.84 -8.54 8.95
C ARG A 153 0.28 -7.52 7.95
N VAL A 154 0.83 -6.29 7.95
CA VAL A 154 0.37 -5.23 7.05
C VAL A 154 0.77 -5.56 5.60
N LEU A 155 2.08 -5.88 5.39
CA LEU A 155 2.60 -6.33 4.07
C LEU A 155 1.80 -7.54 3.57
N GLN A 156 1.55 -8.48 4.50
CA GLN A 156 0.77 -9.69 4.25
C GLN A 156 -0.60 -9.29 3.68
N MET A 157 -1.37 -8.51 4.47
CA MET A 157 -2.76 -8.10 4.13
C MET A 157 -2.83 -7.30 2.82
N LEU A 158 -1.81 -6.48 2.53
CA LEU A 158 -1.79 -5.59 1.35
C LEU A 158 -1.73 -6.38 0.02
N GLU A 159 -0.66 -7.18 -0.12
CA GLU A 159 -0.45 -7.99 -1.32
C GLU A 159 -1.53 -9.08 -1.42
N LYS A 160 -1.88 -9.64 -0.25
CA LYS A 160 -2.95 -10.63 -0.10
C LYS A 160 -4.29 -10.05 -0.57
N LEU A 161 -4.54 -8.76 -0.27
CA LEU A 161 -5.80 -8.07 -0.63
C LEU A 161 -5.92 -7.89 -2.15
N ALA A 162 -4.77 -7.62 -2.81
CA ALA A 162 -4.71 -7.41 -4.26
C ALA A 162 -5.11 -8.69 -5.04
N LYS A 163 -4.80 -9.87 -4.44
CA LYS A 163 -5.10 -11.20 -5.04
C LYS A 163 -6.35 -11.86 -4.39
N ASP A 164 -6.75 -11.31 -3.21
CA ASP A 164 -7.99 -11.69 -2.49
C ASP A 164 -9.18 -11.27 -3.35
N ASP A 165 -9.15 -10.00 -3.73
CA ASP A 165 -10.11 -9.37 -4.62
C ASP A 165 -9.57 -8.00 -5.07
N ALA A 166 -9.16 -7.91 -6.34
CA ALA A 166 -8.54 -6.70 -6.93
C ALA A 166 -9.44 -5.44 -6.82
N GLU A 167 -10.77 -5.66 -6.69
CA GLU A 167 -11.75 -4.57 -6.54
C GLU A 167 -11.62 -3.91 -5.16
N LYS A 168 -11.35 -4.74 -4.14
CA LYS A 168 -11.09 -4.28 -2.77
C LYS A 168 -9.84 -3.39 -2.71
N TYR A 169 -8.75 -3.84 -3.36
CA TYR A 169 -7.47 -3.10 -3.35
C TYR A 169 -7.59 -1.80 -4.20
N GLN A 170 -8.47 -1.83 -5.20
CA GLN A 170 -8.80 -0.64 -6.02
C GLN A 170 -9.48 0.43 -5.14
N THR A 171 -10.46 -0.02 -4.34
CA THR A 171 -11.20 0.85 -3.39
C THR A 171 -10.24 1.43 -2.34
N PHE A 172 -9.37 0.53 -1.82
CA PHE A 172 -8.34 0.82 -0.82
C PHE A 172 -7.45 1.99 -1.27
N TRP A 173 -6.91 1.88 -2.49
CA TRP A 173 -5.94 2.85 -3.01
C TRP A 173 -6.59 4.22 -3.26
N GLN A 174 -7.84 4.24 -3.74
CA GLN A 174 -8.57 5.49 -4.01
C GLN A 174 -8.94 6.24 -2.70
N GLN A 175 -8.63 5.62 -1.54
CA GLN A 175 -8.85 6.20 -0.21
C GLN A 175 -7.51 6.47 0.52
N PHE A 176 -6.54 5.55 0.38
CA PHE A 176 -5.28 5.53 1.16
C PHE A 176 -4.04 5.57 0.25
N GLY A 177 -4.21 6.02 -0.99
CA GLY A 177 -3.16 6.00 -2.01
C GLY A 177 -1.97 6.91 -1.72
N LEU A 178 -2.25 8.03 -1.03
CA LEU A 178 -1.22 9.00 -0.65
C LEU A 178 -0.35 8.43 0.50
N VAL A 179 -0.99 7.59 1.34
CA VAL A 179 -0.38 7.02 2.56
C VAL A 179 0.81 6.10 2.24
N LEU A 180 0.62 5.17 1.28
CA LEU A 180 1.67 4.20 0.87
C LEU A 180 2.83 4.89 0.10
N LYS A 181 2.62 6.15 -0.34
CA LYS A 181 3.66 6.93 -1.04
C LYS A 181 4.66 7.58 -0.06
N GLU A 182 4.32 7.55 1.25
CA GLU A 182 5.24 7.93 2.33
C GLU A 182 6.31 6.83 2.50
N GLY A 183 5.95 5.59 2.05
CA GLY A 183 6.82 4.42 2.17
C GLY A 183 8.14 4.54 1.41
N PRO A 184 8.15 4.48 0.04
CA PRO A 184 9.41 4.48 -0.77
C PRO A 184 10.26 5.75 -0.61
N ALA A 185 9.60 6.84 -0.13
CA ALA A 185 10.25 8.13 0.14
C ALA A 185 10.99 8.09 1.50
N GLU A 186 10.52 7.20 2.39
CA GLU A 186 11.17 6.92 3.68
C GLU A 186 12.40 6.01 3.44
N ASP A 187 12.15 4.72 3.13
CA ASP A 187 13.23 3.75 2.88
C ASP A 187 13.20 3.29 1.41
N PHE A 188 14.21 3.74 0.66
CA PHE A 188 14.39 3.36 -0.74
C PHE A 188 15.13 2.01 -0.88
N ALA A 189 15.73 1.52 0.22
CA ALA A 189 16.44 0.21 0.22
C ALA A 189 15.48 -0.97 -0.08
N ASN A 190 14.28 -0.94 0.53
CA ASN A 190 13.23 -1.98 0.33
C ASN A 190 11.96 -1.34 -0.25
N GLN A 191 12.16 -0.25 -1.02
CA GLN A 191 11.07 0.48 -1.71
C GLN A 191 10.29 -0.43 -2.68
N GLU A 192 11.00 -1.44 -3.21
CA GLU A 192 10.48 -2.39 -4.21
C GLU A 192 9.27 -3.18 -3.65
N ALA A 193 9.36 -3.54 -2.35
CA ALA A 193 8.28 -4.25 -1.64
C ALA A 193 6.99 -3.40 -1.62
N ILE A 194 7.15 -2.08 -1.48
CA ILE A 194 6.02 -1.12 -1.51
C ILE A 194 5.65 -0.79 -2.99
N ALA A 195 6.65 -0.80 -3.88
CA ALA A 195 6.50 -0.38 -5.31
C ALA A 195 5.58 -1.32 -6.09
N LYS A 196 5.62 -2.60 -5.70
CA LYS A 196 4.70 -3.65 -6.19
C LYS A 196 3.23 -3.30 -5.87
N LEU A 197 3.04 -2.71 -4.67
CA LEU A 197 1.73 -2.37 -4.11
C LEU A 197 1.19 -1.03 -4.67
N LEU A 198 2.11 -0.13 -5.07
CA LEU A 198 1.76 1.23 -5.55
C LEU A 198 0.95 1.18 -6.85
N ARG A 199 -0.18 1.92 -6.87
CA ARG A 199 -1.06 2.04 -8.04
C ARG A 199 -1.01 3.49 -8.58
N PHE A 200 -0.83 3.61 -9.88
CA PHE A 200 -0.83 4.91 -10.58
C PHE A 200 -1.92 4.87 -11.66
N ALA A 201 -2.27 6.04 -12.19
CA ALA A 201 -3.20 6.14 -13.33
C ALA A 201 -2.39 6.06 -14.63
N SER A 202 -3.06 5.93 -15.78
CA SER A 202 -2.40 5.66 -17.08
C SER A 202 -3.17 6.29 -18.25
N THR A 203 -2.57 6.18 -19.45
CA THR A 203 -3.22 6.49 -20.74
C THR A 203 -4.10 5.32 -21.20
N HIS A 204 -3.88 4.14 -20.56
CA HIS A 204 -4.66 2.89 -20.78
C HIS A 204 -6.17 3.18 -20.75
N THR A 205 -6.58 3.91 -19.72
CA THR A 205 -7.97 4.32 -19.52
C THR A 205 -7.97 5.78 -19.04
N ASP A 206 -8.95 6.57 -19.50
CA ASP A 206 -9.07 8.02 -19.20
C ASP A 206 -9.80 8.24 -17.84
N SER A 207 -9.72 7.25 -16.93
CA SER A 207 -10.46 7.27 -15.65
C SER A 207 -9.55 7.69 -14.49
N SER A 208 -10.14 8.37 -13.50
CA SER A 208 -9.45 8.84 -12.29
C SER A 208 -9.07 7.68 -11.34
N ALA A 209 -9.68 6.49 -11.57
CA ALA A 209 -9.39 5.27 -10.81
C ALA A 209 -7.96 4.78 -11.10
N GLN A 210 -7.07 4.90 -10.10
CA GLN A 210 -5.66 4.48 -10.19
C GLN A 210 -5.58 2.94 -10.13
N THR A 211 -5.59 2.31 -11.30
CA THR A 211 -5.73 0.84 -11.45
C THR A 211 -4.36 0.16 -11.69
N VAL A 212 -3.60 0.74 -12.61
CA VAL A 212 -2.35 0.16 -13.10
C VAL A 212 -1.21 0.37 -12.08
N SER A 213 -0.66 -0.74 -11.58
CA SER A 213 0.54 -0.74 -10.74
C SER A 213 1.78 -0.79 -11.62
N LEU A 214 2.96 -0.76 -10.99
CA LEU A 214 4.23 -1.01 -11.67
C LEU A 214 4.28 -2.47 -12.18
N GLU A 215 3.53 -3.37 -11.48
CA GLU A 215 3.27 -4.76 -11.94
C GLU A 215 2.61 -4.76 -13.33
N ASP A 216 1.49 -4.03 -13.42
CA ASP A 216 0.65 -3.99 -14.63
C ASP A 216 1.37 -3.29 -15.80
N TYR A 217 2.32 -2.39 -15.47
CA TYR A 217 3.14 -1.72 -16.48
C TYR A 217 4.07 -2.75 -17.14
N VAL A 218 4.85 -3.47 -16.28
CA VAL A 218 5.83 -4.48 -16.73
C VAL A 218 5.14 -5.58 -17.57
N SER A 219 3.89 -5.89 -17.21
CA SER A 219 3.06 -6.86 -17.92
C SER A 219 2.75 -6.41 -19.37
N ARG A 220 2.60 -5.07 -19.58
CA ARG A 220 2.25 -4.51 -20.91
C ARG A 220 3.47 -3.88 -21.65
N MET A 221 4.69 -4.10 -21.13
CA MET A 221 5.93 -3.50 -21.70
C MET A 221 6.25 -4.08 -23.10
N LYS A 222 6.51 -3.17 -24.06
CA LYS A 222 6.78 -3.52 -25.46
C LYS A 222 8.28 -3.72 -25.73
N GLU A 223 8.59 -4.24 -26.93
CA GLU A 223 9.96 -4.35 -27.46
C GLU A 223 10.61 -2.95 -27.53
N GLY A 224 11.84 -2.85 -26.99
CA GLY A 224 12.59 -1.60 -26.98
C GLY A 224 12.23 -0.67 -25.82
N GLN A 225 11.02 -0.85 -25.25
CA GLN A 225 10.56 -0.07 -24.10
C GLN A 225 11.29 -0.57 -22.84
N GLU A 226 12.49 -0.02 -22.62
CA GLU A 226 13.38 -0.39 -21.51
C GLU A 226 13.13 0.49 -20.26
N LYS A 227 12.42 1.61 -20.50
CA LYS A 227 12.12 2.61 -19.48
C LYS A 227 10.62 2.60 -19.13
N ILE A 228 10.33 3.02 -17.89
CA ILE A 228 8.96 3.20 -17.40
C ILE A 228 8.57 4.68 -17.60
N TYR A 229 7.56 4.95 -18.45
CA TYR A 229 7.21 6.34 -18.82
C TYR A 229 6.20 6.93 -17.83
N TYR A 230 6.47 8.17 -17.37
CA TYR A 230 5.59 8.90 -16.45
C TYR A 230 5.32 10.32 -16.96
N ILE A 231 4.16 10.85 -16.53
CA ILE A 231 3.78 12.25 -16.69
C ILE A 231 3.40 12.79 -15.32
N THR A 232 4.15 13.80 -14.84
CA THR A 232 3.96 14.38 -13.52
C THR A 232 3.04 15.60 -13.64
N ALA A 233 1.93 15.58 -12.89
CA ALA A 233 0.84 16.56 -13.02
C ALA A 233 0.30 16.96 -11.65
N ASP A 234 -0.23 18.19 -11.55
CA ASP A 234 -0.85 18.72 -10.32
C ASP A 234 -2.29 18.16 -10.14
N SER A 235 -2.90 17.76 -11.28
CA SER A 235 -4.25 17.18 -11.31
C SER A 235 -4.33 16.15 -12.44
N TYR A 236 -5.18 15.10 -12.26
CA TYR A 236 -5.36 14.05 -13.28
C TYR A 236 -6.09 14.63 -14.50
N ALA A 237 -7.08 15.50 -14.25
CA ALA A 237 -7.87 16.17 -15.30
C ALA A 237 -6.96 17.03 -16.20
N ALA A 238 -5.90 17.63 -15.58
CA ALA A 238 -4.88 18.42 -16.28
C ALA A 238 -4.03 17.53 -17.19
N ALA A 239 -3.69 16.33 -16.68
CA ALA A 239 -2.93 15.30 -17.43
C ALA A 239 -3.78 14.73 -18.58
N LYS A 240 -5.06 14.53 -18.29
CA LYS A 240 -6.05 13.87 -19.17
C LYS A 240 -6.48 14.80 -20.31
N SER A 241 -6.44 16.13 -20.05
CA SER A 241 -6.85 17.18 -21.02
C SER A 241 -5.92 17.20 -22.27
N SER A 242 -4.77 16.52 -22.14
CA SER A 242 -3.78 16.37 -23.22
C SER A 242 -4.27 15.36 -24.29
N PRO A 243 -4.39 15.77 -25.60
CA PRO A 243 -4.76 14.84 -26.70
C PRO A 243 -3.70 13.74 -26.94
N HIS A 244 -2.39 14.09 -26.90
CA HIS A 244 -1.27 13.18 -27.31
C HIS A 244 -1.19 11.85 -26.53
N LEU A 245 -1.96 11.72 -25.44
CA LEU A 245 -2.10 10.47 -24.66
C LEU A 245 -2.60 9.31 -25.55
N GLU A 246 -3.63 9.60 -26.39
CA GLU A 246 -4.27 8.59 -27.27
C GLU A 246 -3.36 8.18 -28.44
N LEU A 247 -2.43 9.10 -28.83
CA LEU A 247 -1.43 8.87 -29.90
C LEU A 247 -0.59 7.62 -29.61
N LEU A 248 -0.13 7.52 -28.36
CA LEU A 248 0.69 6.40 -27.90
C LEU A 248 -0.15 5.15 -27.66
N ARG A 249 -1.37 5.32 -27.11
CA ARG A 249 -2.29 4.17 -26.86
C ARG A 249 -2.73 3.53 -28.20
N LYS A 250 -2.78 4.37 -29.25
CA LYS A 250 -3.08 3.94 -30.63
C LYS A 250 -1.90 3.09 -31.16
N LYS A 251 -0.68 3.48 -30.76
CA LYS A 251 0.57 2.77 -31.13
C LYS A 251 0.78 1.50 -30.25
N GLY A 252 0.13 1.48 -29.07
CA GLY A 252 0.18 0.35 -28.14
C GLY A 252 1.12 0.58 -26.94
N ILE A 253 1.51 1.84 -26.75
CA ILE A 253 2.34 2.27 -25.61
C ILE A 253 1.42 2.85 -24.50
N GLU A 254 1.80 2.60 -23.24
CA GLU A 254 1.09 3.11 -22.06
C GLU A 254 2.02 4.07 -21.32
N VAL A 255 1.52 5.28 -21.00
CA VAL A 255 2.24 6.26 -20.15
C VAL A 255 1.47 6.42 -18.83
N LEU A 256 2.17 6.30 -17.71
CA LEU A 256 1.59 6.43 -16.37
C LEU A 256 1.33 7.93 -16.05
N LEU A 257 0.04 8.30 -15.83
CA LEU A 257 -0.38 9.67 -15.47
C LEU A 257 -0.42 9.81 -13.94
N LEU A 258 0.63 10.44 -13.38
CA LEU A 258 0.80 10.66 -11.93
C LEU A 258 0.35 12.07 -11.56
N SER A 259 -0.63 12.16 -10.64
CA SER A 259 -1.30 13.42 -10.30
C SER A 259 -1.19 13.75 -8.79
N ASP A 260 -0.60 12.85 -8.01
CA ASP A 260 -0.55 12.96 -6.55
C ASP A 260 0.58 13.95 -6.16
N ARG A 261 0.29 14.85 -5.20
CA ARG A 261 1.22 15.91 -4.73
C ARG A 261 2.45 15.28 -4.06
N ILE A 262 2.18 14.21 -3.29
CA ILE A 262 3.20 13.46 -2.53
C ILE A 262 4.06 12.56 -3.47
N ASP A 263 3.50 12.22 -4.64
CA ASP A 263 4.14 11.27 -5.60
C ASP A 263 5.49 11.81 -6.09
N GLU A 264 5.55 13.14 -6.24
CA GLU A 264 6.75 13.87 -6.68
C GLU A 264 7.92 13.69 -5.69
N TRP A 265 7.60 13.57 -4.38
CA TRP A 265 8.60 13.29 -3.32
C TRP A 265 8.86 11.76 -3.21
N MET A 266 7.88 10.94 -3.63
CA MET A 266 7.98 9.46 -3.55
C MET A 266 9.00 8.94 -4.59
N MET A 267 8.83 9.39 -5.85
CA MET A 267 9.72 9.02 -6.98
C MET A 267 11.08 9.74 -6.92
N ASN A 268 11.21 10.70 -6.00
CA ASN A 268 12.49 11.36 -5.66
C ASN A 268 13.50 10.34 -5.08
N TYR A 269 12.95 9.23 -4.53
CA TYR A 269 13.75 8.10 -4.01
C TYR A 269 13.56 6.85 -4.90
N LEU A 270 12.31 6.63 -5.37
CA LEU A 270 11.96 5.49 -6.27
C LEU A 270 12.45 5.79 -7.69
N THR A 271 13.71 5.44 -7.97
CA THR A 271 14.37 5.67 -9.26
C THR A 271 14.24 4.46 -10.21
N GLU A 272 13.98 3.25 -9.65
CA GLU A 272 13.98 1.98 -10.43
C GLU A 272 13.09 0.91 -9.76
N PHE A 273 12.46 0.05 -10.60
CA PHE A 273 11.65 -1.11 -10.16
C PHE A 273 11.87 -2.28 -11.14
N ASP A 274 12.14 -3.48 -10.59
CA ASP A 274 12.23 -4.76 -11.35
C ASP A 274 13.43 -4.76 -12.34
N GLY A 275 14.40 -3.86 -12.09
CA GLY A 275 15.57 -3.67 -12.96
C GLY A 275 15.35 -2.60 -14.02
N LYS A 276 14.09 -2.21 -14.23
CA LYS A 276 13.69 -1.18 -15.21
C LYS A 276 13.72 0.21 -14.56
N PRO A 277 14.61 1.13 -15.02
CA PRO A 277 14.68 2.50 -14.49
C PRO A 277 13.56 3.40 -15.06
N PHE A 278 13.27 4.47 -14.32
CA PHE A 278 12.12 5.35 -14.59
C PHE A 278 12.50 6.52 -15.51
N GLN A 279 11.49 7.02 -16.23
CA GLN A 279 11.68 8.02 -17.30
C GLN A 279 10.59 9.10 -17.24
N SER A 280 10.99 10.35 -17.44
CA SER A 280 10.05 11.47 -17.57
C SER A 280 9.59 11.64 -19.02
N VAL A 281 8.40 12.23 -19.17
CA VAL A 281 7.85 12.69 -20.47
C VAL A 281 8.74 13.77 -21.11
N SER A 282 9.39 14.61 -20.27
CA SER A 282 10.28 15.71 -20.70
C SER A 282 11.69 15.20 -21.08
N LYS A 283 11.86 13.87 -21.20
CA LYS A 283 13.15 13.22 -21.44
C LYS A 283 12.97 12.13 -22.52
N VAL A 284 14.08 11.68 -23.12
CA VAL A 284 14.09 10.60 -24.14
C VAL A 284 14.54 9.27 -23.51
N ASP A 285 14.20 8.16 -24.18
CA ASP A 285 14.57 6.81 -23.73
C ASP A 285 15.17 6.01 -24.91
N GLU A 286 15.50 4.72 -24.67
CA GLU A 286 16.27 3.90 -25.62
C GLU A 286 15.37 3.06 -26.54
N SER A 287 14.07 3.39 -26.68
CA SER A 287 13.12 2.61 -27.52
C SER A 287 13.63 2.47 -28.98
N LEU A 288 14.11 3.58 -29.55
CA LEU A 288 14.68 3.60 -30.92
C LEU A 288 16.02 2.83 -30.96
N GLU A 289 16.79 2.86 -29.85
CA GLU A 289 18.15 2.28 -29.77
C GLU A 289 18.18 0.77 -30.09
N LYS A 290 17.13 0.03 -29.69
CA LYS A 290 17.03 -1.43 -29.96
C LYS A 290 16.67 -1.67 -31.44
N LEU A 291 15.84 -0.77 -32.00
CA LEU A 291 15.37 -0.86 -33.40
C LEU A 291 16.28 -0.03 -34.36
N ALA A 292 17.43 0.46 -33.83
CA ALA A 292 18.38 1.30 -34.57
C ALA A 292 19.32 0.43 -35.42
N MET B 17 14.08 10.84 -31.98
CA MET B 17 14.01 11.46 -30.63
C MET B 17 14.22 12.98 -30.72
N ALA B 18 13.42 13.73 -29.94
CA ALA B 18 13.55 15.18 -29.77
C ALA B 18 14.31 15.45 -28.45
N THR B 19 14.05 16.60 -27.81
CA THR B 19 14.45 16.83 -26.39
C THR B 19 13.68 15.85 -25.46
N SER B 20 12.47 15.49 -25.89
CA SER B 20 11.60 14.53 -25.21
C SER B 20 11.27 13.37 -26.17
N THR B 21 10.67 12.30 -25.62
CA THR B 21 10.13 11.17 -26.41
C THR B 21 8.87 11.64 -27.23
N LEU B 22 8.30 10.76 -28.09
CA LEU B 22 7.11 11.08 -28.94
C LEU B 22 5.92 11.59 -28.10
N ILE B 23 5.88 11.16 -26.82
CA ILE B 23 4.93 11.66 -25.84
C ILE B 23 5.29 13.13 -25.48
N LYS B 24 4.54 14.06 -26.08
CA LYS B 24 4.57 15.47 -25.69
C LYS B 24 3.26 15.77 -24.97
N ALA B 25 3.27 15.51 -23.66
CA ALA B 25 2.10 15.67 -22.79
C ALA B 25 2.57 16.04 -21.38
N ILE B 26 2.34 17.33 -21.00
CA ILE B 26 2.82 17.95 -19.74
C ILE B 26 4.37 17.82 -19.67
N ASP B 27 5.04 18.38 -20.70
CA ASP B 27 6.52 18.47 -20.74
C ASP B 27 6.95 19.91 -20.41
N GLY B 28 8.28 20.12 -20.34
CA GLY B 28 8.85 21.46 -20.15
C GLY B 28 10.09 21.62 -21.00
N ASP B 29 11.10 20.81 -20.69
CA ASP B 29 12.41 20.81 -21.38
C ASP B 29 13.12 19.50 -21.06
N THR B 30 13.54 19.36 -19.78
CA THR B 30 14.18 18.16 -19.20
C THR B 30 13.94 18.19 -17.68
N VAL B 31 13.90 17.01 -17.04
CA VAL B 31 13.72 16.88 -15.59
C VAL B 31 14.10 15.45 -15.14
N LYS B 32 14.65 15.34 -13.92
CA LYS B 32 14.97 14.06 -13.27
C LYS B 32 13.68 13.44 -12.70
N LEU B 33 12.81 12.98 -13.64
CA LEU B 33 11.46 12.46 -13.37
C LEU B 33 10.61 13.50 -12.59
N MET B 34 10.78 13.48 -11.26
CA MET B 34 10.20 14.46 -10.33
C MET B 34 10.88 14.29 -8.96
N TYR B 35 10.99 15.40 -8.24
CA TYR B 35 11.83 15.49 -7.03
C TYR B 35 11.36 16.65 -6.14
N LYS B 36 12.15 16.97 -5.10
CA LYS B 36 11.95 18.11 -4.19
C LYS B 36 10.70 17.93 -3.30
N GLY B 37 10.94 17.68 -2.01
CA GLY B 37 9.91 17.58 -1.00
C GLY B 37 10.51 17.65 0.39
N GLN B 38 9.68 17.96 1.38
CA GLN B 38 10.13 18.11 2.78
C GLN B 38 10.03 16.75 3.50
N PRO B 39 11.16 16.26 4.14
CA PRO B 39 11.20 14.95 4.85
C PRO B 39 10.27 14.92 6.08
N MET B 40 8.99 14.62 5.83
CA MET B 40 7.93 14.57 6.88
C MET B 40 7.91 13.20 7.60
N THR B 41 8.48 12.17 6.96
CA THR B 41 8.51 10.79 7.49
C THR B 41 9.63 10.63 8.55
N PHE B 42 9.58 9.52 9.33
CA PHE B 42 10.51 9.28 10.47
C PHE B 42 11.43 8.06 10.19
N ARG B 43 10.92 6.81 10.37
CA ARG B 43 11.65 5.54 10.05
C ARG B 43 10.79 4.30 10.44
N LEU B 44 10.59 3.40 9.43
CA LEU B 44 10.09 1.99 9.57
C LEU B 44 9.43 1.57 8.24
N LEU B 45 9.96 0.50 7.60
CA LEU B 45 9.26 -0.17 6.48
C LEU B 45 9.27 -1.70 6.62
N LEU B 46 8.69 -2.33 5.59
CA LEU B 46 8.46 -3.78 5.48
C LEU B 46 9.78 -4.57 5.57
N VAL B 47 9.70 -5.83 6.03
CA VAL B 47 10.88 -6.73 6.12
C VAL B 47 11.20 -7.33 4.73
N ASP B 48 12.47 -7.74 4.53
CA ASP B 48 12.93 -8.41 3.30
C ASP B 48 13.88 -9.55 3.68
N THR B 49 13.69 -10.73 3.01
CA THR B 49 14.48 -12.00 3.16
C THR B 49 13.75 -13.08 4.04
N PRO B 50 13.65 -12.96 5.43
CA PRO B 50 13.23 -14.10 6.29
C PRO B 50 11.73 -14.40 6.16
N GLU B 51 11.39 -15.41 5.35
CA GLU B 51 10.03 -15.98 5.32
C GLU B 51 9.84 -16.82 6.60
N THR B 52 9.45 -16.13 7.68
CA THR B 52 9.29 -16.74 8.99
C THR B 52 8.02 -17.62 9.01
N LYS B 53 8.23 -18.95 9.10
CA LYS B 53 7.13 -19.95 9.05
C LYS B 53 6.34 -19.99 10.37
N HIS B 54 6.93 -19.47 11.46
CA HIS B 54 6.33 -19.53 12.82
C HIS B 54 5.10 -18.55 12.96
N PRO B 55 5.19 -17.22 12.60
CA PRO B 55 4.01 -16.32 12.57
C PRO B 55 3.16 -16.57 11.31
N LYS B 56 1.94 -17.06 11.51
CA LYS B 56 1.00 -17.40 10.42
C LYS B 56 -0.45 -17.05 10.86
N LYS B 57 -1.21 -18.04 11.42
CA LYS B 57 -2.58 -17.88 12.00
C LYS B 57 -3.63 -17.46 10.94
N GLY B 58 -3.53 -16.20 10.45
CA GLY B 58 -4.34 -15.71 9.34
C GLY B 58 -3.87 -16.22 7.99
N VAL B 59 -3.99 -17.54 7.81
CA VAL B 59 -3.56 -18.24 6.59
C VAL B 59 -4.65 -18.15 5.51
N GLU B 60 -4.19 -18.19 4.24
CA GLU B 60 -5.07 -18.17 3.04
C GLU B 60 -5.85 -16.85 2.89
N LYS B 61 -6.72 -16.82 1.87
CA LYS B 61 -7.56 -15.65 1.56
C LYS B 61 -8.94 -15.76 2.22
N TYR B 62 -9.56 -14.59 2.47
CA TYR B 62 -10.86 -14.47 3.17
C TYR B 62 -11.89 -13.74 2.29
N GLY B 63 -11.62 -13.71 0.97
CA GLY B 63 -12.58 -13.22 -0.02
C GLY B 63 -13.35 -14.39 -0.63
N PRO B 64 -12.78 -15.09 -1.66
CA PRO B 64 -13.35 -16.33 -2.22
C PRO B 64 -12.66 -17.59 -1.67
N GLU B 65 -12.02 -17.46 -0.48
CA GLU B 65 -11.15 -18.49 0.13
C GLU B 65 -10.01 -18.89 -0.85
N ALA B 66 -10.30 -19.82 -1.78
CA ALA B 66 -9.36 -20.22 -2.85
C ALA B 66 -10.18 -20.62 -4.08
N SER B 67 -10.15 -19.76 -5.12
CA SER B 67 -10.81 -19.99 -6.43
C SER B 67 -12.37 -20.08 -6.32
N ALA B 68 -12.91 -19.80 -5.10
CA ALA B 68 -14.33 -20.03 -4.73
C ALA B 68 -14.68 -21.55 -4.74
N PHE B 69 -15.25 -22.05 -3.62
CA PHE B 69 -15.69 -23.45 -3.51
C PHE B 69 -16.66 -23.63 -2.34
N THR B 70 -17.65 -24.55 -2.53
CA THR B 70 -18.65 -25.02 -1.53
C THR B 70 -19.36 -23.85 -0.76
N LYS B 71 -18.69 -23.31 0.28
CA LYS B 71 -19.19 -22.21 1.12
C LYS B 71 -19.45 -20.95 0.28
N LYS B 72 -18.46 -20.59 -0.56
CA LYS B 72 -18.36 -19.25 -1.15
C LYS B 72 -19.54 -18.92 -2.10
N MET B 73 -20.41 -18.01 -1.65
CA MET B 73 -21.43 -17.34 -2.47
C MET B 73 -21.18 -15.82 -2.41
N VAL B 74 -21.73 -15.17 -1.35
CA VAL B 74 -21.76 -13.68 -1.21
C VAL B 74 -21.55 -13.25 0.25
N GLU B 75 -21.59 -14.23 1.17
CA GLU B 75 -21.55 -14.03 2.63
C GLU B 75 -20.34 -13.19 3.10
N ASN B 76 -19.12 -13.54 2.65
CA ASN B 76 -17.90 -12.76 2.98
C ASN B 76 -17.50 -11.88 1.78
N ALA B 77 -18.28 -10.80 1.60
CA ALA B 77 -17.93 -9.74 0.67
C ALA B 77 -16.87 -8.84 1.35
N ALA A 28 -18.01 -17.80 25.50
CA ALA A 28 -18.19 -16.56 26.28
C ALA A 28 -16.82 -15.98 26.66
N GLN A 29 -16.22 -15.25 25.70
CA GLN A 29 -14.92 -14.56 25.89
C GLN A 29 -14.79 -13.42 24.85
N ALA A 30 -13.87 -12.48 25.14
CA ALA A 30 -13.54 -11.34 24.24
C ALA A 30 -13.20 -11.81 22.81
N LEU A 31 -13.79 -11.15 21.77
CA LEU A 31 -13.71 -11.62 20.36
C LEU A 31 -12.26 -11.66 19.84
N TRP A 32 -11.47 -10.61 20.14
CA TRP A 32 -10.06 -10.54 19.71
C TRP A 32 -9.25 -11.67 20.37
N THR A 33 -9.61 -12.02 21.61
CA THR A 33 -8.96 -13.09 22.41
C THR A 33 -9.52 -14.49 22.02
N ARG A 34 -10.72 -14.50 21.44
CA ARG A 34 -11.43 -15.72 21.02
C ARG A 34 -10.79 -16.25 19.73
N ASN A 35 -10.64 -17.59 19.59
CA ASN A 35 -9.92 -18.17 18.43
C ASN A 35 -10.78 -18.06 17.16
N LYS A 36 -10.10 -18.15 16.00
CA LYS A 36 -10.67 -17.84 14.68
C LYS A 36 -11.86 -18.76 14.31
N SER A 37 -11.79 -20.03 14.78
CA SER A 37 -12.75 -21.08 14.41
C SER A 37 -14.13 -20.87 15.09
N GLU A 38 -14.18 -20.02 16.14
CA GLU A 38 -15.43 -19.66 16.82
C GLU A 38 -16.09 -18.43 16.15
N ILE A 39 -15.29 -17.65 15.41
CA ILE A 39 -15.73 -16.35 14.85
C ILE A 39 -16.01 -16.48 13.34
N THR A 40 -17.22 -16.10 12.89
CA THR A 40 -17.57 -16.09 11.46
C THR A 40 -17.23 -14.73 10.82
N ASP A 41 -17.27 -14.65 9.47
CA ASP A 41 -17.00 -13.42 8.69
C ASP A 41 -17.86 -12.25 9.18
N GLU A 42 -19.13 -12.56 9.42
CA GLU A 42 -20.15 -11.56 9.78
C GLU A 42 -19.90 -10.93 11.17
N GLU A 43 -19.24 -11.70 12.06
CA GLU A 43 -18.82 -11.20 13.38
C GLU A 43 -17.57 -10.33 13.27
N TYR A 44 -16.70 -10.59 12.27
CA TYR A 44 -15.55 -9.70 11.98
C TYR A 44 -16.01 -8.39 11.33
N LYS A 45 -17.10 -8.46 10.55
CA LYS A 45 -17.70 -7.28 9.88
C LYS A 45 -18.47 -6.43 10.89
N GLU A 46 -19.10 -7.10 11.88
CA GLU A 46 -19.77 -6.43 13.01
C GLU A 46 -18.69 -5.84 13.93
N PHE A 47 -17.67 -6.65 14.26
CA PHE A 47 -16.65 -6.28 15.26
C PHE A 47 -15.76 -5.17 14.74
N TYR A 48 -15.59 -5.11 13.40
CA TYR A 48 -14.94 -3.97 12.71
C TYR A 48 -15.60 -2.67 13.17
N LYS A 49 -16.92 -2.56 12.96
CA LYS A 49 -17.72 -1.37 13.31
C LYS A 49 -17.62 -1.09 14.83
N HIS A 50 -17.73 -2.19 15.58
CA HIS A 50 -17.70 -2.21 17.06
C HIS A 50 -16.40 -1.56 17.61
N ILE A 51 -15.27 -1.73 16.88
CA ILE A 51 -13.95 -1.19 17.30
C ILE A 51 -13.52 0.06 16.51
N ALA A 52 -14.13 0.27 15.32
CA ALA A 52 -13.70 1.32 14.37
C ALA A 52 -14.45 2.62 14.59
N HIS A 53 -15.56 2.54 15.35
CA HIS A 53 -16.49 3.67 15.63
C HIS A 53 -17.10 4.17 14.30
N ASP A 54 -17.26 3.21 13.37
CA ASP A 54 -17.65 3.43 11.98
C ASP A 54 -18.75 2.41 11.60
N PHE A 55 -19.39 2.57 10.44
CA PHE A 55 -20.54 1.74 10.02
C PHE A 55 -20.34 1.15 8.61
N ASN A 56 -19.12 1.25 8.08
CA ASN A 56 -18.76 0.58 6.82
C ASN A 56 -18.39 -0.89 7.10
N ASP A 57 -18.22 -1.64 6.02
CA ASP A 57 -17.67 -3.01 6.03
C ASP A 57 -16.12 -2.94 5.98
N PRO A 58 -15.41 -4.00 6.43
CA PRO A 58 -13.97 -4.16 6.12
C PRO A 58 -13.75 -4.85 4.75
N LEU A 59 -12.77 -4.34 3.97
CA LEU A 59 -12.32 -4.95 2.71
C LEU A 59 -11.68 -6.33 2.99
N THR A 60 -10.86 -6.38 4.05
CA THR A 60 -10.25 -7.63 4.56
C THR A 60 -9.79 -7.42 6.02
N TRP A 61 -9.37 -8.51 6.67
CA TRP A 61 -8.93 -8.50 8.08
C TRP A 61 -7.88 -9.60 8.32
N SER A 62 -7.10 -9.46 9.41
CA SER A 62 -6.06 -10.42 9.80
C SER A 62 -6.15 -10.69 11.30
N HIS A 63 -6.64 -11.89 11.67
CA HIS A 63 -6.68 -12.34 13.07
C HIS A 63 -5.60 -13.41 13.25
N ASN A 64 -4.51 -13.03 13.92
CA ASN A 64 -3.39 -13.92 14.28
C ASN A 64 -3.03 -13.71 15.75
N ARG A 65 -2.90 -14.79 16.53
CA ARG A 65 -2.47 -14.70 17.94
C ARG A 65 -1.02 -15.20 18.05
N VAL A 66 -0.19 -14.41 18.71
CA VAL A 66 1.24 -14.71 18.90
C VAL A 66 1.52 -14.82 20.41
N GLU A 67 2.54 -15.60 20.75
CA GLU A 67 2.95 -15.84 22.13
C GLU A 67 4.49 -15.99 22.18
N GLY A 68 5.05 -16.07 23.39
CA GLY A 68 6.51 -16.14 23.59
C GLY A 68 6.87 -15.37 24.85
N LYS A 69 7.95 -14.55 24.80
CA LYS A 69 8.19 -13.53 25.84
C LYS A 69 7.07 -12.47 25.72
N GLN A 70 6.85 -12.06 24.46
CA GLN A 70 5.78 -11.13 24.07
C GLN A 70 4.56 -11.92 23.59
N GLU A 71 3.55 -12.02 24.46
CA GLU A 71 2.22 -12.50 24.09
C GLU A 71 1.45 -11.31 23.51
N TYR A 72 1.03 -11.40 22.24
CA TYR A 72 0.21 -10.37 21.61
C TYR A 72 -0.74 -10.97 20.58
N THR A 73 -2.04 -10.72 20.78
CA THR A 73 -3.09 -11.17 19.86
C THR A 73 -3.49 -10.00 18.96
N SER A 74 -3.17 -10.10 17.67
CA SER A 74 -3.39 -9.00 16.72
C SER A 74 -4.63 -9.28 15.84
N LEU A 75 -5.54 -8.30 15.81
CA LEU A 75 -6.75 -8.34 14.96
C LEU A 75 -6.84 -7.00 14.20
N LEU A 76 -6.35 -7.02 12.96
CA LEU A 76 -6.25 -5.83 12.09
C LEU A 76 -7.43 -5.81 11.12
N TYR A 77 -7.80 -4.61 10.65
CA TYR A 77 -8.90 -4.41 9.68
C TYR A 77 -8.48 -3.37 8.62
N ILE A 78 -9.01 -3.54 7.41
CA ILE A 78 -8.84 -2.59 6.29
C ILE A 78 -10.21 -1.93 6.02
N PRO A 79 -10.38 -0.59 6.29
CA PRO A 79 -11.65 0.15 6.01
C PRO A 79 -12.01 0.19 4.51
N SER A 80 -13.33 0.17 4.19
CA SER A 80 -13.82 0.31 2.81
C SER A 80 -13.97 1.79 2.39
N GLN A 81 -13.72 2.72 3.34
CA GLN A 81 -13.75 4.17 3.11
C GLN A 81 -12.68 4.88 3.94
N ALA A 82 -12.12 5.97 3.39
CA ALA A 82 -11.18 6.83 4.10
C ALA A 82 -11.94 7.83 4.97
N PRO A 83 -11.66 7.88 6.32
CA PRO A 83 -12.15 8.98 7.19
C PRO A 83 -11.48 10.33 6.85
N TRP A 84 -12.15 11.43 7.23
CA TRP A 84 -11.61 12.80 7.03
C TRP A 84 -10.28 12.97 7.81
N ASP A 85 -10.29 12.42 9.03
CA ASP A 85 -9.21 12.57 10.01
C ASP A 85 -8.04 11.59 9.73
N MET A 86 -7.99 11.07 8.50
CA MET A 86 -6.84 10.34 7.97
C MET A 86 -5.64 11.31 7.82
N TRP A 87 -5.93 12.54 7.36
CA TRP A 87 -4.91 13.60 7.12
C TRP A 87 -5.10 14.79 8.11
N ASN A 88 -5.60 14.46 9.32
CA ASN A 88 -5.76 15.44 10.42
C ASN A 88 -4.69 15.18 11.49
N ARG A 89 -4.38 16.21 12.30
CA ARG A 89 -3.39 16.11 13.38
C ARG A 89 -3.99 15.44 14.64
N ASP A 90 -5.34 15.35 14.71
CA ASP A 90 -6.02 14.59 15.78
C ASP A 90 -5.98 13.11 15.41
N HIS A 91 -5.65 12.25 16.40
CA HIS A 91 -5.49 10.81 16.15
C HIS A 91 -6.87 10.17 15.92
N LYS A 92 -6.94 9.25 14.95
CA LYS A 92 -8.21 8.57 14.60
C LYS A 92 -7.93 7.18 14.04
N HIS A 93 -6.87 7.07 13.24
CA HIS A 93 -6.35 5.78 12.78
C HIS A 93 -5.67 5.06 13.95
N GLY A 94 -5.47 3.74 13.84
CA GLY A 94 -4.72 2.99 14.85
C GLY A 94 -5.51 1.85 15.47
N LEU A 95 -4.88 1.20 16.45
CA LEU A 95 -5.37 -0.04 17.05
C LEU A 95 -5.71 0.22 18.51
N LYS A 96 -6.91 -0.20 18.97
CA LYS A 96 -7.30 -0.10 20.38
C LYS A 96 -6.37 -0.98 21.24
N LEU A 97 -5.58 -0.33 22.10
CA LEU A 97 -4.63 -1.01 22.97
C LEU A 97 -5.38 -1.70 24.13
N TYR A 98 -5.26 -3.03 24.15
CA TYR A 98 -5.59 -3.86 25.30
C TYR A 98 -4.29 -4.50 25.80
N VAL A 99 -4.08 -4.51 27.11
CA VAL A 99 -2.97 -5.22 27.76
C VAL A 99 -3.56 -6.22 28.75
N GLN A 100 -3.40 -7.53 28.49
CA GLN A 100 -3.88 -8.60 29.40
C GLN A 100 -5.43 -8.56 29.52
N ARG A 101 -6.11 -8.33 28.37
CA ARG A 101 -7.60 -8.26 28.27
C ARG A 101 -8.17 -7.00 28.96
N VAL A 102 -7.30 -6.04 29.29
CA VAL A 102 -7.67 -4.78 29.96
C VAL A 102 -7.56 -3.63 28.95
N PHE A 103 -8.67 -2.92 28.69
CA PHE A 103 -8.67 -1.73 27.82
C PHE A 103 -7.80 -0.62 28.44
N ILE A 104 -6.83 -0.14 27.66
CA ILE A 104 -5.92 0.93 28.07
C ILE A 104 -6.19 2.20 27.25
N MET A 105 -6.06 2.09 25.93
CA MET A 105 -6.08 3.26 25.01
C MET A 105 -6.92 2.93 23.76
N ASP A 106 -7.59 3.95 23.21
CA ASP A 106 -8.49 3.79 22.06
C ASP A 106 -7.84 4.35 20.79
N ASP A 107 -8.03 3.66 19.63
CA ASP A 107 -7.45 4.02 18.31
C ASP A 107 -5.96 4.43 18.42
N ALA A 108 -5.18 3.63 19.17
CA ALA A 108 -3.77 3.91 19.46
C ALA A 108 -2.90 3.66 18.22
N GLU A 109 -2.61 4.76 17.50
CA GLU A 109 -1.75 4.75 16.30
C GLU A 109 -0.25 4.67 16.64
N GLN A 110 0.04 4.36 17.90
CA GLN A 110 1.38 4.04 18.39
C GLN A 110 1.82 2.61 17.96
N PHE A 111 0.90 1.85 17.36
CA PHE A 111 1.15 0.48 16.86
C PHE A 111 1.15 0.39 15.33
N MET A 112 0.84 1.52 14.66
CA MET A 112 0.95 1.64 13.19
C MET A 112 1.66 2.96 12.86
N PRO A 113 2.80 2.96 12.11
CA PRO A 113 3.42 4.20 11.61
C PRO A 113 2.49 4.91 10.63
N ASN A 114 2.80 6.17 10.31
CA ASN A 114 1.91 7.04 9.52
C ASN A 114 1.80 6.57 8.05
N TYR A 115 2.67 5.64 7.64
CA TYR A 115 2.74 5.09 6.26
C TYR A 115 1.80 3.89 6.11
N LEU A 116 1.55 3.21 7.25
CA LEU A 116 0.64 2.06 7.35
C LEU A 116 -0.67 2.50 8.04
N ARG A 117 -0.90 3.83 8.06
CA ARG A 117 -1.95 4.47 8.88
C ARG A 117 -3.37 4.00 8.49
N PHE A 118 -3.50 3.54 7.24
CA PHE A 118 -4.76 3.03 6.68
C PHE A 118 -5.27 1.78 7.45
N VAL A 119 -4.36 0.99 8.01
CA VAL A 119 -4.72 -0.17 8.85
C VAL A 119 -5.14 0.33 10.24
N ARG A 120 -6.32 -0.11 10.68
CA ARG A 120 -6.85 0.18 12.02
C ARG A 120 -7.58 -1.06 12.54
N GLY A 121 -7.74 -1.16 13.86
CA GLY A 121 -8.27 -2.37 14.48
C GLY A 121 -8.07 -2.36 15.98
N LEU A 122 -7.52 -3.46 16.51
CA LEU A 122 -7.18 -3.59 17.92
C LEU A 122 -6.15 -4.72 18.11
N ILE A 123 -5.32 -4.58 19.13
CA ILE A 123 -4.32 -5.60 19.52
C ILE A 123 -4.37 -5.78 21.04
N ASP A 124 -4.03 -6.99 21.52
CA ASP A 124 -3.91 -7.28 22.95
C ASP A 124 -2.48 -7.68 23.25
N SER A 125 -1.68 -6.72 23.71
CA SER A 125 -0.28 -6.95 24.03
C SER A 125 -0.16 -7.09 25.54
N SER A 126 0.10 -8.31 26.00
CA SER A 126 0.15 -8.64 27.41
C SER A 126 1.57 -8.42 27.99
N ASP A 127 2.52 -8.11 27.09
CA ASP A 127 3.95 -7.93 27.42
C ASP A 127 4.22 -6.51 27.93
N LEU A 128 3.49 -5.53 27.35
CA LEU A 128 3.54 -4.11 27.73
C LEU A 128 3.04 -3.93 29.19
N PRO A 129 3.43 -2.83 29.91
CA PRO A 129 2.90 -2.56 31.29
C PRO A 129 1.39 -2.32 31.28
N LEU A 130 0.76 -2.43 32.46
CA LEU A 130 -0.65 -2.03 32.64
C LEU A 130 -0.73 -0.50 32.83
N ASN A 131 0.42 0.13 33.23
CA ASN A 131 0.55 1.60 33.39
C ASN A 131 1.06 2.28 32.08
N VAL A 132 0.99 1.54 30.96
CA VAL A 132 1.50 1.99 29.65
C VAL A 132 0.73 3.26 29.12
N SER A 133 1.50 4.31 28.79
CA SER A 133 0.97 5.60 28.26
C SER A 133 1.51 5.83 26.84
N ARG A 134 1.11 6.95 26.18
CA ARG A 134 1.60 7.33 24.83
C ARG A 134 3.15 7.44 24.79
N GLU A 135 3.72 7.84 25.94
CA GLU A 135 5.18 8.01 26.12
C GLU A 135 5.90 6.67 25.95
N ILE A 136 5.40 5.66 26.69
CA ILE A 136 5.90 4.27 26.59
C ILE A 136 5.67 3.78 25.15
N LEU A 137 4.44 3.92 24.70
CA LEU A 137 3.96 3.45 23.37
C LEU A 137 4.79 4.03 22.19
N GLN A 138 5.40 5.18 22.40
CA GLN A 138 6.19 5.88 21.37
C GLN A 138 7.62 5.30 21.28
N ASP A 139 8.36 5.41 22.40
CA ASP A 139 9.82 5.21 22.41
C ASP A 139 10.21 3.76 22.72
N SER A 140 9.32 3.01 23.43
CA SER A 140 9.62 1.64 23.91
C SER A 140 9.96 0.69 22.76
N THR A 141 10.94 -0.18 23.03
CA THR A 141 11.41 -1.18 22.08
C THR A 141 10.40 -2.33 21.96
N VAL A 142 9.77 -2.74 23.09
CA VAL A 142 8.80 -3.87 23.09
C VAL A 142 7.51 -3.47 22.33
N THR A 143 7.15 -2.19 22.40
CA THR A 143 6.02 -1.62 21.63
C THR A 143 6.40 -1.43 20.15
N ARG A 144 7.70 -1.17 19.91
CA ARG A 144 8.26 -1.04 18.56
C ARG A 144 8.46 -2.43 17.91
N ASN A 145 8.56 -3.48 18.76
CA ASN A 145 8.57 -4.90 18.31
C ASN A 145 7.16 -5.28 17.85
N LEU A 146 6.16 -4.79 18.61
CA LEU A 146 4.73 -4.88 18.24
C LEU A 146 4.52 -4.22 16.88
N ARG A 147 4.93 -2.96 16.79
CA ARG A 147 4.70 -2.08 15.64
C ARG A 147 5.33 -2.66 14.36
N ASN A 148 6.52 -3.27 14.54
CA ASN A 148 7.33 -3.87 13.45
C ASN A 148 6.73 -5.23 13.02
N ALA A 149 6.18 -5.97 13.99
CA ALA A 149 5.49 -7.27 13.74
C ALA A 149 4.24 -7.05 12.89
N LEU A 150 3.52 -6.00 13.27
CA LEU A 150 2.28 -5.57 12.63
C LEU A 150 2.55 -5.04 11.21
N THR A 151 3.73 -4.44 11.01
CA THR A 151 4.18 -3.92 9.69
C THR A 151 4.14 -5.02 8.59
N LYS A 152 4.63 -6.23 8.91
CA LYS A 152 4.63 -7.37 7.97
C LYS A 152 3.20 -7.94 7.81
N ARG A 153 2.37 -7.82 8.86
CA ARG A 153 0.96 -8.23 8.81
C ARG A 153 0.12 -7.24 7.97
N VAL A 154 0.62 -5.98 7.86
CA VAL A 154 0.07 -4.98 6.93
C VAL A 154 0.39 -5.42 5.49
N LEU A 155 1.71 -5.63 5.24
CA LEU A 155 2.28 -6.13 3.95
C LEU A 155 1.44 -7.31 3.42
N GLN A 156 1.21 -8.25 4.35
CA GLN A 156 0.49 -9.50 4.09
C GLN A 156 -0.91 -9.19 3.54
N MET A 157 -1.71 -8.43 4.32
CA MET A 157 -3.12 -8.11 3.98
C MET A 157 -3.25 -7.35 2.66
N LEU A 158 -2.25 -6.52 2.31
CA LEU A 158 -2.29 -5.69 1.10
C LEU A 158 -2.16 -6.56 -0.16
N GLU A 159 -1.06 -7.34 -0.23
CA GLU A 159 -0.80 -8.24 -1.37
C GLU A 159 -1.82 -9.42 -1.37
N LYS A 160 -2.39 -9.71 -0.18
CA LYS A 160 -3.43 -10.75 -0.02
C LYS A 160 -4.72 -10.26 -0.68
N LEU A 161 -5.12 -9.00 -0.37
CA LEU A 161 -6.35 -8.36 -0.89
C LEU A 161 -6.26 -8.16 -2.41
N ALA A 162 -5.02 -7.98 -2.91
CA ALA A 162 -4.73 -7.87 -4.35
C ALA A 162 -5.12 -9.16 -5.11
N LYS A 163 -4.96 -10.32 -4.45
CA LYS A 163 -5.31 -11.65 -5.03
C LYS A 163 -6.76 -12.04 -4.64
N ASP A 164 -7.18 -11.59 -3.44
CA ASP A 164 -8.47 -11.94 -2.82
C ASP A 164 -9.63 -11.37 -3.66
N ASP A 165 -9.54 -10.07 -3.96
CA ASP A 165 -10.49 -9.37 -4.82
C ASP A 165 -9.88 -8.02 -5.21
N ALA A 166 -9.45 -7.93 -6.49
CA ALA A 166 -8.75 -6.75 -7.03
C ALA A 166 -9.62 -5.47 -7.01
N GLU A 167 -10.95 -5.64 -6.92
CA GLU A 167 -11.91 -4.51 -6.89
C GLU A 167 -11.85 -3.79 -5.53
N LYS A 168 -11.76 -4.58 -4.44
CA LYS A 168 -11.62 -4.04 -3.07
C LYS A 168 -10.22 -3.41 -2.89
N TYR A 169 -9.20 -4.01 -3.53
CA TYR A 169 -7.82 -3.49 -3.49
C TYR A 169 -7.71 -2.18 -4.30
N GLN A 170 -8.56 -2.06 -5.34
CA GLN A 170 -8.67 -0.83 -6.15
C GLN A 170 -9.25 0.30 -5.31
N THR A 171 -10.39 -0.01 -4.67
CA THR A 171 -11.11 0.91 -3.77
C THR A 171 -10.21 1.38 -2.62
N PHE A 172 -9.37 0.45 -2.14
CA PHE A 172 -8.34 0.72 -1.12
C PHE A 172 -7.40 1.88 -1.56
N TRP A 173 -6.76 1.73 -2.73
CA TRP A 173 -5.77 2.73 -3.21
C TRP A 173 -6.42 4.11 -3.45
N GLN A 174 -7.68 4.11 -3.92
CA GLN A 174 -8.40 5.37 -4.25
C GLN A 174 -8.70 6.23 -3.01
N GLN A 175 -8.51 5.64 -1.81
CA GLN A 175 -8.79 6.28 -0.52
C GLN A 175 -7.52 6.37 0.37
N PHE A 176 -6.60 5.40 0.21
CA PHE A 176 -5.46 5.19 1.13
C PHE A 176 -4.11 5.19 0.39
N GLY A 177 -4.14 5.42 -0.93
CA GLY A 177 -2.95 5.35 -1.77
C GLY A 177 -2.01 6.54 -1.62
N LEU A 178 -2.59 7.68 -1.21
CA LEU A 178 -1.83 8.88 -0.85
C LEU A 178 -0.85 8.56 0.31
N VAL A 179 -1.35 7.73 1.24
CA VAL A 179 -0.61 7.25 2.43
C VAL A 179 0.47 6.20 2.03
N LEU A 180 0.12 5.29 1.10
CA LEU A 180 1.00 4.17 0.68
C LEU A 180 2.18 4.73 -0.19
N LYS A 181 1.96 5.90 -0.82
CA LYS A 181 3.02 6.60 -1.61
C LYS A 181 4.10 7.26 -0.70
N GLU A 182 3.85 7.35 0.61
CA GLU A 182 4.88 7.74 1.61
C GLU A 182 5.91 6.60 1.74
N GLY A 183 5.42 5.37 1.50
CA GLY A 183 6.18 4.14 1.65
C GLY A 183 7.53 4.07 0.90
N PRO A 184 7.54 4.02 -0.45
CA PRO A 184 8.78 3.74 -1.24
C PRO A 184 9.78 4.91 -1.22
N ALA A 185 9.36 6.04 -0.61
CA ALA A 185 10.18 7.21 -0.36
C ALA A 185 10.86 7.10 1.01
N GLU A 186 10.17 6.46 1.96
CA GLU A 186 10.66 6.26 3.31
C GLU A 186 11.76 5.17 3.31
N ASP A 187 11.38 3.91 3.07
CA ASP A 187 12.33 2.78 3.13
C ASP A 187 12.88 2.48 1.72
N PHE A 188 14.17 2.81 1.52
CA PHE A 188 14.86 2.64 0.22
C PHE A 188 15.31 1.17 -0.01
N ALA A 189 15.43 0.40 1.08
CA ALA A 189 15.99 -0.97 1.04
C ALA A 189 15.00 -1.97 0.42
N ASN A 190 13.81 -2.04 1.01
CA ASN A 190 12.73 -2.99 0.62
C ASN A 190 11.64 -2.25 -0.16
N GLN A 191 12.08 -1.26 -0.95
CA GLN A 191 11.22 -0.35 -1.72
C GLN A 191 10.46 -1.09 -2.85
N GLU A 192 10.98 -2.25 -3.31
CA GLU A 192 10.34 -3.03 -4.40
C GLU A 192 9.12 -3.84 -3.87
N ALA A 193 9.18 -4.24 -2.58
CA ALA A 193 8.02 -4.87 -1.91
C ALA A 193 6.84 -3.88 -1.84
N ILE A 194 7.19 -2.59 -1.73
CA ILE A 194 6.21 -1.49 -1.72
C ILE A 194 5.81 -1.12 -3.17
N ALA A 195 6.77 -1.23 -4.11
CA ALA A 195 6.56 -0.96 -5.56
C ALA A 195 5.63 -2.01 -6.21
N LYS A 196 5.60 -3.19 -5.57
CA LYS A 196 4.65 -4.28 -5.86
C LYS A 196 3.21 -3.83 -5.54
N LEU A 197 3.09 -3.05 -4.46
CA LEU A 197 1.80 -2.58 -3.91
C LEU A 197 1.38 -1.22 -4.52
N LEU A 198 2.35 -0.48 -5.10
CA LEU A 198 2.10 0.84 -5.73
C LEU A 198 1.19 0.71 -6.96
N ARG A 199 0.14 1.55 -7.00
CA ARG A 199 -0.78 1.63 -8.15
C ARG A 199 -0.67 3.02 -8.79
N PHE A 200 -0.80 3.06 -10.11
CA PHE A 200 -0.64 4.26 -10.94
C PHE A 200 -1.75 4.25 -12.00
N ALA A 201 -2.23 5.45 -12.36
CA ALA A 201 -3.13 5.59 -13.51
C ALA A 201 -2.26 5.85 -14.73
N SER A 202 -2.82 5.67 -15.94
CA SER A 202 -2.01 5.72 -17.18
C SER A 202 -2.87 5.85 -18.43
N THR A 203 -2.20 5.89 -19.60
CA THR A 203 -2.85 5.87 -20.93
C THR A 203 -3.32 4.42 -21.30
N HIS A 204 -3.22 3.49 -20.33
CA HIS A 204 -3.90 2.18 -20.38
C HIS A 204 -5.42 2.42 -20.43
N THR A 205 -5.83 3.37 -19.59
CA THR A 205 -7.22 3.79 -19.41
C THR A 205 -7.32 5.32 -19.56
N ASP A 206 -8.55 5.84 -19.63
CA ASP A 206 -8.80 7.30 -19.54
C ASP A 206 -9.36 7.65 -18.15
N SER A 207 -9.55 6.62 -17.30
CA SER A 207 -10.09 6.76 -15.94
C SER A 207 -9.00 7.29 -14.99
N SER A 208 -9.42 8.14 -14.02
CA SER A 208 -8.54 8.70 -12.98
C SER A 208 -8.01 7.61 -12.02
N ALA A 209 -8.70 6.46 -12.00
CA ALA A 209 -8.41 5.34 -11.10
C ALA A 209 -7.00 4.80 -11.32
N GLN A 210 -6.15 4.90 -10.27
CA GLN A 210 -4.80 4.33 -10.28
C GLN A 210 -4.92 2.79 -10.22
N THR A 211 -4.97 2.16 -11.39
CA THR A 211 -5.29 0.73 -11.54
C THR A 211 -4.03 -0.10 -11.86
N VAL A 212 -3.14 0.46 -12.69
CA VAL A 212 -1.95 -0.21 -13.19
C VAL A 212 -0.79 -0.09 -12.19
N SER A 213 -0.30 -1.23 -11.70
CA SER A 213 0.94 -1.29 -10.90
C SER A 213 2.13 -1.34 -11.86
N LEU A 214 3.33 -1.17 -11.30
CA LEU A 214 4.58 -1.35 -12.06
C LEU A 214 4.70 -2.79 -12.61
N GLU A 215 4.05 -3.74 -11.91
CA GLU A 215 3.94 -5.15 -12.30
C GLU A 215 3.11 -5.25 -13.62
N ASP A 216 1.97 -4.53 -13.68
CA ASP A 216 1.10 -4.49 -14.87
C ASP A 216 1.80 -3.80 -16.06
N TYR A 217 2.59 -2.75 -15.77
CA TYR A 217 3.34 -1.99 -16.79
C TYR A 217 4.33 -2.90 -17.53
N VAL A 218 5.11 -3.68 -16.76
CA VAL A 218 6.11 -4.62 -17.31
C VAL A 218 5.44 -5.63 -18.26
N SER A 219 4.25 -6.12 -17.86
CA SER A 219 3.50 -7.15 -18.59
C SER A 219 3.04 -6.68 -19.99
N ARG A 220 2.94 -5.35 -20.20
CA ARG A 220 2.46 -4.76 -21.47
C ARG A 220 3.56 -3.98 -22.20
N MET A 221 4.81 -3.97 -21.65
CA MET A 221 5.96 -3.21 -22.22
C MET A 221 6.19 -3.54 -23.70
N LYS A 222 6.37 -2.48 -24.52
CA LYS A 222 6.64 -2.61 -25.96
C LYS A 222 8.12 -2.98 -26.22
N GLU A 223 8.41 -3.23 -27.50
CA GLU A 223 9.77 -3.51 -27.99
C GLU A 223 10.71 -2.30 -27.73
N GLY A 224 11.81 -2.56 -27.00
CA GLY A 224 12.79 -1.54 -26.68
C GLY A 224 12.37 -0.62 -25.54
N GLN A 225 11.23 -0.91 -24.88
CA GLN A 225 10.72 -0.08 -23.77
C GLN A 225 11.53 -0.40 -22.49
N GLU A 226 12.73 0.20 -22.45
CA GLU A 226 13.74 0.00 -21.40
C GLU A 226 13.38 0.81 -20.14
N LYS A 227 12.65 1.91 -20.34
CA LYS A 227 12.35 2.89 -19.29
C LYS A 227 10.84 3.12 -19.17
N ILE A 228 10.41 3.43 -17.93
CA ILE A 228 9.00 3.63 -17.59
C ILE A 228 8.71 5.14 -17.60
N TYR A 229 7.82 5.58 -18.50
CA TYR A 229 7.52 7.01 -18.72
C TYR A 229 6.32 7.43 -17.86
N TYR A 230 6.49 8.54 -17.11
CA TYR A 230 5.45 9.09 -16.21
C TYR A 230 5.12 10.56 -16.61
N ILE A 231 4.00 11.03 -16.06
CA ILE A 231 3.58 12.43 -16.02
C ILE A 231 2.99 12.67 -14.64
N THR A 232 3.53 13.62 -13.89
CA THR A 232 2.93 14.04 -12.62
C THR A 232 2.10 15.31 -12.81
N ALA A 233 0.98 15.36 -12.10
CA ALA A 233 0.05 16.49 -12.08
C ALA A 233 -0.71 16.45 -10.75
N ASP A 234 -1.19 17.62 -10.30
CA ASP A 234 -1.95 17.72 -9.03
C ASP A 234 -3.33 17.04 -9.16
N SER A 235 -3.80 16.85 -10.42
CA SER A 235 -5.03 16.10 -10.71
C SER A 235 -4.90 15.38 -12.07
N TYR A 236 -5.63 14.26 -12.22
CA TYR A 236 -5.61 13.46 -13.47
C TYR A 236 -6.30 14.24 -14.60
N ALA A 237 -7.30 15.07 -14.23
CA ALA A 237 -8.08 15.89 -15.20
C ALA A 237 -7.19 16.90 -15.95
N ALA A 238 -6.12 17.39 -15.28
CA ALA A 238 -5.14 18.33 -15.86
C ALA A 238 -4.23 17.62 -16.88
N ALA A 239 -3.74 16.41 -16.49
CA ALA A 239 -2.92 15.56 -17.40
C ALA A 239 -3.74 15.12 -18.63
N LYS A 240 -4.97 14.64 -18.37
CA LYS A 240 -5.89 14.07 -19.39
C LYS A 240 -6.39 15.16 -20.36
N SER A 241 -6.41 16.42 -19.90
CA SER A 241 -6.87 17.59 -20.69
C SER A 241 -5.99 17.78 -21.95
N SER A 242 -4.77 17.24 -21.91
CA SER A 242 -3.85 17.19 -23.05
C SER A 242 -4.30 16.09 -24.07
N PRO A 243 -4.76 16.46 -25.31
CA PRO A 243 -5.21 15.48 -26.34
C PRO A 243 -4.06 14.69 -26.99
N HIS A 244 -2.81 15.10 -26.74
CA HIS A 244 -1.61 14.45 -27.32
C HIS A 244 -1.33 13.08 -26.67
N LEU A 245 -1.99 12.80 -25.52
CA LEU A 245 -1.91 11.49 -24.83
C LEU A 245 -2.46 10.34 -25.70
N GLU A 246 -3.38 10.69 -26.62
CA GLU A 246 -4.00 9.73 -27.55
C GLU A 246 -2.95 9.09 -28.47
N LEU A 247 -1.94 9.89 -28.86
CA LEU A 247 -0.88 9.47 -29.82
C LEU A 247 -0.16 8.21 -29.32
N LEU A 248 0.32 8.21 -28.06
CA LEU A 248 1.07 7.07 -27.52
C LEU A 248 0.15 5.88 -27.17
N ARG A 249 -1.13 6.13 -26.83
CA ARG A 249 -2.09 5.03 -26.61
C ARG A 249 -2.34 4.28 -27.95
N LYS A 250 -2.41 5.04 -29.05
CA LYS A 250 -2.57 4.52 -30.43
C LYS A 250 -1.30 3.76 -30.88
N LYS A 251 -0.13 4.29 -30.49
CA LYS A 251 1.20 3.70 -30.75
C LYS A 251 1.40 2.41 -29.90
N GLY A 252 0.70 2.37 -28.77
CA GLY A 252 0.74 1.23 -27.85
C GLY A 252 1.76 1.39 -26.73
N ILE A 253 2.26 2.61 -26.53
CA ILE A 253 3.13 2.96 -25.39
C ILE A 253 2.24 3.50 -24.27
N GLU A 254 2.58 3.15 -23.03
CA GLU A 254 1.81 3.56 -21.86
C GLU A 254 2.60 4.62 -21.08
N VAL A 255 1.91 5.70 -20.71
CA VAL A 255 2.47 6.80 -19.92
C VAL A 255 1.69 6.88 -18.60
N LEU A 256 2.37 6.55 -17.49
CA LEU A 256 1.76 6.57 -16.15
C LEU A 256 1.38 8.01 -15.75
N LEU A 257 0.07 8.31 -15.75
CA LEU A 257 -0.49 9.61 -15.38
C LEU A 257 -0.81 9.64 -13.87
N LEU A 258 0.10 10.24 -13.10
CA LEU A 258 0.01 10.34 -11.63
C LEU A 258 -0.72 11.63 -11.23
N SER A 259 -1.80 11.45 -10.46
CA SER A 259 -2.72 12.53 -10.07
C SER A 259 -2.55 12.90 -8.59
N ASP A 260 -1.53 12.34 -7.94
CA ASP A 260 -1.25 12.53 -6.51
C ASP A 260 -0.24 13.68 -6.34
N ARG A 261 -0.22 14.32 -5.16
CA ARG A 261 0.71 15.44 -4.89
C ARG A 261 2.07 14.95 -4.32
N ILE A 262 2.09 13.78 -3.66
CA ILE A 262 3.27 13.29 -2.89
C ILE A 262 4.22 12.43 -3.75
N ASP A 263 3.82 12.08 -4.98
CA ASP A 263 4.66 11.30 -5.93
C ASP A 263 5.99 12.00 -6.25
N GLU A 264 6.03 13.32 -6.03
CA GLU A 264 7.25 14.12 -6.11
C GLU A 264 8.35 13.57 -5.17
N TRP A 265 7.98 13.29 -3.91
CA TRP A 265 8.89 12.70 -2.90
C TRP A 265 8.94 11.15 -3.01
N MET A 266 7.84 10.54 -3.49
CA MET A 266 7.72 9.05 -3.64
C MET A 266 8.86 8.49 -4.51
N MET A 267 9.01 9.13 -5.68
CA MET A 267 9.92 8.70 -6.73
C MET A 267 11.36 9.15 -6.44
N ASN A 268 11.51 10.10 -5.49
CA ASN A 268 12.82 10.64 -5.05
C ASN A 268 13.78 9.51 -4.62
N TYR A 269 13.18 8.42 -4.11
CA TYR A 269 13.90 7.20 -3.72
C TYR A 269 13.55 6.05 -4.68
N LEU A 270 12.23 5.90 -4.99
CA LEU A 270 11.72 4.88 -5.95
C LEU A 270 11.99 5.38 -7.39
N THR A 271 13.28 5.38 -7.75
CA THR A 271 13.80 5.92 -9.03
C THR A 271 13.87 4.83 -10.12
N GLU A 272 13.92 3.56 -9.68
CA GLU A 272 14.05 2.40 -10.58
C GLU A 272 13.24 1.21 -10.04
N PHE A 273 12.81 0.35 -10.96
CA PHE A 273 12.09 -0.90 -10.67
C PHE A 273 12.48 -1.96 -11.71
N ASP A 274 12.80 -3.19 -11.23
CA ASP A 274 13.00 -4.39 -12.11
C ASP A 274 14.31 -4.27 -12.97
N GLY A 275 15.18 -3.29 -12.62
CA GLY A 275 16.41 -3.02 -13.38
C GLY A 275 16.19 -2.01 -14.51
N LYS A 276 14.98 -1.45 -14.57
CA LYS A 276 14.53 -0.49 -15.58
C LYS A 276 14.25 0.87 -14.90
N PRO A 277 15.08 1.94 -15.18
CA PRO A 277 14.88 3.27 -14.57
C PRO A 277 13.69 4.02 -15.18
N PHE A 278 13.27 5.09 -14.50
CA PHE A 278 12.11 5.88 -14.93
C PHE A 278 12.58 7.15 -15.66
N GLN A 279 11.70 7.71 -16.50
CA GLN A 279 12.03 8.86 -17.36
C GLN A 279 10.78 9.74 -17.57
N SER A 280 10.99 11.06 -17.70
CA SER A 280 9.95 12.02 -18.11
C SER A 280 9.42 11.72 -19.54
N VAL A 281 8.18 12.18 -19.82
CA VAL A 281 7.49 11.92 -21.10
C VAL A 281 8.08 12.76 -22.28
N SER A 282 8.51 14.00 -21.96
CA SER A 282 8.89 15.01 -22.96
C SER A 282 10.38 14.85 -23.37
N LYS A 283 11.01 13.75 -22.95
CA LYS A 283 12.37 13.38 -23.35
C LYS A 283 12.44 11.86 -23.51
N VAL A 284 13.34 11.39 -24.38
CA VAL A 284 13.50 9.96 -24.70
C VAL A 284 14.84 9.74 -25.44
N ASP A 285 15.40 8.53 -25.29
CA ASP A 285 16.66 8.14 -25.93
C ASP A 285 16.40 7.02 -26.97
N GLU A 286 17.41 6.69 -27.80
CA GLU A 286 17.35 5.60 -28.81
C GLU A 286 17.59 4.21 -28.15
N SER A 287 17.36 4.13 -26.82
CA SER A 287 17.26 2.88 -26.05
C SER A 287 16.31 1.89 -26.74
N LEU A 288 15.23 2.42 -27.32
CA LEU A 288 14.19 1.61 -27.98
C LEU A 288 14.74 0.93 -29.26
N GLU A 289 15.67 1.62 -29.93
CA GLU A 289 16.26 1.15 -31.18
C GLU A 289 17.29 0.04 -30.92
N LYS A 290 18.26 0.34 -30.03
CA LYS A 290 19.43 -0.53 -29.78
C LYS A 290 19.07 -1.82 -28.99
N LEU A 291 17.99 -1.75 -28.19
CA LEU A 291 17.56 -2.88 -27.32
C LEU A 291 16.77 -3.95 -28.11
N ALA A 292 16.41 -3.63 -29.37
CA ALA A 292 15.60 -4.49 -30.25
C ALA A 292 16.20 -5.92 -30.40
N MET B 17 17.53 11.71 -29.67
CA MET B 17 16.35 12.06 -28.86
C MET B 17 15.09 12.02 -29.76
N ALA B 18 14.44 10.84 -29.82
CA ALA B 18 13.31 10.56 -30.75
C ALA B 18 11.96 11.06 -30.19
N THR B 19 11.87 12.37 -29.90
CA THR B 19 10.70 13.00 -29.24
C THR B 19 9.49 13.20 -30.21
N SER B 20 9.62 12.78 -31.48
CA SER B 20 8.50 12.78 -32.44
C SER B 20 7.75 11.43 -32.41
N THR B 21 8.48 10.35 -32.09
CA THR B 21 7.88 9.02 -31.82
C THR B 21 7.01 9.09 -30.55
N LEU B 22 7.60 9.69 -29.50
CA LEU B 22 6.89 9.95 -28.23
C LEU B 22 6.25 11.34 -28.25
N ILE B 23 5.59 11.68 -27.13
CA ILE B 23 4.82 12.93 -26.99
C ILE B 23 5.46 13.81 -25.92
N LYS B 24 5.39 15.14 -26.13
CA LYS B 24 5.83 16.12 -25.13
C LYS B 24 4.83 16.14 -23.95
N ALA B 25 3.54 15.94 -24.30
CA ALA B 25 2.42 15.79 -23.37
C ALA B 25 2.33 16.95 -22.34
N ILE B 26 2.79 16.72 -21.08
CA ILE B 26 2.75 17.72 -20.00
C ILE B 26 4.19 17.93 -19.51
N ASP B 27 4.68 19.18 -19.53
CA ASP B 27 6.00 19.56 -18.97
C ASP B 27 5.97 19.49 -17.44
N GLY B 28 4.83 19.93 -16.85
CA GLY B 28 4.67 20.03 -15.39
C GLY B 28 5.29 21.34 -14.87
N ASP B 29 6.61 21.46 -15.06
CA ASP B 29 7.38 22.68 -14.83
C ASP B 29 8.75 22.54 -15.48
N THR B 30 9.59 21.69 -14.87
CA THR B 30 11.01 21.53 -15.22
C THR B 30 11.22 20.57 -16.43
N VAL B 31 10.11 19.98 -16.94
CA VAL B 31 10.10 18.92 -17.99
C VAL B 31 10.51 17.56 -17.39
N LYS B 32 11.63 17.56 -16.64
CA LYS B 32 12.13 16.39 -15.88
C LYS B 32 11.09 15.88 -14.86
N LEU B 33 11.19 14.58 -14.57
CA LEU B 33 10.21 13.86 -13.75
C LEU B 33 10.40 14.16 -12.25
N MET B 34 9.29 14.00 -11.49
CA MET B 34 9.21 14.12 -10.01
C MET B 34 10.48 13.62 -9.27
N TYR B 35 11.20 14.58 -8.66
CA TYR B 35 12.39 14.29 -7.85
C TYR B 35 12.52 15.42 -6.81
N LYS B 36 11.46 15.55 -6.01
CA LYS B 36 11.29 16.65 -5.02
C LYS B 36 11.04 16.06 -3.62
N GLY B 37 10.66 16.92 -2.66
CA GLY B 37 10.42 16.50 -1.28
C GLY B 37 11.71 16.44 -0.48
N GLN B 38 11.64 15.84 0.73
CA GLN B 38 12.77 15.79 1.67
C GLN B 38 12.58 14.66 2.70
N PRO B 39 13.71 14.10 3.27
CA PRO B 39 13.66 13.17 4.42
C PRO B 39 13.18 13.90 5.70
N MET B 40 11.86 14.09 5.78
CA MET B 40 11.19 14.83 6.89
C MET B 40 10.42 13.86 7.80
N THR B 41 10.61 12.56 7.56
CA THR B 41 9.80 11.47 8.13
C THR B 41 10.71 10.49 8.93
N PHE B 42 10.10 9.51 9.65
CA PHE B 42 10.82 8.58 10.56
C PHE B 42 10.98 7.16 9.95
N ARG B 43 12.20 6.60 9.93
CA ARG B 43 12.50 5.31 9.26
C ARG B 43 11.78 4.16 9.98
N LEU B 44 10.70 3.65 9.34
CA LEU B 44 9.97 2.47 9.79
C LEU B 44 9.08 1.98 8.64
N LEU B 45 9.45 0.83 8.03
CA LEU B 45 8.60 0.10 7.06
C LEU B 45 8.95 -1.39 7.04
N LEU B 46 8.38 -2.07 6.01
CA LEU B 46 8.42 -3.52 5.77
C LEU B 46 9.78 -4.13 6.13
N VAL B 47 9.81 -4.90 7.24
CA VAL B 47 11.03 -5.62 7.68
C VAL B 47 11.40 -6.72 6.66
N ASP B 48 10.41 -7.54 6.28
CA ASP B 48 10.54 -8.54 5.21
C ASP B 48 10.11 -7.95 3.86
N THR B 49 10.33 -8.70 2.78
CA THR B 49 10.18 -8.20 1.41
C THR B 49 10.00 -9.36 0.38
N PRO B 50 8.74 -9.63 -0.09
CA PRO B 50 8.47 -10.63 -1.16
C PRO B 50 8.91 -10.12 -2.56
N GLU B 51 9.02 -8.77 -2.69
CA GLU B 51 9.44 -8.07 -3.93
C GLU B 51 8.45 -8.39 -5.09
N THR B 52 8.96 -8.42 -6.35
CA THR B 52 8.19 -8.87 -7.52
C THR B 52 7.67 -10.33 -7.29
N LYS B 53 8.53 -11.34 -7.52
CA LYS B 53 8.20 -12.78 -7.31
C LYS B 53 9.49 -13.53 -6.90
N HIS B 54 9.71 -13.68 -5.59
CA HIS B 54 10.75 -14.54 -5.02
C HIS B 54 10.11 -15.75 -4.26
N PRO B 55 9.08 -15.53 -3.34
CA PRO B 55 8.31 -16.68 -2.79
C PRO B 55 7.40 -17.30 -3.88
N LYS B 56 7.55 -18.62 -4.08
CA LYS B 56 6.76 -19.38 -5.08
C LYS B 56 5.36 -19.69 -4.52
N LYS B 57 4.39 -19.91 -5.42
CA LYS B 57 3.01 -20.30 -5.05
C LYS B 57 2.91 -21.83 -4.88
N GLY B 58 3.69 -22.35 -3.90
CA GLY B 58 3.71 -23.78 -3.58
C GLY B 58 2.33 -24.32 -3.17
N VAL B 59 1.50 -23.44 -2.61
CA VAL B 59 0.10 -23.74 -2.30
C VAL B 59 -0.77 -23.61 -3.59
N GLU B 60 -1.35 -24.75 -4.00
CA GLU B 60 -2.22 -24.88 -5.17
C GLU B 60 -3.11 -26.13 -4.97
N LYS B 61 -2.68 -27.32 -5.48
CA LYS B 61 -3.29 -28.66 -5.19
C LYS B 61 -4.71 -28.84 -5.82
N TYR B 62 -5.37 -27.73 -6.17
CA TYR B 62 -6.74 -27.68 -6.68
C TYR B 62 -6.74 -27.09 -8.11
N GLY B 63 -5.58 -26.55 -8.53
CA GLY B 63 -5.41 -25.91 -9.83
C GLY B 63 -5.89 -24.45 -9.85
N PRO B 64 -5.89 -23.79 -11.04
CA PRO B 64 -6.41 -22.40 -11.18
C PRO B 64 -7.94 -22.35 -10.95
N GLU B 65 -8.35 -21.76 -9.81
CA GLU B 65 -9.77 -21.60 -9.43
C GLU B 65 -10.49 -20.64 -10.41
N ALA B 66 -9.71 -19.63 -10.89
CA ALA B 66 -10.15 -18.62 -11.86
C ALA B 66 -11.32 -17.79 -11.30
N SER B 67 -11.02 -17.05 -10.22
CA SER B 67 -12.00 -16.25 -9.47
C SER B 67 -12.50 -15.05 -10.32
N ALA B 68 -13.61 -15.28 -11.04
CA ALA B 68 -14.26 -14.28 -11.90
C ALA B 68 -15.76 -14.57 -11.93
N PHE B 69 -16.09 -15.83 -12.27
CA PHE B 69 -17.44 -16.37 -12.17
C PHE B 69 -17.34 -17.90 -12.02
N THR B 70 -17.30 -18.65 -13.16
CA THR B 70 -17.08 -20.12 -13.19
C THR B 70 -18.22 -20.90 -12.48
N LYS B 71 -18.29 -22.23 -12.72
CA LYS B 71 -19.14 -23.18 -11.94
C LYS B 71 -20.63 -22.74 -11.91
N LYS B 72 -21.10 -22.30 -13.10
CA LYS B 72 -22.45 -21.74 -13.30
C LYS B 72 -23.54 -22.80 -13.06
N MET B 73 -23.24 -24.05 -13.52
CA MET B 73 -24.13 -25.23 -13.42
C MET B 73 -25.38 -25.08 -14.33
N VAL B 74 -26.24 -24.10 -14.01
CA VAL B 74 -27.46 -23.80 -14.77
C VAL B 74 -27.10 -23.27 -16.18
N GLU B 75 -27.86 -23.69 -17.21
CA GLU B 75 -27.54 -23.45 -18.64
C GLU B 75 -26.17 -24.06 -19.01
N ASN B 76 -25.96 -25.29 -18.50
CA ASN B 76 -24.79 -26.13 -18.83
C ASN B 76 -25.20 -27.61 -18.71
N ALA B 77 -25.72 -28.16 -19.82
CA ALA B 77 -26.12 -29.57 -19.92
C ALA B 77 -25.42 -30.21 -21.14
N ALA A 28 -18.14 -16.53 28.23
CA ALA A 28 -17.90 -15.08 28.13
C ALA A 28 -16.41 -14.80 27.90
N GLN A 29 -15.98 -14.93 26.64
CA GLN A 29 -14.60 -14.62 26.22
C GLN A 29 -14.65 -13.62 25.07
N ALA A 30 -13.65 -12.73 25.06
CA ALA A 30 -13.52 -11.67 24.05
C ALA A 30 -13.37 -12.25 22.62
N LEU A 31 -14.07 -11.64 21.66
CA LEU A 31 -14.08 -12.05 20.24
C LEU A 31 -12.65 -12.15 19.69
N TRP A 32 -11.84 -11.11 19.94
CA TRP A 32 -10.46 -11.03 19.40
C TRP A 32 -9.56 -12.15 19.97
N THR A 33 -9.75 -12.52 21.25
CA THR A 33 -8.92 -13.54 21.91
C THR A 33 -9.44 -14.97 21.65
N ARG A 34 -10.67 -15.08 21.09
CA ARG A 34 -11.27 -16.36 20.73
C ARG A 34 -10.57 -16.93 19.47
N ASN A 35 -10.60 -18.28 19.33
CA ASN A 35 -9.98 -18.97 18.21
C ASN A 35 -10.70 -18.63 16.89
N LYS A 36 -9.90 -18.51 15.81
CA LYS A 36 -10.34 -18.07 14.48
C LYS A 36 -11.39 -19.03 13.86
N SER A 37 -11.32 -20.32 14.27
CA SER A 37 -12.24 -21.38 13.80
C SER A 37 -13.72 -21.09 14.19
N GLU A 38 -13.89 -20.35 15.30
CA GLU A 38 -15.22 -19.99 15.84
C GLU A 38 -15.67 -18.61 15.31
N ILE A 39 -14.74 -17.89 14.64
CA ILE A 39 -14.97 -16.54 14.13
C ILE A 39 -15.04 -16.58 12.59
N THR A 40 -16.26 -16.49 12.04
CA THR A 40 -16.49 -16.49 10.59
C THR A 40 -16.58 -15.03 10.06
N ASP A 41 -16.80 -14.91 8.74
CA ASP A 41 -16.87 -13.64 7.97
C ASP A 41 -17.69 -12.53 8.68
N GLU A 42 -18.84 -12.93 9.26
CA GLU A 42 -19.80 -12.00 9.88
C GLU A 42 -19.20 -11.31 11.13
N GLU A 43 -18.61 -12.12 12.05
CA GLU A 43 -18.03 -11.61 13.31
C GLU A 43 -16.93 -10.58 13.02
N TYR A 44 -16.08 -10.88 12.01
CA TYR A 44 -14.99 -9.98 11.60
C TYR A 44 -15.53 -8.60 11.14
N LYS A 45 -16.51 -8.62 10.21
CA LYS A 45 -17.06 -7.40 9.60
C LYS A 45 -17.81 -6.52 10.62
N GLU A 46 -18.54 -7.17 11.54
CA GLU A 46 -19.31 -6.46 12.59
C GLU A 46 -18.35 -5.86 13.63
N PHE A 47 -17.37 -6.69 14.04
CA PHE A 47 -16.40 -6.33 15.08
C PHE A 47 -15.51 -5.16 14.63
N TYR A 48 -15.22 -5.09 13.32
CA TYR A 48 -14.54 -3.94 12.69
C TYR A 48 -15.29 -2.64 13.03
N LYS A 49 -16.59 -2.63 12.75
CA LYS A 49 -17.46 -1.44 12.95
C LYS A 49 -17.51 -1.03 14.43
N HIS A 50 -17.50 -2.06 15.28
CA HIS A 50 -17.56 -1.94 16.74
C HIS A 50 -16.30 -1.20 17.29
N ILE A 51 -15.13 -1.51 16.70
CA ILE A 51 -13.81 -1.04 17.23
C ILE A 51 -13.25 0.17 16.45
N ALA A 52 -13.67 0.33 15.19
CA ALA A 52 -13.17 1.39 14.29
C ALA A 52 -14.05 2.65 14.38
N HIS A 53 -15.16 2.55 15.15
CA HIS A 53 -16.14 3.64 15.39
C HIS A 53 -16.89 4.00 14.07
N ASP A 54 -16.80 3.09 13.09
CA ASP A 54 -17.28 3.28 11.72
C ASP A 54 -18.37 2.24 11.43
N PHE A 55 -19.05 2.31 10.27
CA PHE A 55 -20.14 1.35 9.92
C PHE A 55 -20.04 0.82 8.47
N ASN A 56 -18.86 0.97 7.82
CA ASN A 56 -18.56 0.30 6.52
C ASN A 56 -18.16 -1.17 6.80
N ASP A 57 -18.38 -2.07 5.83
CA ASP A 57 -17.87 -3.46 5.89
C ASP A 57 -16.44 -3.49 5.34
N PRO A 58 -15.43 -4.05 6.10
CA PRO A 58 -13.98 -3.97 5.72
C PRO A 58 -13.68 -4.77 4.43
N LEU A 59 -12.72 -4.24 3.64
CA LEU A 59 -12.29 -4.83 2.37
C LEU A 59 -11.64 -6.22 2.59
N THR A 60 -10.78 -6.30 3.61
CA THR A 60 -10.13 -7.54 4.05
C THR A 60 -9.62 -7.36 5.50
N TRP A 61 -9.03 -8.44 6.06
CA TRP A 61 -8.53 -8.45 7.45
C TRP A 61 -7.43 -9.51 7.63
N SER A 62 -6.79 -9.46 8.80
CA SER A 62 -5.78 -10.42 9.23
C SER A 62 -5.95 -10.67 10.73
N HIS A 63 -6.29 -11.91 11.11
CA HIS A 63 -6.40 -12.31 12.53
C HIS A 63 -5.26 -13.27 12.80
N ASN A 64 -4.40 -12.93 13.76
CA ASN A 64 -3.18 -13.66 13.98
C ASN A 64 -2.77 -13.54 15.45
N ARG A 65 -2.57 -14.68 16.12
CA ARG A 65 -2.14 -14.72 17.52
C ARG A 65 -0.71 -15.24 17.60
N VAL A 66 0.04 -14.71 18.56
CA VAL A 66 1.48 -14.93 18.73
C VAL A 66 1.76 -15.40 20.17
N GLU A 67 2.65 -16.39 20.30
CA GLU A 67 3.13 -16.91 21.59
C GLU A 67 4.64 -16.59 21.75
N GLY A 68 5.23 -17.04 22.87
CA GLY A 68 6.65 -16.84 23.15
C GLY A 68 6.86 -15.71 24.14
N LYS A 69 7.90 -14.87 23.90
CA LYS A 69 8.18 -13.70 24.75
C LYS A 69 7.08 -12.64 24.51
N GLN A 70 6.96 -12.20 23.24
CA GLN A 70 5.91 -11.28 22.82
C GLN A 70 4.64 -12.09 22.55
N GLU A 71 3.94 -12.39 23.65
CA GLU A 71 2.65 -13.06 23.63
C GLU A 71 1.57 -11.99 23.46
N TYR A 72 0.89 -12.02 22.31
CA TYR A 72 -0.15 -11.05 21.99
C TYR A 72 -1.08 -11.57 20.90
N THR A 73 -2.34 -11.11 20.91
CA THR A 73 -3.32 -11.43 19.86
C THR A 73 -3.57 -10.15 19.02
N SER A 74 -3.11 -10.14 17.76
CA SER A 74 -3.29 -8.99 16.86
C SER A 74 -4.42 -9.29 15.86
N LEU A 75 -5.31 -8.31 15.67
CA LEU A 75 -6.45 -8.42 14.76
C LEU A 75 -6.62 -7.08 14.04
N LEU A 76 -6.17 -7.05 12.78
CA LEU A 76 -6.13 -5.85 11.94
C LEU A 76 -7.25 -5.92 10.88
N TYR A 77 -7.77 -4.74 10.47
CA TYR A 77 -8.78 -4.62 9.40
C TYR A 77 -8.36 -3.49 8.44
N ILE A 78 -8.79 -3.63 7.17
CA ILE A 78 -8.63 -2.57 6.15
C ILE A 78 -9.99 -1.86 5.95
N PRO A 79 -10.11 -0.56 6.37
CA PRO A 79 -11.31 0.27 6.12
C PRO A 79 -11.62 0.45 4.61
N SER A 80 -12.92 0.50 4.30
CA SER A 80 -13.43 0.69 2.94
C SER A 80 -13.69 2.19 2.66
N GLN A 81 -13.23 3.05 3.56
CA GLN A 81 -13.40 4.49 3.48
C GLN A 81 -12.42 5.19 4.42
N ALA A 82 -11.80 6.27 3.93
CA ALA A 82 -11.04 7.20 4.78
C ALA A 82 -12.02 8.12 5.48
N PRO A 83 -12.11 8.10 6.84
CA PRO A 83 -12.85 9.12 7.59
C PRO A 83 -12.15 10.49 7.41
N TRP A 84 -12.91 11.59 7.44
CA TRP A 84 -12.39 12.94 7.14
C TRP A 84 -11.31 13.35 8.18
N ASP A 85 -11.51 12.92 9.44
CA ASP A 85 -10.58 13.21 10.56
C ASP A 85 -9.28 12.38 10.51
N MET A 86 -9.18 11.45 9.53
CA MET A 86 -7.91 10.77 9.17
C MET A 86 -6.97 11.77 8.45
N TRP A 87 -7.58 12.78 7.78
CA TRP A 87 -6.85 13.81 6.98
C TRP A 87 -6.85 15.16 7.73
N ASN A 88 -7.34 15.15 8.98
CA ASN A 88 -7.41 16.33 9.84
C ASN A 88 -6.23 16.31 10.85
N ARG A 89 -6.14 17.35 11.69
CA ARG A 89 -5.16 17.42 12.80
C ARG A 89 -5.62 16.51 13.96
N ASP A 90 -6.92 16.10 13.93
CA ASP A 90 -7.56 15.26 14.97
C ASP A 90 -7.07 13.81 14.81
N HIS A 91 -6.91 13.11 15.94
CA HIS A 91 -6.42 11.72 15.94
C HIS A 91 -7.55 10.74 15.58
N LYS A 92 -7.23 9.75 14.75
CA LYS A 92 -8.20 8.73 14.26
C LYS A 92 -7.47 7.43 13.86
N HIS A 93 -6.22 7.60 13.43
CA HIS A 93 -5.28 6.50 13.08
C HIS A 93 -5.08 5.47 14.21
N GLY A 94 -4.52 4.31 13.88
CA GLY A 94 -3.96 3.41 14.90
C GLY A 94 -4.88 2.27 15.26
N LEU A 95 -4.56 1.61 16.38
CA LEU A 95 -5.30 0.44 16.90
C LEU A 95 -5.85 0.73 18.30
N LYS A 96 -6.62 -0.21 18.85
CA LYS A 96 -7.05 -0.18 20.25
C LYS A 96 -6.12 -1.04 21.10
N LEU A 97 -5.41 -0.40 22.03
CA LEU A 97 -4.54 -1.11 22.98
C LEU A 97 -5.39 -1.80 24.07
N TYR A 98 -5.30 -3.12 24.10
CA TYR A 98 -5.77 -3.97 25.19
C TYR A 98 -4.56 -4.68 25.76
N VAL A 99 -4.39 -4.69 27.08
CA VAL A 99 -3.38 -5.53 27.73
C VAL A 99 -4.10 -6.58 28.59
N GLN A 100 -3.96 -7.86 28.18
CA GLN A 100 -4.54 -9.02 28.89
C GLN A 100 -6.09 -8.94 28.90
N ARG A 101 -6.63 -8.58 27.71
CA ARG A 101 -8.09 -8.42 27.42
C ARG A 101 -8.70 -7.18 28.12
N VAL A 102 -7.86 -6.39 28.81
CA VAL A 102 -8.29 -5.17 29.50
C VAL A 102 -8.03 -3.96 28.60
N PHE A 103 -9.10 -3.18 28.31
CA PHE A 103 -8.98 -1.95 27.52
C PHE A 103 -8.10 -0.94 28.26
N ILE A 104 -7.07 -0.44 27.57
CA ILE A 104 -6.13 0.54 28.11
C ILE A 104 -6.34 1.87 27.41
N MET A 105 -6.33 1.85 26.07
CA MET A 105 -6.33 3.05 25.24
C MET A 105 -6.85 2.75 23.83
N ASP A 106 -7.55 3.72 23.24
CA ASP A 106 -7.96 3.71 21.81
C ASP A 106 -7.01 4.65 21.05
N ASP A 107 -6.90 4.46 19.71
CA ASP A 107 -6.07 5.32 18.84
C ASP A 107 -4.57 5.16 19.22
N ALA A 108 -3.99 4.02 18.84
CA ALA A 108 -2.60 3.71 19.16
C ALA A 108 -1.77 3.67 17.87
N GLU A 109 -1.22 4.84 17.50
CA GLU A 109 -0.26 4.98 16.37
C GLU A 109 1.12 4.40 16.76
N GLN A 110 1.23 4.03 18.03
CA GLN A 110 2.40 3.40 18.63
C GLN A 110 2.53 1.92 18.22
N PHE A 111 1.41 1.30 17.78
CA PHE A 111 1.40 -0.10 17.28
C PHE A 111 1.22 -0.13 15.77
N MET A 112 0.73 0.98 15.19
CA MET A 112 0.63 1.12 13.73
C MET A 112 1.17 2.50 13.33
N PRO A 113 2.26 2.58 12.50
CA PRO A 113 2.86 3.86 12.07
C PRO A 113 1.88 4.88 11.44
N ASN A 114 2.34 6.13 11.33
CA ASN A 114 1.59 7.23 10.72
C ASN A 114 1.36 6.99 9.22
N TYR A 115 2.32 6.32 8.61
CA TYR A 115 2.38 6.02 7.16
C TYR A 115 1.72 4.64 6.88
N LEU A 116 1.32 3.94 7.97
CA LEU A 116 0.45 2.74 7.92
C LEU A 116 -0.87 3.05 8.67
N ARG A 117 -1.18 4.38 8.84
CA ARG A 117 -2.30 4.90 9.69
C ARG A 117 -3.67 4.31 9.33
N PHE A 118 -3.78 3.86 8.07
CA PHE A 118 -5.02 3.36 7.47
C PHE A 118 -5.57 2.12 8.18
N VAL A 119 -4.67 1.29 8.73
CA VAL A 119 -5.06 0.08 9.45
C VAL A 119 -5.74 0.46 10.78
N ARG A 120 -7.01 0.05 10.93
CA ARG A 120 -7.76 0.20 12.18
C ARG A 120 -8.12 -1.21 12.66
N GLY A 121 -8.00 -1.42 13.96
CA GLY A 121 -8.23 -2.70 14.57
C GLY A 121 -7.87 -2.64 16.04
N LEU A 122 -7.12 -3.65 16.52
CA LEU A 122 -6.73 -3.73 17.94
C LEU A 122 -5.59 -4.73 18.12
N ILE A 123 -4.97 -4.67 19.32
CA ILE A 123 -3.92 -5.59 19.75
C ILE A 123 -4.09 -5.88 21.24
N ASP A 124 -4.16 -7.17 21.57
CA ASP A 124 -4.16 -7.68 22.95
C ASP A 124 -2.72 -8.04 23.33
N SER A 125 -2.02 -7.07 23.90
CA SER A 125 -0.63 -7.25 24.32
C SER A 125 -0.59 -7.86 25.73
N SER A 126 -0.07 -9.08 25.84
CA SER A 126 0.21 -9.73 27.14
C SER A 126 1.73 -9.62 27.46
N ASP A 127 2.45 -9.02 26.50
CA ASP A 127 3.90 -8.77 26.59
C ASP A 127 4.16 -7.46 27.35
N LEU A 128 3.36 -6.43 27.00
CA LEU A 128 3.47 -5.09 27.60
C LEU A 128 2.80 -5.08 28.98
N PRO A 129 3.32 -4.23 29.94
CA PRO A 129 2.73 -4.09 31.30
C PRO A 129 1.26 -3.65 31.26
N LEU A 130 0.49 -4.00 32.31
CA LEU A 130 -0.94 -3.63 32.39
C LEU A 130 -1.11 -2.12 32.60
N ASN A 131 -0.15 -1.52 33.33
CA ASN A 131 -0.16 -0.07 33.69
C ASN A 131 0.48 0.81 32.60
N VAL A 132 0.67 0.25 31.38
CA VAL A 132 1.26 0.93 30.21
C VAL A 132 0.46 2.21 29.81
N SER A 133 1.17 3.21 29.29
CA SER A 133 0.60 4.48 28.81
C SER A 133 1.25 4.86 27.47
N ARG A 134 0.72 5.88 26.80
CA ARG A 134 1.19 6.32 25.46
C ARG A 134 2.64 6.86 25.51
N GLU A 135 3.07 7.25 26.72
CA GLU A 135 4.44 7.70 27.01
C GLU A 135 5.39 6.49 26.94
N ILE A 136 4.99 5.40 27.62
CA ILE A 136 5.70 4.09 27.58
C ILE A 136 5.82 3.62 26.13
N LEU A 137 4.71 3.73 25.41
CA LEU A 137 4.58 3.30 24.02
C LEU A 137 5.52 4.09 23.09
N GLN A 138 5.65 5.41 23.34
CA GLN A 138 6.52 6.31 22.56
C GLN A 138 8.01 6.03 22.87
N ASP A 139 8.28 5.67 24.14
CA ASP A 139 9.63 5.64 24.72
C ASP A 139 10.31 4.27 24.56
N SER A 140 9.68 3.22 25.11
CA SER A 140 10.29 1.88 25.26
C SER A 140 10.55 1.18 23.90
N THR A 141 11.61 0.35 23.89
CA THR A 141 12.07 -0.42 22.72
C THR A 141 11.07 -1.52 22.32
N VAL A 142 10.40 -2.11 23.33
CA VAL A 142 9.44 -3.22 23.15
C VAL A 142 8.35 -2.86 22.11
N THR A 143 7.85 -1.62 22.21
CA THR A 143 6.72 -1.15 21.39
C THR A 143 7.10 -1.09 19.90
N ARG A 144 8.39 -0.81 19.62
CA ARG A 144 8.96 -0.82 18.24
C ARG A 144 8.92 -2.25 17.66
N ASN A 145 9.25 -3.23 18.52
CA ASN A 145 9.37 -4.65 18.15
C ASN A 145 7.98 -5.28 17.88
N LEU A 146 6.97 -4.86 18.69
CA LEU A 146 5.54 -5.20 18.45
C LEU A 146 5.10 -4.60 17.11
N ARG A 147 5.30 -3.29 16.99
CA ARG A 147 4.87 -2.46 15.83
C ARG A 147 5.50 -2.96 14.51
N ASN A 148 6.71 -3.53 14.60
CA ASN A 148 7.43 -4.15 13.46
C ASN A 148 6.69 -5.43 13.02
N ALA A 149 6.33 -6.27 14.00
CA ALA A 149 5.62 -7.55 13.77
C ALA A 149 4.19 -7.32 13.23
N LEU A 150 3.58 -6.20 13.64
CA LEU A 150 2.25 -5.78 13.15
C LEU A 150 2.34 -5.25 11.71
N THR A 151 3.47 -4.56 11.38
CA THR A 151 3.77 -4.12 9.99
C THR A 151 3.74 -5.35 9.05
N LYS A 152 4.35 -6.47 9.52
CA LYS A 152 4.41 -7.75 8.78
C LYS A 152 3.02 -8.31 8.46
N ARG A 153 2.05 -8.10 9.37
CA ARG A 153 0.66 -8.55 9.17
C ARG A 153 -0.03 -7.68 8.10
N VAL A 154 0.26 -6.36 8.14
CA VAL A 154 -0.24 -5.39 7.15
C VAL A 154 0.20 -5.75 5.70
N LEU A 155 1.46 -6.18 5.55
CA LEU A 155 2.10 -6.47 4.21
C LEU A 155 1.32 -7.54 3.44
N GLN A 156 1.16 -8.70 4.08
CA GLN A 156 0.43 -9.86 3.54
C GLN A 156 -1.03 -9.48 3.26
N MET A 157 -1.60 -8.63 4.12
CA MET A 157 -3.01 -8.19 4.04
C MET A 157 -3.26 -7.19 2.87
N LEU A 158 -2.26 -6.32 2.59
CA LEU A 158 -2.36 -5.30 1.51
C LEU A 158 -2.20 -5.95 0.14
N GLU A 159 -1.14 -6.76 0.00
CA GLU A 159 -0.83 -7.45 -1.26
C GLU A 159 -1.90 -8.51 -1.58
N LYS A 160 -2.50 -9.07 -0.49
CA LYS A 160 -3.67 -9.98 -0.60
C LYS A 160 -4.79 -9.22 -1.27
N LEU A 161 -5.14 -8.05 -0.70
CA LEU A 161 -6.24 -7.19 -1.17
C LEU A 161 -6.04 -6.72 -2.63
N ALA A 162 -4.77 -6.45 -2.96
CA ALA A 162 -4.34 -5.95 -4.28
C ALA A 162 -4.67 -6.95 -5.41
N LYS A 163 -4.66 -8.25 -5.05
CA LYS A 163 -4.89 -9.38 -5.98
C LYS A 163 -6.21 -10.12 -5.66
N ASP A 164 -6.80 -9.83 -4.48
CA ASP A 164 -8.10 -10.38 -4.04
C ASP A 164 -9.22 -9.77 -4.88
N ASP A 165 -9.31 -8.45 -4.86
CA ASP A 165 -10.26 -7.67 -5.67
C ASP A 165 -9.62 -6.32 -5.96
N ALA A 166 -9.26 -6.08 -7.23
CA ALA A 166 -8.76 -4.78 -7.69
C ALA A 166 -9.75 -3.65 -7.32
N GLU A 167 -11.08 -3.96 -7.39
CA GLU A 167 -12.16 -3.04 -6.96
C GLU A 167 -11.96 -2.59 -5.50
N LYS A 168 -11.76 -3.57 -4.60
CA LYS A 168 -11.57 -3.32 -3.16
C LYS A 168 -10.31 -2.47 -2.91
N TYR A 169 -9.19 -2.85 -3.56
CA TYR A 169 -7.90 -2.16 -3.37
C TYR A 169 -7.91 -0.76 -4.04
N GLN A 170 -8.82 -0.56 -5.02
CA GLN A 170 -9.05 0.76 -5.62
C GLN A 170 -9.82 1.66 -4.68
N THR A 171 -10.75 1.07 -3.92
CA THR A 171 -11.49 1.79 -2.86
C THR A 171 -10.50 2.21 -1.77
N PHE A 172 -9.58 1.30 -1.41
CA PHE A 172 -8.49 1.53 -0.45
C PHE A 172 -7.57 2.68 -0.92
N TRP A 173 -7.06 2.56 -2.16
CA TRP A 173 -6.02 3.46 -2.70
C TRP A 173 -6.55 4.89 -2.89
N GLN A 174 -7.79 5.00 -3.37
CA GLN A 174 -8.42 6.32 -3.65
C GLN A 174 -8.95 6.97 -2.36
N GLN A 175 -8.66 6.35 -1.20
CA GLN A 175 -8.95 6.90 0.14
C GLN A 175 -7.64 7.12 0.94
N PHE A 176 -6.64 6.21 0.77
CA PHE A 176 -5.41 6.17 1.61
C PHE A 176 -4.11 6.16 0.76
N GLY A 177 -4.20 6.55 -0.52
CA GLY A 177 -3.07 6.48 -1.47
C GLY A 177 -1.90 7.38 -1.11
N LEU A 178 -2.22 8.62 -0.69
CA LEU A 178 -1.22 9.64 -0.29
C LEU A 178 -0.43 9.16 0.93
N VAL A 179 -1.11 8.43 1.83
CA VAL A 179 -0.48 7.84 3.04
C VAL A 179 0.61 6.82 2.63
N LEU A 180 0.22 5.94 1.69
CA LEU A 180 1.08 4.83 1.22
C LEU A 180 2.18 5.36 0.25
N LYS A 181 1.97 6.56 -0.34
CA LYS A 181 2.98 7.20 -1.22
C LYS A 181 4.13 7.84 -0.40
N GLU A 182 3.93 7.98 0.92
CA GLU A 182 5.04 8.33 1.85
C GLU A 182 5.86 7.06 2.16
N GLY A 183 5.23 5.88 1.97
CA GLY A 183 5.83 4.55 2.24
C GLY A 183 7.16 4.21 1.53
N PRO A 184 7.27 4.27 0.16
CA PRO A 184 8.56 3.96 -0.56
C PRO A 184 9.62 5.05 -0.33
N ALA A 185 9.15 6.23 0.09
CA ALA A 185 9.95 7.39 0.43
C ALA A 185 10.33 7.36 1.93
N GLU A 186 9.61 6.48 2.69
CA GLU A 186 9.85 6.22 4.12
C GLU A 186 11.13 5.40 4.25
N ASP A 187 11.08 4.14 3.75
CA ASP A 187 12.24 3.25 3.76
C ASP A 187 12.61 2.85 2.32
N PHE A 188 13.76 3.35 1.85
CA PHE A 188 14.31 3.03 0.52
C PHE A 188 14.90 1.59 0.47
N ALA A 189 15.27 1.03 1.64
CA ALA A 189 15.96 -0.28 1.72
C ALA A 189 15.08 -1.42 1.19
N ASN A 190 13.77 -1.35 1.49
CA ASN A 190 12.77 -2.35 1.08
C ASN A 190 11.66 -1.68 0.27
N GLN A 191 12.04 -0.57 -0.41
CA GLN A 191 11.18 0.21 -1.32
C GLN A 191 10.56 -0.66 -2.44
N GLU A 192 11.28 -1.76 -2.79
CA GLU A 192 10.85 -2.77 -3.78
C GLU A 192 9.42 -3.30 -3.50
N ALA A 193 9.25 -3.85 -2.28
CA ALA A 193 8.00 -4.52 -1.86
C ALA A 193 6.84 -3.51 -1.71
N ILE A 194 7.21 -2.24 -1.47
CA ILE A 194 6.25 -1.12 -1.32
C ILE A 194 5.82 -0.61 -2.72
N ALA A 195 6.73 -0.71 -3.71
CA ALA A 195 6.51 -0.25 -5.11
C ALA A 195 5.41 -1.09 -5.82
N LYS A 196 5.32 -2.36 -5.40
CA LYS A 196 4.26 -3.29 -5.85
C LYS A 196 2.85 -2.80 -5.41
N LEU A 197 2.80 -2.22 -4.20
CA LEU A 197 1.55 -1.74 -3.57
C LEU A 197 1.10 -0.38 -4.14
N LEU A 198 2.04 0.35 -4.78
CA LEU A 198 1.77 1.69 -5.36
C LEU A 198 0.93 1.57 -6.65
N ARG A 199 -0.14 2.35 -6.74
CA ARG A 199 -1.03 2.41 -7.90
C ARG A 199 -0.92 3.79 -8.57
N PHE A 200 -0.58 3.77 -9.86
CA PHE A 200 -0.47 4.95 -10.73
C PHE A 200 -1.58 4.85 -11.78
N ALA A 201 -1.98 5.99 -12.36
CA ALA A 201 -2.84 6.00 -13.55
C ALA A 201 -1.95 5.83 -14.78
N SER A 202 -2.57 5.74 -15.97
CA SER A 202 -1.83 5.57 -17.23
C SER A 202 -2.75 5.76 -18.45
N THR A 203 -2.16 5.57 -19.65
CA THR A 203 -2.89 5.60 -20.93
C THR A 203 -3.63 4.26 -21.17
N HIS A 204 -3.51 3.33 -20.20
CA HIS A 204 -4.27 2.07 -20.14
C HIS A 204 -5.79 2.34 -20.19
N THR A 205 -6.22 3.26 -19.31
CA THR A 205 -7.63 3.67 -19.17
C THR A 205 -7.70 5.21 -19.14
N ASP A 206 -8.79 5.78 -19.68
CA ASP A 206 -9.01 7.24 -19.76
C ASP A 206 -9.61 7.79 -18.43
N SER A 207 -9.88 6.89 -17.46
CA SER A 207 -10.42 7.25 -16.15
C SER A 207 -9.32 7.76 -15.20
N SER A 208 -9.71 8.62 -14.24
CA SER A 208 -8.78 9.24 -13.27
C SER A 208 -8.41 8.29 -12.10
N ALA A 209 -8.97 7.07 -12.13
CA ALA A 209 -8.65 6.02 -11.16
C ALA A 209 -7.21 5.52 -11.37
N GLN A 210 -6.33 5.82 -10.41
CA GLN A 210 -4.95 5.30 -10.38
C GLN A 210 -4.98 3.80 -10.06
N THR A 211 -5.05 2.97 -11.12
CA THR A 211 -5.38 1.53 -11.01
C THR A 211 -4.17 0.63 -11.34
N VAL A 212 -3.30 1.10 -12.23
CA VAL A 212 -2.15 0.29 -12.71
C VAL A 212 -1.01 0.39 -11.69
N SER A 213 -0.63 -0.75 -11.11
CA SER A 213 0.58 -0.85 -10.29
C SER A 213 1.77 -1.10 -11.21
N LEU A 214 2.97 -0.99 -10.68
CA LEU A 214 4.20 -1.35 -11.41
C LEU A 214 4.17 -2.86 -11.76
N GLU A 215 3.45 -3.64 -10.93
CA GLU A 215 3.16 -5.07 -11.17
C GLU A 215 2.33 -5.23 -12.47
N ASP A 216 1.27 -4.40 -12.63
CA ASP A 216 0.40 -4.41 -13.83
C ASP A 216 1.14 -3.91 -15.08
N TYR A 217 2.09 -2.97 -14.88
CA TYR A 217 2.88 -2.38 -15.98
C TYR A 217 3.80 -3.44 -16.61
N VAL A 218 4.48 -4.21 -15.74
CA VAL A 218 5.39 -5.32 -16.14
C VAL A 218 4.64 -6.34 -17.02
N SER A 219 3.37 -6.58 -16.66
CA SER A 219 2.49 -7.54 -17.37
C SER A 219 2.13 -7.06 -18.81
N ARG A 220 2.39 -5.75 -19.14
CA ARG A 220 2.09 -5.20 -20.49
C ARG A 220 3.32 -4.58 -21.20
N MET A 221 4.55 -4.73 -20.63
CA MET A 221 5.77 -4.10 -21.22
C MET A 221 6.13 -4.71 -22.58
N LYS A 222 6.20 -3.85 -23.61
CA LYS A 222 6.40 -4.28 -25.01
C LYS A 222 7.88 -4.55 -25.34
N GLU A 223 8.15 -4.97 -26.60
CA GLU A 223 9.50 -5.37 -27.06
C GLU A 223 10.39 -4.14 -27.28
N GLY A 224 11.61 -4.15 -26.71
CA GLY A 224 12.52 -3.01 -26.76
C GLY A 224 12.24 -1.99 -25.67
N GLN A 225 11.17 -2.25 -24.87
CA GLN A 225 10.77 -1.39 -23.77
C GLN A 225 11.33 -1.98 -22.47
N GLU A 226 12.56 -1.54 -22.13
CA GLU A 226 13.25 -1.99 -20.90
C GLU A 226 13.01 -1.00 -19.74
N LYS A 227 12.38 0.14 -20.07
CA LYS A 227 12.20 1.26 -19.14
C LYS A 227 10.72 1.62 -19.01
N ILE A 228 10.35 2.08 -17.80
CA ILE A 228 8.97 2.40 -17.44
C ILE A 228 8.74 3.92 -17.61
N TYR A 229 7.83 4.28 -18.53
CA TYR A 229 7.56 5.68 -18.91
C TYR A 229 6.58 6.33 -17.93
N TYR A 230 6.95 7.52 -17.42
CA TYR A 230 6.13 8.32 -16.49
C TYR A 230 5.88 9.73 -17.07
N ILE A 231 4.74 10.33 -16.67
CA ILE A 231 4.39 11.74 -16.93
C ILE A 231 3.71 12.31 -15.67
N THR A 232 4.28 13.40 -15.13
CA THR A 232 3.69 14.12 -14.00
C THR A 232 2.69 15.18 -14.51
N ALA A 233 1.63 15.39 -13.72
CA ALA A 233 0.65 16.45 -13.93
C ALA A 233 0.16 16.91 -12.55
N ASP A 234 -0.35 18.16 -12.49
CA ASP A 234 -0.98 18.71 -11.27
C ASP A 234 -2.18 17.85 -10.85
N SER A 235 -2.94 17.40 -11.88
CA SER A 235 -4.15 16.61 -11.70
C SER A 235 -4.42 15.82 -13.00
N TYR A 236 -5.19 14.71 -12.91
CA TYR A 236 -5.38 13.79 -14.06
C TYR A 236 -6.14 14.45 -15.21
N ALA A 237 -7.04 15.41 -14.90
CA ALA A 237 -7.80 16.14 -15.95
C ALA A 237 -6.82 16.90 -16.89
N ALA A 238 -5.79 17.51 -16.27
CA ALA A 238 -4.71 18.23 -16.98
C ALA A 238 -3.82 17.26 -17.75
N ALA A 239 -3.65 16.04 -17.23
CA ALA A 239 -2.92 14.96 -17.93
C ALA A 239 -3.68 14.56 -19.21
N LYS A 240 -4.93 14.16 -19.02
CA LYS A 240 -5.79 13.53 -20.04
C LYS A 240 -6.07 14.47 -21.24
N SER A 241 -5.96 15.81 -20.99
CA SER A 241 -6.26 16.85 -22.02
C SER A 241 -5.29 16.75 -23.22
N SER A 242 -4.14 16.07 -23.01
CA SER A 242 -3.23 15.68 -24.08
C SER A 242 -3.83 14.48 -24.87
N PRO A 243 -4.18 14.67 -26.21
CA PRO A 243 -4.72 13.57 -27.06
C PRO A 243 -3.61 12.55 -27.44
N HIS A 244 -2.35 12.98 -27.25
CA HIS A 244 -1.13 12.21 -27.59
C HIS A 244 -1.00 10.94 -26.73
N LEU A 245 -1.52 11.03 -25.50
CA LEU A 245 -1.60 9.91 -24.55
C LEU A 245 -2.46 8.77 -25.11
N GLU A 246 -3.64 9.15 -25.60
CA GLU A 246 -4.66 8.23 -26.09
C GLU A 246 -4.37 7.78 -27.53
N LEU A 247 -3.45 8.53 -28.18
CA LEU A 247 -2.84 8.14 -29.46
C LEU A 247 -1.87 6.96 -29.21
N LEU A 248 -1.13 7.01 -28.08
CA LEU A 248 -0.24 5.90 -27.68
C LEU A 248 -1.03 4.71 -27.11
N ARG A 249 -2.23 4.96 -26.56
CA ARG A 249 -3.18 3.87 -26.19
C ARG A 249 -3.53 3.04 -27.45
N LYS A 250 -3.75 3.75 -28.56
CA LYS A 250 -4.06 3.16 -29.87
C LYS A 250 -2.80 2.51 -30.50
N LYS A 251 -1.63 3.10 -30.20
CA LYS A 251 -0.31 2.61 -30.71
C LYS A 251 0.10 1.32 -29.94
N GLY A 252 -0.39 1.19 -28.69
CA GLY A 252 -0.07 0.05 -27.83
C GLY A 252 1.06 0.34 -26.86
N ILE A 253 1.41 1.62 -26.66
CA ILE A 253 2.33 2.06 -25.60
C ILE A 253 1.48 2.52 -24.41
N GLU A 254 1.93 2.19 -23.19
CA GLU A 254 1.28 2.63 -21.95
C GLU A 254 2.24 3.57 -21.22
N VAL A 255 1.79 4.81 -20.97
CA VAL A 255 2.58 5.81 -20.24
C VAL A 255 1.86 6.13 -18.93
N LEU A 256 2.57 5.96 -17.79
CA LEU A 256 2.01 6.22 -16.45
C LEU A 256 1.71 7.72 -16.27
N LEU A 257 0.48 8.02 -15.87
CA LEU A 257 0.00 9.37 -15.54
C LEU A 257 -0.09 9.53 -14.02
N LEU A 258 0.67 10.50 -13.49
CA LEU A 258 0.81 10.73 -12.06
C LEU A 258 0.19 12.08 -11.71
N SER A 259 -0.94 12.02 -11.01
CA SER A 259 -1.84 13.16 -10.79
C SER A 259 -1.72 13.76 -9.37
N ASP A 260 -0.75 13.26 -8.59
CA ASP A 260 -0.47 13.77 -7.23
C ASP A 260 0.89 14.48 -7.22
N ARG A 261 1.01 15.48 -6.34
CA ARG A 261 2.24 16.28 -6.16
C ARG A 261 3.28 15.50 -5.33
N ILE A 262 2.77 14.59 -4.47
CA ILE A 262 3.61 13.73 -3.61
C ILE A 262 4.40 12.70 -4.46
N ASP A 263 3.93 12.43 -5.70
CA ASP A 263 4.61 11.55 -6.68
C ASP A 263 6.07 11.98 -6.93
N GLU A 264 6.32 13.30 -6.92
CA GLU A 264 7.70 13.83 -7.06
C GLU A 264 8.61 13.38 -5.91
N TRP A 265 8.13 13.55 -4.67
CA TRP A 265 8.91 13.21 -3.46
C TRP A 265 8.95 11.67 -3.24
N MET A 266 7.97 10.96 -3.79
CA MET A 266 7.84 9.50 -3.69
C MET A 266 8.84 8.81 -4.63
N MET A 267 8.74 9.18 -5.91
CA MET A 267 9.53 8.59 -7.01
C MET A 267 10.97 9.16 -7.03
N ASN A 268 11.21 10.15 -6.17
CA ASN A 268 12.56 10.61 -5.77
C ASN A 268 13.40 9.41 -5.26
N TYR A 269 12.71 8.50 -4.54
CA TYR A 269 13.32 7.28 -3.97
C TYR A 269 13.09 6.10 -4.92
N LEU A 270 11.89 6.05 -5.53
CA LEU A 270 11.52 5.03 -6.53
C LEU A 270 12.19 5.39 -7.87
N THR A 271 13.50 5.10 -8.00
CA THR A 271 14.28 5.40 -9.21
C THR A 271 14.28 4.22 -10.20
N GLU A 272 14.08 3.00 -9.66
CA GLU A 272 14.16 1.75 -10.45
C GLU A 272 13.25 0.68 -9.80
N PHE A 273 12.68 -0.20 -10.66
CA PHE A 273 11.82 -1.34 -10.24
C PHE A 273 12.05 -2.54 -11.17
N ASP A 274 12.38 -3.72 -10.58
CA ASP A 274 12.57 -5.01 -11.31
C ASP A 274 13.81 -4.95 -12.26
N GLY A 275 14.73 -4.02 -11.98
CA GLY A 275 15.91 -3.82 -12.84
C GLY A 275 15.65 -2.83 -13.97
N LYS A 276 14.38 -2.41 -14.11
CA LYS A 276 13.93 -1.49 -15.16
C LYS A 276 14.11 -0.04 -14.66
N PRO A 277 15.03 0.77 -15.25
CA PRO A 277 15.17 2.20 -14.89
C PRO A 277 14.02 3.00 -15.49
N PHE A 278 13.69 4.13 -14.87
CA PHE A 278 12.52 4.93 -15.27
C PHE A 278 12.88 5.98 -16.32
N GLN A 279 11.88 6.34 -17.13
CA GLN A 279 12.04 7.18 -18.31
C GLN A 279 11.07 8.37 -18.20
N SER A 280 11.62 9.59 -18.15
CA SER A 280 10.82 10.83 -18.10
C SER A 280 10.46 11.29 -19.50
N VAL A 281 9.24 11.83 -19.67
CA VAL A 281 8.74 12.34 -20.97
C VAL A 281 9.54 13.58 -21.45
N SER A 282 10.36 14.18 -20.57
CA SER A 282 11.16 15.39 -20.85
C SER A 282 12.03 15.27 -22.12
N LYS A 283 12.51 14.06 -22.39
CA LYS A 283 13.45 13.77 -23.50
C LYS A 283 13.09 12.44 -24.18
N VAL A 284 13.88 12.07 -25.20
CA VAL A 284 13.71 10.81 -25.94
C VAL A 284 14.74 9.81 -25.42
N ASP A 285 14.38 8.52 -25.41
CA ASP A 285 15.24 7.47 -24.84
C ASP A 285 15.95 6.73 -25.97
N GLU A 286 16.97 5.95 -25.60
CA GLU A 286 17.83 5.24 -26.54
C GLU A 286 17.11 4.01 -27.10
N SER A 287 16.15 3.47 -26.32
CA SER A 287 15.41 2.24 -26.66
C SER A 287 14.67 2.37 -28.01
N LEU A 288 13.81 3.41 -28.12
CA LEU A 288 13.00 3.66 -29.35
C LEU A 288 13.73 4.59 -30.36
N GLU A 289 14.90 5.16 -29.98
CA GLU A 289 15.70 6.03 -30.89
C GLU A 289 16.87 5.23 -31.50
N LYS A 290 17.86 4.93 -30.65
CA LYS A 290 19.16 4.35 -31.07
C LYS A 290 19.04 2.84 -31.34
N LEU A 291 18.42 2.12 -30.39
CA LEU A 291 18.27 0.66 -30.38
C LEU A 291 17.04 0.21 -31.17
N ALA A 292 16.43 1.15 -31.93
CA ALA A 292 15.28 0.88 -32.80
C ALA A 292 15.74 0.10 -34.06
N MET B 17 12.88 13.76 -33.88
CA MET B 17 11.97 13.85 -32.72
C MET B 17 11.89 15.31 -32.27
N ALA B 18 10.72 15.73 -31.74
CA ALA B 18 10.52 17.08 -31.19
C ALA B 18 11.49 17.29 -30.01
N THR B 19 11.30 16.45 -28.98
CA THR B 19 12.13 16.39 -27.76
C THR B 19 11.62 15.25 -26.86
N SER B 20 10.29 15.23 -26.66
CA SER B 20 9.61 14.47 -25.63
C SER B 20 9.20 13.07 -26.15
N THR B 21 10.19 12.16 -26.14
CA THR B 21 10.10 10.77 -26.57
C THR B 21 9.60 10.65 -28.04
N LEU B 22 8.26 10.57 -28.23
CA LEU B 22 7.61 10.56 -29.55
C LEU B 22 6.17 11.10 -29.42
N ILE B 23 5.83 11.55 -28.20
CA ILE B 23 4.45 11.75 -27.74
C ILE B 23 4.14 13.25 -27.55
N LYS B 24 5.03 13.96 -26.81
CA LYS B 24 4.81 15.35 -26.36
C LYS B 24 3.48 15.46 -25.57
N ALA B 25 3.53 15.00 -24.32
CA ALA B 25 2.37 15.00 -23.42
C ALA B 25 2.78 15.58 -22.06
N ILE B 26 2.10 16.69 -21.69
CA ILE B 26 2.43 17.53 -20.51
C ILE B 26 3.93 17.91 -20.56
N ASP B 27 4.22 18.86 -21.45
CA ASP B 27 5.59 19.28 -21.78
C ASP B 27 6.24 20.00 -20.59
N GLY B 28 5.41 20.79 -19.86
CA GLY B 28 5.79 21.42 -18.58
C GLY B 28 6.63 22.68 -18.71
N ASP B 29 6.66 23.48 -17.64
CA ASP B 29 7.59 24.62 -17.49
C ASP B 29 8.93 24.07 -17.03
N THR B 30 8.89 23.38 -15.87
CA THR B 30 10.01 22.59 -15.38
C THR B 30 10.04 21.24 -16.14
N VAL B 31 10.64 21.27 -17.35
CA VAL B 31 10.68 20.12 -18.25
C VAL B 31 11.67 19.07 -17.71
N LYS B 32 11.15 18.21 -16.80
CA LYS B 32 11.91 17.08 -16.24
C LYS B 32 10.89 15.96 -15.94
N LEU B 33 10.39 15.89 -14.68
CA LEU B 33 9.43 14.89 -14.22
C LEU B 33 9.24 15.05 -12.70
N MET B 34 10.25 14.57 -11.94
CA MET B 34 10.24 14.58 -10.46
C MET B 34 11.37 15.49 -9.96
N TYR B 35 11.02 16.48 -9.13
CA TYR B 35 12.01 17.26 -8.37
C TYR B 35 12.31 16.50 -7.07
N LYS B 36 13.59 16.24 -6.83
CA LYS B 36 14.04 15.46 -5.67
C LYS B 36 14.02 16.35 -4.41
N GLY B 37 13.39 15.84 -3.33
CA GLY B 37 13.27 16.56 -2.05
C GLY B 37 13.88 15.79 -0.90
N GLN B 38 14.34 16.50 0.14
CA GLN B 38 15.04 15.89 1.28
C GLN B 38 14.09 15.03 2.17
N PRO B 39 14.61 13.93 2.82
CA PRO B 39 13.79 13.04 3.69
C PRO B 39 13.17 13.76 4.91
N MET B 40 11.86 13.54 5.11
CA MET B 40 11.11 14.00 6.31
C MET B 40 10.61 12.78 7.12
N THR B 41 11.00 11.58 6.64
CA THR B 41 10.52 10.28 7.14
C THR B 41 11.57 9.62 8.05
N PHE B 42 11.16 8.55 8.77
CA PHE B 42 11.95 7.93 9.87
C PHE B 42 12.61 6.60 9.43
N ARG B 43 12.26 6.14 8.20
CA ARG B 43 12.71 4.86 7.59
C ARG B 43 12.13 3.62 8.31
N LEU B 44 10.98 3.80 9.00
CA LEU B 44 10.23 2.66 9.55
C LEU B 44 9.36 2.08 8.44
N LEU B 45 9.94 1.19 7.63
CA LEU B 45 9.22 0.18 6.87
C LEU B 45 10.09 -1.03 6.64
N LEU B 46 9.54 -2.18 7.05
CA LEU B 46 9.95 -3.51 6.63
C LEU B 46 11.35 -3.88 7.15
N VAL B 47 11.75 -5.09 6.83
CA VAL B 47 13.07 -5.63 7.18
C VAL B 47 13.41 -6.74 6.16
N ASP B 48 12.36 -7.51 5.80
CA ASP B 48 12.47 -8.65 4.87
C ASP B 48 12.10 -8.18 3.44
N THR B 49 13.06 -8.26 2.49
CA THR B 49 12.80 -7.97 1.06
C THR B 49 11.97 -9.12 0.39
N PRO B 50 12.36 -10.44 0.52
CA PRO B 50 11.61 -11.56 -0.09
C PRO B 50 10.59 -12.14 0.93
N GLU B 51 10.63 -13.47 1.18
CA GLU B 51 9.87 -14.07 2.29
C GLU B 51 10.52 -13.68 3.63
N THR B 52 11.34 -14.58 4.24
CA THR B 52 12.07 -14.35 5.52
C THR B 52 11.11 -14.14 6.75
N LYS B 53 9.79 -14.18 6.49
CA LYS B 53 8.74 -13.93 7.49
C LYS B 53 8.17 -15.26 8.02
N HIS B 54 8.78 -16.40 7.55
CA HIS B 54 8.19 -17.76 7.61
C HIS B 54 7.00 -17.84 6.61
N PRO B 55 6.75 -19.03 5.93
CA PRO B 55 5.75 -19.20 4.81
C PRO B 55 4.45 -18.33 4.90
N LYS B 56 4.62 -17.02 4.59
CA LYS B 56 3.61 -15.94 4.75
C LYS B 56 2.83 -16.00 6.09
N LYS B 57 3.52 -16.58 7.13
CA LYS B 57 3.02 -16.79 8.50
C LYS B 57 1.88 -17.84 8.54
N GLY B 58 0.70 -17.50 7.99
CA GLY B 58 -0.43 -18.41 7.96
C GLY B 58 -1.46 -18.07 6.89
N VAL B 59 -2.75 -18.17 7.26
CA VAL B 59 -3.89 -17.99 6.34
C VAL B 59 -4.20 -16.48 6.16
N GLU B 60 -3.26 -15.82 5.47
CA GLU B 60 -3.32 -14.39 5.08
C GLU B 60 -3.12 -14.29 3.56
N LYS B 61 -2.71 -15.41 2.95
CA LYS B 61 -2.47 -15.57 1.52
C LYS B 61 -2.82 -17.02 1.13
N TYR B 62 -3.60 -17.17 0.06
CA TYR B 62 -4.05 -18.48 -0.44
C TYR B 62 -3.97 -18.48 -1.99
N GLY B 63 -3.99 -19.68 -2.60
CA GLY B 63 -3.87 -19.83 -4.05
C GLY B 63 -5.18 -19.48 -4.78
N PRO B 64 -6.17 -20.43 -4.86
CA PRO B 64 -7.52 -20.16 -5.43
C PRO B 64 -8.45 -19.37 -4.46
N GLU B 65 -7.90 -18.33 -3.78
CA GLU B 65 -8.68 -17.37 -2.97
C GLU B 65 -9.41 -16.38 -3.89
N ALA B 66 -9.84 -15.22 -3.33
CA ALA B 66 -10.42 -14.09 -4.09
C ALA B 66 -11.77 -14.48 -4.70
N SER B 67 -12.42 -15.51 -4.10
CA SER B 67 -13.64 -16.19 -4.60
C SER B 67 -13.49 -16.71 -6.05
N ALA B 68 -12.21 -16.77 -6.51
CA ALA B 68 -11.84 -17.18 -7.86
C ALA B 68 -11.79 -18.70 -7.90
N PHE B 69 -12.45 -19.29 -8.94
CA PHE B 69 -12.78 -20.71 -8.99
C PHE B 69 -13.68 -21.06 -7.77
N THR B 70 -13.04 -21.50 -6.64
CA THR B 70 -13.67 -21.91 -5.37
C THR B 70 -14.92 -22.82 -5.61
N LYS B 71 -16.07 -22.17 -5.86
CA LYS B 71 -17.37 -22.81 -6.09
C LYS B 71 -18.37 -21.73 -6.59
N LYS B 72 -18.04 -20.45 -6.34
CA LYS B 72 -18.80 -19.28 -6.83
C LYS B 72 -18.78 -19.19 -8.37
N MET B 73 -17.67 -19.62 -8.99
CA MET B 73 -17.55 -19.61 -10.46
C MET B 73 -18.41 -20.74 -11.06
N VAL B 74 -19.69 -20.42 -11.27
CA VAL B 74 -20.68 -21.28 -11.94
C VAL B 74 -21.47 -20.41 -12.93
N GLU B 75 -22.10 -21.05 -13.93
CA GLU B 75 -22.88 -20.35 -14.98
C GLU B 75 -24.14 -19.71 -14.37
N ASN B 76 -24.93 -20.52 -13.64
CA ASN B 76 -26.14 -20.07 -12.93
C ASN B 76 -26.65 -21.19 -12.01
N ALA B 77 -26.99 -22.34 -12.62
CA ALA B 77 -27.51 -23.52 -11.91
C ALA B 77 -26.35 -24.45 -11.53
N ALA A 28 -20.31 -14.41 24.04
CA ALA A 28 -19.79 -13.73 25.25
C ALA A 28 -18.30 -14.07 25.46
N GLN A 29 -17.49 -13.71 24.46
CA GLN A 29 -16.03 -13.89 24.46
C GLN A 29 -15.43 -12.78 23.61
N ALA A 30 -14.35 -12.17 24.11
CA ALA A 30 -13.55 -11.19 23.38
C ALA A 30 -13.10 -11.78 22.02
N LEU A 31 -13.59 -11.17 20.93
CA LEU A 31 -13.41 -11.67 19.54
C LEU A 31 -11.93 -11.71 19.17
N TRP A 32 -11.17 -10.72 19.65
CA TRP A 32 -9.72 -10.70 19.45
C TRP A 32 -9.07 -11.89 20.18
N THR A 33 -9.43 -12.09 21.46
CA THR A 33 -8.88 -13.19 22.31
C THR A 33 -9.27 -14.58 21.75
N ARG A 34 -10.43 -14.65 21.08
CA ARG A 34 -10.97 -15.90 20.48
C ARG A 34 -10.10 -16.35 19.28
N ASN A 35 -10.09 -17.66 19.00
CA ASN A 35 -9.28 -18.27 17.92
C ASN A 35 -9.74 -17.81 16.51
N LYS A 36 -8.73 -17.61 15.62
CA LYS A 36 -8.88 -17.05 14.26
C LYS A 36 -9.91 -17.83 13.41
N SER A 37 -9.78 -19.17 13.41
CA SER A 37 -10.49 -20.07 12.48
C SER A 37 -11.93 -20.37 12.94
N GLU A 38 -12.23 -20.07 14.22
CA GLU A 38 -13.56 -20.29 14.81
C GLU A 38 -14.51 -19.10 14.48
N ILE A 39 -13.93 -17.95 14.15
CA ILE A 39 -14.67 -16.70 13.87
C ILE A 39 -14.94 -16.56 12.36
N THR A 40 -16.18 -16.20 11.99
CA THR A 40 -16.58 -16.02 10.57
C THR A 40 -16.45 -14.53 10.15
N ASP A 41 -16.63 -14.29 8.83
CA ASP A 41 -16.43 -12.99 8.17
C ASP A 41 -17.26 -11.87 8.81
N GLU A 42 -18.56 -12.17 8.99
CA GLU A 42 -19.56 -11.20 9.50
C GLU A 42 -19.16 -10.65 10.88
N GLU A 43 -18.67 -11.55 11.74
CA GLU A 43 -18.27 -11.20 13.11
C GLU A 43 -17.09 -10.21 13.09
N TYR A 44 -16.10 -10.46 12.20
CA TYR A 44 -14.96 -9.54 11.99
C TYR A 44 -15.45 -8.15 11.53
N LYS A 45 -16.34 -8.15 10.54
CA LYS A 45 -16.91 -6.92 9.95
C LYS A 45 -17.67 -6.11 10.99
N GLU A 46 -18.45 -6.82 11.82
CA GLU A 46 -19.33 -6.20 12.83
C GLU A 46 -18.49 -5.58 13.94
N PHE A 47 -17.48 -6.35 14.37
CA PHE A 47 -16.55 -5.97 15.44
C PHE A 47 -15.72 -4.73 15.04
N TYR A 48 -15.33 -4.68 13.75
CA TYR A 48 -14.57 -3.56 13.18
C TYR A 48 -15.31 -2.22 13.41
N LYS A 49 -16.63 -2.22 13.13
CA LYS A 49 -17.47 -1.00 13.20
C LYS A 49 -17.41 -0.37 14.60
N HIS A 50 -17.49 -1.23 15.62
CA HIS A 50 -17.45 -0.80 17.03
C HIS A 50 -16.08 -0.17 17.39
N ILE A 51 -15.00 -0.89 17.07
CA ILE A 51 -13.63 -0.52 17.48
C ILE A 51 -13.06 0.67 16.67
N ALA A 52 -13.58 0.87 15.45
CA ALA A 52 -13.12 1.94 14.54
C ALA A 52 -14.00 3.19 14.62
N HIS A 53 -15.08 3.11 15.44
CA HIS A 53 -16.05 4.21 15.67
C HIS A 53 -16.76 4.57 14.35
N ASP A 54 -16.94 3.56 13.50
CA ASP A 54 -17.42 3.69 12.12
C ASP A 54 -18.53 2.64 11.89
N PHE A 55 -19.01 2.47 10.64
CA PHE A 55 -20.03 1.43 10.30
C PHE A 55 -19.75 0.72 8.97
N ASN A 56 -18.57 0.95 8.34
CA ASN A 56 -18.23 0.30 7.05
C ASN A 56 -17.80 -1.15 7.27
N ASP A 57 -18.03 -2.00 6.25
CA ASP A 57 -17.57 -3.40 6.24
C ASP A 57 -16.13 -3.43 5.69
N PRO A 58 -15.12 -3.95 6.46
CA PRO A 58 -13.71 -4.01 6.00
C PRO A 58 -13.53 -4.95 4.78
N LEU A 59 -12.66 -4.51 3.86
CA LEU A 59 -12.32 -5.25 2.63
C LEU A 59 -11.63 -6.60 2.98
N THR A 60 -10.73 -6.53 3.97
CA THR A 60 -10.04 -7.71 4.51
C THR A 60 -9.55 -7.38 5.94
N TRP A 61 -8.91 -8.37 6.59
CA TRP A 61 -8.45 -8.28 7.98
C TRP A 61 -7.30 -9.26 8.20
N SER A 62 -6.49 -9.02 9.22
CA SER A 62 -5.40 -9.92 9.62
C SER A 62 -5.50 -10.19 11.12
N HIS A 63 -6.21 -11.28 11.48
CA HIS A 63 -6.31 -11.75 12.86
C HIS A 63 -5.25 -12.82 13.09
N ASN A 64 -4.36 -12.59 14.05
CA ASN A 64 -3.32 -13.56 14.45
C ASN A 64 -3.13 -13.47 15.97
N ARG A 65 -3.12 -14.64 16.64
CA ARG A 65 -2.88 -14.72 18.09
C ARG A 65 -1.49 -15.32 18.32
N VAL A 66 -0.69 -14.62 19.12
CA VAL A 66 0.71 -14.99 19.43
C VAL A 66 0.81 -15.22 20.95
N GLU A 67 1.55 -16.28 21.33
CA GLU A 67 1.73 -16.70 22.72
C GLU A 67 3.16 -17.19 22.91
N GLY A 68 3.71 -16.97 24.12
CA GLY A 68 5.06 -17.38 24.46
C GLY A 68 5.80 -16.27 25.19
N LYS A 69 6.90 -15.79 24.61
CA LYS A 69 7.68 -14.66 25.14
C LYS A 69 6.87 -13.36 24.99
N GLN A 70 6.69 -12.91 23.74
CA GLN A 70 5.80 -11.80 23.42
C GLN A 70 4.40 -12.37 23.16
N GLU A 71 3.60 -12.46 24.24
CA GLU A 71 2.23 -12.92 24.16
C GLU A 71 1.33 -11.71 23.86
N TYR A 72 0.74 -11.71 22.67
CA TYR A 72 -0.15 -10.65 22.20
C TYR A 72 -1.04 -11.17 21.09
N THR A 73 -2.27 -10.65 21.03
CA THR A 73 -3.21 -10.97 19.95
C THR A 73 -3.47 -9.70 19.14
N SER A 74 -3.06 -9.71 17.87
CA SER A 74 -3.25 -8.57 16.97
C SER A 74 -4.41 -8.87 16.01
N LEU A 75 -5.25 -7.87 15.80
CA LEU A 75 -6.41 -7.96 14.90
C LEU A 75 -6.52 -6.63 14.14
N LEU A 76 -5.99 -6.67 12.92
CA LEU A 76 -5.91 -5.51 12.02
C LEU A 76 -7.05 -5.58 11.00
N TYR A 77 -7.45 -4.42 10.45
CA TYR A 77 -8.50 -4.34 9.40
C TYR A 77 -8.10 -3.34 8.32
N ILE A 78 -8.56 -3.61 7.10
CA ILE A 78 -8.49 -2.67 5.97
C ILE A 78 -9.90 -2.12 5.72
N PRO A 79 -10.18 -0.81 6.03
CA PRO A 79 -11.50 -0.18 5.80
C PRO A 79 -11.86 -0.09 4.30
N SER A 80 -13.17 -0.04 4.00
CA SER A 80 -13.68 0.12 2.63
C SER A 80 -13.87 1.61 2.27
N GLN A 81 -13.66 2.51 3.24
CA GLN A 81 -13.83 3.95 3.04
C GLN A 81 -12.91 4.72 3.99
N ALA A 82 -12.20 5.74 3.45
CA ALA A 82 -11.38 6.66 4.24
C ALA A 82 -12.26 7.53 5.14
N PRO A 83 -11.94 7.66 6.46
CA PRO A 83 -12.64 8.63 7.34
C PRO A 83 -12.33 10.08 6.93
N TRP A 84 -13.08 11.04 7.49
CA TRP A 84 -12.88 12.48 7.20
C TRP A 84 -11.45 12.90 7.64
N ASP A 85 -11.06 12.38 8.82
CA ASP A 85 -9.79 12.74 9.48
C ASP A 85 -8.58 11.94 8.94
N MET A 86 -8.76 11.22 7.81
CA MET A 86 -7.66 10.48 7.16
C MET A 86 -6.52 11.43 6.74
N TRP A 87 -6.89 12.71 6.48
CA TRP A 87 -5.94 13.76 6.02
C TRP A 87 -6.09 15.03 6.88
N ASN A 88 -6.60 14.86 8.11
CA ASN A 88 -6.71 15.96 9.08
C ASN A 88 -5.53 15.91 10.06
N ARG A 89 -5.22 17.06 10.67
CA ARG A 89 -4.10 17.19 11.63
C ARG A 89 -4.49 16.55 12.99
N ASP A 90 -5.80 16.31 13.19
CA ASP A 90 -6.33 15.60 14.37
C ASP A 90 -6.27 14.09 14.10
N HIS A 91 -5.80 13.32 15.10
CA HIS A 91 -5.52 11.88 14.94
C HIS A 91 -6.81 11.02 14.99
N LYS A 92 -6.87 10.05 14.05
CA LYS A 92 -7.83 8.92 14.04
C LYS A 92 -7.10 7.61 13.63
N HIS A 93 -5.84 7.77 13.17
CA HIS A 93 -4.95 6.66 12.81
C HIS A 93 -4.47 5.88 14.03
N GLY A 94 -4.14 4.60 13.82
CA GLY A 94 -3.64 3.75 14.88
C GLY A 94 -4.66 2.72 15.35
N LEU A 95 -4.35 2.07 16.48
CA LEU A 95 -5.11 0.90 16.99
C LEU A 95 -5.54 1.13 18.44
N LYS A 96 -6.44 0.28 18.95
CA LYS A 96 -6.85 0.34 20.36
C LYS A 96 -5.88 -0.48 21.21
N LEU A 97 -5.32 0.15 22.23
CA LEU A 97 -4.46 -0.51 23.21
C LEU A 97 -5.32 -1.30 24.21
N TYR A 98 -5.23 -2.63 24.13
CA TYR A 98 -5.71 -3.57 25.15
C TYR A 98 -4.51 -4.25 25.78
N VAL A 99 -4.53 -4.40 27.11
CA VAL A 99 -3.52 -5.16 27.86
C VAL A 99 -4.23 -6.26 28.66
N GLN A 100 -3.97 -7.52 28.28
CA GLN A 100 -4.54 -8.73 28.93
C GLN A 100 -6.08 -8.73 28.84
N ARG A 101 -6.59 -8.32 27.64
CA ARG A 101 -8.03 -8.34 27.31
C ARG A 101 -8.83 -7.22 28.06
N VAL A 102 -8.08 -6.36 28.75
CA VAL A 102 -8.61 -5.16 29.43
C VAL A 102 -8.27 -3.92 28.58
N PHE A 103 -9.29 -3.10 28.26
CA PHE A 103 -9.08 -1.84 27.53
C PHE A 103 -8.25 -0.87 28.38
N ILE A 104 -7.28 -0.19 27.74
CA ILE A 104 -6.43 0.80 28.41
C ILE A 104 -6.57 2.14 27.67
N MET A 105 -6.19 2.16 26.38
CA MET A 105 -6.21 3.39 25.55
C MET A 105 -6.73 3.09 24.14
N ASP A 106 -7.11 4.16 23.43
CA ASP A 106 -7.56 4.11 22.02
C ASP A 106 -6.64 5.00 21.15
N ASP A 107 -6.63 4.72 19.83
CA ASP A 107 -6.00 5.60 18.78
C ASP A 107 -4.46 5.67 18.93
N ALA A 108 -3.89 4.59 19.47
CA ALA A 108 -2.45 4.44 19.66
C ALA A 108 -1.76 4.09 18.32
N GLU A 109 -1.17 5.13 17.68
CA GLU A 109 -0.43 5.00 16.41
C GLU A 109 1.01 4.44 16.63
N GLN A 110 1.35 4.11 17.88
CA GLN A 110 2.64 3.51 18.26
C GLN A 110 2.65 1.98 18.04
N PHE A 111 1.50 1.41 17.64
CA PHE A 111 1.40 -0.02 17.21
C PHE A 111 1.26 -0.13 15.68
N MET A 112 0.94 0.98 15.00
CA MET A 112 0.87 1.02 13.52
C MET A 112 1.46 2.37 13.02
N PRO A 113 2.52 2.36 12.15
CA PRO A 113 3.16 3.62 11.67
C PRO A 113 2.25 4.44 10.72
N ASN A 114 2.67 5.68 10.40
CA ASN A 114 1.89 6.60 9.52
C ASN A 114 1.79 6.07 8.09
N TYR A 115 2.74 5.22 7.70
CA TYR A 115 2.81 4.64 6.34
C TYR A 115 1.71 3.57 6.18
N LEU A 116 1.27 3.04 7.34
CA LEU A 116 0.21 2.05 7.43
C LEU A 116 -0.96 2.63 8.26
N ARG A 117 -1.09 3.99 8.28
CA ARG A 117 -2.08 4.71 9.13
C ARG A 117 -3.54 4.34 8.74
N PHE A 118 -3.68 3.75 7.54
CA PHE A 118 -4.95 3.23 7.02
C PHE A 118 -5.52 2.07 7.87
N VAL A 119 -4.64 1.26 8.46
CA VAL A 119 -5.04 0.13 9.32
C VAL A 119 -5.68 0.67 10.62
N ARG A 120 -6.95 0.30 10.84
CA ARG A 120 -7.67 0.59 12.09
C ARG A 120 -8.14 -0.75 12.67
N GLY A 121 -7.98 -0.91 13.98
CA GLY A 121 -8.29 -2.16 14.67
C GLY A 121 -7.84 -2.09 16.12
N LEU A 122 -7.14 -3.14 16.59
CA LEU A 122 -6.70 -3.21 17.99
C LEU A 122 -5.55 -4.22 18.14
N ILE A 123 -4.97 -4.23 19.35
CA ILE A 123 -3.94 -5.17 19.77
C ILE A 123 -4.06 -5.40 21.28
N ASP A 124 -4.19 -6.67 21.67
CA ASP A 124 -4.16 -7.12 23.06
C ASP A 124 -2.74 -7.58 23.38
N SER A 125 -1.93 -6.69 23.94
CA SER A 125 -0.60 -7.08 24.42
C SER A 125 -0.77 -7.62 25.85
N SER A 126 -0.54 -8.93 26.01
CA SER A 126 -0.83 -9.66 27.25
C SER A 126 0.41 -9.69 28.17
N ASP A 127 1.54 -9.22 27.65
CA ASP A 127 2.83 -9.15 28.36
C ASP A 127 3.15 -7.70 28.77
N LEU A 128 2.59 -6.72 28.04
CA LEU A 128 2.82 -5.26 28.25
C LEU A 128 2.32 -4.84 29.66
N PRO A 129 3.07 -3.94 30.40
CA PRO A 129 2.65 -3.43 31.74
C PRO A 129 1.22 -2.84 31.77
N LEU A 130 0.57 -2.94 32.95
CA LEU A 130 -0.80 -2.43 33.18
C LEU A 130 -0.81 -0.90 33.26
N ASN A 131 0.30 -0.33 33.77
CA ASN A 131 0.48 1.14 33.94
C ASN A 131 1.01 1.80 32.63
N VAL A 132 0.75 1.16 31.49
CA VAL A 132 1.10 1.68 30.16
C VAL A 132 0.25 2.94 29.81
N SER A 133 0.93 3.98 29.32
CA SER A 133 0.32 5.21 28.81
C SER A 133 0.86 5.47 27.40
N ARG A 134 0.37 6.54 26.74
CA ARG A 134 0.87 6.95 25.40
C ARG A 134 2.36 7.34 25.48
N GLU A 135 2.79 7.77 26.68
CA GLU A 135 4.18 8.06 27.00
C GLU A 135 5.03 6.77 26.94
N ILE A 136 4.52 5.71 27.60
CA ILE A 136 5.16 4.38 27.62
C ILE A 136 5.17 3.78 26.19
N LEU A 137 4.18 4.15 25.38
CA LEU A 137 4.08 3.70 23.98
C LEU A 137 5.19 4.33 23.11
N GLN A 138 5.57 5.58 23.42
CA GLN A 138 6.67 6.28 22.73
C GLN A 138 8.04 5.93 23.35
N ASP A 139 8.03 5.54 24.65
CA ASP A 139 9.25 5.31 25.44
C ASP A 139 9.80 3.89 25.22
N SER A 140 8.97 2.89 25.57
CA SER A 140 9.37 1.48 25.65
C SER A 140 9.76 0.91 24.27
N THR A 141 10.82 0.09 24.28
CA THR A 141 11.38 -0.55 23.08
C THR A 141 10.49 -1.72 22.62
N VAL A 142 9.78 -2.33 23.58
CA VAL A 142 8.83 -3.41 23.31
C VAL A 142 7.69 -2.91 22.40
N THR A 143 7.22 -1.68 22.63
CA THR A 143 6.13 -1.08 21.83
C THR A 143 6.57 -0.87 20.36
N ARG A 144 7.86 -0.50 20.18
CA ARG A 144 8.47 -0.38 18.84
C ARG A 144 8.51 -1.77 18.15
N ASN A 145 8.92 -2.81 18.90
CA ASN A 145 8.98 -4.20 18.42
C ASN A 145 7.59 -4.65 17.93
N LEU A 146 6.57 -4.35 18.75
CA LEU A 146 5.15 -4.63 18.43
C LEU A 146 4.72 -3.88 17.15
N ARG A 147 5.16 -2.63 17.01
CA ARG A 147 4.81 -1.77 15.85
C ARG A 147 5.35 -2.37 14.53
N ASN A 148 6.57 -2.96 14.60
CA ASN A 148 7.20 -3.68 13.46
C ASN A 148 6.54 -5.06 13.26
N ALA A 149 6.16 -5.71 14.37
CA ALA A 149 5.60 -7.08 14.36
C ALA A 149 4.20 -7.12 13.72
N LEU A 150 3.46 -6.02 13.86
CA LEU A 150 2.13 -5.88 13.26
C LEU A 150 2.24 -5.49 11.77
N THR A 151 3.34 -4.79 11.41
CA THR A 151 3.68 -4.47 10.00
C THR A 151 3.84 -5.77 9.16
N LYS A 152 4.29 -6.84 9.84
CA LYS A 152 4.35 -8.22 9.27
C LYS A 152 2.96 -8.66 8.77
N ARG A 153 1.96 -8.49 9.64
CA ARG A 153 0.57 -8.91 9.36
C ARG A 153 -0.06 -8.01 8.28
N VAL A 154 0.33 -6.72 8.24
CA VAL A 154 -0.08 -5.78 7.17
C VAL A 154 0.39 -6.27 5.77
N LEU A 155 1.66 -6.71 5.67
CA LEU A 155 2.27 -7.23 4.42
C LEU A 155 1.42 -8.39 3.85
N GLN A 156 1.24 -9.41 4.70
CA GLN A 156 0.53 -10.65 4.33
C GLN A 156 -0.97 -10.40 4.02
N MET A 157 -1.54 -9.35 4.62
CA MET A 157 -2.95 -8.95 4.44
C MET A 157 -3.18 -8.19 3.12
N LEU A 158 -2.24 -7.29 2.78
CA LEU A 158 -2.39 -6.34 1.64
C LEU A 158 -2.29 -7.03 0.26
N GLU A 159 -1.27 -7.87 0.06
CA GLU A 159 -1.10 -8.56 -1.24
C GLU A 159 -2.19 -9.64 -1.41
N LYS A 160 -2.59 -10.25 -0.28
CA LYS A 160 -3.73 -11.19 -0.27
C LYS A 160 -5.00 -10.45 -0.75
N LEU A 161 -5.18 -9.19 -0.30
CA LEU A 161 -6.30 -8.32 -0.72
C LEU A 161 -6.24 -8.04 -2.24
N ALA A 162 -5.03 -7.70 -2.72
CA ALA A 162 -4.76 -7.45 -4.16
C ALA A 162 -5.17 -8.64 -5.06
N LYS A 163 -5.06 -9.86 -4.52
CA LYS A 163 -5.37 -11.12 -5.23
C LYS A 163 -6.77 -11.67 -4.87
N ASP A 164 -7.31 -11.21 -3.73
CA ASP A 164 -8.63 -11.63 -3.21
C ASP A 164 -9.74 -11.02 -4.07
N ASP A 165 -9.60 -9.72 -4.35
CA ASP A 165 -10.54 -8.97 -5.18
C ASP A 165 -9.89 -7.63 -5.58
N ALA A 166 -9.57 -7.50 -6.88
CA ALA A 166 -8.91 -6.30 -7.46
C ALA A 166 -9.67 -4.98 -7.13
N GLU A 167 -11.02 -5.04 -7.15
CA GLU A 167 -11.87 -3.85 -6.87
C GLU A 167 -11.73 -3.41 -5.41
N LYS A 168 -11.57 -4.39 -4.50
CA LYS A 168 -11.32 -4.11 -3.07
C LYS A 168 -10.00 -3.33 -2.91
N TYR A 169 -8.92 -3.81 -3.56
CA TYR A 169 -7.60 -3.17 -3.46
C TYR A 169 -7.59 -1.81 -4.19
N GLN A 170 -8.48 -1.64 -5.17
CA GLN A 170 -8.71 -0.35 -5.85
C GLN A 170 -9.42 0.62 -4.91
N THR A 171 -10.42 0.14 -4.18
CA THR A 171 -11.13 0.93 -3.17
C THR A 171 -10.15 1.36 -2.07
N PHE A 172 -9.23 0.44 -1.75
CA PHE A 172 -8.14 0.65 -0.81
C PHE A 172 -7.15 1.71 -1.33
N TRP A 173 -6.81 1.69 -2.63
CA TRP A 173 -5.78 2.61 -3.17
C TRP A 173 -6.37 4.02 -3.43
N GLN A 174 -7.64 4.08 -3.84
CA GLN A 174 -8.32 5.37 -4.13
C GLN A 174 -8.80 6.06 -2.83
N GLN A 175 -8.62 5.41 -1.66
CA GLN A 175 -8.90 6.02 -0.33
C GLN A 175 -7.61 6.16 0.51
N PHE A 176 -6.73 5.14 0.43
CA PHE A 176 -5.60 4.97 1.36
C PHE A 176 -4.26 4.79 0.64
N GLY A 177 -4.28 4.72 -0.69
CA GLY A 177 -3.06 4.46 -1.48
C GLY A 177 -2.06 5.58 -1.41
N LEU A 178 -2.57 6.80 -1.21
CA LEU A 178 -1.77 8.01 -1.01
C LEU A 178 -0.86 7.85 0.23
N VAL A 179 -1.39 7.14 1.26
CA VAL A 179 -0.67 6.82 2.51
C VAL A 179 0.49 5.83 2.24
N LEU A 180 0.19 4.79 1.43
CA LEU A 180 1.15 3.69 1.12
C LEU A 180 2.38 4.24 0.34
N LYS A 181 2.20 5.43 -0.29
CA LYS A 181 3.25 6.13 -1.06
C LYS A 181 4.37 6.72 -0.15
N GLU A 182 4.10 6.83 1.16
CA GLU A 182 5.13 7.12 2.19
C GLU A 182 6.18 5.98 2.21
N GLY A 183 5.72 4.75 1.90
CA GLY A 183 6.56 3.55 1.87
C GLY A 183 7.79 3.64 0.96
N PRO A 184 7.63 3.67 -0.38
CA PRO A 184 8.79 3.71 -1.33
C PRO A 184 9.59 5.04 -1.26
N ALA A 185 9.09 5.99 -0.44
CA ALA A 185 9.75 7.26 -0.15
C ALA A 185 10.61 7.15 1.12
N GLU A 186 10.16 6.30 2.06
CA GLU A 186 10.77 6.12 3.38
C GLU A 186 12.09 5.32 3.23
N ASP A 187 11.97 3.99 3.07
CA ASP A 187 13.12 3.06 3.07
C ASP A 187 13.34 2.49 1.66
N PHE A 188 14.44 2.93 1.04
CA PHE A 188 14.89 2.49 -0.29
C PHE A 188 15.39 1.03 -0.27
N ALA A 189 15.85 0.57 0.91
CA ALA A 189 16.46 -0.77 1.09
C ALA A 189 15.45 -1.90 0.73
N ASN A 190 14.17 -1.64 1.00
CA ASN A 190 13.08 -2.57 0.66
C ASN A 190 12.02 -1.87 -0.22
N GLN A 191 12.53 -1.13 -1.21
CA GLN A 191 11.70 -0.57 -2.30
C GLN A 191 10.94 -1.70 -3.06
N GLU A 192 11.60 -2.89 -3.15
CA GLU A 192 11.17 -4.02 -3.99
C GLU A 192 9.80 -4.61 -3.59
N ALA A 193 9.62 -4.93 -2.29
CA ALA A 193 8.36 -5.55 -1.78
C ALA A 193 7.16 -4.62 -1.99
N ILE A 194 7.39 -3.35 -1.69
CA ILE A 194 6.37 -2.31 -1.75
C ILE A 194 6.03 -1.96 -3.22
N ALA A 195 7.03 -2.10 -4.11
CA ALA A 195 6.86 -1.85 -5.56
C ALA A 195 5.82 -2.81 -6.21
N LYS A 196 5.63 -3.97 -5.57
CA LYS A 196 4.57 -4.94 -5.93
C LYS A 196 3.18 -4.34 -5.61
N LEU A 197 3.09 -3.68 -4.43
CA LEU A 197 1.85 -3.14 -3.87
C LEU A 197 1.45 -1.77 -4.49
N LEU A 198 2.41 -1.12 -5.21
CA LEU A 198 2.21 0.24 -5.77
C LEU A 198 1.27 0.23 -7.00
N ARG A 199 0.31 1.20 -7.01
CA ARG A 199 -0.60 1.44 -8.14
C ARG A 199 -0.46 2.92 -8.58
N PHE A 200 -0.41 3.13 -9.90
CA PHE A 200 -0.43 4.46 -10.53
C PHE A 200 -1.63 4.50 -11.49
N ALA A 201 -1.93 5.67 -12.05
CA ALA A 201 -2.88 5.78 -13.18
C ALA A 201 -2.08 5.98 -14.46
N SER A 202 -2.73 5.77 -15.64
CA SER A 202 -2.06 5.88 -16.94
C SER A 202 -3.06 5.97 -18.10
N THR A 203 -2.50 5.85 -19.33
CA THR A 203 -3.28 5.65 -20.56
C THR A 203 -3.73 4.16 -20.71
N HIS A 204 -3.59 3.38 -19.60
CA HIS A 204 -4.21 2.04 -19.45
C HIS A 204 -5.74 2.19 -19.53
N THR A 205 -6.22 3.19 -18.78
CA THR A 205 -7.62 3.60 -18.74
C THR A 205 -7.65 5.11 -18.49
N ASP A 206 -8.42 5.85 -19.32
CA ASP A 206 -8.50 7.34 -19.24
C ASP A 206 -9.31 7.82 -18.00
N SER A 207 -9.75 6.87 -17.17
CA SER A 207 -10.32 7.15 -15.85
C SER A 207 -9.21 7.53 -14.84
N SER A 208 -9.59 8.30 -13.80
CA SER A 208 -8.66 8.80 -12.77
C SER A 208 -8.27 7.71 -11.74
N ALA A 209 -8.86 6.49 -11.88
CA ALA A 209 -8.56 5.34 -11.03
C ALA A 209 -7.10 4.86 -11.19
N GLN A 210 -6.35 4.88 -10.09
CA GLN A 210 -4.97 4.37 -10.05
C GLN A 210 -5.00 2.84 -9.97
N THR A 211 -5.00 2.20 -11.16
CA THR A 211 -5.27 0.76 -11.31
C THR A 211 -4.03 -0.04 -11.74
N VAL A 212 -3.15 0.61 -12.51
CA VAL A 212 -1.99 -0.07 -13.11
C VAL A 212 -0.87 -0.25 -12.07
N SER A 213 -0.40 -1.49 -11.91
CA SER A 213 0.79 -1.78 -11.09
C SER A 213 2.05 -1.55 -11.94
N LEU A 214 3.18 -1.40 -11.27
CA LEU A 214 4.50 -1.37 -11.93
C LEU A 214 4.75 -2.69 -12.70
N GLU A 215 4.23 -3.78 -12.10
CA GLU A 215 4.31 -5.14 -12.64
C GLU A 215 3.40 -5.31 -13.88
N ASP A 216 2.22 -4.66 -13.85
CA ASP A 216 1.34 -4.60 -15.02
C ASP A 216 2.03 -3.87 -16.18
N TYR A 217 2.74 -2.77 -15.84
CA TYR A 217 3.45 -1.96 -16.85
C TYR A 217 4.50 -2.79 -17.59
N VAL A 218 5.24 -3.64 -16.85
CA VAL A 218 6.27 -4.54 -17.45
C VAL A 218 5.64 -5.47 -18.50
N SER A 219 4.41 -5.89 -18.24
CA SER A 219 3.62 -6.74 -19.16
C SER A 219 3.04 -5.92 -20.33
N ARG A 220 2.71 -4.63 -20.06
CA ARG A 220 2.09 -3.70 -21.02
C ARG A 220 3.13 -3.02 -21.94
N MET A 221 4.38 -2.95 -21.48
CA MET A 221 5.45 -2.26 -22.22
C MET A 221 6.03 -3.20 -23.30
N LYS A 222 5.99 -2.75 -24.55
CA LYS A 222 6.40 -3.56 -25.71
C LYS A 222 7.91 -3.39 -25.98
N GLU A 223 8.39 -4.00 -27.08
CA GLU A 223 9.80 -3.88 -27.51
C GLU A 223 10.18 -2.40 -27.73
N GLY A 224 11.41 -2.05 -27.31
CA GLY A 224 11.91 -0.68 -27.42
C GLY A 224 11.56 0.19 -26.22
N GLN A 225 10.52 -0.22 -25.48
CA GLN A 225 10.08 0.42 -24.26
C GLN A 225 10.52 -0.46 -23.08
N GLU A 226 11.78 -0.24 -22.63
CA GLU A 226 12.38 -0.93 -21.48
C GLU A 226 12.61 0.09 -20.33
N LYS A 227 11.98 1.27 -20.46
CA LYS A 227 11.93 2.29 -19.41
C LYS A 227 10.46 2.67 -19.15
N ILE A 228 10.12 2.84 -17.87
CA ILE A 228 8.74 3.12 -17.43
C ILE A 228 8.54 4.64 -17.42
N TYR A 229 7.61 5.13 -18.26
CA TYR A 229 7.43 6.57 -18.53
C TYR A 229 6.31 7.16 -17.65
N TYR A 230 6.64 8.29 -17.00
CA TYR A 230 5.74 8.99 -16.06
C TYR A 230 5.52 10.45 -16.52
N ILE A 231 4.38 11.01 -16.08
CA ILE A 231 4.04 12.43 -16.23
C ILE A 231 3.32 12.88 -14.95
N THR A 232 3.92 13.79 -14.19
CA THR A 232 3.28 14.38 -13.00
C THR A 232 2.30 15.51 -13.40
N ALA A 233 1.28 15.73 -12.56
CA ALA A 233 0.27 16.77 -12.73
C ALA A 233 -0.40 17.03 -11.37
N ASP A 234 -0.95 18.24 -11.17
CA ASP A 234 -1.73 18.58 -9.97
C ASP A 234 -3.14 17.95 -10.05
N SER A 235 -3.60 17.68 -11.30
CA SER A 235 -4.92 17.12 -11.58
C SER A 235 -4.83 16.14 -12.76
N TYR A 236 -5.66 15.08 -12.73
CA TYR A 236 -5.69 14.06 -13.80
C TYR A 236 -6.19 14.67 -15.10
N ALA A 237 -7.15 15.61 -14.98
CA ALA A 237 -7.71 16.35 -16.11
C ALA A 237 -6.60 17.14 -16.85
N ALA A 238 -5.68 17.75 -16.08
CA ALA A 238 -4.55 18.55 -16.63
C ALA A 238 -3.61 17.69 -17.49
N ALA A 239 -3.35 16.46 -17.03
CA ALA A 239 -2.60 15.46 -17.80
C ALA A 239 -3.41 15.04 -19.05
N LYS A 240 -4.68 14.70 -18.80
CA LYS A 240 -5.61 14.13 -19.80
C LYS A 240 -5.98 15.16 -20.91
N SER A 241 -5.69 16.46 -20.66
CA SER A 241 -5.94 17.55 -21.63
C SER A 241 -5.14 17.37 -22.92
N SER A 242 -3.97 16.72 -22.80
CA SER A 242 -3.14 16.34 -23.94
C SER A 242 -3.87 15.25 -24.79
N PRO A 243 -4.26 15.58 -26.06
CA PRO A 243 -4.96 14.63 -26.96
C PRO A 243 -4.02 13.57 -27.57
N HIS A 244 -2.70 13.72 -27.34
CA HIS A 244 -1.71 12.71 -27.76
C HIS A 244 -1.84 11.44 -26.92
N LEU A 245 -2.23 11.58 -25.66
CA LEU A 245 -2.47 10.44 -24.74
C LEU A 245 -3.59 9.52 -25.25
N GLU A 246 -4.51 10.10 -26.05
CA GLU A 246 -5.58 9.35 -26.73
C GLU A 246 -4.99 8.47 -27.84
N LEU A 247 -4.05 9.08 -28.60
CA LEU A 247 -3.37 8.41 -29.74
C LEU A 247 -2.48 7.27 -29.23
N LEU A 248 -1.74 7.53 -28.14
CA LEU A 248 -0.82 6.54 -27.53
C LEU A 248 -1.60 5.37 -26.92
N ARG A 249 -2.70 5.69 -26.22
CA ARG A 249 -3.63 4.66 -25.68
C ARG A 249 -4.17 3.76 -26.83
N LYS A 250 -4.56 4.42 -27.93
CA LYS A 250 -5.10 3.76 -29.13
C LYS A 250 -4.01 2.97 -29.88
N LYS A 251 -2.75 3.43 -29.77
CA LYS A 251 -1.60 2.83 -30.48
C LYS A 251 -1.08 1.56 -29.76
N GLY A 252 -1.28 1.51 -28.43
CA GLY A 252 -0.78 0.41 -27.59
C GLY A 252 0.47 0.78 -26.80
N ILE A 253 0.74 2.09 -26.70
CA ILE A 253 1.79 2.64 -25.80
C ILE A 253 1.09 3.10 -24.51
N GLU A 254 1.75 2.90 -23.36
CA GLU A 254 1.17 3.24 -22.06
C GLU A 254 2.09 4.21 -21.31
N VAL A 255 1.50 5.30 -20.77
CA VAL A 255 2.23 6.39 -20.11
C VAL A 255 1.56 6.70 -18.76
N LEU A 256 2.30 6.52 -17.66
CA LEU A 256 1.77 6.72 -16.29
C LEU A 256 1.45 8.21 -16.02
N LEU A 257 0.17 8.50 -15.71
CA LEU A 257 -0.32 9.85 -15.36
C LEU A 257 -0.54 9.93 -13.84
N LEU A 258 0.30 10.73 -13.16
CA LEU A 258 0.30 10.87 -11.69
C LEU A 258 -0.33 12.21 -11.33
N SER A 259 -1.54 12.17 -10.76
CA SER A 259 -2.30 13.39 -10.41
C SER A 259 -2.20 13.71 -8.91
N ASP A 260 -1.63 12.78 -8.14
CA ASP A 260 -1.53 12.89 -6.67
C ASP A 260 -0.19 13.53 -6.29
N ARG A 261 -0.22 14.37 -5.24
CA ARG A 261 0.90 15.26 -4.89
C ARG A 261 2.01 14.60 -4.06
N ILE A 262 1.73 13.48 -3.37
CA ILE A 262 2.80 12.78 -2.59
C ILE A 262 3.69 11.94 -3.55
N ASP A 263 3.21 11.73 -4.80
CA ASP A 263 3.97 11.05 -5.88
C ASP A 263 5.36 11.67 -6.12
N GLU A 264 5.49 13.00 -5.99
CA GLU A 264 6.77 13.70 -6.22
C GLU A 264 7.88 13.21 -5.27
N TRP A 265 7.54 13.03 -3.97
CA TRP A 265 8.49 12.60 -2.94
C TRP A 265 8.62 11.07 -2.91
N MET A 266 7.52 10.39 -3.24
CA MET A 266 7.45 8.91 -3.39
C MET A 266 8.42 8.42 -4.47
N MET A 267 8.18 8.95 -5.66
CA MET A 267 8.87 8.56 -6.89
C MET A 267 10.27 9.21 -6.99
N ASN A 268 10.59 10.09 -6.03
CA ASN A 268 11.94 10.68 -5.87
C ASN A 268 12.99 9.58 -5.58
N TYR A 269 12.58 8.57 -4.79
CA TYR A 269 13.46 7.46 -4.40
C TYR A 269 13.27 6.28 -5.36
N LEU A 270 12.06 6.16 -5.92
CA LEU A 270 11.74 5.21 -7.01
C LEU A 270 12.58 5.53 -8.28
N THR A 271 13.79 4.96 -8.34
CA THR A 271 14.71 5.11 -9.46
C THR A 271 14.40 4.11 -10.60
N GLU A 272 14.15 2.83 -10.23
CA GLU A 272 13.74 1.78 -11.20
C GLU A 272 12.93 0.68 -10.50
N PHE A 273 12.34 -0.20 -11.33
CA PHE A 273 11.66 -1.44 -10.90
C PHE A 273 11.90 -2.50 -11.96
N ASP A 274 12.34 -3.70 -11.52
CA ASP A 274 12.48 -4.88 -12.39
C ASP A 274 13.62 -4.67 -13.44
N GLY A 275 14.50 -3.68 -13.17
CA GLY A 275 15.58 -3.30 -14.06
C GLY A 275 15.18 -2.25 -15.09
N LYS A 276 13.90 -1.84 -15.07
CA LYS A 276 13.33 -0.82 -16.00
C LYS A 276 13.40 0.57 -15.34
N PRO A 277 14.33 1.49 -15.79
CA PRO A 277 14.48 2.85 -15.19
C PRO A 277 13.27 3.75 -15.44
N PHE A 278 13.00 4.62 -14.47
CA PHE A 278 11.85 5.53 -14.50
C PHE A 278 12.26 6.85 -15.17
N GLN A 279 11.42 7.33 -16.12
CA GLN A 279 11.81 8.42 -17.04
C GLN A 279 10.61 9.32 -17.42
N SER A 280 10.87 10.63 -17.50
CA SER A 280 9.92 11.63 -18.02
C SER A 280 10.04 11.77 -19.55
N VAL A 281 9.01 12.41 -20.13
CA VAL A 281 9.02 12.89 -21.53
C VAL A 281 10.17 13.92 -21.76
N SER A 282 10.47 14.71 -20.73
CA SER A 282 11.33 15.90 -20.80
C SER A 282 12.79 15.63 -21.26
N LYS A 283 13.28 14.38 -21.11
CA LYS A 283 14.68 14.06 -21.47
C LYS A 283 14.72 13.06 -22.64
N VAL A 284 15.85 13.05 -23.38
CA VAL A 284 16.10 12.08 -24.45
C VAL A 284 17.07 11.02 -23.91
N ASP A 285 16.88 9.76 -24.34
CA ASP A 285 17.57 8.60 -23.73
C ASP A 285 18.34 7.80 -24.80
N GLU A 286 18.74 6.58 -24.42
CA GLU A 286 19.61 5.69 -25.22
C GLU A 286 18.84 5.01 -26.39
N SER A 287 17.82 5.69 -26.93
CA SER A 287 17.05 5.23 -28.09
C SER A 287 17.93 5.20 -29.36
N LEU A 288 19.02 6.01 -29.36
CA LEU A 288 20.03 6.04 -30.44
C LEU A 288 20.84 4.73 -30.44
N GLU A 289 21.05 4.16 -29.24
CA GLU A 289 21.75 2.86 -29.09
C GLU A 289 20.78 1.73 -29.52
N LYS A 290 19.51 1.88 -29.07
CA LYS A 290 18.39 0.98 -29.39
C LYS A 290 18.12 0.91 -30.91
N LEU A 291 18.37 2.05 -31.60
CA LEU A 291 18.16 2.25 -33.06
C LEU A 291 18.77 1.09 -33.88
N ALA A 292 19.97 0.66 -33.47
CA ALA A 292 20.66 -0.49 -34.07
C ALA A 292 20.01 -1.82 -33.57
N MET B 17 15.16 18.58 -22.67
CA MET B 17 15.64 17.98 -23.94
C MET B 17 14.50 17.94 -24.98
N ALA B 18 13.64 16.88 -24.98
CA ALA B 18 12.50 16.76 -25.93
C ALA B 18 11.61 15.56 -25.60
N THR B 19 12.05 14.34 -25.99
CA THR B 19 11.28 13.09 -25.83
C THR B 19 12.24 11.90 -25.67
N SER B 20 11.96 11.01 -24.70
CA SER B 20 12.76 9.80 -24.46
C SER B 20 12.66 8.82 -25.66
N THR B 21 11.44 8.30 -25.88
CA THR B 21 11.16 7.33 -26.94
C THR B 21 9.89 7.76 -27.72
N LEU B 22 8.70 7.55 -27.12
CA LEU B 22 7.42 7.89 -27.76
C LEU B 22 6.47 8.43 -26.68
N ILE B 23 6.41 9.77 -26.59
CA ILE B 23 5.50 10.50 -25.70
C ILE B 23 5.58 12.01 -26.03
N LYS B 24 4.43 12.63 -26.29
CA LYS B 24 4.31 14.08 -26.55
C LYS B 24 3.09 14.58 -25.75
N ALA B 25 3.25 14.68 -24.44
CA ALA B 25 2.18 15.09 -23.53
C ALA B 25 2.76 15.84 -22.34
N ILE B 26 2.19 17.05 -22.08
CA ILE B 26 2.66 17.99 -21.04
C ILE B 26 4.04 18.55 -21.43
N ASP B 27 5.07 17.68 -21.45
CA ASP B 27 6.43 17.95 -21.93
C ASP B 27 7.20 18.86 -20.98
N GLY B 28 6.77 20.14 -20.89
CA GLY B 28 7.51 21.17 -20.20
C GLY B 28 8.68 21.62 -21.06
N ASP B 29 9.84 20.95 -20.86
CA ASP B 29 11.08 21.15 -21.64
C ASP B 29 12.18 20.34 -20.96
N THR B 30 12.42 20.68 -19.69
CA THR B 30 13.41 20.06 -18.83
C THR B 30 12.89 20.10 -17.37
N VAL B 31 12.53 18.93 -16.82
CA VAL B 31 12.09 18.81 -15.43
C VAL B 31 12.65 17.51 -14.82
N LYS B 32 12.92 17.54 -13.50
CA LYS B 32 13.33 16.35 -12.74
C LYS B 32 12.21 15.29 -12.74
N LEU B 33 10.94 15.74 -12.98
CA LEU B 33 9.71 14.92 -12.96
C LEU B 33 9.30 14.66 -11.51
N MET B 34 10.21 14.01 -10.78
CA MET B 34 10.04 13.67 -9.37
C MET B 34 11.10 14.40 -8.55
N TYR B 35 10.68 15.08 -7.48
CA TYR B 35 11.58 15.79 -6.58
C TYR B 35 10.97 15.83 -5.19
N LYS B 36 11.83 15.85 -4.17
CA LYS B 36 11.42 15.75 -2.76
C LYS B 36 10.42 16.87 -2.34
N GLY B 37 9.25 16.43 -1.85
CA GLY B 37 8.28 17.30 -1.22
C GLY B 37 8.57 17.46 0.28
N GLN B 38 7.50 17.52 1.09
CA GLN B 38 7.60 17.59 2.56
C GLN B 38 7.50 16.17 3.16
N PRO B 39 8.60 15.60 3.75
CA PRO B 39 8.57 14.28 4.43
C PRO B 39 7.72 14.30 5.72
N MET B 40 7.49 13.10 6.28
CA MET B 40 6.71 12.92 7.53
C MET B 40 7.08 11.58 8.19
N THR B 41 8.24 11.03 7.77
CA THR B 41 8.64 9.65 8.03
C THR B 41 9.70 9.55 9.16
N PHE B 42 9.34 8.80 10.21
CA PHE B 42 10.20 8.50 11.39
C PHE B 42 10.98 7.16 11.23
N ARG B 43 10.81 6.53 10.05
CA ARG B 43 11.40 5.25 9.66
C ARG B 43 10.77 4.01 10.32
N LEU B 44 10.14 3.16 9.46
CA LEU B 44 9.64 1.79 9.76
C LEU B 44 9.04 1.26 8.45
N LEU B 45 9.55 0.14 7.92
CA LEU B 45 8.91 -0.58 6.78
C LEU B 45 9.13 -2.09 6.84
N LEU B 46 8.68 -2.75 5.77
CA LEU B 46 8.82 -4.20 5.56
C LEU B 46 10.32 -4.60 5.61
N VAL B 47 10.63 -5.73 6.25
CA VAL B 47 11.98 -6.31 6.22
C VAL B 47 12.10 -7.29 5.03
N ASP B 48 10.94 -7.81 4.60
CA ASP B 48 10.82 -8.88 3.60
C ASP B 48 11.07 -8.35 2.17
N THR B 49 12.33 -8.37 1.76
CA THR B 49 12.75 -7.90 0.43
C THR B 49 12.20 -8.81 -0.72
N PRO B 50 12.20 -10.21 -0.60
CA PRO B 50 11.57 -11.09 -1.63
C PRO B 50 10.03 -10.91 -1.75
N GLU B 51 9.38 -10.37 -0.68
CA GLU B 51 7.92 -10.14 -0.60
C GLU B 51 7.16 -11.49 -0.64
N THR B 52 6.92 -12.00 -1.85
CA THR B 52 6.07 -13.17 -2.10
C THR B 52 6.85 -14.27 -2.84
N LYS B 53 8.14 -13.99 -3.16
CA LYS B 53 9.00 -14.87 -3.97
C LYS B 53 9.06 -16.29 -3.39
N HIS B 54 9.30 -16.39 -2.08
CA HIS B 54 9.14 -17.64 -1.34
C HIS B 54 7.76 -17.65 -0.61
N PRO B 55 7.45 -16.73 0.39
CA PRO B 55 6.23 -16.85 1.22
C PRO B 55 4.95 -16.47 0.44
N LYS B 56 4.11 -17.48 0.15
CA LYS B 56 2.88 -17.30 -0.64
C LYS B 56 1.77 -18.27 -0.16
N LYS B 57 2.15 -19.34 0.59
CA LYS B 57 1.17 -20.25 1.23
C LYS B 57 1.55 -20.53 2.69
N GLY B 58 0.67 -20.11 3.63
CA GLY B 58 0.90 -20.28 5.07
C GLY B 58 1.86 -19.25 5.64
N VAL B 59 3.12 -19.64 5.76
CA VAL B 59 4.22 -18.79 6.27
C VAL B 59 5.57 -19.35 5.75
N GLU B 60 5.57 -20.69 5.61
CA GLU B 60 6.67 -21.51 5.07
C GLU B 60 7.89 -21.49 6.01
N LYS B 61 8.96 -20.73 5.64
CA LYS B 61 10.22 -20.65 6.40
C LYS B 61 10.86 -22.06 6.57
N TYR B 62 10.41 -22.78 7.61
CA TYR B 62 10.98 -24.09 8.03
C TYR B 62 10.06 -25.26 7.62
N GLY B 63 8.78 -24.96 7.39
CA GLY B 63 7.80 -25.97 6.93
C GLY B 63 7.38 -25.74 5.48
N PRO B 64 6.71 -26.74 4.80
CA PRO B 64 6.18 -26.56 3.42
C PRO B 64 5.14 -25.42 3.33
N GLU B 65 4.11 -25.49 4.20
CA GLU B 65 3.10 -24.44 4.37
C GLU B 65 3.22 -23.85 5.77
N ALA B 66 2.82 -24.63 6.79
CA ALA B 66 2.86 -24.26 8.23
C ALA B 66 1.95 -23.05 8.57
N SER B 67 1.31 -23.11 9.76
CA SER B 67 0.43 -22.04 10.32
C SER B 67 -0.96 -21.96 9.64
N ALA B 68 -1.05 -22.27 8.33
CA ALA B 68 -2.32 -22.27 7.58
C ALA B 68 -3.18 -23.48 7.99
N PHE B 69 -4.51 -23.25 8.11
CA PHE B 69 -5.49 -24.31 8.42
C PHE B 69 -5.64 -25.21 7.17
N THR B 70 -4.83 -26.29 7.13
CA THR B 70 -4.59 -27.12 5.94
C THR B 70 -5.87 -27.77 5.38
N LYS B 71 -6.49 -28.67 6.17
CA LYS B 71 -7.73 -29.37 5.76
C LYS B 71 -8.93 -28.53 6.26
N LYS B 72 -9.29 -27.52 5.47
CA LYS B 72 -10.44 -26.65 5.73
C LYS B 72 -11.74 -27.36 5.29
N MET B 73 -12.00 -27.36 3.95
CA MET B 73 -13.16 -28.04 3.31
C MET B 73 -14.52 -27.62 3.95
N VAL B 74 -14.87 -28.25 5.08
CA VAL B 74 -16.13 -28.01 5.81
C VAL B 74 -16.03 -26.80 6.77
N GLU B 75 -14.80 -26.21 6.87
CA GLU B 75 -14.48 -24.97 7.64
C GLU B 75 -15.17 -24.90 9.03
N ASN B 76 -14.52 -25.52 10.05
CA ASN B 76 -15.03 -25.62 11.45
C ASN B 76 -16.15 -26.68 11.59
N ALA B 77 -16.77 -27.09 10.44
CA ALA B 77 -17.84 -28.11 10.36
C ALA B 77 -19.14 -27.63 11.07
N ALA A 28 -21.17 -14.32 24.34
CA ALA A 28 -20.59 -13.10 24.95
C ALA A 28 -19.20 -13.41 25.55
N GLN A 29 -18.20 -13.43 24.66
CA GLN A 29 -16.79 -13.67 24.99
C GLN A 29 -15.94 -12.62 24.24
N ALA A 30 -14.77 -12.28 24.80
CA ALA A 30 -13.78 -11.40 24.14
C ALA A 30 -13.42 -11.97 22.74
N LEU A 31 -13.99 -11.35 21.68
CA LEU A 31 -13.92 -11.86 20.29
C LEU A 31 -12.47 -12.08 19.81
N TRP A 32 -11.54 -11.23 20.28
CA TRP A 32 -10.14 -11.28 19.86
C TRP A 32 -9.38 -12.47 20.50
N THR A 33 -9.70 -12.87 21.75
CA THR A 33 -9.00 -14.01 22.39
C THR A 33 -9.45 -15.35 21.78
N ARG A 34 -10.67 -15.36 21.19
CA ARG A 34 -11.27 -16.58 20.61
C ARG A 34 -10.53 -17.06 19.35
N ASN A 35 -10.86 -18.27 18.91
CA ASN A 35 -10.31 -18.87 17.69
C ASN A 35 -11.01 -18.36 16.44
N LYS A 36 -10.25 -18.38 15.32
CA LYS A 36 -10.75 -18.04 13.98
C LYS A 36 -11.83 -19.04 13.54
N SER A 37 -11.66 -20.30 13.96
CA SER A 37 -12.57 -21.40 13.64
C SER A 37 -13.97 -21.21 14.25
N GLU A 38 -14.02 -20.49 15.40
CA GLU A 38 -15.30 -20.21 16.10
C GLU A 38 -16.09 -19.06 15.45
N ILE A 39 -15.37 -18.14 14.78
CA ILE A 39 -15.94 -16.84 14.35
C ILE A 39 -15.91 -16.72 12.82
N THR A 40 -17.07 -16.42 12.21
CA THR A 40 -17.14 -16.12 10.77
C THR A 40 -16.99 -14.61 10.54
N ASP A 41 -16.84 -14.25 9.27
CA ASP A 41 -16.61 -12.87 8.80
C ASP A 41 -17.66 -11.86 9.31
N GLU A 42 -18.90 -12.34 9.49
CA GLU A 42 -20.05 -11.50 9.87
C GLU A 42 -19.82 -10.78 11.21
N GLU A 43 -19.31 -11.52 12.22
CA GLU A 43 -19.00 -10.96 13.54
C GLU A 43 -17.80 -10.00 13.44
N TYR A 44 -16.78 -10.37 12.64
CA TYR A 44 -15.57 -9.53 12.43
C TYR A 44 -15.96 -8.16 11.83
N LYS A 45 -16.89 -8.18 10.88
CA LYS A 45 -17.31 -6.99 10.11
C LYS A 45 -18.12 -6.01 10.97
N GLU A 46 -18.93 -6.54 11.89
CA GLU A 46 -19.65 -5.72 12.89
C GLU A 46 -18.68 -5.23 13.97
N PHE A 47 -17.75 -6.12 14.37
CA PHE A 47 -16.79 -5.87 15.46
C PHE A 47 -15.86 -4.73 15.09
N TYR A 48 -15.52 -4.61 13.80
CA TYR A 48 -14.69 -3.50 13.31
C TYR A 48 -15.41 -2.16 13.52
N LYS A 49 -16.71 -2.10 13.16
CA LYS A 49 -17.51 -0.88 13.30
C LYS A 49 -17.63 -0.49 14.79
N HIS A 50 -17.72 -1.51 15.65
CA HIS A 50 -17.81 -1.36 17.11
C HIS A 50 -16.52 -0.74 17.68
N ILE A 51 -15.36 -1.31 17.29
CA ILE A 51 -14.04 -0.95 17.87
C ILE A 51 -13.48 0.35 17.26
N ALA A 52 -13.88 0.66 16.02
CA ALA A 52 -13.43 1.86 15.28
C ALA A 52 -14.37 3.04 15.49
N HIS A 53 -15.53 2.78 16.14
CA HIS A 53 -16.61 3.80 16.37
C HIS A 53 -17.13 4.36 15.02
N ASP A 54 -16.95 3.55 13.96
CA ASP A 54 -17.15 3.96 12.56
C ASP A 54 -18.16 3.00 11.90
N PHE A 55 -18.38 3.10 10.57
CA PHE A 55 -19.42 2.32 9.87
C PHE A 55 -18.87 1.65 8.60
N ASN A 56 -17.63 1.99 8.22
CA ASN A 56 -16.99 1.42 7.01
C ASN A 56 -16.71 -0.08 7.25
N ASP A 57 -17.18 -0.92 6.32
CA ASP A 57 -17.09 -2.40 6.44
C ASP A 57 -15.68 -2.87 6.04
N PRO A 58 -15.01 -3.76 6.84
CA PRO A 58 -13.63 -4.20 6.51
C PRO A 58 -13.60 -5.17 5.31
N LEU A 59 -12.64 -4.93 4.41
CA LEU A 59 -12.43 -5.70 3.18
C LEU A 59 -11.67 -7.00 3.50
N THR A 60 -10.61 -6.85 4.29
CA THR A 60 -9.72 -7.95 4.74
C THR A 60 -9.19 -7.61 6.15
N TRP A 61 -8.83 -8.66 6.91
CA TRP A 61 -8.37 -8.53 8.30
C TRP A 61 -7.42 -9.69 8.66
N SER A 62 -6.63 -9.51 9.72
CA SER A 62 -5.70 -10.54 10.23
C SER A 62 -5.98 -10.78 11.72
N HIS A 63 -6.66 -11.90 12.02
CA HIS A 63 -6.91 -12.34 13.39
C HIS A 63 -5.91 -13.44 13.74
N ASN A 64 -4.80 -13.08 14.38
CA ASN A 64 -3.76 -14.06 14.79
C ASN A 64 -3.26 -13.75 16.20
N ARG A 65 -3.13 -14.81 17.02
CA ARG A 65 -2.55 -14.73 18.37
C ARG A 65 -1.14 -15.34 18.33
N VAL A 66 -0.18 -14.62 18.92
CA VAL A 66 1.24 -14.96 18.85
C VAL A 66 1.76 -15.31 20.24
N GLU A 67 2.50 -16.42 20.32
CA GLU A 67 3.04 -16.96 21.57
C GLU A 67 4.55 -16.74 21.64
N GLY A 68 5.14 -17.06 22.81
CA GLY A 68 6.57 -16.98 23.03
C GLY A 68 6.97 -15.73 23.83
N LYS A 69 8.04 -15.06 23.39
CA LYS A 69 8.55 -13.82 24.02
C LYS A 69 7.46 -12.74 24.01
N GLN A 70 7.08 -12.28 22.80
CA GLN A 70 6.00 -11.30 22.62
C GLN A 70 4.67 -12.05 22.51
N GLU A 71 4.00 -12.27 23.65
CA GLU A 71 2.65 -12.85 23.68
C GLU A 71 1.65 -11.73 23.42
N TYR A 72 1.17 -11.63 22.17
CA TYR A 72 0.21 -10.62 21.78
C TYR A 72 -0.84 -11.20 20.82
N THR A 73 -2.12 -11.03 21.16
CA THR A 73 -3.22 -11.34 20.27
C THR A 73 -3.52 -10.09 19.40
N SER A 74 -3.19 -10.17 18.11
CA SER A 74 -3.38 -9.05 17.17
C SER A 74 -4.59 -9.30 16.26
N LEU A 75 -5.49 -8.31 16.19
CA LEU A 75 -6.67 -8.34 15.32
C LEU A 75 -6.78 -6.98 14.63
N LEU A 76 -6.21 -6.91 13.41
CA LEU A 76 -6.14 -5.69 12.59
C LEU A 76 -7.17 -5.80 11.46
N TYR A 77 -7.76 -4.66 11.06
CA TYR A 77 -8.74 -4.61 9.95
C TYR A 77 -8.30 -3.57 8.89
N ILE A 78 -8.80 -3.77 7.66
CA ILE A 78 -8.59 -2.85 6.53
C ILE A 78 -9.97 -2.26 6.12
N PRO A 79 -10.27 -0.96 6.42
CA PRO A 79 -11.57 -0.31 6.08
C PRO A 79 -11.80 -0.16 4.55
N SER A 80 -13.09 -0.15 4.16
CA SER A 80 -13.50 0.04 2.74
C SER A 80 -13.35 1.51 2.30
N GLN A 81 -13.55 2.44 3.24
CA GLN A 81 -13.50 3.88 2.97
C GLN A 81 -12.62 4.59 3.99
N ALA A 82 -12.02 5.71 3.57
CA ALA A 82 -11.28 6.61 4.44
C ALA A 82 -12.25 7.34 5.39
N PRO A 83 -11.92 7.42 6.73
CA PRO A 83 -12.66 8.30 7.65
C PRO A 83 -12.62 9.78 7.19
N TRP A 84 -13.60 10.59 7.62
CA TRP A 84 -13.67 12.01 7.24
C TRP A 84 -12.36 12.73 7.66
N ASP A 85 -11.89 12.44 8.88
CA ASP A 85 -10.70 13.09 9.47
C ASP A 85 -9.42 12.24 9.30
N MET A 86 -9.39 11.39 8.26
CA MET A 86 -8.18 10.61 7.87
C MET A 86 -6.97 11.54 7.58
N TRP A 87 -7.25 12.78 7.11
CA TRP A 87 -6.21 13.76 6.72
C TRP A 87 -6.39 15.10 7.46
N ASN A 88 -7.28 15.10 8.49
CA ASN A 88 -7.58 16.30 9.29
C ASN A 88 -6.62 16.37 10.51
N ARG A 89 -6.78 17.39 11.39
CA ARG A 89 -5.92 17.58 12.58
C ARG A 89 -6.28 16.55 13.67
N ASP A 90 -7.49 15.96 13.54
CA ASP A 90 -7.93 14.83 14.37
C ASP A 90 -7.53 13.51 13.69
N HIS A 91 -7.37 12.47 14.49
CA HIS A 91 -6.86 11.16 14.06
C HIS A 91 -7.92 10.06 14.22
N LYS A 92 -7.96 9.14 13.26
CA LYS A 92 -8.62 7.81 13.42
C LYS A 92 -7.57 6.70 13.30
N HIS A 93 -6.32 7.13 13.01
CA HIS A 93 -5.13 6.28 13.05
C HIS A 93 -4.89 5.79 14.49
N GLY A 94 -4.55 4.50 14.60
CA GLY A 94 -4.19 3.90 15.86
C GLY A 94 -4.94 2.60 16.13
N LEU A 95 -4.43 1.84 17.10
CA LEU A 95 -5.02 0.57 17.54
C LEU A 95 -5.47 0.70 18.99
N LYS A 96 -6.47 -0.08 19.40
CA LYS A 96 -6.92 -0.09 20.79
C LYS A 96 -5.93 -0.91 21.62
N LEU A 97 -5.20 -0.22 22.49
CA LEU A 97 -4.24 -0.85 23.39
C LEU A 97 -4.98 -1.57 24.53
N TYR A 98 -4.98 -2.91 24.43
CA TYR A 98 -5.36 -3.81 25.52
C TYR A 98 -4.08 -4.45 26.06
N VAL A 99 -3.86 -4.37 27.37
CA VAL A 99 -2.79 -5.12 28.06
C VAL A 99 -3.45 -6.16 28.94
N GLN A 100 -3.19 -7.46 28.64
CA GLN A 100 -3.82 -8.60 29.34
C GLN A 100 -5.35 -8.58 29.10
N ARG A 101 -5.72 -8.13 27.87
CA ARG A 101 -7.11 -7.94 27.35
C ARG A 101 -7.91 -6.90 28.19
N VAL A 102 -7.20 -6.13 29.04
CA VAL A 102 -7.76 -5.00 29.78
C VAL A 102 -7.48 -3.71 28.99
N PHE A 103 -8.54 -2.97 28.65
CA PHE A 103 -8.45 -1.72 27.87
C PHE A 103 -7.66 -0.64 28.64
N ILE A 104 -6.63 -0.09 27.97
CA ILE A 104 -5.76 0.96 28.52
C ILE A 104 -6.10 2.29 27.83
N MET A 105 -5.95 2.32 26.49
CA MET A 105 -6.17 3.53 25.68
C MET A 105 -6.54 3.15 24.22
N ASP A 106 -7.36 3.98 23.57
CA ASP A 106 -7.77 3.79 22.15
C ASP A 106 -6.96 4.74 21.24
N ASP A 107 -6.88 4.40 19.93
CA ASP A 107 -6.18 5.20 18.90
C ASP A 107 -4.68 5.32 19.17
N ALA A 108 -4.10 4.29 19.82
CA ALA A 108 -2.68 4.25 20.15
C ALA A 108 -1.88 4.07 18.85
N GLU A 109 -1.52 5.22 18.27
CA GLU A 109 -0.96 5.34 16.91
C GLU A 109 0.55 5.06 16.87
N GLN A 110 1.11 4.65 18.01
CA GLN A 110 2.53 4.24 18.11
C GLN A 110 2.69 2.76 17.73
N PHE A 111 1.56 2.06 17.55
CA PHE A 111 1.53 0.65 17.10
C PHE A 111 1.49 0.54 15.57
N MET A 112 1.27 1.68 14.88
CA MET A 112 1.28 1.75 13.40
C MET A 112 1.96 3.05 12.93
N PRO A 113 2.88 2.98 11.92
CA PRO A 113 3.42 4.18 11.23
C PRO A 113 2.38 5.03 10.45
N ASN A 114 2.87 6.10 9.80
CA ASN A 114 2.05 7.01 8.95
C ASN A 114 1.64 6.34 7.64
N TYR A 115 2.52 5.51 7.10
CA TYR A 115 2.28 4.77 5.83
C TYR A 115 1.41 3.51 6.08
N LEU A 116 1.18 3.20 7.37
CA LEU A 116 0.26 2.16 7.81
C LEU A 116 -0.85 2.80 8.69
N ARG A 117 -1.11 4.13 8.46
CA ARG A 117 -2.07 4.94 9.26
C ARG A 117 -3.53 4.44 9.14
N PHE A 118 -3.82 3.79 8.01
CA PHE A 118 -5.17 3.27 7.67
C PHE A 118 -5.59 2.09 8.56
N VAL A 119 -4.59 1.36 9.10
CA VAL A 119 -4.83 0.16 9.92
C VAL A 119 -5.51 0.56 11.23
N ARG A 120 -6.72 0.05 11.43
CA ARG A 120 -7.51 0.28 12.64
C ARG A 120 -7.95 -1.11 13.13
N GLY A 121 -7.84 -1.33 14.44
CA GLY A 121 -8.17 -2.59 15.07
C GLY A 121 -7.78 -2.54 16.53
N LEU A 122 -7.40 -3.68 17.10
CA LEU A 122 -7.02 -3.78 18.52
C LEU A 122 -5.95 -4.86 18.68
N ILE A 123 -5.04 -4.63 19.65
CA ILE A 123 -4.01 -5.60 20.03
C ILE A 123 -4.04 -5.81 21.55
N ASP A 124 -3.93 -7.07 21.96
CA ASP A 124 -3.77 -7.49 23.36
C ASP A 124 -2.31 -7.87 23.54
N SER A 125 -1.52 -7.04 24.21
CA SER A 125 -0.12 -7.36 24.54
C SER A 125 0.05 -7.43 26.06
N SER A 126 0.37 -8.63 26.57
CA SER A 126 0.48 -8.88 28.03
C SER A 126 1.92 -8.61 28.54
N ASP A 127 2.81 -8.21 27.62
CA ASP A 127 4.21 -7.88 27.93
C ASP A 127 4.35 -6.45 28.42
N LEU A 128 3.55 -5.56 27.81
CA LEU A 128 3.54 -4.13 28.15
C LEU A 128 3.03 -3.95 29.61
N PRO A 129 3.52 -2.92 30.36
CA PRO A 129 3.00 -2.60 31.71
C PRO A 129 1.51 -2.20 31.70
N LEU A 130 0.82 -2.27 32.85
CA LEU A 130 -0.60 -1.89 32.96
C LEU A 130 -0.76 -0.36 33.05
N ASN A 131 0.28 0.30 33.56
CA ASN A 131 0.32 1.78 33.70
C ASN A 131 0.84 2.46 32.41
N VAL A 132 0.97 1.68 31.32
CA VAL A 132 1.52 2.16 30.03
C VAL A 132 0.66 3.29 29.43
N SER A 133 1.32 4.32 28.85
CA SER A 133 0.66 5.47 28.21
C SER A 133 1.40 5.84 26.92
N ARG A 134 0.88 6.88 26.21
CA ARG A 134 1.38 7.31 24.88
C ARG A 134 2.90 7.61 24.88
N GLU A 135 3.40 8.09 26.03
CA GLU A 135 4.82 8.43 26.22
C GLU A 135 5.69 7.17 26.12
N ILE A 136 5.25 6.10 26.83
CA ILE A 136 5.95 4.81 26.84
C ILE A 136 5.81 4.12 25.47
N LEU A 137 4.66 4.32 24.81
CA LEU A 137 4.39 3.72 23.49
C LEU A 137 5.34 4.31 22.42
N GLN A 138 5.59 5.62 22.52
CA GLN A 138 6.51 6.35 21.62
C GLN A 138 7.99 6.02 21.96
N ASP A 139 8.31 6.09 23.26
CA ASP A 139 9.71 6.06 23.77
C ASP A 139 10.29 4.65 23.76
N SER A 140 9.52 3.67 24.26
CA SER A 140 10.03 2.30 24.51
C SER A 140 10.27 1.55 23.19
N THR A 141 11.37 0.79 23.17
CA THR A 141 11.82 0.03 21.99
C THR A 141 11.07 -1.32 21.88
N VAL A 142 10.56 -1.83 23.03
CA VAL A 142 9.76 -3.07 23.04
C VAL A 142 8.42 -2.88 22.29
N THR A 143 7.87 -1.64 22.39
CA THR A 143 6.63 -1.24 21.70
C THR A 143 6.92 -0.93 20.22
N ARG A 144 8.11 -0.38 19.95
CA ARG A 144 8.62 -0.16 18.57
C ARG A 144 8.72 -1.49 17.81
N ASN A 145 9.23 -2.52 18.50
CA ASN A 145 9.44 -3.86 17.92
C ASN A 145 8.12 -4.65 17.86
N LEU A 146 7.17 -4.31 18.74
CA LEU A 146 5.80 -4.83 18.69
C LEU A 146 5.11 -4.27 17.42
N ARG A 147 5.40 -2.98 17.13
CA ARG A 147 4.92 -2.28 15.91
C ARG A 147 5.52 -2.90 14.64
N ASN A 148 6.82 -3.25 14.67
CA ASN A 148 7.53 -3.90 13.54
C ASN A 148 6.89 -5.25 13.22
N ALA A 149 6.48 -5.95 14.28
CA ALA A 149 5.77 -7.22 14.18
C ALA A 149 4.42 -7.02 13.45
N LEU A 150 3.70 -5.97 13.87
CA LEU A 150 2.38 -5.60 13.29
C LEU A 150 2.52 -5.16 11.81
N THR A 151 3.65 -4.51 11.47
CA THR A 151 3.98 -4.07 10.09
C THR A 151 3.94 -5.25 9.09
N LYS A 152 4.32 -6.43 9.59
CA LYS A 152 4.33 -7.67 8.82
C LYS A 152 2.88 -8.15 8.58
N ARG A 153 2.02 -8.08 9.62
CA ARG A 153 0.60 -8.50 9.53
C ARG A 153 -0.16 -7.58 8.54
N VAL A 154 0.29 -6.32 8.44
CA VAL A 154 -0.27 -5.35 7.48
C VAL A 154 0.06 -5.76 6.03
N LEU A 155 1.36 -6.06 5.76
CA LEU A 155 1.83 -6.40 4.39
C LEU A 155 1.14 -7.68 3.89
N GLN A 156 0.86 -8.63 4.82
CA GLN A 156 0.06 -9.83 4.51
C GLN A 156 -1.29 -9.40 3.90
N MET A 157 -2.07 -8.61 4.67
CA MET A 157 -3.45 -8.23 4.31
C MET A 157 -3.51 -7.38 3.03
N LEU A 158 -2.46 -6.57 2.79
CA LEU A 158 -2.38 -5.69 1.60
C LEU A 158 -2.24 -6.51 0.32
N GLU A 159 -1.27 -7.44 0.33
CA GLU A 159 -0.97 -8.29 -0.84
C GLU A 159 -2.14 -9.23 -1.10
N LYS A 160 -2.68 -9.83 -0.01
CA LYS A 160 -3.82 -10.74 -0.07
C LYS A 160 -5.05 -10.02 -0.65
N LEU A 161 -5.32 -8.79 -0.19
CA LEU A 161 -6.47 -7.99 -0.64
C LEU A 161 -6.40 -7.72 -2.16
N ALA A 162 -5.17 -7.55 -2.66
CA ALA A 162 -4.89 -7.31 -4.09
C ALA A 162 -5.13 -8.58 -4.95
N LYS A 163 -5.00 -9.77 -4.32
CA LYS A 163 -5.07 -11.08 -5.01
C LYS A 163 -6.44 -11.79 -4.80
N ASP A 164 -7.11 -11.49 -3.66
CA ASP A 164 -8.38 -12.15 -3.28
C ASP A 164 -9.56 -11.50 -4.01
N ASP A 165 -9.52 -10.15 -4.12
CA ASP A 165 -10.55 -9.39 -4.85
C ASP A 165 -9.99 -8.03 -5.27
N ALA A 166 -9.74 -7.90 -6.58
CA ALA A 166 -9.14 -6.70 -7.18
C ALA A 166 -10.02 -5.43 -6.96
N GLU A 167 -11.36 -5.61 -6.91
CA GLU A 167 -12.30 -4.48 -6.71
C GLU A 167 -12.18 -3.91 -5.29
N LYS A 168 -12.05 -4.80 -4.30
CA LYS A 168 -11.88 -4.41 -2.88
C LYS A 168 -10.61 -3.59 -2.70
N TYR A 169 -9.49 -4.06 -3.27
CA TYR A 169 -8.20 -3.36 -3.17
C TYR A 169 -8.22 -2.05 -3.98
N GLN A 170 -9.03 -2.01 -5.05
CA GLN A 170 -9.20 -0.80 -5.89
C GLN A 170 -9.94 0.30 -5.11
N THR A 171 -10.96 -0.12 -4.33
CA THR A 171 -11.73 0.76 -3.45
C THR A 171 -10.84 1.25 -2.29
N PHE A 172 -10.02 0.34 -1.76
CA PHE A 172 -9.01 0.63 -0.72
C PHE A 172 -8.02 1.71 -1.20
N TRP A 173 -7.49 1.52 -2.41
CA TRP A 173 -6.47 2.42 -2.97
C TRP A 173 -7.07 3.79 -3.35
N GLN A 174 -8.36 3.78 -3.74
CA GLN A 174 -9.11 5.00 -4.09
C GLN A 174 -9.27 5.92 -2.85
N GLN A 175 -9.09 5.34 -1.65
CA GLN A 175 -9.23 6.04 -0.36
C GLN A 175 -7.84 6.28 0.31
N PHE A 176 -6.94 5.28 0.21
CA PHE A 176 -5.67 5.25 0.98
C PHE A 176 -4.44 5.13 0.06
N GLY A 177 -4.60 5.50 -1.21
CA GLY A 177 -3.52 5.40 -2.20
C GLY A 177 -2.36 6.36 -1.94
N LEU A 178 -2.68 7.50 -1.33
CA LEU A 178 -1.69 8.52 -0.90
C LEU A 178 -0.78 7.94 0.21
N VAL A 179 -1.40 7.13 1.10
CA VAL A 179 -0.75 6.60 2.32
C VAL A 179 0.41 5.64 1.99
N LEU A 180 0.15 4.66 1.11
CA LEU A 180 1.14 3.62 0.75
C LEU A 180 2.32 4.17 -0.10
N LYS A 181 2.17 5.41 -0.62
CA LYS A 181 3.25 6.07 -1.39
C LYS A 181 4.35 6.66 -0.49
N GLU A 182 4.07 6.75 0.83
CA GLU A 182 5.08 7.10 1.85
C GLU A 182 6.10 5.94 1.98
N GLY A 183 5.63 4.71 1.69
CA GLY A 183 6.43 3.48 1.80
C GLY A 183 7.70 3.46 0.94
N PRO A 184 7.60 3.40 -0.42
CA PRO A 184 8.81 3.29 -1.32
C PRO A 184 9.74 4.50 -1.17
N ALA A 185 9.16 5.60 -0.69
CA ALA A 185 9.83 6.86 -0.43
C ALA A 185 10.62 6.82 0.88
N GLU A 186 10.12 6.01 1.81
CA GLU A 186 10.72 5.83 3.13
C GLU A 186 11.99 4.97 3.00
N ASP A 187 11.81 3.65 2.80
CA ASP A 187 12.92 2.70 2.62
C ASP A 187 12.78 2.03 1.24
N PHE A 188 13.63 2.47 0.30
CA PHE A 188 13.64 1.96 -1.09
C PHE A 188 14.14 0.51 -1.19
N ALA A 189 14.75 -0.04 -0.12
CA ALA A 189 15.24 -1.43 -0.12
C ALA A 189 14.07 -2.46 -0.09
N ASN A 190 12.85 -2.00 0.27
CA ASN A 190 11.61 -2.82 0.21
C ASN A 190 10.72 -2.37 -0.97
N GLN A 191 11.32 -1.67 -1.97
CA GLN A 191 10.59 -1.01 -3.08
C GLN A 191 9.70 -1.99 -3.87
N GLU A 192 10.19 -3.21 -4.13
CA GLU A 192 9.53 -4.18 -5.06
C GLU A 192 8.25 -4.75 -4.43
N ALA A 193 8.28 -5.01 -3.11
CA ALA A 193 7.12 -5.54 -2.36
C ALA A 193 5.97 -4.52 -2.33
N ILE A 194 6.33 -3.25 -2.15
CA ILE A 194 5.36 -2.14 -2.12
C ILE A 194 4.99 -1.71 -3.55
N ALA A 195 5.90 -1.92 -4.52
CA ALA A 195 5.67 -1.58 -5.95
C ALA A 195 4.64 -2.53 -6.56
N LYS A 196 4.57 -3.73 -5.98
CA LYS A 196 3.55 -4.72 -6.29
C LYS A 196 2.17 -4.21 -5.83
N LEU A 197 2.18 -3.51 -4.67
CA LEU A 197 0.99 -2.89 -4.05
C LEU A 197 0.65 -1.52 -4.68
N LEU A 198 1.66 -0.86 -5.27
CA LEU A 198 1.49 0.48 -5.86
C LEU A 198 0.64 0.43 -7.11
N ARG A 199 -0.43 1.24 -7.12
CA ARG A 199 -1.32 1.39 -8.26
C ARG A 199 -1.17 2.84 -8.78
N PHE A 200 -0.94 2.99 -10.08
CA PHE A 200 -0.78 4.30 -10.73
C PHE A 200 -1.95 4.51 -11.71
N ALA A 201 -2.06 5.70 -12.28
CA ALA A 201 -2.98 5.96 -13.40
C ALA A 201 -2.18 5.89 -14.69
N SER A 202 -2.89 5.69 -15.81
CA SER A 202 -2.26 5.46 -17.12
C SER A 202 -3.13 6.03 -18.23
N THR A 203 -2.67 5.87 -19.49
CA THR A 203 -3.47 6.25 -20.67
C THR A 203 -4.49 5.14 -20.99
N HIS A 204 -4.22 3.91 -20.50
CA HIS A 204 -5.13 2.75 -20.61
C HIS A 204 -6.50 3.05 -19.98
N THR A 205 -6.45 3.72 -18.82
CA THR A 205 -7.62 3.99 -18.01
C THR A 205 -7.79 5.50 -17.90
N ASP A 206 -8.95 5.99 -18.36
CA ASP A 206 -9.27 7.44 -18.38
C ASP A 206 -9.85 7.89 -17.02
N SER A 207 -10.07 6.93 -16.12
CA SER A 207 -10.51 7.20 -14.74
C SER A 207 -9.33 7.73 -13.90
N SER A 208 -9.64 8.63 -12.95
CA SER A 208 -8.64 9.18 -12.01
C SER A 208 -8.24 8.12 -10.97
N ALA A 209 -9.12 7.11 -10.78
CA ALA A 209 -8.85 5.95 -9.94
C ALA A 209 -7.65 5.18 -10.50
N GLN A 210 -6.62 5.03 -9.66
CA GLN A 210 -5.38 4.35 -10.06
C GLN A 210 -5.64 2.84 -10.18
N THR A 211 -6.05 2.40 -11.39
CA THR A 211 -6.51 1.02 -11.61
C THR A 211 -5.37 0.12 -12.10
N VAL A 212 -4.37 0.71 -12.79
CA VAL A 212 -3.19 -0.02 -13.28
C VAL A 212 -2.14 -0.11 -12.15
N SER A 213 -1.33 -1.16 -12.15
CA SER A 213 -0.13 -1.24 -11.29
C SER A 213 1.13 -1.28 -12.17
N LEU A 214 2.31 -1.35 -11.54
CA LEU A 214 3.57 -1.62 -12.26
C LEU A 214 3.57 -3.04 -12.82
N GLU A 215 2.91 -3.96 -12.08
CA GLU A 215 2.74 -5.36 -12.49
C GLU A 215 1.90 -5.44 -13.79
N ASP A 216 0.78 -4.70 -13.80
CA ASP A 216 -0.09 -4.58 -14.99
C ASP A 216 0.61 -3.83 -16.14
N TYR A 217 1.50 -2.89 -15.78
CA TYR A 217 2.29 -2.14 -16.78
C TYR A 217 3.19 -3.10 -17.56
N VAL A 218 3.90 -3.98 -16.83
CA VAL A 218 4.80 -5.02 -17.42
C VAL A 218 4.01 -5.95 -18.34
N SER A 219 2.77 -6.28 -17.94
CA SER A 219 1.84 -7.11 -18.73
C SER A 219 1.41 -6.41 -20.05
N ARG A 220 1.52 -5.07 -20.07
CA ARG A 220 1.19 -4.23 -21.24
C ARG A 220 2.45 -3.63 -21.90
N MET A 221 3.65 -4.05 -21.45
CA MET A 221 4.93 -3.61 -22.05
C MET A 221 5.23 -4.43 -23.32
N LYS A 222 5.36 -3.72 -24.45
CA LYS A 222 5.85 -4.29 -25.70
C LYS A 222 7.39 -4.15 -25.77
N GLU A 223 8.01 -4.81 -26.76
CA GLU A 223 9.46 -4.73 -26.99
C GLU A 223 9.88 -3.32 -27.42
N GLY A 224 11.13 -2.97 -27.13
CA GLY A 224 11.64 -1.60 -27.36
C GLY A 224 11.42 -0.68 -26.17
N GLN A 225 10.44 -1.02 -25.29
CA GLN A 225 10.30 -0.37 -23.98
C GLN A 225 11.26 -1.04 -23.00
N GLU A 226 12.54 -0.63 -23.10
CA GLU A 226 13.56 -1.00 -22.10
C GLU A 226 13.38 -0.12 -20.85
N LYS A 227 12.63 0.98 -21.00
CA LYS A 227 12.46 2.00 -19.96
C LYS A 227 10.97 2.34 -19.79
N ILE A 228 10.54 2.49 -18.53
CA ILE A 228 9.15 2.78 -18.16
C ILE A 228 8.94 4.31 -18.10
N TYR A 229 8.05 4.84 -18.96
CA TYR A 229 7.84 6.29 -19.13
C TYR A 229 6.69 6.80 -18.22
N TYR A 230 6.95 7.91 -17.50
CA TYR A 230 5.96 8.54 -16.57
C TYR A 230 5.72 10.01 -16.96
N ILE A 231 4.61 10.57 -16.44
CA ILE A 231 4.24 12.00 -16.55
C ILE A 231 3.73 12.46 -15.18
N THR A 232 4.32 13.53 -14.61
CA THR A 232 3.78 14.18 -13.41
C THR A 232 2.85 15.32 -13.81
N ALA A 233 1.82 15.53 -13.00
CA ALA A 233 0.84 16.61 -13.18
C ALA A 233 0.39 17.12 -11.81
N ASP A 234 -0.09 18.37 -11.78
CA ASP A 234 -0.71 18.97 -10.56
C ASP A 234 -2.06 18.29 -10.28
N SER A 235 -2.73 17.86 -11.38
CA SER A 235 -4.05 17.21 -11.33
C SER A 235 -4.16 16.22 -12.50
N TYR A 236 -4.93 15.12 -12.30
CA TYR A 236 -5.08 14.06 -13.33
C TYR A 236 -5.77 14.62 -14.57
N ALA A 237 -6.74 15.53 -14.37
CA ALA A 237 -7.48 16.19 -15.46
C ALA A 237 -6.52 16.91 -16.42
N ALA A 238 -5.50 17.57 -15.84
CA ALA A 238 -4.46 18.30 -16.60
C ALA A 238 -3.63 17.34 -17.47
N ALA A 239 -3.26 16.18 -16.88
CA ALA A 239 -2.54 15.11 -17.58
C ALA A 239 -3.39 14.53 -18.72
N LYS A 240 -4.68 14.37 -18.45
CA LYS A 240 -5.68 13.75 -19.35
C LYS A 240 -6.06 14.72 -20.51
N SER A 241 -5.89 16.04 -20.28
CA SER A 241 -6.18 17.09 -21.30
C SER A 241 -5.23 17.01 -22.51
N SER A 242 -4.09 16.31 -22.35
CA SER A 242 -3.12 16.09 -23.44
C SER A 242 -3.75 15.23 -24.57
N PRO A 243 -3.84 15.77 -25.83
CA PRO A 243 -4.39 15.01 -26.98
C PRO A 243 -3.36 14.00 -27.56
N HIS A 244 -2.10 14.08 -27.07
CA HIS A 244 -0.98 13.27 -27.55
C HIS A 244 -0.98 11.85 -26.95
N LEU A 245 -1.73 11.68 -25.84
CA LEU A 245 -1.90 10.38 -25.16
C LEU A 245 -2.59 9.35 -26.07
N GLU A 246 -3.51 9.88 -26.90
CA GLU A 246 -4.37 9.08 -27.81
C GLU A 246 -3.54 8.37 -28.89
N LEU A 247 -2.49 9.07 -29.35
CA LEU A 247 -1.57 8.57 -30.39
C LEU A 247 -0.79 7.37 -29.85
N LEU A 248 -0.17 7.53 -28.66
CA LEU A 248 0.71 6.49 -28.06
C LEU A 248 -0.07 5.27 -27.60
N ARG A 249 -1.33 5.47 -27.16
CA ARG A 249 -2.21 4.35 -26.74
C ARG A 249 -2.39 3.38 -27.93
N LYS A 250 -2.77 3.93 -29.09
CA LYS A 250 -2.98 3.16 -30.32
C LYS A 250 -1.63 2.70 -30.92
N LYS A 251 -0.56 3.49 -30.66
CA LYS A 251 0.80 3.21 -31.20
C LYS A 251 1.42 1.98 -30.47
N GLY A 252 0.96 1.72 -29.24
CA GLY A 252 1.37 0.54 -28.47
C GLY A 252 2.31 0.86 -27.32
N ILE A 253 2.39 2.14 -26.95
CA ILE A 253 3.10 2.58 -25.75
C ILE A 253 2.08 2.82 -24.63
N GLU A 254 2.44 2.45 -23.41
CA GLU A 254 1.63 2.74 -22.22
C GLU A 254 2.33 3.84 -21.44
N VAL A 255 1.59 4.92 -21.12
CA VAL A 255 2.14 6.09 -20.41
C VAL A 255 1.44 6.23 -19.05
N LEU A 256 2.22 6.31 -17.97
CA LEU A 256 1.70 6.41 -16.59
C LEU A 256 1.49 7.90 -16.20
N LEU A 257 0.23 8.29 -15.90
CA LEU A 257 -0.13 9.67 -15.51
C LEU A 257 -0.22 9.79 -13.96
N LEU A 258 0.90 10.20 -13.34
CA LEU A 258 1.02 10.38 -11.88
C LEU A 258 0.70 11.83 -11.49
N SER A 259 -0.26 12.03 -10.57
CA SER A 259 -0.80 13.35 -10.27
C SER A 259 -1.01 13.60 -8.75
N ASP A 260 -0.57 12.65 -7.90
CA ASP A 260 -0.54 12.83 -6.44
C ASP A 260 0.74 13.60 -6.07
N ARG A 261 0.64 14.55 -5.12
CA ARG A 261 1.75 15.43 -4.69
C ARG A 261 2.92 14.68 -4.04
N ILE A 262 2.67 13.44 -3.62
CA ILE A 262 3.68 12.59 -2.96
C ILE A 262 4.44 11.72 -3.98
N ASP A 263 3.94 11.63 -5.24
CA ASP A 263 4.61 10.89 -6.34
C ASP A 263 6.04 11.42 -6.57
N GLU A 264 6.20 12.75 -6.47
CA GLU A 264 7.50 13.42 -6.60
C GLU A 264 8.51 12.94 -5.54
N TRP A 265 8.04 12.64 -4.31
CA TRP A 265 8.91 12.09 -3.24
C TRP A 265 9.01 10.55 -3.32
N MET A 266 7.96 9.88 -3.81
CA MET A 266 7.88 8.39 -3.81
C MET A 266 8.80 7.80 -4.87
N MET A 267 8.53 8.20 -6.11
CA MET A 267 9.25 7.70 -7.27
C MET A 267 10.65 8.34 -7.40
N ASN A 268 10.94 9.30 -6.51
CA ASN A 268 12.30 9.83 -6.27
C ASN A 268 13.27 8.69 -5.87
N TYR A 269 12.74 7.69 -5.12
CA TYR A 269 13.50 6.51 -4.66
C TYR A 269 13.27 5.30 -5.61
N LEU A 270 12.09 5.27 -6.25
CA LEU A 270 11.78 4.27 -7.29
C LEU A 270 12.56 4.60 -8.58
N THR A 271 13.80 4.09 -8.66
CA THR A 271 14.65 4.23 -9.84
C THR A 271 14.36 3.11 -10.88
N GLU A 272 13.92 1.93 -10.37
CA GLU A 272 13.80 0.72 -11.21
C GLU A 272 12.71 -0.24 -10.68
N PHE A 273 12.07 -0.97 -11.62
CA PHE A 273 11.15 -2.10 -11.33
C PHE A 273 11.31 -3.16 -12.44
N ASP A 274 11.45 -4.45 -12.03
CA ASP A 274 11.53 -5.62 -12.93
C ASP A 274 12.83 -5.61 -13.79
N GLY A 275 13.79 -4.75 -13.40
CA GLY A 275 15.05 -4.59 -14.13
C GLY A 275 15.05 -3.41 -15.09
N LYS A 276 13.85 -2.82 -15.33
CA LYS A 276 13.68 -1.69 -16.27
C LYS A 276 13.78 -0.34 -15.52
N PRO A 277 14.70 0.59 -15.98
CA PRO A 277 14.83 1.94 -15.39
C PRO A 277 13.67 2.87 -15.80
N PHE A 278 13.41 3.86 -14.96
CA PHE A 278 12.31 4.81 -15.14
C PHE A 278 12.82 6.10 -15.80
N GLN A 279 12.04 6.63 -16.77
CA GLN A 279 12.38 7.85 -17.52
C GLN A 279 11.22 8.86 -17.50
N SER A 280 11.57 10.14 -17.46
CA SER A 280 10.63 11.26 -17.59
C SER A 280 10.19 11.45 -19.05
N VAL A 281 8.93 11.88 -19.24
CA VAL A 281 8.39 12.21 -20.57
C VAL A 281 9.19 13.35 -21.24
N SER A 282 9.71 14.27 -20.41
CA SER A 282 10.40 15.50 -20.86
C SER A 282 11.87 15.24 -21.29
N LYS A 283 12.26 13.96 -21.38
CA LYS A 283 13.61 13.57 -21.86
C LYS A 283 13.50 12.47 -22.92
N VAL A 284 14.50 12.43 -23.81
CA VAL A 284 14.67 11.38 -24.83
C VAL A 284 15.80 10.43 -24.38
N ASP A 285 15.65 9.13 -24.67
CA ASP A 285 16.63 8.11 -24.29
C ASP A 285 17.48 7.68 -25.49
N GLU A 286 17.28 6.47 -26.07
CA GLU A 286 18.18 5.88 -27.11
C GLU A 286 18.50 6.82 -28.32
N SER A 287 17.60 7.79 -28.59
CA SER A 287 17.77 8.80 -29.65
C SER A 287 19.03 9.67 -29.39
N LEU A 288 19.03 10.40 -28.26
CA LEU A 288 20.11 11.35 -27.91
C LEU A 288 21.24 10.65 -27.15
N GLU A 289 20.96 9.44 -26.63
CA GLU A 289 21.89 8.68 -25.76
C GLU A 289 23.19 8.30 -26.48
N LYS A 290 23.08 8.05 -27.80
CA LYS A 290 24.24 7.70 -28.65
C LYS A 290 25.16 8.92 -28.85
N LEU A 291 24.59 10.13 -28.67
CA LEU A 291 25.27 11.42 -28.83
C LEU A 291 25.74 11.97 -27.45
N ALA A 292 24.98 11.63 -26.39
CA ALA A 292 25.13 12.25 -25.05
C ALA A 292 26.39 11.72 -24.30
N MET B 17 19.17 17.10 -22.33
CA MET B 17 18.29 18.09 -23.03
C MET B 17 16.81 17.82 -22.64
N ALA B 18 16.10 18.88 -22.21
CA ALA B 18 14.67 18.80 -21.89
C ALA B 18 13.84 18.77 -23.19
N THR B 19 13.80 17.59 -23.82
CA THR B 19 13.10 17.35 -25.08
C THR B 19 12.27 16.07 -24.92
N SER B 20 10.94 16.17 -25.11
CA SER B 20 10.00 15.06 -24.89
C SER B 20 10.34 13.83 -25.77
N THR B 21 10.11 12.59 -25.23
CA THR B 21 10.51 11.31 -25.88
C THR B 21 10.00 11.23 -27.34
N LEU B 22 8.68 11.29 -27.47
CA LEU B 22 7.99 11.37 -28.79
C LEU B 22 6.60 11.98 -28.60
N ILE B 23 6.35 12.50 -27.38
CA ILE B 23 5.03 12.89 -26.90
C ILE B 23 5.14 14.17 -26.05
N LYS B 24 4.65 15.31 -26.58
CA LYS B 24 4.60 16.58 -25.84
C LYS B 24 3.39 16.58 -24.89
N ALA B 25 3.54 15.83 -23.80
CA ALA B 25 2.51 15.65 -22.77
C ALA B 25 3.10 16.00 -21.41
N ILE B 26 2.83 17.24 -20.97
CA ILE B 26 3.33 17.85 -19.72
C ILE B 26 4.88 17.73 -19.62
N ASP B 27 5.55 18.56 -20.44
CA ASP B 27 7.03 18.61 -20.55
C ASP B 27 7.49 20.07 -20.36
N GLY B 28 6.90 21.00 -21.17
CA GLY B 28 6.90 22.46 -20.93
C GLY B 28 8.21 23.09 -20.42
N ASP B 29 9.36 22.56 -20.87
CA ASP B 29 10.73 23.04 -20.52
C ASP B 29 11.06 22.75 -19.04
N THR B 30 10.45 23.53 -18.13
CA THR B 30 10.79 23.55 -16.70
C THR B 30 10.22 22.35 -15.92
N VAL B 31 9.27 21.61 -16.53
CA VAL B 31 8.61 20.49 -15.84
C VAL B 31 9.53 19.25 -15.80
N LYS B 32 10.21 19.07 -14.64
CA LYS B 32 10.85 17.80 -14.29
C LYS B 32 9.78 16.86 -13.74
N LEU B 33 10.10 15.57 -13.71
CA LEU B 33 9.20 14.53 -13.26
C LEU B 33 9.12 14.54 -11.71
N MET B 34 10.05 13.86 -11.04
CA MET B 34 9.99 13.64 -9.58
C MET B 34 10.97 14.56 -8.86
N TYR B 35 10.54 15.82 -8.64
CA TYR B 35 11.32 16.83 -7.92
C TYR B 35 10.39 17.91 -7.33
N LYS B 36 9.68 17.53 -6.26
CA LYS B 36 8.84 18.45 -5.45
C LYS B 36 8.45 17.75 -4.13
N GLY B 37 9.28 16.78 -3.72
CA GLY B 37 9.03 15.98 -2.52
C GLY B 37 9.86 16.43 -1.32
N GLN B 38 9.34 16.16 -0.10
CA GLN B 38 10.04 16.45 1.18
C GLN B 38 10.00 15.18 2.06
N PRO B 39 11.04 14.92 2.93
CA PRO B 39 11.09 13.70 3.79
C PRO B 39 9.86 13.55 4.73
N MET B 40 9.82 14.36 5.82
CA MET B 40 8.66 14.44 6.77
C MET B 40 8.37 13.10 7.50
N THR B 41 9.34 12.16 7.48
CA THR B 41 9.17 10.76 7.95
C THR B 41 10.34 10.34 8.90
N PHE B 42 10.51 9.01 9.22
CA PHE B 42 11.37 8.54 10.35
C PHE B 42 12.10 7.19 10.11
N ARG B 43 11.65 6.44 9.10
CA ARG B 43 12.28 5.19 8.57
C ARG B 43 11.95 3.90 9.37
N LEU B 44 11.03 3.13 8.76
CA LEU B 44 10.53 1.81 9.20
C LEU B 44 9.79 1.24 7.99
N LEU B 45 9.99 -0.05 7.67
CA LEU B 45 9.21 -0.79 6.63
C LEU B 45 9.29 -2.32 6.82
N LEU B 46 8.96 -3.05 5.74
CA LEU B 46 8.86 -4.51 5.70
C LEU B 46 10.26 -5.14 5.89
N VAL B 47 10.29 -6.47 6.01
CA VAL B 47 11.55 -7.23 6.06
C VAL B 47 12.17 -7.31 4.64
N ASP B 48 11.31 -7.64 3.66
CA ASP B 48 11.65 -7.82 2.22
C ASP B 48 10.42 -8.44 1.53
N THR B 49 9.81 -9.38 2.29
CA THR B 49 8.71 -10.25 1.87
C THR B 49 9.16 -11.22 0.74
N PRO B 50 9.53 -12.50 1.11
CA PRO B 50 10.01 -13.52 0.15
C PRO B 50 9.02 -13.74 -1.02
N GLU B 51 9.59 -13.92 -2.24
CA GLU B 51 8.81 -14.05 -3.50
C GLU B 51 7.88 -15.29 -3.52
N THR B 52 8.09 -16.24 -2.59
CA THR B 52 7.29 -17.47 -2.48
C THR B 52 5.80 -17.16 -2.11
N LYS B 53 5.61 -16.21 -1.17
CA LYS B 53 4.27 -15.92 -0.60
C LYS B 53 3.49 -14.87 -1.44
N HIS B 54 4.17 -14.23 -2.43
CA HIS B 54 3.53 -13.21 -3.31
C HIS B 54 2.49 -13.83 -4.29
N PRO B 55 2.78 -15.00 -4.99
CA PRO B 55 1.72 -15.75 -5.70
C PRO B 55 0.71 -16.34 -4.69
N LYS B 56 1.27 -16.95 -3.61
CA LYS B 56 0.53 -17.63 -2.53
C LYS B 56 -0.10 -18.95 -3.02
N LYS B 57 0.44 -20.09 -2.50
CA LYS B 57 0.04 -21.47 -2.85
C LYS B 57 0.47 -21.83 -4.29
N GLY B 58 -0.24 -21.27 -5.29
CA GLY B 58 0.11 -21.48 -6.71
C GLY B 58 -0.47 -22.74 -7.34
N VAL B 59 -1.06 -23.63 -6.50
CA VAL B 59 -1.59 -24.95 -6.88
C VAL B 59 -0.73 -25.70 -7.95
N GLU B 60 -1.25 -25.89 -9.18
CA GLU B 60 -0.48 -26.46 -10.31
C GLU B 60 -0.69 -25.55 -11.54
N LYS B 61 -1.91 -24.99 -11.62
CA LYS B 61 -2.31 -23.99 -12.62
C LYS B 61 -1.86 -22.59 -12.17
N TYR B 62 -1.77 -21.67 -13.15
CA TYR B 62 -1.22 -20.31 -12.94
C TYR B 62 -2.13 -19.41 -12.08
N GLY B 63 -3.38 -19.84 -11.88
CA GLY B 63 -4.25 -19.24 -10.87
C GLY B 63 -3.87 -19.73 -9.47
N PRO B 64 -3.36 -18.84 -8.55
CA PRO B 64 -2.86 -19.24 -7.21
C PRO B 64 -3.88 -20.07 -6.38
N GLU B 65 -5.04 -19.44 -6.13
CA GLU B 65 -6.17 -20.02 -5.38
C GLU B 65 -7.31 -19.01 -5.38
N ALA B 66 -6.93 -17.74 -5.22
CA ALA B 66 -7.84 -16.60 -5.19
C ALA B 66 -7.65 -15.75 -6.45
N SER B 67 -8.70 -14.98 -6.80
CA SER B 67 -8.74 -14.15 -8.01
C SER B 67 -9.95 -13.20 -7.92
N ALA B 68 -10.17 -12.37 -8.95
CA ALA B 68 -11.31 -11.42 -9.00
C ALA B 68 -12.67 -12.13 -9.22
N PHE B 69 -12.66 -13.48 -9.26
CA PHE B 69 -13.87 -14.31 -9.41
C PHE B 69 -14.04 -15.26 -8.18
N THR B 70 -13.63 -14.78 -6.98
CA THR B 70 -13.87 -15.49 -5.70
C THR B 70 -15.37 -15.39 -5.31
N LYS B 71 -15.75 -16.07 -4.21
CA LYS B 71 -17.15 -16.14 -3.76
C LYS B 71 -17.64 -14.75 -3.30
N LYS B 72 -16.78 -14.05 -2.53
CA LYS B 72 -16.90 -12.61 -2.19
C LYS B 72 -18.14 -12.26 -1.32
N MET B 73 -19.36 -12.42 -1.89
CA MET B 73 -20.64 -12.27 -1.15
C MET B 73 -20.63 -13.14 0.12
N VAL B 74 -19.98 -14.30 0.03
CA VAL B 74 -19.51 -15.10 1.18
C VAL B 74 -17.98 -15.11 1.12
N GLU B 75 -17.30 -14.69 2.22
CA GLU B 75 -15.83 -14.58 2.26
C GLU B 75 -15.17 -15.96 2.09
N ASN B 76 -14.81 -16.29 0.84
CA ASN B 76 -14.16 -17.55 0.47
C ASN B 76 -13.35 -17.37 -0.81
N ALA B 77 -12.08 -17.80 -0.77
CA ALA B 77 -11.20 -17.83 -1.94
C ALA B 77 -11.48 -19.11 -2.76
N ALA A 28 -19.88 -11.22 26.15
CA ALA A 28 -19.06 -11.02 27.37
C ALA A 28 -17.74 -11.82 27.25
N GLN A 29 -17.16 -11.80 26.04
CA GLN A 29 -15.91 -12.50 25.73
C GLN A 29 -15.19 -11.75 24.61
N ALA A 30 -13.85 -11.68 24.70
CA ALA A 30 -13.00 -11.05 23.69
C ALA A 30 -13.05 -11.84 22.37
N LEU A 31 -13.38 -11.14 21.28
CA LEU A 31 -13.44 -11.75 19.94
C LEU A 31 -12.02 -12.09 19.45
N TRP A 32 -11.08 -11.17 19.71
CA TRP A 32 -9.68 -11.30 19.28
C TRP A 32 -8.94 -12.49 19.96
N THR A 33 -9.31 -12.84 21.20
CA THR A 33 -8.62 -13.93 21.95
C THR A 33 -9.08 -15.31 21.46
N ARG A 34 -10.22 -15.36 20.75
CA ARG A 34 -10.71 -16.58 20.11
C ARG A 34 -9.79 -16.93 18.92
N ASN A 35 -9.71 -18.22 18.60
CA ASN A 35 -8.91 -18.72 17.47
C ASN A 35 -9.54 -18.26 16.13
N LYS A 36 -8.68 -17.86 15.18
CA LYS A 36 -9.06 -17.28 13.88
C LYS A 36 -10.04 -18.17 13.10
N SER A 37 -9.82 -19.49 13.14
CA SER A 37 -10.67 -20.48 12.46
C SER A 37 -12.02 -20.70 13.20
N GLU A 38 -12.03 -20.41 14.52
CA GLU A 38 -13.26 -20.53 15.36
C GLU A 38 -14.13 -19.26 15.27
N ILE A 39 -13.66 -18.27 14.50
CA ILE A 39 -14.39 -17.00 14.26
C ILE A 39 -14.86 -16.98 12.79
N THR A 40 -16.19 -16.86 12.58
CA THR A 40 -16.76 -16.78 11.22
C THR A 40 -16.64 -15.34 10.67
N ASP A 41 -16.95 -15.19 9.38
CA ASP A 41 -16.74 -13.93 8.61
C ASP A 41 -17.59 -12.77 9.18
N GLU A 42 -18.83 -13.10 9.58
CA GLU A 42 -19.82 -12.12 10.10
C GLU A 42 -19.26 -11.39 11.33
N GLU A 43 -18.54 -12.16 12.17
CA GLU A 43 -17.92 -11.67 13.41
C GLU A 43 -16.91 -10.55 13.11
N TYR A 44 -16.03 -10.83 12.14
CA TYR A 44 -14.99 -9.86 11.69
C TYR A 44 -15.62 -8.57 11.15
N LYS A 45 -16.66 -8.71 10.32
CA LYS A 45 -17.37 -7.57 9.71
C LYS A 45 -17.98 -6.63 10.78
N GLU A 46 -18.58 -7.24 11.80
CA GLU A 46 -19.37 -6.52 12.81
C GLU A 46 -18.46 -5.87 13.85
N PHE A 47 -17.45 -6.62 14.27
CA PHE A 47 -16.49 -6.21 15.31
C PHE A 47 -15.62 -5.05 14.82
N TYR A 48 -15.33 -5.04 13.50
CA TYR A 48 -14.58 -3.94 12.87
C TYR A 48 -15.28 -2.59 13.11
N LYS A 49 -16.59 -2.56 12.85
CA LYS A 49 -17.42 -1.34 12.96
C LYS A 49 -17.35 -0.75 14.38
N HIS A 50 -17.38 -1.66 15.36
CA HIS A 50 -17.30 -1.31 16.78
C HIS A 50 -15.97 -0.58 17.10
N ILE A 51 -14.86 -1.17 16.65
CA ILE A 51 -13.49 -0.73 17.02
C ILE A 51 -12.97 0.41 16.12
N ALA A 52 -13.63 0.62 14.96
CA ALA A 52 -13.24 1.66 13.97
C ALA A 52 -13.97 2.99 14.22
N HIS A 53 -15.07 2.91 15.01
CA HIS A 53 -16.00 4.05 15.28
C HIS A 53 -16.77 4.41 13.99
N ASP A 54 -17.01 3.39 13.17
CA ASP A 54 -17.62 3.52 11.83
C ASP A 54 -18.68 2.40 11.68
N PHE A 55 -19.40 2.34 10.55
CA PHE A 55 -20.43 1.28 10.32
C PHE A 55 -20.36 0.69 8.91
N ASN A 56 -19.24 0.93 8.20
CA ASN A 56 -18.92 0.25 6.94
C ASN A 56 -18.13 -1.04 7.21
N ASP A 57 -18.33 -2.04 6.34
CA ASP A 57 -17.66 -3.36 6.46
C ASP A 57 -16.18 -3.26 6.00
N PRO A 58 -15.26 -4.12 6.56
CA PRO A 58 -13.84 -4.16 6.15
C PRO A 58 -13.65 -4.92 4.81
N LEU A 59 -12.68 -4.46 4.01
CA LEU A 59 -12.36 -5.07 2.70
C LEU A 59 -11.61 -6.39 2.86
N THR A 60 -10.78 -6.45 3.91
CA THR A 60 -10.05 -7.67 4.32
C THR A 60 -9.49 -7.43 5.75
N TRP A 61 -8.78 -8.42 6.31
CA TRP A 61 -8.25 -8.35 7.69
C TRP A 61 -7.04 -9.30 7.86
N SER A 62 -6.36 -9.19 9.01
CA SER A 62 -5.29 -10.09 9.43
C SER A 62 -5.42 -10.38 10.93
N HIS A 63 -6.01 -11.53 11.28
CA HIS A 63 -6.12 -11.99 12.66
C HIS A 63 -4.98 -12.97 12.94
N ASN A 64 -3.92 -12.49 13.59
CA ASN A 64 -2.77 -13.33 13.98
C ASN A 64 -2.43 -13.08 15.46
N ARG A 65 -2.13 -14.17 16.20
CA ARG A 65 -1.69 -14.08 17.59
C ARG A 65 -0.19 -14.36 17.65
N VAL A 66 0.52 -13.61 18.47
CA VAL A 66 1.99 -13.68 18.58
C VAL A 66 2.33 -14.20 19.99
N GLU A 67 2.99 -15.35 20.01
CA GLU A 67 3.25 -16.13 21.22
C GLU A 67 4.75 -16.11 21.59
N GLY A 68 5.09 -16.77 22.70
CA GLY A 68 6.46 -16.92 23.16
C GLY A 68 6.73 -16.03 24.36
N LYS A 69 7.83 -15.28 24.32
CA LYS A 69 8.13 -14.25 25.33
C LYS A 69 7.08 -13.12 25.21
N GLN A 70 7.08 -12.45 24.06
CA GLN A 70 6.16 -11.32 23.80
C GLN A 70 4.78 -11.84 23.39
N GLU A 71 3.89 -11.94 24.39
CA GLU A 71 2.50 -12.35 24.22
C GLU A 71 1.66 -11.12 23.80
N TYR A 72 1.09 -11.18 22.58
CA TYR A 72 0.16 -10.18 22.07
C TYR A 72 -0.62 -10.68 20.86
N THR A 73 -1.94 -10.51 20.88
CA THR A 73 -2.83 -10.86 19.77
C THR A 73 -3.16 -9.61 18.93
N SER A 74 -2.78 -9.62 17.65
CA SER A 74 -3.03 -8.50 16.74
C SER A 74 -4.19 -8.85 15.78
N LEU A 75 -5.25 -8.02 15.80
CA LEU A 75 -6.42 -8.17 14.91
C LEU A 75 -6.58 -6.87 14.11
N LEU A 76 -6.07 -6.90 12.88
CA LEU A 76 -6.02 -5.74 11.98
C LEU A 76 -7.15 -5.84 10.95
N TYR A 77 -7.57 -4.70 10.38
CA TYR A 77 -8.56 -4.63 9.28
C TYR A 77 -8.16 -3.53 8.28
N ILE A 78 -8.60 -3.71 7.03
CA ILE A 78 -8.53 -2.67 5.98
C ILE A 78 -9.90 -1.96 5.89
N PRO A 79 -9.95 -0.60 6.09
CA PRO A 79 -11.21 0.18 5.95
C PRO A 79 -11.65 0.31 4.48
N SER A 80 -12.97 0.35 4.25
CA SER A 80 -13.55 0.51 2.91
C SER A 80 -13.58 1.97 2.49
N GLN A 81 -13.80 2.88 3.47
CA GLN A 81 -13.92 4.32 3.23
C GLN A 81 -13.07 5.09 4.24
N ALA A 82 -12.54 6.22 3.79
CA ALA A 82 -11.72 7.12 4.62
C ALA A 82 -12.64 8.03 5.44
N PRO A 83 -12.54 8.03 6.81
CA PRO A 83 -13.21 9.03 7.65
C PRO A 83 -12.74 10.46 7.28
N TRP A 84 -13.54 11.48 7.61
CA TRP A 84 -13.18 12.88 7.26
C TRP A 84 -11.94 13.32 8.08
N ASP A 85 -11.85 12.80 9.31
CA ASP A 85 -10.74 13.07 10.24
C ASP A 85 -9.47 12.27 9.87
N MET A 86 -9.53 11.47 8.79
CA MET A 86 -8.36 10.76 8.27
C MET A 86 -7.36 11.74 7.65
N TRP A 87 -7.88 12.87 7.12
CA TRP A 87 -7.06 13.88 6.41
C TRP A 87 -7.28 15.28 7.04
N ASN A 88 -7.67 15.29 8.33
CA ASN A 88 -7.94 16.52 9.12
C ASN A 88 -6.73 16.82 10.05
N ARG A 89 -6.82 17.91 10.83
CA ARG A 89 -5.86 18.23 11.92
C ARG A 89 -6.09 17.28 13.14
N ASP A 90 -7.27 16.64 13.17
CA ASP A 90 -7.61 15.60 14.15
C ASP A 90 -7.04 14.25 13.69
N HIS A 91 -6.58 13.42 14.64
CA HIS A 91 -5.99 12.10 14.35
C HIS A 91 -7.03 10.99 14.58
N LYS A 92 -7.04 9.98 13.68
CA LYS A 92 -7.88 8.77 13.79
C LYS A 92 -7.12 7.49 13.41
N HIS A 93 -5.85 7.66 13.00
CA HIS A 93 -4.93 6.56 12.63
C HIS A 93 -4.46 5.75 13.87
N GLY A 94 -4.38 4.42 13.74
CA GLY A 94 -3.88 3.56 14.81
C GLY A 94 -4.87 2.48 15.25
N LEU A 95 -4.54 1.80 16.37
CA LEU A 95 -5.30 0.62 16.87
C LEU A 95 -5.86 0.86 18.28
N LYS A 96 -6.72 -0.04 18.76
CA LYS A 96 -7.17 -0.03 20.16
C LYS A 96 -6.19 -0.84 21.02
N LEU A 97 -5.42 -0.16 21.86
CA LEU A 97 -4.46 -0.81 22.75
C LEU A 97 -5.19 -1.42 23.97
N TYR A 98 -5.03 -2.73 24.11
CA TYR A 98 -5.44 -3.52 25.28
C TYR A 98 -4.17 -4.13 25.87
N VAL A 99 -4.07 -4.16 27.21
CA VAL A 99 -2.99 -4.85 27.93
C VAL A 99 -3.61 -5.71 29.03
N GLN A 100 -3.26 -7.02 29.02
CA GLN A 100 -3.79 -8.03 29.98
C GLN A 100 -5.33 -8.08 29.91
N ARG A 101 -5.84 -7.93 28.67
CA ARG A 101 -7.29 -7.97 28.31
C ARG A 101 -8.01 -6.65 28.68
N VAL A 102 -7.29 -5.70 29.31
CA VAL A 102 -7.86 -4.43 29.80
C VAL A 102 -7.66 -3.32 28.77
N PHE A 103 -8.75 -2.66 28.34
CA PHE A 103 -8.67 -1.50 27.42
C PHE A 103 -7.91 -0.33 28.09
N ILE A 104 -6.86 0.15 27.41
CA ILE A 104 -6.04 1.26 27.90
C ILE A 104 -6.44 2.54 27.18
N MET A 105 -6.22 2.55 25.85
CA MET A 105 -6.43 3.74 25.00
C MET A 105 -6.42 3.31 23.53
N ASP A 106 -7.36 3.83 22.72
CA ASP A 106 -7.36 3.56 21.26
C ASP A 106 -6.58 4.64 20.51
N ASP A 107 -6.56 4.54 19.17
CA ASP A 107 -5.86 5.50 18.26
C ASP A 107 -4.32 5.42 18.48
N ALA A 108 -3.87 4.22 18.92
CA ALA A 108 -2.47 3.94 19.24
C ALA A 108 -1.64 3.83 17.95
N GLU A 109 -1.14 5.00 17.54
CA GLU A 109 -0.37 5.21 16.30
C GLU A 109 1.06 4.65 16.39
N GLN A 110 1.45 4.19 17.57
CA GLN A 110 2.78 3.62 17.81
C GLN A 110 2.85 2.12 17.46
N PHE A 111 1.70 1.51 17.07
CA PHE A 111 1.67 0.13 16.55
C PHE A 111 1.61 0.11 15.01
N MET A 112 1.43 1.29 14.38
CA MET A 112 1.48 1.46 12.91
C MET A 112 2.24 2.75 12.56
N PRO A 113 3.33 2.71 11.72
CA PRO A 113 3.98 3.95 11.23
C PRO A 113 3.00 4.75 10.36
N ASN A 114 3.37 6.00 10.03
CA ASN A 114 2.44 6.92 9.33
C ASN A 114 2.21 6.48 7.85
N TYR A 115 2.98 5.48 7.40
CA TYR A 115 2.89 4.90 6.02
C TYR A 115 1.89 3.72 6.02
N LEU A 116 1.61 3.20 7.23
CA LEU A 116 0.62 2.13 7.46
C LEU A 116 -0.52 2.67 8.35
N ARG A 117 -0.69 4.02 8.35
CA ARG A 117 -1.59 4.75 9.29
C ARG A 117 -3.07 4.32 9.13
N PHE A 118 -3.41 3.83 7.93
CA PHE A 118 -4.79 3.44 7.54
C PHE A 118 -5.33 2.24 8.34
N VAL A 119 -4.42 1.38 8.83
CA VAL A 119 -4.81 0.14 9.52
C VAL A 119 -5.60 0.47 10.80
N ARG A 120 -6.85 0.02 10.85
CA ARG A 120 -7.73 0.19 12.00
C ARG A 120 -8.12 -1.20 12.51
N GLY A 121 -8.04 -1.35 13.84
CA GLY A 121 -8.27 -2.62 14.49
C GLY A 121 -7.90 -2.51 15.96
N LEU A 122 -7.15 -3.48 16.47
CA LEU A 122 -6.72 -3.51 17.88
C LEU A 122 -5.59 -4.51 18.08
N ILE A 123 -5.02 -4.48 19.29
CA ILE A 123 -3.94 -5.36 19.73
C ILE A 123 -3.98 -5.50 21.25
N ASP A 124 -3.95 -6.75 21.75
CA ASP A 124 -3.95 -7.05 23.19
C ASP A 124 -2.62 -7.67 23.61
N SER A 125 -1.76 -6.87 24.24
CA SER A 125 -0.45 -7.33 24.72
C SER A 125 -0.53 -7.68 26.20
N SER A 126 -0.25 -8.94 26.54
CA SER A 126 -0.08 -9.36 27.96
C SER A 126 1.40 -9.20 28.38
N ASP A 127 2.25 -8.79 27.40
CA ASP A 127 3.70 -8.58 27.58
C ASP A 127 3.99 -7.16 28.13
N LEU A 128 3.42 -6.14 27.46
CA LEU A 128 3.64 -4.70 27.77
C LEU A 128 3.10 -4.33 29.18
N PRO A 129 3.57 -3.18 29.79
CA PRO A 129 3.03 -2.67 31.08
C PRO A 129 1.53 -2.32 30.97
N LEU A 130 0.77 -2.58 32.05
CA LEU A 130 -0.66 -2.23 32.11
C LEU A 130 -0.81 -0.69 32.19
N ASN A 131 0.23 -0.04 32.73
CA ASN A 131 0.32 1.44 32.86
C ASN A 131 0.94 2.08 31.59
N VAL A 132 0.84 1.39 30.44
CA VAL A 132 1.42 1.84 29.16
C VAL A 132 0.68 3.09 28.61
N SER A 133 1.45 4.00 28.00
CA SER A 133 0.93 5.22 27.35
C SER A 133 1.54 5.34 25.95
N ARG A 134 1.01 6.28 25.14
CA ARG A 134 1.55 6.63 23.80
C ARG A 134 3.04 7.04 23.89
N GLU A 135 3.43 7.60 25.07
CA GLU A 135 4.83 7.98 25.35
C GLU A 135 5.70 6.73 25.57
N ILE A 136 5.21 5.80 26.42
CA ILE A 136 5.89 4.51 26.69
C ILE A 136 6.03 3.68 25.40
N LEU A 137 5.04 3.81 24.51
CA LEU A 137 5.04 3.13 23.21
C LEU A 137 6.14 3.73 22.28
N GLN A 138 6.28 5.06 22.33
CA GLN A 138 7.28 5.82 21.55
C GLN A 138 8.71 5.52 22.06
N ASP A 139 8.84 5.28 23.37
CA ASP A 139 10.14 5.16 24.06
C ASP A 139 10.65 3.70 24.12
N SER A 140 9.78 2.78 24.54
CA SER A 140 10.17 1.38 24.89
C SER A 140 10.61 0.58 23.63
N THR A 141 11.65 -0.25 23.82
CA THR A 141 12.28 -1.05 22.75
C THR A 141 11.46 -2.33 22.43
N VAL A 142 10.64 -2.78 23.40
CA VAL A 142 9.72 -3.93 23.17
C VAL A 142 8.67 -3.57 22.12
N THR A 143 8.21 -2.31 22.15
CA THR A 143 7.16 -1.78 21.26
C THR A 143 7.67 -1.70 19.79
N ARG A 144 9.01 -1.68 19.63
CA ARG A 144 9.66 -1.77 18.31
C ARG A 144 9.35 -3.13 17.66
N ASN A 145 9.48 -4.19 18.48
CA ASN A 145 9.25 -5.59 18.07
C ASN A 145 7.76 -5.85 17.82
N LEU A 146 6.92 -5.19 18.64
CA LEU A 146 5.46 -5.17 18.51
C LEU A 146 5.07 -4.69 17.10
N ARG A 147 5.42 -3.43 16.83
CA ARG A 147 5.06 -2.73 15.57
C ARG A 147 5.72 -3.39 14.34
N ASN A 148 6.90 -4.00 14.54
CA ASN A 148 7.67 -4.69 13.47
C ASN A 148 6.90 -5.92 12.97
N ALA A 149 6.37 -6.71 13.91
CA ALA A 149 5.58 -7.92 13.60
C ALA A 149 4.23 -7.53 12.96
N LEU A 150 3.63 -6.45 13.48
CA LEU A 150 2.39 -5.88 12.92
C LEU A 150 2.58 -5.38 11.46
N THR A 151 3.77 -4.83 11.15
CA THR A 151 4.13 -4.38 9.78
C THR A 151 4.09 -5.56 8.77
N LYS A 152 4.48 -6.75 9.25
CA LYS A 152 4.44 -8.01 8.46
C LYS A 152 2.98 -8.40 8.15
N ARG A 153 2.07 -8.11 9.11
CA ARG A 153 0.62 -8.38 8.98
C ARG A 153 -0.04 -7.36 8.04
N VAL A 154 0.50 -6.12 8.01
CA VAL A 154 0.04 -5.10 7.04
C VAL A 154 0.42 -5.53 5.60
N LEU A 155 1.69 -5.97 5.42
CA LEU A 155 2.21 -6.54 4.14
C LEU A 155 1.27 -7.66 3.65
N GLN A 156 1.05 -8.60 4.57
CA GLN A 156 0.20 -9.78 4.37
C GLN A 156 -1.21 -9.38 3.91
N MET A 157 -1.78 -8.39 4.61
CA MET A 157 -3.18 -7.95 4.41
C MET A 157 -3.35 -7.13 3.11
N LEU A 158 -2.30 -6.37 2.75
CA LEU A 158 -2.30 -5.46 1.58
C LEU A 158 -2.17 -6.25 0.27
N GLU A 159 -1.06 -7.00 0.15
CA GLU A 159 -0.73 -7.72 -1.09
C GLU A 159 -1.76 -8.83 -1.37
N LYS A 160 -2.31 -9.41 -0.29
CA LYS A 160 -3.40 -10.39 -0.39
C LYS A 160 -4.59 -9.73 -1.13
N LEU A 161 -5.07 -8.59 -0.60
CA LEU A 161 -6.23 -7.84 -1.16
C LEU A 161 -5.93 -7.32 -2.58
N ALA A 162 -4.68 -6.91 -2.80
CA ALA A 162 -4.21 -6.32 -4.07
C ALA A 162 -4.25 -7.33 -5.22
N LYS A 163 -4.14 -8.61 -4.85
CA LYS A 163 -4.12 -9.75 -5.79
C LYS A 163 -5.44 -10.55 -5.73
N ASP A 164 -6.21 -10.39 -4.63
CA ASP A 164 -7.47 -11.14 -4.38
C ASP A 164 -8.63 -10.45 -5.09
N ASP A 165 -8.83 -9.17 -4.77
CA ASP A 165 -9.94 -8.38 -5.31
C ASP A 165 -9.46 -6.96 -5.66
N ALA A 166 -9.32 -6.70 -6.97
CA ALA A 166 -8.82 -5.43 -7.51
C ALA A 166 -9.79 -4.25 -7.23
N GLU A 167 -11.11 -4.55 -7.10
CA GLU A 167 -12.14 -3.52 -6.87
C GLU A 167 -12.03 -2.92 -5.45
N LYS A 168 -11.84 -3.81 -4.46
CA LYS A 168 -11.68 -3.42 -3.06
C LYS A 168 -10.40 -2.61 -2.88
N TYR A 169 -9.31 -3.10 -3.48
CA TYR A 169 -8.00 -2.43 -3.37
C TYR A 169 -8.00 -1.10 -4.16
N GLN A 170 -8.86 -1.00 -5.19
CA GLN A 170 -9.07 0.27 -5.94
C GLN A 170 -9.69 1.33 -5.00
N THR A 171 -10.81 0.96 -4.37
CA THR A 171 -11.52 1.82 -3.41
C THR A 171 -10.59 2.24 -2.26
N PHE A 172 -9.90 1.26 -1.70
CA PHE A 172 -8.87 1.44 -0.66
C PHE A 172 -7.79 2.44 -1.11
N TRP A 173 -7.36 2.35 -2.37
CA TRP A 173 -6.29 3.20 -2.91
C TRP A 173 -6.79 4.64 -3.17
N GLN A 174 -8.10 4.80 -3.43
CA GLN A 174 -8.71 6.13 -3.64
C GLN A 174 -9.02 6.82 -2.29
N GLN A 175 -9.03 6.03 -1.19
CA GLN A 175 -9.30 6.52 0.18
C GLN A 175 -7.99 6.71 0.98
N PHE A 176 -7.02 5.78 0.79
CA PHE A 176 -5.82 5.64 1.66
C PHE A 176 -4.53 5.44 0.84
N GLY A 177 -4.63 5.61 -0.49
CA GLY A 177 -3.48 5.38 -1.38
C GLY A 177 -2.31 6.28 -1.06
N LEU A 178 -2.63 7.55 -0.78
CA LEU A 178 -1.65 8.63 -0.47
C LEU A 178 -0.70 8.22 0.68
N VAL A 179 -1.22 7.39 1.60
CA VAL A 179 -0.47 6.90 2.77
C VAL A 179 0.67 5.94 2.32
N LEU A 180 0.33 4.98 1.43
CA LEU A 180 1.27 3.96 0.92
C LEU A 180 2.33 4.53 -0.05
N LYS A 181 2.07 5.75 -0.58
CA LYS A 181 2.99 6.41 -1.55
C LYS A 181 4.23 7.00 -0.85
N GLU A 182 4.15 7.10 0.50
CA GLU A 182 5.31 7.42 1.34
C GLU A 182 6.29 6.23 1.35
N GLY A 183 5.73 5.00 1.17
CA GLY A 183 6.49 3.74 1.23
C GLY A 183 7.74 3.69 0.33
N PRO A 184 7.59 3.66 -1.03
CA PRO A 184 8.76 3.54 -1.96
C PRO A 184 9.73 4.73 -1.82
N ALA A 185 9.19 5.84 -1.31
CA ALA A 185 9.91 7.09 -1.06
C ALA A 185 10.69 7.05 0.26
N GLU A 186 10.23 6.23 1.19
CA GLU A 186 10.86 6.07 2.51
C GLU A 186 12.10 5.18 2.34
N ASP A 187 11.87 3.86 2.14
CA ASP A 187 12.95 2.86 2.03
C ASP A 187 12.87 2.15 0.66
N PHE A 188 13.87 2.46 -0.20
CA PHE A 188 14.01 1.88 -1.56
C PHE A 188 14.35 0.37 -1.52
N ALA A 189 14.93 -0.12 -0.39
CA ALA A 189 15.37 -1.53 -0.28
C ALA A 189 14.17 -2.51 -0.38
N ASN A 190 13.06 -2.15 0.29
CA ASN A 190 11.82 -2.96 0.30
C ASN A 190 10.72 -2.31 -0.58
N GLN A 191 11.16 -1.41 -1.50
CA GLN A 191 10.28 -0.76 -2.51
C GLN A 191 9.61 -1.82 -3.43
N GLU A 192 10.32 -2.93 -3.69
CA GLU A 192 9.90 -4.03 -4.58
C GLU A 192 8.50 -4.59 -4.21
N ALA A 193 8.26 -4.79 -2.89
CA ALA A 193 6.97 -5.30 -2.38
C ALA A 193 5.86 -4.22 -2.54
N ILE A 194 6.25 -2.96 -2.31
CA ILE A 194 5.31 -1.81 -2.29
C ILE A 194 5.01 -1.34 -3.73
N ALA A 195 5.88 -1.70 -4.69
CA ALA A 195 5.73 -1.35 -6.12
C ALA A 195 4.54 -2.11 -6.74
N LYS A 196 4.33 -3.32 -6.24
CA LYS A 196 3.17 -4.17 -6.56
C LYS A 196 1.88 -3.54 -5.95
N LEU A 197 2.05 -2.89 -4.78
CA LEU A 197 0.97 -2.21 -4.05
C LEU A 197 0.64 -0.84 -4.69
N LEU A 198 1.63 -0.23 -5.39
CA LEU A 198 1.45 1.07 -6.07
C LEU A 198 0.43 0.97 -7.22
N ARG A 199 -0.54 1.88 -7.22
CA ARG A 199 -1.55 2.01 -8.27
C ARG A 199 -1.56 3.46 -8.78
N PHE A 200 -1.55 3.63 -10.10
CA PHE A 200 -1.65 4.94 -10.76
C PHE A 200 -2.77 4.84 -11.80
N ALA A 201 -3.06 5.94 -12.48
CA ALA A 201 -3.88 5.88 -13.71
C ALA A 201 -2.93 5.70 -14.90
N SER A 202 -3.49 5.50 -16.10
CA SER A 202 -2.70 5.41 -17.34
C SER A 202 -3.62 5.48 -18.57
N THR A 203 -3.01 5.50 -19.75
CA THR A 203 -3.73 5.69 -21.02
C THR A 203 -4.63 4.47 -21.38
N HIS A 204 -4.41 3.31 -20.71
CA HIS A 204 -5.24 2.08 -20.92
C HIS A 204 -6.74 2.36 -20.63
N THR A 205 -7.00 3.34 -19.75
CA THR A 205 -8.34 3.78 -19.38
C THR A 205 -8.29 5.28 -19.08
N ASP A 206 -9.11 6.08 -19.78
CA ASP A 206 -9.13 7.56 -19.65
C ASP A 206 -9.99 8.03 -18.45
N SER A 207 -10.20 7.13 -17.48
CA SER A 207 -10.88 7.42 -16.21
C SER A 207 -9.85 7.64 -15.08
N SER A 208 -10.27 8.40 -14.04
CA SER A 208 -9.41 8.78 -12.89
C SER A 208 -9.18 7.59 -11.91
N ALA A 209 -9.82 6.44 -12.19
CA ALA A 209 -9.62 5.20 -11.43
C ALA A 209 -8.13 4.75 -11.50
N GLN A 210 -7.43 4.83 -10.34
CA GLN A 210 -6.02 4.42 -10.23
C GLN A 210 -5.94 2.89 -10.24
N THR A 211 -5.95 2.33 -11.46
CA THR A 211 -6.15 0.89 -11.73
C THR A 211 -4.80 0.18 -11.97
N VAL A 212 -3.92 0.81 -12.76
CA VAL A 212 -2.67 0.18 -13.24
C VAL A 212 -1.62 0.09 -12.11
N SER A 213 -0.86 -1.00 -12.09
CA SER A 213 0.27 -1.18 -11.17
C SER A 213 1.57 -1.18 -11.98
N LEU A 214 2.71 -1.13 -11.27
CA LEU A 214 4.04 -1.21 -11.90
C LEU A 214 4.29 -2.63 -12.45
N GLU A 215 3.81 -3.62 -11.69
CA GLU A 215 3.89 -5.04 -12.09
C GLU A 215 2.92 -5.33 -13.26
N ASP A 216 1.72 -4.73 -13.18
CA ASP A 216 0.70 -4.82 -14.26
C ASP A 216 1.23 -4.11 -15.53
N TYR A 217 2.07 -3.09 -15.35
CA TYR A 217 2.73 -2.37 -16.45
C TYR A 217 3.72 -3.30 -17.19
N VAL A 218 4.44 -4.14 -16.41
CA VAL A 218 5.37 -5.16 -16.97
C VAL A 218 4.57 -6.21 -17.76
N SER A 219 3.34 -6.50 -17.30
CA SER A 219 2.42 -7.43 -17.98
C SER A 219 1.87 -6.80 -19.29
N ARG A 220 1.67 -5.46 -19.26
CA ARG A 220 1.06 -4.70 -20.39
C ARG A 220 2.11 -4.21 -21.40
N MET A 221 3.39 -4.12 -21.00
CA MET A 221 4.45 -3.57 -21.87
C MET A 221 4.76 -4.55 -23.01
N LYS A 222 4.99 -3.98 -24.20
CA LYS A 222 5.29 -4.74 -25.41
C LYS A 222 6.82 -4.76 -25.62
N GLU A 223 7.28 -5.61 -26.54
CA GLU A 223 8.71 -5.82 -26.80
C GLU A 223 9.38 -4.53 -27.33
N GLY A 224 10.61 -4.28 -26.86
CA GLY A 224 11.34 -3.04 -27.20
C GLY A 224 11.19 -1.96 -26.13
N GLN A 225 10.16 -2.10 -25.26
CA GLN A 225 9.85 -1.11 -24.21
C GLN A 225 10.77 -1.35 -22.99
N GLU A 226 11.85 -0.55 -22.92
CA GLU A 226 12.96 -0.73 -21.97
C GLU A 226 12.66 -0.08 -20.60
N LYS A 227 11.89 1.02 -20.62
CA LYS A 227 11.65 1.84 -19.42
C LYS A 227 10.15 2.02 -19.13
N ILE A 228 9.88 2.38 -17.88
CA ILE A 228 8.53 2.63 -17.37
C ILE A 228 8.22 4.13 -17.46
N TYR A 229 7.44 4.50 -18.48
CA TYR A 229 7.17 5.90 -18.83
C TYR A 229 6.04 6.47 -17.96
N TYR A 230 6.25 7.69 -17.45
CA TYR A 230 5.28 8.42 -16.64
C TYR A 230 4.93 9.77 -17.29
N ILE A 231 3.74 10.24 -16.94
CA ILE A 231 3.27 11.60 -17.13
C ILE A 231 2.97 12.14 -15.74
N THR A 232 3.69 13.17 -15.33
CA THR A 232 3.49 13.81 -14.04
C THR A 232 2.89 15.20 -14.26
N ALA A 233 1.66 15.40 -13.76
CA ALA A 233 0.89 16.63 -13.94
C ALA A 233 0.30 17.08 -12.60
N ASP A 234 -0.26 18.29 -12.61
CA ASP A 234 -0.93 18.90 -11.43
C ASP A 234 -2.18 18.11 -11.02
N SER A 235 -2.95 17.67 -12.03
CA SER A 235 -4.24 16.99 -11.83
C SER A 235 -4.58 16.14 -13.06
N TYR A 236 -5.59 15.26 -12.91
CA TYR A 236 -6.02 14.35 -14.00
C TYR A 236 -6.82 15.11 -15.07
N ALA A 237 -7.49 16.18 -14.64
CA ALA A 237 -8.22 17.08 -15.53
C ALA A 237 -7.24 17.90 -16.39
N ALA A 238 -6.04 18.16 -15.82
CA ALA A 238 -4.93 18.82 -16.54
C ALA A 238 -4.13 17.82 -17.39
N ALA A 239 -4.07 16.56 -16.95
CA ALA A 239 -3.28 15.50 -17.62
C ALA A 239 -4.04 14.92 -18.80
N LYS A 240 -5.16 14.25 -18.51
CA LYS A 240 -5.94 13.46 -19.47
C LYS A 240 -6.54 14.33 -20.60
N SER A 241 -6.69 15.66 -20.36
CA SER A 241 -7.23 16.61 -21.33
C SER A 241 -6.36 16.73 -22.59
N SER A 242 -5.06 16.36 -22.47
CA SER A 242 -4.18 16.19 -23.63
C SER A 242 -4.66 14.97 -24.45
N PRO A 243 -5.18 15.18 -25.71
CA PRO A 243 -5.70 14.08 -26.57
C PRO A 243 -4.56 13.21 -27.14
N HIS A 244 -3.32 13.72 -27.06
CA HIS A 244 -2.12 13.07 -27.61
C HIS A 244 -1.73 11.83 -26.79
N LEU A 245 -2.20 11.76 -25.53
CA LEU A 245 -2.11 10.56 -24.69
C LEU A 245 -2.85 9.38 -25.35
N GLU A 246 -4.10 9.66 -25.72
CA GLU A 246 -5.03 8.67 -26.30
C GLU A 246 -4.69 8.41 -27.78
N LEU A 247 -3.89 9.32 -28.39
CA LEU A 247 -3.34 9.15 -29.75
C LEU A 247 -2.17 8.15 -29.71
N LEU A 248 -1.32 8.25 -28.68
CA LEU A 248 -0.20 7.30 -28.45
C LEU A 248 -0.76 5.91 -28.06
N ARG A 249 -1.86 5.91 -27.31
CA ARG A 249 -2.57 4.68 -26.93
C ARG A 249 -3.29 4.09 -28.15
N LYS A 250 -3.79 4.97 -29.06
CA LYS A 250 -4.39 4.56 -30.33
C LYS A 250 -3.33 3.84 -31.20
N LYS A 251 -2.10 4.39 -31.15
CA LYS A 251 -0.91 3.80 -31.84
C LYS A 251 -0.53 2.46 -31.18
N GLY A 252 -0.83 2.33 -29.86
CA GLY A 252 -0.64 1.08 -29.13
C GLY A 252 0.59 1.06 -28.23
N ILE A 253 0.85 2.17 -27.51
CA ILE A 253 1.88 2.21 -26.44
C ILE A 253 1.18 2.55 -25.11
N GLU A 254 1.85 2.29 -23.98
CA GLU A 254 1.29 2.55 -22.63
C GLU A 254 2.04 3.73 -21.99
N VAL A 255 1.27 4.68 -21.44
CA VAL A 255 1.81 5.85 -20.73
C VAL A 255 1.07 6.00 -19.38
N LEU A 256 1.81 6.01 -18.27
CA LEU A 256 1.22 6.16 -16.91
C LEU A 256 0.82 7.62 -16.64
N LEU A 257 -0.40 7.83 -16.09
CA LEU A 257 -0.93 9.17 -15.75
C LEU A 257 -0.93 9.37 -14.23
N LEU A 258 -0.07 10.28 -13.77
CA LEU A 258 0.16 10.61 -12.35
C LEU A 258 -0.39 12.01 -12.09
N SER A 259 -1.31 12.16 -11.12
CA SER A 259 -2.13 13.37 -10.97
C SER A 259 -2.16 13.90 -9.51
N ASP A 260 -1.24 13.39 -8.68
CA ASP A 260 -1.16 13.73 -7.25
C ASP A 260 0.15 14.52 -6.97
N ARG A 261 0.32 15.04 -5.74
CA ARG A 261 1.50 15.86 -5.37
C ARG A 261 2.74 15.02 -4.96
N ILE A 262 2.54 13.92 -4.18
CA ILE A 262 3.67 13.27 -3.45
C ILE A 262 4.59 12.41 -4.36
N ASP A 263 4.12 12.10 -5.59
CA ASP A 263 4.84 11.20 -6.54
C ASP A 263 6.23 11.77 -6.88
N GLU A 264 6.39 13.11 -6.81
CA GLU A 264 7.69 13.78 -6.96
C GLU A 264 8.73 13.16 -6.02
N TRP A 265 8.46 13.24 -4.71
CA TRP A 265 9.37 12.74 -3.66
C TRP A 265 9.61 11.22 -3.84
N MET A 266 8.55 10.51 -4.25
CA MET A 266 8.58 9.05 -4.44
C MET A 266 9.47 8.65 -5.64
N MET A 267 9.48 9.50 -6.69
CA MET A 267 10.25 9.24 -7.92
C MET A 267 11.76 9.50 -7.75
N ASN A 268 12.15 10.22 -6.68
CA ASN A 268 13.57 10.38 -6.30
C ASN A 268 14.18 9.03 -5.91
N TYR A 269 13.31 8.12 -5.42
CA TYR A 269 13.70 6.78 -4.97
C TYR A 269 13.31 5.72 -6.01
N LEU A 270 12.23 5.99 -6.79
CA LEU A 270 11.84 5.14 -7.92
C LEU A 270 12.87 5.32 -9.07
N THR A 271 13.99 4.61 -8.95
CA THR A 271 15.05 4.55 -9.97
C THR A 271 14.85 3.35 -10.90
N GLU A 272 14.52 2.18 -10.32
CA GLU A 272 14.37 0.91 -11.07
C GLU A 272 13.34 -0.03 -10.38
N PHE A 273 12.66 -0.83 -11.22
CA PHE A 273 11.78 -1.95 -10.80
C PHE A 273 11.83 -3.03 -11.88
N ASP A 274 12.03 -4.30 -11.48
CA ASP A 274 11.98 -5.49 -12.38
C ASP A 274 13.12 -5.42 -13.45
N GLY A 275 14.25 -4.78 -13.08
CA GLY A 275 15.40 -4.61 -13.99
C GLY A 275 15.15 -3.55 -15.08
N LYS A 276 14.08 -2.76 -14.90
CA LYS A 276 13.64 -1.73 -15.85
C LYS A 276 13.60 -0.38 -15.14
N PRO A 277 14.46 0.61 -15.53
CA PRO A 277 14.47 1.93 -14.90
C PRO A 277 13.23 2.76 -15.31
N PHE A 278 12.93 3.78 -14.50
CA PHE A 278 11.78 4.66 -14.72
C PHE A 278 12.20 5.90 -15.53
N GLN A 279 11.23 6.53 -16.21
CA GLN A 279 11.45 7.80 -16.93
C GLN A 279 10.12 8.57 -17.00
N SER A 280 10.02 9.64 -16.21
CA SER A 280 8.90 10.59 -16.28
C SER A 280 9.21 11.67 -17.31
N VAL A 281 8.18 12.20 -17.96
CA VAL A 281 8.30 13.27 -18.97
C VAL A 281 8.99 14.55 -18.39
N SER A 282 8.77 14.80 -17.09
CA SER A 282 9.24 16.03 -16.41
C SER A 282 10.68 15.87 -15.86
N LYS A 283 11.24 14.64 -15.90
CA LYS A 283 12.62 14.34 -15.43
C LYS A 283 13.35 13.42 -16.42
N VAL A 284 14.56 13.00 -16.02
CA VAL A 284 15.38 12.01 -16.73
C VAL A 284 15.94 10.99 -15.74
N ASP A 285 16.38 9.84 -16.27
CA ASP A 285 17.03 8.77 -15.49
C ASP A 285 18.50 8.64 -15.95
N GLU A 286 19.27 7.83 -15.21
CA GLU A 286 20.64 7.42 -15.58
C GLU A 286 20.60 6.33 -16.69
N SER A 287 19.69 6.47 -17.69
CA SER A 287 19.42 5.45 -18.73
C SER A 287 20.67 5.12 -19.55
N LEU A 288 21.55 6.13 -19.73
CA LEU A 288 22.83 5.96 -20.46
C LEU A 288 23.78 5.05 -19.65
N GLU A 289 23.68 5.15 -18.32
CA GLU A 289 24.56 4.41 -17.39
C GLU A 289 23.94 3.05 -16.99
N LYS A 290 22.62 2.87 -17.21
CA LYS A 290 21.97 1.54 -17.10
C LYS A 290 22.42 0.65 -18.27
N LEU A 291 22.64 1.29 -19.43
CA LEU A 291 23.04 0.59 -20.67
C LEU A 291 24.57 0.56 -20.84
N ALA A 292 25.28 1.45 -20.12
CA ALA A 292 26.76 1.51 -20.15
C ALA A 292 27.36 0.22 -19.54
N MET B 17 20.52 11.07 -24.41
CA MET B 17 20.37 11.74 -23.11
C MET B 17 19.23 12.75 -23.18
N ALA B 18 18.42 12.83 -22.10
CA ALA B 18 17.25 13.74 -22.00
C ALA B 18 16.14 13.38 -23.00
N THR B 19 16.22 12.16 -23.54
CA THR B 19 15.28 11.66 -24.55
C THR B 19 14.12 10.89 -23.87
N SER B 20 12.90 11.41 -24.04
CA SER B 20 11.67 10.79 -23.49
C SER B 20 11.04 9.77 -24.47
N THR B 21 11.86 9.31 -25.45
CA THR B 21 11.55 8.23 -26.41
C THR B 21 10.41 8.65 -27.39
N LEU B 22 9.16 8.57 -26.92
CA LEU B 22 7.97 8.87 -27.74
C LEU B 22 7.03 9.83 -27.00
N ILE B 23 7.01 9.71 -25.65
CA ILE B 23 6.01 10.41 -24.82
C ILE B 23 6.33 11.93 -24.71
N LYS B 24 5.54 12.70 -25.45
CA LYS B 24 5.42 14.15 -25.29
C LYS B 24 3.93 14.47 -25.36
N ALA B 25 3.32 14.76 -24.20
CA ALA B 25 1.90 15.14 -24.11
C ALA B 25 1.77 16.25 -23.06
N ILE B 26 1.93 15.89 -21.78
CA ILE B 26 2.03 16.85 -20.68
C ILE B 26 3.51 17.19 -20.53
N ASP B 27 3.92 18.24 -21.24
CA ASP B 27 5.34 18.60 -21.39
C ASP B 27 5.46 20.11 -21.60
N GLY B 28 6.67 20.65 -21.40
CA GLY B 28 6.94 22.07 -21.59
C GLY B 28 8.15 22.54 -20.80
N ASP B 29 8.35 23.86 -20.76
CA ASP B 29 9.35 24.49 -19.88
C ASP B 29 8.89 24.40 -18.41
N THR B 30 7.57 24.34 -18.22
CA THR B 30 6.91 24.29 -16.91
C THR B 30 6.77 22.84 -16.37
N VAL B 31 7.80 22.01 -16.63
CA VAL B 31 7.83 20.60 -16.16
C VAL B 31 8.34 20.47 -14.71
N LYS B 32 7.86 21.37 -13.83
CA LYS B 32 8.02 21.22 -12.37
C LYS B 32 7.19 20.02 -11.93
N LEU B 33 7.87 18.87 -11.79
CA LEU B 33 7.24 17.58 -11.49
C LEU B 33 6.52 17.67 -10.14
N MET B 34 5.20 17.99 -10.22
CA MET B 34 4.29 18.07 -9.05
C MET B 34 4.77 19.11 -8.01
N TYR B 35 5.45 20.15 -8.54
CA TYR B 35 5.97 21.30 -7.78
C TYR B 35 7.14 20.89 -6.87
N LYS B 36 6.82 20.29 -5.70
CA LYS B 36 7.80 19.91 -4.68
C LYS B 36 7.15 19.01 -3.62
N GLY B 37 7.28 17.69 -3.82
CA GLY B 37 7.00 16.70 -2.79
C GLY B 37 8.18 16.63 -1.84
N GLN B 38 7.98 17.00 -0.57
CA GLN B 38 9.07 17.10 0.44
C GLN B 38 9.11 15.86 1.36
N PRO B 39 10.33 15.47 1.89
CA PRO B 39 10.46 14.40 2.92
C PRO B 39 9.79 14.83 4.25
N MET B 40 9.13 13.87 4.92
CA MET B 40 8.33 14.13 6.14
C MET B 40 8.27 12.85 7.00
N THR B 41 9.27 11.97 6.83
CA THR B 41 9.20 10.57 7.29
C THR B 41 10.44 10.17 8.10
N PHE B 42 10.23 9.21 9.03
CA PHE B 42 11.31 8.47 9.73
C PHE B 42 11.67 7.19 8.91
N ARG B 43 12.26 6.12 9.52
CA ARG B 43 12.55 4.87 8.79
C ARG B 43 11.87 3.65 9.42
N LEU B 44 10.84 3.11 8.73
CA LEU B 44 10.14 1.89 9.11
C LEU B 44 9.25 1.45 7.92
N LEU B 45 9.57 0.30 7.32
CA LEU B 45 8.71 -0.34 6.29
C LEU B 45 8.70 -1.86 6.45
N LEU B 46 8.18 -2.54 5.40
CA LEU B 46 8.02 -3.99 5.31
C LEU B 46 9.38 -4.69 5.49
N VAL B 47 9.73 -4.98 6.76
CA VAL B 47 11.05 -5.54 7.17
C VAL B 47 11.45 -6.80 6.35
N ASP B 48 10.52 -7.77 6.28
CA ASP B 48 10.71 -9.03 5.53
C ASP B 48 10.06 -8.90 4.14
N THR B 49 10.78 -9.36 3.10
CA THR B 49 10.31 -9.37 1.71
C THR B 49 10.96 -10.57 0.98
N PRO B 50 10.18 -11.45 0.29
CA PRO B 50 10.74 -12.60 -0.49
C PRO B 50 11.31 -12.19 -1.87
N GLU B 51 11.78 -10.91 -1.96
CA GLU B 51 12.39 -10.28 -3.15
C GLU B 51 11.68 -10.67 -4.48
N THR B 52 12.35 -11.45 -5.35
CA THR B 52 11.73 -12.10 -6.52
C THR B 52 12.24 -13.56 -6.63
N LYS B 53 13.17 -13.93 -5.71
CA LYS B 53 13.81 -15.25 -5.66
C LYS B 53 12.84 -16.25 -4.99
N HIS B 54 12.22 -17.11 -5.81
CA HIS B 54 11.13 -18.01 -5.39
C HIS B 54 9.99 -17.16 -4.75
N PRO B 55 9.23 -16.39 -5.59
CA PRO B 55 8.32 -15.30 -5.12
C PRO B 55 7.15 -15.77 -4.22
N LYS B 56 6.91 -17.11 -4.17
CA LYS B 56 5.91 -17.78 -3.26
C LYS B 56 4.44 -17.53 -3.69
N LYS B 57 4.21 -16.54 -4.57
CA LYS B 57 2.88 -16.13 -5.02
C LYS B 57 2.30 -17.15 -6.03
N GLY B 58 3.16 -18.07 -6.53
CA GLY B 58 2.74 -19.18 -7.36
C GLY B 58 1.77 -20.10 -6.62
N VAL B 59 0.47 -19.75 -6.69
CA VAL B 59 -0.61 -20.41 -5.97
C VAL B 59 -0.80 -21.86 -6.49
N GLU B 60 -1.41 -22.73 -5.66
CA GLU B 60 -1.63 -24.17 -5.99
C GLU B 60 -2.86 -24.34 -6.94
N LYS B 61 -3.21 -23.27 -7.71
CA LYS B 61 -4.37 -23.24 -8.61
C LYS B 61 -3.92 -22.97 -10.06
N TYR B 62 -4.52 -23.70 -11.02
CA TYR B 62 -4.42 -23.47 -12.47
C TYR B 62 -3.02 -23.85 -13.06
N GLY B 63 -1.98 -23.05 -12.76
CA GLY B 63 -0.62 -23.31 -13.28
C GLY B 63 0.37 -22.23 -12.86
N PRO B 64 1.71 -22.57 -12.71
CA PRO B 64 2.77 -21.60 -12.32
C PRO B 64 2.90 -20.41 -13.29
N GLU B 65 2.86 -20.69 -14.60
CA GLU B 65 3.11 -19.67 -15.64
C GLU B 65 1.86 -18.82 -15.91
N ALA B 66 0.72 -19.51 -16.20
CA ALA B 66 -0.58 -18.86 -16.51
C ALA B 66 -0.45 -17.82 -17.66
N SER B 67 0.46 -18.11 -18.60
CA SER B 67 0.80 -17.23 -19.72
C SER B 67 -0.10 -17.52 -20.94
N ALA B 68 -1.20 -16.74 -21.05
CA ALA B 68 -2.14 -16.75 -22.19
C ALA B 68 -2.87 -18.11 -22.34
N PHE B 69 -2.19 -19.10 -22.96
CA PHE B 69 -2.78 -20.41 -23.29
C PHE B 69 -2.17 -21.53 -22.42
N THR B 70 -1.71 -21.17 -21.21
CA THR B 70 -1.14 -22.12 -20.23
C THR B 70 -2.27 -22.75 -19.37
N LYS B 71 -3.26 -23.35 -20.06
CA LYS B 71 -4.34 -24.10 -19.41
C LYS B 71 -3.90 -25.57 -19.33
N LYS B 72 -2.83 -25.78 -18.53
CA LYS B 72 -2.08 -27.03 -18.48
C LYS B 72 -1.48 -27.33 -19.88
N MET B 73 -2.28 -27.98 -20.74
CA MET B 73 -1.93 -28.34 -22.12
C MET B 73 -3.08 -29.19 -22.66
N VAL B 74 -3.25 -30.37 -22.04
CA VAL B 74 -4.27 -31.40 -22.35
C VAL B 74 -4.09 -31.96 -23.79
N GLU B 75 -4.41 -31.15 -24.80
CA GLU B 75 -4.29 -31.55 -26.23
C GLU B 75 -4.00 -30.30 -27.11
N ASN B 76 -3.89 -29.13 -26.48
CA ASN B 76 -3.78 -27.83 -27.17
C ASN B 76 -2.46 -27.13 -26.77
N ALA B 77 -1.43 -27.27 -27.63
CA ALA B 77 -0.10 -26.66 -27.46
C ALA B 77 0.68 -26.76 -28.79
N ALA A 28 -21.04 -11.98 25.37
CA ALA A 28 -20.21 -11.10 26.24
C ALA A 28 -18.81 -11.70 26.43
N GLN A 29 -17.93 -11.48 25.43
CA GLN A 29 -16.52 -11.96 25.47
C GLN A 29 -15.66 -11.13 24.50
N ALA A 30 -14.35 -11.06 24.81
CA ALA A 30 -13.33 -10.50 23.91
C ALA A 30 -13.28 -11.29 22.59
N LEU A 31 -13.83 -10.71 21.51
CA LEU A 31 -13.84 -11.32 20.17
C LEU A 31 -12.42 -11.37 19.60
N TRP A 32 -11.59 -10.36 19.97
CA TRP A 32 -10.21 -10.26 19.47
C TRP A 32 -9.32 -11.42 19.95
N THR A 33 -9.55 -11.90 21.19
CA THR A 33 -8.71 -12.95 21.81
C THR A 33 -9.11 -14.35 21.29
N ARG A 34 -10.34 -14.46 20.75
CA ARG A 34 -10.87 -15.73 20.21
C ARG A 34 -10.02 -16.19 19.02
N ASN A 35 -9.88 -17.52 18.86
CA ASN A 35 -9.06 -18.11 17.80
C ASN A 35 -9.73 -17.88 16.43
N LYS A 36 -8.91 -17.90 15.36
CA LYS A 36 -9.37 -17.67 13.98
C LYS A 36 -10.45 -18.69 13.56
N SER A 37 -10.32 -19.93 14.06
CA SER A 37 -11.26 -21.02 13.80
C SER A 37 -12.65 -20.75 14.42
N GLU A 38 -12.66 -19.97 15.53
CA GLU A 38 -13.90 -19.62 16.27
C GLU A 38 -14.71 -18.52 15.56
N ILE A 39 -14.02 -17.72 14.74
CA ILE A 39 -14.58 -16.49 14.17
C ILE A 39 -14.77 -16.65 12.66
N THR A 40 -16.00 -16.44 12.18
CA THR A 40 -16.29 -16.41 10.73
C THR A 40 -16.29 -14.95 10.22
N ASP A 41 -16.36 -14.82 8.89
CA ASP A 41 -16.31 -13.53 8.14
C ASP A 41 -17.36 -12.50 8.68
N GLU A 42 -18.50 -13.02 9.14
CA GLU A 42 -19.63 -12.23 9.67
C GLU A 42 -19.22 -11.40 10.91
N GLU A 43 -18.49 -12.04 11.85
CA GLU A 43 -17.99 -11.36 13.07
C GLU A 43 -16.94 -10.31 12.71
N TYR A 44 -16.08 -10.61 11.72
CA TYR A 44 -15.03 -9.67 11.29
C TYR A 44 -15.65 -8.39 10.67
N LYS A 45 -16.83 -8.53 10.04
CA LYS A 45 -17.54 -7.39 9.44
C LYS A 45 -18.14 -6.47 10.51
N GLU A 46 -18.78 -7.08 11.50
CA GLU A 46 -19.50 -6.37 12.57
C GLU A 46 -18.53 -5.76 13.60
N PHE A 47 -17.52 -6.55 13.99
CA PHE A 47 -16.53 -6.15 15.00
C PHE A 47 -15.73 -4.95 14.51
N TYR A 48 -15.35 -4.99 13.21
CA TYR A 48 -14.68 -3.86 12.51
C TYR A 48 -15.42 -2.52 12.75
N LYS A 49 -16.74 -2.52 12.51
CA LYS A 49 -17.59 -1.32 12.66
C LYS A 49 -17.48 -0.74 14.08
N HIS A 50 -17.61 -1.64 15.05
CA HIS A 50 -17.69 -1.29 16.47
C HIS A 50 -16.32 -0.79 17.01
N ILE A 51 -15.21 -1.33 16.47
CA ILE A 51 -13.86 -1.01 16.97
C ILE A 51 -13.27 0.24 16.27
N ALA A 52 -13.68 0.47 15.02
CA ALA A 52 -13.17 1.59 14.17
C ALA A 52 -14.14 2.79 14.18
N HIS A 53 -15.32 2.61 14.83
CA HIS A 53 -16.41 3.62 14.90
C HIS A 53 -17.00 3.90 13.50
N ASP A 54 -16.93 2.87 12.63
CA ASP A 54 -17.40 2.94 11.24
C ASP A 54 -18.71 2.14 11.09
N PHE A 55 -19.32 2.17 9.90
CA PHE A 55 -20.63 1.52 9.64
C PHE A 55 -20.63 0.73 8.33
N ASN A 56 -19.55 0.84 7.57
CA ASN A 56 -19.35 0.09 6.34
C ASN A 56 -18.70 -1.27 6.70
N ASP A 57 -18.66 -2.19 5.74
CA ASP A 57 -18.00 -3.50 5.89
C ASP A 57 -16.51 -3.39 5.52
N PRO A 58 -15.59 -4.23 6.13
CA PRO A 58 -14.15 -4.21 5.79
C PRO A 58 -13.86 -4.92 4.46
N LEU A 59 -12.75 -4.55 3.84
CA LEU A 59 -12.27 -5.16 2.60
C LEU A 59 -11.48 -6.44 2.94
N THR A 60 -10.72 -6.39 4.03
CA THR A 60 -10.02 -7.56 4.60
C THR A 60 -9.57 -7.27 6.05
N TRP A 61 -8.88 -8.26 6.66
CA TRP A 61 -8.39 -8.19 8.04
C TRP A 61 -7.08 -9.01 8.16
N SER A 62 -6.46 -8.95 9.34
CA SER A 62 -5.27 -9.73 9.65
C SER A 62 -5.30 -10.10 11.15
N HIS A 63 -5.86 -11.28 11.45
CA HIS A 63 -5.93 -11.80 12.82
C HIS A 63 -4.76 -12.75 13.05
N ASN A 64 -3.75 -12.27 13.78
CA ASN A 64 -2.59 -13.07 14.22
C ASN A 64 -2.49 -13.00 15.75
N ARG A 65 -2.38 -14.16 16.41
CA ARG A 65 -2.04 -14.23 17.84
C ARG A 65 -0.60 -14.76 17.97
N VAL A 66 0.17 -14.10 18.83
CA VAL A 66 1.59 -14.40 19.05
C VAL A 66 1.80 -14.80 20.52
N GLU A 67 2.57 -15.87 20.75
CA GLU A 67 2.74 -16.48 22.08
C GLU A 67 4.22 -16.59 22.47
N GLY A 68 4.49 -16.52 23.78
CA GLY A 68 5.84 -16.65 24.32
C GLY A 68 6.13 -15.56 25.32
N LYS A 69 7.32 -14.92 25.20
CA LYS A 69 7.66 -13.71 25.95
C LYS A 69 6.69 -12.60 25.53
N GLN A 70 6.67 -12.30 24.21
CA GLN A 70 5.74 -11.31 23.63
C GLN A 70 4.35 -11.94 23.47
N GLU A 71 3.61 -11.92 24.57
CA GLU A 71 2.22 -12.34 24.64
C GLU A 71 1.34 -11.19 24.16
N TYR A 72 0.79 -11.34 22.94
CA TYR A 72 -0.16 -10.37 22.38
C TYR A 72 -1.00 -10.97 21.26
N THR A 73 -2.24 -10.50 21.13
CA THR A 73 -3.12 -10.79 19.99
C THR A 73 -3.29 -9.52 19.15
N SER A 74 -2.83 -9.55 17.90
CA SER A 74 -2.98 -8.42 16.97
C SER A 74 -4.12 -8.71 15.97
N LEU A 75 -5.10 -7.79 15.89
CA LEU A 75 -6.24 -7.91 14.97
C LEU A 75 -6.37 -6.60 14.18
N LEU A 76 -5.88 -6.63 12.95
CA LEU A 76 -5.88 -5.49 12.02
C LEU A 76 -7.10 -5.60 11.08
N TYR A 77 -7.54 -4.45 10.53
CA TYR A 77 -8.61 -4.40 9.51
C TYR A 77 -8.23 -3.37 8.43
N ILE A 78 -8.74 -3.58 7.21
CA ILE A 78 -8.66 -2.62 6.11
C ILE A 78 -10.06 -2.01 5.88
N PRO A 79 -10.22 -0.68 6.17
CA PRO A 79 -11.51 0.04 5.95
C PRO A 79 -11.87 0.19 4.46
N SER A 80 -13.19 0.24 4.17
CA SER A 80 -13.70 0.49 2.80
C SER A 80 -13.94 1.98 2.56
N GLN A 81 -13.95 2.76 3.65
CA GLN A 81 -14.20 4.20 3.63
C GLN A 81 -13.04 4.93 4.33
N ALA A 82 -12.54 6.00 3.70
CA ALA A 82 -11.49 6.85 4.28
C ALA A 82 -12.10 7.83 5.29
N PRO A 83 -11.71 7.76 6.61
CA PRO A 83 -12.08 8.80 7.58
C PRO A 83 -11.41 10.14 7.24
N TRP A 84 -12.05 11.25 7.63
CA TRP A 84 -11.58 12.62 7.32
C TRP A 84 -10.20 12.88 7.98
N ASP A 85 -10.07 12.46 9.25
CA ASP A 85 -8.85 12.69 10.07
C ASP A 85 -7.72 11.71 9.72
N MET A 86 -7.88 10.95 8.63
CA MET A 86 -6.79 10.16 8.02
C MET A 86 -5.72 11.14 7.46
N TRP A 87 -6.18 12.34 7.02
CA TRP A 87 -5.31 13.37 6.43
C TRP A 87 -5.10 14.55 7.39
N ASN A 88 -5.53 14.37 8.65
CA ASN A 88 -5.44 15.40 9.70
C ASN A 88 -4.49 14.94 10.82
N ARG A 89 -4.01 15.90 11.65
CA ARG A 89 -3.12 15.59 12.78
C ARG A 89 -3.93 15.00 13.98
N ASP A 90 -5.27 15.17 13.93
CA ASP A 90 -6.20 14.56 14.91
C ASP A 90 -6.33 13.05 14.68
N HIS A 91 -6.68 12.31 15.75
CA HIS A 91 -6.67 10.84 15.71
C HIS A 91 -8.01 10.26 15.22
N LYS A 92 -7.88 9.23 14.36
CA LYS A 92 -8.93 8.29 13.93
C LYS A 92 -8.25 6.98 13.55
N HIS A 93 -7.12 7.16 12.85
CA HIS A 93 -6.20 6.08 12.51
C HIS A 93 -5.46 5.55 13.75
N GLY A 94 -4.91 4.32 13.64
CA GLY A 94 -4.27 3.64 14.77
C GLY A 94 -5.13 2.48 15.28
N LEU A 95 -4.74 1.92 16.45
CA LEU A 95 -5.39 0.71 17.01
C LEU A 95 -5.93 0.99 18.42
N LYS A 96 -6.87 0.17 18.91
CA LYS A 96 -7.33 0.25 20.31
C LYS A 96 -6.30 -0.46 21.21
N LEU A 97 -5.64 0.29 22.09
CA LEU A 97 -4.66 -0.26 23.03
C LEU A 97 -5.37 -1.01 24.18
N TYR A 98 -5.33 -2.35 24.12
CA TYR A 98 -5.70 -3.22 25.24
C TYR A 98 -4.43 -3.84 25.81
N VAL A 99 -4.37 -3.95 27.14
CA VAL A 99 -3.33 -4.69 27.86
C VAL A 99 -4.02 -5.56 28.91
N GLN A 100 -3.86 -6.90 28.80
CA GLN A 100 -4.53 -7.88 29.68
C GLN A 100 -6.07 -7.79 29.50
N ARG A 101 -6.46 -7.43 28.25
CA ARG A 101 -7.86 -7.21 27.79
C ARG A 101 -8.48 -5.94 28.40
N VAL A 102 -7.68 -5.15 29.11
CA VAL A 102 -8.11 -3.91 29.75
C VAL A 102 -7.86 -2.75 28.79
N PHE A 103 -8.93 -2.06 28.39
CA PHE A 103 -8.85 -0.86 27.55
C PHE A 103 -8.08 0.25 28.28
N ILE A 104 -6.98 0.69 27.68
CA ILE A 104 -6.13 1.75 28.22
C ILE A 104 -6.50 3.05 27.50
N MET A 105 -6.39 3.01 26.16
CA MET A 105 -6.79 4.11 25.28
C MET A 105 -7.07 3.58 23.87
N ASP A 106 -7.61 4.44 23.01
CA ASP A 106 -7.88 4.13 21.60
C ASP A 106 -6.92 4.95 20.71
N ASP A 107 -6.88 4.64 19.40
CA ASP A 107 -6.20 5.46 18.36
C ASP A 107 -4.66 5.50 18.56
N ALA A 108 -4.13 4.42 19.15
CA ALA A 108 -2.70 4.25 19.42
C ALA A 108 -1.92 3.97 18.12
N GLU A 109 -1.21 5.00 17.64
CA GLU A 109 -0.46 4.99 16.36
C GLU A 109 1.00 4.50 16.54
N GLN A 110 1.36 4.10 17.76
CA GLN A 110 2.68 3.51 18.05
C GLN A 110 2.76 2.02 17.65
N PHE A 111 1.62 1.43 17.22
CA PHE A 111 1.58 0.03 16.73
C PHE A 111 1.56 -0.02 15.18
N MET A 112 1.32 1.14 14.53
CA MET A 112 1.39 1.27 13.04
C MET A 112 2.04 2.61 12.66
N PRO A 113 3.17 2.65 11.85
CA PRO A 113 3.81 3.92 11.44
C PRO A 113 2.89 4.78 10.55
N ASN A 114 3.31 6.03 10.26
CA ASN A 114 2.46 7.01 9.54
C ASN A 114 2.23 6.59 8.06
N TYR A 115 3.05 5.64 7.59
CA TYR A 115 2.98 5.11 6.21
C TYR A 115 1.98 3.94 6.16
N LEU A 116 1.71 3.34 7.34
CA LEU A 116 0.78 2.20 7.48
C LEU A 116 -0.43 2.57 8.36
N ARG A 117 -0.59 3.88 8.71
CA ARG A 117 -1.68 4.32 9.61
C ARG A 117 -3.09 4.16 8.98
N PHE A 118 -3.13 3.82 7.68
CA PHE A 118 -4.38 3.52 6.96
C PHE A 118 -5.10 2.30 7.59
N VAL A 119 -4.30 1.41 8.21
CA VAL A 119 -4.81 0.26 8.97
C VAL A 119 -5.54 0.76 10.24
N ARG A 120 -6.75 0.23 10.46
CA ARG A 120 -7.53 0.50 11.67
C ARG A 120 -7.89 -0.86 12.28
N GLY A 121 -7.84 -0.96 13.62
CA GLY A 121 -8.10 -2.21 14.30
C GLY A 121 -7.84 -2.10 15.79
N LEU A 122 -7.24 -3.14 16.38
CA LEU A 122 -6.95 -3.23 17.82
C LEU A 122 -5.84 -4.25 18.09
N ILE A 123 -5.19 -4.12 19.26
CA ILE A 123 -4.12 -5.01 19.69
C ILE A 123 -4.15 -5.11 21.24
N ASP A 124 -4.20 -6.36 21.72
CA ASP A 124 -4.13 -6.69 23.16
C ASP A 124 -2.76 -7.28 23.45
N SER A 125 -2.11 -6.84 24.53
CA SER A 125 -0.82 -7.39 24.97
C SER A 125 -0.87 -7.76 26.45
N SER A 126 -0.54 -9.02 26.76
CA SER A 126 -0.36 -9.48 28.15
C SER A 126 1.14 -9.33 28.57
N ASP A 127 2.00 -8.95 27.60
CA ASP A 127 3.46 -8.76 27.80
C ASP A 127 3.76 -7.34 28.31
N LEU A 128 3.24 -6.34 27.57
CA LEU A 128 3.41 -4.90 27.89
C LEU A 128 2.75 -4.57 29.25
N PRO A 129 3.28 -3.55 30.03
CA PRO A 129 2.73 -3.17 31.36
C PRO A 129 1.28 -2.67 31.28
N LEU A 130 0.49 -2.94 32.32
CA LEU A 130 -0.89 -2.46 32.44
C LEU A 130 -0.90 -0.92 32.65
N ASN A 131 0.20 -0.42 33.25
CA ASN A 131 0.42 1.02 33.52
C ASN A 131 1.03 1.74 32.29
N VAL A 132 0.91 1.12 31.11
CA VAL A 132 1.40 1.66 29.82
C VAL A 132 0.71 3.01 29.47
N SER A 133 1.47 3.88 28.82
CA SER A 133 0.99 5.16 28.27
C SER A 133 1.51 5.32 26.85
N ARG A 134 1.12 6.41 26.18
CA ARG A 134 1.62 6.75 24.83
C ARG A 134 3.12 7.05 24.90
N GLU A 135 3.57 7.57 26.06
CA GLU A 135 4.99 7.79 26.36
C GLU A 135 5.75 6.45 26.40
N ILE A 136 5.18 5.45 27.14
CA ILE A 136 5.77 4.08 27.25
C ILE A 136 5.80 3.39 25.87
N LEU A 137 4.78 3.67 25.05
CA LEU A 137 4.69 3.12 23.69
C LEU A 137 5.82 3.66 22.79
N GLN A 138 6.14 4.96 22.93
CA GLN A 138 7.21 5.62 22.15
C GLN A 138 8.61 5.32 22.74
N ASP A 139 8.63 5.06 24.06
CA ASP A 139 9.87 4.87 24.84
C ASP A 139 10.44 3.45 24.67
N SER A 140 9.63 2.44 25.02
CA SER A 140 10.10 1.05 25.19
C SER A 140 10.39 0.39 23.84
N THR A 141 11.51 -0.36 23.78
CA THR A 141 12.01 -0.97 22.54
C THR A 141 11.15 -2.20 22.15
N VAL A 142 10.46 -2.80 23.14
CA VAL A 142 9.56 -3.94 22.90
C VAL A 142 8.33 -3.49 22.08
N THR A 143 7.88 -2.24 22.28
CA THR A 143 6.73 -1.68 21.56
C THR A 143 7.12 -1.35 20.10
N ARG A 144 8.42 -1.08 19.85
CA ARG A 144 8.94 -0.93 18.48
C ARG A 144 8.91 -2.29 17.76
N ASN A 145 9.26 -3.35 18.52
CA ASN A 145 9.21 -4.76 18.04
C ASN A 145 7.76 -5.17 17.74
N LEU A 146 6.82 -4.69 18.57
CA LEU A 146 5.36 -4.83 18.36
C LEU A 146 4.97 -4.21 17.00
N ARG A 147 5.40 -2.95 16.79
CA ARG A 147 5.04 -2.18 15.58
C ARG A 147 5.67 -2.80 14.30
N ASN A 148 6.90 -3.32 14.42
CA ASN A 148 7.64 -3.99 13.32
C ASN A 148 6.98 -5.32 12.96
N ALA A 149 6.43 -5.98 14.00
CA ALA A 149 5.75 -7.28 13.84
C ALA A 149 4.47 -7.10 13.01
N LEU A 150 3.63 -6.15 13.45
CA LEU A 150 2.34 -5.84 12.81
C LEU A 150 2.52 -5.34 11.37
N THR A 151 3.69 -4.74 11.06
CA THR A 151 4.08 -4.32 9.70
C THR A 151 4.12 -5.52 8.72
N LYS A 152 4.61 -6.67 9.22
CA LYS A 152 4.60 -7.94 8.45
C LYS A 152 3.15 -8.39 8.19
N ARG A 153 2.27 -8.17 9.19
CA ARG A 153 0.83 -8.52 9.11
C ARG A 153 0.09 -7.59 8.12
N VAL A 154 0.60 -6.35 7.94
CA VAL A 154 0.10 -5.40 6.92
C VAL A 154 0.45 -5.90 5.49
N LEU A 155 1.71 -6.33 5.28
CA LEU A 155 2.17 -6.92 3.99
C LEU A 155 1.27 -8.12 3.64
N GLN A 156 1.11 -8.99 4.64
CA GLN A 156 0.27 -10.20 4.56
C GLN A 156 -1.19 -9.84 4.21
N MET A 157 -1.73 -8.81 4.86
CA MET A 157 -3.16 -8.42 4.76
C MET A 157 -3.51 -7.85 3.35
N LEU A 158 -2.66 -6.92 2.88
CA LEU A 158 -2.89 -6.20 1.61
C LEU A 158 -2.58 -7.05 0.39
N GLU A 159 -1.44 -7.74 0.40
CA GLU A 159 -0.99 -8.53 -0.76
C GLU A 159 -1.90 -9.75 -0.93
N LYS A 160 -2.42 -10.28 0.19
CA LYS A 160 -3.45 -11.33 0.19
C LYS A 160 -4.76 -10.77 -0.37
N LEU A 161 -5.09 -9.48 -0.07
CA LEU A 161 -6.31 -8.79 -0.57
C LEU A 161 -6.24 -8.61 -2.11
N ALA A 162 -5.04 -8.31 -2.63
CA ALA A 162 -4.79 -8.27 -4.10
C ALA A 162 -5.14 -9.61 -4.79
N LYS A 163 -4.99 -10.71 -4.04
CA LYS A 163 -5.25 -12.10 -4.51
C LYS A 163 -6.67 -12.58 -4.10
N ASP A 164 -7.20 -11.98 -3.02
CA ASP A 164 -8.46 -12.37 -2.37
C ASP A 164 -9.64 -11.81 -3.16
N ASP A 165 -9.60 -10.48 -3.36
CA ASP A 165 -10.64 -9.75 -4.09
C ASP A 165 -10.03 -8.43 -4.62
N ALA A 166 -9.77 -8.39 -5.94
CA ALA A 166 -9.10 -7.25 -6.60
C ALA A 166 -9.98 -5.98 -6.64
N GLU A 167 -11.32 -6.17 -6.57
CA GLU A 167 -12.29 -5.05 -6.55
C GLU A 167 -12.21 -4.31 -5.20
N LYS A 168 -12.12 -5.10 -4.11
CA LYS A 168 -11.95 -4.57 -2.75
C LYS A 168 -10.61 -3.85 -2.61
N TYR A 169 -9.60 -4.40 -3.27
CA TYR A 169 -8.24 -3.85 -3.25
C TYR A 169 -8.15 -2.54 -4.07
N GLN A 170 -9.00 -2.42 -5.10
CA GLN A 170 -9.15 -1.18 -5.90
C GLN A 170 -9.83 -0.08 -5.06
N THR A 171 -10.89 -0.49 -4.32
CA THR A 171 -11.63 0.39 -3.39
C THR A 171 -10.69 0.91 -2.28
N PHE A 172 -9.81 0.00 -1.80
CA PHE A 172 -8.76 0.32 -0.81
C PHE A 172 -7.89 1.48 -1.31
N TRP A 173 -7.42 1.35 -2.56
CA TRP A 173 -6.43 2.26 -3.11
C TRP A 173 -7.02 3.67 -3.34
N GLN A 174 -8.32 3.72 -3.65
CA GLN A 174 -9.04 5.00 -3.82
C GLN A 174 -9.10 5.79 -2.50
N GLN A 175 -9.20 5.06 -1.38
CA GLN A 175 -9.40 5.65 -0.05
C GLN A 175 -8.07 5.89 0.72
N PHE A 176 -7.09 4.98 0.53
CA PHE A 176 -5.88 4.90 1.40
C PHE A 176 -4.57 4.75 0.59
N GLY A 177 -4.68 4.84 -0.74
CA GLY A 177 -3.53 4.61 -1.61
C GLY A 177 -2.38 5.58 -1.41
N LEU A 178 -2.75 6.82 -1.11
CA LEU A 178 -1.81 7.93 -0.93
C LEU A 178 -0.96 7.75 0.35
N VAL A 179 -1.52 7.00 1.35
CA VAL A 179 -0.83 6.71 2.63
C VAL A 179 0.37 5.76 2.40
N LEU A 180 0.13 4.72 1.58
CA LEU A 180 1.15 3.67 1.26
C LEU A 180 2.33 4.28 0.46
N LYS A 181 2.08 5.43 -0.19
CA LYS A 181 3.08 6.13 -1.03
C LYS A 181 4.16 6.87 -0.18
N GLU A 182 3.95 6.97 1.15
CA GLU A 182 5.02 7.42 2.09
C GLU A 182 6.13 6.36 2.20
N GLY A 183 5.80 5.11 1.81
CA GLY A 183 6.70 3.97 1.94
C GLY A 183 8.02 4.10 1.19
N PRO A 184 8.07 3.98 -0.17
CA PRO A 184 9.36 3.86 -0.91
C PRO A 184 10.16 5.18 -0.91
N ALA A 185 9.50 6.27 -0.46
CA ALA A 185 10.11 7.60 -0.29
C ALA A 185 10.91 7.68 1.01
N GLU A 186 10.46 6.89 2.00
CA GLU A 186 11.10 6.80 3.33
C GLU A 186 12.41 6.01 3.17
N ASP A 187 12.29 4.70 2.83
CA ASP A 187 13.45 3.83 2.58
C ASP A 187 13.39 3.30 1.14
N PHE A 188 14.30 3.83 0.32
CA PHE A 188 14.42 3.49 -1.11
C PHE A 188 14.99 2.07 -1.34
N ALA A 189 15.62 1.48 -0.30
CA ALA A 189 16.22 0.13 -0.41
C ALA A 189 15.13 -0.97 -0.39
N ASN A 190 13.99 -0.66 0.24
CA ASN A 190 12.83 -1.58 0.33
C ASN A 190 11.72 -1.12 -0.67
N GLN A 191 12.10 -0.29 -1.68
CA GLN A 191 11.15 0.22 -2.71
C GLN A 191 10.49 -0.94 -3.50
N GLU A 192 11.22 -2.07 -3.60
CA GLU A 192 10.84 -3.26 -4.39
C GLU A 192 9.47 -3.83 -3.99
N ALA A 193 9.35 -4.32 -2.73
CA ALA A 193 8.13 -5.00 -2.22
C ALA A 193 6.90 -4.07 -2.26
N ILE A 194 7.16 -2.82 -1.91
CA ILE A 194 6.14 -1.77 -1.81
C ILE A 194 5.65 -1.35 -3.22
N ALA A 195 6.57 -1.36 -4.20
CA ALA A 195 6.29 -0.93 -5.58
C ALA A 195 5.21 -1.79 -6.26
N LYS A 196 5.23 -3.09 -5.95
CA LYS A 196 4.24 -4.07 -6.46
C LYS A 196 2.85 -3.85 -5.80
N LEU A 197 2.83 -3.17 -4.64
CA LEU A 197 1.57 -2.83 -3.93
C LEU A 197 0.98 -1.49 -4.45
N LEU A 198 1.84 -0.66 -5.08
CA LEU A 198 1.45 0.70 -5.52
C LEU A 198 0.70 0.68 -6.88
N ARG A 199 -0.43 1.42 -6.94
CA ARG A 199 -1.28 1.56 -8.15
C ARG A 199 -1.28 3.03 -8.60
N PHE A 200 -1.37 3.25 -9.92
CA PHE A 200 -1.24 4.58 -10.56
C PHE A 200 -2.34 4.74 -11.64
N ALA A 201 -2.42 5.92 -12.26
CA ALA A 201 -3.32 6.14 -13.43
C ALA A 201 -2.49 6.07 -14.73
N SER A 202 -3.16 5.95 -15.89
CA SER A 202 -2.49 5.84 -17.21
C SER A 202 -3.43 6.17 -18.38
N THR A 203 -2.85 6.19 -19.59
CA THR A 203 -3.54 6.57 -20.83
C THR A 203 -4.51 5.47 -21.35
N HIS A 204 -4.47 4.25 -20.75
CA HIS A 204 -5.34 3.12 -21.20
C HIS A 204 -6.84 3.48 -21.08
N THR A 205 -7.16 4.34 -20.11
CA THR A 205 -8.53 4.83 -19.86
C THR A 205 -8.45 6.25 -19.31
N ASP A 206 -9.41 7.09 -19.70
CA ASP A 206 -9.48 8.51 -19.31
C ASP A 206 -10.15 8.69 -17.92
N SER A 207 -10.27 7.59 -17.14
CA SER A 207 -10.84 7.59 -15.79
C SER A 207 -9.78 8.01 -14.75
N SER A 208 -10.21 8.76 -13.71
CA SER A 208 -9.34 9.18 -12.58
C SER A 208 -8.96 7.99 -11.66
N ALA A 209 -9.61 6.83 -11.91
CA ALA A 209 -9.33 5.56 -11.23
C ALA A 209 -7.86 5.12 -11.39
N GLN A 210 -7.20 4.86 -10.25
CA GLN A 210 -5.81 4.37 -10.23
C GLN A 210 -5.83 2.84 -10.43
N THR A 211 -5.88 2.42 -11.71
CA THR A 211 -6.18 1.03 -12.13
C THR A 211 -4.96 0.30 -12.70
N VAL A 212 -3.98 1.05 -13.23
CA VAL A 212 -2.71 0.46 -13.71
C VAL A 212 -1.77 0.26 -12.52
N SER A 213 -0.86 -0.70 -12.63
CA SER A 213 0.23 -0.90 -11.67
C SER A 213 1.56 -0.98 -12.40
N LEU A 214 2.61 -1.32 -11.64
CA LEU A 214 3.95 -1.54 -12.18
C LEU A 214 4.09 -2.95 -12.78
N GLU A 215 3.49 -3.99 -12.13
CA GLU A 215 3.56 -5.40 -12.64
C GLU A 215 2.48 -5.66 -13.72
N ASP A 216 1.41 -4.81 -13.74
CA ASP A 216 0.55 -4.66 -14.96
C ASP A 216 1.44 -4.28 -16.13
N TYR A 217 2.27 -3.24 -15.92
CA TYR A 217 3.11 -2.66 -16.97
C TYR A 217 4.13 -3.68 -17.48
N VAL A 218 4.75 -4.44 -16.57
CA VAL A 218 5.75 -5.50 -16.92
C VAL A 218 5.13 -6.57 -17.83
N SER A 219 3.88 -6.95 -17.52
CA SER A 219 3.09 -7.91 -18.31
C SER A 219 2.46 -7.26 -19.57
N ARG A 220 2.72 -5.95 -19.76
CA ARG A 220 2.12 -5.12 -20.82
C ARG A 220 3.23 -4.47 -21.70
N MET A 221 4.51 -4.65 -21.28
CA MET A 221 5.69 -4.06 -21.97
C MET A 221 5.83 -4.61 -23.39
N LYS A 222 6.20 -3.74 -24.33
CA LYS A 222 6.41 -4.12 -25.74
C LYS A 222 7.89 -3.90 -26.11
N GLU A 223 8.33 -4.43 -27.27
CA GLU A 223 9.74 -4.29 -27.72
C GLU A 223 10.06 -2.81 -28.05
N GLY A 224 11.29 -2.38 -27.72
CA GLY A 224 11.66 -0.95 -27.78
C GLY A 224 11.31 -0.17 -26.51
N GLN A 225 10.33 -0.72 -25.76
CA GLN A 225 9.86 -0.20 -24.48
C GLN A 225 10.52 -1.06 -23.37
N GLU A 226 11.66 -0.56 -22.85
CA GLU A 226 12.40 -1.21 -21.74
C GLU A 226 12.26 -0.37 -20.46
N LYS A 227 12.01 0.93 -20.65
CA LYS A 227 11.96 1.91 -19.57
C LYS A 227 10.55 2.52 -19.50
N ILE A 228 9.96 2.44 -18.31
CA ILE A 228 8.55 2.77 -18.09
C ILE A 228 8.34 4.30 -18.23
N TYR A 229 7.41 4.71 -19.10
CA TYR A 229 7.17 6.14 -19.43
C TYR A 229 6.13 6.73 -18.48
N TYR A 230 6.43 7.92 -17.91
CA TYR A 230 5.55 8.61 -16.94
C TYR A 230 5.31 10.08 -17.31
N ILE A 231 4.23 10.65 -16.71
CA ILE A 231 3.92 12.10 -16.70
C ILE A 231 3.50 12.48 -15.27
N THR A 232 3.95 13.66 -14.79
CA THR A 232 3.51 14.21 -13.51
C THR A 232 2.57 15.41 -13.68
N ALA A 233 1.68 15.57 -12.68
CA ALA A 233 0.81 16.74 -12.51
C ALA A 233 0.32 16.78 -11.06
N ASP A 234 -0.14 17.94 -10.60
CA ASP A 234 -0.72 18.09 -9.25
C ASP A 234 -2.17 17.55 -9.22
N SER A 235 -2.81 17.46 -10.41
CA SER A 235 -4.22 17.01 -10.53
C SER A 235 -4.39 16.16 -11.80
N TYR A 236 -5.33 15.18 -11.75
CA TYR A 236 -5.62 14.31 -12.91
C TYR A 236 -6.20 15.13 -14.07
N ALA A 237 -6.98 16.17 -13.72
CA ALA A 237 -7.61 17.08 -14.69
C ALA A 237 -6.55 17.80 -15.57
N ALA A 238 -5.34 18.01 -15.02
CA ALA A 238 -4.22 18.68 -15.72
C ALA A 238 -3.51 17.74 -16.73
N ALA A 239 -3.17 16.52 -16.27
CA ALA A 239 -2.50 15.50 -17.12
C ALA A 239 -3.42 14.99 -18.25
N LYS A 240 -4.67 14.70 -17.90
CA LYS A 240 -5.67 14.15 -18.82
C LYS A 240 -6.30 15.25 -19.71
N SER A 241 -6.00 16.55 -19.41
CA SER A 241 -6.40 17.69 -20.26
C SER A 241 -5.76 17.59 -21.66
N SER A 242 -4.60 16.93 -21.72
CA SER A 242 -3.88 16.67 -22.98
C SER A 242 -4.57 15.56 -23.80
N PRO A 243 -5.10 15.86 -25.03
CA PRO A 243 -5.58 14.81 -25.97
C PRO A 243 -4.42 14.22 -26.82
N HIS A 244 -3.18 14.72 -26.59
CA HIS A 244 -1.95 14.24 -27.28
C HIS A 244 -1.61 12.80 -26.83
N LEU A 245 -2.12 12.44 -25.63
CA LEU A 245 -1.95 11.11 -25.00
C LEU A 245 -2.42 9.97 -25.91
N GLU A 246 -3.41 10.29 -26.74
CA GLU A 246 -4.05 9.34 -27.66
C GLU A 246 -3.14 8.91 -28.82
N LEU A 247 -2.09 9.71 -29.13
CA LEU A 247 -1.14 9.36 -30.20
C LEU A 247 -0.31 8.13 -29.77
N LEU A 248 0.36 8.21 -28.60
CA LEU A 248 1.15 7.08 -28.07
C LEU A 248 0.26 5.88 -27.73
N ARG A 249 -0.94 6.16 -27.17
CA ARG A 249 -1.89 5.09 -26.75
C ARG A 249 -2.38 4.28 -27.98
N LYS A 250 -2.55 4.98 -29.12
CA LYS A 250 -2.87 4.37 -30.42
C LYS A 250 -1.64 3.63 -31.01
N LYS A 251 -0.45 4.23 -30.80
CA LYS A 251 0.81 3.82 -31.44
C LYS A 251 1.37 2.50 -30.85
N GLY A 252 0.98 2.18 -29.60
CA GLY A 252 1.41 0.96 -28.93
C GLY A 252 2.26 1.22 -27.69
N ILE A 253 2.18 2.43 -27.15
CA ILE A 253 2.82 2.80 -25.88
C ILE A 253 1.72 3.21 -24.88
N GLU A 254 1.90 2.88 -23.59
CA GLU A 254 1.03 3.35 -22.52
C GLU A 254 1.85 4.24 -21.57
N VAL A 255 1.36 5.46 -21.32
CA VAL A 255 2.07 6.43 -20.47
C VAL A 255 1.34 6.51 -19.11
N LEU A 256 2.10 6.29 -18.03
CA LEU A 256 1.56 6.30 -16.67
C LEU A 256 1.38 7.76 -16.18
N LEU A 257 0.11 8.19 -16.07
CA LEU A 257 -0.25 9.54 -15.62
C LEU A 257 -0.24 9.59 -14.07
N LEU A 258 0.96 9.87 -13.50
CA LEU A 258 1.11 10.06 -12.05
C LEU A 258 0.78 11.51 -11.72
N SER A 259 -0.52 11.77 -11.68
CA SER A 259 -1.10 13.09 -11.52
C SER A 259 -1.66 13.27 -10.09
N ASP A 260 -1.13 12.45 -9.16
CA ASP A 260 -1.44 12.53 -7.73
C ASP A 260 -0.31 13.26 -6.98
N ARG A 261 -0.68 13.90 -5.87
CA ARG A 261 0.13 14.91 -5.18
C ARG A 261 1.43 14.35 -4.53
N ILE A 262 1.32 13.17 -3.90
CA ILE A 262 2.43 12.62 -3.08
C ILE A 262 3.46 11.85 -3.95
N ASP A 263 3.04 11.46 -5.17
CA ASP A 263 3.88 10.73 -6.16
C ASP A 263 5.17 11.48 -6.48
N GLU A 264 5.07 12.81 -6.51
CA GLU A 264 6.20 13.71 -6.81
C GLU A 264 7.39 13.49 -5.85
N TRP A 265 7.08 13.25 -4.56
CA TRP A 265 8.08 12.89 -3.55
C TRP A 265 8.31 11.36 -3.47
N MET A 266 7.27 10.56 -3.78
CA MET A 266 7.30 9.07 -3.62
C MET A 266 8.28 8.42 -4.61
N MET A 267 7.98 8.63 -5.90
CA MET A 267 8.70 8.01 -7.01
C MET A 267 10.05 8.74 -7.28
N ASN A 268 10.27 9.85 -6.55
CA ASN A 268 11.56 10.54 -6.45
C ASN A 268 12.66 9.58 -5.94
N TYR A 269 12.24 8.58 -5.12
CA TYR A 269 13.12 7.51 -4.58
C TYR A 269 12.87 6.18 -5.30
N LEU A 270 11.58 5.89 -5.61
CA LEU A 270 11.19 4.70 -6.39
C LEU A 270 11.65 4.90 -7.86
N THR A 271 12.91 4.58 -8.11
CA THR A 271 13.59 4.83 -9.39
C THR A 271 13.49 3.65 -10.37
N GLU A 272 13.22 2.44 -9.85
CA GLU A 272 13.19 1.20 -10.66
C GLU A 272 12.27 0.14 -10.02
N PHE A 273 11.66 -0.70 -10.88
CA PHE A 273 10.86 -1.87 -10.47
C PHE A 273 11.15 -3.03 -11.43
N ASP A 274 11.46 -4.22 -10.87
CA ASP A 274 11.59 -5.50 -11.62
C ASP A 274 12.80 -5.48 -12.61
N GLY A 275 13.73 -4.52 -12.40
CA GLY A 275 14.91 -4.33 -13.28
C GLY A 275 14.63 -3.38 -14.45
N LYS A 276 13.40 -2.83 -14.48
CA LYS A 276 12.97 -1.81 -15.48
C LYS A 276 13.10 -0.40 -14.86
N PRO A 277 14.15 0.40 -15.26
CA PRO A 277 14.28 1.80 -14.79
C PRO A 277 13.24 2.71 -15.46
N PHE A 278 13.01 3.87 -14.84
CA PHE A 278 11.91 4.76 -15.23
C PHE A 278 12.41 5.91 -16.12
N GLN A 279 11.52 6.48 -16.95
CA GLN A 279 11.87 7.47 -18.00
C GLN A 279 10.76 8.56 -18.05
N SER A 280 11.19 9.82 -18.02
CA SER A 280 10.30 11.00 -18.13
C SER A 280 10.07 11.37 -19.61
N VAL A 281 8.83 11.73 -19.98
CA VAL A 281 8.53 12.27 -21.32
C VAL A 281 8.98 13.75 -21.40
N SER A 282 8.84 14.46 -20.26
CA SER A 282 9.01 15.92 -20.16
C SER A 282 10.47 16.32 -19.80
N LYS A 283 11.34 15.31 -19.73
CA LYS A 283 12.80 15.47 -19.53
C LYS A 283 13.46 14.26 -20.23
N VAL A 284 14.81 14.11 -20.16
CA VAL A 284 15.50 12.95 -20.75
C VAL A 284 16.35 12.23 -19.68
N ASP A 285 16.20 10.88 -19.62
CA ASP A 285 16.98 10.01 -18.71
C ASP A 285 17.84 9.06 -19.57
N GLU A 286 17.53 7.74 -19.59
CA GLU A 286 18.26 6.74 -20.37
C GLU A 286 17.51 6.37 -21.67
N SER A 287 16.79 7.35 -22.24
CA SER A 287 15.92 7.14 -23.43
C SER A 287 16.72 6.64 -24.67
N LEU A 288 18.00 7.06 -24.76
CA LEU A 288 18.90 6.72 -25.89
C LEU A 288 19.95 5.66 -25.48
N GLU A 289 19.81 5.04 -24.30
CA GLU A 289 20.76 4.01 -23.80
C GLU A 289 20.69 2.73 -24.66
N LYS A 290 19.54 2.55 -25.32
CA LYS A 290 19.22 1.35 -26.11
C LYS A 290 20.08 1.20 -27.39
N LEU A 291 20.67 2.31 -27.90
CA LEU A 291 21.55 2.23 -29.11
C LEU A 291 22.95 1.66 -28.75
N ALA A 292 23.26 1.61 -27.44
CA ALA A 292 24.49 1.01 -26.93
C ALA A 292 24.18 -0.39 -26.36
N MET B 17 5.20 -0.31 -32.00
CA MET B 17 6.28 -0.88 -31.14
C MET B 17 7.64 -0.37 -31.61
N ALA B 18 8.63 -0.38 -30.68
CA ALA B 18 9.99 0.18 -30.89
C ALA B 18 9.93 1.71 -31.18
N THR B 19 8.82 2.31 -30.76
CA THR B 19 8.46 3.67 -31.08
C THR B 19 9.28 4.66 -30.24
N SER B 20 10.25 5.31 -30.90
CA SER B 20 11.17 6.26 -30.28
C SER B 20 10.67 7.71 -30.41
N THR B 21 9.51 7.89 -31.07
CA THR B 21 8.84 9.19 -31.20
C THR B 21 7.78 9.33 -30.08
N LEU B 22 7.99 10.33 -29.20
CA LEU B 22 7.07 10.62 -28.07
C LEU B 22 6.29 11.93 -28.36
N ILE B 23 5.32 12.24 -27.48
CA ILE B 23 4.30 13.29 -27.73
C ILE B 23 4.57 14.58 -26.94
N LYS B 24 3.81 15.63 -27.32
CA LYS B 24 3.79 16.92 -26.62
C LYS B 24 2.60 16.94 -25.64
N ALA B 25 2.65 16.02 -24.67
CA ALA B 25 1.53 15.79 -23.74
C ALA B 25 1.42 16.93 -22.71
N ILE B 26 2.24 16.86 -21.63
CA ILE B 26 2.38 17.95 -20.63
C ILE B 26 3.90 18.22 -20.53
N ASP B 27 4.49 18.30 -21.74
CA ASP B 27 5.93 18.42 -21.94
C ASP B 27 6.34 19.89 -21.85
N GLY B 28 6.66 20.32 -20.62
CA GLY B 28 7.18 21.64 -20.36
C GLY B 28 8.70 21.66 -20.32
N ASP B 29 9.26 22.24 -19.26
CA ASP B 29 10.72 22.41 -19.10
C ASP B 29 11.13 21.97 -17.70
N THR B 30 10.65 22.72 -16.70
CA THR B 30 10.97 22.51 -15.28
C THR B 30 10.02 21.50 -14.60
N VAL B 31 9.30 20.68 -15.43
CA VAL B 31 8.45 19.58 -14.95
C VAL B 31 9.31 18.56 -14.15
N LYS B 32 10.38 18.09 -14.83
CA LYS B 32 11.47 17.25 -14.23
C LYS B 32 10.96 15.88 -13.69
N LEU B 33 9.71 15.54 -14.03
CA LEU B 33 8.99 14.37 -13.54
C LEU B 33 8.93 14.33 -11.98
N MET B 34 9.89 13.64 -11.33
CA MET B 34 9.83 13.31 -9.88
C MET B 34 11.01 13.92 -9.11
N TYR B 35 10.83 15.18 -8.68
CA TYR B 35 11.77 15.87 -7.79
C TYR B 35 11.07 17.14 -7.28
N LYS B 36 10.53 17.06 -6.07
CA LYS B 36 9.80 18.16 -5.43
C LYS B 36 10.33 18.35 -4.00
N GLY B 37 10.10 17.34 -3.16
CA GLY B 37 10.56 17.37 -1.76
C GLY B 37 9.39 17.34 -0.78
N GLN B 38 9.58 18.05 0.34
CA GLN B 38 8.68 18.02 1.52
C GLN B 38 8.60 16.58 2.11
N PRO B 39 9.61 16.19 2.95
CA PRO B 39 9.56 14.92 3.70
C PRO B 39 8.73 15.05 5.00
N MET B 40 8.15 13.94 5.43
CA MET B 40 7.32 13.87 6.66
C MET B 40 7.41 12.48 7.30
N THR B 41 8.46 11.74 6.92
CA THR B 41 8.68 10.35 7.34
C THR B 41 9.83 10.25 8.35
N PHE B 42 9.92 9.11 9.06
CA PHE B 42 10.97 8.84 10.04
C PHE B 42 11.78 7.57 9.61
N ARG B 43 11.38 6.36 10.05
CA ARG B 43 12.07 5.09 9.74
C ARG B 43 11.27 3.88 10.25
N LEU B 44 10.69 3.10 9.30
CA LEU B 44 10.06 1.77 9.52
C LEU B 44 9.34 1.34 8.23
N LEU B 45 9.83 0.30 7.56
CA LEU B 45 9.10 -0.31 6.43
C LEU B 45 9.11 -1.83 6.54
N LEU B 46 8.65 -2.49 5.46
CA LEU B 46 8.64 -3.94 5.34
C LEU B 46 10.09 -4.49 5.44
N VAL B 47 10.24 -5.70 5.96
CA VAL B 47 11.53 -6.41 5.93
C VAL B 47 11.55 -7.29 4.67
N ASP B 48 10.44 -8.04 4.49
CA ASP B 48 10.25 -8.99 3.39
C ASP B 48 10.21 -8.25 2.03
N THR B 49 11.34 -8.31 1.29
CA THR B 49 11.47 -7.70 -0.05
C THR B 49 12.41 -8.56 -0.94
N PRO B 50 12.13 -9.90 -1.13
CA PRO B 50 13.05 -10.83 -1.82
C PRO B 50 12.85 -10.83 -3.36
N GLU B 51 12.66 -9.60 -3.91
CA GLU B 51 12.41 -9.33 -5.34
C GLU B 51 11.01 -9.83 -5.75
N THR B 52 10.19 -8.90 -6.29
CA THR B 52 8.77 -9.14 -6.52
C THR B 52 8.54 -10.13 -7.66
N LYS B 53 8.98 -9.75 -8.88
CA LYS B 53 8.74 -10.50 -10.13
C LYS B 53 7.23 -10.71 -10.36
N HIS B 54 6.68 -11.77 -9.73
CA HIS B 54 5.28 -12.21 -9.87
C HIS B 54 4.91 -12.36 -11.37
N PRO B 55 5.36 -13.49 -12.03
CA PRO B 55 5.27 -13.67 -13.49
C PRO B 55 3.82 -13.56 -14.03
N LYS B 56 3.63 -12.62 -14.98
CA LYS B 56 2.38 -12.41 -15.76
C LYS B 56 1.26 -11.74 -14.93
N LYS B 57 1.53 -11.47 -13.63
CA LYS B 57 0.56 -10.96 -12.64
C LYS B 57 -0.63 -11.93 -12.44
N GLY B 58 -1.59 -11.88 -13.38
CA GLY B 58 -2.88 -12.53 -13.24
C GLY B 58 -3.99 -11.50 -13.39
N VAL B 59 -5.20 -11.82 -12.82
CA VAL B 59 -6.42 -11.00 -12.92
C VAL B 59 -6.58 -10.32 -14.32
N GLU B 60 -6.94 -11.15 -15.31
CA GLU B 60 -7.01 -10.77 -16.75
C GLU B 60 -8.05 -9.66 -17.00
N LYS B 61 -9.24 -9.83 -16.40
CA LYS B 61 -10.32 -8.82 -16.46
C LYS B 61 -10.04 -7.68 -15.44
N TYR B 62 -9.18 -8.02 -14.43
CA TYR B 62 -8.71 -7.14 -13.33
C TYR B 62 -9.80 -6.97 -12.26
N GLY B 63 -10.93 -6.40 -12.66
CA GLY B 63 -12.02 -6.10 -11.75
C GLY B 63 -11.82 -4.77 -11.03
N PRO B 64 -11.91 -3.61 -11.76
CA PRO B 64 -11.73 -2.28 -11.15
C PRO B 64 -13.02 -1.74 -10.53
N GLU B 65 -12.94 -0.49 -10.03
CA GLU B 65 -14.09 0.26 -9.48
C GLU B 65 -15.08 0.66 -10.60
N ALA B 66 -14.55 0.80 -11.83
CA ALA B 66 -15.26 1.28 -13.05
C ALA B 66 -15.60 2.79 -12.99
N SER B 67 -15.24 3.46 -11.86
CA SER B 67 -15.57 4.87 -11.58
C SER B 67 -17.10 5.13 -11.74
N ALA B 68 -17.49 6.32 -12.25
CA ALA B 68 -18.89 6.66 -12.55
C ALA B 68 -19.79 6.74 -11.30
N PHE B 69 -19.16 6.78 -10.11
CA PHE B 69 -19.86 6.90 -8.82
C PHE B 69 -18.91 7.51 -7.79
N THR B 70 -17.77 6.81 -7.55
CA THR B 70 -16.70 7.24 -6.62
C THR B 70 -17.24 7.54 -5.19
N LYS B 71 -17.86 8.73 -5.02
CA LYS B 71 -18.45 9.17 -3.75
C LYS B 71 -19.73 10.00 -4.04
N LYS B 72 -20.68 9.36 -4.81
CA LYS B 72 -21.98 9.96 -5.20
C LYS B 72 -21.81 11.05 -6.31
N MET B 73 -20.60 11.09 -6.92
CA MET B 73 -20.26 12.02 -8.01
C MET B 73 -19.49 11.23 -9.10
N VAL B 74 -20.02 11.24 -10.35
CA VAL B 74 -19.57 10.37 -11.47
C VAL B 74 -18.02 10.38 -11.63
N GLU B 75 -17.47 11.53 -12.05
CA GLU B 75 -16.02 11.79 -12.11
C GLU B 75 -15.77 13.31 -12.22
N ASN B 76 -14.52 13.73 -11.90
CA ASN B 76 -14.01 15.10 -12.07
C ASN B 76 -14.90 16.16 -11.36
N ALA B 77 -15.96 16.63 -12.03
CA ALA B 77 -16.90 17.63 -11.52
C ALA B 77 -18.20 17.55 -12.34
N ALA A 28 -20.95 -12.61 24.27
CA ALA A 28 -20.37 -11.72 25.30
C ALA A 28 -18.95 -12.19 25.68
N GLN A 29 -18.02 -12.04 24.72
CA GLN A 29 -16.61 -12.41 24.91
C GLN A 29 -15.72 -11.39 24.20
N ALA A 30 -14.52 -11.19 24.76
CA ALA A 30 -13.44 -10.44 24.11
C ALA A 30 -13.11 -11.07 22.75
N LEU A 31 -13.56 -10.40 21.67
CA LEU A 31 -13.58 -10.94 20.29
C LEU A 31 -12.16 -11.17 19.79
N TRP A 32 -11.31 -10.16 19.98
CA TRP A 32 -9.90 -10.20 19.62
C TRP A 32 -9.20 -11.41 20.29
N THR A 33 -9.53 -11.64 21.56
CA THR A 33 -8.97 -12.72 22.39
C THR A 33 -9.47 -14.11 21.97
N ARG A 34 -10.77 -14.19 21.63
CA ARG A 34 -11.45 -15.46 21.34
C ARG A 34 -10.89 -16.09 20.04
N ASN A 35 -10.99 -17.42 19.92
CA ASN A 35 -10.43 -18.16 18.77
C ASN A 35 -11.06 -17.74 17.44
N LYS A 36 -10.21 -17.70 16.40
CA LYS A 36 -10.63 -17.49 15.00
C LYS A 36 -11.70 -18.51 14.59
N SER A 37 -11.51 -19.76 15.06
CA SER A 37 -12.40 -20.89 14.75
C SER A 37 -13.83 -20.69 15.31
N GLU A 38 -13.95 -19.91 16.39
CA GLU A 38 -15.23 -19.66 17.07
C GLU A 38 -15.97 -18.44 16.47
N ILE A 39 -15.25 -17.60 15.70
CA ILE A 39 -15.78 -16.32 15.20
C ILE A 39 -15.94 -16.35 13.67
N THR A 40 -17.16 -16.04 13.18
CA THR A 40 -17.45 -15.96 11.75
C THR A 40 -17.28 -14.50 11.26
N ASP A 41 -17.37 -14.33 9.94
CA ASP A 41 -17.19 -13.05 9.23
C ASP A 41 -18.04 -11.89 9.81
N GLU A 42 -19.27 -12.21 10.26
CA GLU A 42 -20.25 -11.20 10.72
C GLU A 42 -19.79 -10.43 11.97
N GLU A 43 -19.16 -11.13 12.94
CA GLU A 43 -18.66 -10.49 14.17
C GLU A 43 -17.48 -9.56 13.85
N TYR A 44 -16.64 -9.97 12.88
CA TYR A 44 -15.52 -9.14 12.38
C TYR A 44 -16.06 -7.84 11.76
N LYS A 45 -17.11 -7.97 10.94
CA LYS A 45 -17.75 -6.84 10.25
C LYS A 45 -18.31 -5.83 11.26
N GLU A 46 -19.04 -6.34 12.25
CA GLU A 46 -19.67 -5.50 13.28
C GLU A 46 -18.61 -4.82 14.17
N PHE A 47 -17.63 -5.61 14.61
CA PHE A 47 -16.60 -5.14 15.57
C PHE A 47 -15.75 -4.03 14.95
N TYR A 48 -15.48 -4.17 13.65
CA TYR A 48 -14.87 -3.11 12.81
C TYR A 48 -15.66 -1.79 12.97
N LYS A 49 -16.99 -1.90 12.81
CA LYS A 49 -17.91 -0.74 12.87
C LYS A 49 -17.93 -0.10 14.29
N HIS A 50 -17.58 -0.90 15.31
CA HIS A 50 -17.47 -0.43 16.71
C HIS A 50 -16.14 0.29 16.99
N ILE A 51 -15.04 -0.20 16.38
CA ILE A 51 -13.66 0.23 16.76
C ILE A 51 -13.00 1.20 15.76
N ALA A 52 -13.43 1.18 14.49
CA ALA A 52 -12.80 1.93 13.38
C ALA A 52 -13.43 3.31 13.17
N HIS A 53 -14.59 3.55 13.85
CA HIS A 53 -15.39 4.79 13.72
C HIS A 53 -16.00 4.93 12.30
N ASP A 54 -16.31 3.76 11.71
CA ASP A 54 -16.85 3.64 10.35
C ASP A 54 -18.03 2.64 10.36
N PHE A 55 -18.90 2.65 9.33
CA PHE A 55 -20.13 1.80 9.29
C PHE A 55 -20.28 1.05 7.95
N ASN A 56 -19.21 1.01 7.16
CA ASN A 56 -19.10 0.14 5.98
C ASN A 56 -18.61 -1.25 6.43
N ASP A 57 -18.67 -2.25 5.54
CA ASP A 57 -18.11 -3.60 5.83
C ASP A 57 -16.61 -3.59 5.48
N PRO A 58 -15.71 -4.18 6.35
CA PRO A 58 -14.24 -4.15 6.10
C PRO A 58 -13.87 -4.99 4.86
N LEU A 59 -12.96 -4.44 4.04
CA LEU A 59 -12.53 -5.08 2.78
C LEU A 59 -11.87 -6.44 3.05
N THR A 60 -11.10 -6.49 4.15
CA THR A 60 -10.52 -7.72 4.70
C THR A 60 -10.12 -7.49 6.17
N TRP A 61 -9.75 -8.57 6.85
CA TRP A 61 -9.38 -8.55 8.27
C TRP A 61 -8.36 -9.67 8.55
N SER A 62 -7.44 -9.44 9.49
CA SER A 62 -6.39 -10.41 9.85
C SER A 62 -6.38 -10.59 11.39
N HIS A 63 -6.99 -11.68 11.85
CA HIS A 63 -7.01 -12.07 13.28
C HIS A 63 -5.83 -13.00 13.53
N ASN A 64 -4.83 -12.52 14.28
CA ASN A 64 -3.67 -13.33 14.67
C ASN A 64 -3.61 -13.40 16.21
N ARG A 65 -3.53 -14.63 16.76
CA ARG A 65 -3.18 -14.84 18.17
C ARG A 65 -1.76 -15.42 18.24
N VAL A 66 -0.90 -14.80 19.05
CA VAL A 66 0.49 -15.23 19.23
C VAL A 66 0.69 -15.58 20.71
N GLU A 67 1.50 -16.62 20.95
CA GLU A 67 1.66 -17.23 22.28
C GLU A 67 3.11 -17.72 22.49
N GLY A 68 3.43 -18.10 23.73
CA GLY A 68 4.78 -18.55 24.09
C GLY A 68 5.42 -17.57 25.06
N LYS A 69 6.54 -16.94 24.65
CA LYS A 69 7.18 -15.89 25.44
C LYS A 69 6.38 -14.58 25.27
N GLN A 70 6.37 -14.05 24.04
CA GLN A 70 5.55 -12.86 23.70
C GLN A 70 4.14 -13.31 23.31
N GLU A 71 3.21 -13.17 24.27
CA GLU A 71 1.80 -13.55 24.08
C GLU A 71 1.00 -12.28 23.83
N TYR A 72 0.71 -12.03 22.55
CA TYR A 72 -0.08 -10.88 22.11
C TYR A 72 -1.05 -11.34 21.04
N THR A 73 -2.27 -10.79 21.06
CA THR A 73 -3.28 -11.07 20.04
C THR A 73 -3.60 -9.79 19.27
N SER A 74 -3.18 -9.74 17.99
CA SER A 74 -3.37 -8.58 17.11
C SER A 74 -4.53 -8.85 16.13
N LEU A 75 -5.56 -7.99 16.18
CA LEU A 75 -6.73 -8.07 15.30
C LEU A 75 -6.83 -6.77 14.50
N LEU A 76 -6.43 -6.85 13.23
CA LEU A 76 -6.35 -5.69 12.33
C LEU A 76 -7.47 -5.78 11.26
N TYR A 77 -7.90 -4.62 10.75
CA TYR A 77 -8.93 -4.50 9.69
C TYR A 77 -8.46 -3.50 8.63
N ILE A 78 -8.85 -3.75 7.38
CA ILE A 78 -8.67 -2.81 6.27
C ILE A 78 -10.00 -2.06 6.04
N PRO A 79 -10.06 -0.72 6.32
CA PRO A 79 -11.27 0.09 6.10
C PRO A 79 -11.61 0.29 4.62
N SER A 80 -12.92 0.43 4.34
CA SER A 80 -13.43 0.70 2.99
C SER A 80 -13.46 2.21 2.70
N GLN A 81 -13.36 3.03 3.76
CA GLN A 81 -13.48 4.49 3.65
C GLN A 81 -12.43 5.16 4.53
N ALA A 82 -11.75 6.19 3.97
CA ALA A 82 -10.78 7.02 4.69
C ALA A 82 -11.47 8.19 5.39
N PRO A 83 -11.15 8.46 6.68
CA PRO A 83 -11.48 9.76 7.30
C PRO A 83 -10.52 10.87 6.81
N TRP A 84 -10.97 12.13 6.86
CA TRP A 84 -10.14 13.28 6.45
C TRP A 84 -8.97 13.47 7.45
N ASP A 85 -9.22 13.13 8.74
CA ASP A 85 -8.21 13.20 9.82
C ASP A 85 -7.17 12.07 9.73
N MET A 86 -7.17 11.33 8.62
CA MET A 86 -6.07 10.43 8.27
C MET A 86 -4.83 11.24 7.83
N TRP A 87 -5.06 12.51 7.37
CA TRP A 87 -3.99 13.40 6.84
C TRP A 87 -3.99 14.77 7.54
N ASN A 88 -4.73 14.89 8.66
CA ASN A 88 -4.73 16.10 9.52
C ASN A 88 -3.63 15.98 10.58
N ARG A 89 -3.40 17.08 11.35
CA ARG A 89 -2.45 17.08 12.50
C ARG A 89 -3.04 16.25 13.66
N ASP A 90 -4.38 16.08 13.61
CA ASP A 90 -5.11 15.09 14.41
C ASP A 90 -5.26 13.82 13.59
N HIS A 91 -5.09 12.67 14.24
CA HIS A 91 -5.09 11.36 13.56
C HIS A 91 -6.31 10.52 13.94
N LYS A 92 -6.85 9.80 12.95
CA LYS A 92 -7.81 8.69 13.14
C LYS A 92 -7.12 7.36 12.83
N HIS A 93 -5.85 7.46 12.41
CA HIS A 93 -4.89 6.35 12.43
C HIS A 93 -4.70 5.90 13.89
N GLY A 94 -4.65 4.58 14.10
CA GLY A 94 -4.37 4.02 15.42
C GLY A 94 -5.15 2.77 15.75
N LEU A 95 -4.67 2.07 16.78
CA LEU A 95 -5.26 0.81 17.27
C LEU A 95 -5.68 1.00 18.73
N LYS A 96 -6.72 0.28 19.17
CA LYS A 96 -7.17 0.31 20.56
C LYS A 96 -6.27 -0.60 21.42
N LEU A 97 -5.46 0.00 22.30
CA LEU A 97 -4.57 -0.75 23.19
C LEU A 97 -5.35 -1.39 24.35
N TYR A 98 -5.18 -2.71 24.47
CA TYR A 98 -5.65 -3.53 25.59
C TYR A 98 -4.45 -4.25 26.19
N VAL A 99 -4.18 -4.02 27.47
CA VAL A 99 -3.19 -4.80 28.23
C VAL A 99 -3.96 -5.80 29.09
N GLN A 100 -3.96 -7.08 28.66
CA GLN A 100 -4.62 -8.20 29.36
C GLN A 100 -6.16 -8.00 29.37
N ARG A 101 -6.70 -7.65 28.18
CA ARG A 101 -8.15 -7.42 27.93
C ARG A 101 -8.67 -6.15 28.65
N VAL A 102 -7.75 -5.37 29.24
CA VAL A 102 -8.06 -4.12 29.97
C VAL A 102 -7.72 -2.93 29.06
N PHE A 103 -8.71 -2.06 28.82
CA PHE A 103 -8.55 -0.89 27.94
C PHE A 103 -7.60 0.16 28.57
N ILE A 104 -6.64 0.64 27.77
CA ILE A 104 -5.64 1.64 28.19
C ILE A 104 -5.85 2.95 27.42
N MET A 105 -5.84 2.87 26.07
CA MET A 105 -5.97 4.05 25.18
C MET A 105 -6.32 3.61 23.76
N ASP A 106 -7.36 4.22 23.16
CA ASP A 106 -7.74 3.99 21.75
C ASP A 106 -7.01 4.96 20.83
N ASP A 107 -6.96 4.60 19.53
CA ASP A 107 -6.26 5.39 18.49
C ASP A 107 -4.74 5.50 18.80
N ALA A 108 -4.22 4.48 19.51
CA ALA A 108 -2.78 4.35 19.78
C ALA A 108 -2.08 3.93 18.48
N GLU A 109 -1.63 4.94 17.71
CA GLU A 109 -0.94 4.75 16.42
C GLU A 109 0.55 4.40 16.63
N GLN A 110 0.90 4.11 17.88
CA GLN A 110 2.26 3.79 18.29
C GLN A 110 2.63 2.33 17.92
N PHE A 111 1.61 1.53 17.55
CA PHE A 111 1.77 0.12 17.13
C PHE A 111 1.83 -0.01 15.60
N MET A 112 1.58 1.09 14.88
CA MET A 112 1.56 1.08 13.41
C MET A 112 2.18 2.39 12.87
N PRO A 113 3.23 2.34 11.98
CA PRO A 113 3.78 3.58 11.37
C PRO A 113 2.77 4.28 10.41
N ASN A 114 3.09 5.53 10.03
CA ASN A 114 2.22 6.39 9.18
C ASN A 114 2.06 5.82 7.76
N TYR A 115 2.98 4.95 7.38
CA TYR A 115 3.05 4.38 6.02
C TYR A 115 2.05 3.22 5.89
N LEU A 116 1.59 2.75 7.06
CA LEU A 116 0.55 1.73 7.21
C LEU A 116 -0.64 2.36 7.99
N ARG A 117 -0.82 3.71 7.87
CA ARG A 117 -1.77 4.50 8.72
C ARG A 117 -3.24 4.07 8.54
N PHE A 118 -3.53 3.41 7.41
CA PHE A 118 -4.88 2.89 7.10
C PHE A 118 -5.37 1.83 8.11
N VAL A 119 -4.42 1.05 8.67
CA VAL A 119 -4.74 -0.07 9.57
C VAL A 119 -5.54 0.42 10.79
N ARG A 120 -6.77 -0.11 10.89
CA ARG A 120 -7.70 0.17 11.97
C ARG A 120 -8.04 -1.15 12.66
N GLY A 121 -7.94 -1.17 13.98
CA GLY A 121 -8.21 -2.36 14.75
C GLY A 121 -7.82 -2.18 16.20
N LEU A 122 -7.12 -3.17 16.75
CA LEU A 122 -6.71 -3.19 18.14
C LEU A 122 -5.63 -4.24 18.38
N ILE A 123 -5.06 -4.22 19.58
CA ILE A 123 -4.04 -5.18 20.00
C ILE A 123 -4.17 -5.44 21.51
N ASP A 124 -4.07 -6.73 21.86
CA ASP A 124 -4.00 -7.20 23.25
C ASP A 124 -2.59 -7.71 23.53
N SER A 125 -1.96 -7.18 24.58
CA SER A 125 -0.63 -7.63 25.02
C SER A 125 -0.66 -7.91 26.53
N SER A 126 -0.09 -9.06 26.94
CA SER A 126 0.20 -9.36 28.35
C SER A 126 1.68 -9.06 28.66
N ASP A 127 2.39 -8.58 27.63
CA ASP A 127 3.84 -8.30 27.67
C ASP A 127 4.09 -6.89 28.19
N LEU A 128 3.39 -5.93 27.57
CA LEU A 128 3.48 -4.50 27.93
C LEU A 128 2.87 -4.26 29.34
N PRO A 129 3.47 -3.33 30.16
CA PRO A 129 2.93 -2.99 31.51
C PRO A 129 1.51 -2.38 31.45
N LEU A 130 0.74 -2.52 32.55
CA LEU A 130 -0.62 -1.95 32.66
C LEU A 130 -0.55 -0.40 32.74
N ASN A 131 0.58 0.10 33.27
CA ASN A 131 0.84 1.56 33.46
C ASN A 131 1.51 2.18 32.21
N VAL A 132 1.47 1.47 31.07
CA VAL A 132 2.10 1.92 29.81
C VAL A 132 1.40 3.18 29.26
N SER A 133 2.20 4.08 28.62
CA SER A 133 1.73 5.39 28.12
C SER A 133 2.29 5.64 26.71
N ARG A 134 1.76 6.68 26.02
CA ARG A 134 2.09 7.03 24.61
C ARG A 134 3.62 7.18 24.38
N GLU A 135 4.29 7.79 25.36
CA GLU A 135 5.74 8.04 25.34
C GLU A 135 6.50 6.70 25.37
N ILE A 136 6.04 5.80 26.25
CA ILE A 136 6.59 4.44 26.38
C ILE A 136 6.28 3.61 25.11
N LEU A 137 5.10 3.86 24.52
CA LEU A 137 4.63 3.13 23.33
C LEU A 137 5.44 3.50 22.08
N GLN A 138 5.96 4.73 22.04
CA GLN A 138 6.79 5.21 20.92
C GLN A 138 8.27 4.83 21.15
N ASP A 139 8.73 4.90 22.40
CA ASP A 139 10.15 4.75 22.75
C ASP A 139 10.54 3.27 22.95
N SER A 140 9.87 2.60 23.91
CA SER A 140 10.30 1.30 24.46
C SER A 140 10.45 0.21 23.38
N THR A 141 11.48 -0.63 23.56
CA THR A 141 11.88 -1.67 22.61
C THR A 141 10.86 -2.82 22.57
N VAL A 142 10.21 -3.09 23.72
CA VAL A 142 9.18 -4.14 23.81
C VAL A 142 8.02 -3.82 22.84
N THR A 143 7.56 -2.57 22.89
CA THR A 143 6.46 -2.07 22.04
C THR A 143 6.90 -1.90 20.59
N ARG A 144 8.19 -1.62 20.40
CA ARG A 144 8.82 -1.46 19.07
C ARG A 144 8.81 -2.81 18.30
N ASN A 145 8.96 -3.92 19.04
CA ASN A 145 8.88 -5.28 18.48
C ASN A 145 7.44 -5.57 18.02
N LEU A 146 6.46 -5.14 18.85
CA LEU A 146 5.02 -5.24 18.52
C LEU A 146 4.69 -4.45 17.24
N ARG A 147 5.24 -3.24 17.15
CA ARG A 147 5.03 -2.31 16.02
C ARG A 147 5.56 -2.93 14.70
N ASN A 148 6.71 -3.58 14.84
CA ASN A 148 7.46 -4.22 13.73
C ASN A 148 6.82 -5.55 13.34
N ALA A 149 6.21 -6.24 14.31
CA ALA A 149 5.58 -7.57 14.13
C ALA A 149 4.26 -7.44 13.36
N LEU A 150 3.45 -6.45 13.78
CA LEU A 150 2.15 -6.16 13.14
C LEU A 150 2.35 -5.71 11.67
N THR A 151 3.49 -5.05 11.38
CA THR A 151 3.88 -4.66 9.99
C THR A 151 3.90 -5.88 9.04
N LYS A 152 4.39 -7.02 9.55
CA LYS A 152 4.39 -8.30 8.78
C LYS A 152 2.96 -8.77 8.44
N ARG A 153 2.00 -8.54 9.36
CA ARG A 153 0.58 -8.90 9.15
C ARG A 153 -0.04 -8.01 8.07
N VAL A 154 0.35 -6.71 8.10
CA VAL A 154 -0.16 -5.71 7.15
C VAL A 154 0.18 -6.09 5.69
N LEU A 155 1.49 -6.32 5.41
CA LEU A 155 1.99 -6.54 4.02
C LEU A 155 1.34 -7.76 3.36
N GLN A 156 1.09 -8.81 4.16
CA GLN A 156 0.46 -10.04 3.69
C GLN A 156 -1.04 -9.79 3.40
N MET A 157 -1.71 -9.10 4.33
CA MET A 157 -3.16 -8.78 4.26
C MET A 157 -3.49 -7.85 3.06
N LEU A 158 -2.51 -7.01 2.68
CA LEU A 158 -2.66 -6.06 1.56
C LEU A 158 -2.76 -6.79 0.21
N GLU A 159 -1.75 -7.60 -0.12
CA GLU A 159 -1.76 -8.33 -1.39
C GLU A 159 -2.78 -9.48 -1.34
N LYS A 160 -3.06 -9.99 -0.13
CA LYS A 160 -4.12 -10.99 0.11
C LYS A 160 -5.48 -10.40 -0.31
N LEU A 161 -5.67 -9.09 -0.07
CA LEU A 161 -6.87 -8.36 -0.51
C LEU A 161 -6.91 -8.24 -2.05
N ALA A 162 -5.73 -8.03 -2.66
CA ALA A 162 -5.59 -7.96 -4.14
C ALA A 162 -5.87 -9.33 -4.80
N LYS A 163 -5.62 -10.43 -4.06
CA LYS A 163 -5.87 -11.82 -4.53
C LYS A 163 -7.29 -12.29 -4.13
N ASP A 164 -7.82 -11.72 -3.03
CA ASP A 164 -9.17 -12.01 -2.50
C ASP A 164 -10.21 -11.47 -3.48
N ASP A 165 -10.05 -10.19 -3.80
CA ASP A 165 -10.85 -9.47 -4.78
C ASP A 165 -10.18 -8.14 -5.11
N ALA A 166 -9.59 -8.05 -6.31
CA ALA A 166 -8.87 -6.85 -6.78
C ALA A 166 -9.74 -5.57 -6.73
N GLU A 167 -11.07 -5.74 -6.92
CA GLU A 167 -12.05 -4.62 -6.90
C GLU A 167 -12.14 -4.01 -5.47
N LYS A 168 -12.06 -4.89 -4.43
CA LYS A 168 -11.98 -4.43 -3.01
C LYS A 168 -10.67 -3.65 -2.78
N TYR A 169 -9.59 -4.11 -3.44
CA TYR A 169 -8.28 -3.44 -3.34
C TYR A 169 -8.32 -2.08 -4.07
N GLN A 170 -9.19 -1.95 -5.09
CA GLN A 170 -9.42 -0.68 -5.79
C GLN A 170 -10.13 0.32 -4.86
N THR A 171 -11.08 -0.18 -4.04
CA THR A 171 -11.74 0.61 -2.98
C THR A 171 -10.69 1.13 -1.97
N PHE A 172 -9.80 0.20 -1.57
CA PHE A 172 -8.67 0.49 -0.67
C PHE A 172 -7.76 1.58 -1.25
N TRP A 173 -7.49 1.50 -2.56
CA TRP A 173 -6.54 2.41 -3.22
C TRP A 173 -7.17 3.81 -3.44
N GLN A 174 -8.49 3.86 -3.68
CA GLN A 174 -9.19 5.14 -3.94
C GLN A 174 -9.59 5.84 -2.62
N GLN A 175 -9.11 5.29 -1.49
CA GLN A 175 -9.24 5.92 -0.16
C GLN A 175 -7.84 6.12 0.49
N PHE A 176 -6.96 5.13 0.31
CA PHE A 176 -5.66 5.04 1.02
C PHE A 176 -4.47 4.93 0.04
N GLY A 177 -4.69 5.36 -1.21
CA GLY A 177 -3.65 5.33 -2.24
C GLY A 177 -2.45 6.21 -1.93
N LEU A 178 -2.74 7.38 -1.35
CA LEU A 178 -1.73 8.34 -0.87
C LEU A 178 -0.76 7.67 0.13
N VAL A 179 -1.34 6.84 1.03
CA VAL A 179 -0.62 6.24 2.19
C VAL A 179 0.58 5.36 1.73
N LEU A 180 0.30 4.40 0.83
CA LEU A 180 1.32 3.46 0.34
C LEU A 180 2.41 4.18 -0.47
N LYS A 181 2.11 5.39 -0.98
CA LYS A 181 3.06 6.18 -1.79
C LYS A 181 4.15 6.86 -0.92
N GLU A 182 4.02 6.76 0.42
CA GLU A 182 5.12 7.07 1.35
C GLU A 182 6.23 6.01 1.18
N GLY A 183 5.77 4.74 1.17
CA GLY A 183 6.65 3.54 1.21
C GLY A 183 7.85 3.50 0.25
N PRO A 184 7.65 3.59 -1.11
CA PRO A 184 8.77 3.49 -2.11
C PRO A 184 9.90 4.52 -1.87
N ALA A 185 9.51 5.65 -1.28
CA ALA A 185 10.41 6.77 -0.97
C ALA A 185 10.94 6.68 0.46
N GLU A 186 10.22 5.94 1.29
CA GLU A 186 10.45 5.91 2.72
C GLU A 186 11.72 5.10 3.02
N ASP A 187 11.67 3.79 2.73
CA ASP A 187 12.84 2.90 2.80
C ASP A 187 13.06 2.29 1.40
N PHE A 188 14.17 2.71 0.78
CA PHE A 188 14.58 2.30 -0.58
C PHE A 188 14.68 0.75 -0.71
N ALA A 189 15.15 0.07 0.36
CA ALA A 189 15.39 -1.39 0.31
C ALA A 189 14.07 -2.20 0.26
N ASN A 190 12.99 -1.64 0.83
CA ASN A 190 11.66 -2.28 0.87
C ASN A 190 10.72 -1.73 -0.22
N GLN A 191 11.26 -0.98 -1.20
CA GLN A 191 10.43 -0.31 -2.22
C GLN A 191 9.69 -1.32 -3.12
N GLU A 192 10.28 -2.52 -3.38
CA GLU A 192 9.70 -3.57 -4.26
C GLU A 192 8.36 -4.09 -3.75
N ALA A 193 8.34 -4.49 -2.47
CA ALA A 193 7.15 -5.08 -1.82
C ALA A 193 5.94 -4.14 -1.90
N ILE A 194 6.22 -2.84 -1.75
CA ILE A 194 5.20 -1.76 -1.78
C ILE A 194 4.88 -1.34 -3.21
N ALA A 195 5.88 -1.35 -4.11
CA ALA A 195 5.74 -0.96 -5.54
C ALA A 195 4.89 -1.99 -6.29
N LYS A 196 4.95 -3.21 -5.78
CA LYS A 196 4.13 -4.34 -6.18
C LYS A 196 2.64 -4.08 -5.84
N LEU A 197 2.42 -3.34 -4.74
CA LEU A 197 1.10 -2.95 -4.22
C LEU A 197 0.63 -1.60 -4.81
N LEU A 198 1.60 -0.77 -5.28
CA LEU A 198 1.30 0.58 -5.83
C LEU A 198 0.53 0.47 -7.14
N ARG A 199 -0.59 1.17 -7.22
CA ARG A 199 -1.43 1.27 -8.43
C ARG A 199 -1.36 2.71 -8.98
N PHE A 200 -0.91 2.84 -10.22
CA PHE A 200 -0.90 4.11 -10.95
C PHE A 200 -1.88 4.00 -12.11
N ALA A 201 -2.48 5.14 -12.48
CA ALA A 201 -3.33 5.21 -13.68
C ALA A 201 -2.42 5.36 -14.90
N SER A 202 -2.96 5.14 -16.11
CA SER A 202 -2.17 5.17 -17.36
C SER A 202 -3.06 5.21 -18.59
N THR A 203 -2.43 5.17 -19.79
CA THR A 203 -3.14 5.08 -21.10
C THR A 203 -3.60 3.62 -21.39
N HIS A 204 -3.35 2.71 -20.42
CA HIS A 204 -3.88 1.33 -20.43
C HIS A 204 -5.42 1.36 -20.32
N THR A 205 -5.92 2.19 -19.38
CA THR A 205 -7.36 2.31 -19.09
C THR A 205 -7.68 3.80 -18.92
N ASP A 206 -8.76 4.28 -19.59
CA ASP A 206 -9.16 5.71 -19.55
C ASP A 206 -9.96 6.04 -18.27
N SER A 207 -10.13 5.04 -17.38
CA SER A 207 -10.79 5.20 -16.08
C SER A 207 -9.85 5.89 -15.08
N SER A 208 -10.45 6.63 -14.13
CA SER A 208 -9.71 7.38 -13.09
C SER A 208 -9.28 6.46 -11.94
N ALA A 209 -9.91 5.27 -11.86
CA ALA A 209 -9.51 4.21 -10.94
C ALA A 209 -8.13 3.68 -11.35
N GLN A 210 -7.12 3.93 -10.50
CA GLN A 210 -5.74 3.48 -10.74
C GLN A 210 -5.70 1.96 -10.56
N THR A 211 -5.85 1.22 -11.67
CA THR A 211 -5.96 -0.26 -11.66
C THR A 211 -4.61 -0.94 -11.99
N VAL A 212 -3.75 -0.22 -12.71
CA VAL A 212 -2.45 -0.72 -13.19
C VAL A 212 -1.37 -0.57 -12.11
N SER A 213 -0.69 -1.67 -11.77
CA SER A 213 0.52 -1.62 -10.94
C SER A 213 1.74 -1.36 -11.82
N LEU A 214 2.88 -1.07 -11.19
CA LEU A 214 4.17 -1.01 -11.89
C LEU A 214 4.48 -2.37 -12.55
N GLU A 215 4.01 -3.45 -11.88
CA GLU A 215 4.12 -4.83 -12.38
C GLU A 215 3.26 -5.01 -13.65
N ASP A 216 2.05 -4.43 -13.68
CA ASP A 216 1.16 -4.48 -14.87
C ASP A 216 1.81 -3.75 -16.05
N TYR A 217 2.64 -2.73 -15.75
CA TYR A 217 3.41 -2.01 -16.77
C TYR A 217 4.51 -2.94 -17.36
N VAL A 218 5.17 -3.71 -16.48
CA VAL A 218 6.25 -4.63 -16.87
C VAL A 218 5.70 -5.77 -17.76
N SER A 219 4.49 -6.24 -17.45
CA SER A 219 3.78 -7.26 -18.26
C SER A 219 3.14 -6.64 -19.54
N ARG A 220 3.10 -5.29 -19.59
CA ARG A 220 2.67 -4.52 -20.79
C ARG A 220 3.87 -3.75 -21.41
N MET A 221 5.10 -4.16 -21.05
CA MET A 221 6.33 -3.47 -21.48
C MET A 221 6.60 -3.73 -22.96
N LYS A 222 6.88 -2.66 -23.72
CA LYS A 222 7.18 -2.75 -25.17
C LYS A 222 8.62 -3.19 -25.41
N GLU A 223 8.84 -3.80 -26.59
CA GLU A 223 10.18 -4.13 -27.09
C GLU A 223 10.94 -2.83 -27.41
N GLY A 224 12.21 -2.75 -27.04
CA GLY A 224 13.02 -1.54 -27.23
C GLY A 224 12.70 -0.44 -26.22
N GLN A 225 11.73 -0.71 -25.33
CA GLN A 225 11.33 0.20 -24.24
C GLN A 225 11.92 -0.37 -22.94
N GLU A 226 13.06 0.18 -22.50
CA GLU A 226 13.71 -0.23 -21.26
C GLU A 226 13.25 0.66 -20.09
N LYS A 227 12.74 1.85 -20.43
CA LYS A 227 12.36 2.88 -19.44
C LYS A 227 10.84 2.96 -19.31
N ILE A 228 10.37 3.03 -18.04
CA ILE A 228 8.96 3.21 -17.70
C ILE A 228 8.60 4.70 -17.78
N TYR A 229 7.87 5.09 -18.84
CA TYR A 229 7.48 6.49 -19.09
C TYR A 229 6.30 6.88 -18.19
N TYR A 230 6.42 8.05 -17.52
CA TYR A 230 5.42 8.52 -16.54
C TYR A 230 5.25 10.05 -16.63
N ILE A 231 4.22 10.57 -15.94
CA ILE A 231 3.86 12.01 -15.88
C ILE A 231 3.27 12.31 -14.49
N THR A 232 3.70 13.40 -13.84
CA THR A 232 2.97 13.94 -12.66
C THR A 232 1.93 14.97 -13.13
N ALA A 233 0.76 14.91 -12.50
CA ALA A 233 -0.37 15.78 -12.78
C ALA A 233 -1.13 16.03 -11.48
N ASP A 234 -1.84 17.16 -11.43
CA ASP A 234 -2.72 17.53 -10.30
C ASP A 234 -3.83 16.48 -10.12
N SER A 235 -4.38 16.01 -11.26
CA SER A 235 -5.47 15.03 -11.27
C SER A 235 -5.41 14.18 -12.55
N TYR A 236 -6.04 13.00 -12.51
CA TYR A 236 -6.22 12.16 -13.71
C TYR A 236 -7.17 12.87 -14.68
N ALA A 237 -8.16 13.60 -14.12
CA ALA A 237 -9.12 14.38 -14.91
C ALA A 237 -8.40 15.33 -15.87
N ALA A 238 -7.48 16.14 -15.31
CA ALA A 238 -6.70 17.14 -16.07
C ALA A 238 -5.64 16.48 -16.98
N ALA A 239 -5.03 15.37 -16.49
CA ALA A 239 -4.02 14.61 -17.25
C ALA A 239 -4.63 14.08 -18.57
N LYS A 240 -5.76 13.37 -18.40
CA LYS A 240 -6.51 12.74 -19.50
C LYS A 240 -7.04 13.77 -20.51
N SER A 241 -7.34 15.00 -20.02
CA SER A 241 -7.89 16.10 -20.84
C SER A 241 -6.91 16.52 -21.97
N SER A 242 -5.62 16.23 -21.78
CA SER A 242 -4.60 16.43 -22.82
C SER A 242 -4.73 15.36 -23.93
N PRO A 243 -5.11 15.75 -25.19
CA PRO A 243 -5.21 14.80 -26.34
C PRO A 243 -3.82 14.35 -26.87
N HIS A 244 -2.74 14.81 -26.23
CA HIS A 244 -1.37 14.34 -26.50
C HIS A 244 -1.23 12.83 -26.20
N LEU A 245 -1.94 12.38 -25.15
CA LEU A 245 -1.90 10.98 -24.66
C LEU A 245 -2.38 9.99 -25.73
N GLU A 246 -3.23 10.49 -26.63
CA GLU A 246 -3.77 9.72 -27.76
C GLU A 246 -2.67 9.28 -28.73
N LEU A 247 -1.63 10.11 -28.86
CA LEU A 247 -0.49 9.85 -29.78
C LEU A 247 0.26 8.57 -29.36
N LEU A 248 0.70 8.49 -28.09
CA LEU A 248 1.41 7.30 -27.57
C LEU A 248 0.46 6.11 -27.39
N ARG A 249 -0.81 6.36 -27.06
CA ARG A 249 -1.83 5.29 -26.93
C ARG A 249 -2.15 4.69 -28.33
N LYS A 250 -1.91 5.50 -29.39
CA LYS A 250 -2.03 5.07 -30.80
C LYS A 250 -0.77 4.26 -31.18
N LYS A 251 0.41 4.72 -30.69
CA LYS A 251 1.71 4.03 -30.90
C LYS A 251 1.75 2.67 -30.17
N GLY A 252 0.87 2.52 -29.16
CA GLY A 252 0.79 1.32 -28.32
C GLY A 252 1.73 1.39 -27.11
N ILE A 253 2.22 2.61 -26.83
CA ILE A 253 3.07 2.87 -25.66
C ILE A 253 2.17 3.34 -24.51
N GLU A 254 2.50 2.88 -23.30
CA GLU A 254 1.73 3.18 -22.10
C GLU A 254 2.47 4.25 -21.28
N VAL A 255 1.74 5.25 -20.78
CA VAL A 255 2.31 6.33 -19.96
C VAL A 255 1.55 6.41 -18.65
N LEU A 256 2.26 6.22 -17.53
CA LEU A 256 1.69 6.30 -16.18
C LEU A 256 1.25 7.74 -15.86
N LEU A 257 -0.06 7.94 -15.73
CA LEU A 257 -0.67 9.22 -15.33
C LEU A 257 -0.83 9.26 -13.80
N LEU A 258 0.08 9.99 -13.15
CA LEU A 258 0.15 10.16 -11.69
C LEU A 258 -0.73 11.35 -11.30
N SER A 259 -1.70 11.10 -10.43
CA SER A 259 -2.76 12.07 -10.10
C SER A 259 -2.62 12.61 -8.66
N ASP A 260 -1.60 12.14 -7.93
CA ASP A 260 -1.44 12.40 -6.49
C ASP A 260 -0.22 13.33 -6.25
N ARG A 261 -0.31 14.19 -5.23
CA ARG A 261 0.79 15.13 -4.88
C ARG A 261 2.01 14.35 -4.36
N ILE A 262 1.76 13.42 -3.43
CA ILE A 262 2.79 12.63 -2.71
C ILE A 262 3.71 11.82 -3.67
N ASP A 263 3.26 11.67 -4.93
CA ASP A 263 4.09 11.12 -6.01
C ASP A 263 5.44 11.83 -6.11
N GLU A 264 5.45 13.17 -5.93
CA GLU A 264 6.65 14.03 -6.00
C GLU A 264 7.84 13.41 -5.23
N TRP A 265 7.59 12.98 -4.00
CA TRP A 265 8.60 12.47 -3.08
C TRP A 265 9.01 11.00 -3.43
N MET A 266 8.15 10.29 -4.19
CA MET A 266 8.36 8.88 -4.57
C MET A 266 9.64 8.65 -5.43
N MET A 267 9.74 9.28 -6.63
CA MET A 267 10.89 9.02 -7.59
C MET A 267 12.23 9.48 -7.03
N ASN A 268 12.16 10.34 -6.02
CA ASN A 268 13.32 10.80 -5.23
C ASN A 268 14.17 9.60 -4.73
N TYR A 269 13.49 8.44 -4.56
CA TYR A 269 14.13 7.15 -4.21
C TYR A 269 13.79 6.07 -5.25
N LEU A 270 12.47 5.89 -5.58
CA LEU A 270 12.00 4.90 -6.59
C LEU A 270 12.45 5.35 -8.00
N THR A 271 13.72 5.08 -8.31
CA THR A 271 14.37 5.44 -9.57
C THR A 271 14.29 4.28 -10.59
N GLU A 272 14.08 3.06 -10.09
CA GLU A 272 14.01 1.84 -10.92
C GLU A 272 13.08 0.80 -10.28
N PHE A 273 12.29 0.09 -11.11
CA PHE A 273 11.45 -1.04 -10.71
C PHE A 273 11.68 -2.22 -11.67
N ASP A 274 12.03 -3.40 -11.11
CA ASP A 274 12.10 -4.69 -11.84
C ASP A 274 13.26 -4.71 -12.88
N GLY A 275 14.24 -3.81 -12.67
CA GLY A 275 15.37 -3.64 -13.60
C GLY A 275 15.13 -2.51 -14.60
N LYS A 276 13.88 -2.04 -14.70
CA LYS A 276 13.46 -0.99 -15.66
C LYS A 276 13.52 0.40 -14.97
N PRO A 277 14.48 1.31 -15.37
CA PRO A 277 14.52 2.69 -14.82
C PRO A 277 13.35 3.54 -15.34
N PHE A 278 12.97 4.57 -14.58
CA PHE A 278 11.84 5.46 -14.94
C PHE A 278 12.35 6.69 -15.71
N GLN A 279 11.64 7.07 -16.79
CA GLN A 279 12.03 8.20 -17.65
C GLN A 279 10.84 9.16 -17.85
N SER A 280 11.14 10.47 -17.80
CA SER A 280 10.19 11.51 -18.17
C SER A 280 9.87 11.43 -19.68
N VAL A 281 8.57 11.32 -19.99
CA VAL A 281 8.07 11.13 -21.37
C VAL A 281 8.40 12.34 -22.29
N SER A 282 8.48 13.54 -21.67
CA SER A 282 8.75 14.81 -22.37
C SER A 282 10.22 14.90 -22.85
N LYS A 283 11.03 13.87 -22.55
CA LYS A 283 12.43 13.79 -22.98
C LYS A 283 12.62 12.56 -23.91
N VAL A 284 13.90 12.26 -24.22
CA VAL A 284 14.26 11.27 -25.26
C VAL A 284 14.71 9.94 -24.62
N ASP A 285 14.96 8.94 -25.49
CA ASP A 285 15.45 7.59 -25.09
C ASP A 285 16.97 7.52 -25.34
N GLU A 286 17.63 6.47 -24.80
CA GLU A 286 19.09 6.24 -24.93
C GLU A 286 19.56 6.28 -26.40
N SER A 287 18.73 5.74 -27.29
CA SER A 287 19.00 5.70 -28.74
C SER A 287 19.19 7.12 -29.33
N LEU A 288 18.39 8.08 -28.81
CA LEU A 288 18.44 9.50 -29.24
C LEU A 288 19.36 10.30 -28.28
N GLU A 289 19.64 9.75 -27.08
CA GLU A 289 20.40 10.44 -26.01
C GLU A 289 21.84 10.76 -26.48
N LYS A 290 22.37 9.89 -27.34
CA LYS A 290 23.67 10.09 -28.00
C LYS A 290 23.65 11.39 -28.83
N LEU A 291 22.55 11.58 -29.58
CA LEU A 291 22.33 12.75 -30.45
C LEU A 291 21.91 13.98 -29.62
N ALA A 292 21.25 13.73 -28.47
CA ALA A 292 20.68 14.77 -27.61
C ALA A 292 21.79 15.65 -26.99
N MET B 17 10.85 18.49 -23.47
CA MET B 17 10.97 19.37 -24.67
C MET B 17 10.70 18.56 -25.96
N ALA B 18 11.04 17.25 -25.93
CA ALA B 18 10.88 16.34 -27.08
C ALA B 18 9.39 16.08 -27.41
N THR B 19 9.02 16.41 -28.66
CA THR B 19 7.69 16.18 -29.23
C THR B 19 7.84 15.56 -30.65
N SER B 20 7.97 14.22 -30.70
CA SER B 20 8.08 13.46 -31.98
C SER B 20 7.57 12.01 -31.77
N THR B 21 8.47 11.09 -31.38
CA THR B 21 8.10 9.68 -31.11
C THR B 21 7.38 9.60 -29.76
N LEU B 22 7.98 10.23 -28.73
CA LEU B 22 7.35 10.42 -27.42
C LEU B 22 6.69 11.81 -27.36
N ILE B 23 5.76 11.96 -26.41
CA ILE B 23 4.96 13.20 -26.25
C ILE B 23 5.42 13.98 -25.02
N LYS B 24 5.14 15.28 -25.02
CA LYS B 24 5.36 16.16 -23.87
C LYS B 24 4.19 16.01 -22.88
N ALA B 25 2.98 16.03 -23.47
CA ALA B 25 1.70 15.75 -22.81
C ALA B 25 1.34 16.79 -21.72
N ILE B 26 1.70 16.52 -20.45
CA ILE B 26 1.42 17.43 -19.32
C ILE B 26 2.77 17.92 -18.76
N ASP B 27 3.22 19.06 -19.30
CA ASP B 27 4.52 19.67 -18.94
C ASP B 27 4.57 21.11 -19.47
N GLY B 28 5.24 22.00 -18.71
CA GLY B 28 5.36 23.42 -19.04
C GLY B 28 6.52 23.72 -19.99
N ASP B 29 7.76 23.79 -19.45
CA ASP B 29 8.99 24.10 -20.23
C ASP B 29 10.18 23.32 -19.64
N THR B 30 10.47 23.58 -18.35
CA THR B 30 11.46 22.80 -17.59
C THR B 30 10.78 21.53 -17.07
N VAL B 31 11.25 20.33 -17.50
CA VAL B 31 10.59 19.06 -17.14
C VAL B 31 10.92 18.71 -15.68
N LYS B 32 10.19 19.35 -14.75
CA LYS B 32 10.31 19.12 -13.30
C LYS B 32 9.33 18.00 -12.91
N LEU B 33 9.68 16.78 -13.36
CA LEU B 33 8.84 15.61 -13.14
C LEU B 33 9.28 14.93 -11.82
N MET B 34 8.45 15.12 -10.77
CA MET B 34 8.42 14.23 -9.59
C MET B 34 9.75 14.25 -8.79
N TYR B 35 10.13 15.45 -8.30
CA TYR B 35 11.39 15.67 -7.55
C TYR B 35 11.22 15.21 -6.09
N LYS B 36 10.59 16.09 -5.28
CA LYS B 36 10.23 15.85 -3.86
C LYS B 36 9.69 17.16 -3.29
N GLY B 37 8.70 17.06 -2.39
CA GLY B 37 8.10 18.24 -1.75
C GLY B 37 8.59 18.42 -0.33
N GLN B 38 8.15 17.52 0.55
CA GLN B 38 8.41 17.60 2.00
C GLN B 38 8.70 16.19 2.58
N PRO B 39 9.74 16.06 3.48
CA PRO B 39 9.98 14.83 4.23
C PRO B 39 9.19 14.85 5.57
N MET B 40 8.68 13.69 6.00
CA MET B 40 7.74 13.61 7.15
C MET B 40 7.80 12.21 7.79
N THR B 41 8.91 11.48 7.56
CA THR B 41 8.99 10.03 7.89
C THR B 41 10.22 9.73 8.79
N PHE B 42 10.03 8.81 9.78
CA PHE B 42 11.06 8.44 10.78
C PHE B 42 11.83 7.15 10.37
N ARG B 43 11.07 6.26 9.71
CA ARG B 43 11.51 5.03 8.99
C ARG B 43 11.14 3.72 9.71
N LEU B 44 10.29 2.93 9.00
CA LEU B 44 9.84 1.58 9.39
C LEU B 44 8.99 1.06 8.24
N LEU B 45 9.49 0.09 7.47
CA LEU B 45 8.68 -0.57 6.42
C LEU B 45 8.72 -2.09 6.56
N LEU B 46 8.44 -2.78 5.45
CA LEU B 46 8.19 -4.22 5.39
C LEU B 46 9.53 -5.00 5.51
N VAL B 47 9.54 -6.24 4.99
CA VAL B 47 10.75 -7.08 4.91
C VAL B 47 10.80 -7.65 3.47
N ASP B 48 11.41 -8.83 3.24
CA ASP B 48 11.49 -9.44 1.90
C ASP B 48 10.16 -10.11 1.48
N THR B 49 9.46 -10.67 2.50
CA THR B 49 8.37 -11.67 2.36
C THR B 49 7.59 -11.60 1.01
N PRO B 50 8.04 -12.39 -0.01
CA PRO B 50 7.45 -12.39 -1.35
C PRO B 50 6.31 -13.42 -1.49
N GLU B 51 5.07 -12.92 -1.56
CA GLU B 51 3.90 -13.75 -1.90
C GLU B 51 3.89 -13.91 -3.44
N THR B 52 2.97 -13.21 -4.15
CA THR B 52 2.87 -13.18 -5.63
C THR B 52 2.93 -14.59 -6.24
N LYS B 53 1.79 -15.33 -6.17
CA LYS B 53 1.66 -16.67 -6.77
C LYS B 53 2.70 -17.64 -6.13
N HIS B 54 2.96 -17.42 -4.82
CA HIS B 54 4.03 -18.12 -4.06
C HIS B 54 3.76 -19.64 -4.05
N PRO B 55 4.79 -20.50 -4.40
CA PRO B 55 4.66 -21.98 -4.34
C PRO B 55 4.18 -22.45 -2.96
N LYS B 56 3.27 -23.44 -2.95
CA LYS B 56 2.56 -23.89 -1.74
C LYS B 56 3.53 -24.26 -0.58
N LYS B 57 4.66 -24.90 -0.96
CA LYS B 57 5.71 -25.34 -0.02
C LYS B 57 5.14 -26.16 1.17
N GLY B 58 5.88 -26.22 2.29
CA GLY B 58 5.42 -26.89 3.51
C GLY B 58 5.75 -28.38 3.51
N VAL B 59 5.47 -29.04 2.36
CA VAL B 59 5.64 -30.49 2.13
C VAL B 59 4.68 -31.29 3.05
N GLU B 60 3.89 -32.20 2.45
CA GLU B 60 2.88 -33.01 3.17
C GLU B 60 3.53 -33.93 4.24
N LYS B 61 4.87 -34.07 4.15
CA LYS B 61 5.72 -34.77 5.12
C LYS B 61 5.45 -36.28 5.11
N TYR B 62 6.05 -37.01 6.08
CA TYR B 62 5.92 -38.48 6.25
C TYR B 62 6.71 -39.24 5.14
N GLY B 63 7.43 -38.46 4.28
CA GLY B 63 8.17 -39.01 3.17
C GLY B 63 7.26 -39.67 2.14
N PRO B 64 7.38 -41.01 1.90
CA PRO B 64 6.38 -41.76 1.11
C PRO B 64 5.02 -41.76 1.86
N GLU B 65 4.05 -40.95 1.37
CA GLU B 65 2.76 -40.72 2.05
C GLU B 65 1.97 -42.02 2.26
N ALA B 66 2.20 -42.99 1.34
CA ALA B 66 1.64 -44.35 1.39
C ALA B 66 0.09 -44.32 1.25
N SER B 67 -0.60 -44.00 2.36
CA SER B 67 -2.07 -43.93 2.42
C SER B 67 -2.54 -42.65 3.14
N ALA B 68 -1.63 -42.06 3.94
CA ALA B 68 -1.86 -40.81 4.73
C ALA B 68 -3.00 -41.00 5.75
N PHE B 69 -2.61 -41.36 7.00
CA PHE B 69 -3.52 -41.67 8.13
C PHE B 69 -4.44 -42.88 7.81
N THR B 70 -4.01 -43.69 6.82
CA THR B 70 -4.74 -44.87 6.34
C THR B 70 -6.10 -44.44 5.73
N LYS B 71 -5.99 -43.71 4.59
CA LYS B 71 -7.09 -43.35 3.67
C LYS B 71 -7.97 -42.19 4.19
N LYS B 72 -8.51 -42.33 5.40
CA LYS B 72 -9.28 -41.29 6.11
C LYS B 72 -9.51 -41.71 7.56
N MET B 73 -9.65 -43.04 7.76
CA MET B 73 -9.79 -43.68 9.07
C MET B 73 -9.75 -45.22 8.86
N VAL B 74 -10.83 -45.74 8.23
CA VAL B 74 -11.01 -47.19 7.91
C VAL B 74 -11.24 -48.04 9.19
N GLU B 75 -10.16 -48.18 10.00
CA GLU B 75 -10.09 -49.02 11.23
C GLU B 75 -10.00 -50.51 10.86
N ASN B 76 -11.03 -51.07 10.21
CA ASN B 76 -11.09 -52.50 9.88
C ASN B 76 -11.67 -52.71 8.47
N ALA B 77 -10.81 -53.16 7.53
CA ALA B 77 -11.21 -53.52 6.15
C ALA B 77 -10.12 -54.42 5.53
N ALA A 28 -20.85 -12.30 24.21
CA ALA A 28 -20.11 -11.21 24.87
C ALA A 28 -18.82 -11.75 25.50
N GLN A 29 -17.79 -11.95 24.66
CA GLN A 29 -16.47 -12.43 25.08
C GLN A 29 -15.40 -11.81 24.19
N ALA A 30 -14.21 -11.56 24.79
CA ALA A 30 -13.02 -11.02 24.12
C ALA A 30 -12.69 -11.83 22.84
N LEU A 31 -13.18 -11.33 21.70
CA LEU A 31 -13.06 -11.97 20.39
C LEU A 31 -11.60 -12.18 20.00
N TRP A 32 -10.78 -11.14 20.24
CA TRP A 32 -9.38 -11.09 19.79
C TRP A 32 -8.54 -12.24 20.38
N THR A 33 -8.77 -12.57 21.66
CA THR A 33 -7.94 -13.57 22.39
C THR A 33 -8.39 -15.00 22.05
N ARG A 34 -9.64 -15.14 21.56
CA ARG A 34 -10.18 -16.44 21.11
C ARG A 34 -9.46 -16.89 19.82
N ASN A 35 -9.50 -18.20 19.57
CA ASN A 35 -8.87 -18.79 18.38
C ASN A 35 -9.67 -18.41 17.11
N LYS A 36 -8.91 -18.22 16.01
CA LYS A 36 -9.42 -17.79 14.69
C LYS A 36 -10.55 -18.70 14.16
N SER A 37 -10.41 -20.01 14.45
CA SER A 37 -11.27 -21.07 13.88
C SER A 37 -12.70 -21.03 14.46
N GLU A 38 -12.88 -20.38 15.61
CA GLU A 38 -14.18 -20.24 16.30
C GLU A 38 -14.83 -18.89 15.99
N ILE A 39 -14.16 -18.08 15.15
CA ILE A 39 -14.61 -16.72 14.79
C ILE A 39 -14.90 -16.68 13.28
N THR A 40 -16.18 -16.53 12.92
CA THR A 40 -16.61 -16.45 11.50
C THR A 40 -16.28 -15.06 10.93
N ASP A 41 -16.31 -14.95 9.58
CA ASP A 41 -15.98 -13.71 8.85
C ASP A 41 -16.94 -12.57 9.23
N GLU A 42 -18.24 -12.92 9.43
CA GLU A 42 -19.29 -11.99 9.84
C GLU A 42 -18.99 -11.40 11.23
N GLU A 43 -18.45 -12.26 12.12
CA GLU A 43 -18.16 -11.91 13.51
C GLU A 43 -17.01 -10.88 13.58
N TYR A 44 -16.03 -11.05 12.66
CA TYR A 44 -14.93 -10.08 12.45
C TYR A 44 -15.48 -8.73 11.98
N LYS A 45 -16.36 -8.77 10.96
CA LYS A 45 -17.00 -7.56 10.36
C LYS A 45 -17.80 -6.77 11.40
N GLU A 46 -18.50 -7.50 12.28
CA GLU A 46 -19.31 -6.91 13.36
C GLU A 46 -18.38 -6.23 14.38
N PHE A 47 -17.27 -6.92 14.70
CA PHE A 47 -16.27 -6.45 15.68
C PHE A 47 -15.54 -5.21 15.14
N TYR A 48 -15.34 -5.17 13.81
CA TYR A 48 -14.75 -4.02 13.09
C TYR A 48 -15.58 -2.76 13.35
N LYS A 49 -16.90 -2.87 13.11
CA LYS A 49 -17.85 -1.77 13.29
C LYS A 49 -17.90 -1.30 14.75
N HIS A 50 -17.67 -2.25 15.66
CA HIS A 50 -17.66 -2.00 17.10
C HIS A 50 -16.41 -1.19 17.52
N ILE A 51 -15.25 -1.41 16.86
CA ILE A 51 -13.95 -0.85 17.30
C ILE A 51 -13.43 0.33 16.44
N ALA A 52 -13.85 0.39 15.17
CA ALA A 52 -13.29 1.35 14.18
C ALA A 52 -14.09 2.66 14.14
N HIS A 53 -15.16 2.73 14.97
CA HIS A 53 -16.09 3.89 15.07
C HIS A 53 -16.90 4.04 13.75
N ASP A 54 -16.99 2.94 12.99
CA ASP A 54 -17.58 2.91 11.63
C ASP A 54 -18.73 1.88 11.60
N PHE A 55 -19.54 1.87 10.52
CA PHE A 55 -20.72 0.98 10.38
C PHE A 55 -20.72 0.25 9.04
N ASN A 56 -19.74 0.54 8.18
CA ASN A 56 -19.54 -0.19 6.92
C ASN A 56 -18.77 -1.48 7.21
N ASP A 57 -18.77 -2.42 6.26
CA ASP A 57 -17.98 -3.66 6.36
C ASP A 57 -16.51 -3.38 5.94
N PRO A 58 -15.51 -4.13 6.52
CA PRO A 58 -14.09 -4.01 6.12
C PRO A 58 -13.82 -4.76 4.79
N LEU A 59 -12.79 -4.31 4.06
CA LEU A 59 -12.36 -4.93 2.80
C LEU A 59 -11.70 -6.28 3.08
N THR A 60 -10.83 -6.29 4.09
CA THR A 60 -10.17 -7.51 4.58
C THR A 60 -9.67 -7.27 6.01
N TRP A 61 -9.11 -8.32 6.62
CA TRP A 61 -8.56 -8.30 7.98
C TRP A 61 -7.52 -9.41 8.12
N SER A 62 -6.82 -9.44 9.26
CA SER A 62 -5.87 -10.52 9.58
C SER A 62 -5.79 -10.70 11.09
N HIS A 63 -6.26 -11.88 11.57
CA HIS A 63 -6.16 -12.27 12.97
C HIS A 63 -4.92 -13.16 13.13
N ASN A 64 -3.99 -12.72 13.96
CA ASN A 64 -2.72 -13.42 14.23
C ASN A 64 -2.48 -13.46 15.72
N ARG A 65 -2.00 -14.59 16.24
CA ARG A 65 -1.47 -14.67 17.60
C ARG A 65 0.03 -14.92 17.53
N VAL A 66 0.79 -14.13 18.29
CA VAL A 66 2.25 -14.25 18.36
C VAL A 66 2.59 -14.65 19.79
N GLU A 67 3.51 -15.58 19.92
CA GLU A 67 3.85 -16.27 21.18
C GLU A 67 5.35 -16.60 21.18
N GLY A 68 5.93 -16.76 22.37
CA GLY A 68 7.35 -17.06 22.52
C GLY A 68 8.12 -15.82 22.92
N LYS A 69 8.73 -15.14 21.93
CA LYS A 69 9.57 -13.93 22.15
C LYS A 69 8.73 -12.78 22.76
N GLN A 70 7.79 -12.25 21.96
CA GLN A 70 6.85 -11.19 22.36
C GLN A 70 5.43 -11.71 22.18
N GLU A 71 4.75 -12.07 23.28
CA GLU A 71 3.41 -12.64 23.21
C GLU A 71 2.38 -11.51 23.08
N TYR A 72 1.74 -11.44 21.92
CA TYR A 72 0.67 -10.49 21.66
C TYR A 72 -0.28 -11.07 20.61
N THR A 73 -1.59 -11.00 20.88
CA THR A 73 -2.61 -11.39 19.92
C THR A 73 -3.09 -10.15 19.16
N SER A 74 -2.76 -10.06 17.88
CA SER A 74 -3.09 -8.92 17.02
C SER A 74 -4.28 -9.27 16.12
N LEU A 75 -5.07 -8.24 15.79
CA LEU A 75 -6.23 -8.37 14.91
C LEU A 75 -6.42 -7.03 14.19
N LEU A 76 -5.95 -6.99 12.94
CA LEU A 76 -5.99 -5.78 12.11
C LEU A 76 -7.19 -5.85 11.16
N TYR A 77 -7.63 -4.69 10.67
CA TYR A 77 -8.76 -4.51 9.76
C TYR A 77 -8.40 -3.42 8.75
N ILE A 78 -8.75 -3.65 7.48
CA ILE A 78 -8.63 -2.67 6.41
C ILE A 78 -10.02 -2.04 6.16
N PRO A 79 -10.23 -0.74 6.55
CA PRO A 79 -11.52 -0.02 6.34
C PRO A 79 -11.87 0.14 4.85
N SER A 80 -13.17 0.26 4.55
CA SER A 80 -13.67 0.38 3.17
C SER A 80 -13.62 1.83 2.68
N GLN A 81 -13.82 2.79 3.60
CA GLN A 81 -13.83 4.23 3.29
C GLN A 81 -13.02 5.00 4.32
N ALA A 82 -12.47 6.13 3.88
CA ALA A 82 -11.64 7.00 4.73
C ALA A 82 -12.55 7.94 5.54
N PRO A 83 -12.45 7.93 6.90
CA PRO A 83 -13.12 8.93 7.74
C PRO A 83 -12.44 10.31 7.57
N TRP A 84 -13.21 11.38 7.79
CA TRP A 84 -12.69 12.76 7.72
C TRP A 84 -11.56 12.97 8.74
N ASP A 85 -11.68 12.27 9.88
CA ASP A 85 -10.74 12.37 11.02
C ASP A 85 -9.33 11.82 10.70
N MET A 86 -9.17 11.16 9.54
CA MET A 86 -7.86 10.70 9.04
C MET A 86 -7.04 11.91 8.52
N TRP A 87 -7.78 12.98 8.14
CA TRP A 87 -7.21 14.22 7.60
C TRP A 87 -7.64 15.39 8.50
N ASN A 88 -7.69 15.11 9.81
CA ASN A 88 -8.00 16.10 10.87
C ASN A 88 -6.69 16.59 11.51
N ARG A 89 -6.75 17.71 12.25
CA ARG A 89 -5.57 18.27 12.95
C ARG A 89 -5.23 17.39 14.18
N ASP A 90 -6.22 16.60 14.62
CA ASP A 90 -6.05 15.58 15.65
C ASP A 90 -6.02 14.22 14.98
N HIS A 91 -5.27 13.29 15.57
CA HIS A 91 -5.09 11.95 15.00
C HIS A 91 -6.37 11.12 15.17
N LYS A 92 -6.57 10.19 14.24
CA LYS A 92 -7.60 9.14 14.39
C LYS A 92 -7.08 7.80 13.85
N HIS A 93 -5.89 7.80 13.27
CA HIS A 93 -5.22 6.55 12.90
C HIS A 93 -4.69 5.85 14.16
N GLY A 94 -4.82 4.51 14.22
CA GLY A 94 -4.30 3.72 15.33
C GLY A 94 -5.18 2.54 15.71
N LEU A 95 -4.65 1.73 16.66
CA LEU A 95 -5.26 0.47 17.12
C LEU A 95 -5.71 0.60 18.59
N LYS A 96 -6.59 -0.32 19.04
CA LYS A 96 -6.99 -0.41 20.46
C LYS A 96 -5.97 -1.27 21.23
N LEU A 97 -5.18 -0.63 22.09
CA LEU A 97 -4.20 -1.35 22.93
C LEU A 97 -4.89 -1.97 24.15
N TYR A 98 -4.91 -3.31 24.15
CA TYR A 98 -5.24 -4.14 25.30
C TYR A 98 -3.94 -4.79 25.80
N VAL A 99 -3.79 -4.91 27.11
CA VAL A 99 -2.71 -5.67 27.73
C VAL A 99 -3.33 -6.64 28.72
N GLN A 100 -3.15 -7.96 28.46
CA GLN A 100 -3.67 -9.04 29.31
C GLN A 100 -5.22 -8.99 29.34
N ARG A 101 -5.78 -8.60 28.16
CA ARG A 101 -7.24 -8.46 27.92
C ARG A 101 -7.85 -7.30 28.75
N VAL A 102 -6.98 -6.38 29.22
CA VAL A 102 -7.39 -5.17 29.95
C VAL A 102 -7.17 -3.96 29.05
N PHE A 103 -8.24 -3.18 28.84
CA PHE A 103 -8.19 -1.98 27.98
C PHE A 103 -7.37 -0.87 28.65
N ILE A 104 -6.38 -0.34 27.92
CA ILE A 104 -5.48 0.70 28.41
C ILE A 104 -5.75 2.02 27.68
N MET A 105 -5.65 1.97 26.35
CA MET A 105 -5.69 3.17 25.49
C MET A 105 -5.93 2.74 24.04
N ASP A 106 -6.92 3.35 23.36
CA ASP A 106 -7.21 3.05 21.94
C ASP A 106 -6.77 4.20 21.04
N ASP A 107 -6.93 3.97 19.71
CA ASP A 107 -6.63 4.96 18.65
C ASP A 107 -5.11 5.31 18.66
N ALA A 108 -4.32 4.31 19.13
CA ALA A 108 -2.87 4.44 19.34
C ALA A 108 -2.12 4.23 18.02
N GLU A 109 -1.70 5.36 17.41
CA GLU A 109 -0.96 5.38 16.13
C GLU A 109 0.48 4.88 16.29
N GLN A 110 0.87 4.63 17.54
CA GLN A 110 2.21 4.17 17.92
C GLN A 110 2.44 2.70 17.51
N PHE A 111 1.38 2.02 17.04
CA PHE A 111 1.44 0.61 16.58
C PHE A 111 1.43 0.49 15.06
N MET A 112 1.12 1.60 14.35
CA MET A 112 1.14 1.65 12.87
C MET A 112 1.72 2.99 12.40
N PRO A 113 2.80 3.00 11.54
CA PRO A 113 3.41 4.25 11.05
C PRO A 113 2.40 5.11 10.26
N ASN A 114 2.77 6.37 10.03
CA ASN A 114 1.88 7.36 9.38
C ASN A 114 1.53 6.96 7.93
N TYR A 115 2.38 6.10 7.36
CA TYR A 115 2.28 5.65 5.95
C TYR A 115 1.35 4.42 5.84
N LEU A 116 1.06 3.82 7.02
CA LEU A 116 0.07 2.74 7.18
C LEU A 116 -1.08 3.25 8.06
N ARG A 117 -1.39 4.56 7.96
CA ARG A 117 -2.37 5.24 8.86
C ARG A 117 -3.81 4.73 8.64
N PHE A 118 -4.04 4.06 7.51
CA PHE A 118 -5.35 3.48 7.17
C PHE A 118 -5.74 2.33 8.10
N VAL A 119 -4.73 1.60 8.63
CA VAL A 119 -4.96 0.38 9.42
C VAL A 119 -5.77 0.67 10.70
N ARG A 120 -6.87 -0.08 10.84
CA ARG A 120 -7.72 -0.08 12.02
C ARG A 120 -7.63 -1.47 12.67
N GLY A 121 -8.22 -1.60 13.86
CA GLY A 121 -8.23 -2.85 14.58
C GLY A 121 -7.79 -2.67 16.02
N LEU A 122 -7.03 -3.64 16.52
CA LEU A 122 -6.56 -3.67 17.89
C LEU A 122 -5.34 -4.59 18.03
N ILE A 123 -4.68 -4.46 19.17
CA ILE A 123 -3.53 -5.27 19.53
C ILE A 123 -3.56 -5.52 21.05
N ASP A 124 -3.73 -6.78 21.41
CA ASP A 124 -3.63 -7.27 22.78
C ASP A 124 -2.23 -7.84 22.99
N SER A 125 -1.58 -7.53 24.12
CA SER A 125 -0.28 -8.08 24.47
C SER A 125 -0.29 -8.67 25.88
N SER A 126 0.28 -9.88 26.03
CA SER A 126 0.54 -10.49 27.35
C SER A 126 1.98 -10.16 27.80
N ASP A 127 2.75 -9.48 26.90
CA ASP A 127 4.17 -9.17 27.13
C ASP A 127 4.33 -7.73 27.67
N LEU A 128 3.72 -6.74 26.96
CA LEU A 128 3.74 -5.29 27.35
C LEU A 128 3.29 -5.11 28.81
N PRO A 129 3.83 -4.07 29.55
CA PRO A 129 3.36 -3.74 30.92
C PRO A 129 1.87 -3.36 30.91
N LEU A 130 1.15 -3.71 31.98
CA LEU A 130 -0.29 -3.37 32.11
C LEU A 130 -0.43 -1.86 32.39
N ASN A 131 0.61 -1.27 33.01
CA ASN A 131 0.69 0.19 33.29
C ASN A 131 1.32 0.97 32.10
N VAL A 132 1.28 0.36 30.89
CA VAL A 132 1.82 0.97 29.65
C VAL A 132 1.11 2.31 29.32
N SER A 133 1.85 3.21 28.65
CA SER A 133 1.36 4.52 28.24
C SER A 133 1.91 4.84 26.84
N ARG A 134 1.39 5.90 26.21
CA ARG A 134 1.83 6.36 24.88
C ARG A 134 3.33 6.77 24.90
N GLU A 135 3.83 7.11 26.11
CA GLU A 135 5.25 7.40 26.36
C GLU A 135 6.10 6.15 26.08
N ILE A 136 5.65 5.00 26.64
CA ILE A 136 6.29 3.67 26.44
C ILE A 136 6.26 3.32 24.95
N LEU A 137 5.13 3.64 24.34
CA LEU A 137 4.85 3.33 22.93
C LEU A 137 5.69 4.20 21.97
N GLN A 138 6.05 5.41 22.43
CA GLN A 138 6.89 6.34 21.67
C GLN A 138 8.37 5.99 21.80
N ASP A 139 8.78 5.71 23.05
CA ASP A 139 10.20 5.62 23.42
C ASP A 139 10.75 4.19 23.25
N SER A 140 10.11 3.21 23.93
CA SER A 140 10.65 1.82 24.05
C SER A 140 10.71 1.11 22.68
N THR A 141 11.77 0.30 22.49
CA THR A 141 12.03 -0.41 21.24
C THR A 141 11.06 -1.60 21.06
N VAL A 142 10.56 -2.17 22.17
CA VAL A 142 9.60 -3.31 22.13
C VAL A 142 8.34 -2.95 21.33
N THR A 143 7.96 -1.67 21.37
CA THR A 143 6.79 -1.14 20.65
C THR A 143 7.11 -0.94 19.16
N ARG A 144 8.37 -0.58 18.84
CA ARG A 144 8.82 -0.45 17.43
C ARG A 144 8.98 -1.84 16.77
N ASN A 145 9.36 -2.84 17.60
CA ASN A 145 9.44 -4.25 17.21
C ASN A 145 8.02 -4.76 16.92
N LEU A 146 7.11 -4.35 17.83
CA LEU A 146 5.67 -4.65 17.77
C LEU A 146 5.09 -4.08 16.46
N ARG A 147 5.41 -2.81 16.22
CA ARG A 147 4.90 -2.00 15.10
C ARG A 147 5.40 -2.53 13.75
N ASN A 148 6.68 -2.94 13.72
CA ASN A 148 7.32 -3.52 12.53
C ASN A 148 6.71 -4.91 12.21
N ALA A 149 6.43 -5.67 13.28
CA ALA A 149 5.83 -7.02 13.17
C ALA A 149 4.37 -6.93 12.68
N LEU A 150 3.67 -5.86 13.06
CA LEU A 150 2.31 -5.55 12.57
C LEU A 150 2.35 -5.15 11.09
N THR A 151 3.39 -4.35 10.74
CA THR A 151 3.63 -3.89 9.35
C THR A 151 3.81 -5.07 8.37
N LYS A 152 4.39 -6.17 8.88
CA LYS A 152 4.49 -7.45 8.16
C LYS A 152 3.08 -7.91 7.71
N ARG A 153 2.14 -7.92 8.68
CA ARG A 153 0.74 -8.37 8.46
C ARG A 153 -0.03 -7.38 7.58
N VAL A 154 0.39 -6.10 7.58
CA VAL A 154 -0.20 -5.07 6.72
C VAL A 154 0.11 -5.40 5.25
N LEU A 155 1.39 -5.73 4.95
CA LEU A 155 1.85 -6.17 3.61
C LEU A 155 1.00 -7.39 3.15
N GLN A 156 0.83 -8.34 4.08
CA GLN A 156 0.07 -9.59 3.85
C GLN A 156 -1.38 -9.30 3.41
N MET A 157 -2.00 -8.27 4.02
CA MET A 157 -3.40 -7.88 3.71
C MET A 157 -3.49 -7.06 2.42
N LEU A 158 -2.52 -6.16 2.21
CA LEU A 158 -2.55 -5.19 1.09
C LEU A 158 -2.41 -5.88 -0.26
N GLU A 159 -1.33 -6.66 -0.41
CA GLU A 159 -1.07 -7.35 -1.67
C GLU A 159 -2.19 -8.34 -1.96
N LYS A 160 -2.59 -9.09 -0.91
CA LYS A 160 -3.64 -10.11 -1.01
C LYS A 160 -4.96 -9.49 -1.45
N LEU A 161 -5.28 -8.30 -0.89
CA LEU A 161 -6.54 -7.56 -1.17
C LEU A 161 -6.70 -7.26 -2.67
N ALA A 162 -5.56 -6.97 -3.34
CA ALA A 162 -5.51 -6.71 -4.80
C ALA A 162 -5.93 -7.96 -5.61
N LYS A 163 -5.64 -9.15 -5.05
CA LYS A 163 -5.99 -10.47 -5.65
C LYS A 163 -7.33 -11.00 -5.09
N ASP A 164 -7.71 -10.51 -3.90
CA ASP A 164 -8.87 -10.98 -3.13
C ASP A 164 -10.16 -10.52 -3.81
N ASP A 165 -10.18 -9.24 -4.18
CA ASP A 165 -11.31 -8.60 -4.86
C ASP A 165 -10.85 -7.24 -5.40
N ALA A 166 -10.74 -7.15 -6.74
CA ALA A 166 -10.27 -5.94 -7.46
C ALA A 166 -11.02 -4.65 -7.04
N GLU A 167 -12.34 -4.77 -6.81
CA GLU A 167 -13.21 -3.63 -6.43
C GLU A 167 -12.83 -3.09 -5.04
N LYS A 168 -12.55 -4.02 -4.10
CA LYS A 168 -12.15 -3.67 -2.72
C LYS A 168 -10.87 -2.83 -2.73
N TYR A 169 -9.84 -3.32 -3.43
CA TYR A 169 -8.51 -2.66 -3.46
C TYR A 169 -8.58 -1.35 -4.28
N GLN A 170 -9.49 -1.31 -5.25
CA GLN A 170 -9.76 -0.11 -6.06
C GLN A 170 -10.29 1.01 -5.17
N THR A 171 -11.29 0.66 -4.32
CA THR A 171 -11.90 1.59 -3.36
C THR A 171 -10.88 1.99 -2.28
N PHE A 172 -10.05 1.00 -1.86
CA PHE A 172 -8.97 1.20 -0.88
C PHE A 172 -8.03 2.34 -1.32
N TRP A 173 -7.50 2.21 -2.54
CA TRP A 173 -6.48 3.13 -3.07
C TRP A 173 -7.05 4.55 -3.24
N GLN A 174 -8.30 4.66 -3.68
CA GLN A 174 -8.92 5.98 -3.96
C GLN A 174 -9.32 6.71 -2.65
N GLN A 175 -9.27 5.99 -1.50
CA GLN A 175 -9.53 6.58 -0.17
C GLN A 175 -8.21 6.79 0.63
N PHE A 176 -7.28 5.83 0.52
CA PHE A 176 -6.08 5.73 1.41
C PHE A 176 -4.77 5.74 0.62
N GLY A 177 -4.85 5.90 -0.70
CA GLY A 177 -3.71 5.78 -1.59
C GLY A 177 -2.68 6.87 -1.41
N LEU A 178 -3.16 8.10 -1.12
CA LEU A 178 -2.32 9.30 -0.94
C LEU A 178 -1.28 9.10 0.18
N VAL A 179 -1.65 8.23 1.13
CA VAL A 179 -0.84 7.87 2.29
C VAL A 179 0.35 6.97 1.86
N LEU A 180 0.07 5.99 0.99
CA LEU A 180 1.08 5.00 0.53
C LEU A 180 2.22 5.59 -0.33
N LYS A 181 2.09 6.85 -0.83
CA LYS A 181 3.20 7.52 -1.58
C LYS A 181 4.34 7.93 -0.63
N GLU A 182 4.01 8.11 0.68
CA GLU A 182 5.02 8.34 1.74
C GLU A 182 6.01 7.16 1.79
N GLY A 183 5.50 5.95 1.42
CA GLY A 183 6.25 4.71 1.49
C GLY A 183 7.54 4.71 0.67
N PRO A 184 7.50 4.60 -0.68
CA PRO A 184 8.73 4.46 -1.53
C PRO A 184 9.67 5.68 -1.42
N ALA A 185 9.13 6.79 -0.90
CA ALA A 185 9.86 8.04 -0.68
C ALA A 185 10.59 8.04 0.67
N GLU A 186 10.06 7.26 1.63
CA GLU A 186 10.65 7.10 2.96
C GLU A 186 11.90 6.20 2.89
N ASP A 187 11.70 4.91 2.62
CA ASP A 187 12.80 3.94 2.50
C ASP A 187 12.79 3.34 1.09
N PHE A 188 13.78 3.73 0.28
CA PHE A 188 13.90 3.29 -1.12
C PHE A 188 14.34 1.81 -1.22
N ALA A 189 14.85 1.19 -0.14
CA ALA A 189 15.27 -0.24 -0.19
C ALA A 189 14.03 -1.16 -0.28
N ASN A 190 12.91 -0.73 0.33
CA ASN A 190 11.61 -1.45 0.27
C ASN A 190 10.69 -0.84 -0.82
N GLN A 191 11.27 -0.11 -1.80
CA GLN A 191 10.51 0.53 -2.91
C GLN A 191 9.77 -0.53 -3.74
N GLU A 192 10.39 -1.74 -3.82
CA GLU A 192 9.90 -2.88 -4.64
C GLU A 192 8.51 -3.38 -4.18
N ALA A 193 8.38 -3.65 -2.86
CA ALA A 193 7.15 -4.24 -2.27
C ALA A 193 5.97 -3.27 -2.37
N ILE A 194 6.25 -1.98 -2.19
CA ILE A 194 5.22 -0.92 -2.20
C ILE A 194 4.86 -0.53 -3.64
N ALA A 195 5.81 -0.71 -4.58
CA ALA A 195 5.63 -0.41 -6.01
C ALA A 195 4.53 -1.29 -6.63
N LYS A 196 4.41 -2.53 -6.11
CA LYS A 196 3.32 -3.47 -6.46
C LYS A 196 1.95 -2.91 -6.03
N LEU A 197 1.95 -2.21 -4.88
CA LEU A 197 0.75 -1.68 -4.24
C LEU A 197 0.31 -0.34 -4.87
N LEU A 198 1.28 0.41 -5.43
CA LEU A 198 1.02 1.75 -6.01
C LEU A 198 0.13 1.64 -7.27
N ARG A 199 -0.93 2.45 -7.30
CA ARG A 199 -1.87 2.53 -8.44
C ARG A 199 -1.88 3.97 -8.98
N PHE A 200 -1.63 4.13 -10.28
CA PHE A 200 -1.71 5.40 -10.99
C PHE A 200 -2.80 5.28 -12.06
N ALA A 201 -2.88 6.27 -12.94
CA ALA A 201 -3.61 6.13 -14.20
C ALA A 201 -2.57 5.88 -15.30
N SER A 202 -3.03 5.41 -16.46
CA SER A 202 -2.18 5.22 -17.65
C SER A 202 -3.04 5.34 -18.90
N THR A 203 -2.43 5.23 -20.10
CA THR A 203 -3.15 5.40 -21.36
C THR A 203 -4.17 4.26 -21.63
N HIS A 204 -4.10 3.12 -20.89
CA HIS A 204 -5.11 2.02 -21.05
C HIS A 204 -6.43 2.39 -20.34
N THR A 205 -6.37 3.33 -19.38
CA THR A 205 -7.58 3.86 -18.70
C THR A 205 -7.57 5.40 -18.77
N ASP A 206 -8.59 5.98 -19.43
CA ASP A 206 -8.73 7.45 -19.58
C ASP A 206 -9.52 8.04 -18.41
N SER A 207 -9.99 7.17 -17.50
CA SER A 207 -10.68 7.58 -16.27
C SER A 207 -9.66 8.02 -15.21
N SER A 208 -10.10 8.89 -14.28
CA SER A 208 -9.29 9.33 -13.14
C SER A 208 -9.08 8.19 -12.12
N ALA A 209 -9.85 7.08 -12.29
CA ALA A 209 -9.73 5.86 -11.49
C ALA A 209 -8.33 5.25 -11.61
N GLN A 210 -7.57 5.30 -10.51
CA GLN A 210 -6.22 4.76 -10.43
C GLN A 210 -6.28 3.23 -10.33
N THR A 211 -6.37 2.57 -11.48
CA THR A 211 -6.56 1.13 -11.60
C THR A 211 -5.23 0.41 -11.84
N VAL A 212 -4.38 1.01 -12.69
CA VAL A 212 -3.12 0.40 -13.12
C VAL A 212 -2.07 0.48 -12.00
N SER A 213 -1.55 -0.67 -11.59
CA SER A 213 -0.34 -0.73 -10.77
C SER A 213 0.87 -0.75 -11.70
N LEU A 214 2.06 -0.57 -11.11
CA LEU A 214 3.32 -0.73 -11.84
C LEU A 214 3.45 -2.20 -12.34
N GLU A 215 2.88 -3.12 -11.55
CA GLU A 215 2.79 -4.56 -11.88
C GLU A 215 1.81 -4.80 -13.04
N ASP A 216 0.67 -4.07 -13.02
CA ASP A 216 -0.36 -4.14 -14.07
C ASP A 216 0.20 -3.59 -15.40
N TYR A 217 1.16 -2.64 -15.28
CA TYR A 217 1.90 -2.09 -16.42
C TYR A 217 2.83 -3.16 -17.02
N VAL A 218 3.49 -3.97 -16.15
CA VAL A 218 4.37 -5.08 -16.59
C VAL A 218 3.56 -6.12 -17.39
N SER A 219 2.32 -6.37 -16.93
CA SER A 219 1.37 -7.27 -17.60
C SER A 219 0.75 -6.62 -18.86
N ARG A 220 1.08 -5.34 -19.11
CA ARG A 220 0.62 -4.59 -20.30
C ARG A 220 1.84 -4.04 -21.10
N MET A 221 3.04 -4.61 -20.86
CA MET A 221 4.26 -4.20 -21.59
C MET A 221 4.29 -4.82 -22.99
N LYS A 222 4.79 -4.03 -23.95
CA LYS A 222 5.05 -4.47 -25.33
C LYS A 222 6.40 -5.18 -25.40
N GLU A 223 6.69 -5.83 -26.55
CA GLU A 223 7.99 -6.49 -26.77
C GLU A 223 9.11 -5.43 -26.83
N GLY A 224 10.17 -5.65 -26.05
CA GLY A 224 11.28 -4.70 -25.94
C GLY A 224 10.99 -3.50 -25.03
N GLN A 225 9.74 -3.42 -24.49
CA GLN A 225 9.33 -2.33 -23.58
C GLN A 225 9.79 -2.68 -22.16
N GLU A 226 11.11 -2.58 -21.96
CA GLU A 226 11.79 -2.96 -20.71
C GLU A 226 11.87 -1.74 -19.74
N LYS A 227 11.45 -0.57 -20.24
CA LYS A 227 11.45 0.69 -19.46
C LYS A 227 10.01 1.09 -19.17
N ILE A 228 9.78 1.64 -17.98
CA ILE A 228 8.46 2.07 -17.53
C ILE A 228 8.36 3.60 -17.72
N TYR A 229 7.37 4.05 -18.51
CA TYR A 229 7.30 5.47 -18.98
C TYR A 229 6.27 6.23 -18.17
N TYR A 230 6.69 7.37 -17.59
CA TYR A 230 5.84 8.19 -16.72
C TYR A 230 5.71 9.61 -17.27
N ILE A 231 4.53 10.19 -17.08
CA ILE A 231 4.23 11.59 -17.32
C ILE A 231 3.68 12.18 -16.03
N THR A 232 4.38 13.19 -15.49
CA THR A 232 3.99 13.86 -14.27
C THR A 232 3.32 15.21 -14.60
N ALA A 233 2.05 15.37 -14.19
CA ALA A 233 1.27 16.59 -14.40
C ALA A 233 0.47 16.91 -13.13
N ASP A 234 0.26 18.22 -12.89
CA ASP A 234 -0.36 18.75 -11.66
C ASP A 234 -1.84 18.37 -11.50
N SER A 235 -2.44 17.87 -12.59
CA SER A 235 -3.82 17.34 -12.60
C SER A 235 -3.95 16.32 -13.75
N TYR A 236 -4.91 15.39 -13.59
CA TYR A 236 -5.16 14.34 -14.59
C TYR A 236 -5.75 14.93 -15.89
N ALA A 237 -6.60 15.95 -15.73
CA ALA A 237 -7.24 16.66 -16.87
C ALA A 237 -6.17 17.32 -17.77
N ALA A 238 -5.14 17.90 -17.12
CA ALA A 238 -4.00 18.55 -17.83
C ALA A 238 -3.09 17.51 -18.51
N ALA A 239 -2.99 16.32 -17.91
CA ALA A 239 -2.17 15.22 -18.44
C ALA A 239 -2.85 14.60 -19.68
N LYS A 240 -3.99 13.95 -19.44
CA LYS A 240 -4.72 13.11 -20.41
C LYS A 240 -5.16 13.91 -21.66
N SER A 241 -5.33 15.23 -21.52
CA SER A 241 -5.78 16.12 -22.62
C SER A 241 -4.77 16.17 -23.79
N SER A 242 -3.51 15.77 -23.52
CA SER A 242 -2.43 15.69 -24.52
C SER A 242 -2.76 14.66 -25.63
N PRO A 243 -2.90 15.12 -26.93
CA PRO A 243 -3.16 14.23 -28.10
C PRO A 243 -2.12 13.10 -28.28
N HIS A 244 -0.85 13.37 -27.90
CA HIS A 244 0.27 12.39 -28.00
C HIS A 244 0.02 11.14 -27.15
N LEU A 245 -0.66 11.30 -26.01
CA LEU A 245 -1.00 10.17 -25.11
C LEU A 245 -2.00 9.23 -25.78
N GLU A 246 -2.96 9.82 -26.50
CA GLU A 246 -4.01 9.08 -27.24
C GLU A 246 -3.44 8.45 -28.52
N LEU A 247 -2.38 9.08 -29.05
CA LEU A 247 -1.64 8.57 -30.22
C LEU A 247 -0.94 7.25 -29.84
N LEU A 248 -0.16 7.29 -28.74
CA LEU A 248 0.55 6.12 -28.19
C LEU A 248 -0.45 5.05 -27.72
N ARG A 249 -1.56 5.50 -27.14
CA ARG A 249 -2.65 4.63 -26.63
C ARG A 249 -3.16 3.69 -27.73
N LYS A 250 -3.57 4.30 -28.86
CA LYS A 250 -4.09 3.57 -30.04
C LYS A 250 -2.98 2.76 -30.70
N LYS A 251 -1.73 3.28 -30.64
CA LYS A 251 -0.53 2.62 -31.19
C LYS A 251 -0.19 1.32 -30.42
N GLY A 252 -0.64 1.27 -29.16
CA GLY A 252 -0.45 0.12 -28.27
C GLY A 252 0.70 0.30 -27.31
N ILE A 253 1.24 1.52 -27.23
CA ILE A 253 2.27 1.89 -26.25
C ILE A 253 1.55 2.55 -25.06
N GLU A 254 2.04 2.28 -23.85
CA GLU A 254 1.37 2.74 -22.63
C GLU A 254 2.31 3.64 -21.81
N VAL A 255 1.71 4.70 -21.23
CA VAL A 255 2.43 5.67 -20.38
C VAL A 255 1.57 5.94 -19.15
N LEU A 256 2.19 5.91 -17.96
CA LEU A 256 1.50 6.14 -16.68
C LEU A 256 1.37 7.65 -16.42
N LEU A 257 0.12 8.10 -16.26
CA LEU A 257 -0.23 9.50 -16.01
C LEU A 257 -0.36 9.76 -14.50
N LEU A 258 0.71 10.33 -13.94
CA LEU A 258 0.79 10.75 -12.54
C LEU A 258 0.10 12.12 -12.42
N SER A 259 -0.89 12.22 -11.54
CA SER A 259 -1.79 13.38 -11.45
C SER A 259 -1.82 13.99 -10.03
N ASP A 260 -1.11 13.36 -9.07
CA ASP A 260 -1.09 13.82 -7.67
C ASP A 260 0.34 14.21 -7.25
N ARG A 261 0.43 15.21 -6.37
CA ARG A 261 1.71 15.90 -6.04
C ARG A 261 2.71 15.01 -5.29
N ILE A 262 2.23 14.16 -4.37
CA ILE A 262 3.14 13.34 -3.53
C ILE A 262 3.65 12.10 -4.34
N ASP A 263 3.07 11.85 -5.54
CA ASP A 263 3.59 10.84 -6.48
C ASP A 263 4.97 11.25 -7.03
N GLU A 264 5.26 12.57 -7.07
CA GLU A 264 6.55 13.07 -7.58
C GLU A 264 7.65 12.85 -6.52
N TRP A 265 7.28 13.06 -5.23
CA TRP A 265 8.17 12.83 -4.09
C TRP A 265 8.44 11.31 -3.94
N MET A 266 7.46 10.51 -4.39
CA MET A 266 7.56 9.05 -4.46
C MET A 266 8.56 8.65 -5.58
N MET A 267 8.43 9.29 -6.77
CA MET A 267 9.32 9.06 -7.95
C MET A 267 10.78 9.42 -7.65
N ASN A 268 10.95 10.37 -6.70
CA ASN A 268 12.26 10.86 -6.25
C ASN A 268 13.17 9.69 -5.78
N TYR A 269 12.56 8.65 -5.17
CA TYR A 269 13.31 7.53 -4.57
C TYR A 269 12.96 6.16 -5.19
N LEU A 270 11.80 6.07 -5.87
CA LEU A 270 11.40 4.86 -6.61
C LEU A 270 12.08 4.88 -7.99
N THR A 271 13.29 4.33 -8.06
CA THR A 271 14.15 4.37 -9.25
C THR A 271 13.91 3.18 -10.20
N GLU A 272 13.45 2.04 -9.66
CA GLU A 272 13.31 0.77 -10.40
C GLU A 272 12.26 -0.14 -9.74
N PHE A 273 11.53 -0.91 -10.56
CA PHE A 273 10.57 -1.93 -10.11
C PHE A 273 10.57 -3.12 -11.09
N ASP A 274 10.54 -4.34 -10.52
CA ASP A 274 10.39 -5.62 -11.26
C ASP A 274 11.59 -5.92 -12.17
N GLY A 275 12.70 -5.17 -11.96
CA GLY A 275 13.90 -5.24 -12.80
C GLY A 275 13.89 -4.17 -13.89
N LYS A 276 12.71 -3.58 -14.12
CA LYS A 276 12.48 -2.57 -15.18
C LYS A 276 12.80 -1.16 -14.64
N PRO A 277 13.77 -0.42 -15.27
CA PRO A 277 14.14 0.95 -14.83
C PRO A 277 13.05 1.98 -15.20
N PHE A 278 12.98 3.03 -14.39
CA PHE A 278 12.00 4.13 -14.59
C PHE A 278 12.60 5.18 -15.51
N GLN A 279 11.83 5.57 -16.53
CA GLN A 279 12.23 6.57 -17.52
C GLN A 279 11.00 7.45 -17.82
N SER A 280 10.94 8.62 -17.15
CA SER A 280 9.95 9.66 -17.44
C SER A 280 10.51 10.66 -18.47
N VAL A 281 9.62 11.40 -19.14
CA VAL A 281 10.02 12.52 -20.03
C VAL A 281 10.41 13.74 -19.17
N SER A 282 9.72 13.87 -18.02
CA SER A 282 9.85 14.98 -17.09
C SER A 282 11.18 14.95 -16.31
N LYS A 283 11.77 13.74 -16.17
CA LYS A 283 13.00 13.53 -15.37
C LYS A 283 13.79 12.33 -15.91
N VAL A 284 15.13 12.38 -15.75
CA VAL A 284 16.03 11.24 -16.01
C VAL A 284 16.92 11.05 -14.77
N ASP A 285 17.39 9.82 -14.54
CA ASP A 285 18.00 9.45 -13.25
C ASP A 285 19.20 8.50 -13.45
N GLU A 286 19.65 7.86 -12.35
CA GLU A 286 20.82 6.97 -12.31
C GLU A 286 20.67 5.71 -13.21
N SER A 287 19.44 5.47 -13.71
CA SER A 287 19.14 4.38 -14.68
C SER A 287 19.87 4.60 -16.03
N LEU A 288 20.26 5.87 -16.29
CA LEU A 288 21.01 6.28 -17.51
C LEU A 288 22.54 6.22 -17.26
N GLU A 289 22.95 5.25 -16.42
CA GLU A 289 24.36 4.99 -16.08
C GLU A 289 25.17 4.54 -17.33
N LYS A 290 24.44 4.02 -18.33
CA LYS A 290 25.03 3.53 -19.60
C LYS A 290 25.58 4.72 -20.43
N LEU A 291 24.98 5.91 -20.22
CA LEU A 291 25.38 7.15 -20.92
C LEU A 291 26.28 8.03 -20.02
N ALA A 292 26.57 7.56 -18.79
CA ALA A 292 27.42 8.30 -17.83
C ALA A 292 28.90 8.19 -18.27
N MET B 17 18.50 16.56 -22.30
CA MET B 17 17.76 16.31 -21.03
C MET B 17 17.02 14.96 -21.07
N ALA B 18 16.43 14.60 -22.24
CA ALA B 18 15.52 13.44 -22.37
C ALA B 18 16.10 12.39 -23.32
N THR B 19 15.55 11.18 -23.23
CA THR B 19 16.00 10.01 -24.00
C THR B 19 14.82 9.04 -24.19
N SER B 20 13.60 9.62 -24.22
CA SER B 20 12.36 8.86 -24.28
C SER B 20 12.21 8.12 -25.61
N THR B 21 11.70 6.89 -25.54
CA THR B 21 11.53 5.99 -26.71
C THR B 21 10.68 6.63 -27.82
N LEU B 22 9.63 7.36 -27.43
CA LEU B 22 8.70 8.02 -28.37
C LEU B 22 7.80 9.02 -27.64
N ILE B 23 7.50 8.74 -26.35
CA ILE B 23 6.67 9.60 -25.51
C ILE B 23 7.33 10.97 -25.29
N LYS B 24 6.54 12.05 -25.46
CA LYS B 24 7.06 13.43 -25.40
C LYS B 24 5.91 14.38 -25.03
N ALA B 25 4.93 13.83 -24.29
CA ALA B 25 3.73 14.55 -23.85
C ALA B 25 4.01 15.30 -22.53
N ILE B 26 3.25 16.39 -22.28
CA ILE B 26 3.34 17.26 -21.08
C ILE B 26 4.81 17.67 -20.77
N ASP B 27 5.28 18.69 -21.53
CA ASP B 27 6.61 19.30 -21.34
C ASP B 27 6.77 20.51 -22.25
N GLY B 28 7.54 21.49 -21.78
CA GLY B 28 7.95 22.67 -22.53
C GLY B 28 9.37 23.06 -22.14
N ASP B 29 10.23 22.01 -22.03
CA ASP B 29 11.67 22.10 -21.64
C ASP B 29 11.88 22.42 -20.13
N THR B 30 10.77 22.51 -19.35
CA THR B 30 10.81 22.94 -17.93
C THR B 30 9.62 22.39 -17.13
N VAL B 31 9.04 21.23 -17.56
CA VAL B 31 7.88 20.61 -16.85
C VAL B 31 8.26 20.24 -15.38
N LYS B 32 9.56 19.89 -15.21
CA LYS B 32 10.18 19.53 -13.94
C LYS B 32 9.56 18.22 -13.40
N LEU B 33 8.46 18.35 -12.64
CA LEU B 33 7.69 17.26 -12.01
C LEU B 33 6.43 17.89 -11.36
N MET B 34 5.70 17.17 -10.50
CA MET B 34 4.39 17.64 -9.97
C MET B 34 4.53 18.52 -8.72
N TYR B 35 5.00 19.78 -8.93
CA TYR B 35 4.89 20.88 -7.93
C TYR B 35 5.71 20.65 -6.62
N LYS B 36 6.37 19.48 -6.51
CA LYS B 36 7.08 19.01 -5.31
C LYS B 36 6.11 18.50 -4.21
N GLY B 37 6.44 17.34 -3.63
CA GLY B 37 5.75 16.80 -2.45
C GLY B 37 6.26 17.46 -1.17
N GLN B 38 6.60 16.66 -0.13
CA GLN B 38 7.20 17.20 1.11
C GLN B 38 7.72 16.06 2.02
N PRO B 39 8.92 16.25 2.68
CA PRO B 39 9.43 15.31 3.70
C PRO B 39 8.72 15.53 5.06
N MET B 40 7.63 14.78 5.28
CA MET B 40 6.77 14.88 6.48
C MET B 40 6.73 13.52 7.21
N THR B 41 7.77 12.71 7.00
CA THR B 41 7.82 11.30 7.39
C THR B 41 8.97 11.04 8.39
N PHE B 42 8.86 9.99 9.24
CA PHE B 42 9.89 9.67 10.27
C PHE B 42 10.81 8.50 9.77
N ARG B 43 10.34 7.21 9.86
CA ARG B 43 11.00 6.00 9.27
C ARG B 43 10.35 4.70 9.80
N LEU B 44 9.67 3.96 8.89
CA LEU B 44 9.28 2.53 9.07
C LEU B 44 8.46 2.10 7.86
N LEU B 45 8.90 1.05 7.15
CA LEU B 45 8.15 0.49 6.01
C LEU B 45 7.98 -1.01 6.11
N LEU B 46 7.35 -1.55 5.03
CA LEU B 46 7.08 -2.98 4.85
C LEU B 46 8.33 -3.84 5.08
N VAL B 47 8.09 -5.07 5.54
CA VAL B 47 9.16 -6.02 5.85
C VAL B 47 9.91 -6.44 4.54
N ASP B 48 11.16 -6.91 4.66
CA ASP B 48 12.01 -7.30 3.52
C ASP B 48 11.34 -8.43 2.69
N THR B 49 11.72 -8.50 1.40
CA THR B 49 11.03 -9.32 0.37
C THR B 49 10.92 -10.84 0.75
N PRO B 50 12.03 -11.57 1.17
CA PRO B 50 11.92 -12.97 1.67
C PRO B 50 11.16 -13.06 3.01
N GLU B 51 11.22 -11.99 3.82
CA GLU B 51 10.64 -11.96 5.18
C GLU B 51 9.13 -11.68 5.19
N THR B 52 8.50 -11.74 3.99
CA THR B 52 7.05 -11.64 3.84
C THR B 52 6.39 -12.97 4.28
N LYS B 53 6.74 -14.06 3.60
CA LYS B 53 6.21 -15.43 3.86
C LYS B 53 7.38 -16.42 3.75
N HIS B 54 7.74 -16.78 2.48
CA HIS B 54 8.90 -17.63 2.12
C HIS B 54 8.78 -19.08 2.67
N PRO B 55 8.69 -20.12 1.77
CA PRO B 55 8.65 -21.54 2.17
C PRO B 55 9.93 -21.97 2.93
N LYS B 56 9.81 -22.12 4.25
CA LYS B 56 10.92 -22.51 5.13
C LYS B 56 10.37 -23.07 6.46
N LYS B 57 11.23 -23.14 7.51
CA LYS B 57 10.89 -23.56 8.89
C LYS B 57 10.86 -25.10 9.00
N GLY B 58 9.98 -25.73 8.19
CA GLY B 58 9.74 -27.16 8.22
C GLY B 58 8.48 -27.49 7.46
N VAL B 59 8.45 -27.11 6.17
CA VAL B 59 7.31 -27.36 5.28
C VAL B 59 7.33 -28.85 4.83
N GLU B 60 6.43 -29.63 5.48
CA GLU B 60 6.22 -31.08 5.24
C GLU B 60 7.35 -31.94 5.88
N LYS B 61 7.06 -33.22 6.12
CA LYS B 61 8.00 -34.17 6.74
C LYS B 61 7.82 -35.57 6.13
N TYR B 62 8.60 -36.54 6.65
CA TYR B 62 8.59 -37.94 6.18
C TYR B 62 7.26 -38.65 6.52
N GLY B 63 6.96 -38.72 7.84
CA GLY B 63 5.76 -39.41 8.35
C GLY B 63 4.87 -38.46 9.17
N PRO B 64 3.71 -37.99 8.60
CA PRO B 64 2.74 -37.10 9.31
C PRO B 64 2.05 -37.87 10.46
N GLU B 65 2.52 -37.64 11.70
CA GLU B 65 2.03 -38.30 12.94
C GLU B 65 2.29 -39.85 12.88
N ALA B 66 3.24 -40.25 12.00
CA ALA B 66 3.58 -41.67 11.71
C ALA B 66 2.36 -42.43 11.14
N SER B 67 1.38 -41.66 10.60
CA SER B 67 0.06 -42.17 10.21
C SER B 67 -0.62 -42.84 11.42
N ALA B 68 -0.76 -42.05 12.52
CA ALA B 68 -1.43 -42.43 13.78
C ALA B 68 -0.63 -43.53 14.50
N PHE B 69 0.20 -43.12 15.47
CA PHE B 69 1.10 -44.04 16.23
C PHE B 69 0.38 -44.68 17.45
N THR B 70 -0.95 -44.52 17.53
CA THR B 70 -1.85 -45.22 18.48
C THR B 70 -1.74 -44.69 19.94
N LYS B 71 -0.60 -44.96 20.60
CA LYS B 71 -0.46 -44.81 22.07
C LYS B 71 -0.62 -43.38 22.58
N LYS B 72 -0.36 -42.38 21.72
CA LYS B 72 -0.41 -40.95 22.11
C LYS B 72 0.62 -40.66 23.25
N MET B 73 1.72 -41.44 23.24
CA MET B 73 2.82 -41.29 24.21
C MET B 73 4.14 -41.81 23.58
N VAL B 74 4.92 -40.87 23.04
CA VAL B 74 6.28 -41.13 22.52
C VAL B 74 7.23 -40.15 23.22
N GLU B 75 7.90 -40.64 24.30
CA GLU B 75 8.61 -39.84 25.32
C GLU B 75 7.60 -39.06 26.19
N ASN B 76 6.79 -38.20 25.53
CA ASN B 76 5.68 -37.43 26.13
C ASN B 76 6.22 -36.30 27.02
N ALA B 77 6.65 -36.67 28.24
CA ALA B 77 7.13 -35.71 29.25
C ALA B 77 7.94 -36.48 30.31
N ALA A 28 -20.37 -15.26 22.14
CA ALA A 28 -20.51 -13.88 22.68
C ALA A 28 -19.39 -13.61 23.69
N GLN A 29 -18.19 -13.32 23.18
CA GLN A 29 -16.99 -13.04 23.99
C GLN A 29 -16.05 -12.12 23.20
N ALA A 30 -15.13 -11.44 23.93
CA ALA A 30 -14.10 -10.53 23.37
C ALA A 30 -13.41 -11.18 22.15
N LEU A 31 -13.81 -10.73 20.96
CA LEU A 31 -13.49 -11.38 19.67
C LEU A 31 -11.98 -11.53 19.45
N TRP A 32 -11.21 -10.51 19.85
CA TRP A 32 -9.76 -10.46 19.61
C TRP A 32 -9.03 -11.60 20.32
N THR A 33 -9.47 -11.95 21.54
CA THR A 33 -8.76 -12.96 22.36
C THR A 33 -9.24 -14.39 22.01
N ARG A 34 -10.38 -14.51 21.29
CA ARG A 34 -10.95 -15.82 20.92
C ARG A 34 -10.10 -16.51 19.84
N ASN A 35 -10.29 -17.85 19.73
CA ASN A 35 -9.71 -18.67 18.67
C ASN A 35 -10.35 -18.29 17.33
N LYS A 36 -9.53 -18.24 16.27
CA LYS A 36 -9.95 -17.90 14.91
C LYS A 36 -11.08 -18.84 14.41
N SER A 37 -10.95 -20.14 14.78
CA SER A 37 -11.90 -21.20 14.36
C SER A 37 -13.32 -20.95 14.93
N GLU A 38 -13.39 -20.23 16.06
CA GLU A 38 -14.67 -19.90 16.74
C GLU A 38 -15.41 -18.78 16.01
N ILE A 39 -14.69 -17.95 15.25
CA ILE A 39 -15.19 -16.67 14.75
C ILE A 39 -15.49 -16.75 13.24
N THR A 40 -16.68 -16.28 12.84
CA THR A 40 -17.12 -16.26 11.45
C THR A 40 -16.91 -14.85 10.85
N ASP A 41 -17.06 -14.75 9.51
CA ASP A 41 -16.85 -13.49 8.74
C ASP A 41 -17.75 -12.34 9.25
N GLU A 42 -19.01 -12.70 9.55
CA GLU A 42 -20.04 -11.77 10.06
C GLU A 42 -19.53 -11.01 11.29
N GLU A 43 -18.96 -11.77 12.22
CA GLU A 43 -18.49 -11.24 13.49
C GLU A 43 -17.36 -10.24 13.30
N TYR A 44 -16.41 -10.52 12.37
CA TYR A 44 -15.30 -9.61 12.04
C TYR A 44 -15.83 -8.28 11.47
N LYS A 45 -16.88 -8.37 10.65
CA LYS A 45 -17.51 -7.21 10.00
C LYS A 45 -18.21 -6.32 11.03
N GLU A 46 -18.97 -6.96 11.93
CA GLU A 46 -19.76 -6.28 12.97
C GLU A 46 -18.82 -5.64 14.01
N PHE A 47 -17.78 -6.41 14.38
CA PHE A 47 -16.78 -6.00 15.39
C PHE A 47 -15.99 -4.79 14.91
N TYR A 48 -15.69 -4.76 13.60
CA TYR A 48 -14.99 -3.62 12.99
C TYR A 48 -15.84 -2.32 13.12
N LYS A 49 -17.14 -2.41 12.79
CA LYS A 49 -18.08 -1.26 12.90
C LYS A 49 -18.15 -0.74 14.34
N HIS A 50 -18.07 -1.68 15.28
CA HIS A 50 -18.13 -1.43 16.73
C HIS A 50 -16.87 -0.69 17.23
N ILE A 51 -15.68 -1.18 16.82
CA ILE A 51 -14.39 -0.71 17.36
C ILE A 51 -13.89 0.56 16.64
N ALA A 52 -14.24 0.68 15.37
CA ALA A 52 -13.83 1.82 14.52
C ALA A 52 -14.88 2.94 14.55
N HIS A 53 -16.11 2.58 15.03
CA HIS A 53 -17.26 3.51 15.17
C HIS A 53 -17.74 3.99 13.80
N ASP A 54 -17.65 3.06 12.83
CA ASP A 54 -18.14 3.24 11.45
C ASP A 54 -19.39 2.36 11.25
N PHE A 55 -19.85 2.27 10.00
CA PHE A 55 -20.96 1.37 9.60
C PHE A 55 -20.55 0.55 8.37
N ASN A 56 -19.42 0.92 7.75
CA ASN A 56 -18.85 0.19 6.62
C ASN A 56 -18.01 -0.98 7.16
N ASP A 57 -18.21 -2.16 6.57
CA ASP A 57 -17.49 -3.40 6.97
C ASP A 57 -16.06 -3.39 6.35
N PRO A 58 -15.10 -4.18 6.91
CA PRO A 58 -13.72 -4.23 6.40
C PRO A 58 -13.59 -5.11 5.14
N LEU A 59 -12.77 -4.66 4.19
CA LEU A 59 -12.47 -5.37 2.94
C LEU A 59 -11.85 -6.75 3.22
N THR A 60 -10.85 -6.76 4.11
CA THR A 60 -10.21 -7.97 4.62
C THR A 60 -9.72 -7.71 6.06
N TRP A 61 -9.21 -8.76 6.72
CA TRP A 61 -8.78 -8.71 8.12
C TRP A 61 -7.71 -9.78 8.38
N SER A 62 -6.81 -9.52 9.35
CA SER A 62 -5.78 -10.48 9.78
C SER A 62 -5.83 -10.63 11.31
N HIS A 63 -6.44 -11.75 11.76
CA HIS A 63 -6.47 -12.14 13.17
C HIS A 63 -5.34 -13.14 13.41
N ASN A 64 -4.29 -12.72 14.14
CA ASN A 64 -3.13 -13.57 14.44
C ASN A 64 -2.79 -13.50 15.94
N ARG A 65 -2.63 -14.69 16.57
CA ARG A 65 -2.22 -14.80 17.99
C ARG A 65 -0.79 -15.32 18.09
N VAL A 66 0.00 -14.68 18.97
CA VAL A 66 1.43 -14.96 19.14
C VAL A 66 1.67 -15.45 20.59
N GLU A 67 2.67 -16.35 20.73
CA GLU A 67 2.91 -17.14 21.94
C GLU A 67 4.41 -17.13 22.29
N GLY A 68 4.72 -17.45 23.57
CA GLY A 68 6.10 -17.72 24.00
C GLY A 68 6.73 -16.53 24.69
N LYS A 69 7.78 -15.97 24.06
CA LYS A 69 8.49 -14.77 24.56
C LYS A 69 7.57 -13.53 24.44
N GLN A 70 6.89 -13.45 23.30
CA GLN A 70 5.93 -12.37 23.00
C GLN A 70 4.52 -12.95 23.06
N GLU A 71 3.82 -12.65 24.16
CA GLU A 71 2.46 -13.11 24.41
C GLU A 71 1.50 -11.95 24.14
N TYR A 72 0.84 -12.02 22.97
CA TYR A 72 -0.13 -11.01 22.55
C TYR A 72 -0.99 -11.56 21.43
N THR A 73 -2.16 -10.93 21.22
CA THR A 73 -3.00 -11.19 20.06
C THR A 73 -3.25 -9.88 19.30
N SER A 74 -2.90 -9.86 18.01
CA SER A 74 -3.16 -8.72 17.13
C SER A 74 -4.34 -9.05 16.20
N LEU A 75 -5.21 -8.06 15.99
CA LEU A 75 -6.38 -8.17 15.13
C LEU A 75 -6.54 -6.87 14.34
N LEU A 76 -6.05 -6.91 13.09
CA LEU A 76 -6.05 -5.74 12.19
C LEU A 76 -7.15 -5.91 11.13
N TYR A 77 -7.65 -4.76 10.63
CA TYR A 77 -8.69 -4.71 9.58
C TYR A 77 -8.26 -3.70 8.50
N ILE A 78 -8.75 -3.92 7.28
CA ILE A 78 -8.59 -2.99 6.15
C ILE A 78 -9.95 -2.26 5.92
N PRO A 79 -10.05 -0.95 6.31
CA PRO A 79 -11.26 -0.11 6.07
C PRO A 79 -11.66 -0.05 4.57
N SER A 80 -12.98 -0.04 4.31
CA SER A 80 -13.54 0.05 2.95
C SER A 80 -13.65 1.50 2.47
N GLN A 81 -13.45 2.46 3.40
CA GLN A 81 -13.50 3.89 3.09
C GLN A 81 -12.62 4.66 4.07
N ALA A 82 -11.98 5.74 3.56
CA ALA A 82 -11.22 6.68 4.38
C ALA A 82 -12.19 7.60 5.13
N PRO A 83 -12.17 7.62 6.49
CA PRO A 83 -12.90 8.65 7.25
C PRO A 83 -12.24 10.03 7.01
N TRP A 84 -13.06 11.08 6.99
CA TRP A 84 -12.62 12.45 6.62
C TRP A 84 -11.48 12.90 7.55
N ASP A 85 -11.65 12.60 8.85
CA ASP A 85 -10.74 13.04 9.92
C ASP A 85 -9.39 12.28 9.96
N MET A 86 -9.23 11.26 9.09
CA MET A 86 -7.91 10.63 8.84
C MET A 86 -7.00 11.61 8.06
N TRP A 87 -7.64 12.48 7.25
CA TRP A 87 -6.96 13.52 6.44
C TRP A 87 -7.02 14.89 7.14
N ASN A 88 -7.51 14.91 8.39
CA ASN A 88 -7.60 16.12 9.24
C ASN A 88 -6.33 16.23 10.11
N ARG A 89 -6.15 17.40 10.76
CA ARG A 89 -5.01 17.65 11.67
C ARG A 89 -5.19 16.91 13.00
N ASP A 90 -6.43 16.49 13.29
CA ASP A 90 -6.77 15.67 14.45
C ASP A 90 -6.37 14.22 14.19
N HIS A 91 -6.08 13.49 15.28
CA HIS A 91 -5.65 12.09 15.21
C HIS A 91 -6.82 11.17 14.85
N LYS A 92 -6.55 10.18 14.00
CA LYS A 92 -7.51 9.12 13.63
C LYS A 92 -6.77 7.83 13.24
N HIS A 93 -5.48 7.95 12.89
CA HIS A 93 -4.60 6.80 12.69
C HIS A 93 -4.25 6.10 14.03
N GLY A 94 -4.22 4.76 14.02
CA GLY A 94 -3.80 4.01 15.20
C GLY A 94 -4.74 2.86 15.54
N LEU A 95 -4.45 2.19 16.66
CA LEU A 95 -5.14 0.95 17.10
C LEU A 95 -5.63 1.11 18.56
N LYS A 96 -6.58 0.27 18.96
CA LYS A 96 -7.11 0.24 20.33
C LYS A 96 -6.21 -0.66 21.20
N LEU A 97 -5.47 -0.06 22.13
CA LEU A 97 -4.54 -0.78 23.00
C LEU A 97 -5.28 -1.48 24.16
N TYR A 98 -4.96 -2.77 24.31
CA TYR A 98 -5.41 -3.62 25.42
C TYR A 98 -4.18 -4.29 26.05
N VAL A 99 -4.22 -4.53 27.35
CA VAL A 99 -3.20 -5.30 28.09
C VAL A 99 -3.91 -6.30 29.00
N GLN A 100 -3.81 -7.60 28.64
CA GLN A 100 -4.45 -8.72 29.36
C GLN A 100 -5.99 -8.59 29.29
N ARG A 101 -6.47 -8.21 28.09
CA ARG A 101 -7.88 -7.96 27.74
C ARG A 101 -8.44 -6.66 28.36
N VAL A 102 -7.59 -5.95 29.12
CA VAL A 102 -8.00 -4.74 29.87
C VAL A 102 -7.70 -3.51 29.01
N PHE A 103 -8.77 -2.72 28.74
CA PHE A 103 -8.67 -1.52 27.90
C PHE A 103 -7.78 -0.45 28.56
N ILE A 104 -6.89 0.14 27.75
CA ILE A 104 -5.98 1.19 28.20
C ILE A 104 -6.33 2.52 27.51
N MET A 105 -6.20 2.51 26.17
CA MET A 105 -6.34 3.73 25.34
C MET A 105 -6.67 3.36 23.88
N ASP A 106 -7.23 4.30 23.12
CA ASP A 106 -7.52 4.13 21.68
C ASP A 106 -6.52 4.92 20.84
N ASP A 107 -6.56 4.67 19.53
CA ASP A 107 -5.89 5.48 18.48
C ASP A 107 -4.36 5.56 18.69
N ALA A 108 -3.82 4.50 19.32
CA ALA A 108 -2.39 4.37 19.61
C ALA A 108 -1.62 4.05 18.33
N GLU A 109 -1.02 5.10 17.72
CA GLU A 109 -0.29 4.99 16.45
C GLU A 109 1.16 4.51 16.65
N GLN A 110 1.52 4.16 17.88
CA GLN A 110 2.87 3.67 18.23
C GLN A 110 3.05 2.19 17.82
N PHE A 111 1.94 1.56 17.38
CA PHE A 111 1.95 0.19 16.84
C PHE A 111 1.93 0.17 15.30
N MET A 112 1.69 1.35 14.67
CA MET A 112 1.54 1.43 13.20
C MET A 112 2.18 2.73 12.65
N PRO A 113 3.14 2.65 11.66
CA PRO A 113 3.76 3.86 11.05
C PRO A 113 2.73 4.74 10.28
N ASN A 114 3.17 5.96 9.92
CA ASN A 114 2.36 6.92 9.11
C ASN A 114 2.02 6.34 7.72
N TYR A 115 2.88 5.43 7.25
CA TYR A 115 2.83 4.88 5.89
C TYR A 115 1.76 3.78 5.81
N LEU A 116 1.44 3.22 7.00
CA LEU A 116 0.39 2.22 7.17
C LEU A 116 -0.74 2.80 8.06
N ARG A 117 -0.88 4.15 8.08
CA ARG A 117 -1.83 4.85 9.00
C ARG A 117 -3.30 4.48 8.73
N PHE A 118 -3.54 3.84 7.56
CA PHE A 118 -4.86 3.33 7.15
C PHE A 118 -5.37 2.19 8.04
N VAL A 119 -4.44 1.39 8.61
CA VAL A 119 -4.79 0.18 9.41
C VAL A 119 -5.63 0.57 10.64
N ARG A 120 -6.83 0.00 10.71
CA ARG A 120 -7.75 0.17 11.84
C ARG A 120 -7.99 -1.20 12.47
N GLY A 121 -7.96 -1.24 13.80
CA GLY A 121 -8.17 -2.47 14.56
C GLY A 121 -7.78 -2.29 16.00
N LEU A 122 -7.17 -3.33 16.57
CA LEU A 122 -6.79 -3.37 17.98
C LEU A 122 -5.69 -4.42 18.21
N ILE A 123 -5.07 -4.34 19.39
CA ILE A 123 -4.01 -5.26 19.79
C ILE A 123 -4.01 -5.40 21.33
N ASP A 124 -4.08 -6.66 21.79
CA ASP A 124 -3.96 -7.02 23.20
C ASP A 124 -2.55 -7.54 23.45
N SER A 125 -1.75 -6.79 24.21
CA SER A 125 -0.37 -7.13 24.53
C SER A 125 -0.19 -7.39 26.03
N SER A 126 0.21 -8.62 26.38
CA SER A 126 0.47 -9.02 27.78
C SER A 126 1.95 -8.76 28.15
N ASP A 127 2.75 -8.32 27.15
CA ASP A 127 4.18 -8.04 27.31
C ASP A 127 4.37 -6.62 27.86
N LEU A 128 3.54 -5.69 27.36
CA LEU A 128 3.52 -4.29 27.81
C LEU A 128 2.93 -4.22 29.23
N PRO A 129 3.35 -3.22 30.08
CA PRO A 129 2.80 -3.03 31.45
C PRO A 129 1.29 -2.72 31.42
N LEU A 130 0.61 -2.96 32.54
CA LEU A 130 -0.82 -2.61 32.69
C LEU A 130 -0.96 -1.07 32.84
N ASN A 131 0.09 -0.44 33.40
CA ASN A 131 0.17 1.03 33.59
C ASN A 131 0.71 1.74 32.34
N VAL A 132 0.69 1.04 31.18
CA VAL A 132 1.20 1.56 29.90
C VAL A 132 0.41 2.82 29.47
N SER A 133 1.13 3.79 28.88
CA SER A 133 0.56 5.05 28.39
C SER A 133 1.30 5.49 27.13
N ARG A 134 0.85 6.60 26.51
CA ARG A 134 1.38 7.11 25.21
C ARG A 134 2.92 7.30 25.25
N GLU A 135 3.42 7.82 26.39
CA GLU A 135 4.88 8.03 26.61
C GLU A 135 5.63 6.67 26.60
N ILE A 136 5.09 5.69 27.33
CA ILE A 136 5.67 4.32 27.38
C ILE A 136 5.62 3.68 25.98
N LEU A 137 4.52 3.91 25.26
CA LEU A 137 4.32 3.39 23.90
C LEU A 137 5.37 3.96 22.93
N GLN A 138 5.67 5.25 23.13
CA GLN A 138 6.66 5.99 22.33
C GLN A 138 8.09 5.42 22.52
N ASP A 139 8.56 5.38 23.77
CA ASP A 139 9.98 5.15 24.11
C ASP A 139 10.34 3.66 24.29
N SER A 140 9.41 2.86 24.82
CA SER A 140 9.69 1.46 25.21
C SER A 140 10.06 0.58 24.00
N THR A 141 11.03 -0.33 24.23
CA THR A 141 11.56 -1.19 23.19
C THR A 141 10.56 -2.31 22.86
N VAL A 142 9.79 -2.76 23.87
CA VAL A 142 8.78 -3.83 23.69
C VAL A 142 7.74 -3.38 22.64
N THR A 143 7.20 -2.17 22.83
CA THR A 143 6.17 -1.58 21.95
C THR A 143 6.70 -1.39 20.52
N ARG A 144 8.00 -1.10 20.43
CA ARG A 144 8.72 -0.90 19.16
C ARG A 144 8.82 -2.23 18.37
N ASN A 145 9.05 -3.35 19.08
CA ASN A 145 9.04 -4.70 18.47
C ASN A 145 7.63 -5.08 18.02
N LEU A 146 6.63 -4.73 18.85
CA LEU A 146 5.19 -4.93 18.54
C LEU A 146 4.80 -4.20 17.24
N ARG A 147 5.32 -2.97 17.12
CA ARG A 147 5.03 -2.04 16.02
C ARG A 147 5.41 -2.63 14.66
N ASN A 148 6.65 -3.12 14.58
CA ASN A 148 7.23 -3.68 13.34
C ASN A 148 6.70 -5.10 13.08
N ALA A 149 6.30 -5.80 14.15
CA ALA A 149 5.69 -7.16 14.06
C ALA A 149 4.33 -7.09 13.34
N LEU A 150 3.56 -6.05 13.68
CA LEU A 150 2.24 -5.80 13.06
C LEU A 150 2.39 -5.36 11.60
N THR A 151 3.47 -4.61 11.30
CA THR A 151 3.82 -4.24 9.90
C THR A 151 3.98 -5.49 9.01
N LYS A 152 4.54 -6.56 9.60
CA LYS A 152 4.72 -7.86 8.90
C LYS A 152 3.37 -8.52 8.55
N ARG A 153 2.36 -8.27 9.39
CA ARG A 153 1.00 -8.79 9.17
C ARG A 153 0.28 -7.94 8.12
N VAL A 154 0.56 -6.61 8.13
CA VAL A 154 -0.02 -5.65 7.17
C VAL A 154 0.41 -5.95 5.73
N LEU A 155 1.74 -6.12 5.50
CA LEU A 155 2.31 -6.31 4.13
C LEU A 155 1.69 -7.52 3.43
N GLN A 156 1.50 -8.59 4.22
CA GLN A 156 0.90 -9.84 3.75
C GLN A 156 -0.56 -9.60 3.37
N MET A 157 -1.27 -8.86 4.25
CA MET A 157 -2.72 -8.57 4.12
C MET A 157 -3.01 -7.65 2.90
N LEU A 158 -2.06 -6.76 2.57
CA LEU A 158 -2.19 -5.81 1.45
C LEU A 158 -2.09 -6.54 0.10
N GLU A 159 -0.98 -7.28 -0.08
CA GLU A 159 -0.74 -8.03 -1.33
C GLU A 159 -1.72 -9.21 -1.47
N LYS A 160 -2.20 -9.72 -0.31
CA LYS A 160 -3.27 -10.74 -0.26
C LYS A 160 -4.50 -10.19 -0.98
N LEU A 161 -4.99 -9.03 -0.50
CA LEU A 161 -6.21 -8.38 -1.01
C LEU A 161 -6.04 -7.95 -2.48
N ALA A 162 -4.80 -7.58 -2.85
CA ALA A 162 -4.44 -7.16 -4.24
C ALA A 162 -4.70 -8.27 -5.27
N LYS A 163 -4.63 -9.53 -4.81
CA LYS A 163 -4.77 -10.73 -5.66
C LYS A 163 -6.05 -11.53 -5.30
N ASP A 164 -6.57 -11.31 -4.09
CA ASP A 164 -7.75 -12.05 -3.57
C ASP A 164 -9.03 -11.44 -4.13
N ASP A 165 -9.12 -10.10 -4.07
CA ASP A 165 -10.24 -9.33 -4.64
C ASP A 165 -9.71 -7.97 -5.12
N ALA A 166 -9.49 -7.86 -6.45
CA ALA A 166 -8.88 -6.68 -7.07
C ALA A 166 -9.74 -5.40 -6.90
N GLU A 167 -11.07 -5.58 -6.86
CA GLU A 167 -12.03 -4.46 -6.74
C GLU A 167 -11.97 -3.84 -5.32
N LYS A 168 -11.76 -4.70 -4.31
CA LYS A 168 -11.61 -4.28 -2.91
C LYS A 168 -10.31 -3.51 -2.71
N TYR A 169 -9.21 -4.04 -3.26
CA TYR A 169 -7.89 -3.36 -3.15
C TYR A 169 -7.88 -2.05 -3.96
N GLN A 170 -8.73 -1.99 -5.01
CA GLN A 170 -8.93 -0.77 -5.79
C GLN A 170 -9.61 0.30 -4.93
N THR A 171 -10.66 -0.11 -4.21
CA THR A 171 -11.40 0.78 -3.30
C THR A 171 -10.47 1.27 -2.16
N PHE A 172 -9.66 0.34 -1.64
CA PHE A 172 -8.64 0.62 -0.62
C PHE A 172 -7.67 1.71 -1.12
N TRP A 173 -7.09 1.48 -2.30
CA TRP A 173 -6.08 2.39 -2.87
C TRP A 173 -6.70 3.75 -3.25
N GLN A 174 -7.97 3.72 -3.63
CA GLN A 174 -8.71 4.93 -4.06
C GLN A 174 -9.03 5.84 -2.84
N GLN A 175 -8.95 5.25 -1.63
CA GLN A 175 -9.18 5.96 -0.35
C GLN A 175 -7.84 6.22 0.41
N PHE A 176 -6.84 5.33 0.23
CA PHE A 176 -5.62 5.29 1.10
C PHE A 176 -4.32 5.24 0.27
N GLY A 177 -4.42 5.48 -1.03
CA GLY A 177 -3.28 5.39 -1.94
C GLY A 177 -2.16 6.36 -1.60
N LEU A 178 -2.56 7.55 -1.15
CA LEU A 178 -1.65 8.64 -0.78
C LEU A 178 -0.80 8.25 0.45
N VAL A 179 -1.42 7.47 1.35
CA VAL A 179 -0.78 7.01 2.61
C VAL A 179 0.36 6.02 2.32
N LEU A 180 0.04 5.01 1.49
CA LEU A 180 0.95 3.88 1.20
C LEU A 180 2.18 4.36 0.37
N LYS A 181 2.02 5.52 -0.33
CA LYS A 181 3.10 6.15 -1.10
C LYS A 181 4.18 6.81 -0.21
N GLU A 182 3.88 7.03 1.08
CA GLU A 182 4.89 7.46 2.07
C GLU A 182 5.97 6.36 2.26
N GLY A 183 5.60 5.10 1.93
CA GLY A 183 6.49 3.96 2.01
C GLY A 183 7.74 4.09 1.13
N PRO A 184 7.64 4.04 -0.23
CA PRO A 184 8.81 4.17 -1.15
C PRO A 184 9.53 5.52 -0.98
N ALA A 185 8.77 6.53 -0.52
CA ALA A 185 9.27 7.89 -0.27
C ALA A 185 10.17 7.90 0.98
N GLU A 186 9.95 6.91 1.85
CA GLU A 186 10.77 6.67 3.02
C GLU A 186 12.00 5.80 2.62
N ASP A 187 11.82 4.48 2.48
CA ASP A 187 12.95 3.54 2.30
C ASP A 187 12.88 2.87 0.92
N PHE A 188 13.80 3.32 0.05
CA PHE A 188 13.96 2.82 -1.33
C PHE A 188 14.60 1.41 -1.38
N ALA A 189 15.20 0.95 -0.26
CA ALA A 189 15.79 -0.40 -0.18
C ALA A 189 14.70 -1.49 -0.16
N ASN A 190 13.50 -1.13 0.35
CA ASN A 190 12.32 -2.02 0.40
C ASN A 190 11.34 -1.72 -0.76
N GLN A 191 11.83 -0.92 -1.75
CA GLN A 191 11.06 -0.44 -2.92
C GLN A 191 10.28 -1.55 -3.65
N GLU A 192 10.95 -2.67 -3.94
CA GLU A 192 10.41 -3.77 -4.79
C GLU A 192 9.06 -4.30 -4.28
N ALA A 193 8.97 -4.55 -2.97
CA ALA A 193 7.77 -5.13 -2.31
C ALA A 193 6.57 -4.18 -2.44
N ILE A 194 6.84 -2.90 -2.20
CA ILE A 194 5.83 -1.84 -2.18
C ILE A 194 5.49 -1.37 -3.60
N ALA A 195 6.42 -1.59 -4.55
CA ALA A 195 6.25 -1.20 -5.97
C ALA A 195 5.15 -2.03 -6.65
N LYS A 196 4.94 -3.24 -6.13
CA LYS A 196 3.85 -4.14 -6.54
C LYS A 196 2.51 -3.68 -5.92
N LEU A 197 2.59 -3.06 -4.73
CA LEU A 197 1.43 -2.46 -4.03
C LEU A 197 1.03 -1.12 -4.67
N LEU A 198 2.03 -0.38 -5.23
CA LEU A 198 1.81 0.96 -5.83
C LEU A 198 0.95 0.83 -7.09
N ARG A 199 -0.17 1.55 -7.11
CA ARG A 199 -1.10 1.61 -8.24
C ARG A 199 -1.17 3.05 -8.73
N PHE A 200 -0.89 3.27 -10.02
CA PHE A 200 -0.91 4.60 -10.66
C PHE A 200 -2.02 4.64 -11.72
N ALA A 201 -2.33 5.86 -12.17
CA ALA A 201 -3.20 6.06 -13.34
C ALA A 201 -2.32 5.99 -14.60
N SER A 202 -2.93 5.75 -15.76
CA SER A 202 -2.21 5.63 -17.04
C SER A 202 -3.09 6.08 -18.21
N THR A 203 -2.49 6.10 -19.41
CA THR A 203 -3.18 6.41 -20.67
C THR A 203 -3.85 5.15 -21.25
N HIS A 204 -3.64 3.99 -20.59
CA HIS A 204 -4.26 2.70 -20.94
C HIS A 204 -5.79 2.85 -20.99
N THR A 205 -6.33 3.46 -19.93
CA THR A 205 -7.74 3.79 -19.80
C THR A 205 -7.87 5.21 -19.23
N ASP A 206 -8.94 5.91 -19.59
CA ASP A 206 -9.23 7.28 -19.12
C ASP A 206 -9.81 7.29 -17.67
N SER A 207 -9.80 6.12 -17.01
CA SER A 207 -10.27 5.93 -15.63
C SER A 207 -9.39 6.70 -14.62
N SER A 208 -10.05 7.42 -13.69
CA SER A 208 -9.37 8.16 -12.60
C SER A 208 -8.88 7.20 -11.51
N ALA A 209 -9.55 6.03 -11.40
CA ALA A 209 -9.17 4.96 -10.47
C ALA A 209 -7.78 4.42 -10.84
N GLN A 210 -6.84 4.48 -9.88
CA GLN A 210 -5.46 4.04 -10.07
C GLN A 210 -5.43 2.50 -10.01
N THR A 211 -5.54 1.86 -11.20
CA THR A 211 -5.64 0.40 -11.33
C THR A 211 -4.27 -0.19 -11.71
N VAL A 212 -3.64 0.45 -12.70
CA VAL A 212 -2.39 -0.03 -13.30
C VAL A 212 -1.22 0.22 -12.34
N SER A 213 -0.60 -0.87 -11.89
CA SER A 213 0.62 -0.84 -11.10
C SER A 213 1.84 -0.79 -12.02
N LEU A 214 3.01 -0.73 -11.40
CA LEU A 214 4.29 -1.00 -12.08
C LEU A 214 4.30 -2.47 -12.52
N GLU A 215 3.65 -3.30 -11.68
CA GLU A 215 3.35 -4.72 -11.94
C GLU A 215 2.58 -4.89 -13.28
N ASP A 216 1.53 -4.08 -13.48
CA ASP A 216 0.70 -4.10 -14.70
C ASP A 216 1.47 -3.55 -15.90
N TYR A 217 2.29 -2.51 -15.65
CA TYR A 217 3.10 -1.84 -16.70
C TYR A 217 4.13 -2.82 -17.28
N VAL A 218 4.86 -3.50 -16.38
CA VAL A 218 5.92 -4.46 -16.72
C VAL A 218 5.34 -5.68 -17.45
N SER A 219 4.09 -6.03 -17.13
CA SER A 219 3.35 -7.11 -17.80
C SER A 219 3.11 -6.77 -19.30
N ARG A 220 3.21 -5.46 -19.65
CA ARG A 220 2.91 -4.95 -21.02
C ARG A 220 4.14 -4.30 -21.70
N MET A 221 5.37 -4.51 -21.17
CA MET A 221 6.60 -3.92 -21.80
C MET A 221 6.81 -4.51 -23.22
N LYS A 222 6.98 -3.63 -24.22
CA LYS A 222 7.16 -4.02 -25.63
C LYS A 222 8.49 -3.49 -26.19
N GLU A 223 8.78 -3.82 -27.46
CA GLU A 223 10.03 -3.40 -28.13
C GLU A 223 10.14 -1.84 -28.28
N GLY A 224 11.20 -1.26 -27.68
CA GLY A 224 11.40 0.19 -27.64
C GLY A 224 10.86 0.81 -26.35
N GLN A 225 9.95 0.08 -25.69
CA GLN A 225 9.43 0.43 -24.37
C GLN A 225 10.09 -0.52 -23.35
N GLU A 226 11.38 -0.23 -23.07
CA GLU A 226 12.18 -0.98 -22.09
C GLU A 226 12.22 -0.21 -20.74
N LYS A 227 11.65 1.00 -20.77
CA LYS A 227 11.63 1.94 -19.64
C LYS A 227 10.20 2.45 -19.45
N ILE A 228 9.86 2.80 -18.21
CA ILE A 228 8.54 3.37 -17.90
C ILE A 228 8.54 4.84 -18.34
N TYR A 229 7.62 5.17 -19.25
CA TYR A 229 7.37 6.54 -19.71
C TYR A 229 6.19 7.10 -18.92
N TYR A 230 6.41 8.25 -18.27
CA TYR A 230 5.44 8.83 -17.34
C TYR A 230 5.73 10.33 -17.13
N ILE A 231 4.68 11.07 -16.75
CA ILE A 231 4.78 12.50 -16.38
C ILE A 231 3.96 12.71 -15.10
N THR A 232 4.41 13.63 -14.24
CA THR A 232 3.65 14.07 -13.08
C THR A 232 2.79 15.29 -13.42
N ALA A 233 1.70 15.44 -12.67
CA ALA A 233 0.87 16.64 -12.72
C ALA A 233 0.38 16.97 -11.31
N ASP A 234 -0.10 18.20 -11.16
CA ASP A 234 -0.66 18.70 -9.91
C ASP A 234 -2.01 18.03 -9.61
N SER A 235 -2.82 17.84 -10.68
CA SER A 235 -4.17 17.27 -10.59
C SER A 235 -4.44 16.35 -11.80
N TYR A 236 -5.23 15.28 -11.57
CA TYR A 236 -5.57 14.29 -12.62
C TYR A 236 -6.41 14.91 -13.73
N ALA A 237 -7.34 15.79 -13.35
CA ALA A 237 -8.25 16.48 -14.29
C ALA A 237 -7.46 17.25 -15.36
N ALA A 238 -6.42 17.99 -14.91
CA ALA A 238 -5.56 18.83 -15.76
C ALA A 238 -4.65 17.97 -16.67
N ALA A 239 -4.16 16.84 -16.12
CA ALA A 239 -3.32 15.86 -16.87
C ALA A 239 -4.14 15.22 -18.02
N LYS A 240 -5.36 14.79 -17.67
CA LYS A 240 -6.30 14.13 -18.60
C LYS A 240 -6.84 15.13 -19.65
N SER A 241 -6.87 16.44 -19.29
CA SER A 241 -7.29 17.52 -20.21
C SER A 241 -6.34 17.67 -21.40
N SER A 242 -5.12 17.08 -21.29
CA SER A 242 -4.21 16.96 -22.43
C SER A 242 -4.72 15.83 -23.37
N PRO A 243 -5.20 16.15 -24.61
CA PRO A 243 -5.71 15.13 -25.56
C PRO A 243 -4.58 14.44 -26.36
N HIS A 244 -3.35 14.93 -26.20
CA HIS A 244 -2.16 14.43 -26.94
C HIS A 244 -1.66 13.09 -26.35
N LEU A 245 -2.20 12.69 -25.18
CA LEU A 245 -1.82 11.45 -24.45
C LEU A 245 -2.15 10.16 -25.24
N GLU A 246 -3.23 10.22 -26.06
CA GLU A 246 -3.67 9.07 -26.88
C GLU A 246 -2.73 8.82 -28.09
N LEU A 247 -1.82 9.79 -28.34
CA LEU A 247 -0.82 9.71 -29.42
C LEU A 247 0.12 8.52 -29.18
N LEU A 248 0.73 8.43 -27.99
CA LEU A 248 1.61 7.30 -27.63
C LEU A 248 0.80 6.01 -27.47
N ARG A 249 -0.46 6.11 -27.03
CA ARG A 249 -1.37 4.93 -26.95
C ARG A 249 -1.60 4.34 -28.36
N LYS A 250 -1.61 5.21 -29.38
CA LYS A 250 -1.72 4.80 -30.80
C LYS A 250 -0.44 4.07 -31.23
N LYS A 251 0.71 4.61 -30.77
CA LYS A 251 2.06 4.05 -31.05
C LYS A 251 2.26 2.67 -30.37
N GLY A 252 1.42 2.36 -29.36
CA GLY A 252 1.51 1.11 -28.62
C GLY A 252 2.39 1.21 -27.39
N ILE A 253 2.51 2.44 -26.87
CA ILE A 253 3.23 2.75 -25.64
C ILE A 253 2.20 3.20 -24.59
N GLU A 254 2.42 2.82 -23.34
CA GLU A 254 1.58 3.22 -22.21
C GLU A 254 2.31 4.31 -21.43
N VAL A 255 1.56 5.26 -20.86
CA VAL A 255 2.12 6.40 -20.13
C VAL A 255 1.39 6.55 -18.80
N LEU A 256 2.10 6.32 -17.69
CA LEU A 256 1.55 6.53 -16.34
C LEU A 256 1.37 8.04 -16.07
N LEU A 257 0.16 8.44 -15.67
CA LEU A 257 -0.18 9.81 -15.29
C LEU A 257 -0.14 9.94 -13.75
N LEU A 258 1.05 10.26 -13.21
CA LEU A 258 1.26 10.40 -11.75
C LEU A 258 0.84 11.82 -11.35
N SER A 259 -0.47 12.02 -11.26
CA SER A 259 -1.08 13.35 -11.14
C SER A 259 -1.58 13.59 -9.70
N ASP A 260 -0.83 13.01 -8.76
CA ASP A 260 -1.06 13.15 -7.32
C ASP A 260 0.18 13.82 -6.69
N ARG A 261 -0.04 14.65 -5.66
CA ARG A 261 1.01 15.51 -5.07
C ARG A 261 1.97 14.74 -4.16
N ILE A 262 1.54 13.58 -3.65
CA ILE A 262 2.42 12.69 -2.84
C ILE A 262 3.34 11.85 -3.77
N ASP A 263 2.92 11.68 -5.05
CA ASP A 263 3.77 11.04 -6.10
C ASP A 263 5.04 11.86 -6.33
N GLU A 264 4.95 13.19 -6.16
CA GLU A 264 6.10 14.11 -6.31
C GLU A 264 7.25 13.73 -5.36
N TRP A 265 6.92 13.45 -4.09
CA TRP A 265 7.93 13.08 -3.09
C TRP A 265 8.25 11.55 -3.14
N MET A 266 7.27 10.73 -3.57
CA MET A 266 7.41 9.24 -3.58
C MET A 266 8.31 8.77 -4.72
N MET A 267 7.98 9.19 -5.94
CA MET A 267 8.64 8.75 -7.18
C MET A 267 10.09 9.28 -7.26
N ASN A 268 10.37 10.29 -6.43
CA ASN A 268 11.70 10.87 -6.24
C ASN A 268 12.70 9.78 -5.74
N TYR A 269 12.17 8.80 -4.97
CA TYR A 269 12.95 7.68 -4.40
C TYR A 269 12.73 6.39 -5.23
N LEU A 270 11.62 6.35 -6.00
CA LEU A 270 11.27 5.19 -6.84
C LEU A 270 12.16 5.19 -8.12
N THR A 271 13.36 4.59 -7.98
CA THR A 271 14.43 4.63 -9.00
C THR A 271 14.24 3.59 -10.13
N GLU A 272 13.77 2.37 -9.76
CA GLU A 272 13.72 1.24 -10.71
C GLU A 272 12.94 0.05 -10.12
N PHE A 273 12.08 -0.57 -10.96
CA PHE A 273 11.32 -1.78 -10.63
C PHE A 273 11.57 -2.85 -11.71
N ASP A 274 11.96 -4.06 -11.26
CA ASP A 274 12.10 -5.27 -12.12
C ASP A 274 13.29 -5.17 -13.14
N GLY A 275 14.11 -4.10 -12.99
CA GLY A 275 15.22 -3.84 -13.92
C GLY A 275 14.84 -2.85 -15.03
N LYS A 276 13.53 -2.51 -15.09
CA LYS A 276 13.00 -1.48 -15.99
C LYS A 276 13.11 -0.09 -15.28
N PRO A 277 14.04 0.81 -15.75
CA PRO A 277 14.25 2.13 -15.09
C PRO A 277 13.15 3.14 -15.45
N PHE A 278 12.96 4.10 -14.55
CA PHE A 278 11.94 5.14 -14.69
C PHE A 278 12.54 6.38 -15.39
N GLN A 279 11.92 6.78 -16.52
CA GLN A 279 12.35 7.95 -17.33
C GLN A 279 11.12 8.79 -17.72
N SER A 280 11.25 10.12 -17.67
CA SER A 280 10.22 11.05 -18.17
C SER A 280 10.05 10.84 -19.70
N VAL A 281 8.83 11.13 -20.22
CA VAL A 281 8.51 10.93 -21.65
C VAL A 281 9.41 11.81 -22.55
N SER A 282 9.87 12.96 -21.99
CA SER A 282 10.69 13.95 -22.69
C SER A 282 12.16 13.50 -22.81
N LYS A 283 12.49 12.29 -22.30
CA LYS A 283 13.88 11.79 -22.27
C LYS A 283 13.92 10.26 -22.37
N VAL A 284 15.04 9.73 -22.88
CA VAL A 284 15.37 8.29 -22.84
C VAL A 284 16.72 8.12 -22.11
N ASP A 285 17.05 6.88 -21.75
CA ASP A 285 18.30 6.55 -21.03
C ASP A 285 19.26 5.89 -22.03
N GLU A 286 20.54 5.76 -21.62
CA GLU A 286 21.59 5.18 -22.48
C GLU A 286 21.40 3.64 -22.65
N SER A 287 20.51 3.04 -21.84
CA SER A 287 20.14 1.62 -21.99
C SER A 287 19.36 1.36 -23.29
N LEU A 288 18.81 2.45 -23.88
CA LEU A 288 18.04 2.41 -25.13
C LEU A 288 18.91 2.97 -26.31
N GLU A 289 20.25 3.04 -26.09
CA GLU A 289 21.21 3.68 -27.04
C GLU A 289 21.09 3.11 -28.47
N LYS A 290 21.27 1.78 -28.57
CA LYS A 290 21.33 1.07 -29.87
C LYS A 290 19.95 1.01 -30.55
N LEU A 291 18.89 1.27 -29.77
CA LEU A 291 17.50 1.27 -30.27
C LEU A 291 17.10 2.69 -30.73
N ALA A 292 17.75 3.71 -30.13
CA ALA A 292 17.51 5.13 -30.44
C ALA A 292 18.61 5.64 -31.42
N MET B 17 9.03 5.53 -39.18
CA MET B 17 10.13 6.50 -38.91
C MET B 17 10.84 6.13 -37.60
N ALA B 18 12.15 5.87 -37.68
CA ALA B 18 12.98 5.48 -36.53
C ALA B 18 13.49 6.74 -35.79
N THR B 19 12.60 7.33 -34.99
CA THR B 19 12.86 8.57 -34.25
C THR B 19 12.03 8.55 -32.95
N SER B 20 12.45 9.36 -31.95
CA SER B 20 11.72 9.52 -30.68
C SER B 20 10.32 10.10 -30.94
N THR B 21 9.34 9.18 -31.04
CA THR B 21 7.90 9.51 -31.25
C THR B 21 7.21 9.88 -29.91
N LEU B 22 8.01 9.94 -28.83
CA LEU B 22 7.56 10.28 -27.47
C LEU B 22 7.02 11.71 -27.41
N ILE B 23 5.88 11.87 -26.74
CA ILE B 23 5.15 13.15 -26.69
C ILE B 23 5.73 14.10 -25.62
N LYS B 24 5.20 15.33 -25.63
CA LYS B 24 5.56 16.39 -24.67
C LYS B 24 4.65 16.26 -23.42
N ALA B 25 3.37 15.92 -23.69
CA ALA B 25 2.34 15.58 -22.68
C ALA B 25 2.01 16.76 -21.74
N ILE B 26 2.69 16.86 -20.58
CA ILE B 26 2.50 17.95 -19.61
C ILE B 26 3.84 18.70 -19.47
N ASP B 27 3.92 19.85 -20.13
CA ASP B 27 5.08 20.77 -20.06
C ASP B 27 4.65 22.09 -19.41
N GLY B 28 3.66 22.00 -18.49
CA GLY B 28 3.15 23.17 -17.76
C GLY B 28 4.28 23.91 -17.04
N ASP B 29 4.59 25.14 -17.54
CA ASP B 29 5.74 25.97 -17.11
C ASP B 29 7.07 25.28 -17.50
N THR B 30 7.45 24.26 -16.73
CA THR B 30 8.66 23.45 -16.96
C THR B 30 8.33 21.96 -16.70
N VAL B 31 8.98 21.04 -17.44
CA VAL B 31 8.79 19.58 -17.23
C VAL B 31 9.58 19.15 -15.97
N LYS B 32 8.94 19.37 -14.82
CA LYS B 32 9.49 18.99 -13.52
C LYS B 32 9.01 17.60 -13.16
N LEU B 33 9.83 16.60 -13.49
CA LEU B 33 9.56 15.20 -13.12
C LEU B 33 9.78 15.08 -11.60
N MET B 34 8.69 15.35 -10.85
CA MET B 34 8.59 15.22 -9.39
C MET B 34 9.33 16.33 -8.64
N TYR B 35 9.07 16.44 -7.33
CA TYR B 35 9.67 17.46 -6.46
C TYR B 35 9.65 16.97 -5.00
N LYS B 36 10.76 17.21 -4.27
CA LYS B 36 10.90 16.79 -2.86
C LYS B 36 9.91 17.54 -1.94
N GLY B 37 9.50 16.85 -0.87
CA GLY B 37 8.50 17.35 0.06
C GLY B 37 9.06 17.46 1.47
N GLN B 38 8.16 17.55 2.46
CA GLN B 38 8.53 17.65 3.88
C GLN B 38 8.95 16.26 4.43
N PRO B 39 10.07 16.17 5.22
CA PRO B 39 10.49 14.92 5.87
C PRO B 39 9.65 14.65 7.15
N MET B 40 8.39 14.27 6.93
CA MET B 40 7.40 14.03 8.01
C MET B 40 7.43 12.56 8.49
N THR B 41 8.50 11.84 8.11
CA THR B 41 8.59 10.38 8.20
C THR B 41 9.82 9.97 9.06
N PHE B 42 9.71 8.81 9.75
CA PHE B 42 10.65 8.39 10.85
C PHE B 42 11.35 7.03 10.57
N ARG B 43 11.15 6.48 9.37
CA ARG B 43 11.69 5.18 8.89
C ARG B 43 11.07 3.96 9.59
N LEU B 44 10.32 3.17 8.80
CA LEU B 44 9.76 1.86 9.19
C LEU B 44 9.06 1.29 7.95
N LEU B 45 9.56 0.18 7.40
CA LEU B 45 8.88 -0.53 6.29
C LEU B 45 8.90 -2.04 6.51
N LEU B 46 8.79 -2.80 5.41
CA LEU B 46 8.56 -4.24 5.43
C LEU B 46 9.89 -4.98 5.75
N VAL B 47 10.00 -6.27 5.37
CA VAL B 47 11.18 -7.11 5.69
C VAL B 47 12.52 -6.38 5.34
N ASP B 48 13.38 -6.20 6.38
CA ASP B 48 14.65 -5.44 6.28
C ASP B 48 15.57 -6.05 5.22
N THR B 49 15.49 -7.39 5.09
CA THR B 49 16.21 -8.15 4.06
C THR B 49 15.23 -8.58 2.92
N PRO B 50 15.09 -7.77 1.81
CA PRO B 50 14.23 -8.14 0.66
C PRO B 50 14.73 -9.38 -0.12
N GLU B 51 15.93 -9.86 0.25
CA GLU B 51 16.56 -11.04 -0.37
C GLU B 51 15.75 -12.33 -0.16
N THR B 52 14.84 -12.32 0.83
CA THR B 52 13.86 -13.40 1.01
C THR B 52 12.79 -13.30 -0.10
N LYS B 53 12.53 -14.43 -0.79
CA LYS B 53 11.57 -14.56 -1.89
C LYS B 53 11.95 -13.66 -3.08
N HIS B 54 12.54 -14.26 -4.13
CA HIS B 54 12.89 -13.55 -5.37
C HIS B 54 11.62 -13.17 -6.18
N PRO B 55 10.61 -14.08 -6.37
CA PRO B 55 9.28 -13.67 -6.92
C PRO B 55 8.55 -12.66 -6.00
N LYS B 56 8.81 -12.82 -4.67
CA LYS B 56 8.26 -12.00 -3.57
C LYS B 56 6.74 -11.82 -3.69
N LYS B 57 5.99 -12.85 -3.21
CA LYS B 57 4.54 -12.99 -3.46
C LYS B 57 4.35 -13.23 -4.97
N GLY B 58 4.54 -14.50 -5.39
CA GLY B 58 4.87 -14.86 -6.78
C GLY B 58 3.71 -14.96 -7.75
N VAL B 59 2.98 -13.83 -7.90
CA VAL B 59 1.99 -13.60 -8.96
C VAL B 59 0.96 -14.76 -9.07
N GLU B 60 -0.01 -14.75 -8.15
CA GLU B 60 -1.23 -15.57 -8.22
C GLU B 60 -2.36 -14.73 -8.89
N LYS B 61 -1.93 -13.62 -9.53
CA LYS B 61 -2.80 -12.73 -10.29
C LYS B 61 -3.34 -13.48 -11.50
N TYR B 62 -4.68 -13.62 -11.55
CA TYR B 62 -5.41 -14.41 -12.57
C TYR B 62 -5.13 -15.93 -12.38
N GLY B 63 -5.67 -16.75 -13.29
CA GLY B 63 -5.61 -18.21 -13.17
C GLY B 63 -6.96 -18.83 -13.52
N PRO B 64 -8.06 -18.45 -12.79
CA PRO B 64 -9.45 -18.71 -13.23
C PRO B 64 -9.78 -18.03 -14.58
N GLU B 65 -11.04 -18.16 -15.04
CA GLU B 65 -11.51 -17.48 -16.27
C GLU B 65 -11.45 -15.95 -16.14
N ALA B 66 -11.50 -15.49 -14.87
CA ALA B 66 -11.15 -14.12 -14.42
C ALA B 66 -11.71 -13.00 -15.35
N SER B 67 -10.94 -12.68 -16.42
CA SER B 67 -11.31 -11.66 -17.40
C SER B 67 -10.48 -11.87 -18.66
N ALA B 68 -11.16 -12.06 -19.82
CA ALA B 68 -10.55 -12.28 -21.16
C ALA B 68 -10.01 -13.71 -21.35
N PHE B 69 -9.90 -14.49 -20.25
CA PHE B 69 -9.35 -15.86 -20.30
C PHE B 69 -10.42 -16.84 -20.80
N THR B 70 -11.65 -16.69 -20.26
CA THR B 70 -12.85 -17.45 -20.69
C THR B 70 -12.69 -18.98 -20.48
N LYS B 71 -11.98 -19.64 -21.40
CA LYS B 71 -11.79 -21.11 -21.40
C LYS B 71 -10.54 -21.52 -20.61
N LYS B 72 -9.68 -20.54 -20.29
CA LYS B 72 -8.53 -20.72 -19.38
C LYS B 72 -9.06 -20.57 -17.94
N MET B 73 -8.88 -21.61 -17.12
CA MET B 73 -9.46 -21.68 -15.74
C MET B 73 -8.63 -22.63 -14.87
N VAL B 74 -8.67 -22.46 -13.51
CA VAL B 74 -7.92 -23.34 -12.58
C VAL B 74 -8.65 -24.68 -12.36
N GLU B 75 -9.95 -24.63 -11.97
CA GLU B 75 -10.77 -25.82 -11.67
C GLU B 75 -12.22 -25.59 -12.19
N ASN B 76 -13.19 -25.39 -11.26
CA ASN B 76 -14.56 -24.97 -11.62
C ASN B 76 -14.60 -23.44 -11.77
N ALA B 77 -13.67 -22.76 -11.08
CA ALA B 77 -13.43 -21.32 -11.23
C ALA B 77 -12.47 -21.09 -12.43
N ALA A 28 -20.49 -13.78 25.06
CA ALA A 28 -19.82 -12.64 25.76
C ALA A 28 -18.40 -13.05 26.21
N GLN A 29 -17.45 -13.02 25.26
CA GLN A 29 -16.03 -13.30 25.51
C GLN A 29 -15.19 -12.46 24.55
N ALA A 30 -13.96 -12.11 24.97
CA ALA A 30 -12.98 -11.36 24.15
C ALA A 30 -12.81 -12.03 22.77
N LEU A 31 -13.51 -11.46 21.77
CA LEU A 31 -13.59 -11.99 20.40
C LEU A 31 -12.20 -12.14 19.78
N TRP A 32 -11.41 -11.08 19.95
CA TRP A 32 -10.09 -10.92 19.31
C TRP A 32 -9.07 -11.98 19.77
N THR A 33 -9.15 -12.44 21.02
CA THR A 33 -8.13 -13.38 21.58
C THR A 33 -8.39 -14.83 21.15
N ARG A 34 -9.59 -15.08 20.59
CA ARG A 34 -10.00 -16.43 20.12
C ARG A 34 -9.27 -16.83 18.83
N ASN A 35 -9.44 -18.10 18.45
CA ASN A 35 -8.97 -18.64 17.17
C ASN A 35 -9.89 -18.14 16.04
N LYS A 36 -9.35 -18.02 14.81
CA LYS A 36 -10.10 -17.54 13.63
C LYS A 36 -11.29 -18.47 13.30
N SER A 37 -11.07 -19.78 13.50
CA SER A 37 -12.08 -20.82 13.28
C SER A 37 -13.26 -20.74 14.27
N GLU A 38 -13.08 -20.01 15.38
CA GLU A 38 -14.13 -19.76 16.39
C GLU A 38 -14.98 -18.54 16.02
N ILE A 39 -14.43 -17.66 15.16
CA ILE A 39 -15.05 -16.38 14.80
C ILE A 39 -15.68 -16.47 13.40
N THR A 40 -16.94 -16.07 13.29
CA THR A 40 -17.69 -16.04 12.01
C THR A 40 -17.23 -14.83 11.18
N ASP A 41 -17.24 -14.97 9.83
CA ASP A 41 -16.87 -13.86 8.90
C ASP A 41 -17.86 -12.70 9.00
N GLU A 42 -19.15 -13.03 9.24
CA GLU A 42 -20.20 -12.02 9.49
C GLU A 42 -19.87 -11.22 10.76
N GLU A 43 -19.38 -11.96 11.76
CA GLU A 43 -19.02 -11.45 13.08
C GLU A 43 -17.74 -10.60 13.03
N TYR A 44 -16.82 -10.96 12.10
CA TYR A 44 -15.61 -10.15 11.80
C TYR A 44 -16.01 -8.76 11.27
N LYS A 45 -17.00 -8.75 10.36
CA LYS A 45 -17.47 -7.50 9.70
C LYS A 45 -18.22 -6.59 10.70
N GLU A 46 -18.97 -7.20 11.62
CA GLU A 46 -19.69 -6.46 12.69
C GLU A 46 -18.69 -5.92 13.74
N PHE A 47 -17.67 -6.75 14.03
CA PHE A 47 -16.60 -6.40 15.01
C PHE A 47 -15.71 -5.28 14.45
N TYR A 48 -15.53 -5.28 13.12
CA TYR A 48 -14.89 -4.19 12.36
C TYR A 48 -15.62 -2.86 12.65
N LYS A 49 -16.95 -2.91 12.61
CA LYS A 49 -17.82 -1.73 12.84
C LYS A 49 -17.76 -1.28 14.30
N HIS A 50 -17.56 -2.25 15.19
CA HIS A 50 -17.42 -2.03 16.63
C HIS A 50 -16.12 -1.24 16.93
N ILE A 51 -15.00 -1.69 16.32
CA ILE A 51 -13.64 -1.25 16.71
C ILE A 51 -13.17 -0.02 15.92
N ALA A 52 -13.50 0.02 14.62
CA ALA A 52 -13.04 1.08 13.69
C ALA A 52 -14.04 2.25 13.65
N HIS A 53 -15.25 1.99 14.22
CA HIS A 53 -16.35 2.99 14.35
C HIS A 53 -16.93 3.37 12.96
N ASP A 54 -16.59 2.55 11.93
CA ASP A 54 -17.06 2.71 10.55
C ASP A 54 -18.10 1.63 10.27
N PHE A 55 -19.07 1.90 9.38
CA PHE A 55 -20.27 1.05 9.22
C PHE A 55 -20.46 0.62 7.76
N ASN A 56 -19.38 0.70 6.98
CA ASN A 56 -19.34 0.11 5.63
C ASN A 56 -18.85 -1.34 5.73
N ASP A 57 -18.99 -2.08 4.62
CA ASP A 57 -18.48 -3.47 4.49
C ASP A 57 -16.95 -3.44 4.30
N PRO A 58 -16.15 -4.09 5.21
CA PRO A 58 -14.66 -4.03 5.16
C PRO A 58 -14.10 -4.66 3.86
N LEU A 59 -12.85 -4.30 3.52
CA LEU A 59 -12.18 -4.86 2.33
C LEU A 59 -11.57 -6.24 2.67
N THR A 60 -10.78 -6.28 3.76
CA THR A 60 -10.16 -7.53 4.27
C THR A 60 -9.66 -7.33 5.71
N TRP A 61 -9.07 -8.39 6.29
CA TRP A 61 -8.49 -8.38 7.64
C TRP A 61 -7.40 -9.46 7.78
N SER A 62 -6.60 -9.35 8.85
CA SER A 62 -5.58 -10.34 9.24
C SER A 62 -5.61 -10.53 10.76
N HIS A 63 -5.86 -11.76 11.18
CA HIS A 63 -5.92 -12.15 12.59
C HIS A 63 -4.79 -13.15 12.87
N ASN A 64 -3.79 -12.69 13.64
CA ASN A 64 -2.59 -13.48 13.96
C ASN A 64 -2.31 -13.37 15.47
N ARG A 65 -2.10 -14.52 16.14
CA ARG A 65 -1.73 -14.56 17.56
C ARG A 65 -0.25 -14.96 17.67
N VAL A 66 0.46 -14.28 18.57
CA VAL A 66 1.89 -14.48 18.83
C VAL A 66 2.08 -14.91 20.29
N GLU A 67 3.00 -15.85 20.51
CA GLU A 67 3.30 -16.44 21.82
C GLU A 67 4.83 -16.57 21.97
N GLY A 68 5.32 -16.56 23.22
CA GLY A 68 6.75 -16.71 23.53
C GLY A 68 7.13 -15.85 24.73
N LYS A 69 7.94 -14.79 24.48
CA LYS A 69 8.34 -13.81 25.51
C LYS A 69 7.41 -12.60 25.48
N GLN A 70 7.02 -12.18 24.27
CA GLN A 70 5.98 -11.14 24.05
C GLN A 70 4.75 -11.81 23.43
N GLU A 71 3.81 -12.23 24.31
CA GLU A 71 2.53 -12.81 23.91
C GLU A 71 1.53 -11.67 23.67
N TYR A 72 0.95 -11.64 22.48
CA TYR A 72 -0.07 -10.67 22.10
C TYR A 72 -0.88 -11.20 20.92
N THR A 73 -2.17 -10.84 20.88
CA THR A 73 -3.04 -11.20 19.75
C THR A 73 -3.34 -9.92 18.94
N SER A 74 -2.84 -9.88 17.69
CA SER A 74 -3.02 -8.73 16.78
C SER A 74 -4.13 -9.05 15.76
N LEU A 75 -5.09 -8.12 15.63
CA LEU A 75 -6.22 -8.26 14.69
C LEU A 75 -6.42 -6.91 13.99
N LEU A 76 -5.83 -6.80 12.79
CA LEU A 76 -5.86 -5.57 11.98
C LEU A 76 -6.91 -5.74 10.86
N TYR A 77 -7.60 -4.63 10.51
CA TYR A 77 -8.55 -4.59 9.38
C TYR A 77 -8.13 -3.51 8.39
N ILE A 78 -8.50 -3.73 7.13
CA ILE A 78 -8.46 -2.72 6.09
C ILE A 78 -9.88 -2.16 5.90
N PRO A 79 -10.12 -0.87 6.27
CA PRO A 79 -11.43 -0.20 6.06
C PRO A 79 -11.75 -0.06 4.57
N SER A 80 -13.03 0.19 4.26
CA SER A 80 -13.51 0.42 2.89
C SER A 80 -13.63 1.91 2.58
N GLN A 81 -13.59 2.74 3.64
CA GLN A 81 -13.69 4.21 3.54
C GLN A 81 -12.54 4.85 4.33
N ALA A 82 -11.86 5.83 3.71
CA ALA A 82 -10.81 6.61 4.36
C ALA A 82 -11.45 7.65 5.31
N PRO A 83 -11.03 7.70 6.61
CA PRO A 83 -11.42 8.79 7.53
C PRO A 83 -10.87 10.14 7.05
N TRP A 84 -11.62 11.23 7.30
CA TRP A 84 -11.15 12.60 7.00
C TRP A 84 -9.99 12.97 7.97
N ASP A 85 -10.04 12.37 9.18
CA ASP A 85 -9.02 12.53 10.23
C ASP A 85 -7.66 11.89 9.85
N MET A 86 -7.62 11.21 8.69
CA MET A 86 -6.35 10.72 8.11
C MET A 86 -5.43 11.89 7.75
N TRP A 87 -6.05 13.03 7.37
CA TRP A 87 -5.34 14.23 6.87
C TRP A 87 -5.59 15.43 7.80
N ASN A 88 -5.95 15.13 9.06
CA ASN A 88 -6.28 16.13 10.10
C ASN A 88 -5.22 16.08 11.22
N ARG A 89 -5.20 17.12 12.08
CA ARG A 89 -4.32 17.17 13.28
C ARG A 89 -4.88 16.23 14.37
N ASP A 90 -6.16 15.86 14.22
CA ASP A 90 -6.81 14.84 15.05
C ASP A 90 -6.67 13.49 14.33
N HIS A 91 -6.20 12.46 15.05
CA HIS A 91 -5.96 11.12 14.49
C HIS A 91 -7.20 10.23 14.66
N LYS A 92 -7.46 9.40 13.63
CA LYS A 92 -8.46 8.33 13.69
C LYS A 92 -7.80 6.98 13.36
N HIS A 93 -6.58 7.03 12.83
CA HIS A 93 -5.74 5.84 12.65
C HIS A 93 -5.24 5.35 14.01
N GLY A 94 -5.16 4.04 14.17
CA GLY A 94 -4.72 3.43 15.40
C GLY A 94 -5.53 2.21 15.73
N LEU A 95 -5.26 1.67 16.92
CA LEU A 95 -5.86 0.42 17.38
C LEU A 95 -6.49 0.62 18.75
N LYS A 96 -7.44 -0.24 19.11
CA LYS A 96 -7.94 -0.33 20.49
C LYS A 96 -6.85 -1.04 21.31
N LEU A 97 -6.16 -0.27 22.15
CA LEU A 97 -5.10 -0.80 23.01
C LEU A 97 -5.74 -1.60 24.16
N TYR A 98 -5.64 -2.93 24.01
CA TYR A 98 -6.00 -3.90 25.05
C TYR A 98 -4.71 -4.48 25.63
N VAL A 99 -4.75 -4.77 26.93
CA VAL A 99 -3.70 -5.48 27.65
C VAL A 99 -4.40 -6.43 28.62
N GLN A 100 -4.24 -7.75 28.38
CA GLN A 100 -4.74 -8.82 29.28
C GLN A 100 -6.27 -8.79 29.40
N ARG A 101 -6.92 -8.59 28.23
CA ARG A 101 -8.39 -8.53 28.04
C ARG A 101 -9.01 -7.20 28.51
N VAL A 102 -8.19 -6.30 29.09
CA VAL A 102 -8.65 -5.00 29.62
C VAL A 102 -8.47 -3.92 28.55
N PHE A 103 -9.47 -3.04 28.39
CA PHE A 103 -9.37 -1.85 27.53
C PHE A 103 -8.65 -0.72 28.29
N ILE A 104 -7.57 -0.18 27.68
CA ILE A 104 -6.78 0.93 28.26
C ILE A 104 -7.17 2.23 27.55
N MET A 105 -6.88 2.28 26.24
CA MET A 105 -7.13 3.44 25.38
C MET A 105 -7.56 2.96 24.00
N ASP A 106 -8.18 3.85 23.23
CA ASP A 106 -8.52 3.63 21.82
C ASP A 106 -7.64 4.53 20.96
N ASP A 107 -7.57 4.23 19.65
CA ASP A 107 -6.94 5.09 18.64
C ASP A 107 -5.42 5.20 18.88
N ALA A 108 -4.85 4.11 19.48
CA ALA A 108 -3.42 3.99 19.79
C ALA A 108 -2.65 3.82 18.47
N GLU A 109 -2.28 4.98 17.94
CA GLU A 109 -1.66 5.13 16.61
C GLU A 109 -0.18 4.70 16.61
N GLN A 110 0.35 4.41 17.79
CA GLN A 110 1.77 4.12 17.99
C GLN A 110 2.14 2.68 17.58
N PHE A 111 1.12 1.86 17.26
CA PHE A 111 1.32 0.48 16.76
C PHE A 111 1.37 0.46 15.22
N MET A 112 0.91 1.55 14.58
CA MET A 112 1.00 1.72 13.10
C MET A 112 1.52 3.13 12.77
N PRO A 113 2.70 3.26 12.06
CA PRO A 113 3.29 4.58 11.74
C PRO A 113 2.39 5.44 10.83
N ASN A 114 2.79 6.69 10.63
CA ASN A 114 2.02 7.72 9.89
C ASN A 114 1.93 7.42 8.38
N TYR A 115 2.81 6.51 7.90
CA TYR A 115 2.87 6.06 6.49
C TYR A 115 2.09 4.74 6.30
N LEU A 116 1.63 4.16 7.43
CA LEU A 116 0.72 2.98 7.44
C LEU A 116 -0.58 3.37 8.19
N ARG A 117 -0.94 4.67 8.14
CA ARG A 117 -2.08 5.25 8.90
C ARG A 117 -3.46 4.90 8.29
N PHE A 118 -3.48 3.97 7.33
CA PHE A 118 -4.74 3.46 6.73
C PHE A 118 -5.28 2.24 7.50
N VAL A 119 -4.43 1.62 8.33
CA VAL A 119 -4.80 0.43 9.12
C VAL A 119 -5.58 0.85 10.39
N ARG A 120 -6.71 0.16 10.64
CA ARG A 120 -7.55 0.37 11.84
C ARG A 120 -7.99 -1.01 12.35
N GLY A 121 -7.99 -1.18 13.67
CA GLY A 121 -8.35 -2.45 14.30
C GLY A 121 -8.09 -2.42 15.79
N LEU A 122 -7.41 -3.48 16.31
CA LEU A 122 -7.07 -3.58 17.74
C LEU A 122 -5.91 -4.56 17.95
N ILE A 123 -5.43 -4.59 19.20
CA ILE A 123 -4.33 -5.47 19.63
C ILE A 123 -4.45 -5.69 21.15
N ASP A 124 -4.27 -6.94 21.59
CA ASP A 124 -4.23 -7.29 23.02
C ASP A 124 -2.81 -7.74 23.37
N SER A 125 -2.06 -6.85 24.02
CA SER A 125 -0.69 -7.15 24.46
C SER A 125 -0.75 -7.68 25.89
N SER A 126 -0.38 -8.94 26.08
CA SER A 126 -0.54 -9.64 27.37
C SER A 126 0.68 -9.45 28.31
N ASP A 127 1.78 -8.88 27.76
CA ASP A 127 3.05 -8.68 28.51
C ASP A 127 3.40 -7.19 28.69
N LEU A 128 2.87 -6.33 27.80
CA LEU A 128 3.11 -4.87 27.86
C LEU A 128 2.36 -4.27 29.08
N PRO A 129 2.88 -3.13 29.67
CA PRO A 129 2.26 -2.49 30.86
C PRO A 129 0.77 -2.16 30.66
N LEU A 130 -0.03 -2.41 31.70
CA LEU A 130 -1.48 -2.17 31.72
C LEU A 130 -1.80 -0.64 31.74
N ASN A 131 -0.82 0.17 32.16
CA ASN A 131 -0.95 1.64 32.25
C ASN A 131 -0.08 2.35 31.21
N VAL A 132 0.33 1.61 30.15
CA VAL A 132 1.25 2.14 29.11
C VAL A 132 0.60 3.32 28.34
N SER A 133 1.38 4.41 28.16
CA SER A 133 0.91 5.68 27.56
C SER A 133 1.57 5.89 26.19
N ARG A 134 1.05 6.87 25.42
CA ARG A 134 1.46 7.16 24.02
C ARG A 134 2.97 7.46 23.90
N GLU A 135 3.49 8.19 24.91
CA GLU A 135 4.91 8.59 24.99
C GLU A 135 5.81 7.35 25.17
N ILE A 136 5.35 6.41 26.00
CA ILE A 136 6.04 5.12 26.24
C ILE A 136 5.97 4.26 24.97
N LEU A 137 4.81 4.31 24.30
CA LEU A 137 4.57 3.58 23.04
C LEU A 137 5.46 4.12 21.90
N GLN A 138 5.88 5.40 22.02
CA GLN A 138 6.80 6.05 21.07
C GLN A 138 8.27 5.67 21.37
N ASP A 139 8.64 5.69 22.66
CA ASP A 139 10.05 5.56 23.11
C ASP A 139 10.48 4.09 23.25
N SER A 140 9.71 3.31 24.01
CA SER A 140 10.09 1.95 24.48
C SER A 140 10.29 0.96 23.32
N THR A 141 11.32 0.11 23.45
CA THR A 141 11.73 -0.82 22.38
C THR A 141 10.77 -2.01 22.25
N VAL A 142 10.06 -2.34 23.36
CA VAL A 142 9.05 -3.42 23.33
C VAL A 142 7.96 -3.08 22.30
N THR A 143 7.49 -1.82 22.34
CA THR A 143 6.44 -1.32 21.45
C THR A 143 6.98 -1.09 20.02
N ARG A 144 8.29 -0.85 19.88
CA ARG A 144 8.93 -0.74 18.55
C ARG A 144 8.87 -2.09 17.83
N ASN A 145 9.16 -3.16 18.59
CA ASN A 145 9.14 -4.55 18.09
C ASN A 145 7.69 -4.98 17.75
N LEU A 146 6.74 -4.52 18.59
CA LEU A 146 5.27 -4.69 18.37
C LEU A 146 4.85 -4.07 17.03
N ARG A 147 5.17 -2.78 16.88
CA ARG A 147 4.82 -1.96 15.72
C ARG A 147 5.47 -2.51 14.42
N ASN A 148 6.72 -2.97 14.55
CA ASN A 148 7.52 -3.53 13.43
C ASN A 148 6.90 -4.86 12.96
N ALA A 149 6.41 -5.67 13.92
CA ALA A 149 5.77 -6.95 13.65
C ALA A 149 4.40 -6.77 12.98
N LEU A 150 3.67 -5.71 13.41
CA LEU A 150 2.35 -5.36 12.83
C LEU A 150 2.51 -4.79 11.41
N THR A 151 3.64 -4.10 11.17
CA THR A 151 4.02 -3.61 9.83
C THR A 151 4.10 -4.78 8.80
N LYS A 152 4.50 -5.95 9.32
CA LYS A 152 4.58 -7.20 8.54
C LYS A 152 3.19 -7.72 8.16
N ARG A 153 2.20 -7.57 9.09
CA ARG A 153 0.78 -7.91 8.81
C ARG A 153 0.27 -7.07 7.64
N VAL A 154 0.59 -5.76 7.68
CA VAL A 154 0.16 -4.78 6.67
C VAL A 154 0.45 -5.25 5.23
N LEU A 155 1.75 -5.47 4.88
CA LEU A 155 2.18 -5.92 3.53
C LEU A 155 1.35 -7.12 3.07
N GLN A 156 1.35 -8.16 3.91
CA GLN A 156 0.71 -9.44 3.61
C GLN A 156 -0.80 -9.26 3.41
N MET A 157 -1.41 -8.34 4.20
CA MET A 157 -2.86 -8.09 4.21
C MET A 157 -3.30 -7.32 2.94
N LEU A 158 -2.41 -6.45 2.44
CA LEU A 158 -2.67 -5.66 1.21
C LEU A 158 -2.55 -6.54 -0.03
N GLU A 159 -1.50 -7.39 -0.05
CA GLU A 159 -1.27 -8.34 -1.15
C GLU A 159 -2.29 -9.49 -1.07
N LYS A 160 -2.81 -9.76 0.15
CA LYS A 160 -3.95 -10.68 0.35
C LYS A 160 -5.15 -10.13 -0.40
N LEU A 161 -5.48 -8.86 -0.12
CA LEU A 161 -6.62 -8.14 -0.72
C LEU A 161 -6.52 -8.06 -2.26
N ALA A 162 -5.26 -7.95 -2.76
CA ALA A 162 -4.97 -7.92 -4.20
C ALA A 162 -5.42 -9.22 -4.89
N LYS A 163 -5.16 -10.36 -4.22
CA LYS A 163 -5.54 -11.69 -4.72
C LYS A 163 -7.00 -12.01 -4.37
N ASP A 164 -7.46 -11.49 -3.22
CA ASP A 164 -8.75 -11.84 -2.59
C ASP A 164 -9.91 -11.23 -3.38
N ASP A 165 -9.88 -9.91 -3.55
CA ASP A 165 -10.88 -9.16 -4.34
C ASP A 165 -10.23 -7.90 -4.95
N ALA A 166 -9.99 -7.97 -6.27
CA ALA A 166 -9.32 -6.90 -7.05
C ALA A 166 -10.13 -5.58 -7.07
N GLU A 167 -11.47 -5.72 -7.05
CA GLU A 167 -12.41 -4.58 -7.05
C GLU A 167 -12.29 -3.76 -5.76
N LYS A 168 -12.13 -4.47 -4.62
CA LYS A 168 -11.96 -3.86 -3.29
C LYS A 168 -10.56 -3.29 -3.12
N TYR A 169 -9.57 -3.95 -3.72
CA TYR A 169 -8.16 -3.50 -3.68
C TYR A 169 -7.97 -2.24 -4.53
N GLN A 170 -8.79 -2.10 -5.58
CA GLN A 170 -8.81 -0.89 -6.41
C GLN A 170 -9.36 0.29 -5.58
N THR A 171 -10.48 0.03 -4.87
CA THR A 171 -11.10 1.01 -3.94
C THR A 171 -10.12 1.41 -2.82
N PHE A 172 -9.31 0.42 -2.38
CA PHE A 172 -8.28 0.61 -1.36
C PHE A 172 -7.35 1.76 -1.73
N TRP A 173 -6.83 1.73 -2.97
CA TRP A 173 -5.83 2.71 -3.40
C TRP A 173 -6.45 4.13 -3.53
N GLN A 174 -7.69 4.20 -4.01
CA GLN A 174 -8.40 5.48 -4.20
C GLN A 174 -8.85 6.11 -2.86
N GLN A 175 -8.67 5.38 -1.73
CA GLN A 175 -8.95 5.90 -0.38
C GLN A 175 -7.66 6.07 0.44
N PHE A 176 -6.73 5.11 0.29
CA PHE A 176 -5.60 4.90 1.25
C PHE A 176 -4.23 4.97 0.55
N GLY A 177 -4.24 5.06 -0.79
CA GLY A 177 -3.01 4.94 -1.60
C GLY A 177 -2.05 6.11 -1.44
N LEU A 178 -2.60 7.28 -1.12
CA LEU A 178 -1.81 8.52 -0.87
C LEU A 178 -0.84 8.31 0.32
N VAL A 179 -1.30 7.51 1.29
CA VAL A 179 -0.56 7.15 2.50
C VAL A 179 0.51 6.09 2.19
N LEU A 180 0.16 5.13 1.32
CA LEU A 180 1.04 4.02 0.94
C LEU A 180 2.24 4.53 0.11
N LYS A 181 2.04 5.67 -0.59
CA LYS A 181 3.10 6.35 -1.38
C LYS A 181 4.17 7.01 -0.48
N GLU A 182 3.85 7.20 0.81
CA GLU A 182 4.81 7.73 1.81
C GLU A 182 5.85 6.64 2.18
N GLY A 183 5.50 5.36 1.85
CA GLY A 183 6.29 4.19 2.19
C GLY A 183 7.67 4.16 1.57
N PRO A 184 7.81 3.96 0.21
CA PRO A 184 9.12 3.56 -0.42
C PRO A 184 10.18 4.69 -0.42
N ALA A 185 9.77 5.87 0.07
CA ALA A 185 10.66 7.04 0.28
C ALA A 185 11.37 6.97 1.65
N GLU A 186 10.77 6.21 2.58
CA GLU A 186 11.35 5.92 3.90
C GLU A 186 12.52 4.94 3.77
N ASP A 187 12.21 3.72 3.34
CA ASP A 187 13.23 2.68 3.08
C ASP A 187 13.18 2.25 1.60
N PHE A 188 14.16 2.72 0.82
CA PHE A 188 14.29 2.36 -0.60
C PHE A 188 14.93 0.96 -0.77
N ALA A 189 15.53 0.41 0.31
CA ALA A 189 16.15 -0.93 0.29
C ALA A 189 15.13 -2.03 -0.07
N ASN A 190 13.92 -1.95 0.53
CA ASN A 190 12.79 -2.89 0.27
C ASN A 190 11.70 -2.20 -0.56
N GLN A 191 12.10 -1.22 -1.41
CA GLN A 191 11.16 -0.43 -2.24
C GLN A 191 10.32 -1.32 -3.17
N GLU A 192 10.85 -2.52 -3.49
CA GLU A 192 10.20 -3.51 -4.37
C GLU A 192 8.95 -4.13 -3.72
N ALA A 193 9.03 -4.36 -2.38
CA ALA A 193 7.91 -4.90 -1.59
C ALA A 193 6.71 -3.93 -1.60
N ILE A 194 7.04 -2.61 -1.55
CA ILE A 194 6.02 -1.54 -1.65
C ILE A 194 5.64 -1.33 -3.13
N ALA A 195 6.60 -1.51 -4.06
CA ALA A 195 6.40 -1.32 -5.52
C ALA A 195 5.39 -2.32 -6.08
N LYS A 196 5.32 -3.49 -5.42
CA LYS A 196 4.33 -4.54 -5.67
C LYS A 196 2.90 -4.00 -5.44
N LEU A 197 2.79 -3.13 -4.41
CA LEU A 197 1.52 -2.53 -3.97
C LEU A 197 1.22 -1.21 -4.72
N LEU A 198 2.30 -0.49 -5.13
CA LEU A 198 2.19 0.86 -5.73
C LEU A 198 1.34 0.85 -7.01
N ARG A 199 0.30 1.70 -7.02
CA ARG A 199 -0.60 1.88 -8.16
C ARG A 199 -0.52 3.34 -8.63
N PHE A 200 -0.27 3.52 -9.91
CA PHE A 200 -0.27 4.83 -10.56
C PHE A 200 -1.43 4.86 -11.55
N ALA A 201 -1.72 6.03 -12.11
CA ALA A 201 -2.60 6.14 -13.27
C ALA A 201 -1.72 6.05 -14.53
N SER A 202 -2.34 5.97 -15.72
CA SER A 202 -1.58 5.86 -16.98
C SER A 202 -2.48 6.12 -18.20
N THR A 203 -1.89 5.98 -19.39
CA THR A 203 -2.61 6.10 -20.67
C THR A 203 -3.40 4.81 -20.99
N HIS A 204 -3.32 3.81 -20.08
CA HIS A 204 -4.12 2.57 -20.11
C HIS A 204 -5.61 2.93 -20.04
N THR A 205 -5.93 3.62 -18.94
CA THR A 205 -7.29 3.97 -18.58
C THR A 205 -7.36 5.49 -18.33
N ASP A 206 -8.36 6.16 -18.93
CA ASP A 206 -8.54 7.62 -18.79
C ASP A 206 -9.39 7.98 -17.54
N SER A 207 -9.49 7.01 -16.61
CA SER A 207 -10.13 7.20 -15.30
C SER A 207 -9.07 7.68 -14.28
N SER A 208 -9.48 8.55 -13.33
CA SER A 208 -8.58 9.11 -12.29
C SER A 208 -8.23 8.06 -11.23
N ALA A 209 -8.93 6.90 -11.27
CA ALA A 209 -8.59 5.73 -10.48
C ALA A 209 -7.21 5.21 -10.89
N GLN A 210 -6.25 5.26 -9.95
CA GLN A 210 -4.87 4.75 -10.16
C GLN A 210 -4.93 3.22 -10.26
N THR A 211 -5.05 2.71 -11.50
CA THR A 211 -5.36 1.30 -11.76
C THR A 211 -4.10 0.48 -12.12
N VAL A 212 -3.10 1.11 -12.77
CA VAL A 212 -1.88 0.40 -13.21
C VAL A 212 -0.92 0.24 -12.03
N SER A 213 -0.04 -0.76 -12.08
CA SER A 213 1.01 -0.97 -11.09
C SER A 213 2.37 -0.94 -11.79
N LEU A 214 3.44 -1.02 -11.01
CA LEU A 214 4.81 -1.18 -11.53
C LEU A 214 5.00 -2.61 -12.04
N GLU A 215 4.53 -3.58 -11.23
CA GLU A 215 4.52 -5.02 -11.58
C GLU A 215 3.67 -5.27 -12.82
N ASP A 216 2.50 -4.60 -12.84
CA ASP A 216 1.55 -4.66 -13.97
C ASP A 216 2.14 -3.95 -15.20
N TYR A 217 2.99 -2.92 -14.98
CA TYR A 217 3.65 -2.19 -16.09
C TYR A 217 4.71 -3.08 -16.77
N VAL A 218 5.38 -3.93 -15.99
CA VAL A 218 6.34 -4.93 -16.52
C VAL A 218 5.58 -5.92 -17.42
N SER A 219 4.34 -6.24 -17.02
CA SER A 219 3.41 -7.08 -17.81
C SER A 219 2.87 -6.31 -19.06
N ARG A 220 3.00 -4.96 -19.04
CA ARG A 220 2.64 -4.05 -20.17
C ARG A 220 3.86 -3.61 -20.99
N MET A 221 5.08 -4.01 -20.56
CA MET A 221 6.33 -3.67 -21.28
C MET A 221 6.43 -4.46 -22.58
N LYS A 222 6.55 -3.71 -23.68
CA LYS A 222 6.65 -4.27 -25.02
C LYS A 222 8.12 -4.39 -25.46
N GLU A 223 8.32 -4.81 -26.70
CA GLU A 223 9.66 -5.01 -27.28
C GLU A 223 10.36 -3.64 -27.43
N GLY A 224 11.47 -3.46 -26.71
CA GLY A 224 12.23 -2.22 -26.74
C GLY A 224 11.84 -1.24 -25.64
N GLN A 225 10.63 -1.42 -25.03
CA GLN A 225 10.13 -0.54 -23.96
C GLN A 225 10.86 -0.88 -22.65
N GLU A 226 12.05 -0.28 -22.49
CA GLU A 226 12.98 -0.55 -21.39
C GLU A 226 12.83 0.49 -20.28
N LYS A 227 12.41 1.70 -20.65
CA LYS A 227 12.31 2.84 -19.72
C LYS A 227 10.85 3.19 -19.48
N ILE A 228 10.49 3.38 -18.20
CA ILE A 228 9.12 3.65 -17.76
C ILE A 228 8.87 5.15 -17.86
N TYR A 229 7.72 5.56 -18.40
CA TYR A 229 7.46 6.98 -18.73
C TYR A 229 6.50 7.53 -17.69
N TYR A 230 6.82 8.68 -17.09
CA TYR A 230 5.95 9.32 -16.09
C TYR A 230 5.71 10.79 -16.48
N ILE A 231 4.62 11.38 -15.93
CA ILE A 231 4.31 12.82 -16.07
C ILE A 231 3.75 13.36 -14.74
N THR A 232 4.46 14.32 -14.10
CA THR A 232 3.97 14.99 -12.87
C THR A 232 2.92 16.04 -13.23
N ALA A 233 1.77 15.94 -12.59
CA ALA A 233 0.64 16.86 -12.73
C ALA A 233 0.09 17.18 -11.34
N ASP A 234 -0.41 18.40 -11.16
CA ASP A 234 -1.02 18.85 -9.89
C ASP A 234 -2.42 18.22 -9.72
N SER A 235 -3.03 17.85 -10.86
CA SER A 235 -4.37 17.26 -10.92
C SER A 235 -4.42 16.26 -12.10
N TYR A 236 -5.22 15.17 -11.95
CA TYR A 236 -5.40 14.17 -13.02
C TYR A 236 -6.14 14.79 -14.20
N ALA A 237 -7.13 15.65 -13.90
CA ALA A 237 -7.94 16.35 -14.91
C ALA A 237 -7.03 17.12 -15.89
N ALA A 238 -6.08 17.86 -15.30
CA ALA A 238 -5.08 18.67 -16.02
C ALA A 238 -4.16 17.78 -16.89
N ALA A 239 -3.83 16.58 -16.36
CA ALA A 239 -3.01 15.60 -17.10
C ALA A 239 -3.76 15.07 -18.33
N LYS A 240 -4.96 14.56 -18.06
CA LYS A 240 -5.83 13.87 -19.03
C LYS A 240 -6.30 14.81 -20.17
N SER A 241 -6.23 16.13 -19.92
CA SER A 241 -6.62 17.15 -20.91
C SER A 241 -5.71 17.10 -22.16
N SER A 242 -4.50 16.53 -22.00
CA SER A 242 -3.62 16.20 -23.12
C SER A 242 -4.22 15.01 -23.92
N PRO A 243 -4.63 15.21 -25.22
CA PRO A 243 -5.12 14.11 -26.08
C PRO A 243 -3.96 13.22 -26.59
N HIS A 244 -2.71 13.67 -26.33
CA HIS A 244 -1.47 12.99 -26.72
C HIS A 244 -1.29 11.69 -25.92
N LEU A 245 -1.88 11.66 -24.72
CA LEU A 245 -1.89 10.49 -23.83
C LEU A 245 -2.70 9.34 -24.44
N GLU A 246 -3.93 9.66 -24.85
CA GLU A 246 -4.85 8.68 -25.45
C GLU A 246 -4.48 8.44 -26.93
N LEU A 247 -3.59 9.31 -27.47
CA LEU A 247 -2.92 9.08 -28.76
C LEU A 247 -1.80 8.03 -28.58
N LEU A 248 -1.06 8.12 -27.45
CA LEU A 248 -0.02 7.14 -27.06
C LEU A 248 -0.63 5.74 -26.89
N ARG A 249 -1.83 5.70 -26.32
CA ARG A 249 -2.63 4.46 -26.22
C ARG A 249 -2.85 3.84 -27.63
N LYS A 250 -3.09 4.69 -28.65
CA LYS A 250 -3.34 4.24 -30.05
C LYS A 250 -2.09 3.55 -30.65
N LYS A 251 -0.89 3.92 -30.17
CA LYS A 251 0.39 3.26 -30.55
C LYS A 251 0.64 2.02 -29.66
N GLY A 252 -0.11 1.93 -28.56
CA GLY A 252 0.03 0.85 -27.57
C GLY A 252 1.12 1.14 -26.56
N ILE A 253 1.54 2.42 -26.48
CA ILE A 253 2.57 2.86 -25.53
C ILE A 253 1.84 3.37 -24.27
N GLU A 254 2.41 3.07 -23.09
CA GLU A 254 1.74 3.35 -21.82
C GLU A 254 2.58 4.30 -20.96
N VAL A 255 2.00 5.45 -20.61
CA VAL A 255 2.68 6.54 -19.88
C VAL A 255 1.91 6.82 -18.58
N LEU A 256 2.63 6.76 -17.45
CA LEU A 256 2.05 6.82 -16.10
C LEU A 256 1.83 8.28 -15.65
N LEU A 257 0.59 8.58 -15.24
CA LEU A 257 0.16 9.90 -14.80
C LEU A 257 0.23 10.00 -13.26
N LEU A 258 0.97 11.01 -12.80
CA LEU A 258 1.21 11.29 -11.38
C LEU A 258 0.31 12.47 -10.97
N SER A 259 -0.85 12.15 -10.39
CA SER A 259 -1.89 13.15 -10.09
C SER A 259 -1.78 13.67 -8.65
N ASP A 260 -0.88 13.08 -7.86
CA ASP A 260 -0.87 13.24 -6.39
C ASP A 260 0.44 13.91 -5.93
N ARG A 261 0.36 14.60 -4.77
CA ARG A 261 1.42 15.48 -4.26
C ARG A 261 2.61 14.67 -3.72
N ILE A 262 2.28 13.59 -2.99
CA ILE A 262 3.27 12.76 -2.24
C ILE A 262 4.29 12.06 -3.18
N ASP A 263 3.88 11.85 -4.45
CA ASP A 263 4.70 11.26 -5.53
C ASP A 263 6.07 11.95 -5.65
N GLU A 264 6.09 13.30 -5.55
CA GLU A 264 7.32 14.11 -5.52
C GLU A 264 8.45 13.51 -4.62
N TRP A 265 8.13 13.24 -3.35
CA TRP A 265 9.09 12.70 -2.36
C TRP A 265 9.21 11.16 -2.49
N MET A 266 8.15 10.50 -3.00
CA MET A 266 8.09 9.02 -3.15
C MET A 266 9.15 8.50 -4.14
N MET A 267 9.04 8.99 -5.39
CA MET A 267 9.82 8.50 -6.54
C MET A 267 11.28 8.99 -6.48
N ASN A 268 11.53 9.97 -5.60
CA ASN A 268 12.87 10.45 -5.22
C ASN A 268 13.76 9.28 -4.73
N TYR A 269 13.15 8.31 -4.04
CA TYR A 269 13.83 7.08 -3.55
C TYR A 269 13.43 5.87 -4.39
N LEU A 270 12.16 5.85 -4.82
CA LEU A 270 11.62 4.81 -5.72
C LEU A 270 12.03 5.17 -7.17
N THR A 271 13.34 4.98 -7.46
CA THR A 271 14.02 5.45 -8.69
C THR A 271 14.07 4.38 -9.80
N GLU A 272 13.96 3.10 -9.42
CA GLU A 272 14.06 1.97 -10.35
C GLU A 272 13.24 0.78 -9.80
N PHE A 273 12.74 -0.07 -10.71
CA PHE A 273 12.03 -1.31 -10.38
C PHE A 273 12.28 -2.37 -11.46
N ASP A 274 12.53 -3.63 -11.01
CA ASP A 274 12.63 -4.84 -11.86
C ASP A 274 13.88 -4.79 -12.82
N GLY A 275 14.80 -3.86 -12.54
CA GLY A 275 16.01 -3.68 -13.34
C GLY A 275 15.84 -2.67 -14.45
N LYS A 276 14.60 -2.18 -14.64
CA LYS A 276 14.30 -1.13 -15.63
C LYS A 276 14.25 0.25 -14.92
N PRO A 277 15.00 1.27 -15.43
CA PRO A 277 15.05 2.61 -14.81
C PRO A 277 13.84 3.49 -15.21
N PHE A 278 13.38 4.33 -14.28
CA PHE A 278 12.25 5.24 -14.50
C PHE A 278 12.69 6.49 -15.27
N GLN A 279 11.74 7.10 -15.99
CA GLN A 279 12.00 8.21 -16.90
C GLN A 279 10.92 9.29 -16.85
N SER A 280 11.39 10.52 -17.05
CA SER A 280 10.56 11.73 -17.05
C SER A 280 9.88 11.96 -18.40
N VAL A 281 8.81 12.79 -18.38
CA VAL A 281 8.11 13.25 -19.60
C VAL A 281 9.04 14.07 -20.51
N SER A 282 9.99 14.80 -19.88
CA SER A 282 10.95 15.66 -20.57
C SER A 282 11.92 14.86 -21.47
N LYS A 283 12.05 13.54 -21.19
CA LYS A 283 12.98 12.65 -21.91
C LYS A 283 12.22 11.52 -22.61
N VAL A 284 12.86 10.94 -23.62
CA VAL A 284 12.33 9.80 -24.42
C VAL A 284 13.20 8.56 -24.21
N ASP A 285 12.68 7.38 -24.63
CA ASP A 285 13.50 6.17 -24.84
C ASP A 285 13.63 5.95 -26.37
N GLU A 286 14.58 5.10 -26.77
CA GLU A 286 14.88 4.82 -28.17
C GLU A 286 14.05 3.60 -28.63
N SER A 287 12.78 3.51 -28.17
CA SER A 287 11.96 2.28 -28.25
C SER A 287 11.74 1.77 -29.68
N LEU A 288 11.80 2.67 -30.69
CA LEU A 288 11.65 2.29 -32.12
C LEU A 288 13.05 1.92 -32.67
N GLU A 289 14.08 2.64 -32.21
CA GLU A 289 15.46 2.48 -32.69
C GLU A 289 16.07 1.12 -32.23
N LYS A 290 15.71 0.71 -31.01
CA LYS A 290 16.21 -0.53 -30.37
C LYS A 290 15.29 -1.72 -30.72
N LEU A 291 14.12 -1.41 -31.33
CA LEU A 291 13.17 -2.42 -31.85
C LEU A 291 13.52 -2.75 -33.31
N ALA A 292 13.90 -1.72 -34.08
CA ALA A 292 14.08 -1.80 -35.54
C ALA A 292 15.35 -2.60 -35.93
N MET B 17 0.81 8.23 -38.54
CA MET B 17 1.50 6.91 -38.48
C MET B 17 2.42 6.85 -37.25
N ALA B 18 3.28 5.82 -37.16
CA ALA B 18 4.25 5.66 -36.06
C ALA B 18 5.45 6.60 -36.28
N THR B 19 5.34 7.83 -35.75
CA THR B 19 6.43 8.82 -35.78
C THR B 19 7.48 8.49 -34.69
N SER B 20 8.25 7.40 -34.96
CA SER B 20 9.25 6.81 -34.04
C SER B 20 8.72 6.65 -32.59
N THR B 21 9.00 7.64 -31.73
CA THR B 21 8.58 7.68 -30.32
C THR B 21 8.24 9.13 -29.95
N LEU B 22 7.09 9.35 -29.27
CA LEU B 22 6.65 10.68 -28.83
C LEU B 22 6.27 10.64 -27.33
N ILE B 23 6.32 11.81 -26.66
CA ILE B 23 5.95 11.94 -25.24
C ILE B 23 5.66 13.44 -24.89
N LYS B 24 5.44 14.28 -25.93
CA LYS B 24 4.95 15.66 -25.71
C LYS B 24 3.49 15.61 -25.20
N ALA B 25 3.36 15.58 -23.88
CA ALA B 25 2.08 15.48 -23.18
C ALA B 25 2.21 16.24 -21.84
N ILE B 26 1.24 17.12 -21.56
CA ILE B 26 1.31 18.16 -20.51
C ILE B 26 2.56 19.05 -20.78
N ASP B 27 2.42 19.97 -21.76
CA ASP B 27 3.51 20.89 -22.12
C ASP B 27 3.55 22.05 -21.13
N GLY B 28 4.73 22.30 -20.55
CA GLY B 28 4.92 23.36 -19.57
C GLY B 28 6.36 23.83 -19.51
N ASP B 29 6.60 24.84 -18.66
CA ASP B 29 7.94 25.35 -18.37
C ASP B 29 8.71 24.29 -17.57
N THR B 30 8.08 23.86 -16.46
CA THR B 30 8.63 22.85 -15.56
C THR B 30 8.11 21.45 -15.97
N VAL B 31 8.74 20.92 -17.03
CA VAL B 31 8.61 19.49 -17.41
C VAL B 31 9.71 18.66 -16.70
N LYS B 32 10.54 19.37 -15.90
CA LYS B 32 11.53 18.76 -15.00
C LYS B 32 10.78 17.95 -13.93
N LEU B 33 10.70 16.63 -14.15
CA LEU B 33 9.89 15.74 -13.32
C LEU B 33 10.51 15.56 -11.92
N MET B 34 9.63 15.31 -10.94
CA MET B 34 9.93 15.24 -9.50
C MET B 34 11.18 14.37 -9.17
N TYR B 35 12.04 14.93 -8.31
CA TYR B 35 13.26 14.26 -7.84
C TYR B 35 13.94 15.19 -6.81
N LYS B 36 14.71 14.60 -5.87
CA LYS B 36 15.39 15.32 -4.76
C LYS B 36 14.36 15.82 -3.71
N GLY B 37 14.29 15.12 -2.57
CA GLY B 37 13.38 15.46 -1.48
C GLY B 37 13.93 15.02 -0.13
N GLN B 38 14.37 15.99 0.69
CA GLN B 38 14.98 15.71 2.00
C GLN B 38 13.91 15.17 2.99
N PRO B 39 14.16 13.97 3.64
CA PRO B 39 13.17 13.33 4.53
C PRO B 39 12.98 14.12 5.87
N MET B 40 11.74 14.53 6.11
CA MET B 40 11.31 15.18 7.36
C MET B 40 10.52 14.17 8.23
N THR B 41 10.76 12.89 7.96
CA THR B 41 10.00 11.75 8.46
C THR B 41 10.90 10.82 9.31
N PHE B 42 10.41 9.63 9.70
CA PHE B 42 11.00 8.81 10.79
C PHE B 42 11.72 7.53 10.27
N ARG B 43 11.39 7.14 9.03
CA ARG B 43 11.91 5.92 8.33
C ARG B 43 11.55 4.61 9.07
N LEU B 44 10.46 3.96 8.63
CA LEU B 44 10.05 2.61 9.10
C LEU B 44 9.31 1.93 7.94
N LEU B 45 9.69 0.69 7.59
CA LEU B 45 8.98 -0.14 6.58
C LEU B 45 9.05 -1.65 6.89
N LEU B 46 8.76 -2.46 5.85
CA LEU B 46 8.39 -3.87 5.92
C LEU B 46 9.62 -4.77 6.19
N VAL B 47 9.37 -6.09 6.24
CA VAL B 47 10.44 -7.09 6.34
C VAL B 47 11.12 -7.26 4.96
N ASP B 48 12.39 -7.68 4.98
CA ASP B 48 13.20 -7.85 3.76
C ASP B 48 13.01 -9.26 3.15
N THR B 49 13.58 -9.44 1.95
CA THR B 49 13.60 -10.69 1.16
C THR B 49 12.19 -11.42 0.98
N PRO B 50 11.66 -12.40 1.85
CA PRO B 50 10.27 -12.95 1.65
C PRO B 50 9.16 -11.90 1.92
N GLU B 51 8.52 -11.43 0.83
CA GLU B 51 7.34 -10.54 0.87
C GLU B 51 6.19 -11.22 1.66
N THR B 52 5.76 -12.39 1.19
CA THR B 52 4.72 -13.20 1.83
C THR B 52 5.38 -14.33 2.63
N LYS B 53 4.71 -14.79 3.68
CA LYS B 53 5.24 -15.86 4.54
C LYS B 53 5.15 -17.20 3.82
N HIS B 54 3.96 -17.51 3.29
CA HIS B 54 3.67 -18.78 2.59
C HIS B 54 2.70 -18.54 1.40
N PRO B 55 3.00 -19.11 0.18
CA PRO B 55 2.10 -19.05 -1.00
C PRO B 55 0.93 -20.07 -0.96
N LYS B 56 0.34 -20.28 0.24
CA LYS B 56 -0.81 -21.19 0.46
C LYS B 56 -2.09 -20.62 -0.17
N LYS B 57 -2.12 -19.28 -0.37
CA LYS B 57 -3.21 -18.57 -1.07
C LYS B 57 -3.06 -18.68 -2.59
N GLY B 58 -1.88 -19.15 -3.04
CA GLY B 58 -1.61 -19.37 -4.46
C GLY B 58 -2.17 -20.72 -4.92
N VAL B 59 -3.49 -20.74 -5.19
CA VAL B 59 -4.22 -21.95 -5.65
C VAL B 59 -3.60 -22.49 -6.97
N GLU B 60 -3.31 -21.57 -7.89
CA GLU B 60 -2.66 -21.88 -9.17
C GLU B 60 -1.70 -20.75 -9.54
N LYS B 61 -0.38 -21.02 -9.44
CA LYS B 61 0.66 -20.08 -9.85
C LYS B 61 0.92 -20.26 -11.37
N TYR B 62 0.06 -19.61 -12.16
CA TYR B 62 0.11 -19.59 -13.62
C TYR B 62 -0.95 -18.61 -14.12
N GLY B 63 -2.19 -18.87 -13.68
CA GLY B 63 -3.35 -18.06 -14.04
C GLY B 63 -4.63 -18.90 -13.95
N PRO B 64 -5.34 -18.90 -12.77
CA PRO B 64 -6.63 -19.64 -12.60
C PRO B 64 -7.69 -19.16 -13.61
N GLU B 65 -8.68 -20.03 -13.91
CA GLU B 65 -9.74 -19.72 -14.88
C GLU B 65 -10.67 -18.60 -14.34
N ALA B 66 -10.26 -17.35 -14.59
CA ALA B 66 -10.98 -16.13 -14.17
C ALA B 66 -11.99 -15.68 -15.24
N SER B 67 -12.04 -16.45 -16.35
CA SER B 67 -12.90 -16.17 -17.52
C SER B 67 -12.47 -14.87 -18.22
N ALA B 68 -11.67 -15.03 -19.28
CA ALA B 68 -11.22 -13.91 -20.13
C ALA B 68 -12.34 -13.43 -21.09
N PHE B 69 -13.55 -14.05 -20.99
CA PHE B 69 -14.72 -13.66 -21.77
C PHE B 69 -15.12 -12.21 -21.42
N THR B 70 -14.75 -11.30 -22.31
CA THR B 70 -14.97 -9.86 -22.18
C THR B 70 -15.59 -9.35 -23.50
N LYS B 71 -15.73 -8.02 -23.62
CA LYS B 71 -16.21 -7.36 -24.85
C LYS B 71 -15.31 -7.76 -26.04
N LYS B 72 -14.03 -7.37 -25.93
CA LYS B 72 -13.00 -7.64 -26.93
C LYS B 72 -11.73 -8.07 -26.19
N MET B 73 -11.15 -7.09 -25.47
CA MET B 73 -9.90 -7.23 -24.67
C MET B 73 -9.60 -5.86 -24.01
N VAL B 74 -8.40 -5.69 -23.42
CA VAL B 74 -7.92 -4.35 -22.96
C VAL B 74 -7.83 -3.42 -24.18
N GLU B 75 -7.41 -4.00 -25.32
CA GLU B 75 -7.28 -3.32 -26.63
C GLU B 75 -6.07 -2.38 -26.64
N ASN B 76 -5.49 -2.18 -27.85
CA ASN B 76 -4.29 -1.35 -28.07
C ASN B 76 -3.07 -2.00 -27.37
N ALA B 77 -2.55 -3.06 -28.01
CA ALA B 77 -1.40 -3.82 -27.51
C ALA B 77 -0.13 -2.93 -27.60
N ALA A 28 -20.20 -13.64 27.55
CA ALA A 28 -19.68 -12.28 27.40
C ALA A 28 -18.18 -12.24 27.75
N GLN A 29 -17.34 -12.64 26.79
CA GLN A 29 -15.87 -12.54 26.89
C GLN A 29 -15.33 -11.84 25.65
N ALA A 30 -14.10 -11.35 25.75
CA ALA A 30 -13.41 -10.62 24.67
C ALA A 30 -13.37 -11.44 23.35
N LEU A 31 -13.85 -10.83 22.26
CA LEU A 31 -13.92 -11.48 20.94
C LEU A 31 -12.51 -11.80 20.41
N TRP A 32 -11.51 -10.98 20.80
CA TRP A 32 -10.13 -11.19 20.36
C TRP A 32 -9.49 -12.40 21.08
N THR A 33 -9.84 -12.63 22.38
CA THR A 33 -9.25 -13.75 23.17
C THR A 33 -9.92 -15.10 22.79
N ARG A 34 -11.00 -15.04 21.99
CA ARG A 34 -11.62 -16.25 21.38
C ARG A 34 -10.66 -16.86 20.33
N ASN A 35 -10.77 -18.18 20.13
CA ASN A 35 -10.00 -18.90 19.12
C ASN A 35 -10.50 -18.53 17.71
N LYS A 36 -9.55 -18.44 16.75
CA LYS A 36 -9.80 -17.97 15.37
C LYS A 36 -10.91 -18.77 14.66
N SER A 37 -10.93 -20.10 14.89
CA SER A 37 -11.88 -21.03 14.24
C SER A 37 -13.31 -20.85 14.76
N GLU A 38 -13.46 -20.33 15.99
CA GLU A 38 -14.77 -20.11 16.60
C GLU A 38 -15.47 -18.88 16.00
N ILE A 39 -14.66 -17.95 15.47
CA ILE A 39 -15.15 -16.63 15.06
C ILE A 39 -15.47 -16.62 13.55
N THR A 40 -16.73 -16.31 13.21
CA THR A 40 -17.16 -16.17 11.82
C THR A 40 -16.85 -14.75 11.30
N ASP A 41 -16.94 -14.58 9.96
CA ASP A 41 -16.66 -13.32 9.27
C ASP A 41 -17.60 -12.20 9.77
N GLU A 42 -18.84 -12.59 10.10
CA GLU A 42 -19.87 -11.69 10.65
C GLU A 42 -19.43 -11.04 11.97
N GLU A 43 -18.91 -11.88 12.90
CA GLU A 43 -18.42 -11.42 14.21
C GLU A 43 -17.27 -10.41 14.05
N TYR A 44 -16.36 -10.69 13.11
CA TYR A 44 -15.23 -9.77 12.79
C TYR A 44 -15.73 -8.41 12.31
N LYS A 45 -16.68 -8.42 11.37
CA LYS A 45 -17.22 -7.20 10.75
C LYS A 45 -17.98 -6.33 11.77
N GLU A 46 -18.77 -7.00 12.62
CA GLU A 46 -19.53 -6.35 13.70
C GLU A 46 -18.57 -5.76 14.75
N PHE A 47 -17.50 -6.50 15.03
CA PHE A 47 -16.50 -6.12 16.03
C PHE A 47 -15.62 -4.98 15.51
N TYR A 48 -15.43 -4.88 14.18
CA TYR A 48 -14.75 -3.74 13.54
C TYR A 48 -15.51 -2.45 13.86
N LYS A 49 -16.82 -2.48 13.59
CA LYS A 49 -17.73 -1.34 13.79
C LYS A 49 -17.78 -0.93 15.27
N HIS A 50 -17.63 -1.95 16.14
CA HIS A 50 -17.53 -1.78 17.60
C HIS A 50 -16.26 -0.97 17.96
N ILE A 51 -15.08 -1.43 17.48
CA ILE A 51 -13.75 -0.93 17.94
C ILE A 51 -13.31 0.37 17.22
N ALA A 52 -13.81 0.55 15.98
CA ALA A 52 -13.39 1.66 15.09
C ALA A 52 -14.33 2.85 15.18
N HIS A 53 -15.46 2.67 15.90
CA HIS A 53 -16.53 3.68 16.11
C HIS A 53 -17.30 3.92 14.79
N ASP A 54 -17.18 2.98 13.85
CA ASP A 54 -17.77 3.08 12.49
C ASP A 54 -19.00 2.17 12.42
N PHE A 55 -19.67 2.25 11.26
CA PHE A 55 -20.70 1.27 10.85
C PHE A 55 -20.39 0.83 9.39
N ASN A 56 -19.16 1.14 8.93
CA ASN A 56 -18.63 0.70 7.62
C ASN A 56 -18.26 -0.79 7.68
N ASP A 57 -18.49 -1.50 6.56
CA ASP A 57 -18.17 -2.93 6.44
C ASP A 57 -16.71 -3.13 5.97
N PRO A 58 -15.85 -3.90 6.72
CA PRO A 58 -14.45 -4.17 6.30
C PRO A 58 -14.36 -5.22 5.16
N LEU A 59 -13.37 -5.03 4.26
CA LEU A 59 -13.16 -5.87 3.06
C LEU A 59 -12.38 -7.15 3.42
N THR A 60 -11.30 -6.98 4.21
CA THR A 60 -10.38 -8.06 4.62
C THR A 60 -9.81 -7.73 6.01
N TRP A 61 -9.38 -8.76 6.74
CA TRP A 61 -8.85 -8.64 8.11
C TRP A 61 -7.83 -9.74 8.40
N SER A 62 -7.18 -9.63 9.56
CA SER A 62 -6.26 -10.65 10.10
C SER A 62 -6.35 -10.67 11.63
N HIS A 63 -6.72 -11.83 12.18
CA HIS A 63 -6.78 -12.07 13.61
C HIS A 63 -5.77 -13.14 13.93
N ASN A 64 -4.63 -12.75 14.49
CA ASN A 64 -3.57 -13.69 14.85
C ASN A 64 -3.27 -13.55 16.33
N ARG A 65 -3.33 -14.66 17.09
CA ARG A 65 -3.05 -14.66 18.53
C ARG A 65 -1.72 -15.36 18.75
N VAL A 66 -0.81 -14.67 19.44
CA VAL A 66 0.60 -15.08 19.57
C VAL A 66 0.93 -15.36 21.04
N GLU A 67 1.64 -16.46 21.26
CA GLU A 67 2.02 -16.94 22.59
C GLU A 67 3.55 -16.95 22.70
N GLY A 68 4.06 -16.85 23.95
CA GLY A 68 5.49 -16.89 24.24
C GLY A 68 5.92 -15.66 25.02
N LYS A 69 7.12 -15.14 24.68
CA LYS A 69 7.61 -13.86 25.21
C LYS A 69 6.66 -12.74 24.77
N GLN A 70 6.52 -12.58 23.44
CA GLN A 70 5.54 -11.66 22.87
C GLN A 70 4.18 -12.34 22.83
N GLU A 71 3.48 -12.29 23.97
CA GLU A 71 2.11 -12.76 24.09
C GLU A 71 1.20 -11.60 23.71
N TYR A 72 0.83 -11.54 22.43
CA TYR A 72 -0.05 -10.50 21.92
C TYR A 72 -1.12 -11.09 20.99
N THR A 73 -2.38 -10.83 21.32
CA THR A 73 -3.50 -11.09 20.44
C THR A 73 -3.69 -9.84 19.55
N SER A 74 -3.37 -9.97 18.27
CA SER A 74 -3.51 -8.87 17.30
C SER A 74 -4.74 -9.11 16.40
N LEU A 75 -5.52 -8.05 16.17
CA LEU A 75 -6.73 -8.09 15.35
C LEU A 75 -6.83 -6.78 14.54
N LEU A 76 -6.36 -6.86 13.28
CA LEU A 76 -6.31 -5.72 12.34
C LEU A 76 -7.46 -5.85 11.33
N TYR A 77 -7.94 -4.70 10.81
CA TYR A 77 -8.99 -4.65 9.77
C TYR A 77 -8.58 -3.71 8.64
N ILE A 78 -9.12 -4.00 7.44
CA ILE A 78 -9.00 -3.16 6.24
C ILE A 78 -10.39 -2.54 5.95
N PRO A 79 -10.61 -1.23 6.31
CA PRO A 79 -11.88 -0.52 6.01
C PRO A 79 -12.13 -0.36 4.50
N SER A 80 -13.42 -0.40 4.10
CA SER A 80 -13.84 -0.17 2.70
C SER A 80 -13.72 1.32 2.34
N GLN A 81 -13.87 2.18 3.36
CA GLN A 81 -13.91 3.64 3.17
C GLN A 81 -12.86 4.35 4.02
N ALA A 82 -12.44 5.51 3.52
CA ALA A 82 -11.51 6.39 4.20
C ALA A 82 -12.28 7.30 5.16
N PRO A 83 -12.00 7.24 6.50
CA PRO A 83 -12.59 8.18 7.49
C PRO A 83 -12.26 9.64 7.15
N TRP A 84 -13.09 10.57 7.64
CA TRP A 84 -12.80 12.01 7.51
C TRP A 84 -11.51 12.34 8.28
N ASP A 85 -11.39 11.74 9.47
CA ASP A 85 -10.25 11.94 10.39
C ASP A 85 -9.00 11.14 9.96
N MET A 86 -9.03 10.56 8.74
CA MET A 86 -7.86 9.89 8.14
C MET A 86 -6.78 10.93 7.79
N TRP A 87 -7.22 12.17 7.45
CA TRP A 87 -6.34 13.27 6.97
C TRP A 87 -6.51 14.52 7.86
N ASN A 88 -7.11 14.33 9.04
CA ASN A 88 -7.24 15.39 10.07
C ASN A 88 -5.88 15.56 10.80
N ARG A 89 -5.70 16.70 11.48
CA ARG A 89 -4.51 16.95 12.34
C ARG A 89 -4.60 16.10 13.63
N ASP A 90 -5.83 15.65 13.94
CA ASP A 90 -6.11 14.69 15.02
C ASP A 90 -6.26 13.31 14.36
N HIS A 91 -5.55 12.29 14.88
CA HIS A 91 -5.47 10.97 14.21
C HIS A 91 -6.63 10.06 14.64
N LYS A 92 -7.17 9.32 13.65
CA LYS A 92 -8.13 8.22 13.90
C LYS A 92 -7.45 6.88 13.60
N HIS A 93 -6.32 6.98 12.88
CA HIS A 93 -5.35 5.89 12.74
C HIS A 93 -4.91 5.41 14.11
N GLY A 94 -4.82 4.08 14.25
CA GLY A 94 -4.38 3.47 15.49
C GLY A 94 -5.19 2.26 15.87
N LEU A 95 -4.83 1.70 17.03
CA LEU A 95 -5.43 0.48 17.57
C LEU A 95 -5.88 0.73 19.01
N LYS A 96 -6.87 -0.03 19.49
CA LYS A 96 -7.22 -0.02 20.91
C LYS A 96 -6.20 -0.85 21.68
N LEU A 97 -5.33 -0.18 22.42
CA LEU A 97 -4.30 -0.79 23.23
C LEU A 97 -4.92 -1.40 24.50
N TYR A 98 -4.80 -2.73 24.61
CA TYR A 98 -5.11 -3.49 25.82
C TYR A 98 -3.81 -4.10 26.35
N VAL A 99 -3.56 -3.92 27.64
CA VAL A 99 -2.49 -4.63 28.34
C VAL A 99 -3.15 -5.65 29.27
N GLN A 100 -3.11 -6.93 28.86
CA GLN A 100 -3.63 -8.08 29.63
C GLN A 100 -5.18 -7.99 29.76
N ARG A 101 -5.82 -7.69 28.60
CA ARG A 101 -7.29 -7.49 28.42
C ARG A 101 -7.79 -6.18 29.07
N VAL A 102 -6.87 -5.38 29.64
CA VAL A 102 -7.20 -4.13 30.33
C VAL A 102 -7.00 -2.96 29.36
N PHE A 103 -8.10 -2.26 29.01
CA PHE A 103 -8.06 -1.12 28.09
C PHE A 103 -7.20 0.03 28.66
N ILE A 104 -6.25 0.52 27.83
CA ILE A 104 -5.33 1.59 28.21
C ILE A 104 -5.60 2.84 27.34
N MET A 105 -5.33 2.75 26.02
CA MET A 105 -5.41 3.92 25.10
C MET A 105 -5.97 3.52 23.74
N ASP A 106 -6.99 4.26 23.28
CA ASP A 106 -7.61 4.09 21.96
C ASP A 106 -6.89 5.02 20.95
N ASP A 107 -6.98 4.67 19.65
CA ASP A 107 -6.33 5.39 18.53
C ASP A 107 -4.79 5.38 18.69
N ALA A 108 -4.26 4.35 19.39
CA ALA A 108 -2.83 4.22 19.64
C ALA A 108 -2.13 3.80 18.34
N GLU A 109 -1.71 4.83 17.56
CA GLU A 109 -1.09 4.65 16.23
C GLU A 109 0.40 4.29 16.32
N GLN A 110 0.85 4.03 17.54
CA GLN A 110 2.24 3.71 17.86
C GLN A 110 2.58 2.23 17.52
N PHE A 111 1.55 1.46 17.12
CA PHE A 111 1.70 0.03 16.72
C PHE A 111 1.61 -0.14 15.20
N MET A 112 1.34 0.96 14.48
CA MET A 112 1.28 0.95 13.01
C MET A 112 1.87 2.29 12.46
N PRO A 113 2.85 2.27 11.51
CA PRO A 113 3.40 3.52 10.93
C PRO A 113 2.36 4.26 10.05
N ASN A 114 2.66 5.53 9.70
CA ASN A 114 1.79 6.39 8.86
C ASN A 114 1.65 5.84 7.44
N TYR A 115 2.65 5.07 7.03
CA TYR A 115 2.73 4.48 5.68
C TYR A 115 1.75 3.29 5.55
N LEU A 116 1.21 2.86 6.72
CA LEU A 116 0.18 1.81 6.83
C LEU A 116 -1.02 2.36 7.65
N ARG A 117 -1.22 3.70 7.62
CA ARG A 117 -2.17 4.42 8.53
C ARG A 117 -3.64 3.97 8.39
N PHE A 118 -3.98 3.34 7.26
CA PHE A 118 -5.35 2.83 6.99
C PHE A 118 -5.77 1.73 7.98
N VAL A 119 -4.77 1.00 8.52
CA VAL A 119 -5.02 -0.11 9.45
C VAL A 119 -5.63 0.43 10.75
N ARG A 120 -6.84 -0.04 11.04
CA ARG A 120 -7.59 0.29 12.24
C ARG A 120 -8.11 -1.03 12.83
N GLY A 121 -8.05 -1.15 14.16
CA GLY A 121 -8.37 -2.39 14.85
C GLY A 121 -8.05 -2.26 16.32
N LEU A 122 -7.47 -3.31 16.90
CA LEU A 122 -7.09 -3.36 18.31
C LEU A 122 -6.06 -4.46 18.54
N ILE A 123 -5.20 -4.26 19.55
CA ILE A 123 -4.23 -5.27 19.99
C ILE A 123 -4.27 -5.40 21.51
N ASP A 124 -3.91 -6.58 21.97
CA ASP A 124 -3.83 -6.96 23.38
C ASP A 124 -2.48 -7.60 23.61
N SER A 125 -1.64 -6.99 24.44
CA SER A 125 -0.27 -7.42 24.69
C SER A 125 -0.06 -7.61 26.20
N SER A 126 0.90 -8.49 26.55
CA SER A 126 1.32 -8.72 27.94
C SER A 126 2.76 -8.20 28.16
N ASP A 127 3.33 -7.62 27.08
CA ASP A 127 4.73 -7.15 27.04
C ASP A 127 4.83 -5.74 27.62
N LEU A 128 3.89 -4.89 27.16
CA LEU A 128 3.81 -3.47 27.56
C LEU A 128 3.40 -3.35 29.03
N PRO A 129 3.93 -2.30 29.77
CA PRO A 129 3.51 -1.99 31.16
C PRO A 129 1.98 -1.77 31.27
N LEU A 130 1.42 -2.04 32.46
CA LEU A 130 -0.02 -1.81 32.73
C LEU A 130 -0.34 -0.29 32.74
N ASN A 131 0.69 0.52 33.04
CA ASN A 131 0.61 1.99 33.07
C ASN A 131 1.29 2.62 31.82
N VAL A 132 1.32 1.86 30.71
CA VAL A 132 1.97 2.30 29.45
C VAL A 132 1.23 3.49 28.81
N SER A 133 1.98 4.40 28.18
CA SER A 133 1.43 5.59 27.51
C SER A 133 2.19 5.87 26.21
N ARG A 134 1.69 6.85 25.42
CA ARG A 134 2.26 7.22 24.10
C ARG A 134 3.75 7.63 24.21
N GLU A 135 4.13 8.11 25.40
CA GLU A 135 5.52 8.44 25.76
C GLU A 135 6.43 7.20 25.59
N ILE A 136 6.05 6.12 26.30
CA ILE A 136 6.77 4.82 26.26
C ILE A 136 6.69 4.23 24.84
N LEU A 137 5.54 4.44 24.21
CA LEU A 137 5.24 3.94 22.87
C LEU A 137 6.07 4.64 21.78
N GLN A 138 6.55 5.85 22.09
CA GLN A 138 7.43 6.61 21.18
C GLN A 138 8.91 6.17 21.37
N ASP A 139 9.39 6.21 22.63
CA ASP A 139 10.81 5.96 22.97
C ASP A 139 11.18 4.47 22.90
N SER A 140 10.45 3.63 23.65
CA SER A 140 10.83 2.22 23.89
C SER A 140 10.85 1.38 22.60
N THR A 141 11.85 0.48 22.51
CA THR A 141 12.08 -0.38 21.35
C THR A 141 11.09 -1.55 21.31
N VAL A 142 10.50 -1.90 22.48
CA VAL A 142 9.52 -3.00 22.59
C VAL A 142 8.29 -2.68 21.72
N THR A 143 7.95 -1.38 21.63
CA THR A 143 6.83 -0.91 20.82
C THR A 143 7.13 -1.03 19.31
N ARG A 144 8.42 -0.81 18.94
CA ARG A 144 8.88 -0.99 17.53
C ARG A 144 8.74 -2.46 17.10
N ASN A 145 8.98 -3.39 18.06
CA ASN A 145 8.87 -4.85 17.82
C ASN A 145 7.44 -5.19 17.39
N LEU A 146 6.46 -4.76 18.21
CA LEU A 146 5.02 -4.93 17.93
C LEU A 146 4.62 -4.21 16.63
N ARG A 147 5.24 -3.04 16.38
CA ARG A 147 4.90 -2.18 15.23
C ARG A 147 5.27 -2.86 13.89
N ASN A 148 6.49 -3.48 13.82
CA ASN A 148 7.00 -4.12 12.57
C ASN A 148 6.45 -5.56 12.43
N ALA A 149 6.00 -6.14 13.57
CA ALA A 149 5.36 -7.48 13.59
C ALA A 149 4.03 -7.43 12.83
N LEU A 150 3.22 -6.44 13.20
CA LEU A 150 1.90 -6.20 12.61
C LEU A 150 2.02 -5.78 11.14
N THR A 151 3.13 -5.10 10.80
CA THR A 151 3.45 -4.70 9.41
C THR A 151 3.46 -5.91 8.44
N LYS A 152 3.87 -7.07 8.96
CA LYS A 152 3.94 -8.32 8.18
C LYS A 152 2.52 -8.88 7.94
N ARG A 153 1.62 -8.64 8.91
CA ARG A 153 0.16 -8.97 8.75
C ARG A 153 -0.44 -8.08 7.64
N VAL A 154 -0.03 -6.80 7.63
CA VAL A 154 -0.53 -5.80 6.66
C VAL A 154 -0.15 -6.20 5.21
N LEU A 155 1.13 -6.56 5.00
CA LEU A 155 1.65 -7.06 3.69
C LEU A 155 0.76 -8.17 3.13
N GLN A 156 0.40 -9.12 4.01
CA GLN A 156 -0.46 -10.26 3.65
C GLN A 156 -1.86 -9.77 3.25
N MET A 157 -2.48 -8.92 4.11
CA MET A 157 -3.87 -8.44 3.90
C MET A 157 -4.04 -7.68 2.59
N LEU A 158 -3.00 -6.95 2.17
CA LEU A 158 -3.02 -6.11 0.95
C LEU A 158 -2.91 -6.96 -0.32
N GLU A 159 -1.90 -7.83 -0.37
CA GLU A 159 -1.64 -8.68 -1.54
C GLU A 159 -2.79 -9.69 -1.74
N LYS A 160 -3.31 -10.22 -0.61
CA LYS A 160 -4.44 -11.16 -0.61
C LYS A 160 -5.74 -10.45 -1.02
N LEU A 161 -5.91 -9.17 -0.60
CA LEU A 161 -7.06 -8.33 -1.00
C LEU A 161 -7.09 -8.10 -2.54
N ALA A 162 -5.89 -7.97 -3.12
CA ALA A 162 -5.71 -7.79 -4.58
C ALA A 162 -6.10 -9.07 -5.35
N LYS A 163 -5.82 -10.23 -4.72
CA LYS A 163 -6.12 -11.58 -5.29
C LYS A 163 -7.56 -12.01 -4.98
N ASP A 164 -8.13 -11.44 -3.90
CA ASP A 164 -9.49 -11.75 -3.43
C ASP A 164 -10.50 -11.12 -4.39
N ASP A 165 -10.53 -9.78 -4.38
CA ASP A 165 -11.37 -8.98 -5.28
C ASP A 165 -10.59 -7.73 -5.67
N ALA A 166 -10.16 -7.68 -6.95
CA ALA A 166 -9.48 -6.50 -7.54
C ALA A 166 -10.35 -5.23 -7.42
N GLU A 167 -11.69 -5.44 -7.36
CA GLU A 167 -12.69 -4.39 -7.10
C GLU A 167 -12.50 -3.82 -5.67
N LYS A 168 -12.42 -4.72 -4.66
CA LYS A 168 -12.22 -4.32 -3.24
C LYS A 168 -10.92 -3.54 -3.07
N TYR A 169 -9.84 -4.05 -3.69
CA TYR A 169 -8.50 -3.44 -3.60
C TYR A 169 -8.48 -2.08 -4.34
N GLN A 170 -9.31 -1.97 -5.40
CA GLN A 170 -9.48 -0.71 -6.14
C GLN A 170 -10.17 0.33 -5.26
N THR A 171 -11.27 -0.08 -4.61
CA THR A 171 -12.04 0.76 -3.67
C THR A 171 -11.12 1.25 -2.53
N PHE A 172 -10.35 0.31 -1.99
CA PHE A 172 -9.30 0.55 -0.98
C PHE A 172 -8.31 1.62 -1.48
N TRP A 173 -7.90 1.52 -2.76
CA TRP A 173 -6.89 2.41 -3.34
C TRP A 173 -7.45 3.84 -3.54
N GLN A 174 -8.72 3.95 -3.94
CA GLN A 174 -9.40 5.25 -4.12
C GLN A 174 -9.59 5.98 -2.77
N GLN A 175 -9.45 5.23 -1.67
CA GLN A 175 -9.58 5.75 -0.30
C GLN A 175 -8.20 5.99 0.34
N PHE A 176 -7.24 5.09 0.07
CA PHE A 176 -5.95 5.01 0.82
C PHE A 176 -4.73 4.95 -0.12
N GLY A 177 -4.90 5.43 -1.36
CA GLY A 177 -3.83 5.43 -2.36
C GLY A 177 -2.62 6.28 -1.98
N LEU A 178 -2.88 7.35 -1.21
CA LEU A 178 -1.84 8.27 -0.70
C LEU A 178 -0.90 7.52 0.26
N VAL A 179 -1.51 6.62 1.07
CA VAL A 179 -0.86 5.99 2.22
C VAL A 179 0.29 5.05 1.81
N LEU A 180 0.04 4.17 0.82
CA LEU A 180 1.04 3.18 0.36
C LEU A 180 2.17 3.84 -0.48
N LYS A 181 1.92 5.06 -0.98
CA LYS A 181 2.93 5.83 -1.75
C LYS A 181 3.97 6.50 -0.83
N GLU A 182 3.76 6.37 0.49
CA GLU A 182 4.77 6.73 1.51
C GLU A 182 5.88 5.65 1.58
N GLY A 183 5.56 4.44 1.08
CA GLY A 183 6.42 3.27 1.21
C GLY A 183 7.75 3.37 0.49
N PRO A 184 7.82 3.29 -0.89
CA PRO A 184 9.11 3.26 -1.65
C PRO A 184 9.99 4.51 -1.43
N ALA A 185 9.36 5.54 -0.85
CA ALA A 185 9.96 6.83 -0.57
C ALA A 185 10.78 6.82 0.75
N GLU A 186 10.34 6.01 1.71
CA GLU A 186 11.05 5.84 3.00
C GLU A 186 12.32 5.00 2.81
N ASP A 187 12.15 3.71 2.51
CA ASP A 187 13.26 2.77 2.32
C ASP A 187 13.22 2.27 0.88
N PHE A 188 14.14 2.81 0.06
CA PHE A 188 14.22 2.53 -1.38
C PHE A 188 14.78 1.12 -1.65
N ALA A 189 15.45 0.52 -0.65
CA ALA A 189 15.92 -0.89 -0.73
C ALA A 189 14.73 -1.86 -0.63
N ASN A 190 13.59 -1.36 -0.11
CA ASN A 190 12.33 -2.12 0.06
C ASN A 190 11.22 -1.53 -0.80
N GLN A 191 11.60 -0.87 -1.92
CA GLN A 191 10.64 -0.20 -2.80
C GLN A 191 9.76 -1.21 -3.57
N GLU A 192 10.35 -2.37 -3.94
CA GLU A 192 9.75 -3.37 -4.87
C GLU A 192 8.40 -3.92 -4.38
N ALA A 193 8.38 -4.44 -3.13
CA ALA A 193 7.19 -5.08 -2.52
C ALA A 193 6.00 -4.10 -2.48
N ILE A 194 6.33 -2.85 -2.17
CA ILE A 194 5.34 -1.77 -2.01
C ILE A 194 4.95 -1.19 -3.38
N ALA A 195 5.90 -1.25 -4.33
CA ALA A 195 5.71 -0.77 -5.73
C ALA A 195 4.73 -1.69 -6.50
N LYS A 196 4.73 -2.95 -6.09
CA LYS A 196 3.79 -3.98 -6.54
C LYS A 196 2.36 -3.62 -6.10
N LEU A 197 2.25 -3.07 -4.87
CA LEU A 197 0.99 -2.63 -4.28
C LEU A 197 0.52 -1.28 -4.89
N LEU A 198 1.48 -0.47 -5.41
CA LEU A 198 1.21 0.85 -6.00
C LEU A 198 0.41 0.74 -7.31
N ARG A 199 -0.58 1.63 -7.46
CA ARG A 199 -1.46 1.72 -8.63
C ARG A 199 -1.49 3.17 -9.12
N PHE A 200 -1.08 3.39 -10.37
CA PHE A 200 -1.19 4.69 -11.05
C PHE A 200 -2.15 4.54 -12.23
N ALA A 201 -2.44 5.66 -12.89
CA ALA A 201 -3.14 5.65 -14.17
C ALA A 201 -2.11 5.48 -15.31
N SER A 202 -2.59 5.31 -16.53
CA SER A 202 -1.74 5.22 -17.73
C SER A 202 -2.53 5.61 -18.98
N THR A 203 -1.85 5.76 -20.12
CA THR A 203 -2.51 6.07 -21.41
C THR A 203 -3.32 4.86 -21.91
N HIS A 204 -3.18 3.71 -21.23
CA HIS A 204 -4.05 2.54 -21.42
C HIS A 204 -5.48 2.85 -20.92
N THR A 205 -5.57 3.61 -19.81
CA THR A 205 -6.83 3.85 -19.09
C THR A 205 -7.10 5.36 -18.97
N ASP A 206 -8.26 5.83 -19.49
CA ASP A 206 -8.65 7.25 -19.46
C ASP A 206 -9.62 7.53 -18.28
N SER A 207 -9.81 6.53 -17.41
CA SER A 207 -10.54 6.69 -16.15
C SER A 207 -9.59 7.23 -15.08
N SER A 208 -10.14 8.04 -14.15
CA SER A 208 -9.40 8.56 -12.98
C SER A 208 -9.03 7.41 -12.00
N ALA A 209 -9.71 6.25 -12.18
CA ALA A 209 -9.40 5.03 -11.42
C ALA A 209 -7.95 4.57 -11.71
N GLN A 210 -7.07 4.75 -10.71
CA GLN A 210 -5.69 4.28 -10.76
C GLN A 210 -5.65 2.75 -10.62
N THR A 211 -5.73 2.07 -11.76
CA THR A 211 -5.89 0.60 -11.85
C THR A 211 -4.57 -0.10 -12.21
N VAL A 212 -3.72 0.60 -13.00
CA VAL A 212 -2.48 0.03 -13.54
C VAL A 212 -1.39 0.06 -12.48
N SER A 213 -0.89 -1.12 -12.09
CA SER A 213 0.28 -1.24 -11.24
C SER A 213 1.53 -1.20 -12.11
N LEU A 214 2.70 -1.09 -11.47
CA LEU A 214 3.99 -1.19 -12.18
C LEU A 214 4.13 -2.60 -12.79
N GLU A 215 3.49 -3.59 -12.14
CA GLU A 215 3.34 -4.97 -12.67
C GLU A 215 2.66 -4.94 -14.05
N ASP A 216 1.53 -4.21 -14.12
CA ASP A 216 0.63 -4.15 -15.29
C ASP A 216 1.28 -3.36 -16.44
N TYR A 217 2.21 -2.45 -16.09
CA TYR A 217 3.06 -1.75 -17.08
C TYR A 217 4.06 -2.73 -17.72
N VAL A 218 4.76 -3.48 -16.86
CA VAL A 218 5.89 -4.36 -17.26
C VAL A 218 5.38 -5.64 -17.96
N SER A 219 4.22 -6.12 -17.54
CA SER A 219 3.54 -7.27 -18.15
C SER A 219 2.89 -6.87 -19.49
N ARG A 220 2.81 -5.55 -19.75
CA ARG A 220 2.27 -4.99 -21.01
C ARG A 220 3.34 -4.10 -21.69
N MET A 221 4.63 -4.31 -21.36
CA MET A 221 5.74 -3.58 -22.02
C MET A 221 5.84 -3.96 -23.51
N LYS A 222 6.39 -3.03 -24.27
CA LYS A 222 6.36 -3.02 -25.75
C LYS A 222 7.82 -3.08 -26.25
N GLU A 223 8.04 -3.52 -27.50
CA GLU A 223 9.41 -3.60 -28.06
C GLU A 223 10.04 -2.19 -28.20
N GLY A 224 11.25 -2.02 -27.63
CA GLY A 224 11.91 -0.72 -27.59
C GLY A 224 11.35 0.21 -26.51
N GLN A 225 10.42 -0.32 -25.68
CA GLN A 225 9.89 0.35 -24.48
C GLN A 225 10.50 -0.32 -23.25
N GLU A 226 11.83 -0.14 -23.13
CA GLU A 226 12.65 -0.65 -22.01
C GLU A 226 12.72 0.43 -20.91
N LYS A 227 12.45 1.68 -21.31
CA LYS A 227 12.50 2.83 -20.41
C LYS A 227 11.05 3.16 -20.03
N ILE A 228 10.79 3.20 -18.71
CA ILE A 228 9.44 3.42 -18.19
C ILE A 228 9.05 4.90 -18.39
N TYR A 229 8.24 5.14 -19.43
CA TYR A 229 7.78 6.47 -19.81
C TYR A 229 6.61 6.88 -18.92
N TYR A 230 6.79 7.96 -18.16
CA TYR A 230 5.75 8.51 -17.30
C TYR A 230 5.76 10.04 -17.40
N ILE A 231 4.60 10.64 -17.09
CA ILE A 231 4.47 12.09 -16.95
C ILE A 231 3.82 12.39 -15.59
N THR A 232 4.48 13.25 -14.80
CA THR A 232 3.93 13.79 -13.56
C THR A 232 3.12 15.07 -13.87
N ALA A 233 1.91 15.16 -13.30
CA ALA A 233 0.97 16.27 -13.55
C ALA A 233 0.38 16.78 -12.22
N ASP A 234 -0.26 17.97 -12.29
CA ASP A 234 -0.83 18.65 -11.10
C ASP A 234 -2.08 17.90 -10.61
N SER A 235 -2.90 17.45 -11.56
CA SER A 235 -4.14 16.70 -11.28
C SER A 235 -4.41 15.75 -12.46
N TYR A 236 -5.36 14.82 -12.30
CA TYR A 236 -5.75 13.92 -13.40
C TYR A 236 -6.56 14.69 -14.45
N ALA A 237 -7.25 15.74 -14.01
CA ALA A 237 -7.97 16.66 -14.90
C ALA A 237 -6.98 17.37 -15.84
N ALA A 238 -5.87 17.87 -15.25
CA ALA A 238 -4.78 18.55 -16.00
C ALA A 238 -4.03 17.57 -16.92
N ALA A 239 -3.86 16.33 -16.44
CA ALA A 239 -3.19 15.25 -17.18
C ALA A 239 -3.97 14.88 -18.45
N LYS A 240 -5.20 14.41 -18.25
CA LYS A 240 -6.09 13.91 -19.33
C LYS A 240 -6.57 15.06 -20.25
N SER A 241 -6.41 16.33 -19.79
CA SER A 241 -6.74 17.53 -20.59
C SER A 241 -5.88 17.61 -21.86
N SER A 242 -4.71 16.95 -21.82
CA SER A 242 -3.86 16.75 -23.00
C SER A 242 -4.50 15.67 -23.91
N PRO A 243 -4.92 16.04 -25.18
CA PRO A 243 -5.51 15.07 -26.14
C PRO A 243 -4.44 14.19 -26.82
N HIS A 244 -3.16 14.43 -26.43
CA HIS A 244 -2.00 13.72 -26.99
C HIS A 244 -1.84 12.33 -26.35
N LEU A 245 -2.46 12.12 -25.18
CA LEU A 245 -2.34 10.86 -24.40
C LEU A 245 -3.02 9.69 -25.11
N GLU A 246 -4.19 9.94 -25.70
CA GLU A 246 -4.95 8.91 -26.43
C GLU A 246 -4.26 8.58 -27.78
N LEU A 247 -3.31 9.46 -28.20
CA LEU A 247 -2.45 9.21 -29.37
C LEU A 247 -1.42 8.12 -29.02
N LEU A 248 -0.88 8.17 -27.78
CA LEU A 248 0.04 7.12 -27.25
C LEU A 248 -0.67 5.76 -27.25
N ARG A 249 -1.91 5.75 -26.75
CA ARG A 249 -2.79 4.56 -26.76
C ARG A 249 -2.99 4.04 -28.21
N LYS A 250 -3.28 4.99 -29.11
CA LYS A 250 -3.54 4.74 -30.54
C LYS A 250 -2.25 4.29 -31.27
N LYS A 251 -1.10 4.64 -30.67
CA LYS A 251 0.24 4.27 -31.19
C LYS A 251 0.62 2.86 -30.71
N GLY A 252 0.06 2.45 -29.56
CA GLY A 252 0.39 1.17 -28.91
C GLY A 252 1.52 1.29 -27.88
N ILE A 253 1.79 2.53 -27.47
CA ILE A 253 2.75 2.86 -26.39
C ILE A 253 1.96 3.21 -25.12
N GLU A 254 2.48 2.81 -23.95
CA GLU A 254 1.84 3.11 -22.67
C GLU A 254 2.71 4.09 -21.87
N VAL A 255 2.04 5.08 -21.27
CA VAL A 255 2.66 6.13 -20.46
C VAL A 255 1.94 6.17 -19.12
N LEU A 256 2.66 5.91 -18.03
CA LEU A 256 2.10 6.02 -16.66
C LEU A 256 1.71 7.48 -16.36
N LEU A 257 0.39 7.72 -16.24
CA LEU A 257 -0.16 9.04 -15.92
C LEU A 257 -0.15 9.25 -14.41
N LEU A 258 0.96 9.80 -13.93
CA LEU A 258 1.13 10.20 -12.54
C LEU A 258 0.45 11.57 -12.36
N SER A 259 -0.52 11.65 -11.45
CA SER A 259 -1.37 12.83 -11.27
C SER A 259 -1.61 13.16 -9.79
N ASP A 260 -0.91 12.45 -8.90
CA ASP A 260 -1.12 12.53 -7.42
C ASP A 260 0.08 13.27 -6.80
N ARG A 261 -0.21 14.12 -5.79
CA ARG A 261 0.78 15.04 -5.17
C ARG A 261 1.93 14.27 -4.49
N ILE A 262 1.60 13.13 -3.88
CA ILE A 262 2.56 12.35 -3.08
C ILE A 262 3.43 11.43 -3.99
N ASP A 263 3.09 11.38 -5.31
CA ASP A 263 3.97 10.74 -6.32
C ASP A 263 5.32 11.44 -6.37
N GLU A 264 5.34 12.73 -6.04
CA GLU A 264 6.57 13.52 -5.87
C GLU A 264 7.63 12.80 -4.98
N TRP A 265 7.30 12.61 -3.70
CA TRP A 265 8.22 12.03 -2.72
C TRP A 265 8.48 10.53 -3.03
N MET A 266 7.47 9.87 -3.61
CA MET A 266 7.54 8.44 -3.96
C MET A 266 8.58 8.20 -5.09
N MET A 267 8.42 8.96 -6.19
CA MET A 267 9.26 8.85 -7.42
C MET A 267 10.68 9.35 -7.19
N ASN A 268 10.82 10.24 -6.20
CA ASN A 268 12.12 10.78 -5.76
C ASN A 268 13.10 9.63 -5.44
N TYR A 269 12.56 8.52 -4.91
CA TYR A 269 13.34 7.32 -4.55
C TYR A 269 13.13 6.18 -5.57
N LEU A 270 11.87 5.95 -5.98
CA LEU A 270 11.51 4.86 -6.92
C LEU A 270 11.97 5.26 -8.35
N THR A 271 13.26 5.05 -8.60
CA THR A 271 13.93 5.41 -9.86
C THR A 271 13.95 4.24 -10.85
N GLU A 272 13.79 3.01 -10.35
CA GLU A 272 13.82 1.78 -11.18
C GLU A 272 12.91 0.70 -10.59
N PHE A 273 12.29 -0.10 -11.47
CA PHE A 273 11.49 -1.28 -11.09
C PHE A 273 11.90 -2.46 -11.99
N ASP A 274 12.47 -3.51 -11.34
CA ASP A 274 12.77 -4.82 -11.96
C ASP A 274 13.71 -4.70 -13.19
N GLY A 275 14.77 -3.88 -13.04
CA GLY A 275 15.83 -3.76 -14.06
C GLY A 275 15.53 -2.73 -15.15
N LYS A 276 14.28 -2.21 -15.19
CA LYS A 276 13.86 -1.16 -16.15
C LYS A 276 13.70 0.17 -15.40
N PRO A 277 14.55 1.20 -15.70
CA PRO A 277 14.50 2.49 -14.99
C PRO A 277 13.46 3.45 -15.59
N PHE A 278 12.90 4.27 -14.70
CA PHE A 278 11.92 5.32 -15.03
C PHE A 278 12.62 6.52 -15.67
N GLN A 279 11.94 7.17 -16.62
CA GLN A 279 12.45 8.34 -17.33
C GLN A 279 11.28 9.29 -17.55
N SER A 280 11.41 10.52 -17.05
CA SER A 280 10.36 11.55 -17.16
C SER A 280 10.43 12.24 -18.53
N VAL A 281 9.26 12.70 -18.98
CA VAL A 281 9.10 13.49 -20.22
C VAL A 281 10.00 14.76 -20.23
N SER A 282 10.34 15.26 -19.03
CA SER A 282 11.05 16.52 -18.85
C SER A 282 12.59 16.34 -18.84
N LYS A 283 13.08 15.10 -18.64
CA LYS A 283 14.53 14.83 -18.49
C LYS A 283 15.04 13.98 -19.67
N VAL A 284 16.38 13.80 -19.70
CA VAL A 284 17.08 12.95 -20.68
C VAL A 284 17.51 11.63 -20.01
N ASP A 285 17.87 10.63 -20.84
CA ASP A 285 18.29 9.30 -20.35
C ASP A 285 19.83 9.16 -20.45
N GLU A 286 20.36 8.09 -19.84
CA GLU A 286 21.79 7.72 -19.89
C GLU A 286 22.15 7.03 -21.24
N SER A 287 21.45 7.40 -22.33
CA SER A 287 21.67 6.88 -23.68
C SER A 287 23.11 7.14 -24.15
N LEU A 288 23.70 8.26 -23.67
CA LEU A 288 25.08 8.67 -24.05
C LEU A 288 26.13 7.67 -23.54
N GLU A 289 25.85 7.03 -22.38
CA GLU A 289 26.68 5.93 -21.86
C GLU A 289 26.41 4.65 -22.66
N LYS A 290 25.12 4.36 -22.87
CA LYS A 290 24.65 3.12 -23.54
C LYS A 290 25.02 3.08 -25.05
N LEU A 291 25.63 4.17 -25.57
CA LEU A 291 26.24 4.18 -26.92
C LEU A 291 27.46 3.23 -26.96
N ALA A 292 28.19 3.17 -25.83
CA ALA A 292 29.36 2.29 -25.67
C ALA A 292 28.90 0.80 -25.51
N MET B 17 14.53 15.46 -22.69
CA MET B 17 13.07 15.54 -22.94
C MET B 17 12.70 14.99 -24.33
N ALA B 18 13.62 15.12 -25.31
CA ALA B 18 13.42 14.57 -26.68
C ALA B 18 13.88 13.10 -26.75
N THR B 19 14.80 12.71 -25.84
CA THR B 19 15.33 11.33 -25.73
C THR B 19 14.25 10.38 -25.19
N SER B 20 13.50 9.79 -26.16
CA SER B 20 12.38 8.87 -25.92
C SER B 20 11.89 8.32 -27.26
N THR B 21 10.95 7.36 -27.22
CA THR B 21 10.24 6.91 -28.42
C THR B 21 9.19 7.97 -28.80
N LEU B 22 8.24 8.19 -27.87
CA LEU B 22 7.17 9.17 -28.02
C LEU B 22 6.64 9.45 -26.61
N ILE B 23 6.75 10.71 -26.14
CA ILE B 23 6.33 11.09 -24.78
C ILE B 23 5.86 12.56 -24.73
N LYS B 24 6.02 13.30 -25.85
CA LYS B 24 5.57 14.70 -25.96
C LYS B 24 4.02 14.71 -25.95
N ALA B 25 3.45 14.69 -24.74
CA ALA B 25 2.01 14.55 -24.54
C ALA B 25 1.50 15.66 -23.61
N ILE B 26 1.49 15.43 -22.28
CA ILE B 26 1.13 16.45 -21.29
C ILE B 26 2.24 17.51 -21.26
N ASP B 27 1.92 18.72 -21.74
CA ASP B 27 2.88 19.82 -21.91
C ASP B 27 2.40 21.02 -21.10
N GLY B 28 3.17 21.38 -20.05
CA GLY B 28 2.78 22.45 -19.13
C GLY B 28 3.88 22.81 -18.13
N ASP B 29 3.52 23.63 -17.12
CA ASP B 29 4.48 24.24 -16.18
C ASP B 29 4.98 23.24 -15.12
N THR B 30 4.05 22.43 -14.56
CA THR B 30 4.37 21.46 -13.47
C THR B 30 4.90 20.13 -14.04
N VAL B 31 5.05 20.06 -15.38
CA VAL B 31 5.47 18.83 -16.07
C VAL B 31 7.00 18.63 -15.92
N LYS B 32 7.37 18.08 -14.76
CA LYS B 32 8.72 17.59 -14.45
C LYS B 32 8.60 16.63 -13.26
N LEU B 33 7.92 17.12 -12.20
CA LEU B 33 7.57 16.39 -10.96
C LEU B 33 6.48 17.26 -10.24
N MET B 34 5.67 16.69 -9.33
CA MET B 34 4.50 17.41 -8.73
C MET B 34 4.94 18.63 -7.90
N TYR B 35 5.24 18.41 -6.61
CA TYR B 35 5.59 19.47 -5.65
C TYR B 35 5.77 18.80 -4.28
N LYS B 36 6.94 19.01 -3.65
CA LYS B 36 7.31 18.28 -2.42
C LYS B 36 6.60 18.88 -1.20
N GLY B 37 6.29 18.00 -0.26
CA GLY B 37 5.59 18.36 0.96
C GLY B 37 5.29 17.13 1.80
N GLN B 38 4.59 17.36 2.93
CA GLN B 38 4.16 16.33 3.88
C GLN B 38 5.38 15.61 4.51
N PRO B 39 6.04 16.25 5.53
CA PRO B 39 7.22 15.68 6.23
C PRO B 39 6.80 14.70 7.36
N MET B 40 5.88 13.79 7.01
CA MET B 40 5.34 12.76 7.93
C MET B 40 6.21 11.49 7.85
N THR B 41 7.52 11.73 7.97
CA THR B 41 8.59 10.79 7.64
C THR B 41 9.35 10.40 8.92
N PHE B 42 9.64 9.10 9.12
CA PHE B 42 10.45 8.62 10.26
C PHE B 42 11.27 7.36 9.84
N ARG B 43 10.68 6.14 9.96
CA ARG B 43 11.31 4.85 9.57
C ARG B 43 10.41 3.67 9.98
N LEU B 44 10.05 2.82 8.97
CA LEU B 44 9.54 1.41 9.13
C LEU B 44 8.77 1.03 7.87
N LEU B 45 9.07 -0.15 7.28
CA LEU B 45 8.35 -0.69 6.10
C LEU B 45 8.23 -2.22 6.16
N LEU B 46 7.77 -2.80 5.04
CA LEU B 46 7.65 -4.27 4.86
C LEU B 46 9.04 -4.94 4.89
N VAL B 47 9.06 -6.29 4.83
CA VAL B 47 10.31 -7.05 4.76
C VAL B 47 10.97 -6.92 3.36
N ASP B 48 10.10 -6.83 2.32
CA ASP B 48 10.46 -6.83 0.87
C ASP B 48 10.96 -8.23 0.46
N THR B 49 10.50 -8.70 -0.73
CA THR B 49 10.74 -10.07 -1.23
C THR B 49 10.18 -11.14 -0.23
N PRO B 50 10.36 -12.50 -0.43
CA PRO B 50 10.13 -13.48 0.66
C PRO B 50 10.82 -13.08 1.99
N GLU B 51 10.13 -13.29 3.10
CA GLU B 51 10.67 -13.03 4.46
C GLU B 51 11.78 -14.03 4.81
N THR B 52 11.76 -15.21 4.14
CA THR B 52 12.72 -16.31 4.35
C THR B 52 13.72 -16.43 3.16
N LYS B 53 13.97 -15.31 2.44
CA LYS B 53 14.86 -15.34 1.25
C LYS B 53 16.35 -15.53 1.67
N HIS B 54 16.77 -16.81 1.75
CA HIS B 54 18.16 -17.22 2.05
C HIS B 54 18.46 -18.59 1.39
N PRO B 55 17.59 -19.66 1.55
CA PRO B 55 17.70 -20.87 0.72
C PRO B 55 17.33 -20.58 -0.75
N LYS B 56 18.35 -20.19 -1.54
CA LYS B 56 18.19 -19.82 -2.97
C LYS B 56 17.60 -21.00 -3.76
N LYS B 57 17.96 -22.21 -3.32
CA LYS B 57 17.33 -23.45 -3.75
C LYS B 57 17.39 -24.45 -2.59
N GLY B 58 16.35 -24.41 -1.74
CA GLY B 58 16.25 -25.29 -0.57
C GLY B 58 15.11 -24.90 0.34
N VAL B 59 13.98 -24.54 -0.27
CA VAL B 59 12.81 -23.98 0.43
C VAL B 59 11.84 -25.10 0.83
N GLU B 60 11.49 -25.15 2.13
CA GLU B 60 10.56 -26.17 2.70
C GLU B 60 9.14 -25.97 2.13
N LYS B 61 8.70 -24.71 2.14
CA LYS B 61 7.42 -24.27 1.56
C LYS B 61 7.67 -23.73 0.15
N TYR B 62 8.17 -24.61 -0.75
CA TYR B 62 8.54 -24.25 -2.14
C TYR B 62 7.29 -24.07 -3.02
N GLY B 63 6.59 -22.94 -2.82
CA GLY B 63 5.35 -22.61 -3.50
C GLY B 63 4.26 -23.69 -3.32
N PRO B 64 3.74 -23.92 -2.07
CA PRO B 64 2.74 -24.98 -1.81
C PRO B 64 1.33 -24.53 -2.20
N GLU B 65 0.51 -25.47 -2.69
CA GLU B 65 -0.92 -25.23 -2.98
C GLU B 65 -1.73 -25.14 -1.68
N ALA B 66 -1.16 -25.73 -0.60
CA ALA B 66 -1.62 -25.59 0.81
C ALA B 66 -2.85 -26.48 1.14
N SER B 67 -3.77 -26.65 0.18
CA SER B 67 -5.07 -27.34 0.38
C SER B 67 -5.73 -27.66 -0.97
N ALA B 68 -5.23 -27.05 -2.06
CA ALA B 68 -5.89 -27.09 -3.40
C ALA B 68 -5.79 -28.47 -4.09
N PHE B 69 -5.13 -29.45 -3.43
CA PHE B 69 -5.12 -30.85 -3.86
C PHE B 69 -6.48 -31.50 -3.56
N THR B 70 -6.98 -31.29 -2.34
CA THR B 70 -8.25 -31.87 -1.88
C THR B 70 -9.35 -30.78 -1.87
N LYS B 71 -9.97 -30.59 -3.04
CA LYS B 71 -11.14 -29.68 -3.19
C LYS B 71 -12.42 -30.51 -3.31
N LYS B 72 -13.58 -29.81 -3.30
CA LYS B 72 -14.94 -30.40 -3.41
C LYS B 72 -15.30 -31.17 -2.13
N MET B 73 -14.58 -32.29 -1.90
CA MET B 73 -14.63 -33.07 -0.66
C MET B 73 -14.06 -32.21 0.47
N VAL B 74 -12.79 -31.76 0.29
CA VAL B 74 -12.03 -30.90 1.24
C VAL B 74 -11.76 -31.64 2.58
N GLU B 75 -12.78 -31.73 3.44
CA GLU B 75 -12.71 -32.37 4.77
C GLU B 75 -13.71 -33.55 4.87
N ASN B 76 -14.54 -33.73 3.83
CA ASN B 76 -15.56 -34.79 3.77
C ASN B 76 -14.98 -35.98 2.99
N ALA B 77 -14.40 -36.94 3.72
CA ALA B 77 -13.81 -38.16 3.16
C ALA B 77 -14.38 -39.40 3.89
N ALA A 28 -20.16 -15.09 26.38
CA ALA A 28 -19.64 -13.71 26.55
C ALA A 28 -18.12 -13.77 26.76
N GLN A 29 -17.39 -13.90 25.64
CA GLN A 29 -15.93 -14.00 25.61
C GLN A 29 -15.38 -12.91 24.68
N ALA A 30 -14.18 -12.40 24.98
CA ALA A 30 -13.48 -11.42 24.16
C ALA A 30 -13.25 -11.97 22.74
N LEU A 31 -13.87 -11.32 21.73
CA LEU A 31 -13.85 -11.76 20.31
C LEU A 31 -12.42 -11.85 19.80
N TRP A 32 -11.62 -10.84 20.14
CA TRP A 32 -10.25 -10.70 19.66
C TRP A 32 -9.31 -11.82 20.16
N THR A 33 -9.63 -12.45 21.32
CA THR A 33 -8.81 -13.55 21.91
C THR A 33 -9.40 -14.94 21.52
N ARG A 34 -10.57 -14.94 20.85
CA ARG A 34 -11.17 -16.19 20.32
C ARG A 34 -10.42 -16.67 19.05
N ASN A 35 -10.67 -17.93 18.67
CA ASN A 35 -10.04 -18.55 17.48
C ASN A 35 -10.76 -18.06 16.20
N LYS A 36 -9.97 -17.86 15.13
CA LYS A 36 -10.44 -17.39 13.81
C LYS A 36 -11.58 -18.28 13.26
N SER A 37 -11.43 -19.61 13.45
CA SER A 37 -12.37 -20.62 12.93
C SER A 37 -13.75 -20.53 13.63
N GLU A 38 -13.75 -20.02 14.87
CA GLU A 38 -14.96 -19.93 15.71
C GLU A 38 -15.71 -18.60 15.50
N ILE A 39 -15.02 -17.60 14.94
CA ILE A 39 -15.61 -16.28 14.63
C ILE A 39 -15.98 -16.26 13.13
N THR A 40 -17.25 -15.97 12.80
CA THR A 40 -17.69 -15.88 11.40
C THR A 40 -17.32 -14.51 10.80
N ASP A 41 -17.29 -14.44 9.47
CA ASP A 41 -16.86 -13.25 8.71
C ASP A 41 -17.75 -12.03 9.01
N GLU A 42 -19.08 -12.28 9.10
CA GLU A 42 -20.10 -11.26 9.42
C GLU A 42 -19.81 -10.60 10.78
N GLU A 43 -19.39 -11.45 11.73
CA GLU A 43 -19.14 -11.05 13.11
C GLU A 43 -17.90 -10.14 13.19
N TYR A 44 -16.90 -10.41 12.34
CA TYR A 44 -15.72 -9.52 12.16
C TYR A 44 -16.17 -8.15 11.60
N LYS A 45 -17.08 -8.19 10.60
CA LYS A 45 -17.52 -7.00 9.84
C LYS A 45 -18.29 -5.98 10.70
N GLU A 46 -19.05 -6.49 11.68
CA GLU A 46 -19.86 -5.64 12.56
C GLU A 46 -19.06 -5.22 13.80
N PHE A 47 -18.21 -6.13 14.30
CA PHE A 47 -17.26 -5.87 15.40
C PHE A 47 -16.30 -4.74 15.00
N TYR A 48 -15.97 -4.71 13.70
CA TYR A 48 -15.11 -3.67 13.11
C TYR A 48 -15.73 -2.26 13.31
N LYS A 49 -17.00 -2.09 12.96
CA LYS A 49 -17.70 -0.79 13.08
C LYS A 49 -17.64 -0.27 14.53
N HIS A 50 -17.86 -1.20 15.47
CA HIS A 50 -17.91 -0.89 16.91
C HIS A 50 -16.51 -0.44 17.43
N ILE A 51 -15.45 -1.20 17.07
CA ILE A 51 -14.07 -0.97 17.59
C ILE A 51 -13.41 0.27 16.99
N ALA A 52 -13.77 0.58 15.74
CA ALA A 52 -13.16 1.68 14.97
C ALA A 52 -13.89 3.00 15.21
N HIS A 53 -15.05 2.91 15.92
CA HIS A 53 -15.97 4.05 16.17
C HIS A 53 -16.56 4.56 14.84
N ASP A 54 -16.46 3.72 13.79
CA ASP A 54 -16.91 4.03 12.43
C ASP A 54 -18.19 3.25 12.14
N PHE A 55 -18.66 3.36 10.90
CA PHE A 55 -19.78 2.55 10.37
C PHE A 55 -19.34 1.90 9.05
N ASN A 56 -18.04 2.02 8.75
CA ASN A 56 -17.40 1.45 7.56
C ASN A 56 -17.33 -0.07 7.71
N ASP A 57 -17.41 -0.80 6.59
CA ASP A 57 -17.17 -2.25 6.54
C ASP A 57 -15.66 -2.54 6.29
N PRO A 58 -15.13 -3.74 6.69
CA PRO A 58 -13.78 -4.16 6.30
C PRO A 58 -13.75 -4.97 4.98
N LEU A 59 -12.74 -4.69 4.16
CA LEU A 59 -12.46 -5.42 2.92
C LEU A 59 -11.86 -6.79 3.27
N THR A 60 -10.88 -6.77 4.18
CA THR A 60 -10.26 -7.96 4.75
C THR A 60 -9.79 -7.63 6.19
N TRP A 61 -9.25 -8.64 6.89
CA TRP A 61 -8.80 -8.51 8.29
C TRP A 61 -7.67 -9.52 8.57
N SER A 62 -6.80 -9.20 9.54
CA SER A 62 -5.61 -10.01 9.87
C SER A 62 -5.61 -10.34 11.38
N HIS A 63 -6.18 -11.51 11.72
CA HIS A 63 -6.25 -12.01 13.11
C HIS A 63 -5.10 -12.99 13.34
N ASN A 64 -4.07 -12.54 14.06
CA ASN A 64 -2.87 -13.35 14.38
C ASN A 64 -2.59 -13.26 15.88
N ARG A 65 -2.23 -14.39 16.51
CA ARG A 65 -1.75 -14.41 17.90
C ARG A 65 -0.24 -14.69 17.89
N VAL A 66 0.50 -13.88 18.65
CA VAL A 66 1.96 -13.82 18.61
C VAL A 66 2.52 -14.26 19.97
N GLU A 67 3.55 -15.12 19.93
CA GLU A 67 4.09 -15.84 21.10
C GLU A 67 5.58 -15.51 21.32
N GLY A 68 6.12 -15.87 22.48
CA GLY A 68 7.56 -15.82 22.75
C GLY A 68 7.96 -14.56 23.49
N LYS A 69 8.72 -13.69 22.80
CA LYS A 69 9.18 -12.39 23.35
C LYS A 69 8.03 -11.37 23.38
N GLN A 70 7.08 -11.53 22.44
CA GLN A 70 5.90 -10.67 22.32
C GLN A 70 4.65 -11.55 22.47
N GLU A 71 3.97 -11.39 23.61
CA GLU A 71 2.78 -12.15 24.01
C GLU A 71 1.55 -11.25 23.88
N TYR A 72 0.83 -11.39 22.76
CA TYR A 72 -0.39 -10.62 22.49
C TYR A 72 -1.21 -11.29 21.40
N THR A 73 -2.47 -10.84 21.25
CA THR A 73 -3.32 -11.21 20.09
C THR A 73 -3.71 -9.93 19.34
N SER A 74 -3.31 -9.85 18.06
CA SER A 74 -3.62 -8.72 17.18
C SER A 74 -4.76 -9.13 16.23
N LEU A 75 -5.68 -8.20 16.01
CA LEU A 75 -6.80 -8.36 15.07
C LEU A 75 -6.93 -7.04 14.32
N LEU A 76 -6.35 -7.01 13.11
CA LEU A 76 -6.30 -5.83 12.24
C LEU A 76 -7.44 -5.89 11.22
N TYR A 77 -7.75 -4.75 10.59
CA TYR A 77 -8.81 -4.64 9.57
C TYR A 77 -8.37 -3.61 8.51
N ILE A 78 -8.81 -3.83 7.28
CA ILE A 78 -8.65 -2.88 6.16
C ILE A 78 -10.02 -2.20 5.91
N PRO A 79 -10.14 -0.85 6.15
CA PRO A 79 -11.40 -0.11 5.92
C PRO A 79 -11.78 -0.04 4.42
N SER A 80 -13.09 -0.12 4.14
CA SER A 80 -13.63 -0.01 2.77
C SER A 80 -13.65 1.45 2.32
N GLN A 81 -13.83 2.35 3.29
CA GLN A 81 -13.91 3.80 3.08
C GLN A 81 -12.91 4.51 3.99
N ALA A 82 -12.43 5.66 3.51
CA ALA A 82 -11.49 6.50 4.26
C ALA A 82 -12.25 7.41 5.23
N PRO A 83 -11.86 7.44 6.55
CA PRO A 83 -12.29 8.51 7.46
C PRO A 83 -11.69 9.85 6.99
N TRP A 84 -12.45 10.94 7.18
CA TRP A 84 -12.02 12.29 6.73
C TRP A 84 -10.74 12.72 7.49
N ASP A 85 -10.61 12.25 8.73
CA ASP A 85 -9.50 12.61 9.64
C ASP A 85 -8.21 11.83 9.34
N MET A 86 -8.18 11.11 8.21
CA MET A 86 -6.94 10.53 7.65
C MET A 86 -6.02 11.67 7.14
N TRP A 87 -6.65 12.84 6.83
CA TRP A 87 -5.97 14.04 6.28
C TRP A 87 -6.26 15.28 7.17
N ASN A 88 -6.55 15.05 8.46
CA ASN A 88 -6.83 16.12 9.46
C ASN A 88 -5.68 16.17 10.48
N ARG A 89 -5.53 17.31 11.16
CA ARG A 89 -4.61 17.48 12.32
C ARG A 89 -5.22 16.84 13.59
N ASP A 90 -6.49 16.37 13.49
CA ASP A 90 -7.14 15.55 14.54
C ASP A 90 -6.95 14.06 14.20
N HIS A 91 -7.00 13.22 15.24
CA HIS A 91 -6.66 11.79 15.17
C HIS A 91 -7.90 10.89 14.88
N LYS A 92 -7.65 9.83 14.11
CA LYS A 92 -8.54 8.62 14.02
C LYS A 92 -7.66 7.37 13.93
N HIS A 93 -6.53 7.49 13.23
CA HIS A 93 -5.57 6.40 13.02
C HIS A 93 -5.03 5.84 14.35
N GLY A 94 -4.91 4.50 14.41
CA GLY A 94 -4.48 3.80 15.62
C GLY A 94 -5.42 2.65 15.99
N LEU A 95 -5.00 1.82 16.97
CA LEU A 95 -5.73 0.60 17.39
C LEU A 95 -6.25 0.75 18.82
N LYS A 96 -7.14 -0.19 19.23
CA LYS A 96 -7.58 -0.27 20.64
C LYS A 96 -6.56 -1.04 21.48
N LEU A 97 -5.91 -0.35 22.41
CA LEU A 97 -4.96 -0.98 23.33
C LEU A 97 -5.72 -1.59 24.54
N TYR A 98 -5.71 -2.93 24.57
CA TYR A 98 -6.12 -3.73 25.73
C TYR A 98 -4.86 -4.33 26.34
N VAL A 99 -4.59 -4.05 27.61
CA VAL A 99 -3.50 -4.70 28.35
C VAL A 99 -4.09 -5.64 29.41
N GLN A 100 -3.76 -6.94 29.29
CA GLN A 100 -4.21 -8.00 30.24
C GLN A 100 -5.75 -8.11 30.24
N ARG A 101 -6.33 -7.97 29.03
CA ARG A 101 -7.79 -8.03 28.76
C ARG A 101 -8.53 -6.76 29.22
N VAL A 102 -7.78 -5.81 29.82
CA VAL A 102 -8.32 -4.56 30.35
C VAL A 102 -8.15 -3.48 29.29
N PHE A 103 -9.26 -2.86 28.87
CA PHE A 103 -9.21 -1.71 27.95
C PHE A 103 -8.50 -0.52 28.63
N ILE A 104 -7.47 -0.01 27.96
CA ILE A 104 -6.69 1.13 28.44
C ILE A 104 -7.12 2.38 27.68
N MET A 105 -6.89 2.38 26.35
CA MET A 105 -7.15 3.54 25.48
C MET A 105 -7.02 3.11 24.01
N ASP A 106 -8.01 3.49 23.18
CA ASP A 106 -7.97 3.24 21.73
C ASP A 106 -7.33 4.43 21.00
N ASP A 107 -7.30 4.32 19.65
CA ASP A 107 -6.77 5.38 18.74
C ASP A 107 -5.25 5.56 19.00
N ALA A 108 -4.60 4.46 19.46
CA ALA A 108 -3.19 4.42 19.81
C ALA A 108 -2.35 4.21 18.55
N GLU A 109 -1.91 5.34 17.95
CA GLU A 109 -1.17 5.36 16.67
C GLU A 109 0.30 4.89 16.82
N GLN A 110 0.69 4.45 18.02
CA GLN A 110 2.01 3.87 18.30
C GLN A 110 2.04 2.35 17.98
N PHE A 111 0.89 1.75 17.63
CA PHE A 111 0.84 0.32 17.21
C PHE A 111 0.91 0.18 15.68
N MET A 112 0.86 1.30 14.97
CA MET A 112 1.10 1.34 13.52
C MET A 112 1.89 2.61 13.16
N PRO A 113 3.07 2.50 12.45
CA PRO A 113 3.78 3.69 11.91
C PRO A 113 2.88 4.56 11.00
N ASN A 114 3.38 5.77 10.67
CA ASN A 114 2.62 6.81 9.93
C ASN A 114 2.26 6.32 8.49
N TYR A 115 3.05 5.37 7.99
CA TYR A 115 2.90 4.81 6.63
C TYR A 115 1.76 3.77 6.59
N LEU A 116 1.50 3.16 7.77
CA LEU A 116 0.47 2.12 7.95
C LEU A 116 -0.69 2.68 8.79
N ARG A 117 -0.87 4.03 8.79
CA ARG A 117 -1.90 4.69 9.62
C ARG A 117 -3.34 4.37 9.13
N PHE A 118 -3.43 3.81 7.92
CA PHE A 118 -4.70 3.36 7.31
C PHE A 118 -5.29 2.12 8.02
N VAL A 119 -4.43 1.37 8.74
CA VAL A 119 -4.81 0.12 9.40
C VAL A 119 -5.69 0.39 10.63
N ARG A 120 -6.72 -0.44 10.77
CA ARG A 120 -7.68 -0.39 11.86
C ARG A 120 -7.62 -1.69 12.67
N GLY A 121 -8.32 -1.72 13.80
CA GLY A 121 -8.49 -2.93 14.59
C GLY A 121 -8.20 -2.71 16.06
N LEU A 122 -7.65 -3.74 16.69
CA LEU A 122 -7.36 -3.74 18.13
C LEU A 122 -6.26 -4.77 18.43
N ILE A 123 -5.76 -4.71 19.67
CA ILE A 123 -4.63 -5.52 20.13
C ILE A 123 -4.77 -5.76 21.64
N ASP A 124 -4.46 -6.99 22.08
CA ASP A 124 -4.50 -7.37 23.50
C ASP A 124 -3.08 -7.75 23.95
N SER A 125 -2.32 -6.76 24.43
CA SER A 125 -0.92 -6.93 24.81
C SER A 125 -0.79 -7.41 26.26
N SER A 126 0.18 -8.30 26.48
CA SER A 126 0.60 -8.75 27.82
C SER A 126 2.07 -8.32 28.05
N ASP A 127 2.60 -7.48 27.14
CA ASP A 127 3.99 -7.02 27.14
C ASP A 127 4.10 -5.66 27.83
N LEU A 128 3.20 -4.76 27.42
CA LEU A 128 3.16 -3.38 27.91
C LEU A 128 2.53 -3.36 29.32
N PRO A 129 3.00 -2.48 30.25
CA PRO A 129 2.41 -2.32 31.61
C PRO A 129 0.91 -1.99 31.58
N LEU A 130 0.20 -2.28 32.68
CA LEU A 130 -1.24 -1.96 32.81
C LEU A 130 -1.45 -0.44 32.99
N ASN A 131 -0.38 0.26 33.46
CA ASN A 131 -0.34 1.73 33.57
C ASN A 131 0.38 2.35 32.34
N VAL A 132 0.24 1.69 31.17
CA VAL A 132 0.83 2.14 29.90
C VAL A 132 0.23 3.50 29.42
N SER A 133 1.10 4.40 28.95
CA SER A 133 0.73 5.72 28.43
C SER A 133 1.56 6.01 27.16
N ARG A 134 1.33 7.20 26.54
CA ARG A 134 2.08 7.67 25.33
C ARG A 134 3.59 7.56 25.54
N GLU A 135 4.03 7.93 26.75
CA GLU A 135 5.43 7.88 27.17
C GLU A 135 5.99 6.45 27.06
N ILE A 136 5.23 5.46 27.56
CA ILE A 136 5.63 4.04 27.53
C ILE A 136 5.50 3.47 26.09
N LEU A 137 4.55 4.02 25.31
CA LEU A 137 4.30 3.61 23.93
C LEU A 137 5.47 4.02 23.00
N GLN A 138 6.03 5.21 23.23
CA GLN A 138 7.11 5.79 22.40
C GLN A 138 8.50 5.32 22.88
N ASP A 139 8.72 5.40 24.20
CA ASP A 139 10.04 5.14 24.84
C ASP A 139 10.44 3.67 24.74
N SER A 140 9.52 2.75 25.09
CA SER A 140 9.86 1.31 25.21
C SER A 140 10.24 0.73 23.84
N THR A 141 11.29 -0.11 23.85
CA THR A 141 11.83 -0.75 22.64
C THR A 141 10.88 -1.86 22.19
N VAL A 142 10.33 -2.59 23.17
CA VAL A 142 9.41 -3.71 22.94
C VAL A 142 8.12 -3.25 22.21
N THR A 143 7.70 -1.99 22.44
CA THR A 143 6.51 -1.41 21.79
C THR A 143 6.81 -1.00 20.33
N ARG A 144 8.08 -0.70 20.05
CA ARG A 144 8.54 -0.35 18.68
C ARG A 144 8.78 -1.61 17.85
N ASN A 145 9.18 -2.71 18.54
CA ASN A 145 9.26 -4.06 17.92
C ASN A 145 7.85 -4.67 17.85
N LEU A 146 6.95 -4.22 18.75
CA LEU A 146 5.55 -4.66 18.80
C LEU A 146 4.86 -4.24 17.50
N ARG A 147 4.85 -2.92 17.28
CA ARG A 147 4.20 -2.30 16.11
C ARG A 147 4.89 -2.74 14.79
N ASN A 148 6.20 -3.06 14.88
CA ASN A 148 7.00 -3.57 13.75
C ASN A 148 6.61 -5.02 13.40
N ALA A 149 6.16 -5.79 14.41
CA ALA A 149 5.62 -7.14 14.17
C ALA A 149 4.27 -7.04 13.44
N LEU A 150 3.42 -6.09 13.89
CA LEU A 150 2.12 -5.80 13.23
C LEU A 150 2.32 -5.34 11.78
N THR A 151 3.47 -4.69 11.49
CA THR A 151 3.86 -4.27 10.13
C THR A 151 3.83 -5.48 9.17
N LYS A 152 4.38 -6.62 9.63
CA LYS A 152 4.42 -7.89 8.84
C LYS A 152 3.00 -8.41 8.52
N ARG A 153 2.04 -8.14 9.43
CA ARG A 153 0.63 -8.52 9.21
C ARG A 153 0.02 -7.63 8.11
N VAL A 154 0.36 -6.33 8.15
CA VAL A 154 -0.16 -5.32 7.19
C VAL A 154 0.32 -5.62 5.76
N LEU A 155 1.65 -5.65 5.57
CA LEU A 155 2.34 -5.82 4.26
C LEU A 155 1.73 -6.98 3.45
N GLN A 156 1.63 -8.13 4.13
CA GLN A 156 1.12 -9.38 3.55
C GLN A 156 -0.40 -9.35 3.37
N MET A 157 -1.12 -8.64 4.25
CA MET A 157 -2.60 -8.50 4.17
C MET A 157 -3.00 -7.69 2.91
N LEU A 158 -2.16 -6.71 2.55
CA LEU A 158 -2.35 -5.84 1.37
C LEU A 158 -2.08 -6.63 0.08
N GLU A 159 -0.90 -7.27 0.05
CA GLU A 159 -0.43 -8.04 -1.11
C GLU A 159 -1.37 -9.23 -1.41
N LYS A 160 -1.92 -9.80 -0.33
CA LYS A 160 -2.85 -10.93 -0.39
C LYS A 160 -4.20 -10.46 -0.94
N LEU A 161 -4.68 -9.30 -0.41
CA LEU A 161 -5.98 -8.69 -0.82
C LEU A 161 -5.99 -8.35 -2.32
N ALA A 162 -4.81 -8.00 -2.86
CA ALA A 162 -4.61 -7.73 -4.29
C ALA A 162 -4.94 -8.96 -5.16
N LYS A 163 -4.68 -10.16 -4.60
CA LYS A 163 -4.94 -11.46 -5.26
C LYS A 163 -6.34 -12.00 -4.90
N ASP A 164 -6.84 -11.66 -3.69
CA ASP A 164 -8.20 -12.05 -3.22
C ASP A 164 -9.25 -11.37 -4.09
N ASP A 165 -9.34 -10.03 -3.95
CA ASP A 165 -10.34 -9.21 -4.64
C ASP A 165 -9.63 -7.96 -5.17
N ALA A 166 -9.41 -7.92 -6.50
CA ALA A 166 -8.83 -6.75 -7.18
C ALA A 166 -9.73 -5.50 -7.01
N GLU A 167 -11.05 -5.75 -6.88
CA GLU A 167 -12.06 -4.71 -6.61
C GLU A 167 -11.78 -4.02 -5.26
N LYS A 168 -11.65 -4.85 -4.19
CA LYS A 168 -11.44 -4.36 -2.81
C LYS A 168 -10.12 -3.61 -2.69
N TYR A 169 -9.06 -4.15 -3.31
CA TYR A 169 -7.72 -3.53 -3.26
C TYR A 169 -7.70 -2.21 -4.06
N GLN A 170 -8.50 -2.16 -5.14
CA GLN A 170 -8.68 -0.94 -5.96
C GLN A 170 -9.33 0.17 -5.11
N THR A 171 -10.41 -0.21 -4.42
CA THR A 171 -11.14 0.69 -3.51
C THR A 171 -10.19 1.24 -2.43
N PHE A 172 -9.49 0.29 -1.75
CA PHE A 172 -8.47 0.57 -0.72
C PHE A 172 -7.47 1.64 -1.19
N TRP A 173 -6.97 1.48 -2.43
CA TRP A 173 -5.94 2.36 -2.99
C TRP A 173 -6.47 3.79 -3.22
N GLN A 174 -7.73 3.90 -3.59
CA GLN A 174 -8.38 5.21 -3.83
C GLN A 174 -8.78 5.89 -2.50
N GLN A 175 -8.69 5.15 -1.39
CA GLN A 175 -8.98 5.68 -0.04
C GLN A 175 -7.67 6.03 0.71
N PHE A 176 -6.62 5.18 0.55
CA PHE A 176 -5.41 5.20 1.42
C PHE A 176 -4.09 5.06 0.63
N GLY A 177 -4.16 5.10 -0.71
CA GLY A 177 -3.00 4.81 -1.58
C GLY A 177 -1.86 5.80 -1.45
N LEU A 178 -2.22 7.05 -1.12
CA LEU A 178 -1.25 8.15 -0.94
C LEU A 178 -0.38 7.90 0.30
N VAL A 179 -0.97 7.22 1.29
CA VAL A 179 -0.30 6.88 2.55
C VAL A 179 0.74 5.76 2.32
N LEU A 180 0.37 4.81 1.43
CA LEU A 180 1.23 3.67 1.06
C LEU A 180 2.40 4.15 0.16
N LYS A 181 2.26 5.35 -0.46
CA LYS A 181 3.32 5.96 -1.29
C LYS A 181 4.43 6.63 -0.44
N GLU A 182 4.22 6.73 0.88
CA GLU A 182 5.31 7.03 1.85
C GLU A 182 6.22 5.79 2.01
N GLY A 183 5.70 4.62 1.57
CA GLY A 183 6.35 3.31 1.67
C GLY A 183 7.79 3.22 1.11
N PRO A 184 7.99 3.24 -0.24
CA PRO A 184 9.33 3.02 -0.87
C PRO A 184 10.24 4.27 -0.78
N ALA A 185 9.60 5.41 -0.43
CA ALA A 185 10.27 6.69 -0.25
C ALA A 185 10.95 6.73 1.12
N GLU A 186 10.34 5.98 2.08
CA GLU A 186 10.94 5.69 3.38
C GLU A 186 12.01 4.60 3.18
N ASP A 187 11.58 3.36 2.91
CA ASP A 187 12.49 2.21 2.89
C ASP A 187 12.79 1.79 1.44
N PHE A 188 14.01 2.17 0.98
CA PHE A 188 14.52 1.84 -0.37
C PHE A 188 15.08 0.40 -0.41
N ALA A 189 15.42 -0.14 0.77
CA ALA A 189 16.00 -1.50 0.90
C ALA A 189 15.03 -2.59 0.40
N ASN A 190 13.74 -2.42 0.73
CA ASN A 190 12.66 -3.36 0.38
C ASN A 190 11.63 -2.68 -0.56
N GLN A 191 12.10 -1.65 -1.29
CA GLN A 191 11.31 -0.86 -2.26
C GLN A 191 10.57 -1.77 -3.29
N GLU A 192 11.26 -2.85 -3.71
CA GLU A 192 10.78 -3.80 -4.74
C GLU A 192 9.44 -4.46 -4.34
N ALA A 193 9.36 -4.91 -3.07
CA ALA A 193 8.14 -5.58 -2.53
C ALA A 193 6.94 -4.63 -2.50
N ILE A 194 7.25 -3.33 -2.31
CA ILE A 194 6.24 -2.26 -2.24
C ILE A 194 5.82 -1.85 -3.67
N ALA A 195 6.74 -2.00 -4.64
CA ALA A 195 6.51 -1.64 -6.06
C ALA A 195 5.34 -2.46 -6.69
N LYS A 196 5.14 -3.67 -6.15
CA LYS A 196 3.99 -4.55 -6.47
C LYS A 196 2.66 -3.93 -5.95
N LEU A 197 2.72 -3.36 -4.73
CA LEU A 197 1.57 -2.73 -4.06
C LEU A 197 1.19 -1.39 -4.74
N LEU A 198 2.21 -0.67 -5.25
CA LEU A 198 2.05 0.68 -5.80
C LEU A 198 1.27 0.66 -7.12
N ARG A 199 0.20 1.46 -7.16
CA ARG A 199 -0.73 1.55 -8.29
C ARG A 199 -0.69 2.98 -8.86
N PHE A 200 -0.56 3.06 -10.18
CA PHE A 200 -0.50 4.30 -10.95
C PHE A 200 -1.65 4.27 -11.96
N ALA A 201 -2.14 5.44 -12.37
CA ALA A 201 -3.12 5.54 -13.45
C ALA A 201 -2.38 5.51 -14.79
N SER A 202 -3.09 5.21 -15.89
CA SER A 202 -2.49 5.13 -17.23
C SER A 202 -3.48 5.59 -18.31
N THR A 203 -2.98 5.71 -19.55
CA THR A 203 -3.80 6.05 -20.73
C THR A 203 -4.59 4.83 -21.25
N HIS A 204 -4.44 3.68 -20.54
CA HIS A 204 -5.20 2.45 -20.80
C HIS A 204 -6.71 2.73 -20.62
N THR A 205 -7.01 3.48 -19.57
CA THR A 205 -8.38 3.87 -19.19
C THR A 205 -8.43 5.39 -18.98
N ASP A 206 -9.66 5.95 -18.97
CA ASP A 206 -9.89 7.37 -18.60
C ASP A 206 -10.42 7.45 -17.16
N SER A 207 -10.37 6.31 -16.44
CA SER A 207 -10.75 6.23 -15.04
C SER A 207 -9.57 6.66 -14.14
N SER A 208 -9.88 7.47 -13.11
CA SER A 208 -8.90 7.93 -12.10
C SER A 208 -8.47 6.78 -11.17
N ALA A 209 -9.24 5.66 -11.21
CA ALA A 209 -8.93 4.42 -10.49
C ALA A 209 -7.56 3.88 -10.93
N GLN A 210 -6.56 3.97 -10.03
CA GLN A 210 -5.20 3.48 -10.28
C GLN A 210 -5.19 1.94 -10.21
N THR A 211 -5.37 1.30 -11.38
CA THR A 211 -5.48 -0.17 -11.48
C THR A 211 -4.12 -0.79 -11.80
N VAL A 212 -3.42 -0.14 -12.76
CA VAL A 212 -2.14 -0.61 -13.28
C VAL A 212 -1.04 -0.36 -12.23
N SER A 213 -0.40 -1.44 -11.76
CA SER A 213 0.82 -1.36 -10.98
C SER A 213 2.02 -1.33 -11.95
N LEU A 214 3.22 -1.30 -11.40
CA LEU A 214 4.44 -1.49 -12.19
C LEU A 214 4.47 -2.91 -12.79
N GLU A 215 3.93 -3.87 -12.01
CA GLU A 215 3.84 -5.29 -12.40
C GLU A 215 2.82 -5.45 -13.55
N ASP A 216 1.68 -4.75 -13.46
CA ASP A 216 0.65 -4.72 -14.53
C ASP A 216 1.24 -4.07 -15.80
N TYR A 217 2.13 -3.07 -15.60
CA TYR A 217 2.76 -2.34 -16.70
C TYR A 217 3.71 -3.26 -17.49
N VAL A 218 4.44 -4.14 -16.78
CA VAL A 218 5.34 -5.14 -17.42
C VAL A 218 4.52 -6.09 -18.31
N SER A 219 3.28 -6.39 -17.88
CA SER A 219 2.34 -7.21 -18.66
C SER A 219 1.75 -6.40 -19.85
N ARG A 220 1.76 -5.05 -19.74
CA ARG A 220 1.30 -4.13 -20.82
C ARG A 220 2.45 -3.74 -21.78
N MET A 221 3.71 -4.09 -21.41
CA MET A 221 4.91 -3.78 -22.21
C MET A 221 4.91 -4.59 -23.52
N LYS A 222 5.07 -3.89 -24.65
CA LYS A 222 5.27 -4.48 -25.98
C LYS A 222 6.61 -3.99 -26.53
N GLU A 223 6.90 -4.26 -27.83
CA GLU A 223 8.11 -3.76 -28.50
C GLU A 223 8.15 -2.21 -28.48
N GLY A 224 9.31 -1.66 -28.13
CA GLY A 224 9.48 -0.21 -27.92
C GLY A 224 9.39 0.19 -26.45
N GLN A 225 8.76 -0.68 -25.62
CA GLN A 225 8.74 -0.52 -24.16
C GLN A 225 9.86 -1.37 -23.55
N GLU A 226 11.04 -0.75 -23.38
CA GLU A 226 12.16 -1.29 -22.60
C GLU A 226 12.17 -0.64 -21.21
N LYS A 227 11.49 0.52 -21.11
CA LYS A 227 11.48 1.39 -19.94
C LYS A 227 10.03 1.69 -19.57
N ILE A 228 9.82 2.09 -18.31
CA ILE A 228 8.50 2.48 -17.82
C ILE A 228 8.34 4.00 -17.96
N TYR A 229 7.37 4.43 -18.77
CA TYR A 229 7.18 5.85 -19.15
C TYR A 229 6.15 6.52 -18.25
N TYR A 230 6.54 7.66 -17.64
CA TYR A 230 5.71 8.42 -16.67
C TYR A 230 5.51 9.86 -17.14
N ILE A 231 4.36 10.43 -16.74
CA ILE A 231 4.04 11.86 -16.83
C ILE A 231 3.47 12.30 -15.47
N THR A 232 4.13 13.29 -14.85
CA THR A 232 3.77 13.80 -13.52
C THR A 232 2.76 14.97 -13.67
N ALA A 233 1.65 14.90 -12.92
CA ALA A 233 0.53 15.85 -13.05
C ALA A 233 0.05 16.32 -11.66
N ASP A 234 -0.55 17.52 -11.63
CA ASP A 234 -1.18 18.08 -10.44
C ASP A 234 -2.48 17.31 -10.11
N SER A 235 -3.22 16.93 -11.17
CA SER A 235 -4.50 16.22 -11.05
C SER A 235 -4.73 15.34 -12.30
N TYR A 236 -5.54 14.25 -12.13
CA TYR A 236 -5.73 13.23 -13.18
C TYR A 236 -6.48 13.80 -14.38
N ALA A 237 -7.71 14.31 -14.15
CA ALA A 237 -8.60 14.81 -15.22
C ALA A 237 -7.95 16.00 -15.96
N ALA A 238 -7.09 16.74 -15.25
CA ALA A 238 -6.26 17.82 -15.83
C ALA A 238 -5.31 17.25 -16.89
N ALA A 239 -4.59 16.17 -16.51
CA ALA A 239 -3.68 15.44 -17.42
C ALA A 239 -4.44 14.80 -18.59
N LYS A 240 -5.62 14.24 -18.26
CA LYS A 240 -6.47 13.48 -19.17
C LYS A 240 -7.09 14.40 -20.25
N SER A 241 -7.32 15.68 -19.90
CA SER A 241 -7.88 16.69 -20.83
C SER A 241 -6.90 17.01 -21.99
N SER A 242 -5.61 16.65 -21.83
CA SER A 242 -4.59 16.84 -22.87
C SER A 242 -4.83 15.85 -24.04
N PRO A 243 -5.12 16.37 -25.28
CA PRO A 243 -5.33 15.53 -26.49
C PRO A 243 -4.03 14.88 -27.00
N HIS A 244 -2.89 15.29 -26.40
CA HIS A 244 -1.55 14.71 -26.67
C HIS A 244 -1.53 13.21 -26.34
N LEU A 245 -2.20 12.83 -25.22
CA LEU A 245 -2.22 11.44 -24.70
C LEU A 245 -2.70 10.44 -25.77
N GLU A 246 -3.61 10.92 -26.63
CA GLU A 246 -4.24 10.12 -27.68
C GLU A 246 -3.29 9.80 -28.84
N LEU A 247 -2.19 10.58 -28.97
CA LEU A 247 -1.19 10.39 -30.04
C LEU A 247 -0.29 9.17 -29.74
N LEU A 248 0.25 9.08 -28.50
CA LEU A 248 1.02 7.88 -28.07
C LEU A 248 0.08 6.68 -27.90
N ARG A 249 -1.17 6.94 -27.48
CA ARG A 249 -2.20 5.88 -27.33
C ARG A 249 -2.54 5.26 -28.70
N LYS A 250 -2.61 6.13 -29.74
CA LYS A 250 -2.81 5.72 -31.15
C LYS A 250 -1.59 4.94 -31.67
N LYS A 251 -0.40 5.39 -31.24
CA LYS A 251 0.90 4.80 -31.62
C LYS A 251 1.09 3.41 -30.97
N GLY A 252 0.43 3.19 -29.81
CA GLY A 252 0.46 1.91 -29.09
C GLY A 252 1.34 1.93 -27.85
N ILE A 253 1.75 3.13 -27.42
CA ILE A 253 2.50 3.33 -26.16
C ILE A 253 1.48 3.72 -25.07
N GLU A 254 1.68 3.19 -23.87
CA GLU A 254 0.81 3.45 -22.72
C GLU A 254 1.57 4.30 -21.72
N VAL A 255 1.02 5.47 -21.39
CA VAL A 255 1.66 6.44 -20.50
C VAL A 255 1.01 6.39 -19.11
N LEU A 256 1.83 6.26 -18.06
CA LEU A 256 1.37 6.37 -16.67
C LEU A 256 1.15 7.85 -16.31
N LEU A 257 -0.06 8.17 -15.81
CA LEU A 257 -0.42 9.51 -15.28
C LEU A 257 -0.39 9.47 -13.74
N LEU A 258 0.54 10.24 -13.15
CA LEU A 258 0.80 10.25 -11.70
C LEU A 258 0.27 11.58 -11.13
N SER A 259 -0.95 11.52 -10.60
CA SER A 259 -1.74 12.71 -10.24
C SER A 259 -1.63 13.08 -8.76
N ASP A 260 -0.98 12.23 -7.95
CA ASP A 260 -0.88 12.44 -6.50
C ASP A 260 0.41 13.21 -6.17
N ARG A 261 0.31 14.16 -5.21
CA ARG A 261 1.42 15.06 -4.81
C ARG A 261 2.58 14.28 -4.15
N ILE A 262 2.22 13.15 -3.52
CA ILE A 262 3.16 12.24 -2.82
C ILE A 262 4.03 11.43 -3.83
N ASP A 263 3.54 11.29 -5.09
CA ASP A 263 4.27 10.57 -6.17
C ASP A 263 5.68 11.15 -6.41
N GLU A 264 5.80 12.49 -6.35
CA GLU A 264 7.05 13.21 -6.64
C GLU A 264 8.21 12.81 -5.68
N TRP A 265 7.87 12.60 -4.40
CA TRP A 265 8.86 12.14 -3.39
C TRP A 265 8.97 10.59 -3.39
N MET A 266 7.90 9.89 -3.85
CA MET A 266 7.84 8.42 -3.82
C MET A 266 8.74 7.80 -4.90
N MET A 267 8.50 8.21 -6.15
CA MET A 267 9.25 7.74 -7.33
C MET A 267 10.63 8.45 -7.46
N ASN A 268 10.92 9.33 -6.49
CA ASN A 268 12.25 9.97 -6.32
C ASN A 268 13.27 8.90 -5.87
N TYR A 269 12.76 7.90 -5.12
CA TYR A 269 13.56 6.75 -4.63
C TYR A 269 13.40 5.57 -5.58
N LEU A 270 12.15 5.36 -6.03
CA LEU A 270 11.82 4.34 -7.04
C LEU A 270 12.44 4.76 -8.40
N THR A 271 13.72 4.41 -8.59
CA THR A 271 14.50 4.74 -9.79
C THR A 271 14.44 3.64 -10.86
N GLU A 272 14.19 2.39 -10.41
CA GLU A 272 14.07 1.23 -11.33
C GLU A 272 13.23 0.11 -10.67
N PHE A 273 12.48 -0.63 -11.51
CA PHE A 273 11.69 -1.82 -11.11
C PHE A 273 11.98 -2.96 -12.08
N ASP A 274 12.40 -4.12 -11.52
CA ASP A 274 12.45 -5.43 -12.23
C ASP A 274 13.47 -5.44 -13.40
N GLY A 275 14.43 -4.48 -13.38
CA GLY A 275 15.47 -4.36 -14.41
C GLY A 275 15.09 -3.37 -15.51
N LYS A 276 13.83 -2.93 -15.51
CA LYS A 276 13.30 -1.91 -16.46
C LYS A 276 13.46 -0.51 -15.83
N PRO A 277 14.41 0.35 -16.35
CA PRO A 277 14.64 1.71 -15.81
C PRO A 277 13.50 2.65 -16.17
N PHE A 278 13.40 3.75 -15.44
CA PHE A 278 12.28 4.69 -15.58
C PHE A 278 12.67 5.88 -16.46
N GLN A 279 11.85 6.11 -17.49
CA GLN A 279 12.06 7.20 -18.43
C GLN A 279 10.86 8.16 -18.38
N SER A 280 11.07 9.34 -17.79
CA SER A 280 10.15 10.47 -17.90
C SER A 280 10.16 10.98 -19.36
N VAL A 281 8.96 11.29 -19.87
CA VAL A 281 8.72 11.64 -21.29
C VAL A 281 9.57 12.86 -21.78
N SER A 282 9.93 13.75 -20.83
CA SER A 282 10.59 15.03 -21.10
C SER A 282 12.13 14.88 -21.11
N LYS A 283 12.61 13.63 -21.04
CA LYS A 283 14.01 13.32 -20.75
C LYS A 283 14.46 12.20 -21.72
N VAL A 284 15.76 12.15 -22.04
CA VAL A 284 16.34 11.09 -22.91
C VAL A 284 17.38 10.27 -22.12
N ASP A 285 17.60 9.02 -22.52
CA ASP A 285 18.43 8.08 -21.76
C ASP A 285 19.83 7.97 -22.39
N GLU A 286 20.77 7.39 -21.63
CA GLU A 286 22.20 7.36 -21.96
C GLU A 286 22.53 6.26 -22.97
N SER A 287 21.91 5.07 -22.83
CA SER A 287 22.24 3.88 -23.65
C SER A 287 21.95 4.11 -25.15
N LEU A 288 20.89 4.89 -25.45
CA LEU A 288 20.53 5.25 -26.84
C LEU A 288 21.26 6.54 -27.28
N GLU A 289 21.64 7.38 -26.29
CA GLU A 289 22.39 8.64 -26.53
C GLU A 289 23.87 8.33 -26.91
N LYS A 290 24.35 7.15 -26.48
CA LYS A 290 25.72 6.64 -26.80
C LYS A 290 25.83 6.19 -28.26
N LEU A 291 24.69 6.18 -28.99
CA LEU A 291 24.68 5.94 -30.45
C LEU A 291 25.37 7.12 -31.17
N ALA A 292 25.22 8.33 -30.61
CA ALA A 292 25.88 9.55 -31.11
C ALA A 292 27.34 9.60 -30.60
N MET B 17 17.53 18.03 -24.13
CA MET B 17 17.22 16.69 -24.71
C MET B 17 16.67 16.81 -26.13
N ALA B 18 16.37 15.65 -26.74
CA ALA B 18 15.74 15.56 -28.06
C ALA B 18 14.75 14.40 -28.04
N THR B 19 13.48 14.72 -27.74
CA THR B 19 12.39 13.73 -27.70
C THR B 19 12.21 13.08 -29.09
N SER B 20 12.52 11.77 -29.17
CA SER B 20 12.54 11.00 -30.43
C SER B 20 11.15 11.00 -31.11
N THR B 21 10.18 10.27 -30.52
CA THR B 21 8.77 10.26 -30.98
C THR B 21 7.85 9.98 -29.78
N LEU B 22 7.87 10.90 -28.82
CA LEU B 22 6.95 10.90 -27.67
C LEU B 22 6.27 12.28 -27.60
N ILE B 23 5.10 12.30 -26.96
CA ILE B 23 4.30 13.53 -26.79
C ILE B 23 4.90 14.44 -25.71
N LYS B 24 4.82 15.75 -25.92
CA LYS B 24 5.18 16.71 -24.88
C LYS B 24 3.89 17.11 -24.15
N ALA B 25 3.47 16.18 -23.26
CA ALA B 25 2.20 16.23 -22.53
C ALA B 25 2.48 16.37 -21.04
N ILE B 26 1.93 17.45 -20.41
CA ILE B 26 2.09 17.78 -18.96
C ILE B 26 3.58 17.61 -18.54
N ASP B 27 4.46 18.12 -19.41
CA ASP B 27 5.90 17.80 -19.41
C ASP B 27 6.76 18.97 -18.88
N GLY B 28 8.09 18.79 -18.96
CA GLY B 28 9.07 19.83 -18.61
C GLY B 28 10.19 19.87 -19.65
N ASP B 29 11.23 20.65 -19.36
CA ASP B 29 12.42 20.78 -20.25
C ASP B 29 13.39 19.62 -20.03
N THR B 30 13.37 19.04 -18.82
CA THR B 30 14.16 17.84 -18.48
C THR B 30 13.28 16.83 -17.72
N VAL B 31 12.88 17.17 -16.46
CA VAL B 31 12.19 16.25 -15.53
C VAL B 31 13.04 14.97 -15.35
N LYS B 32 13.83 14.91 -14.27
CA LYS B 32 14.81 13.82 -14.04
C LYS B 32 14.14 12.63 -13.31
N LEU B 33 12.95 12.23 -13.83
CA LEU B 33 12.03 11.27 -13.18
C LEU B 33 11.83 11.66 -11.71
N MET B 34 10.94 12.66 -11.50
CA MET B 34 10.61 13.23 -10.18
C MET B 34 11.77 14.07 -9.60
N TYR B 35 11.47 14.74 -8.48
CA TYR B 35 12.42 15.50 -7.65
C TYR B 35 11.65 15.95 -6.39
N LYS B 36 12.33 16.68 -5.47
CA LYS B 36 11.66 17.38 -4.33
C LYS B 36 11.23 16.39 -3.20
N GLY B 37 11.21 16.89 -1.96
CA GLY B 37 10.73 16.14 -0.80
C GLY B 37 10.96 16.87 0.51
N GLN B 38 10.47 16.29 1.61
CA GLN B 38 10.59 16.88 2.97
C GLN B 38 10.58 15.76 4.04
N PRO B 39 11.42 15.88 5.13
CA PRO B 39 11.50 14.85 6.21
C PRO B 39 10.19 14.80 7.04
N MET B 40 9.72 13.57 7.29
CA MET B 40 8.47 13.30 8.05
C MET B 40 8.40 11.81 8.44
N THR B 41 9.11 10.98 7.67
CA THR B 41 9.16 9.53 7.81
C THR B 41 10.30 9.14 8.80
N PHE B 42 9.95 8.37 9.86
CA PHE B 42 10.79 8.16 11.06
C PHE B 42 11.50 6.78 11.10
N ARG B 43 11.49 6.06 9.96
CA ARG B 43 12.14 4.74 9.76
C ARG B 43 11.40 3.58 10.48
N LEU B 44 10.55 2.85 9.70
CA LEU B 44 9.89 1.59 10.16
C LEU B 44 9.10 0.94 9.00
N LEU B 45 9.76 0.09 8.18
CA LEU B 45 9.14 -0.76 7.13
C LEU B 45 10.09 -1.89 6.73
N LEU B 46 9.64 -3.17 6.83
CA LEU B 46 10.24 -4.31 6.09
C LEU B 46 11.70 -4.65 6.49
N VAL B 47 12.20 -5.79 5.97
CA VAL B 47 13.47 -6.37 6.41
C VAL B 47 14.25 -7.00 5.22
N ASP B 48 13.67 -8.01 4.55
CA ASP B 48 14.30 -8.69 3.38
C ASP B 48 13.24 -8.93 2.28
N THR B 49 12.26 -9.77 2.59
CA THR B 49 11.17 -10.12 1.66
C THR B 49 9.82 -10.05 2.41
N PRO B 50 8.66 -9.97 1.68
CA PRO B 50 7.32 -10.19 2.27
C PRO B 50 7.06 -11.69 2.56
N GLU B 51 8.05 -12.55 2.26
CA GLU B 51 8.01 -13.97 2.56
C GLU B 51 8.48 -14.25 4.00
N THR B 52 8.40 -15.53 4.39
CA THR B 52 8.61 -16.03 5.76
C THR B 52 7.45 -15.57 6.69
N LYS B 53 6.33 -16.31 6.62
CA LYS B 53 5.18 -16.15 7.54
C LYS B 53 5.30 -17.20 8.68
N HIS B 54 4.15 -17.54 9.32
CA HIS B 54 4.09 -18.57 10.37
C HIS B 54 2.97 -19.63 10.06
N PRO B 55 3.12 -20.45 8.96
CA PRO B 55 2.18 -21.53 8.67
C PRO B 55 2.57 -22.82 9.42
N LYS B 56 1.53 -23.53 9.93
CA LYS B 56 1.69 -24.79 10.69
C LYS B 56 2.31 -24.50 12.07
N LYS B 57 3.66 -24.37 12.11
CA LYS B 57 4.45 -23.97 13.30
C LYS B 57 5.94 -24.00 12.92
N GLY B 58 6.49 -22.84 12.53
CA GLY B 58 7.91 -22.72 12.17
C GLY B 58 8.28 -23.59 10.97
N VAL B 59 8.75 -24.84 11.28
CA VAL B 59 8.97 -25.98 10.34
C VAL B 59 10.04 -25.66 9.24
N GLU B 60 10.56 -26.70 8.55
CA GLU B 60 11.44 -26.49 7.38
C GLU B 60 10.57 -26.29 6.13
N LYS B 61 9.84 -27.35 5.74
CA LYS B 61 8.91 -27.32 4.61
C LYS B 61 7.48 -27.22 5.15
N TYR B 62 6.71 -26.23 4.64
CA TYR B 62 5.38 -25.88 5.17
C TYR B 62 4.39 -27.03 4.91
N GLY B 63 4.00 -27.72 6.00
CA GLY B 63 3.09 -28.88 5.96
C GLY B 63 1.77 -28.67 5.18
N PRO B 64 0.97 -27.57 5.48
CA PRO B 64 -0.29 -27.26 4.73
C PRO B 64 -0.07 -27.03 3.22
N GLU B 65 1.19 -26.71 2.84
CA GLU B 65 1.67 -26.62 1.44
C GLU B 65 0.74 -25.77 0.55
N ALA B 66 0.91 -24.43 0.66
CA ALA B 66 0.09 -23.44 -0.07
C ALA B 66 -1.40 -23.53 0.35
N SER B 67 -1.63 -24.11 1.56
CA SER B 67 -2.97 -24.37 2.15
C SER B 67 -3.78 -25.43 1.36
N ALA B 68 -3.14 -26.07 0.36
CA ALA B 68 -3.80 -27.03 -0.54
C ALA B 68 -4.01 -28.40 0.13
N PHE B 69 -3.06 -28.79 1.00
CA PHE B 69 -3.14 -30.03 1.80
C PHE B 69 -4.39 -30.04 2.70
N THR B 70 -4.71 -28.86 3.27
CA THR B 70 -5.97 -28.57 4.02
C THR B 70 -5.96 -29.13 5.47
N LYS B 71 -5.30 -30.28 5.69
CA LYS B 71 -5.26 -31.03 6.96
C LYS B 71 -6.65 -31.62 7.31
N LYS B 72 -7.55 -30.80 7.88
CA LYS B 72 -8.84 -31.26 8.39
C LYS B 72 -9.93 -30.19 8.15
N MET B 73 -10.56 -30.26 6.97
CA MET B 73 -11.68 -29.40 6.57
C MET B 73 -12.30 -30.05 5.31
N VAL B 74 -13.62 -30.34 5.37
CA VAL B 74 -14.32 -31.26 4.45
C VAL B 74 -13.76 -32.70 4.57
N GLU B 75 -14.54 -33.56 5.22
CA GLU B 75 -14.22 -34.99 5.43
C GLU B 75 -15.26 -35.87 4.72
N ASN B 76 -16.02 -35.26 3.78
CA ASN B 76 -17.05 -35.94 2.97
C ASN B 76 -16.40 -37.02 2.09
N ALA B 77 -16.44 -38.26 2.56
CA ALA B 77 -15.84 -39.43 1.90
C ALA B 77 -16.53 -40.71 2.44
N ALA A 28 -21.33 -13.45 23.90
CA ALA A 28 -20.74 -12.17 24.36
C ALA A 28 -19.36 -12.44 24.97
N GLN A 29 -18.37 -12.60 24.09
CA GLN A 29 -16.97 -12.83 24.47
C GLN A 29 -16.07 -11.84 23.72
N ALA A 30 -14.98 -11.43 24.40
CA ALA A 30 -13.92 -10.60 23.81
C ALA A 30 -13.34 -11.30 22.55
N LEU A 31 -13.69 -10.76 21.35
CA LEU A 31 -13.49 -11.46 20.08
C LEU A 31 -12.00 -11.67 19.73
N TRP A 32 -11.13 -10.77 20.22
CA TRP A 32 -9.69 -10.85 19.92
C TRP A 32 -9.03 -12.06 20.64
N THR A 33 -9.31 -12.23 21.94
CA THR A 33 -8.72 -13.35 22.73
C THR A 33 -9.38 -14.69 22.37
N ARG A 34 -10.61 -14.60 21.80
CA ARG A 34 -11.41 -15.77 21.39
C ARG A 34 -10.72 -16.53 20.24
N ASN A 35 -10.83 -17.86 20.27
CA ASN A 35 -10.19 -18.75 19.29
C ASN A 35 -10.74 -18.53 17.86
N LYS A 36 -9.81 -18.42 16.90
CA LYS A 36 -10.11 -18.11 15.47
C LYS A 36 -10.98 -19.21 14.83
N SER A 37 -10.80 -20.45 15.32
CA SER A 37 -11.49 -21.65 14.81
C SER A 37 -13.01 -21.58 15.00
N GLU A 38 -13.45 -20.84 16.04
CA GLU A 38 -14.86 -20.78 16.44
C GLU A 38 -15.54 -19.53 15.85
N ILE A 39 -14.75 -18.50 15.49
CA ILE A 39 -15.28 -17.23 15.00
C ILE A 39 -15.55 -17.30 13.48
N THR A 40 -16.78 -16.93 13.07
CA THR A 40 -17.13 -16.76 11.66
C THR A 40 -16.94 -15.28 11.25
N ASP A 41 -17.04 -15.03 9.93
CA ASP A 41 -16.69 -13.74 9.31
C ASP A 41 -17.63 -12.59 9.70
N GLU A 42 -18.90 -12.94 9.95
CA GLU A 42 -19.97 -11.97 10.26
C GLU A 42 -19.68 -11.23 11.58
N GLU A 43 -19.04 -11.95 12.51
CA GLU A 43 -18.69 -11.42 13.83
C GLU A 43 -17.51 -10.46 13.72
N TYR A 44 -16.54 -10.77 12.84
CA TYR A 44 -15.41 -9.87 12.53
C TYR A 44 -15.94 -8.54 11.95
N LYS A 45 -16.89 -8.64 11.00
CA LYS A 45 -17.47 -7.47 10.31
C LYS A 45 -18.32 -6.60 11.25
N GLU A 46 -18.95 -7.25 12.25
CA GLU A 46 -19.78 -6.58 13.27
C GLU A 46 -18.90 -5.88 14.32
N PHE A 47 -17.87 -6.61 14.77
CA PHE A 47 -16.93 -6.15 15.81
C PHE A 47 -16.06 -5.01 15.26
N TYR A 48 -15.84 -5.04 13.94
CA TYR A 48 -15.20 -3.95 13.17
C TYR A 48 -15.92 -2.62 13.43
N LYS A 49 -17.25 -2.64 13.30
CA LYS A 49 -18.07 -1.42 13.43
C LYS A 49 -18.03 -0.87 14.87
N HIS A 50 -17.81 -1.78 15.83
CA HIS A 50 -17.66 -1.45 17.25
C HIS A 50 -16.29 -0.76 17.52
N ILE A 51 -15.22 -1.25 16.85
CA ILE A 51 -13.82 -0.86 17.18
C ILE A 51 -13.27 0.30 16.30
N ALA A 52 -13.80 0.43 15.06
CA ALA A 52 -13.24 1.36 14.03
C ALA A 52 -13.98 2.70 13.99
N HIS A 53 -15.17 2.74 14.64
CA HIS A 53 -16.10 3.92 14.67
C HIS A 53 -16.80 4.13 13.30
N ASP A 54 -16.68 3.13 12.42
CA ASP A 54 -17.23 3.14 11.04
C ASP A 54 -18.37 2.10 10.97
N PHE A 55 -19.25 2.19 9.94
CA PHE A 55 -20.44 1.30 9.82
C PHE A 55 -20.54 0.64 8.44
N ASN A 56 -19.41 0.53 7.73
CA ASN A 56 -19.26 -0.36 6.54
C ASN A 56 -18.79 -1.74 7.01
N ASP A 57 -18.81 -2.72 6.09
CA ASP A 57 -18.12 -4.00 6.27
C ASP A 57 -16.69 -3.84 5.74
N PRO A 58 -15.63 -4.34 6.46
CA PRO A 58 -14.22 -4.14 6.06
C PRO A 58 -13.88 -4.89 4.76
N LEU A 59 -12.98 -4.28 3.95
CA LEU A 59 -12.48 -4.88 2.69
C LEU A 59 -11.80 -6.24 2.95
N THR A 60 -11.09 -6.33 4.08
CA THR A 60 -10.55 -7.58 4.60
C THR A 60 -10.01 -7.33 6.01
N TRP A 61 -9.46 -8.37 6.65
CA TRP A 61 -8.91 -8.31 8.00
C TRP A 61 -7.89 -9.42 8.19
N SER A 62 -7.22 -9.40 9.34
CA SER A 62 -6.26 -10.43 9.73
C SER A 62 -6.26 -10.56 11.26
N HIS A 63 -6.93 -11.62 11.76
CA HIS A 63 -6.94 -11.94 13.20
C HIS A 63 -5.80 -12.91 13.46
N ASN A 64 -4.74 -12.40 14.07
CA ASN A 64 -3.54 -13.18 14.36
C ASN A 64 -3.27 -13.14 15.87
N ARG A 65 -3.14 -14.31 16.50
CA ARG A 65 -2.77 -14.40 17.91
C ARG A 65 -1.41 -15.08 18.03
N VAL A 66 -0.50 -14.45 18.76
CA VAL A 66 0.90 -14.85 18.89
C VAL A 66 1.17 -15.20 20.36
N GLU A 67 1.99 -16.25 20.55
CA GLU A 67 2.40 -16.76 21.86
C GLU A 67 3.87 -17.21 21.78
N GLY A 68 4.40 -17.69 22.91
CA GLY A 68 5.81 -18.10 23.01
C GLY A 68 6.61 -17.04 23.74
N LYS A 69 7.63 -16.45 23.08
CA LYS A 69 8.46 -15.37 23.67
C LYS A 69 7.61 -14.10 23.82
N GLN A 70 6.94 -13.70 22.71
CA GLN A 70 5.98 -12.59 22.71
C GLN A 70 4.56 -13.16 22.65
N GLU A 71 3.74 -12.82 23.66
CA GLU A 71 2.34 -13.21 23.75
C GLU A 71 1.44 -11.98 23.60
N TYR A 72 0.92 -11.79 22.38
CA TYR A 72 0.07 -10.66 22.03
C TYR A 72 -0.93 -11.07 20.96
N THR A 73 -2.15 -10.53 21.04
CA THR A 73 -3.19 -10.74 20.02
C THR A 73 -3.32 -9.48 19.16
N SER A 74 -3.03 -9.58 17.86
CA SER A 74 -3.24 -8.49 16.91
C SER A 74 -4.49 -8.79 16.05
N LEU A 75 -5.49 -7.90 16.09
CA LEU A 75 -6.71 -8.02 15.27
C LEU A 75 -6.85 -6.73 14.44
N LEU A 76 -6.33 -6.82 13.19
CA LEU A 76 -6.26 -5.68 12.26
C LEU A 76 -7.42 -5.76 11.26
N TYR A 77 -7.96 -4.59 10.88
CA TYR A 77 -9.01 -4.47 9.86
C TYR A 77 -8.60 -3.44 8.79
N ILE A 78 -9.00 -3.70 7.54
CA ILE A 78 -8.88 -2.77 6.43
C ILE A 78 -10.27 -2.14 6.16
N PRO A 79 -10.49 -0.84 6.55
CA PRO A 79 -11.75 -0.10 6.26
C PRO A 79 -12.06 0.01 4.74
N SER A 80 -13.36 0.16 4.41
CA SER A 80 -13.84 0.34 3.03
C SER A 80 -14.03 1.83 2.68
N GLN A 81 -13.66 2.71 3.62
CA GLN A 81 -13.88 4.15 3.51
C GLN A 81 -12.84 4.90 4.34
N ALA A 82 -12.24 5.96 3.75
CA ALA A 82 -11.33 6.87 4.45
C ALA A 82 -12.14 7.81 5.37
N PRO A 83 -11.72 7.98 6.66
CA PRO A 83 -12.32 9.01 7.55
C PRO A 83 -11.95 10.44 7.10
N TRP A 84 -12.61 11.46 7.67
CA TRP A 84 -12.28 12.87 7.38
C TRP A 84 -10.94 13.23 8.02
N ASP A 85 -10.75 12.74 9.26
CA ASP A 85 -9.54 13.02 10.09
C ASP A 85 -8.30 12.25 9.59
N MET A 86 -8.44 11.57 8.43
CA MET A 86 -7.36 10.82 7.79
C MET A 86 -6.11 11.69 7.54
N TRP A 87 -6.33 12.96 7.11
CA TRP A 87 -5.24 13.90 6.76
C TRP A 87 -5.37 15.18 7.59
N ASN A 88 -5.92 15.03 8.79
CA ASN A 88 -6.15 16.12 9.74
C ASN A 88 -5.09 16.09 10.85
N ARG A 89 -5.05 17.16 11.67
CA ARG A 89 -4.18 17.25 12.85
C ARG A 89 -4.72 16.37 13.99
N ASP A 90 -6.01 15.99 13.91
CA ASP A 90 -6.64 15.04 14.84
C ASP A 90 -6.49 13.62 14.28
N HIS A 91 -6.17 12.66 15.16
CA HIS A 91 -5.89 11.27 14.77
C HIS A 91 -7.18 10.42 14.72
N LYS A 92 -7.26 9.58 13.68
CA LYS A 92 -8.27 8.49 13.56
C LYS A 92 -7.57 7.15 13.27
N HIS A 93 -6.34 7.25 12.74
CA HIS A 93 -5.47 6.09 12.54
C HIS A 93 -4.92 5.56 13.86
N GLY A 94 -4.87 4.23 13.98
CA GLY A 94 -4.34 3.57 15.17
C GLY A 94 -5.17 2.38 15.59
N LEU A 95 -4.78 1.77 16.71
CA LEU A 95 -5.39 0.55 17.26
C LEU A 95 -5.86 0.80 18.69
N LYS A 96 -6.84 0.01 19.14
CA LYS A 96 -7.26 0.02 20.55
C LYS A 96 -6.24 -0.80 21.36
N LEU A 97 -5.46 -0.11 22.19
CA LEU A 97 -4.47 -0.74 23.06
C LEU A 97 -5.17 -1.43 24.25
N TYR A 98 -4.93 -2.74 24.34
CA TYR A 98 -5.26 -3.57 25.50
C TYR A 98 -3.95 -4.14 26.03
N VAL A 99 -3.80 -4.18 27.36
CA VAL A 99 -2.72 -4.92 28.01
C VAL A 99 -3.35 -5.94 28.95
N GLN A 100 -3.17 -7.23 28.61
CA GLN A 100 -3.77 -8.37 29.33
C GLN A 100 -5.31 -8.30 29.28
N ARG A 101 -5.80 -7.86 28.09
CA ARG A 101 -7.24 -7.73 27.74
C ARG A 101 -7.92 -6.58 28.52
N VAL A 102 -7.11 -5.78 29.20
CA VAL A 102 -7.57 -4.60 29.93
C VAL A 102 -7.40 -3.40 29.01
N PHE A 103 -8.52 -2.76 28.66
CA PHE A 103 -8.52 -1.58 27.79
C PHE A 103 -7.73 -0.43 28.42
N ILE A 104 -6.66 -0.02 27.75
CA ILE A 104 -5.78 1.06 28.19
C ILE A 104 -6.13 2.33 27.40
N MET A 105 -5.94 2.28 26.07
CA MET A 105 -6.10 3.44 25.17
C MET A 105 -6.80 3.03 23.86
N ASP A 106 -7.39 4.02 23.19
CA ASP A 106 -7.98 3.89 21.83
C ASP A 106 -7.23 4.80 20.87
N ASP A 107 -7.20 4.43 19.58
CA ASP A 107 -6.67 5.28 18.48
C ASP A 107 -5.13 5.46 18.64
N ALA A 108 -4.49 4.45 19.27
CA ALA A 108 -3.04 4.42 19.49
C ALA A 108 -2.31 4.03 18.20
N GLU A 109 -1.86 5.07 17.46
CA GLU A 109 -1.04 4.95 16.23
C GLU A 109 0.42 4.55 16.55
N GLN A 110 0.68 4.27 17.82
CA GLN A 110 1.98 3.83 18.31
C GLN A 110 2.28 2.36 17.95
N PHE A 111 1.29 1.66 17.35
CA PHE A 111 1.47 0.28 16.84
C PHE A 111 1.39 0.23 15.30
N MET A 112 0.99 1.36 14.67
CA MET A 112 0.91 1.44 13.19
C MET A 112 1.39 2.83 12.70
N PRO A 113 2.41 2.90 11.78
CA PRO A 113 2.98 4.19 11.31
C PRO A 113 1.98 5.01 10.46
N ASN A 114 2.39 6.24 10.12
CA ASN A 114 1.54 7.18 9.37
C ASN A 114 1.43 6.78 7.89
N TYR A 115 2.38 5.96 7.40
CA TYR A 115 2.38 5.43 6.01
C TYR A 115 1.60 4.11 5.89
N LEU A 116 1.23 3.50 7.06
CA LEU A 116 0.30 2.35 7.11
C LEU A 116 -0.94 2.77 7.91
N ARG A 117 -1.23 4.09 7.93
CA ARG A 117 -2.27 4.71 8.80
C ARG A 117 -3.69 4.19 8.47
N PHE A 118 -3.84 3.59 7.29
CA PHE A 118 -5.12 2.99 6.84
C PHE A 118 -5.58 1.81 7.72
N VAL A 119 -4.66 1.15 8.43
CA VAL A 119 -4.99 0.05 9.34
C VAL A 119 -5.64 0.60 10.62
N ARG A 120 -6.89 0.18 10.86
CA ARG A 120 -7.64 0.52 12.08
C ARG A 120 -8.16 -0.80 12.67
N GLY A 121 -8.05 -0.94 13.99
CA GLY A 121 -8.37 -2.19 14.66
C GLY A 121 -8.02 -2.15 16.13
N LEU A 122 -7.37 -3.20 16.63
CA LEU A 122 -6.99 -3.34 18.04
C LEU A 122 -5.82 -4.32 18.19
N ILE A 123 -5.12 -4.21 19.33
CA ILE A 123 -4.04 -5.11 19.73
C ILE A 123 -4.05 -5.26 21.26
N ASP A 124 -4.06 -6.52 21.72
CA ASP A 124 -3.76 -6.89 23.10
C ASP A 124 -2.29 -7.31 23.18
N SER A 125 -1.58 -6.77 24.17
CA SER A 125 -0.20 -7.13 24.46
C SER A 125 -0.07 -7.46 25.95
N SER A 126 0.30 -8.71 26.27
CA SER A 126 0.56 -9.13 27.66
C SER A 126 2.07 -9.00 28.00
N ASP A 127 2.83 -8.50 27.01
CA ASP A 127 4.28 -8.24 27.12
C ASP A 127 4.52 -6.85 27.71
N LEU A 128 3.75 -5.87 27.19
CA LEU A 128 3.86 -4.44 27.56
C LEU A 128 3.30 -4.20 28.99
N PRO A 129 3.79 -3.12 29.73
CA PRO A 129 3.31 -2.77 31.09
C PRO A 129 1.79 -2.47 31.14
N LEU A 130 1.15 -2.73 32.28
CA LEU A 130 -0.29 -2.44 32.46
C LEU A 130 -0.50 -0.92 32.62
N ASN A 131 0.50 -0.22 33.19
CA ASN A 131 0.47 1.25 33.40
C ASN A 131 1.06 2.03 32.19
N VAL A 132 1.05 1.38 31.00
CA VAL A 132 1.62 1.94 29.75
C VAL A 132 0.77 3.13 29.21
N SER A 133 1.42 4.02 28.45
CA SER A 133 0.77 5.17 27.78
C SER A 133 1.51 5.47 26.46
N ARG A 134 0.94 6.40 25.65
CA ARG A 134 1.51 6.87 24.33
C ARG A 134 3.00 7.19 24.45
N GLU A 135 3.36 7.80 25.58
CA GLU A 135 4.72 8.22 25.89
C GLU A 135 5.68 7.01 25.99
N ILE A 136 5.25 5.97 26.75
CA ILE A 136 6.01 4.72 26.90
C ILE A 136 6.01 3.93 25.58
N LEU A 137 4.91 4.01 24.83
CA LEU A 137 4.76 3.32 23.53
C LEU A 137 5.76 3.88 22.50
N GLN A 138 6.07 5.17 22.64
CA GLN A 138 7.06 5.87 21.82
C GLN A 138 8.48 5.61 22.34
N ASP A 139 8.62 5.59 23.67
CA ASP A 139 9.92 5.53 24.38
C ASP A 139 10.53 4.11 24.34
N SER A 140 9.67 3.08 24.36
CA SER A 140 10.08 1.68 24.55
C SER A 140 10.54 1.03 23.23
N THR A 141 11.59 0.19 23.33
CA THR A 141 12.18 -0.51 22.20
C THR A 141 11.33 -1.74 21.82
N VAL A 142 10.83 -2.45 22.85
CA VAL A 142 10.00 -3.67 22.65
C VAL A 142 8.68 -3.32 21.96
N THR A 143 8.11 -2.15 22.28
CA THR A 143 6.86 -1.67 21.67
C THR A 143 7.05 -1.37 20.16
N ARG A 144 8.26 -0.92 19.79
CA ARG A 144 8.62 -0.71 18.38
C ARG A 144 8.77 -2.07 17.65
N ASN A 145 9.22 -3.11 18.39
CA ASN A 145 9.29 -4.50 17.86
C ASN A 145 7.87 -5.02 17.57
N LEU A 146 6.92 -4.68 18.47
CA LEU A 146 5.47 -4.97 18.27
C LEU A 146 4.93 -4.21 17.03
N ARG A 147 5.32 -2.94 16.93
CA ARG A 147 4.86 -2.01 15.88
C ARG A 147 5.26 -2.51 14.48
N ASN A 148 6.51 -2.96 14.38
CA ASN A 148 7.10 -3.47 13.13
C ASN A 148 6.68 -4.93 12.86
N ALA A 149 6.26 -5.65 13.92
CA ALA A 149 5.75 -7.03 13.79
C ALA A 149 4.40 -7.03 13.07
N LEU A 150 3.50 -6.12 13.50
CA LEU A 150 2.16 -5.96 12.88
C LEU A 150 2.27 -5.44 11.44
N THR A 151 3.30 -4.60 11.19
CA THR A 151 3.66 -4.11 9.83
C THR A 151 3.85 -5.27 8.81
N LYS A 152 4.44 -6.38 9.30
CA LYS A 152 4.68 -7.58 8.46
C LYS A 152 3.36 -8.29 8.11
N ARG A 153 2.41 -8.27 9.05
CA ARG A 153 1.05 -8.83 8.85
C ARG A 153 0.26 -7.96 7.86
N VAL A 154 0.45 -6.63 7.96
CA VAL A 154 -0.16 -5.65 7.04
C VAL A 154 0.29 -5.91 5.60
N LEU A 155 1.61 -6.13 5.41
CA LEU A 155 2.23 -6.41 4.08
C LEU A 155 1.52 -7.58 3.38
N GLN A 156 1.37 -8.69 4.10
CA GLN A 156 0.72 -9.91 3.58
C GLN A 156 -0.78 -9.67 3.34
N MET A 157 -1.41 -8.83 4.19
CA MET A 157 -2.86 -8.53 4.15
C MET A 157 -3.22 -7.60 2.97
N LEU A 158 -2.26 -6.72 2.58
CA LEU A 158 -2.45 -5.77 1.47
C LEU A 158 -2.45 -6.52 0.14
N GLU A 159 -1.43 -7.37 -0.07
CA GLU A 159 -1.31 -8.18 -1.28
C GLU A 159 -2.43 -9.25 -1.30
N LYS A 160 -2.84 -9.73 -0.11
CA LYS A 160 -3.95 -10.71 0.02
C LYS A 160 -5.28 -10.05 -0.41
N LEU A 161 -5.40 -8.72 -0.21
CA LEU A 161 -6.58 -7.94 -0.63
C LEU A 161 -6.59 -7.76 -2.16
N ALA A 162 -5.40 -7.69 -2.77
CA ALA A 162 -5.24 -7.69 -4.24
C ALA A 162 -5.76 -9.03 -4.84
N LYS A 163 -5.41 -10.13 -4.16
CA LYS A 163 -5.83 -11.50 -4.54
C LYS A 163 -7.33 -11.72 -4.20
N ASP A 164 -7.75 -11.10 -3.08
CA ASP A 164 -9.12 -11.19 -2.52
C ASP A 164 -10.14 -10.71 -3.55
N ASP A 165 -9.93 -9.47 -4.00
CA ASP A 165 -10.78 -8.82 -4.99
C ASP A 165 -10.09 -7.54 -5.47
N ALA A 166 -9.67 -7.54 -6.74
CA ALA A 166 -8.97 -6.40 -7.38
C ALA A 166 -9.71 -5.05 -7.21
N GLU A 167 -11.06 -5.09 -7.26
CA GLU A 167 -11.91 -3.88 -7.14
C GLU A 167 -11.96 -3.38 -5.69
N LYS A 168 -11.92 -4.30 -4.70
CA LYS A 168 -11.86 -3.96 -3.27
C LYS A 168 -10.48 -3.39 -2.91
N TYR A 169 -9.46 -3.88 -3.59
CA TYR A 169 -8.08 -3.35 -3.47
C TYR A 169 -7.97 -1.98 -4.18
N GLN A 170 -8.81 -1.78 -5.20
CA GLN A 170 -8.89 -0.52 -5.94
C GLN A 170 -9.64 0.54 -5.11
N THR A 171 -10.66 0.09 -4.36
CA THR A 171 -11.42 0.94 -3.42
C THR A 171 -10.50 1.34 -2.25
N PHE A 172 -9.66 0.38 -1.83
CA PHE A 172 -8.57 0.62 -0.87
C PHE A 172 -7.66 1.75 -1.37
N TRP A 173 -7.17 1.64 -2.61
CA TRP A 173 -6.23 2.61 -3.17
C TRP A 173 -6.89 3.99 -3.38
N GLN A 174 -8.18 3.98 -3.72
CA GLN A 174 -8.95 5.21 -4.00
C GLN A 174 -9.51 5.85 -2.71
N GLN A 175 -9.12 5.30 -1.54
CA GLN A 175 -9.38 5.91 -0.22
C GLN A 175 -8.07 6.12 0.56
N PHE A 176 -7.05 5.26 0.31
CA PHE A 176 -5.85 5.14 1.19
C PHE A 176 -4.53 5.17 0.39
N GLY A 177 -4.62 5.49 -0.92
CA GLY A 177 -3.47 5.42 -1.83
C GLY A 177 -2.35 6.37 -1.50
N LEU A 178 -2.74 7.62 -1.18
CA LEU A 178 -1.81 8.71 -0.79
C LEU A 178 -0.93 8.28 0.41
N VAL A 179 -1.59 7.64 1.39
CA VAL A 179 -0.96 7.13 2.63
C VAL A 179 0.16 6.12 2.31
N LEU A 180 -0.15 5.16 1.41
CA LEU A 180 0.78 4.08 1.03
C LEU A 180 1.96 4.65 0.18
N LYS A 181 1.73 5.82 -0.46
CA LYS A 181 2.76 6.50 -1.28
C LYS A 181 3.87 7.16 -0.41
N GLU A 182 3.62 7.33 0.90
CA GLU A 182 4.68 7.82 1.85
C GLU A 182 5.73 6.71 2.08
N GLY A 183 5.31 5.44 1.85
CA GLY A 183 6.13 4.25 2.07
C GLY A 183 7.48 4.28 1.33
N PRO A 184 7.52 4.14 -0.03
CA PRO A 184 8.80 3.99 -0.82
C PRO A 184 9.81 5.15 -0.61
N ALA A 185 9.30 6.32 -0.21
CA ALA A 185 10.09 7.53 0.03
C ALA A 185 10.84 7.46 1.38
N GLU A 186 10.28 6.67 2.31
CA GLU A 186 10.83 6.46 3.65
C GLU A 186 12.07 5.55 3.56
N ASP A 187 11.87 4.24 3.32
CA ASP A 187 13.00 3.25 3.27
C ASP A 187 13.13 2.65 1.86
N PHE A 188 14.25 3.01 1.20
CA PHE A 188 14.63 2.54 -0.15
C PHE A 188 14.87 1.00 -0.20
N ALA A 189 15.25 0.40 0.94
CA ALA A 189 15.58 -1.05 1.03
C ALA A 189 14.36 -1.94 0.69
N ASN A 190 13.15 -1.40 0.93
CA ASN A 190 11.87 -2.13 0.75
C ASN A 190 11.14 -1.64 -0.52
N GLN A 191 11.90 -0.98 -1.42
CA GLN A 191 11.39 -0.41 -2.69
C GLN A 191 10.57 -1.45 -3.50
N GLU A 192 11.17 -2.62 -3.73
CA GLU A 192 10.58 -3.72 -4.54
C GLU A 192 9.18 -4.13 -4.04
N ALA A 193 9.10 -4.51 -2.75
CA ALA A 193 7.88 -5.06 -2.12
C ALA A 193 6.70 -4.06 -2.17
N ILE A 194 7.01 -2.79 -1.93
CA ILE A 194 6.02 -1.71 -1.89
C ILE A 194 5.68 -1.21 -3.32
N ALA A 195 6.65 -1.32 -4.25
CA ALA A 195 6.47 -0.87 -5.66
C ALA A 195 5.35 -1.64 -6.38
N LYS A 196 5.14 -2.88 -5.94
CA LYS A 196 4.03 -3.72 -6.38
C LYS A 196 2.69 -3.21 -5.79
N LEU A 197 2.71 -2.87 -4.49
CA LEU A 197 1.52 -2.38 -3.74
C LEU A 197 1.02 -1.02 -4.32
N LEU A 198 1.94 -0.28 -4.94
CA LEU A 198 1.64 1.01 -5.58
C LEU A 198 0.79 0.82 -6.85
N ARG A 199 -0.19 1.70 -7.04
CA ARG A 199 -1.09 1.72 -8.21
C ARG A 199 -1.08 3.14 -8.80
N PHE A 200 -0.73 3.26 -10.07
CA PHE A 200 -0.67 4.54 -10.79
C PHE A 200 -1.76 4.53 -11.87
N ALA A 201 -2.16 5.71 -12.35
CA ALA A 201 -3.06 5.80 -13.51
C ALA A 201 -2.21 5.71 -14.78
N SER A 202 -2.86 5.66 -15.95
CA SER A 202 -2.16 5.53 -17.24
C SER A 202 -3.07 5.92 -18.40
N THR A 203 -2.51 5.79 -19.62
CA THR A 203 -3.25 5.97 -20.86
C THR A 203 -4.03 4.68 -21.24
N HIS A 204 -4.09 3.71 -20.32
CA HIS A 204 -4.89 2.47 -20.45
C HIS A 204 -6.38 2.80 -20.28
N THR A 205 -6.66 3.66 -19.30
CA THR A 205 -8.03 4.01 -18.91
C THR A 205 -8.07 5.51 -18.60
N ASP A 206 -9.04 6.22 -19.21
CA ASP A 206 -9.20 7.68 -19.04
C ASP A 206 -9.94 8.02 -17.72
N SER A 207 -10.24 6.99 -16.91
CA SER A 207 -10.87 7.14 -15.60
C SER A 207 -9.82 7.49 -14.53
N SER A 208 -10.24 8.25 -13.50
CA SER A 208 -9.36 8.78 -12.43
C SER A 208 -8.83 7.68 -11.49
N ALA A 209 -9.34 6.44 -11.64
CA ALA A 209 -8.87 5.29 -10.87
C ALA A 209 -7.41 4.95 -11.23
N GLN A 210 -6.50 5.26 -10.30
CA GLN A 210 -5.10 4.87 -10.39
C GLN A 210 -4.99 3.35 -10.16
N THR A 211 -5.10 2.59 -11.26
CA THR A 211 -5.26 1.13 -11.24
C THR A 211 -3.98 0.39 -11.67
N VAL A 212 -3.34 0.87 -12.75
CA VAL A 212 -2.19 0.18 -13.35
C VAL A 212 -0.94 0.35 -12.46
N SER A 213 -0.47 -0.77 -11.94
CA SER A 213 0.77 -0.82 -11.16
C SER A 213 1.95 -0.95 -12.12
N LEU A 214 3.14 -0.98 -11.53
CA LEU A 214 4.38 -1.17 -12.27
C LEU A 214 4.43 -2.59 -12.84
N GLU A 215 3.82 -3.54 -12.10
CA GLU A 215 3.67 -4.95 -12.55
C GLU A 215 2.76 -5.01 -13.79
N ASP A 216 1.68 -4.21 -13.79
CA ASP A 216 0.77 -4.11 -14.94
C ASP A 216 1.51 -3.50 -16.13
N TYR A 217 2.39 -2.50 -15.84
CA TYR A 217 3.14 -1.80 -16.89
C TYR A 217 4.10 -2.74 -17.63
N VAL A 218 4.74 -3.67 -16.88
CA VAL A 218 5.64 -4.70 -17.47
C VAL A 218 4.85 -5.53 -18.51
N SER A 219 3.60 -5.87 -18.17
CA SER A 219 2.68 -6.57 -19.08
C SER A 219 2.29 -5.68 -20.29
N ARG A 220 2.22 -4.36 -20.07
CA ARG A 220 1.85 -3.35 -21.10
C ARG A 220 3.04 -2.98 -22.00
N MET A 221 4.27 -3.34 -21.59
CA MET A 221 5.50 -2.97 -22.32
C MET A 221 5.57 -3.67 -23.70
N LYS A 222 5.75 -2.84 -24.75
CA LYS A 222 6.17 -3.30 -26.08
C LYS A 222 7.69 -3.41 -26.11
N GLU A 223 8.23 -3.95 -27.21
CA GLU A 223 9.66 -3.91 -27.49
C GLU A 223 10.12 -2.43 -27.63
N GLY A 224 11.25 -2.09 -26.98
CA GLY A 224 11.71 -0.71 -26.88
C GLY A 224 11.32 -0.03 -25.57
N GLN A 225 10.44 -0.67 -24.76
CA GLN A 225 10.19 -0.26 -23.35
C GLN A 225 10.87 -1.24 -22.40
N GLU A 226 12.08 -0.89 -21.98
CA GLU A 226 12.73 -1.44 -20.78
C GLU A 226 12.74 -0.37 -19.67
N LYS A 227 12.41 0.89 -20.05
CA LYS A 227 12.31 2.03 -19.13
C LYS A 227 10.83 2.40 -18.99
N ILE A 228 10.36 2.51 -17.73
CA ILE A 228 8.95 2.80 -17.43
C ILE A 228 8.68 4.32 -17.59
N TYR A 229 7.74 4.68 -18.48
CA TYR A 229 7.38 6.11 -18.73
C TYR A 229 6.32 6.61 -17.73
N TYR A 230 6.58 7.81 -17.16
CA TYR A 230 5.68 8.49 -16.20
C TYR A 230 5.39 9.92 -16.65
N ILE A 231 4.29 10.48 -16.11
CA ILE A 231 3.92 11.90 -16.25
C ILE A 231 3.47 12.44 -14.89
N THR A 232 4.19 13.43 -14.36
CA THR A 232 3.72 14.18 -13.19
C THR A 232 2.69 15.25 -13.63
N ALA A 233 1.55 15.29 -12.93
CA ALA A 233 0.49 16.27 -13.19
C ALA A 233 -0.09 16.72 -11.85
N ASP A 234 -0.53 17.98 -11.81
CA ASP A 234 -1.10 18.61 -10.60
C ASP A 234 -2.42 17.91 -10.20
N SER A 235 -3.17 17.46 -11.22
CA SER A 235 -4.41 16.69 -11.04
C SER A 235 -4.54 15.66 -12.17
N TYR A 236 -5.42 14.65 -12.00
CA TYR A 236 -5.72 13.70 -13.08
C TYR A 236 -6.48 14.40 -14.21
N ALA A 237 -7.31 15.39 -13.85
CA ALA A 237 -8.06 16.22 -14.81
C ALA A 237 -7.08 16.90 -15.80
N ALA A 238 -5.97 17.43 -15.25
CA ALA A 238 -4.88 18.06 -16.01
C ALA A 238 -4.15 17.03 -16.90
N ALA A 239 -3.93 15.82 -16.36
CA ALA A 239 -3.27 14.70 -17.08
C ALA A 239 -4.13 14.20 -18.25
N LYS A 240 -5.44 14.10 -18.02
CA LYS A 240 -6.41 13.55 -18.97
C LYS A 240 -6.73 14.57 -20.10
N SER A 241 -6.58 15.88 -19.76
CA SER A 241 -6.77 17.00 -20.71
C SER A 241 -5.72 16.98 -21.85
N SER A 242 -4.66 16.17 -21.69
CA SER A 242 -3.65 15.96 -22.72
C SER A 242 -4.22 15.05 -23.84
N PRO A 243 -4.48 15.59 -25.08
CA PRO A 243 -5.03 14.81 -26.22
C PRO A 243 -3.96 13.96 -26.94
N HIS A 244 -2.69 14.34 -26.78
CA HIS A 244 -1.54 13.72 -27.47
C HIS A 244 -1.20 12.33 -26.88
N LEU A 245 -1.74 12.02 -25.69
CA LEU A 245 -1.56 10.71 -25.02
C LEU A 245 -2.05 9.54 -25.89
N GLU A 246 -3.12 9.79 -26.66
CA GLU A 246 -3.76 8.80 -27.51
C GLU A 246 -2.88 8.41 -28.72
N LEU A 247 -1.82 9.21 -29.00
CA LEU A 247 -0.86 8.92 -30.09
C LEU A 247 -0.11 7.60 -29.79
N LEU A 248 0.35 7.44 -28.54
CA LEU A 248 1.05 6.21 -28.10
C LEU A 248 0.06 5.07 -27.99
N ARG A 249 -1.17 5.37 -27.50
CA ARG A 249 -2.30 4.40 -27.44
C ARG A 249 -2.51 3.76 -28.82
N LYS A 250 -2.46 4.59 -29.88
CA LYS A 250 -2.65 4.15 -31.28
C LYS A 250 -1.56 3.14 -31.68
N LYS A 251 -0.31 3.44 -31.32
CA LYS A 251 0.87 2.64 -31.72
C LYS A 251 1.02 1.39 -30.84
N GLY A 252 0.47 1.45 -29.62
CA GLY A 252 0.51 0.35 -28.66
C GLY A 252 1.46 0.57 -27.49
N ILE A 253 1.95 1.81 -27.33
CA ILE A 253 2.78 2.19 -26.17
C ILE A 253 1.85 2.83 -25.11
N GLU A 254 2.21 2.70 -23.83
CA GLU A 254 1.41 3.24 -22.72
C GLU A 254 2.29 4.15 -21.84
N VAL A 255 1.68 5.21 -21.29
CA VAL A 255 2.34 6.17 -20.40
C VAL A 255 1.56 6.23 -19.08
N LEU A 256 2.26 6.14 -17.94
CA LEU A 256 1.65 6.28 -16.61
C LEU A 256 1.33 7.76 -16.33
N LEU A 257 0.06 8.03 -15.97
CA LEU A 257 -0.40 9.37 -15.53
C LEU A 257 -0.43 9.40 -14.00
N LEU A 258 0.33 10.32 -13.42
CA LEU A 258 0.47 10.48 -11.96
C LEU A 258 -0.20 11.80 -11.57
N SER A 259 -1.19 11.73 -10.69
CA SER A 259 -2.11 12.84 -10.42
C SER A 259 -1.79 13.56 -9.10
N ASP A 260 -0.87 13.00 -8.29
CA ASP A 260 -0.66 13.45 -6.91
C ASP A 260 0.71 14.12 -6.73
N ARG A 261 0.74 15.16 -5.88
CA ARG A 261 1.98 15.86 -5.47
C ARG A 261 2.94 14.94 -4.71
N ILE A 262 2.38 13.93 -4.04
CA ILE A 262 3.16 12.97 -3.24
C ILE A 262 3.88 11.93 -4.13
N ASP A 263 3.52 11.87 -5.43
CA ASP A 263 4.25 11.07 -6.43
C ASP A 263 5.70 11.58 -6.56
N GLU A 264 5.89 12.91 -6.56
CA GLU A 264 7.22 13.54 -6.69
C GLU A 264 8.11 13.23 -5.48
N TRP A 265 7.49 12.96 -4.31
CA TRP A 265 8.24 12.57 -3.11
C TRP A 265 8.49 11.05 -3.07
N MET A 266 7.48 10.27 -3.50
CA MET A 266 7.50 8.79 -3.46
C MET A 266 8.51 8.23 -4.47
N MET A 267 8.27 8.59 -5.74
CA MET A 267 9.05 8.12 -6.87
C MET A 267 10.38 8.90 -7.01
N ASN A 268 10.65 9.78 -6.03
CA ASN A 268 11.94 10.47 -5.88
C ASN A 268 13.07 9.43 -5.67
N TYR A 269 12.72 8.38 -4.90
CA TYR A 269 13.64 7.29 -4.53
C TYR A 269 13.36 6.03 -5.34
N LEU A 270 12.10 5.88 -5.85
CA LEU A 270 11.75 4.81 -6.82
C LEU A 270 12.55 5.00 -8.13
N THR A 271 13.76 4.44 -8.13
CA THR A 271 14.70 4.51 -9.25
C THR A 271 14.54 3.31 -10.21
N GLU A 272 14.09 2.14 -9.68
CA GLU A 272 14.05 0.90 -10.48
C GLU A 272 13.02 -0.12 -9.92
N PHE A 273 12.46 -0.93 -10.84
CA PHE A 273 11.52 -2.03 -10.55
C PHE A 273 11.81 -3.18 -11.53
N ASP A 274 12.34 -4.31 -11.00
CA ASP A 274 12.54 -5.58 -11.75
C ASP A 274 13.60 -5.45 -12.87
N GLY A 275 14.51 -4.47 -12.73
CA GLY A 275 15.53 -4.20 -13.76
C GLY A 275 15.10 -3.10 -14.74
N LYS A 276 13.83 -2.66 -14.63
CA LYS A 276 13.28 -1.54 -15.43
C LYS A 276 13.54 -0.21 -14.70
N PRO A 277 14.49 0.66 -15.19
CA PRO A 277 14.72 1.99 -14.60
C PRO A 277 13.58 2.95 -14.95
N PHE A 278 13.33 3.91 -14.05
CA PHE A 278 12.20 4.84 -14.15
C PHE A 278 12.57 6.03 -15.05
N GLN A 279 11.61 6.45 -15.89
CA GLN A 279 11.85 7.37 -17.01
C GLN A 279 10.78 8.48 -17.07
N SER A 280 11.24 9.73 -17.20
CA SER A 280 10.40 10.90 -17.48
C SER A 280 10.16 11.03 -19.00
N VAL A 281 9.13 11.81 -19.38
CA VAL A 281 8.86 12.15 -20.80
C VAL A 281 10.02 12.97 -21.41
N SER A 282 10.79 13.67 -20.53
CA SER A 282 11.93 14.52 -20.92
C SER A 282 13.01 13.74 -21.71
N LYS A 283 13.10 12.41 -21.50
CA LYS A 283 14.06 11.55 -22.26
C LYS A 283 13.28 10.42 -22.95
N VAL A 284 14.01 9.67 -23.79
CA VAL A 284 13.49 8.49 -24.53
C VAL A 284 14.21 7.22 -24.05
N ASP A 285 13.75 6.08 -24.56
CA ASP A 285 14.44 4.80 -24.41
C ASP A 285 15.12 4.48 -25.78
N GLU A 286 14.59 3.48 -26.53
CA GLU A 286 15.25 2.90 -27.72
C GLU A 286 15.33 3.90 -28.90
N SER A 287 14.39 4.85 -28.94
CA SER A 287 14.26 5.84 -30.05
C SER A 287 15.56 6.63 -30.31
N LEU A 288 16.35 6.88 -29.26
CA LEU A 288 17.64 7.60 -29.36
C LEU A 288 18.59 7.10 -28.24
N GLU A 289 18.46 5.81 -27.89
CA GLU A 289 19.21 5.14 -26.78
C GLU A 289 20.75 5.29 -26.93
N LYS A 290 21.21 5.24 -28.20
CA LYS A 290 22.64 5.27 -28.54
C LYS A 290 23.27 6.65 -28.25
N LEU A 291 22.49 7.74 -28.41
CA LEU A 291 22.96 9.10 -28.13
C LEU A 291 22.63 9.49 -26.66
N ALA A 292 21.34 9.36 -26.29
CA ALA A 292 20.82 9.70 -24.96
C ALA A 292 21.47 8.81 -23.87
N MET B 17 12.18 24.01 -23.01
CA MET B 17 12.64 22.62 -23.04
C MET B 17 11.70 21.74 -23.89
N ALA B 18 12.14 21.44 -25.12
CA ALA B 18 11.42 20.55 -26.06
C ALA B 18 12.36 19.41 -26.47
N THR B 19 12.24 18.28 -25.76
CA THR B 19 13.07 17.08 -25.97
C THR B 19 12.28 15.84 -25.52
N SER B 20 10.94 15.95 -25.59
CA SER B 20 9.99 14.96 -25.07
C SER B 20 10.12 13.59 -25.80
N THR B 21 9.47 12.53 -25.25
CA THR B 21 9.56 11.15 -25.78
C THR B 21 9.13 11.07 -27.27
N LEU B 22 8.07 11.84 -27.61
CA LEU B 22 7.54 11.97 -28.99
C LEU B 22 6.41 12.99 -28.97
N ILE B 23 5.56 12.93 -27.93
CA ILE B 23 4.43 13.83 -27.71
C ILE B 23 4.77 14.84 -26.60
N LYS B 24 3.90 15.84 -26.45
CA LYS B 24 3.88 16.69 -25.25
C LYS B 24 2.84 16.13 -24.27
N ALA B 25 3.23 16.03 -22.98
CA ALA B 25 2.34 15.57 -21.90
C ALA B 25 2.82 16.21 -20.57
N ILE B 26 2.22 17.37 -20.23
CA ILE B 26 2.56 18.20 -19.06
C ILE B 26 4.08 18.58 -19.09
N ASP B 27 4.40 19.67 -19.81
CA ASP B 27 5.80 20.11 -20.07
C ASP B 27 6.06 21.52 -19.52
N GLY B 28 7.35 21.88 -19.52
CA GLY B 28 7.82 23.20 -19.09
C GLY B 28 9.33 23.30 -19.19
N ASP B 29 9.92 24.36 -18.59
CA ASP B 29 11.39 24.60 -18.62
C ASP B 29 12.07 24.12 -17.34
N THR B 30 11.48 23.11 -16.69
CA THR B 30 12.01 22.51 -15.45
C THR B 30 11.52 21.06 -15.32
N VAL B 31 10.25 20.79 -15.75
CA VAL B 31 9.57 19.47 -15.71
C VAL B 31 9.25 19.05 -14.24
N LYS B 32 10.28 18.84 -13.41
CA LYS B 32 10.17 18.52 -11.95
C LYS B 32 9.50 17.16 -11.70
N LEU B 33 9.64 16.24 -12.67
CA LEU B 33 9.15 14.86 -12.53
C LEU B 33 10.07 14.12 -11.56
N MET B 34 9.59 14.01 -10.29
CA MET B 34 10.32 13.39 -9.16
C MET B 34 11.56 14.24 -8.80
N TYR B 35 11.29 15.40 -8.19
CA TYR B 35 12.30 16.41 -7.87
C TYR B 35 12.03 16.96 -6.46
N LYS B 36 13.08 17.51 -5.80
CA LYS B 36 13.01 18.07 -4.42
C LYS B 36 12.59 16.96 -3.40
N GLY B 37 12.04 17.36 -2.24
CA GLY B 37 11.45 16.41 -1.29
C GLY B 37 12.48 15.68 -0.42
N GLN B 38 12.34 15.78 0.92
CA GLN B 38 13.28 15.16 1.89
C GLN B 38 12.50 14.23 2.86
N PRO B 39 13.15 13.11 3.37
CA PRO B 39 12.50 12.13 4.28
C PRO B 39 11.96 12.78 5.58
N MET B 40 10.65 13.01 5.62
CA MET B 40 9.98 13.76 6.71
C MET B 40 9.02 12.87 7.53
N THR B 41 8.86 11.58 7.14
CA THR B 41 7.98 10.63 7.84
C THR B 41 8.69 10.03 9.11
N PHE B 42 9.15 8.77 9.06
CA PHE B 42 9.73 8.04 10.23
C PHE B 42 10.83 7.08 9.70
N ARG B 43 11.17 6.03 10.48
CA ARG B 43 11.92 4.86 9.97
C ARG B 43 11.37 3.59 10.65
N LEU B 44 10.83 2.65 9.83
CA LEU B 44 10.07 1.50 10.33
C LEU B 44 10.00 0.34 9.32
N LEU B 45 9.86 0.68 8.01
CA LEU B 45 9.42 -0.26 6.92
C LEU B 45 10.02 -1.66 6.96
N LEU B 46 9.38 -2.50 6.11
CA LEU B 46 9.43 -3.99 6.07
C LEU B 46 10.83 -4.62 6.28
N VAL B 47 10.85 -5.95 6.43
CA VAL B 47 12.09 -6.74 6.43
C VAL B 47 12.86 -6.47 5.10
N ASP B 48 14.05 -5.81 5.23
CA ASP B 48 14.86 -5.34 4.09
C ASP B 48 15.32 -6.48 3.18
N THR B 49 15.53 -7.64 3.79
CA THR B 49 15.80 -8.92 3.11
C THR B 49 14.47 -9.71 2.93
N PRO B 50 14.40 -10.77 2.05
CA PRO B 50 13.13 -11.56 1.85
C PRO B 50 12.51 -12.13 3.17
N GLU B 51 12.91 -13.38 3.59
CA GLU B 51 12.37 -14.06 4.81
C GLU B 51 10.80 -14.10 4.80
N THR B 52 10.15 -14.52 5.94
CA THR B 52 8.71 -14.31 6.22
C THR B 52 7.77 -15.23 5.36
N LYS B 53 8.38 -15.98 4.42
CA LYS B 53 7.67 -16.87 3.49
C LYS B 53 7.35 -18.23 4.17
N HIS B 54 6.42 -18.17 5.14
CA HIS B 54 5.99 -19.33 5.94
C HIS B 54 4.70 -18.95 6.68
N PRO B 55 3.52 -19.01 5.97
CA PRO B 55 2.20 -18.60 6.53
C PRO B 55 1.73 -19.55 7.65
N LYS B 56 2.08 -19.19 8.90
CA LYS B 56 1.73 -19.95 10.12
C LYS B 56 1.86 -19.05 11.36
N LYS B 57 1.46 -19.61 12.53
CA LYS B 57 1.54 -18.98 13.86
C LYS B 57 0.58 -17.77 13.98
N GLY B 58 -0.73 -18.07 13.96
CA GLY B 58 -1.78 -17.07 14.17
C GLY B 58 -2.26 -16.42 12.89
N VAL B 59 -1.41 -16.38 11.85
CA VAL B 59 -1.75 -15.74 10.56
C VAL B 59 -2.70 -16.66 9.72
N GLU B 60 -3.18 -16.16 8.56
CA GLU B 60 -4.08 -16.90 7.63
C GLU B 60 -5.54 -16.93 8.11
N LYS B 61 -6.44 -17.16 7.14
CA LYS B 61 -7.87 -17.33 7.38
C LYS B 61 -8.20 -18.83 7.55
N TYR B 62 -8.21 -19.57 6.43
CA TYR B 62 -8.76 -20.94 6.34
C TYR B 62 -10.21 -21.00 6.90
N GLY B 63 -11.13 -20.46 6.10
CA GLY B 63 -12.55 -20.39 6.44
C GLY B 63 -13.37 -19.89 5.24
N PRO B 64 -14.67 -19.51 5.43
CA PRO B 64 -15.51 -18.96 4.34
C PRO B 64 -14.89 -17.70 3.69
N GLU B 65 -14.43 -16.76 4.57
CA GLU B 65 -13.86 -15.46 4.17
C GLU B 65 -14.93 -14.62 3.41
N ALA B 66 -16.13 -14.60 4.00
CA ALA B 66 -17.28 -13.86 3.46
C ALA B 66 -17.20 -12.38 3.86
N SER B 67 -16.24 -11.65 3.26
CA SER B 67 -15.98 -10.23 3.56
C SER B 67 -17.03 -9.33 2.88
N ALA B 68 -17.07 -9.38 1.55
CA ALA B 68 -18.14 -8.75 0.74
C ALA B 68 -18.79 -9.82 -0.16
N PHE B 69 -18.38 -11.09 0.08
CA PHE B 69 -18.70 -12.24 -0.76
C PHE B 69 -19.73 -13.10 -0.03
N THR B 70 -20.86 -13.44 -0.70
CA THR B 70 -21.84 -14.43 -0.20
C THR B 70 -22.39 -14.01 1.20
N LYS B 71 -22.47 -12.67 1.40
CA LYS B 71 -22.88 -12.10 2.70
C LYS B 71 -24.42 -12.07 2.78
N LYS B 72 -25.01 -13.27 2.87
CA LYS B 72 -26.46 -13.49 2.89
C LYS B 72 -26.81 -14.37 4.10
N MET B 73 -28.02 -14.20 4.63
CA MET B 73 -28.49 -14.99 5.78
C MET B 73 -29.17 -16.28 5.27
N VAL B 74 -30.42 -16.14 4.77
CA VAL B 74 -31.36 -17.26 4.48
C VAL B 74 -31.38 -18.28 5.65
N GLU B 75 -30.38 -19.20 5.69
CA GLU B 75 -30.15 -20.15 6.79
C GLU B 75 -31.37 -21.09 6.95
N ASN B 76 -31.27 -22.28 6.29
CA ASN B 76 -32.38 -23.25 6.12
C ASN B 76 -33.48 -22.70 5.18
N ALA B 77 -34.29 -23.59 4.60
CA ALA B 77 -35.36 -23.23 3.66
C ALA B 77 -36.46 -24.33 3.69
N ALA A 28 -20.49 -14.29 25.73
CA ALA A 28 -19.80 -13.20 26.47
C ALA A 28 -18.29 -13.53 26.62
N GLN A 29 -17.52 -13.24 25.56
CA GLN A 29 -16.07 -13.46 25.52
C GLN A 29 -15.45 -12.49 24.50
N ALA A 30 -14.16 -12.16 24.68
CA ALA A 30 -13.41 -11.24 23.81
C ALA A 30 -13.15 -11.87 22.43
N LEU A 31 -13.51 -11.14 21.35
CA LEU A 31 -13.49 -11.67 19.96
C LEU A 31 -12.07 -12.03 19.49
N TRP A 32 -11.06 -11.32 20.01
CA TRP A 32 -9.66 -11.57 19.65
C TRP A 32 -9.14 -12.87 20.31
N THR A 33 -9.59 -13.18 21.54
CA THR A 33 -9.17 -14.42 22.25
C THR A 33 -10.05 -15.63 21.80
N ARG A 34 -11.07 -15.35 20.98
CA ARG A 34 -11.89 -16.38 20.32
C ARG A 34 -11.08 -17.12 19.23
N ASN A 35 -11.51 -18.34 18.90
CA ASN A 35 -10.87 -19.15 17.86
C ASN A 35 -11.43 -18.74 16.48
N LYS A 36 -10.52 -18.73 15.49
CA LYS A 36 -10.81 -18.26 14.12
C LYS A 36 -11.89 -19.13 13.42
N SER A 37 -12.01 -20.40 13.85
CA SER A 37 -12.95 -21.38 13.27
C SER A 37 -14.42 -21.01 13.57
N GLU A 38 -14.65 -20.35 14.71
CA GLU A 38 -16.00 -20.08 15.23
C GLU A 38 -16.59 -18.78 14.65
N ILE A 39 -15.72 -17.85 14.20
CA ILE A 39 -16.14 -16.49 13.81
C ILE A 39 -16.32 -16.43 12.28
N THR A 40 -17.46 -15.89 11.83
CA THR A 40 -17.76 -15.67 10.42
C THR A 40 -17.44 -14.21 10.04
N ASP A 41 -17.49 -13.93 8.73
CA ASP A 41 -17.23 -12.59 8.14
C ASP A 41 -18.05 -11.48 8.82
N GLU A 42 -19.33 -11.80 9.09
CA GLU A 42 -20.33 -10.85 9.62
C GLU A 42 -19.91 -10.27 10.99
N GLU A 43 -19.44 -11.16 11.90
CA GLU A 43 -19.14 -10.78 13.29
C GLU A 43 -17.84 -9.91 13.35
N TYR A 44 -16.92 -10.11 12.36
CA TYR A 44 -15.74 -9.23 12.17
C TYR A 44 -16.16 -7.82 11.75
N LYS A 45 -17.14 -7.76 10.81
CA LYS A 45 -17.64 -6.49 10.25
C LYS A 45 -18.39 -5.65 11.30
N GLU A 46 -19.09 -6.36 12.20
CA GLU A 46 -19.80 -5.75 13.33
C GLU A 46 -18.81 -5.24 14.39
N PHE A 47 -17.82 -6.10 14.71
CA PHE A 47 -16.83 -5.82 15.75
C PHE A 47 -15.94 -4.64 15.35
N TYR A 48 -15.65 -4.54 14.04
CA TYR A 48 -14.87 -3.43 13.46
C TYR A 48 -15.51 -2.08 13.82
N LYS A 49 -16.83 -1.97 13.59
CA LYS A 49 -17.58 -0.72 13.86
C LYS A 49 -17.50 -0.34 15.36
N HIS A 50 -17.51 -1.37 16.22
CA HIS A 50 -17.44 -1.20 17.67
C HIS A 50 -16.06 -0.64 18.09
N ILE A 51 -14.97 -1.18 17.50
CA ILE A 51 -13.58 -0.89 17.94
C ILE A 51 -12.95 0.31 17.23
N ALA A 52 -13.48 0.65 16.06
CA ALA A 52 -12.87 1.64 15.14
C ALA A 52 -13.39 3.05 15.38
N HIS A 53 -14.48 3.16 16.17
CA HIS A 53 -15.22 4.41 16.42
C HIS A 53 -15.86 4.91 15.09
N ASP A 54 -16.07 3.94 14.19
CA ASP A 54 -16.45 4.13 12.77
C ASP A 54 -17.69 3.27 12.49
N PHE A 55 -18.40 3.49 11.38
CA PHE A 55 -19.66 2.77 11.06
C PHE A 55 -19.65 2.20 9.63
N ASN A 56 -18.49 2.26 8.95
CA ASN A 56 -18.27 1.52 7.68
C ASN A 56 -17.94 0.06 8.01
N ASP A 57 -18.08 -0.83 7.04
CA ASP A 57 -17.59 -2.21 7.16
C ASP A 57 -16.12 -2.27 6.68
N PRO A 58 -15.32 -3.29 7.10
CA PRO A 58 -13.96 -3.49 6.56
C PRO A 58 -13.97 -4.25 5.21
N LEU A 59 -13.05 -3.84 4.29
CA LEU A 59 -12.73 -4.59 3.06
C LEU A 59 -12.24 -6.01 3.42
N THR A 60 -11.20 -6.06 4.26
CA THR A 60 -10.64 -7.32 4.75
C THR A 60 -10.09 -7.12 6.19
N TRP A 61 -9.57 -8.20 6.77
CA TRP A 61 -9.09 -8.23 8.16
C TRP A 61 -8.04 -9.33 8.33
N SER A 62 -7.34 -9.30 9.48
CA SER A 62 -6.35 -10.32 9.87
C SER A 62 -6.49 -10.61 11.37
N HIS A 63 -7.13 -11.74 11.70
CA HIS A 63 -7.27 -12.23 13.09
C HIS A 63 -6.23 -13.32 13.30
N ASN A 64 -5.09 -12.96 13.90
CA ASN A 64 -3.97 -13.90 14.15
C ASN A 64 -3.41 -13.66 15.55
N ARG A 65 -3.15 -14.73 16.31
CA ARG A 65 -2.53 -14.63 17.64
C ARG A 65 -1.08 -15.09 17.55
N VAL A 66 -0.19 -14.32 18.18
CA VAL A 66 1.24 -14.55 18.17
C VAL A 66 1.69 -14.83 19.61
N GLU A 67 2.29 -16.00 19.82
CA GLU A 67 2.75 -16.46 21.15
C GLU A 67 4.27 -16.67 21.15
N GLY A 68 4.84 -16.90 22.35
CA GLY A 68 6.27 -17.10 22.52
C GLY A 68 6.79 -16.27 23.67
N LYS A 69 7.85 -15.48 23.44
CA LYS A 69 8.35 -14.51 24.42
C LYS A 69 7.34 -13.36 24.52
N GLN A 70 7.11 -12.70 23.36
CA GLN A 70 6.09 -11.66 23.23
C GLN A 70 4.76 -12.29 22.79
N GLU A 71 3.83 -12.42 23.73
CA GLU A 71 2.46 -12.85 23.46
C GLU A 71 1.64 -11.59 23.13
N TYR A 72 1.14 -11.51 21.90
CA TYR A 72 0.20 -10.48 21.48
C TYR A 72 -0.79 -11.08 20.46
N THR A 73 -2.08 -11.01 20.81
CA THR A 73 -3.17 -11.38 19.92
C THR A 73 -3.55 -10.14 19.09
N SER A 74 -3.29 -10.20 17.78
CA SER A 74 -3.53 -9.07 16.87
C SER A 74 -4.79 -9.31 16.02
N LEU A 75 -5.64 -8.29 15.97
CA LEU A 75 -6.88 -8.29 15.18
C LEU A 75 -6.97 -6.95 14.43
N LEU A 76 -6.46 -6.97 13.19
CA LEU A 76 -6.38 -5.78 12.32
C LEU A 76 -7.55 -5.79 11.32
N TYR A 77 -7.91 -4.61 10.82
CA TYR A 77 -8.96 -4.41 9.80
C TYR A 77 -8.50 -3.33 8.79
N ILE A 78 -9.05 -3.43 7.57
CA ILE A 78 -8.90 -2.42 6.52
C ILE A 78 -10.28 -1.79 6.26
N PRO A 79 -10.48 -0.46 6.52
CA PRO A 79 -11.79 0.23 6.31
C PRO A 79 -12.26 0.20 4.83
N SER A 80 -13.57 0.42 4.58
CA SER A 80 -14.13 0.48 3.21
C SER A 80 -13.85 1.84 2.55
N GLN A 81 -13.83 2.91 3.37
CA GLN A 81 -13.61 4.30 2.92
C GLN A 81 -12.56 4.97 3.79
N ALA A 82 -11.92 5.99 3.21
CA ALA A 82 -10.84 6.74 3.86
C ALA A 82 -11.39 7.60 5.01
N PRO A 83 -10.78 7.50 6.24
CA PRO A 83 -11.07 8.43 7.34
C PRO A 83 -10.45 9.82 7.05
N TRP A 84 -11.10 10.88 7.54
CA TRP A 84 -10.66 12.28 7.31
C TRP A 84 -9.34 12.57 8.08
N ASP A 85 -9.20 11.91 9.26
CA ASP A 85 -8.05 12.14 10.19
C ASP A 85 -6.71 11.66 9.58
N MET A 86 -6.80 11.01 8.41
CA MET A 86 -5.66 10.58 7.61
C MET A 86 -4.74 11.77 7.25
N TRP A 87 -5.32 12.92 6.90
CA TRP A 87 -4.56 14.12 6.49
C TRP A 87 -4.56 15.17 7.62
N ASN A 88 -4.89 14.69 8.83
CA ASN A 88 -4.86 15.46 10.07
C ASN A 88 -3.80 14.85 11.02
N ARG A 89 -3.35 15.63 12.00
CA ARG A 89 -2.39 15.16 13.04
C ARG A 89 -3.15 14.64 14.28
N ASP A 90 -4.48 14.80 14.28
CA ASP A 90 -5.36 14.27 15.33
C ASP A 90 -5.88 12.90 14.87
N HIS A 91 -5.77 11.89 15.76
CA HIS A 91 -6.09 10.49 15.43
C HIS A 91 -7.60 10.21 15.51
N LYS A 92 -8.05 9.31 14.64
CA LYS A 92 -9.24 8.45 14.87
C LYS A 92 -8.91 7.02 14.40
N HIS A 93 -7.82 6.91 13.62
CA HIS A 93 -7.12 5.65 13.36
C HIS A 93 -6.39 5.17 14.63
N GLY A 94 -5.74 4.01 14.53
CA GLY A 94 -4.98 3.43 15.65
C GLY A 94 -5.61 2.16 16.14
N LEU A 95 -5.03 1.57 17.20
CA LEU A 95 -5.48 0.28 17.74
C LEU A 95 -5.91 0.44 19.20
N LYS A 96 -6.96 -0.30 19.60
CA LYS A 96 -7.29 -0.50 21.02
C LYS A 96 -6.20 -1.36 21.70
N LEU A 97 -5.43 -0.73 22.58
CA LEU A 97 -4.45 -1.42 23.42
C LEU A 97 -5.16 -2.13 24.59
N TYR A 98 -4.94 -3.45 24.67
CA TYR A 98 -5.30 -4.28 25.82
C TYR A 98 -4.01 -4.86 26.39
N VAL A 99 -3.89 -4.87 27.72
CA VAL A 99 -2.85 -5.60 28.44
C VAL A 99 -3.51 -6.72 29.24
N GLN A 100 -3.30 -7.97 28.76
CA GLN A 100 -3.84 -9.20 29.41
C GLN A 100 -5.39 -9.20 29.38
N ARG A 101 -5.92 -8.71 28.24
CA ARG A 101 -7.36 -8.69 27.89
C ARG A 101 -8.11 -7.58 28.68
N VAL A 102 -7.32 -6.67 29.29
CA VAL A 102 -7.82 -5.52 30.05
C VAL A 102 -7.64 -4.25 29.20
N PHE A 103 -8.75 -3.55 28.89
CA PHE A 103 -8.72 -2.32 28.07
C PHE A 103 -7.96 -1.21 28.79
N ILE A 104 -6.91 -0.68 28.13
CA ILE A 104 -6.07 0.39 28.67
C ILE A 104 -6.46 1.72 28.01
N MET A 105 -6.28 1.79 26.68
CA MET A 105 -6.53 3.00 25.88
C MET A 105 -6.70 2.61 24.39
N ASP A 106 -7.41 3.44 23.62
CA ASP A 106 -7.63 3.23 22.16
C ASP A 106 -7.03 4.37 21.33
N ASP A 107 -7.20 4.26 19.99
CA ASP A 107 -6.72 5.26 19.00
C ASP A 107 -5.19 5.50 19.12
N ALA A 108 -4.47 4.46 19.57
CA ALA A 108 -3.02 4.51 19.81
C ALA A 108 -2.28 4.27 18.48
N GLU A 109 -1.76 5.36 17.90
CA GLU A 109 -1.07 5.35 16.59
C GLU A 109 0.41 4.90 16.71
N GLN A 110 0.83 4.52 17.93
CA GLN A 110 2.20 4.07 18.20
C GLN A 110 2.39 2.58 17.88
N PHE A 111 1.29 1.88 17.56
CA PHE A 111 1.31 0.46 17.13
C PHE A 111 1.32 0.33 15.60
N MET A 112 1.05 1.43 14.89
CA MET A 112 1.04 1.43 13.41
C MET A 112 1.64 2.76 12.88
N PRO A 113 2.68 2.72 11.97
CA PRO A 113 3.29 3.96 11.41
C PRO A 113 2.30 4.76 10.56
N ASN A 114 2.66 6.01 10.25
CA ASN A 114 1.83 6.91 9.41
C ASN A 114 1.64 6.35 8.01
N TYR A 115 2.62 5.55 7.54
CA TYR A 115 2.64 5.00 6.16
C TYR A 115 1.56 3.89 6.01
N LEU A 116 1.15 3.32 7.16
CA LEU A 116 0.17 2.22 7.23
C LEU A 116 -1.02 2.63 8.14
N ARG A 117 -1.18 3.94 8.43
CA ARG A 117 -2.09 4.43 9.52
C ARG A 117 -3.58 4.12 9.27
N PHE A 118 -3.92 3.71 8.05
CA PHE A 118 -5.29 3.27 7.70
C PHE A 118 -5.66 1.93 8.39
N VAL A 119 -4.64 1.09 8.64
CA VAL A 119 -4.81 -0.16 9.40
C VAL A 119 -5.29 0.20 10.80
N ARG A 120 -6.48 -0.29 11.12
CA ARG A 120 -7.16 0.01 12.37
C ARG A 120 -7.84 -1.27 12.88
N GLY A 121 -7.99 -1.35 14.20
CA GLY A 121 -8.35 -2.58 14.87
C GLY A 121 -8.01 -2.52 16.33
N LEU A 122 -7.36 -3.58 16.83
CA LEU A 122 -7.01 -3.74 18.23
C LEU A 122 -5.97 -4.84 18.39
N ILE A 123 -5.10 -4.71 19.40
CA ILE A 123 -4.10 -5.72 19.79
C ILE A 123 -4.13 -5.89 21.31
N ASP A 124 -3.75 -7.09 21.77
CA ASP A 124 -3.70 -7.44 23.18
C ASP A 124 -2.38 -8.14 23.49
N SER A 125 -1.51 -7.49 24.26
CA SER A 125 -0.20 -8.03 24.64
C SER A 125 -0.13 -8.20 26.16
N SER A 126 0.43 -9.35 26.59
CA SER A 126 0.70 -9.63 28.02
C SER A 126 2.03 -8.99 28.48
N ASP A 127 2.79 -8.41 27.52
CA ASP A 127 4.18 -7.94 27.72
C ASP A 127 4.25 -6.50 28.20
N LEU A 128 3.38 -5.65 27.64
CA LEU A 128 3.32 -4.22 28.00
C LEU A 128 2.81 -4.08 29.46
N PRO A 129 3.33 -3.06 30.24
CA PRO A 129 2.82 -2.78 31.62
C PRO A 129 1.30 -2.48 31.62
N LEU A 130 0.61 -2.80 32.73
CA LEU A 130 -0.84 -2.55 32.84
C LEU A 130 -1.13 -1.03 32.89
N ASN A 131 -0.15 -0.26 33.40
CA ASN A 131 -0.23 1.21 33.55
C ASN A 131 0.36 1.96 32.33
N VAL A 132 0.57 1.24 31.21
CA VAL A 132 1.23 1.80 30.02
C VAL A 132 0.37 2.89 29.34
N SER A 133 1.02 3.98 28.90
CA SER A 133 0.35 5.13 28.26
C SER A 133 1.03 5.41 26.92
N ARG A 134 0.40 6.27 26.08
CA ARG A 134 0.97 6.71 24.76
C ARG A 134 2.38 7.31 24.90
N GLU A 135 2.64 7.89 26.07
CA GLU A 135 3.96 8.40 26.46
C GLU A 135 5.01 7.27 26.40
N ILE A 136 4.65 6.14 27.03
CA ILE A 136 5.50 4.93 27.08
C ILE A 136 5.47 4.16 25.75
N LEU A 137 4.34 4.27 25.00
CA LEU A 137 4.16 3.54 23.73
C LEU A 137 5.12 4.06 22.64
N GLN A 138 5.26 5.38 22.58
CA GLN A 138 6.14 6.04 21.62
C GLN A 138 7.62 5.88 22.03
N ASP A 139 7.87 5.88 23.35
CA ASP A 139 9.23 5.88 23.91
C ASP A 139 9.88 4.48 23.94
N SER A 140 9.12 3.47 24.35
CA SER A 140 9.66 2.14 24.70
C SER A 140 9.94 1.28 23.44
N THR A 141 11.05 0.52 23.46
CA THR A 141 11.52 -0.26 22.31
C THR A 141 10.66 -1.53 22.11
N VAL A 142 10.05 -2.04 23.20
CA VAL A 142 9.21 -3.26 23.16
C VAL A 142 7.91 -3.01 22.36
N THR A 143 7.40 -1.77 22.46
CA THR A 143 6.20 -1.31 21.76
C THR A 143 6.53 -0.98 20.28
N ARG A 144 7.76 -0.49 20.07
CA ARG A 144 8.30 -0.24 18.72
C ARG A 144 8.52 -1.56 17.95
N ASN A 145 8.91 -2.62 18.70
CA ASN A 145 9.06 -3.99 18.17
C ASN A 145 7.66 -4.56 17.85
N LEU A 146 6.70 -4.26 18.75
CA LEU A 146 5.28 -4.66 18.61
C LEU A 146 4.70 -4.07 17.31
N ARG A 147 5.10 -2.82 17.03
CA ARG A 147 4.68 -2.04 15.86
C ARG A 147 5.28 -2.62 14.55
N ASN A 148 6.60 -2.94 14.59
CA ASN A 148 7.34 -3.52 13.43
C ASN A 148 6.81 -4.93 13.11
N ALA A 149 6.40 -5.64 14.17
CA ALA A 149 5.80 -6.97 14.07
C ALA A 149 4.47 -6.92 13.32
N LEU A 150 3.63 -5.94 13.70
CA LEU A 150 2.32 -5.68 13.07
C LEU A 150 2.45 -5.30 11.60
N THR A 151 3.47 -4.46 11.30
CA THR A 151 3.79 -3.98 9.93
C THR A 151 4.04 -5.17 8.96
N LYS A 152 4.61 -6.24 9.50
CA LYS A 152 4.89 -7.47 8.76
C LYS A 152 3.59 -8.21 8.37
N ARG A 153 2.60 -8.21 9.30
CA ARG A 153 1.25 -8.80 9.05
C ARG A 153 0.46 -7.89 8.09
N VAL A 154 0.75 -6.57 8.13
CA VAL A 154 0.13 -5.57 7.23
C VAL A 154 0.60 -5.81 5.79
N LEU A 155 1.91 -6.06 5.60
CA LEU A 155 2.54 -6.43 4.30
C LEU A 155 1.69 -7.52 3.63
N GLN A 156 1.48 -8.59 4.40
CA GLN A 156 0.80 -9.80 3.97
C GLN A 156 -0.71 -9.54 3.76
N MET A 157 -1.30 -8.65 4.59
CA MET A 157 -2.74 -8.33 4.57
C MET A 157 -3.13 -7.48 3.34
N LEU A 158 -2.23 -6.57 2.92
CA LEU A 158 -2.49 -5.65 1.78
C LEU A 158 -2.39 -6.42 0.46
N GLU A 159 -1.36 -7.29 0.35
CA GLU A 159 -1.21 -8.17 -0.82
C GLU A 159 -2.30 -9.26 -0.80
N LYS A 160 -2.74 -9.64 0.42
CA LYS A 160 -3.86 -10.59 0.60
C LYS A 160 -5.14 -9.97 0.04
N LEU A 161 -5.33 -8.66 0.28
CA LEU A 161 -6.51 -7.87 -0.12
C LEU A 161 -6.63 -7.77 -1.66
N ALA A 162 -5.48 -7.71 -2.35
CA ALA A 162 -5.40 -7.76 -3.82
C ALA A 162 -6.04 -9.07 -4.35
N LYS A 163 -5.64 -10.17 -3.71
CA LYS A 163 -6.05 -11.54 -4.06
C LYS A 163 -7.38 -11.93 -3.38
N ASP A 164 -7.77 -11.15 -2.35
CA ASP A 164 -9.01 -11.35 -1.56
C ASP A 164 -10.19 -11.00 -2.45
N ASP A 165 -10.11 -9.80 -3.03
CA ASP A 165 -11.08 -9.28 -4.00
C ASP A 165 -10.48 -8.04 -4.67
N ALA A 166 -10.16 -8.17 -5.97
CA ALA A 166 -9.52 -7.11 -6.79
C ALA A 166 -10.29 -5.76 -6.76
N GLU A 167 -11.63 -5.81 -6.62
CA GLU A 167 -12.48 -4.59 -6.52
C GLU A 167 -12.29 -3.91 -5.14
N LYS A 168 -12.18 -4.73 -4.07
CA LYS A 168 -11.90 -4.22 -2.70
C LYS A 168 -10.56 -3.48 -2.67
N TYR A 169 -9.56 -4.04 -3.38
CA TYR A 169 -8.21 -3.47 -3.44
C TYR A 169 -8.15 -2.21 -4.33
N GLN A 170 -9.01 -2.17 -5.35
CA GLN A 170 -9.16 -0.97 -6.20
C GLN A 170 -9.73 0.18 -5.37
N THR A 171 -10.73 -0.14 -4.54
CA THR A 171 -11.33 0.80 -3.57
C THR A 171 -10.29 1.20 -2.51
N PHE A 172 -9.48 0.21 -2.09
CA PHE A 172 -8.43 0.38 -1.08
C PHE A 172 -7.41 1.44 -1.52
N TRP A 173 -6.84 1.31 -2.72
CA TRP A 173 -5.81 2.25 -3.20
C TRP A 173 -6.45 3.63 -3.49
N GLN A 174 -7.71 3.62 -3.94
CA GLN A 174 -8.46 4.84 -4.29
C GLN A 174 -8.78 5.69 -3.04
N GLN A 175 -8.75 5.05 -1.85
CA GLN A 175 -9.03 5.69 -0.55
C GLN A 175 -7.74 5.88 0.30
N PHE A 176 -6.84 4.87 0.29
CA PHE A 176 -5.74 4.71 1.27
C PHE A 176 -4.35 4.66 0.60
N GLY A 177 -4.33 4.64 -0.74
CA GLY A 177 -3.10 4.46 -1.51
C GLY A 177 -2.14 5.64 -1.47
N LEU A 178 -2.70 6.83 -1.21
CA LEU A 178 -1.96 8.09 -1.07
C LEU A 178 -1.01 8.02 0.16
N VAL A 179 -1.42 7.19 1.14
CA VAL A 179 -0.69 6.96 2.40
C VAL A 179 0.48 5.97 2.16
N LEU A 180 0.26 4.99 1.26
CA LEU A 180 1.31 4.03 0.82
C LEU A 180 2.33 4.70 -0.13
N LYS A 181 1.99 5.91 -0.62
CA LYS A 181 2.92 6.72 -1.44
C LYS A 181 4.00 7.41 -0.57
N GLU A 182 3.81 7.38 0.76
CA GLU A 182 4.84 7.72 1.75
C GLU A 182 5.93 6.61 1.79
N GLY A 183 5.54 5.39 1.34
CA GLY A 183 6.38 4.20 1.44
C GLY A 183 7.72 4.28 0.70
N PRO A 184 7.77 4.22 -0.67
CA PRO A 184 9.06 4.12 -1.44
C PRO A 184 9.94 5.38 -1.30
N ALA A 185 9.33 6.45 -0.78
CA ALA A 185 9.98 7.72 -0.52
C ALA A 185 10.65 7.75 0.86
N GLU A 186 10.08 6.96 1.80
CA GLU A 186 10.61 6.79 3.16
C GLU A 186 11.84 5.86 3.11
N ASP A 187 11.64 4.58 2.78
CA ASP A 187 12.72 3.60 2.64
C ASP A 187 12.72 3.04 1.21
N PHE A 188 13.66 3.53 0.40
CA PHE A 188 13.88 3.09 -0.99
C PHE A 188 14.58 1.71 -1.05
N ALA A 189 15.14 1.26 0.09
CA ALA A 189 15.85 -0.06 0.17
C ALA A 189 14.87 -1.25 -0.06
N ASN A 190 13.68 -1.18 0.58
CA ASN A 190 12.62 -2.21 0.45
C ASN A 190 11.59 -1.80 -0.62
N GLN A 191 11.99 -0.90 -1.56
CA GLN A 191 11.09 -0.27 -2.56
C GLN A 191 10.23 -1.28 -3.33
N GLU A 192 10.79 -2.48 -3.64
CA GLU A 192 10.11 -3.50 -4.47
C GLU A 192 8.91 -4.13 -3.75
N ALA A 193 9.03 -4.28 -2.41
CA ALA A 193 7.98 -4.88 -1.56
C ALA A 193 6.75 -3.94 -1.47
N ILE A 194 7.00 -2.62 -1.47
CA ILE A 194 5.93 -1.60 -1.55
C ILE A 194 5.49 -1.41 -3.04
N ALA A 195 6.44 -1.61 -3.97
CA ALA A 195 6.21 -1.47 -5.45
C ALA A 195 5.20 -2.52 -5.96
N LYS A 196 5.18 -3.64 -5.25
CA LYS A 196 4.21 -4.72 -5.45
C LYS A 196 2.76 -4.22 -5.20
N LEU A 197 2.63 -3.30 -4.23
CA LEU A 197 1.35 -2.72 -3.80
C LEU A 197 1.01 -1.42 -4.57
N LEU A 198 2.03 -0.79 -5.22
CA LEU A 198 1.86 0.53 -5.87
C LEU A 198 0.94 0.47 -7.10
N ARG A 199 -0.08 1.34 -7.09
CA ARG A 199 -0.96 1.58 -8.25
C ARG A 199 -0.89 3.07 -8.65
N PHE A 200 -0.89 3.31 -9.96
CA PHE A 200 -0.90 4.68 -10.56
C PHE A 200 -2.08 4.73 -11.55
N ALA A 201 -2.26 5.85 -12.24
CA ALA A 201 -3.20 5.95 -13.36
C ALA A 201 -2.41 5.94 -14.68
N SER A 202 -3.09 5.74 -15.81
CA SER A 202 -2.44 5.66 -17.12
C SER A 202 -3.41 5.94 -18.29
N THR A 203 -2.88 5.87 -19.53
CA THR A 203 -3.65 6.00 -20.78
C THR A 203 -4.46 4.71 -21.10
N HIS A 204 -4.23 3.66 -20.27
CA HIS A 204 -4.97 2.39 -20.33
C HIS A 204 -6.47 2.63 -20.13
N THR A 205 -6.79 3.43 -19.10
CA THR A 205 -8.16 3.72 -18.66
C THR A 205 -8.36 5.25 -18.59
N ASP A 206 -9.54 5.73 -19.02
CA ASP A 206 -9.88 7.18 -19.04
C ASP A 206 -10.35 7.68 -17.66
N SER A 207 -10.17 6.86 -16.61
CA SER A 207 -10.57 7.19 -15.23
C SER A 207 -9.33 7.58 -14.42
N SER A 208 -9.56 8.42 -13.38
CA SER A 208 -8.51 8.80 -12.41
C SER A 208 -8.25 7.65 -11.41
N ALA A 209 -9.15 6.64 -11.40
CA ALA A 209 -9.02 5.41 -10.59
C ALA A 209 -7.68 4.73 -10.90
N GLN A 210 -6.83 4.64 -9.88
CA GLN A 210 -5.46 4.13 -10.03
C GLN A 210 -5.50 2.59 -10.15
N THR A 211 -5.62 2.12 -11.39
CA THR A 211 -5.86 0.71 -11.71
C THR A 211 -4.54 -0.02 -12.01
N VAL A 212 -3.65 0.66 -12.76
CA VAL A 212 -2.38 0.07 -13.25
C VAL A 212 -1.37 -0.12 -12.09
N SER A 213 -0.59 -1.21 -12.14
CA SER A 213 0.52 -1.47 -11.20
C SER A 213 1.85 -1.48 -11.98
N LEU A 214 2.97 -1.55 -11.25
CA LEU A 214 4.32 -1.51 -11.83
C LEU A 214 4.66 -2.83 -12.53
N GLU A 215 4.43 -3.98 -11.87
CA GLU A 215 4.68 -5.31 -12.48
C GLU A 215 3.58 -5.66 -13.52
N ASP A 216 2.39 -5.06 -13.34
CA ASP A 216 1.27 -5.08 -14.32
C ASP A 216 1.63 -4.28 -15.58
N TYR A 217 2.46 -3.25 -15.42
CA TYR A 217 3.03 -2.49 -16.55
C TYR A 217 4.05 -3.36 -17.30
N VAL A 218 4.96 -4.01 -16.52
CA VAL A 218 6.08 -4.81 -17.07
C VAL A 218 5.58 -6.12 -17.75
N SER A 219 4.47 -6.69 -17.24
CA SER A 219 3.81 -7.87 -17.84
C SER A 219 3.13 -7.49 -19.18
N ARG A 220 2.66 -6.22 -19.24
CA ARG A 220 1.91 -5.68 -20.40
C ARG A 220 2.85 -4.81 -21.30
N MET A 221 4.12 -4.71 -20.87
CA MET A 221 5.20 -4.02 -21.61
C MET A 221 5.55 -4.82 -22.87
N LYS A 222 5.61 -4.14 -24.03
CA LYS A 222 5.90 -4.79 -25.32
C LYS A 222 7.41 -4.77 -25.64
N GLU A 223 7.79 -5.46 -26.72
CA GLU A 223 9.18 -5.53 -27.20
C GLU A 223 9.61 -4.16 -27.81
N GLY A 224 10.84 -3.73 -27.48
CA GLY A 224 11.36 -2.41 -27.87
C GLY A 224 11.20 -1.39 -26.75
N GLN A 225 10.30 -1.70 -25.81
CA GLN A 225 9.99 -0.89 -24.65
C GLN A 225 10.75 -1.48 -23.44
N GLU A 226 11.94 -0.91 -23.14
CA GLU A 226 12.75 -1.30 -21.96
C GLU A 226 12.47 -0.33 -20.81
N LYS A 227 12.08 0.91 -21.16
CA LYS A 227 11.89 2.00 -20.20
C LYS A 227 10.39 2.16 -19.90
N ILE A 228 10.09 2.49 -18.65
CA ILE A 228 8.73 2.76 -18.19
C ILE A 228 8.40 4.25 -18.47
N TYR A 229 7.51 4.46 -19.45
CA TYR A 229 7.16 5.79 -19.96
C TYR A 229 5.99 6.35 -19.15
N TYR A 230 6.21 7.53 -18.55
CA TYR A 230 5.26 8.16 -17.61
C TYR A 230 5.57 9.65 -17.43
N ILE A 231 4.52 10.45 -17.20
CA ILE A 231 4.64 11.89 -16.88
C ILE A 231 3.68 12.19 -15.72
N THR A 232 4.19 12.90 -14.69
CA THR A 232 3.39 13.41 -13.57
C THR A 232 2.66 14.71 -13.99
N ALA A 233 1.53 14.95 -13.32
CA ALA A 233 0.70 16.15 -13.53
C ALA A 233 0.19 16.67 -12.18
N ASP A 234 -0.17 17.94 -12.15
CA ASP A 234 -0.81 18.57 -10.98
C ASP A 234 -2.29 18.13 -10.91
N SER A 235 -2.88 17.86 -12.09
CA SER A 235 -4.29 17.44 -12.24
C SER A 235 -4.43 16.35 -13.32
N TYR A 236 -5.37 15.40 -13.11
CA TYR A 236 -5.73 14.36 -14.11
C TYR A 236 -6.66 14.98 -15.17
N ALA A 237 -7.39 16.05 -14.79
CA ALA A 237 -8.18 16.86 -15.73
C ALA A 237 -7.25 17.48 -16.79
N ALA A 238 -6.09 17.97 -16.33
CA ALA A 238 -5.03 18.53 -17.20
C ALA A 238 -4.31 17.42 -17.99
N ALA A 239 -4.07 16.27 -17.30
CA ALA A 239 -3.32 15.12 -17.87
C ALA A 239 -4.07 14.49 -19.06
N LYS A 240 -5.36 14.19 -18.83
CA LYS A 240 -6.22 13.42 -19.75
C LYS A 240 -6.66 14.26 -20.97
N SER A 241 -6.93 15.57 -20.73
CA SER A 241 -7.42 16.49 -21.80
C SER A 241 -6.42 16.67 -22.96
N SER A 242 -5.17 16.17 -22.77
CA SER A 242 -4.16 16.12 -23.83
C SER A 242 -4.59 15.10 -24.92
N PRO A 243 -4.83 15.56 -26.20
CA PRO A 243 -5.17 14.64 -27.33
C PRO A 243 -3.93 13.83 -27.81
N HIS A 244 -2.77 14.14 -27.22
CA HIS A 244 -1.49 13.51 -27.55
C HIS A 244 -1.44 12.05 -27.05
N LEU A 245 -2.12 11.79 -25.92
CA LEU A 245 -2.17 10.47 -25.25
C LEU A 245 -2.68 9.36 -26.20
N GLU A 246 -3.56 9.77 -27.12
CA GLU A 246 -4.27 8.87 -28.05
C GLU A 246 -3.31 8.27 -29.09
N LEU A 247 -2.24 9.05 -29.40
CA LEU A 247 -1.21 8.66 -30.40
C LEU A 247 -0.43 7.42 -29.91
N LEU A 248 -0.23 7.31 -28.59
CA LEU A 248 0.43 6.14 -27.99
C LEU A 248 -0.58 5.08 -27.57
N ARG A 249 -1.81 5.52 -27.22
CA ARG A 249 -2.88 4.63 -26.75
C ARG A 249 -3.25 3.58 -27.82
N LYS A 250 -3.57 4.07 -29.05
CA LYS A 250 -3.98 3.20 -30.18
C LYS A 250 -2.77 2.39 -30.70
N LYS A 251 -1.57 2.94 -30.46
CA LYS A 251 -0.27 2.34 -30.85
C LYS A 251 0.04 1.11 -29.94
N GLY A 252 -0.57 1.11 -28.74
CA GLY A 252 -0.41 0.04 -27.76
C GLY A 252 0.69 0.32 -26.74
N ILE A 253 1.16 1.58 -26.68
CA ILE A 253 2.09 2.06 -25.65
C ILE A 253 1.25 2.73 -24.56
N GLU A 254 1.66 2.57 -23.30
CA GLU A 254 0.93 3.08 -22.15
C GLU A 254 1.79 4.10 -21.40
N VAL A 255 1.24 5.30 -21.20
CA VAL A 255 1.87 6.36 -20.42
C VAL A 255 1.15 6.48 -19.08
N LEU A 256 1.88 6.23 -17.98
CA LEU A 256 1.33 6.41 -16.63
C LEU A 256 1.14 7.92 -16.35
N LEU A 257 -0.08 8.32 -15.97
CA LEU A 257 -0.44 9.70 -15.62
C LEU A 257 -0.49 9.84 -14.09
N LEU A 258 0.61 10.36 -13.52
CA LEU A 258 0.78 10.47 -12.05
C LEU A 258 0.26 11.84 -11.57
N SER A 259 -1.05 11.94 -11.36
CA SER A 259 -1.72 13.22 -11.09
C SER A 259 -1.85 13.51 -9.57
N ASP A 260 -1.19 12.67 -8.74
CA ASP A 260 -1.26 12.75 -7.28
C ASP A 260 -0.16 13.70 -6.74
N ARG A 261 -0.37 14.23 -5.53
CA ARG A 261 0.48 15.26 -4.92
C ARG A 261 1.80 14.68 -4.40
N ILE A 262 1.68 13.61 -3.60
CA ILE A 262 2.82 12.99 -2.90
C ILE A 262 3.48 11.90 -3.79
N ASP A 263 2.82 11.62 -4.93
CA ASP A 263 3.34 10.74 -5.99
C ASP A 263 4.73 11.22 -6.45
N GLU A 264 4.89 12.55 -6.45
CA GLU A 264 6.15 13.23 -6.78
C GLU A 264 7.28 12.81 -5.81
N TRP A 265 6.99 12.84 -4.51
CA TRP A 265 7.96 12.50 -3.46
C TRP A 265 8.40 11.02 -3.55
N MET A 266 7.47 10.13 -4.01
CA MET A 266 7.77 8.68 -4.23
C MET A 266 8.85 8.48 -5.31
N MET A 267 8.53 8.93 -6.52
CA MET A 267 9.31 8.63 -7.74
C MET A 267 10.59 9.47 -7.80
N ASN A 268 10.71 10.42 -6.87
CA ASN A 268 11.94 11.16 -6.58
C ASN A 268 13.07 10.20 -6.12
N TYR A 269 12.67 9.14 -5.38
CA TYR A 269 13.59 8.07 -4.90
C TYR A 269 13.54 6.83 -5.82
N LEU A 270 12.31 6.48 -6.26
CA LEU A 270 12.06 5.29 -7.12
C LEU A 270 12.41 5.66 -8.59
N THR A 271 13.71 5.54 -8.94
CA THR A 271 14.25 5.90 -10.27
C THR A 271 14.27 4.70 -11.25
N GLU A 272 14.24 3.47 -10.71
CA GLU A 272 14.31 2.23 -11.50
C GLU A 272 13.50 1.11 -10.80
N PHE A 273 12.81 0.28 -11.60
CA PHE A 273 12.06 -0.88 -11.11
C PHE A 273 12.57 -2.14 -11.83
N ASP A 274 13.31 -2.98 -11.07
CA ASP A 274 13.78 -4.32 -11.50
C ASP A 274 14.59 -4.29 -12.82
N GLY A 275 15.48 -3.29 -12.94
CA GLY A 275 16.35 -3.15 -14.12
C GLY A 275 15.73 -2.33 -15.25
N LYS A 276 14.39 -2.12 -15.19
CA LYS A 276 13.66 -1.29 -16.18
C LYS A 276 13.72 0.18 -15.70
N PRO A 277 14.49 1.07 -16.39
CA PRO A 277 14.66 2.47 -15.97
C PRO A 277 13.41 3.30 -16.32
N PHE A 278 13.13 4.29 -15.49
CA PHE A 278 11.98 5.19 -15.64
C PHE A 278 12.37 6.41 -16.50
N GLN A 279 11.72 6.54 -17.69
CA GLN A 279 12.06 7.58 -18.70
C GLN A 279 10.88 8.56 -18.84
N SER A 280 11.08 9.79 -18.30
CA SER A 280 10.12 10.91 -18.41
C SER A 280 10.39 11.69 -19.71
N VAL A 281 9.32 12.24 -20.34
CA VAL A 281 9.41 12.88 -21.67
C VAL A 281 10.23 14.19 -21.66
N SER A 282 10.56 14.69 -20.44
CA SER A 282 11.37 15.89 -20.25
C SER A 282 12.88 15.57 -20.37
N LYS A 283 13.22 14.31 -20.69
CA LYS A 283 14.59 13.83 -20.79
C LYS A 283 14.89 13.25 -22.17
N VAL A 284 16.18 12.95 -22.40
CA VAL A 284 16.65 12.21 -23.59
C VAL A 284 16.91 10.75 -23.17
N ASP A 285 17.20 9.89 -24.14
CA ASP A 285 17.32 8.44 -23.89
C ASP A 285 18.80 8.05 -23.80
N GLU A 286 19.07 6.84 -23.30
CA GLU A 286 20.43 6.31 -23.13
C GLU A 286 21.00 5.93 -24.50
N SER A 287 20.15 5.35 -25.36
CA SER A 287 20.51 4.97 -26.74
C SER A 287 20.80 6.24 -27.59
N LEU A 288 20.08 7.34 -27.26
CA LEU A 288 20.29 8.65 -27.92
C LEU A 288 21.67 9.20 -27.53
N GLU A 289 22.10 8.91 -26.31
CA GLU A 289 23.41 9.33 -25.78
C GLU A 289 24.54 8.45 -26.34
N LYS A 290 24.25 7.14 -26.50
CA LYS A 290 25.22 6.13 -27.01
C LYS A 290 25.56 6.37 -28.49
N LEU A 291 24.69 7.16 -29.17
CA LEU A 291 24.93 7.65 -30.55
C LEU A 291 26.28 8.38 -30.62
N ALA A 292 26.53 9.24 -29.61
CA ALA A 292 27.79 10.02 -29.49
C ALA A 292 28.96 9.09 -29.06
N MET B 17 15.13 9.56 -36.79
CA MET B 17 14.92 8.27 -36.08
C MET B 17 16.23 7.84 -35.41
N ALA B 18 16.14 7.50 -34.12
CA ALA B 18 17.27 7.02 -33.30
C ALA B 18 16.70 6.32 -32.07
N THR B 19 15.68 6.95 -31.49
CA THR B 19 14.85 6.40 -30.41
C THR B 19 13.38 6.30 -30.87
N SER B 20 12.47 5.92 -29.96
CA SER B 20 11.03 5.89 -30.25
C SER B 20 10.44 7.31 -30.18
N THR B 21 9.40 7.57 -31.00
CA THR B 21 8.81 8.91 -31.15
C THR B 21 8.19 9.44 -29.84
N LEU B 22 7.21 8.67 -29.30
CA LEU B 22 6.37 9.10 -28.16
C LEU B 22 5.63 10.44 -28.45
N ILE B 23 5.00 10.98 -27.39
CA ILE B 23 4.41 12.33 -27.37
C ILE B 23 4.79 12.99 -26.02
N LYS B 24 4.89 14.32 -26.02
CA LYS B 24 5.08 15.10 -24.81
C LYS B 24 3.73 15.24 -24.09
N ALA B 25 3.36 14.20 -23.32
CA ALA B 25 2.19 14.22 -22.43
C ALA B 25 2.42 15.24 -21.33
N ILE B 26 1.46 16.17 -21.15
CA ILE B 26 1.55 17.31 -20.19
C ILE B 26 2.66 18.35 -20.62
N ASP B 27 3.49 17.97 -21.64
CA ASP B 27 4.72 18.66 -22.08
C ASP B 27 5.79 18.75 -20.97
N GLY B 28 7.05 18.40 -21.30
CA GLY B 28 8.17 18.43 -20.35
C GLY B 28 9.36 19.17 -20.91
N ASP B 29 10.05 19.98 -20.07
CA ASP B 29 11.26 20.72 -20.46
C ASP B 29 12.14 21.03 -19.22
N THR B 30 11.69 22.00 -18.40
CA THR B 30 12.45 22.48 -17.22
C THR B 30 12.13 21.65 -15.95
N VAL B 31 11.33 20.59 -16.13
CA VAL B 31 10.86 19.73 -15.04
C VAL B 31 11.68 18.43 -15.02
N LYS B 32 12.33 18.12 -13.89
CA LYS B 32 13.17 16.91 -13.74
C LYS B 32 12.29 15.74 -13.29
N LEU B 33 11.23 15.46 -14.10
CA LEU B 33 10.11 14.56 -13.76
C LEU B 33 9.32 15.14 -12.56
N MET B 34 9.82 14.91 -11.33
CA MET B 34 9.17 15.37 -10.09
C MET B 34 9.87 16.63 -9.58
N TYR B 35 9.12 17.49 -8.87
CA TYR B 35 9.63 18.79 -8.39
C TYR B 35 9.20 19.09 -6.94
N LYS B 36 8.30 18.25 -6.38
CA LYS B 36 7.76 18.48 -5.02
C LYS B 36 8.02 17.27 -4.09
N GLY B 37 8.66 17.55 -2.94
CA GLY B 37 8.86 16.57 -1.87
C GLY B 37 7.98 16.87 -0.66
N GLN B 38 7.69 15.84 0.16
CA GLN B 38 6.78 15.98 1.34
C GLN B 38 7.49 15.49 2.62
N PRO B 39 8.24 16.39 3.34
CA PRO B 39 8.89 16.05 4.62
C PRO B 39 7.88 16.11 5.80
N MET B 40 7.39 14.93 6.22
CA MET B 40 6.39 14.81 7.31
C MET B 40 6.50 13.45 8.02
N THR B 41 7.46 12.62 7.58
CA THR B 41 7.59 11.21 8.01
C THR B 41 8.78 11.03 8.99
N PHE B 42 9.08 9.77 9.34
CA PHE B 42 10.12 9.42 10.34
C PHE B 42 11.03 8.30 9.78
N ARG B 43 10.74 7.00 10.10
CA ARG B 43 11.33 5.81 9.44
C ARG B 43 10.73 4.52 10.03
N LEU B 44 10.36 3.56 9.14
CA LEU B 44 9.91 2.21 9.55
C LEU B 44 9.89 1.27 8.33
N LEU B 45 8.71 1.17 7.67
CA LEU B 45 8.42 0.21 6.57
C LEU B 45 8.67 -1.29 6.91
N LEU B 46 8.60 -2.11 5.85
CA LEU B 46 8.54 -3.57 5.92
C LEU B 46 9.91 -4.18 6.32
N VAL B 47 9.91 -5.51 6.60
CA VAL B 47 11.12 -6.25 7.03
C VAL B 47 12.18 -6.36 5.91
N ASP B 48 13.46 -6.48 6.32
CA ASP B 48 14.61 -6.66 5.39
C ASP B 48 14.94 -8.16 5.19
N THR B 49 14.12 -9.04 5.81
CA THR B 49 14.28 -10.51 5.76
C THR B 49 14.27 -11.09 4.31
N PRO B 50 13.31 -10.70 3.38
CA PRO B 50 13.36 -11.14 1.96
C PRO B 50 14.62 -10.62 1.23
N GLU B 51 15.37 -11.55 0.63
CA GLU B 51 16.56 -11.23 -0.18
C GLU B 51 16.44 -11.97 -1.54
N THR B 52 17.58 -12.08 -2.27
CA THR B 52 17.66 -12.61 -3.64
C THR B 52 16.93 -11.67 -4.63
N LYS B 53 17.69 -11.12 -5.59
CA LYS B 53 17.14 -10.23 -6.61
C LYS B 53 16.52 -11.08 -7.73
N HIS B 54 15.63 -10.47 -8.56
CA HIS B 54 15.04 -11.17 -9.73
C HIS B 54 16.15 -11.55 -10.72
N PRO B 55 17.15 -10.64 -11.04
CA PRO B 55 18.45 -11.07 -11.62
C PRO B 55 19.31 -11.81 -10.58
N LYS B 56 19.84 -13.00 -10.93
CA LYS B 56 20.79 -13.74 -10.07
C LYS B 56 22.20 -13.60 -10.67
N LYS B 57 23.05 -12.79 -10.00
CA LYS B 57 24.51 -12.79 -10.21
C LYS B 57 24.90 -12.58 -11.70
N GLY B 58 24.89 -11.30 -12.13
CA GLY B 58 25.10 -10.94 -13.53
C GLY B 58 26.57 -10.94 -13.95
N VAL B 59 27.22 -12.11 -13.87
CA VAL B 59 28.63 -12.26 -14.24
C VAL B 59 28.74 -12.47 -15.75
N GLU B 60 28.85 -11.32 -16.48
CA GLU B 60 29.15 -11.27 -17.94
C GLU B 60 28.10 -12.04 -18.79
N LYS B 61 28.32 -13.35 -18.92
CA LYS B 61 27.49 -14.27 -19.72
C LYS B 61 27.34 -15.62 -18.99
N TYR B 62 28.11 -15.77 -17.90
CA TYR B 62 28.06 -16.93 -16.99
C TYR B 62 26.80 -16.86 -16.12
N GLY B 63 26.39 -15.62 -15.81
CA GLY B 63 25.10 -15.32 -15.18
C GLY B 63 24.31 -14.34 -16.03
N PRO B 64 23.60 -14.82 -17.12
CA PRO B 64 22.86 -13.92 -18.04
C PRO B 64 21.62 -13.28 -17.38
N GLU B 65 21.65 -11.94 -17.20
CA GLU B 65 20.51 -11.17 -16.66
C GLU B 65 19.40 -11.10 -17.73
N ALA B 66 18.67 -12.22 -17.85
CA ALA B 66 17.62 -12.45 -18.84
C ALA B 66 16.87 -13.72 -18.41
N SER B 67 17.68 -14.76 -18.10
CA SER B 67 17.27 -16.00 -17.41
C SER B 67 18.52 -16.93 -17.38
N ALA B 68 18.76 -17.61 -18.52
CA ALA B 68 19.90 -18.51 -18.78
C ALA B 68 19.57 -19.31 -20.06
N PHE B 69 20.59 -19.99 -20.62
CA PHE B 69 20.42 -20.83 -21.82
C PHE B 69 19.68 -22.12 -21.44
N THR B 70 19.97 -22.62 -20.23
CA THR B 70 19.30 -23.78 -19.63
C THR B 70 17.82 -23.46 -19.31
N LYS B 71 17.58 -22.22 -18.82
CA LYS B 71 16.23 -21.77 -18.42
C LYS B 71 15.33 -21.56 -19.65
N LYS B 72 15.51 -20.40 -20.32
CA LYS B 72 14.60 -19.90 -21.38
C LYS B 72 13.19 -19.65 -20.78
N MET B 73 12.18 -19.42 -21.67
CA MET B 73 10.77 -19.09 -21.27
C MET B 73 10.71 -17.71 -20.53
N VAL B 74 11.86 -16.99 -20.57
CA VAL B 74 12.13 -15.75 -19.84
C VAL B 74 11.83 -15.89 -18.33
N GLU B 75 10.53 -15.69 -17.94
CA GLU B 75 10.07 -15.60 -16.54
C GLU B 75 10.66 -14.35 -15.84
N ASN B 76 11.97 -14.43 -15.53
CA ASN B 76 12.76 -13.34 -14.95
C ASN B 76 14.25 -13.66 -15.17
N ALA B 77 15.14 -12.79 -14.67
CA ALA B 77 16.59 -12.91 -14.90
C ALA B 77 17.26 -13.88 -13.88
N ALA A 28 -20.27 -14.05 26.00
CA ALA A 28 -19.83 -12.73 26.50
C ALA A 28 -18.34 -12.77 26.90
N GLN A 29 -17.46 -12.65 25.90
CA GLN A 29 -16.00 -12.69 26.09
C GLN A 29 -15.32 -11.79 25.02
N ALA A 30 -14.12 -11.30 25.36
CA ALA A 30 -13.31 -10.43 24.50
C ALA A 30 -13.05 -11.06 23.12
N LEU A 31 -13.69 -10.52 22.06
CA LEU A 31 -13.68 -11.09 20.70
C LEU A 31 -12.26 -11.26 20.16
N TRP A 32 -11.41 -10.25 20.41
CA TRP A 32 -10.03 -10.25 19.94
C TRP A 32 -9.24 -11.44 20.52
N THR A 33 -9.46 -11.76 21.82
CA THR A 33 -8.69 -12.82 22.50
C THR A 33 -9.25 -14.23 22.15
N ARG A 34 -10.55 -14.29 21.80
CA ARG A 34 -11.22 -15.55 21.39
C ARG A 34 -10.58 -16.11 20.11
N ASN A 35 -10.62 -17.45 19.97
CA ASN A 35 -10.12 -18.14 18.78
C ASN A 35 -11.06 -17.88 17.60
N LYS A 36 -10.48 -17.86 16.38
CA LYS A 36 -11.20 -17.60 15.11
C LYS A 36 -12.42 -18.53 14.91
N SER A 37 -12.28 -19.79 15.39
CA SER A 37 -13.33 -20.83 15.26
C SER A 37 -14.66 -20.42 15.92
N GLU A 38 -14.54 -19.69 17.02
CA GLU A 38 -15.68 -19.25 17.86
C GLU A 38 -16.43 -18.05 17.22
N ILE A 39 -15.75 -17.35 16.30
CA ILE A 39 -16.19 -16.04 15.79
C ILE A 39 -16.62 -16.16 14.32
N THR A 40 -17.89 -15.79 14.02
CA THR A 40 -18.40 -15.72 12.64
C THR A 40 -17.94 -14.42 11.95
N ASP A 41 -18.01 -14.42 10.61
CA ASP A 41 -17.64 -13.25 9.78
C ASP A 41 -18.51 -12.02 10.10
N GLU A 42 -19.73 -12.27 10.60
CA GLU A 42 -20.67 -11.22 11.07
C GLU A 42 -20.08 -10.45 12.26
N GLU A 43 -19.61 -11.23 13.25
CA GLU A 43 -18.99 -10.72 14.49
C GLU A 43 -17.81 -9.79 14.18
N TYR A 44 -17.01 -10.13 13.15
CA TYR A 44 -15.86 -9.31 12.72
C TYR A 44 -16.31 -7.92 12.22
N LYS A 45 -17.36 -7.90 11.38
CA LYS A 45 -17.85 -6.64 10.77
C LYS A 45 -18.43 -5.70 11.83
N GLU A 46 -19.19 -6.29 12.76
CA GLU A 46 -19.83 -5.55 13.87
C GLU A 46 -18.77 -5.05 14.86
N PHE A 47 -17.79 -5.91 15.16
CA PHE A 47 -16.69 -5.57 16.10
C PHE A 47 -15.88 -4.41 15.55
N TYR A 48 -15.64 -4.44 14.22
CA TYR A 48 -15.02 -3.34 13.47
C TYR A 48 -15.79 -2.03 13.71
N LYS A 49 -17.12 -2.08 13.55
CA LYS A 49 -18.00 -0.90 13.70
C LYS A 49 -17.90 -0.27 15.10
N HIS A 50 -17.52 -1.10 16.07
CA HIS A 50 -17.40 -0.70 17.47
C HIS A 50 -16.01 -0.06 17.75
N ILE A 51 -14.93 -0.84 17.52
CA ILE A 51 -13.55 -0.46 17.89
C ILE A 51 -12.94 0.60 16.96
N ALA A 52 -13.45 0.71 15.72
CA ALA A 52 -12.88 1.62 14.70
C ALA A 52 -13.49 3.02 14.75
N HIS A 53 -14.63 3.15 15.47
CA HIS A 53 -15.43 4.40 15.54
C HIS A 53 -15.88 4.84 14.14
N ASP A 54 -16.23 3.82 13.34
CA ASP A 54 -16.66 3.93 11.94
C ASP A 54 -17.68 2.81 11.70
N PHE A 55 -18.65 3.01 10.79
CA PHE A 55 -19.81 2.09 10.63
C PHE A 55 -19.99 1.64 9.18
N ASN A 56 -18.91 1.72 8.39
CA ASN A 56 -18.84 1.09 7.05
C ASN A 56 -18.55 -0.41 7.21
N ASP A 57 -18.62 -1.14 6.10
CA ASP A 57 -18.22 -2.56 6.04
C ASP A 57 -16.68 -2.65 5.91
N PRO A 58 -16.03 -3.69 6.52
CA PRO A 58 -14.62 -3.99 6.22
C PRO A 58 -14.51 -4.75 4.87
N LEU A 59 -13.50 -4.41 4.05
CA LEU A 59 -13.18 -5.14 2.81
C LEU A 59 -12.64 -6.54 3.16
N THR A 60 -11.72 -6.57 4.12
CA THR A 60 -11.14 -7.81 4.67
C THR A 60 -10.64 -7.54 6.10
N TRP A 61 -10.12 -8.58 6.77
CA TRP A 61 -9.57 -8.49 8.13
C TRP A 61 -8.44 -9.52 8.32
N SER A 62 -7.70 -9.35 9.42
CA SER A 62 -6.62 -10.26 9.82
C SER A 62 -6.75 -10.51 11.32
N HIS A 63 -7.05 -11.76 11.72
CA HIS A 63 -7.16 -12.12 13.14
C HIS A 63 -6.03 -13.11 13.41
N ASN A 64 -4.93 -12.57 13.91
CA ASN A 64 -3.69 -13.33 14.09
C ASN A 64 -3.32 -13.31 15.57
N ARG A 65 -3.17 -14.49 16.16
CA ARG A 65 -2.71 -14.63 17.56
C ARG A 65 -1.31 -15.22 17.56
N VAL A 66 -0.43 -14.59 18.34
CA VAL A 66 1.00 -14.92 18.41
C VAL A 66 1.31 -15.39 19.84
N GLU A 67 2.12 -16.46 19.93
CA GLU A 67 2.45 -17.14 21.19
C GLU A 67 3.97 -17.21 21.38
N GLY A 68 4.39 -17.88 22.46
CA GLY A 68 5.82 -18.03 22.78
C GLY A 68 6.21 -17.13 23.95
N LYS A 69 7.23 -16.29 23.75
CA LYS A 69 7.60 -15.25 24.71
C LYS A 69 6.58 -14.11 24.56
N GLN A 70 6.60 -13.49 23.37
CA GLN A 70 5.67 -12.39 23.04
C GLN A 70 4.29 -12.95 22.68
N GLU A 71 3.47 -13.16 23.72
CA GLU A 71 2.09 -13.57 23.54
C GLU A 71 1.24 -12.31 23.42
N TYR A 72 0.72 -12.11 22.21
CA TYR A 72 -0.17 -11.00 21.91
C TYR A 72 -1.12 -11.41 20.80
N THR A 73 -2.35 -10.89 20.82
CA THR A 73 -3.31 -11.11 19.74
C THR A 73 -3.54 -9.79 18.98
N SER A 74 -3.23 -9.80 17.69
CA SER A 74 -3.43 -8.66 16.80
C SER A 74 -4.67 -8.92 15.92
N LEU A 75 -5.58 -7.93 15.86
CA LEU A 75 -6.82 -8.02 15.06
C LEU A 75 -6.97 -6.72 14.24
N LEU A 76 -6.61 -6.85 12.96
CA LEU A 76 -6.62 -5.74 11.99
C LEU A 76 -7.88 -5.82 11.10
N TYR A 77 -8.23 -4.69 10.48
CA TYR A 77 -9.35 -4.57 9.53
C TYR A 77 -8.95 -3.57 8.43
N ILE A 78 -9.36 -3.86 7.18
CA ILE A 78 -9.24 -2.94 6.05
C ILE A 78 -10.62 -2.26 5.84
N PRO A 79 -10.76 -0.92 6.08
CA PRO A 79 -12.01 -0.17 5.81
C PRO A 79 -12.36 -0.04 4.31
N SER A 80 -13.65 0.16 3.99
CA SER A 80 -14.12 0.43 2.61
C SER A 80 -14.14 1.93 2.28
N GLN A 81 -13.93 2.75 3.33
CA GLN A 81 -13.98 4.22 3.25
C GLN A 81 -12.89 4.79 4.17
N ALA A 82 -12.16 5.80 3.68
CA ALA A 82 -11.12 6.48 4.47
C ALA A 82 -11.74 7.34 5.56
N PRO A 83 -11.23 7.26 6.84
CA PRO A 83 -11.71 8.12 7.95
C PRO A 83 -11.45 9.61 7.68
N TRP A 84 -12.15 10.48 8.40
CA TRP A 84 -12.07 11.95 8.20
C TRP A 84 -10.62 12.45 8.40
N ASP A 85 -9.99 11.95 9.48
CA ASP A 85 -8.62 12.38 9.88
C ASP A 85 -7.52 11.56 9.18
N MET A 86 -7.86 10.90 8.06
CA MET A 86 -6.89 10.16 7.24
C MET A 86 -5.88 11.15 6.61
N TRP A 87 -6.35 12.40 6.37
CA TRP A 87 -5.58 13.46 5.67
C TRP A 87 -5.44 14.70 6.57
N ASN A 88 -5.77 14.53 7.86
CA ASN A 88 -5.77 15.63 8.85
C ASN A 88 -4.61 15.46 9.84
N ARG A 89 -4.20 16.56 10.49
CA ARG A 89 -3.09 16.57 11.45
C ARG A 89 -3.49 15.93 12.80
N ASP A 90 -4.80 15.73 13.02
CA ASP A 90 -5.32 15.05 14.22
C ASP A 90 -5.28 13.53 14.04
N HIS A 91 -5.10 12.80 15.16
CA HIS A 91 -5.01 11.33 15.14
C HIS A 91 -6.42 10.70 15.01
N LYS A 92 -6.46 9.64 14.22
CA LYS A 92 -7.60 8.69 14.13
C LYS A 92 -7.03 7.36 13.65
N HIS A 93 -6.03 7.48 12.76
CA HIS A 93 -5.15 6.38 12.36
C HIS A 93 -4.44 5.74 13.56
N GLY A 94 -4.28 4.41 13.50
CA GLY A 94 -3.66 3.63 14.59
C GLY A 94 -4.61 2.59 15.14
N LEU A 95 -4.12 1.82 16.13
CA LEU A 95 -4.87 0.70 16.74
C LEU A 95 -5.25 1.02 18.19
N LYS A 96 -6.22 0.28 18.73
CA LYS A 96 -6.56 0.35 20.16
C LYS A 96 -5.62 -0.57 20.95
N LEU A 97 -4.78 0.03 21.79
CA LEU A 97 -3.89 -0.71 22.68
C LEU A 97 -4.66 -1.32 23.87
N TYR A 98 -4.45 -2.62 24.05
CA TYR A 98 -4.90 -3.37 25.22
C TYR A 98 -3.68 -4.07 25.82
N VAL A 99 -3.56 -4.04 27.16
CA VAL A 99 -2.57 -4.82 27.88
C VAL A 99 -3.33 -5.77 28.83
N GLN A 100 -3.31 -7.07 28.49
CA GLN A 100 -4.04 -8.14 29.23
C GLN A 100 -5.56 -7.87 29.21
N ARG A 101 -6.03 -7.42 28.03
CA ARG A 101 -7.46 -7.16 27.70
C ARG A 101 -8.00 -5.88 28.37
N VAL A 102 -7.09 -5.10 28.97
CA VAL A 102 -7.42 -3.79 29.59
C VAL A 102 -7.16 -2.68 28.57
N PHE A 103 -8.19 -1.87 28.27
CA PHE A 103 -8.04 -0.71 27.38
C PHE A 103 -7.05 0.31 27.97
N ILE A 104 -6.04 0.69 27.18
CA ILE A 104 -5.03 1.67 27.58
C ILE A 104 -5.29 2.97 26.82
N MET A 105 -5.22 2.90 25.47
CA MET A 105 -5.32 4.08 24.58
C MET A 105 -5.66 3.65 23.15
N ASP A 106 -6.70 4.29 22.55
CA ASP A 106 -7.05 4.11 21.12
C ASP A 106 -6.15 4.99 20.25
N ASP A 107 -6.20 4.75 18.92
CA ASP A 107 -5.44 5.55 17.91
C ASP A 107 -3.92 5.53 18.19
N ALA A 108 -3.46 4.42 18.82
CA ALA A 108 -2.04 4.20 19.09
C ALA A 108 -1.32 3.85 17.77
N GLU A 109 -0.89 4.93 17.11
CA GLU A 109 -0.12 4.91 15.85
C GLU A 109 1.35 4.51 16.09
N GLN A 110 1.70 4.37 17.38
CA GLN A 110 3.02 3.92 17.84
C GLN A 110 3.21 2.41 17.64
N PHE A 111 2.15 1.71 17.19
CA PHE A 111 2.20 0.27 16.84
C PHE A 111 2.25 0.05 15.32
N MET A 112 1.90 1.07 14.54
CA MET A 112 1.76 0.94 13.08
C MET A 112 2.34 2.19 12.38
N PRO A 113 3.33 2.02 11.42
CA PRO A 113 3.98 3.15 10.72
C PRO A 113 2.98 4.04 9.92
N ASN A 114 3.46 5.20 9.47
CA ASN A 114 2.59 6.25 8.91
C ASN A 114 2.11 5.89 7.50
N TYR A 115 2.89 5.06 6.78
CA TYR A 115 2.50 4.55 5.45
C TYR A 115 1.53 3.34 5.60
N LEU A 116 1.43 2.76 6.83
CA LEU A 116 0.51 1.63 7.13
C LEU A 116 -0.67 2.10 8.02
N ARG A 117 -0.72 3.41 8.30
CA ARG A 117 -1.68 4.03 9.26
C ARG A 117 -3.16 3.82 8.87
N PHE A 118 -3.39 3.48 7.60
CA PHE A 118 -4.73 3.30 7.01
C PHE A 118 -5.53 2.14 7.67
N VAL A 119 -4.79 1.15 8.22
CA VAL A 119 -5.38 -0.01 8.88
C VAL A 119 -6.10 0.41 10.18
N ARG A 120 -7.28 -0.18 10.40
CA ARG A 120 -8.09 0.07 11.60
C ARG A 120 -8.23 -1.25 12.36
N GLY A 121 -8.06 -1.19 13.69
CA GLY A 121 -8.19 -2.37 14.52
C GLY A 121 -7.69 -2.16 15.94
N LEU A 122 -7.02 -3.19 16.48
CA LEU A 122 -6.53 -3.21 17.85
C LEU A 122 -5.42 -4.27 18.01
N ILE A 123 -4.68 -4.18 19.12
CA ILE A 123 -3.64 -5.14 19.49
C ILE A 123 -3.62 -5.25 21.03
N ASP A 124 -3.65 -6.51 21.52
CA ASP A 124 -3.58 -6.83 22.95
C ASP A 124 -2.30 -7.60 23.23
N SER A 125 -1.48 -7.12 24.18
CA SER A 125 -0.20 -7.75 24.56
C SER A 125 -0.13 -7.96 26.08
N SER A 126 0.60 -9.01 26.50
CA SER A 126 0.87 -9.28 27.93
C SER A 126 2.33 -8.92 28.28
N ASP A 127 3.07 -8.38 27.29
CA ASP A 127 4.52 -8.06 27.42
C ASP A 127 4.75 -6.61 27.86
N LEU A 128 3.96 -5.69 27.28
CA LEU A 128 4.06 -4.24 27.56
C LEU A 128 3.46 -3.92 28.95
N PRO A 129 3.95 -2.85 29.68
CA PRO A 129 3.37 -2.42 30.99
C PRO A 129 1.87 -2.04 30.90
N LEU A 130 1.14 -2.15 32.01
CA LEU A 130 -0.29 -1.78 32.07
C LEU A 130 -0.46 -0.24 32.06
N ASN A 131 0.54 0.47 32.61
CA ASN A 131 0.59 1.95 32.66
C ASN A 131 1.49 2.50 31.54
N VAL A 132 1.63 1.75 30.44
CA VAL A 132 2.51 2.12 29.32
C VAL A 132 2.00 3.40 28.61
N SER A 133 2.93 4.35 28.39
CA SER A 133 2.62 5.68 27.81
C SER A 133 3.15 5.77 26.38
N ARG A 134 2.69 6.80 25.64
CA ARG A 134 3.16 7.10 24.27
C ARG A 134 4.70 7.30 24.25
N GLU A 135 5.22 7.84 25.36
CA GLU A 135 6.66 8.09 25.55
C GLU A 135 7.47 6.77 25.43
N ILE A 136 6.91 5.69 26.00
CA ILE A 136 7.45 4.34 25.88
C ILE A 136 7.21 3.81 24.45
N LEU A 137 5.94 3.82 24.03
CA LEU A 137 5.47 3.17 22.78
C LEU A 137 6.25 3.65 21.53
N GLN A 138 6.49 4.96 21.46
CA GLN A 138 7.18 5.62 20.34
C GLN A 138 8.71 5.34 20.37
N ASP A 139 9.30 5.17 21.57
CA ASP A 139 10.77 5.02 21.74
C ASP A 139 11.20 3.54 21.86
N SER A 140 10.66 2.84 22.87
CA SER A 140 11.04 1.47 23.27
C SER A 140 11.04 0.46 22.10
N THR A 141 12.04 -0.45 22.12
CA THR A 141 12.22 -1.48 21.11
C THR A 141 11.16 -2.60 21.23
N VAL A 142 10.61 -2.80 22.46
CA VAL A 142 9.56 -3.81 22.71
C VAL A 142 8.31 -3.55 21.82
N THR A 143 7.93 -2.27 21.73
CA THR A 143 6.80 -1.82 20.90
C THR A 143 7.19 -1.79 19.41
N ARG A 144 8.51 -1.69 19.13
CA ARG A 144 9.04 -1.77 17.75
C ARG A 144 9.04 -3.22 17.22
N ASN A 145 9.05 -4.22 18.14
CA ASN A 145 8.80 -5.63 17.75
C ASN A 145 7.36 -5.78 17.27
N LEU A 146 6.43 -5.11 17.98
CA LEU A 146 5.01 -5.03 17.58
C LEU A 146 4.86 -4.25 16.25
N ARG A 147 5.72 -3.24 16.04
CA ARG A 147 5.70 -2.37 14.84
C ARG A 147 5.98 -3.20 13.57
N ASN A 148 7.14 -3.90 13.55
CA ASN A 148 7.59 -4.71 12.39
C ASN A 148 6.72 -5.98 12.24
N ALA A 149 6.16 -6.48 13.35
CA ALA A 149 5.25 -7.62 13.32
C ALA A 149 3.97 -7.28 12.54
N LEU A 150 3.32 -6.19 12.97
CA LEU A 150 2.08 -5.68 12.36
C LEU A 150 2.31 -5.28 10.89
N THR A 151 3.53 -4.78 10.58
CA THR A 151 3.95 -4.46 9.20
C THR A 151 3.80 -5.66 8.26
N LYS A 152 4.19 -6.85 8.75
CA LYS A 152 4.09 -8.11 8.00
C LYS A 152 2.64 -8.58 7.88
N ARG A 153 1.85 -8.41 8.95
CA ARG A 153 0.40 -8.75 8.96
C ARG A 153 -0.34 -7.91 7.91
N VAL A 154 0.09 -6.65 7.72
CA VAL A 154 -0.48 -5.74 6.71
C VAL A 154 -0.03 -6.16 5.30
N LEU A 155 1.28 -6.47 5.12
CA LEU A 155 1.88 -6.96 3.83
C LEU A 155 1.02 -8.12 3.27
N GLN A 156 0.83 -9.11 4.14
CA GLN A 156 0.14 -10.36 3.82
C GLN A 156 -1.36 -10.12 3.57
N MET A 157 -1.94 -9.10 4.22
CA MET A 157 -3.37 -8.74 4.09
C MET A 157 -3.65 -7.88 2.83
N LEU A 158 -2.63 -7.12 2.37
CA LEU A 158 -2.74 -6.22 1.20
C LEU A 158 -2.63 -7.02 -0.09
N GLU A 159 -1.55 -7.81 -0.20
CA GLU A 159 -1.32 -8.68 -1.36
C GLU A 159 -2.45 -9.74 -1.44
N LYS A 160 -2.92 -10.21 -0.26
CA LYS A 160 -4.10 -11.10 -0.17
C LYS A 160 -5.33 -10.42 -0.80
N LEU A 161 -5.59 -9.15 -0.42
CA LEU A 161 -6.77 -8.39 -0.90
C LEU A 161 -6.73 -8.19 -2.43
N ALA A 162 -5.51 -8.12 -2.99
CA ALA A 162 -5.30 -8.03 -4.45
C ALA A 162 -5.68 -9.36 -5.16
N LYS A 163 -5.45 -10.49 -4.45
CA LYS A 163 -5.83 -11.86 -4.92
C LYS A 163 -7.28 -12.20 -4.50
N ASP A 164 -7.80 -11.49 -3.49
CA ASP A 164 -9.09 -11.78 -2.85
C ASP A 164 -10.22 -11.25 -3.75
N ASP A 165 -10.31 -9.92 -3.85
CA ASP A 165 -11.27 -9.23 -4.72
C ASP A 165 -10.60 -7.95 -5.25
N ALA A 166 -10.27 -7.96 -6.54
CA ALA A 166 -9.71 -6.80 -7.25
C ALA A 166 -10.63 -5.54 -7.12
N GLU A 167 -11.95 -5.78 -6.96
CA GLU A 167 -12.96 -4.71 -6.78
C GLU A 167 -12.76 -4.01 -5.42
N LYS A 168 -12.65 -4.83 -4.36
CA LYS A 168 -12.46 -4.32 -2.99
C LYS A 168 -11.09 -3.66 -2.84
N TYR A 169 -10.07 -4.19 -3.55
CA TYR A 169 -8.71 -3.60 -3.55
C TYR A 169 -8.70 -2.28 -4.38
N GLN A 170 -9.57 -2.21 -5.40
CA GLN A 170 -9.70 -1.02 -6.26
C GLN A 170 -10.31 0.16 -5.47
N THR A 171 -11.33 -0.17 -4.65
CA THR A 171 -11.98 0.77 -3.72
C THR A 171 -10.99 1.21 -2.62
N PHE A 172 -10.23 0.21 -2.13
CA PHE A 172 -9.18 0.39 -1.12
C PHE A 172 -8.16 1.45 -1.56
N TRP A 173 -7.64 1.30 -2.78
CA TRP A 173 -6.55 2.16 -3.28
C TRP A 173 -7.05 3.60 -3.55
N GLN A 174 -8.34 3.75 -3.90
CA GLN A 174 -8.94 5.08 -4.17
C GLN A 174 -9.20 5.86 -2.85
N GLN A 175 -9.16 5.15 -1.70
CA GLN A 175 -9.34 5.76 -0.36
C GLN A 175 -8.00 5.88 0.40
N PHE A 176 -7.11 4.87 0.24
CA PHE A 176 -5.91 4.68 1.10
C PHE A 176 -4.61 4.62 0.29
N GLY A 177 -4.72 4.84 -1.03
CA GLY A 177 -3.59 4.66 -1.93
C GLY A 177 -2.43 5.63 -1.70
N LEU A 178 -2.79 6.86 -1.38
CA LEU A 178 -1.85 7.97 -1.16
C LEU A 178 -1.00 7.69 0.11
N VAL A 179 -1.58 6.94 1.06
CA VAL A 179 -0.91 6.52 2.32
C VAL A 179 0.30 5.58 2.01
N LEU A 180 0.09 4.60 1.10
CA LEU A 180 1.13 3.61 0.72
C LEU A 180 2.23 4.20 -0.19
N LYS A 181 1.99 5.41 -0.74
CA LYS A 181 2.98 6.14 -1.57
C LYS A 181 4.07 6.79 -0.69
N GLU A 182 3.74 6.95 0.60
CA GLU A 182 4.71 7.31 1.65
C GLU A 182 5.69 6.15 1.91
N GLY A 183 5.37 4.95 1.36
CA GLY A 183 6.20 3.77 1.45
C GLY A 183 7.60 3.98 0.91
N PRO A 184 7.81 4.08 -0.44
CA PRO A 184 9.19 4.21 -1.04
C PRO A 184 9.96 5.47 -0.57
N ALA A 185 9.25 6.40 0.12
CA ALA A 185 9.88 7.58 0.74
C ALA A 185 10.62 7.17 2.03
N GLU A 186 10.10 6.13 2.71
CA GLU A 186 10.72 5.59 3.94
C GLU A 186 12.00 4.80 3.59
N ASP A 187 11.85 3.64 2.94
CA ASP A 187 13.00 2.75 2.59
C ASP A 187 13.07 2.57 1.06
N PHE A 188 13.90 3.36 0.39
CA PHE A 188 14.07 3.33 -1.08
C PHE A 188 14.57 1.96 -1.61
N ALA A 189 15.23 1.16 -0.72
CA ALA A 189 15.80 -0.16 -1.11
C ALA A 189 14.71 -1.24 -1.23
N ASN A 190 13.71 -1.19 -0.34
CA ASN A 190 12.54 -2.10 -0.34
C ASN A 190 11.42 -1.56 -1.24
N GLN A 191 11.81 -0.72 -2.22
CA GLN A 191 10.91 -0.19 -3.28
C GLN A 191 10.06 -1.31 -3.92
N GLU A 192 10.68 -2.49 -4.13
CA GLU A 192 10.07 -3.69 -4.78
C GLU A 192 8.67 -4.03 -4.19
N ALA A 193 8.64 -4.33 -2.88
CA ALA A 193 7.45 -4.91 -2.21
C ALA A 193 6.28 -3.92 -2.17
N ILE A 194 6.59 -2.63 -2.02
CA ILE A 194 5.58 -1.56 -1.99
C ILE A 194 5.17 -1.19 -3.44
N ALA A 195 6.11 -1.29 -4.40
CA ALA A 195 5.89 -0.88 -5.82
C ALA A 195 4.91 -1.79 -6.54
N LYS A 196 4.90 -3.07 -6.13
CA LYS A 196 3.91 -4.05 -6.57
C LYS A 196 2.50 -3.62 -6.15
N LEU A 197 2.41 -3.12 -4.89
CA LEU A 197 1.16 -2.65 -4.29
C LEU A 197 0.76 -1.25 -4.84
N LEU A 198 1.74 -0.51 -5.42
CA LEU A 198 1.49 0.84 -6.01
C LEU A 198 0.67 0.71 -7.31
N ARG A 199 -0.46 1.44 -7.36
CA ARG A 199 -1.37 1.46 -8.51
C ARG A 199 -1.47 2.93 -8.99
N PHE A 200 -1.46 3.15 -10.31
CA PHE A 200 -1.54 4.49 -10.93
C PHE A 200 -2.66 4.48 -11.98
N ALA A 201 -2.78 5.55 -12.77
CA ALA A 201 -3.57 5.53 -14.02
C ALA A 201 -2.62 5.22 -15.21
N SER A 202 -3.19 4.97 -16.41
CA SER A 202 -2.39 4.63 -17.60
C SER A 202 -3.15 5.03 -18.88
N THR A 203 -2.48 4.90 -20.05
CA THR A 203 -3.10 5.15 -21.35
C THR A 203 -4.09 4.03 -21.72
N HIS A 204 -3.98 2.89 -21.04
CA HIS A 204 -4.91 1.76 -21.20
C HIS A 204 -6.30 2.09 -20.62
N THR A 205 -6.34 2.97 -19.61
CA THR A 205 -7.60 3.32 -18.92
C THR A 205 -7.77 4.85 -18.88
N ASP A 206 -8.89 5.34 -19.44
CA ASP A 206 -9.14 6.78 -19.61
C ASP A 206 -9.69 7.44 -18.33
N SER A 207 -9.97 6.63 -17.29
CA SER A 207 -10.53 7.15 -16.02
C SER A 207 -9.40 7.63 -15.08
N SER A 208 -9.75 8.58 -14.18
CA SER A 208 -8.82 9.11 -13.17
C SER A 208 -8.46 8.03 -12.12
N ALA A 209 -9.36 7.04 -11.96
CA ALA A 209 -9.21 5.93 -11.01
C ALA A 209 -7.90 5.15 -11.24
N GLN A 210 -7.11 5.07 -10.18
CA GLN A 210 -5.80 4.41 -10.19
C GLN A 210 -5.97 2.89 -10.21
N THR A 211 -5.98 2.32 -11.44
CA THR A 211 -6.31 0.90 -11.67
C THR A 211 -5.07 0.07 -12.05
N VAL A 212 -4.17 0.63 -12.88
CA VAL A 212 -3.01 -0.10 -13.42
C VAL A 212 -2.00 -0.40 -12.31
N SER A 213 -1.38 -1.57 -12.36
CA SER A 213 -0.31 -1.96 -11.45
C SER A 213 1.03 -1.79 -12.17
N LEU A 214 2.13 -1.65 -11.41
CA LEU A 214 3.48 -1.67 -11.98
C LEU A 214 3.79 -3.08 -12.54
N GLU A 215 3.21 -4.11 -11.91
CA GLU A 215 3.22 -5.51 -12.41
C GLU A 215 2.52 -5.58 -13.78
N ASP A 216 1.32 -4.98 -13.84
CA ASP A 216 0.46 -4.97 -15.05
C ASP A 216 1.12 -4.17 -16.19
N TYR A 217 1.90 -3.13 -15.83
CA TYR A 217 2.65 -2.34 -16.81
C TYR A 217 3.69 -3.23 -17.49
N VAL A 218 4.48 -3.96 -16.68
CA VAL A 218 5.54 -4.87 -17.18
C VAL A 218 4.92 -6.02 -18.02
N SER A 219 3.69 -6.41 -17.64
CA SER A 219 2.92 -7.47 -18.33
C SER A 219 2.42 -6.98 -19.71
N ARG A 220 2.07 -5.68 -19.82
CA ARG A 220 1.49 -5.09 -21.05
C ARG A 220 2.53 -4.41 -21.94
N MET A 221 3.69 -4.05 -21.39
CA MET A 221 4.75 -3.33 -22.14
C MET A 221 5.50 -4.30 -23.07
N LYS A 222 6.18 -3.75 -24.08
CA LYS A 222 6.80 -4.56 -25.15
C LYS A 222 8.23 -5.01 -24.76
N GLU A 223 8.74 -6.04 -25.46
CA GLU A 223 10.13 -6.52 -25.28
C GLU A 223 11.13 -5.59 -26.01
N GLY A 224 12.29 -5.35 -25.37
CA GLY A 224 13.27 -4.35 -25.83
C GLY A 224 12.96 -2.95 -25.31
N GLN A 225 11.68 -2.70 -24.99
CA GLN A 225 11.21 -1.50 -24.30
C GLN A 225 11.64 -1.60 -22.82
N GLU A 226 12.83 -1.05 -22.53
CA GLU A 226 13.52 -1.23 -21.23
C GLU A 226 13.14 -0.13 -20.23
N LYS A 227 12.37 0.87 -20.66
CA LYS A 227 12.04 2.03 -19.82
C LYS A 227 10.53 2.19 -19.65
N ILE A 228 10.13 2.44 -18.40
CA ILE A 228 8.74 2.77 -18.07
C ILE A 228 8.48 4.20 -18.56
N TYR A 229 7.72 4.32 -19.64
CA TYR A 229 7.29 5.63 -20.18
C TYR A 229 6.13 6.14 -19.33
N TYR A 230 6.27 7.36 -18.80
CA TYR A 230 5.24 8.00 -17.98
C TYR A 230 5.43 9.53 -17.99
N ILE A 231 4.40 10.24 -17.52
CA ILE A 231 4.50 11.67 -17.18
C ILE A 231 3.81 11.87 -15.83
N THR A 232 4.32 12.82 -15.07
CA THR A 232 3.72 13.25 -13.82
C THR A 232 2.96 14.56 -14.05
N ALA A 233 1.70 14.61 -13.61
CA ALA A 233 0.83 15.78 -13.78
C ALA A 233 0.14 16.11 -12.46
N ASP A 234 -0.17 17.39 -12.27
CA ASP A 234 -0.80 17.90 -11.04
C ASP A 234 -2.23 17.36 -10.87
N SER A 235 -2.91 17.12 -11.99
CA SER A 235 -4.24 16.51 -12.01
C SER A 235 -4.43 15.70 -13.30
N TYR A 236 -5.40 14.77 -13.26
CA TYR A 236 -5.69 13.87 -14.39
C TYR A 236 -6.38 14.63 -15.54
N ALA A 237 -7.06 15.75 -15.21
CA ALA A 237 -7.70 16.60 -16.24
C ALA A 237 -6.65 17.22 -17.18
N ALA A 238 -5.55 17.74 -16.58
CA ALA A 238 -4.40 18.32 -17.33
C ALA A 238 -3.59 17.23 -18.04
N ALA A 239 -3.58 16.02 -17.44
CA ALA A 239 -2.93 14.85 -18.02
C ALA A 239 -3.63 14.43 -19.32
N LYS A 240 -4.89 14.00 -19.17
CA LYS A 240 -5.73 13.46 -20.25
C LYS A 240 -6.11 14.55 -21.28
N SER A 241 -5.87 15.84 -20.94
CA SER A 241 -6.07 16.98 -21.87
C SER A 241 -5.14 16.86 -23.09
N SER A 242 -3.98 16.20 -22.89
CA SER A 242 -3.05 15.87 -23.95
C SER A 242 -3.63 14.71 -24.80
N PRO A 243 -3.96 14.94 -26.11
CA PRO A 243 -4.47 13.89 -27.00
C PRO A 243 -3.37 12.89 -27.44
N HIS A 244 -2.10 13.22 -27.11
CA HIS A 244 -0.92 12.36 -27.41
C HIS A 244 -1.02 11.04 -26.65
N LEU A 245 -1.58 11.07 -25.44
CA LEU A 245 -1.72 9.89 -24.56
C LEU A 245 -2.65 8.84 -25.17
N GLU A 246 -3.86 9.30 -25.51
CA GLU A 246 -4.92 8.42 -26.03
C GLU A 246 -4.69 8.09 -27.52
N LEU A 247 -3.77 8.86 -28.15
CA LEU A 247 -3.21 8.55 -29.47
C LEU A 247 -2.24 7.36 -29.37
N LEU A 248 -1.37 7.39 -28.32
CA LEU A 248 -0.37 6.33 -28.06
C LEU A 248 -1.05 5.04 -27.58
N ARG A 249 -2.22 5.16 -26.92
CA ARG A 249 -3.12 4.02 -26.66
C ARG A 249 -3.49 3.34 -27.99
N LYS A 250 -3.99 4.18 -28.91
CA LYS A 250 -4.52 3.74 -30.22
C LYS A 250 -3.38 3.26 -31.17
N LYS A 251 -2.14 3.70 -30.88
CA LYS A 251 -0.93 3.26 -31.60
C LYS A 251 -0.41 1.91 -31.07
N GLY A 252 -0.77 1.59 -29.82
CA GLY A 252 -0.33 0.35 -29.17
C GLY A 252 1.03 0.49 -28.49
N ILE A 253 1.12 1.45 -27.57
CA ILE A 253 2.22 1.57 -26.61
C ILE A 253 1.62 2.00 -25.26
N GLU A 254 2.22 1.52 -24.17
CA GLU A 254 1.69 1.77 -22.81
C GLU A 254 2.50 2.88 -22.12
N VAL A 255 1.80 3.90 -21.61
CA VAL A 255 2.38 5.03 -20.85
C VAL A 255 1.58 5.21 -19.54
N LEU A 256 2.27 5.24 -18.38
CA LEU A 256 1.61 5.45 -17.09
C LEU A 256 1.25 6.93 -16.88
N LEU A 257 -0.01 7.19 -16.50
CA LEU A 257 -0.49 8.54 -16.21
C LEU A 257 -0.49 8.76 -14.69
N LEU A 258 0.65 9.27 -14.20
CA LEU A 258 0.79 9.68 -12.79
C LEU A 258 0.14 11.06 -12.68
N SER A 259 -0.88 11.19 -11.81
CA SER A 259 -1.72 12.40 -11.76
C SER A 259 -2.10 12.82 -10.33
N ASP A 260 -1.45 12.20 -9.32
CA ASP A 260 -1.76 12.45 -7.90
C ASP A 260 -0.67 13.31 -7.22
N ARG A 261 -1.08 14.04 -6.16
CA ARG A 261 -0.25 15.02 -5.44
C ARG A 261 1.04 14.44 -4.84
N ILE A 262 0.96 13.24 -4.21
CA ILE A 262 2.09 12.67 -3.43
C ILE A 262 2.89 11.62 -4.23
N ASP A 263 2.47 11.34 -5.50
CA ASP A 263 3.26 10.48 -6.42
C ASP A 263 4.71 11.00 -6.53
N GLU A 264 4.88 12.33 -6.51
CA GLU A 264 6.18 12.99 -6.72
C GLU A 264 7.23 12.66 -5.64
N TRP A 265 6.78 12.61 -4.38
CA TRP A 265 7.67 12.39 -3.23
C TRP A 265 8.09 10.91 -3.17
N MET A 266 7.23 10.04 -3.71
CA MET A 266 7.48 8.61 -3.87
C MET A 266 8.47 8.35 -5.03
N MET A 267 8.21 9.02 -6.17
CA MET A 267 8.98 8.85 -7.43
C MET A 267 10.34 9.56 -7.37
N ASN A 268 10.53 10.36 -6.31
CA ASN A 268 11.83 10.97 -6.00
C ASN A 268 12.86 9.87 -5.70
N TYR A 269 12.39 8.82 -5.02
CA TYR A 269 13.22 7.65 -4.61
C TYR A 269 13.09 6.50 -5.62
N LEU A 270 11.90 6.40 -6.25
CA LEU A 270 11.58 5.34 -7.23
C LEU A 270 12.23 5.73 -8.59
N THR A 271 13.52 5.40 -8.72
CA THR A 271 14.30 5.58 -9.96
C THR A 271 14.16 4.33 -10.85
N GLU A 272 13.98 3.16 -10.20
CA GLU A 272 13.89 1.85 -10.86
C GLU A 272 12.89 0.94 -10.12
N PHE A 273 12.31 -0.01 -10.87
CA PHE A 273 11.53 -1.15 -10.34
C PHE A 273 11.64 -2.29 -11.36
N ASP A 274 11.70 -3.55 -10.87
CA ASP A 274 11.67 -4.78 -11.72
C ASP A 274 12.96 -4.91 -12.57
N GLY A 275 14.04 -4.22 -12.12
CA GLY A 275 15.32 -4.18 -12.86
C GLY A 275 15.20 -3.37 -14.15
N LYS A 276 14.24 -2.44 -14.17
CA LYS A 276 13.81 -1.71 -15.38
C LYS A 276 13.72 -0.19 -15.02
N PRO A 277 14.58 0.69 -15.65
CA PRO A 277 14.61 2.16 -15.32
C PRO A 277 13.31 2.90 -15.72
N PHE A 278 13.05 4.01 -15.02
CA PHE A 278 11.83 4.84 -15.23
C PHE A 278 12.17 6.12 -16.01
N GLN A 279 11.58 6.26 -17.21
CA GLN A 279 11.81 7.40 -18.13
C GLN A 279 10.54 8.26 -18.26
N SER A 280 10.52 9.41 -17.56
CA SER A 280 9.53 10.47 -17.83
C SER A 280 10.09 11.43 -18.90
N VAL A 281 9.19 12.11 -19.63
CA VAL A 281 9.57 13.24 -20.51
C VAL A 281 10.08 14.42 -19.63
N SER A 282 9.56 14.46 -18.38
CA SER A 282 9.88 15.50 -17.39
C SER A 282 11.06 15.05 -16.48
N LYS A 283 11.71 13.92 -16.82
CA LYS A 283 12.87 13.39 -16.07
C LYS A 283 13.95 12.87 -17.03
N VAL A 284 15.08 12.49 -16.41
CA VAL A 284 16.28 11.92 -17.06
C VAL A 284 16.74 10.68 -16.28
N ASP A 285 17.74 9.96 -16.81
CA ASP A 285 18.34 8.78 -16.13
C ASP A 285 19.66 9.15 -15.46
N GLU A 286 20.29 8.13 -14.84
CA GLU A 286 21.57 8.27 -14.12
C GLU A 286 22.74 8.62 -15.07
N SER A 287 22.55 8.34 -16.38
CA SER A 287 23.53 8.67 -17.43
C SER A 287 23.53 10.18 -17.78
N LEU A 288 22.53 10.92 -17.28
CA LEU A 288 22.31 12.35 -17.62
C LEU A 288 22.54 13.26 -16.39
N GLU A 289 23.53 12.89 -15.53
CA GLU A 289 23.95 13.73 -14.37
C GLU A 289 24.53 15.08 -14.83
N LYS A 290 25.00 15.12 -16.09
CA LYS A 290 25.52 16.34 -16.75
C LYS A 290 24.44 17.44 -16.75
N LEU A 291 23.22 17.07 -17.17
CA LEU A 291 22.06 17.99 -17.23
C LEU A 291 21.45 18.16 -15.82
N ALA A 292 21.26 17.02 -15.12
CA ALA A 292 20.55 16.96 -13.82
C ALA A 292 21.47 17.46 -12.68
N MET B 17 13.30 20.13 -20.01
CA MET B 17 13.84 18.77 -19.76
C MET B 17 14.29 18.12 -21.07
N ALA B 18 15.03 17.00 -20.97
CA ALA B 18 15.55 16.25 -22.14
C ALA B 18 14.40 15.69 -23.00
N THR B 19 14.38 16.05 -24.29
CA THR B 19 13.38 15.53 -25.24
C THR B 19 13.63 14.04 -25.52
N SER B 20 13.12 13.19 -24.64
CA SER B 20 13.27 11.74 -24.68
C SER B 20 11.91 11.09 -25.00
N THR B 21 11.92 10.04 -25.86
CA THR B 21 10.74 9.23 -26.23
C THR B 21 9.79 10.01 -27.20
N LEU B 22 8.97 9.27 -27.98
CA LEU B 22 7.99 9.83 -28.95
C LEU B 22 6.73 10.42 -28.24
N ILE B 23 6.81 10.54 -26.90
CA ILE B 23 5.69 10.85 -26.02
C ILE B 23 5.03 12.24 -26.33
N LYS B 24 5.79 13.36 -26.19
CA LYS B 24 5.31 14.75 -26.43
C LYS B 24 3.97 15.08 -25.73
N ALA B 25 3.71 14.42 -24.60
CA ALA B 25 2.43 14.48 -23.89
C ALA B 25 2.59 15.16 -22.53
N ILE B 26 1.60 16.00 -22.20
CA ILE B 26 1.51 16.74 -20.92
C ILE B 26 2.69 17.74 -20.81
N ASP B 27 2.63 18.78 -21.64
CA ASP B 27 3.62 19.87 -21.64
C ASP B 27 3.17 20.95 -20.66
N GLY B 28 1.84 21.21 -20.65
CA GLY B 28 1.22 22.15 -19.72
C GLY B 28 1.78 23.57 -19.82
N ASP B 29 2.47 24.03 -18.77
CA ASP B 29 3.20 25.31 -18.77
C ASP B 29 4.59 25.07 -18.19
N THR B 30 4.62 24.46 -17.00
CA THR B 30 5.86 24.07 -16.31
C THR B 30 5.63 22.73 -15.58
N VAL B 31 5.87 21.62 -16.29
CA VAL B 31 5.81 20.27 -15.71
C VAL B 31 7.24 19.87 -15.29
N LYS B 32 7.47 19.85 -13.96
CA LYS B 32 8.77 19.49 -13.37
C LYS B 32 8.68 18.08 -12.76
N LEU B 33 7.73 17.93 -11.81
CA LEU B 33 7.37 16.63 -11.18
C LEU B 33 6.25 16.93 -10.14
N MET B 34 5.06 17.38 -10.63
CA MET B 34 3.84 17.62 -9.80
C MET B 34 4.04 18.78 -8.78
N TYR B 35 3.38 18.68 -7.60
CA TYR B 35 3.40 19.72 -6.57
C TYR B 35 4.71 19.68 -5.73
N LYS B 36 4.64 18.99 -4.58
CA LYS B 36 5.69 18.97 -3.54
C LYS B 36 5.15 18.18 -2.34
N GLY B 37 5.97 17.25 -1.83
CA GLY B 37 5.64 16.50 -0.62
C GLY B 37 6.23 17.14 0.63
N GLN B 38 6.39 16.34 1.70
CA GLN B 38 6.98 16.79 2.97
C GLN B 38 7.44 15.56 3.78
N PRO B 39 8.62 15.63 4.49
CA PRO B 39 9.05 14.53 5.39
C PRO B 39 8.08 14.39 6.59
N MET B 40 7.35 13.26 6.63
CA MET B 40 6.35 12.97 7.67
C MET B 40 6.31 11.46 8.00
N THR B 41 7.36 10.75 7.56
CA THR B 41 7.48 9.29 7.67
C THR B 41 8.75 8.90 8.44
N PHE B 42 9.11 7.60 8.46
CA PHE B 42 10.28 7.09 9.23
C PHE B 42 11.37 6.56 8.27
N ARG B 43 11.46 5.22 8.12
CA ARG B 43 12.43 4.53 7.25
C ARG B 43 12.16 3.00 7.26
N LEU B 44 11.02 2.60 7.87
CA LEU B 44 10.58 1.21 7.98
C LEU B 44 9.73 0.88 6.75
N LEU B 45 10.05 -0.25 6.08
CA LEU B 45 9.18 -0.82 5.03
C LEU B 45 9.08 -2.35 5.17
N LEU B 46 8.47 -2.96 4.14
CA LEU B 46 8.29 -4.41 4.03
C LEU B 46 9.64 -5.14 3.77
N VAL B 47 9.60 -6.45 3.48
CA VAL B 47 10.82 -7.25 3.18
C VAL B 47 11.00 -7.42 1.65
N ASP B 48 12.06 -8.16 1.21
CA ASP B 48 12.18 -8.59 -0.20
C ASP B 48 11.33 -9.86 -0.38
N THR B 49 10.25 -9.75 -1.18
CA THR B 49 9.20 -10.77 -1.29
C THR B 49 9.63 -11.98 -2.20
N PRO B 50 10.15 -11.78 -3.46
CA PRO B 50 10.40 -12.89 -4.39
C PRO B 50 11.83 -13.45 -4.25
N GLU B 51 12.01 -14.36 -3.26
CA GLU B 51 13.28 -15.08 -2.97
C GLU B 51 14.38 -14.06 -2.58
N THR B 52 14.98 -13.41 -3.59
CA THR B 52 15.80 -12.21 -3.47
C THR B 52 15.94 -11.57 -4.87
N LYS B 53 16.46 -12.35 -5.84
CA LYS B 53 16.78 -11.82 -7.19
C LYS B 53 16.59 -12.87 -8.31
N HIS B 54 16.30 -14.15 -7.96
CA HIS B 54 16.03 -15.20 -8.99
C HIS B 54 14.71 -14.95 -9.76
N PRO B 55 13.56 -14.64 -9.08
CA PRO B 55 12.35 -14.15 -9.77
C PRO B 55 12.50 -12.70 -10.24
N LYS B 56 11.81 -12.38 -11.36
CA LYS B 56 11.92 -11.13 -12.13
C LYS B 56 13.26 -11.07 -12.90
N LYS B 57 13.18 -10.63 -14.18
CA LYS B 57 14.30 -10.56 -15.16
C LYS B 57 14.69 -11.98 -15.63
N GLY B 58 15.24 -12.79 -14.71
CA GLY B 58 15.59 -14.18 -14.97
C GLY B 58 14.37 -15.09 -15.12
N VAL B 59 13.79 -15.09 -16.33
CA VAL B 59 12.60 -15.89 -16.69
C VAL B 59 12.96 -17.34 -17.08
N GLU B 60 14.18 -17.75 -16.72
CA GLU B 60 14.71 -19.11 -16.96
C GLU B 60 13.91 -20.14 -16.13
N LYS B 61 13.67 -19.80 -14.86
CA LYS B 61 12.89 -20.63 -13.92
C LYS B 61 11.41 -20.23 -13.92
N TYR B 62 10.58 -20.97 -13.13
CA TYR B 62 9.11 -20.72 -12.90
C TYR B 62 8.31 -20.45 -14.21
N GLY B 63 8.79 -21.04 -15.33
CA GLY B 63 8.31 -20.72 -16.68
C GLY B 63 6.78 -20.92 -16.87
N PRO B 64 5.98 -19.81 -17.05
CA PRO B 64 4.49 -19.87 -17.23
C PRO B 64 4.04 -20.61 -18.52
N GLU B 65 5.00 -21.08 -19.35
CA GLU B 65 4.72 -21.88 -20.55
C GLU B 65 4.15 -23.26 -20.16
N ALA B 66 2.85 -23.26 -19.85
CA ALA B 66 2.07 -24.42 -19.43
C ALA B 66 0.65 -23.93 -19.17
N SER B 67 0.50 -23.11 -18.09
CA SER B 67 -0.81 -22.61 -17.59
C SER B 67 -1.70 -23.79 -17.15
N ALA B 68 -2.33 -24.47 -18.13
CA ALA B 68 -3.13 -25.68 -17.92
C ALA B 68 -2.68 -26.79 -18.89
N PHE B 69 -3.37 -27.93 -18.90
CA PHE B 69 -3.04 -29.07 -19.78
C PHE B 69 -3.33 -28.71 -21.26
N THR B 70 -2.25 -28.55 -22.06
CA THR B 70 -2.32 -28.05 -23.45
C THR B 70 -3.12 -28.99 -24.37
N LYS B 71 -3.02 -30.30 -24.14
CA LYS B 71 -3.70 -31.34 -24.96
C LYS B 71 -5.00 -31.78 -24.26
N LYS B 72 -5.72 -30.80 -23.66
CA LYS B 72 -7.03 -31.03 -23.02
C LYS B 72 -8.08 -31.54 -24.05
N MET B 73 -8.05 -30.97 -25.26
CA MET B 73 -9.00 -31.29 -26.33
C MET B 73 -8.41 -32.37 -27.25
N VAL B 74 -8.66 -33.64 -26.91
CA VAL B 74 -8.24 -34.79 -27.74
C VAL B 74 -9.41 -35.27 -28.64
N GLU B 75 -10.57 -34.56 -28.55
CA GLU B 75 -11.76 -34.90 -29.35
C GLU B 75 -11.49 -34.68 -30.86
N ASN B 76 -11.08 -33.45 -31.23
CA ASN B 76 -10.74 -33.04 -32.61
C ASN B 76 -11.93 -33.22 -33.58
N ALA B 77 -12.22 -34.49 -33.94
CA ALA B 77 -13.41 -34.87 -34.70
C ALA B 77 -14.70 -34.50 -33.91
N ALA A 28 -21.89 -11.81 25.36
CA ALA A 28 -20.91 -10.80 25.79
C ALA A 28 -19.57 -11.46 26.16
N GLN A 29 -18.78 -11.77 25.13
CA GLN A 29 -17.45 -12.36 25.26
C GLN A 29 -16.47 -11.50 24.45
N ALA A 30 -15.24 -11.33 24.97
CA ALA A 30 -14.19 -10.54 24.31
C ALA A 30 -13.79 -11.20 22.96
N LEU A 31 -14.37 -10.66 21.86
CA LEU A 31 -14.27 -11.21 20.50
C LEU A 31 -12.81 -11.35 20.04
N TRP A 32 -11.97 -10.35 20.35
CA TRP A 32 -10.57 -10.35 19.94
C TRP A 32 -9.82 -11.56 20.52
N THR A 33 -10.16 -11.97 21.75
CA THR A 33 -9.48 -13.09 22.42
C THR A 33 -10.27 -14.41 22.26
N ARG A 34 -11.51 -14.33 21.73
CA ARG A 34 -12.32 -15.52 21.42
C ARG A 34 -11.65 -16.29 20.26
N ASN A 35 -11.74 -17.64 20.29
CA ASN A 35 -11.08 -18.54 19.33
C ASN A 35 -11.61 -18.28 17.90
N LYS A 36 -10.67 -18.18 16.94
CA LYS A 36 -10.91 -17.66 15.58
C LYS A 36 -11.98 -18.46 14.80
N SER A 37 -11.97 -19.80 14.98
CA SER A 37 -12.90 -20.72 14.28
C SER A 37 -14.36 -20.54 14.77
N GLU A 38 -14.49 -20.07 16.02
CA GLU A 38 -15.79 -19.88 16.68
C GLU A 38 -16.48 -18.59 16.20
N ILE A 39 -15.68 -17.63 15.71
CA ILE A 39 -16.16 -16.29 15.35
C ILE A 39 -16.56 -16.28 13.87
N THR A 40 -17.85 -16.01 13.61
CA THR A 40 -18.37 -15.94 12.25
C THR A 40 -17.96 -14.61 11.57
N ASP A 41 -18.06 -14.61 10.25
CA ASP A 41 -17.70 -13.49 9.36
C ASP A 41 -18.48 -12.20 9.73
N GLU A 42 -19.74 -12.39 10.15
CA GLU A 42 -20.65 -11.29 10.57
C GLU A 42 -20.11 -10.55 11.81
N GLU A 43 -19.59 -11.33 12.79
CA GLU A 43 -19.09 -10.79 14.06
C GLU A 43 -17.88 -9.86 13.82
N TYR A 44 -17.01 -10.22 12.86
CA TYR A 44 -15.85 -9.38 12.47
C TYR A 44 -16.31 -8.04 11.86
N LYS A 45 -17.34 -8.10 11.00
CA LYS A 45 -17.93 -6.88 10.37
C LYS A 45 -18.47 -5.92 11.44
N GLU A 46 -19.19 -6.50 12.41
CA GLU A 46 -19.80 -5.76 13.53
C GLU A 46 -18.73 -5.16 14.45
N PHE A 47 -17.71 -5.98 14.77
CA PHE A 47 -16.65 -5.61 15.73
C PHE A 47 -15.84 -4.42 15.19
N TYR A 48 -15.58 -4.46 13.87
CA TYR A 48 -14.98 -3.35 13.12
C TYR A 48 -15.74 -2.05 13.41
N LYS A 49 -17.06 -2.06 13.19
CA LYS A 49 -17.92 -0.87 13.34
C LYS A 49 -17.91 -0.37 14.80
N HIS A 50 -17.81 -1.32 15.72
CA HIS A 50 -17.84 -1.09 17.17
C HIS A 50 -16.53 -0.45 17.68
N ILE A 51 -15.39 -0.74 17.01
CA ILE A 51 -14.06 -0.26 17.47
C ILE A 51 -13.55 0.92 16.61
N ALA A 52 -14.00 1.02 15.35
CA ALA A 52 -13.46 1.97 14.36
C ALA A 52 -14.24 3.30 14.31
N HIS A 53 -15.42 3.36 14.99
CA HIS A 53 -16.32 4.56 14.97
C HIS A 53 -16.76 4.89 13.52
N ASP A 54 -16.78 3.83 12.72
CA ASP A 54 -17.10 3.84 11.29
C ASP A 54 -18.12 2.72 11.06
N PHE A 55 -18.97 2.85 10.04
CA PHE A 55 -20.09 1.91 9.84
C PHE A 55 -20.10 1.36 8.40
N ASN A 56 -18.98 1.56 7.66
CA ASN A 56 -18.72 0.85 6.40
C ASN A 56 -18.39 -0.63 6.69
N ASP A 57 -18.41 -1.45 5.65
CA ASP A 57 -18.02 -2.86 5.74
C ASP A 57 -16.50 -2.96 5.55
N PRO A 58 -15.75 -3.71 6.43
CA PRO A 58 -14.30 -3.88 6.25
C PRO A 58 -14.00 -4.74 5.00
N LEU A 59 -12.99 -4.31 4.22
CA LEU A 59 -12.59 -4.97 2.96
C LEU A 59 -11.92 -6.31 3.26
N THR A 60 -11.07 -6.32 4.30
CA THR A 60 -10.41 -7.53 4.80
C THR A 60 -9.93 -7.28 6.24
N TRP A 61 -9.47 -8.33 6.90
CA TRP A 61 -8.96 -8.28 8.27
C TRP A 61 -7.99 -9.43 8.51
N SER A 62 -7.08 -9.24 9.47
CA SER A 62 -6.15 -10.29 9.92
C SER A 62 -6.35 -10.51 11.42
N HIS A 63 -6.99 -11.63 11.78
CA HIS A 63 -7.15 -12.04 13.17
C HIS A 63 -6.20 -13.19 13.42
N ASN A 64 -5.21 -12.96 14.28
CA ASN A 64 -4.16 -13.94 14.56
C ASN A 64 -3.58 -13.67 15.95
N ARG A 65 -3.50 -14.71 16.79
CA ARG A 65 -2.89 -14.60 18.12
C ARG A 65 -1.55 -15.32 18.12
N VAL A 66 -0.53 -14.63 18.61
CA VAL A 66 0.87 -15.07 18.60
C VAL A 66 1.34 -15.27 20.06
N GLU A 67 2.27 -16.23 20.26
CA GLU A 67 2.81 -16.57 21.60
C GLU A 67 4.30 -16.96 21.49
N GLY A 68 4.91 -17.26 22.65
CA GLY A 68 6.31 -17.69 22.73
C GLY A 68 7.09 -16.82 23.69
N LYS A 69 7.84 -15.87 23.14
CA LYS A 69 8.48 -14.81 23.91
C LYS A 69 7.42 -13.75 24.25
N GLN A 70 6.76 -13.27 23.18
CA GLN A 70 5.75 -12.20 23.24
C GLN A 70 4.38 -12.76 22.84
N GLU A 71 3.50 -12.93 23.83
CA GLU A 71 2.10 -13.27 23.62
C GLU A 71 1.32 -11.99 23.31
N TYR A 72 0.79 -11.90 22.09
CA TYR A 72 -0.06 -10.79 21.68
C TYR A 72 -1.13 -11.24 20.69
N THR A 73 -2.40 -10.94 21.01
CA THR A 73 -3.51 -11.10 20.10
C THR A 73 -3.60 -9.87 19.20
N SER A 74 -3.31 -10.01 17.90
CA SER A 74 -3.44 -8.91 16.93
C SER A 74 -4.70 -9.11 16.07
N LEU A 75 -5.53 -8.06 15.98
CA LEU A 75 -6.74 -8.04 15.13
C LEU A 75 -6.81 -6.69 14.42
N LEU A 76 -6.35 -6.68 13.16
CA LEU A 76 -6.31 -5.47 12.31
C LEU A 76 -7.44 -5.53 11.28
N TYR A 77 -7.97 -4.37 10.89
CA TYR A 77 -9.02 -4.26 9.85
C TYR A 77 -8.58 -3.24 8.77
N ILE A 78 -9.14 -3.40 7.56
CA ILE A 78 -8.98 -2.44 6.45
C ILE A 78 -10.33 -1.71 6.21
N PRO A 79 -10.37 -0.34 6.40
CA PRO A 79 -11.57 0.47 6.10
C PRO A 79 -11.87 0.53 4.59
N SER A 80 -13.17 0.54 4.24
CA SER A 80 -13.60 0.63 2.85
C SER A 80 -13.46 2.06 2.31
N GLN A 81 -13.69 3.06 3.19
CA GLN A 81 -13.57 4.50 2.85
C GLN A 81 -12.68 5.22 3.86
N ALA A 82 -12.00 6.28 3.38
CA ALA A 82 -11.12 7.13 4.20
C ALA A 82 -11.96 8.15 4.99
N PRO A 83 -11.79 8.22 6.36
CA PRO A 83 -12.33 9.36 7.15
C PRO A 83 -11.60 10.67 6.82
N TRP A 84 -12.22 11.80 7.17
CA TRP A 84 -11.60 13.12 6.97
C TRP A 84 -10.32 13.23 7.84
N ASP A 85 -10.38 12.63 9.05
CA ASP A 85 -9.29 12.68 10.04
C ASP A 85 -8.07 11.84 9.61
N MET A 86 -8.21 11.09 8.49
CA MET A 86 -7.10 10.33 7.91
C MET A 86 -6.12 11.29 7.19
N TRP A 87 -6.62 12.50 6.84
CA TRP A 87 -5.85 13.50 6.05
C TRP A 87 -5.75 14.83 6.84
N ASN A 88 -5.94 14.72 8.16
CA ASN A 88 -5.85 15.82 9.11
C ASN A 88 -4.46 15.83 9.76
N ARG A 89 -4.06 16.98 10.33
CA ARG A 89 -2.80 17.11 11.09
C ARG A 89 -2.95 16.46 12.50
N ASP A 90 -4.20 16.19 12.92
CA ASP A 90 -4.51 15.42 14.13
C ASP A 90 -5.04 14.04 13.70
N HIS A 91 -4.76 13.02 14.51
CA HIS A 91 -4.88 11.60 14.09
C HIS A 91 -6.19 10.93 14.55
N LYS A 92 -6.76 10.11 13.65
CA LYS A 92 -7.70 9.00 13.99
C LYS A 92 -7.01 7.66 13.66
N HIS A 93 -5.82 7.74 13.07
CA HIS A 93 -4.92 6.61 12.85
C HIS A 93 -4.47 6.04 14.21
N GLY A 94 -4.45 4.70 14.31
CA GLY A 94 -4.04 4.02 15.53
C GLY A 94 -4.82 2.74 15.82
N LEU A 95 -4.39 2.04 16.89
CA LEU A 95 -5.02 0.78 17.33
C LEU A 95 -5.45 0.91 18.82
N LYS A 96 -6.46 0.14 19.23
CA LYS A 96 -6.87 0.06 20.64
C LYS A 96 -5.89 -0.83 21.42
N LEU A 97 -5.09 -0.21 22.29
CA LEU A 97 -4.13 -0.93 23.15
C LEU A 97 -4.87 -1.58 24.34
N TYR A 98 -4.72 -2.90 24.42
CA TYR A 98 -5.07 -3.71 25.59
C TYR A 98 -3.79 -4.40 26.05
N VAL A 99 -3.42 -4.25 27.32
CA VAL A 99 -2.34 -5.01 27.93
C VAL A 99 -2.93 -6.03 28.89
N GLN A 100 -2.75 -7.33 28.58
CA GLN A 100 -3.26 -8.45 29.42
C GLN A 100 -4.81 -8.45 29.45
N ARG A 101 -5.40 -7.98 28.32
CA ARG A 101 -6.86 -7.83 28.10
C ARG A 101 -7.45 -6.66 28.92
N VAL A 102 -6.54 -5.79 29.42
CA VAL A 102 -6.90 -4.58 30.17
C VAL A 102 -6.70 -3.36 29.27
N PHE A 103 -7.79 -2.64 28.96
CA PHE A 103 -7.74 -1.45 28.08
C PHE A 103 -6.89 -0.34 28.71
N ILE A 104 -5.88 0.14 27.96
CA ILE A 104 -5.00 1.24 28.41
C ILE A 104 -5.36 2.53 27.65
N MET A 105 -5.19 2.53 26.31
CA MET A 105 -5.45 3.72 25.47
C MET A 105 -5.76 3.31 24.02
N ASP A 106 -6.85 3.86 23.46
CA ASP A 106 -7.22 3.66 22.04
C ASP A 106 -6.50 4.67 21.15
N ASP A 107 -6.66 4.49 19.82
CA ASP A 107 -6.13 5.40 18.77
C ASP A 107 -4.58 5.55 18.90
N ALA A 108 -3.95 4.48 19.44
CA ALA A 108 -2.51 4.41 19.70
C ALA A 108 -1.76 4.12 18.39
N GLU A 109 -1.36 5.21 17.70
CA GLU A 109 -0.68 5.13 16.39
C GLU A 109 0.81 4.79 16.52
N GLN A 110 1.26 4.50 17.74
CA GLN A 110 2.63 4.01 18.00
C GLN A 110 2.77 2.52 17.60
N PHE A 111 1.64 1.87 17.27
CA PHE A 111 1.60 0.47 16.80
C PHE A 111 1.56 0.37 15.28
N MET A 112 1.33 1.51 14.58
CA MET A 112 1.30 1.57 13.10
C MET A 112 1.96 2.86 12.59
N PRO A 113 2.84 2.80 11.55
CA PRO A 113 3.43 4.03 10.93
C PRO A 113 2.41 4.82 10.08
N ASN A 114 2.85 6.01 9.61
CA ASN A 114 2.02 6.90 8.76
C ASN A 114 1.85 6.30 7.35
N TYR A 115 2.81 5.44 6.97
CA TYR A 115 2.81 4.77 5.65
C TYR A 115 1.77 3.63 5.64
N LEU A 116 1.30 3.25 6.86
CA LEU A 116 0.23 2.27 7.08
C LEU A 116 -0.87 2.92 7.95
N ARG A 117 -1.16 4.22 7.70
CA ARG A 117 -2.07 5.03 8.55
C ARG A 117 -3.53 4.52 8.52
N PHE A 118 -3.87 3.84 7.43
CA PHE A 118 -5.22 3.28 7.18
C PHE A 118 -5.63 2.19 8.20
N VAL A 119 -4.62 1.49 8.75
CA VAL A 119 -4.88 0.34 9.64
C VAL A 119 -5.59 0.79 10.93
N ARG A 120 -6.79 0.25 11.13
CA ARG A 120 -7.62 0.50 12.31
C ARG A 120 -8.05 -0.85 12.88
N GLY A 121 -7.90 -1.00 14.20
CA GLY A 121 -8.17 -2.25 14.88
C GLY A 121 -7.75 -2.17 16.33
N LEU A 122 -7.05 -3.22 16.79
CA LEU A 122 -6.64 -3.35 18.18
C LEU A 122 -5.54 -4.40 18.33
N ILE A 123 -4.94 -4.43 19.53
CA ILE A 123 -3.91 -5.39 19.90
C ILE A 123 -3.94 -5.60 21.43
N ASP A 124 -4.13 -6.85 21.84
CA ASP A 124 -3.93 -7.31 23.21
C ASP A 124 -2.51 -7.88 23.31
N SER A 125 -1.68 -7.33 24.19
CA SER A 125 -0.33 -7.86 24.45
C SER A 125 -0.12 -8.02 25.95
N SER A 126 0.21 -9.24 26.38
CA SER A 126 0.43 -9.57 27.79
C SER A 126 1.84 -9.16 28.27
N ASP A 127 2.76 -8.91 27.32
CA ASP A 127 4.20 -8.66 27.59
C ASP A 127 4.56 -7.18 27.71
N LEU A 128 3.71 -6.30 27.18
CA LEU A 128 3.86 -4.84 27.37
C LEU A 128 3.64 -4.47 28.86
N PRO A 129 4.20 -3.31 29.36
CA PRO A 129 3.95 -2.83 30.74
C PRO A 129 2.43 -2.67 31.00
N LEU A 130 1.94 -3.13 32.15
CA LEU A 130 0.52 -2.96 32.52
C LEU A 130 0.22 -1.47 32.80
N ASN A 131 1.26 -0.75 33.23
CA ASN A 131 1.23 0.72 33.44
C ASN A 131 1.88 1.45 32.25
N VAL A 132 1.70 0.92 31.03
CA VAL A 132 2.23 1.53 29.79
C VAL A 132 1.45 2.82 29.43
N SER A 133 2.11 3.74 28.72
CA SER A 133 1.49 4.99 28.22
C SER A 133 2.10 5.35 26.86
N ARG A 134 1.52 6.39 26.22
CA ARG A 134 1.90 6.85 24.84
C ARG A 134 3.41 7.19 24.73
N GLU A 135 3.95 7.71 25.83
CA GLU A 135 5.39 8.02 25.96
C GLU A 135 6.20 6.71 25.84
N ILE A 136 5.81 5.69 26.63
CA ILE A 136 6.44 4.36 26.63
C ILE A 136 6.21 3.65 25.28
N LEU A 137 5.08 3.96 24.62
CA LEU A 137 4.74 3.38 23.31
C LEU A 137 5.67 3.93 22.21
N GLN A 138 6.15 5.16 22.41
CA GLN A 138 7.12 5.79 21.50
C GLN A 138 8.55 5.36 21.90
N ASP A 139 8.79 5.29 23.21
CA ASP A 139 10.14 5.12 23.80
C ASP A 139 10.63 3.66 23.76
N SER A 140 9.86 2.77 24.41
CA SER A 140 10.25 1.36 24.67
C SER A 140 10.44 0.56 23.38
N THR A 141 11.36 -0.41 23.44
CA THR A 141 11.72 -1.27 22.32
C THR A 141 10.66 -2.36 22.08
N VAL A 142 9.96 -2.79 23.15
CA VAL A 142 8.92 -3.84 23.03
C VAL A 142 7.80 -3.37 22.07
N THR A 143 7.31 -2.15 22.28
CA THR A 143 6.24 -1.55 21.45
C THR A 143 6.74 -1.25 20.02
N ARG A 144 8.00 -0.83 19.91
CA ARG A 144 8.68 -0.57 18.63
C ARG A 144 8.71 -1.84 17.76
N ASN A 145 9.01 -2.97 18.41
CA ASN A 145 9.13 -4.28 17.75
C ASN A 145 7.73 -4.89 17.54
N LEU A 146 6.75 -4.48 18.37
CA LEU A 146 5.33 -4.87 18.17
C LEU A 146 4.79 -4.20 16.90
N ARG A 147 5.12 -2.92 16.72
CA ARG A 147 4.76 -2.13 15.53
C ARG A 147 5.38 -2.77 14.26
N ASN A 148 6.64 -3.18 14.40
CA ASN A 148 7.44 -3.83 13.34
C ASN A 148 6.81 -5.17 12.93
N ALA A 149 6.30 -5.92 13.93
CA ALA A 149 5.62 -7.20 13.73
C ALA A 149 4.28 -7.01 13.01
N LEU A 150 3.50 -6.03 13.51
CA LEU A 150 2.16 -5.70 12.99
C LEU A 150 2.22 -5.24 11.52
N THR A 151 3.31 -4.54 11.17
CA THR A 151 3.60 -4.08 9.79
C THR A 151 3.59 -5.24 8.79
N LYS A 152 4.17 -6.36 9.20
CA LYS A 152 4.21 -7.59 8.40
C LYS A 152 2.80 -8.20 8.26
N ARG A 153 1.95 -8.04 9.29
CA ARG A 153 0.53 -8.50 9.25
C ARG A 153 -0.29 -7.58 8.33
N VAL A 154 0.12 -6.30 8.23
CA VAL A 154 -0.50 -5.33 7.30
C VAL A 154 -0.14 -5.71 5.85
N LEU A 155 1.15 -6.01 5.62
CA LEU A 155 1.69 -6.52 4.34
C LEU A 155 0.85 -7.72 3.87
N GLN A 156 0.71 -8.70 4.78
CA GLN A 156 -0.07 -9.92 4.55
C GLN A 156 -1.53 -9.58 4.19
N MET A 157 -2.09 -8.57 4.86
CA MET A 157 -3.50 -8.16 4.73
C MET A 157 -3.76 -7.37 3.41
N LEU A 158 -2.74 -6.61 2.95
CA LEU A 158 -2.83 -5.76 1.73
C LEU A 158 -2.63 -6.58 0.47
N GLU A 159 -1.55 -7.37 0.47
CA GLU A 159 -1.18 -8.26 -0.63
C GLU A 159 -2.27 -9.33 -0.81
N LYS A 160 -2.81 -9.82 0.32
CA LYS A 160 -3.97 -10.73 0.30
C LYS A 160 -5.15 -10.03 -0.36
N LEU A 161 -5.46 -8.80 0.08
CA LEU A 161 -6.60 -7.99 -0.41
C LEU A 161 -6.56 -7.81 -1.94
N ALA A 162 -5.35 -7.65 -2.48
CA ALA A 162 -5.11 -7.55 -3.93
C ALA A 162 -5.48 -8.86 -4.64
N LYS A 163 -5.03 -9.98 -4.06
CA LYS A 163 -5.21 -11.35 -4.61
C LYS A 163 -6.61 -11.91 -4.26
N ASP A 164 -7.26 -11.29 -3.27
CA ASP A 164 -8.55 -11.72 -2.71
C ASP A 164 -9.64 -11.23 -3.65
N ASP A 165 -9.79 -9.89 -3.71
CA ASP A 165 -10.76 -9.24 -4.58
C ASP A 165 -10.21 -7.89 -5.04
N ALA A 166 -9.86 -7.83 -6.34
CA ALA A 166 -9.47 -6.58 -7.03
C ALA A 166 -10.50 -5.46 -6.83
N GLU A 167 -11.79 -5.85 -6.68
CA GLU A 167 -12.92 -4.95 -6.32
C GLU A 167 -12.59 -4.18 -5.02
N LYS A 168 -12.33 -4.94 -3.95
CA LYS A 168 -12.07 -4.40 -2.60
C LYS A 168 -10.78 -3.55 -2.60
N TYR A 169 -9.72 -4.07 -3.22
CA TYR A 169 -8.39 -3.40 -3.22
C TYR A 169 -8.42 -2.10 -4.05
N GLN A 170 -9.28 -2.06 -5.07
CA GLN A 170 -9.48 -0.87 -5.91
C GLN A 170 -10.14 0.25 -5.08
N THR A 171 -11.16 -0.16 -4.30
CA THR A 171 -11.88 0.70 -3.35
C THR A 171 -10.90 1.29 -2.30
N PHE A 172 -10.03 0.40 -1.79
CA PHE A 172 -8.95 0.75 -0.86
C PHE A 172 -8.02 1.82 -1.46
N TRP A 173 -7.64 1.63 -2.73
CA TRP A 173 -6.61 2.44 -3.38
C TRP A 173 -7.11 3.87 -3.70
N GLN A 174 -8.39 4.01 -4.08
CA GLN A 174 -8.99 5.35 -4.35
C GLN A 174 -9.28 6.12 -3.03
N GLN A 175 -8.95 5.50 -1.87
CA GLN A 175 -9.11 6.13 -0.55
C GLN A 175 -7.75 6.34 0.14
N PHE A 176 -6.85 5.36 -0.02
CA PHE A 176 -5.58 5.27 0.74
C PHE A 176 -4.37 5.08 -0.19
N GLY A 177 -4.54 5.44 -1.47
CA GLY A 177 -3.50 5.25 -2.49
C GLY A 177 -2.30 6.17 -2.30
N LEU A 178 -2.55 7.33 -1.70
CA LEU A 178 -1.52 8.30 -1.34
C LEU A 178 -0.62 7.74 -0.21
N VAL A 179 -1.23 6.95 0.70
CA VAL A 179 -0.58 6.46 1.93
C VAL A 179 0.58 5.49 1.63
N LEU A 180 0.34 4.54 0.70
CA LEU A 180 1.36 3.55 0.33
C LEU A 180 2.49 4.16 -0.53
N LYS A 181 2.27 5.39 -1.04
CA LYS A 181 3.32 6.12 -1.80
C LYS A 181 4.30 6.83 -0.85
N GLU A 182 3.91 6.95 0.43
CA GLU A 182 4.79 7.46 1.52
C GLU A 182 5.85 6.39 1.88
N GLY A 183 5.58 5.12 1.47
CA GLY A 183 6.47 4.00 1.69
C GLY A 183 7.80 4.06 0.92
N PRO A 184 7.82 3.83 -0.44
CA PRO A 184 9.08 3.55 -1.23
C PRO A 184 10.20 4.61 -1.11
N ALA A 185 9.79 5.83 -0.75
CA ALA A 185 10.70 6.99 -0.60
C ALA A 185 11.38 7.03 0.77
N GLU A 186 10.72 6.41 1.75
CA GLU A 186 11.19 6.33 3.14
C GLU A 186 12.38 5.35 3.20
N ASP A 187 12.11 4.07 2.87
CA ASP A 187 13.14 3.03 2.71
C ASP A 187 13.14 2.49 1.27
N PHE A 188 14.22 2.81 0.54
CA PHE A 188 14.42 2.36 -0.85
C PHE A 188 14.74 0.85 -0.93
N ALA A 189 15.21 0.25 0.18
CA ALA A 189 15.63 -1.18 0.21
C ALA A 189 14.45 -2.12 -0.09
N ASN A 190 13.23 -1.75 0.36
CA ASN A 190 12.01 -2.55 0.13
C ASN A 190 10.94 -1.71 -0.58
N GLN A 191 11.39 -0.83 -1.50
CA GLN A 191 10.49 -0.06 -2.40
C GLN A 191 9.70 -1.01 -3.34
N GLU A 192 10.33 -2.16 -3.65
CA GLU A 192 9.80 -3.23 -4.56
C GLU A 192 8.52 -3.85 -3.99
N ALA A 193 8.58 -4.19 -2.69
CA ALA A 193 7.43 -4.77 -1.94
C ALA A 193 6.17 -3.93 -2.11
N ILE A 194 6.37 -2.62 -1.98
CA ILE A 194 5.33 -1.62 -2.06
C ILE A 194 5.02 -1.28 -3.53
N ALA A 195 6.03 -1.38 -4.42
CA ALA A 195 5.88 -1.09 -5.88
C ALA A 195 4.92 -2.08 -6.55
N LYS A 196 4.88 -3.29 -5.99
CA LYS A 196 3.92 -4.35 -6.35
C LYS A 196 2.48 -3.94 -5.94
N LEU A 197 2.38 -3.28 -4.77
CA LEU A 197 1.11 -2.78 -4.21
C LEU A 197 0.71 -1.42 -4.87
N LEU A 198 1.70 -0.69 -5.42
CA LEU A 198 1.48 0.65 -6.01
C LEU A 198 0.70 0.54 -7.33
N ARG A 199 -0.37 1.32 -7.42
CA ARG A 199 -1.24 1.37 -8.60
C ARG A 199 -1.26 2.81 -9.14
N PHE A 200 -0.97 2.97 -10.42
CA PHE A 200 -1.13 4.24 -11.15
C PHE A 200 -2.17 4.02 -12.25
N ALA A 201 -2.65 5.12 -12.84
CA ALA A 201 -3.44 5.05 -14.06
C ALA A 201 -2.49 4.96 -15.26
N SER A 202 -3.00 4.75 -16.49
CA SER A 202 -2.15 4.58 -17.69
C SER A 202 -2.96 4.61 -19.00
N THR A 203 -2.25 4.60 -20.15
CA THR A 203 -2.88 4.74 -21.50
C THR A 203 -3.49 3.41 -22.02
N HIS A 204 -3.62 2.40 -21.14
CA HIS A 204 -4.40 1.18 -21.44
C HIS A 204 -5.88 1.55 -21.71
N THR A 205 -6.39 2.51 -20.92
CA THR A 205 -7.78 2.98 -20.95
C THR A 205 -7.79 4.42 -20.38
N ASP A 206 -8.83 5.21 -20.72
CA ASP A 206 -9.02 6.58 -20.18
C ASP A 206 -9.63 6.55 -18.74
N SER A 207 -9.53 5.39 -18.07
CA SER A 207 -9.96 5.18 -16.68
C SER A 207 -9.12 6.03 -15.70
N SER A 208 -9.81 6.79 -14.81
CA SER A 208 -9.17 7.67 -13.81
C SER A 208 -8.70 6.89 -12.57
N ALA A 209 -9.37 5.74 -12.31
CA ALA A 209 -9.04 4.85 -11.19
C ALA A 209 -7.68 4.21 -11.41
N GLN A 210 -6.77 4.42 -10.47
CA GLN A 210 -5.42 3.87 -10.51
C GLN A 210 -5.48 2.35 -10.27
N THR A 211 -5.56 1.58 -11.36
CA THR A 211 -5.72 0.11 -11.33
C THR A 211 -4.39 -0.62 -11.65
N VAL A 212 -3.62 -0.04 -12.58
CA VAL A 212 -2.41 -0.68 -13.13
C VAL A 212 -1.25 -0.52 -12.17
N SER A 213 -0.71 -1.65 -11.70
CA SER A 213 0.50 -1.69 -10.89
C SER A 213 1.71 -1.63 -11.81
N LEU A 214 2.89 -1.51 -11.21
CA LEU A 214 4.15 -1.61 -11.93
C LEU A 214 4.35 -3.04 -12.47
N GLU A 215 3.70 -4.01 -11.79
CA GLU A 215 3.65 -5.43 -12.21
C GLU A 215 2.70 -5.61 -13.39
N ASP A 216 1.58 -4.83 -13.42
CA ASP A 216 0.66 -4.83 -14.56
C ASP A 216 1.33 -4.19 -15.77
N TYR A 217 2.21 -3.19 -15.51
CA TYR A 217 3.01 -2.53 -16.57
C TYR A 217 3.90 -3.57 -17.28
N VAL A 218 4.49 -4.48 -16.48
CA VAL A 218 5.33 -5.60 -16.98
C VAL A 218 4.56 -6.42 -18.04
N SER A 219 3.27 -6.68 -17.74
CA SER A 219 2.36 -7.44 -18.62
C SER A 219 2.04 -6.66 -19.92
N ARG A 220 2.11 -5.32 -19.84
CA ARG A 220 1.79 -4.41 -20.97
C ARG A 220 3.02 -4.14 -21.86
N MET A 221 4.23 -4.56 -21.38
CA MET A 221 5.49 -4.34 -22.10
C MET A 221 5.51 -5.07 -23.47
N LYS A 222 5.70 -4.29 -24.53
CA LYS A 222 5.74 -4.76 -25.93
C LYS A 222 7.14 -5.27 -26.29
N GLU A 223 7.29 -5.79 -27.51
CA GLU A 223 8.60 -6.19 -28.04
C GLU A 223 9.52 -4.96 -28.15
N GLY A 224 10.67 -5.01 -27.44
CA GLY A 224 11.61 -3.90 -27.39
C GLY A 224 11.32 -2.90 -26.27
N GLN A 225 10.35 -3.21 -25.38
CA GLN A 225 9.96 -2.30 -24.29
C GLN A 225 10.84 -2.58 -23.06
N GLU A 226 11.99 -1.90 -23.01
CA GLU A 226 12.99 -2.06 -21.94
C GLU A 226 12.84 -0.94 -20.88
N LYS A 227 11.93 0.03 -21.14
CA LYS A 227 11.79 1.26 -20.34
C LYS A 227 10.36 1.41 -19.80
N ILE A 228 10.25 2.02 -18.60
CA ILE A 228 8.96 2.29 -17.95
C ILE A 228 8.65 3.80 -18.05
N TYR A 229 7.77 4.16 -18.98
CA TYR A 229 7.43 5.57 -19.26
C TYR A 229 6.40 6.07 -18.25
N TYR A 230 6.72 7.14 -17.52
CA TYR A 230 5.80 7.72 -16.54
C TYR A 230 5.85 9.24 -16.61
N ILE A 231 4.67 9.89 -16.53
CA ILE A 231 4.57 11.36 -16.41
C ILE A 231 3.57 11.69 -15.31
N THR A 232 3.94 12.68 -14.54
CA THR A 232 3.22 13.13 -13.37
C THR A 232 2.30 14.33 -13.74
N ALA A 233 1.16 14.45 -13.03
CA ALA A 233 0.18 15.54 -13.21
C ALA A 233 -0.59 15.75 -11.89
N ASP A 234 -1.20 16.94 -11.76
CA ASP A 234 -1.98 17.33 -10.56
C ASP A 234 -3.17 16.36 -10.35
N SER A 235 -3.80 16.03 -11.47
CA SER A 235 -4.98 15.16 -11.52
C SER A 235 -4.94 14.32 -12.81
N TYR A 236 -5.78 13.28 -12.88
CA TYR A 236 -5.88 12.44 -14.08
C TYR A 236 -6.49 13.25 -15.24
N ALA A 237 -7.43 14.14 -14.90
CA ALA A 237 -8.07 15.03 -15.88
C ALA A 237 -7.03 15.94 -16.57
N ALA A 238 -6.05 16.42 -15.75
CA ALA A 238 -4.91 17.23 -16.23
C ALA A 238 -4.02 16.40 -17.16
N ALA A 239 -3.74 15.15 -16.73
CA ALA A 239 -2.98 14.17 -17.52
C ALA A 239 -3.63 13.94 -18.89
N LYS A 240 -4.95 13.78 -18.87
CA LYS A 240 -5.78 13.38 -20.01
C LYS A 240 -5.96 14.55 -21.02
N SER A 241 -5.86 15.80 -20.50
CA SER A 241 -5.97 17.03 -21.32
C SER A 241 -4.77 17.19 -22.29
N SER A 242 -3.68 16.45 -22.01
CA SER A 242 -2.49 16.41 -22.87
C SER A 242 -2.79 15.56 -24.13
N PRO A 243 -2.85 16.17 -25.36
CA PRO A 243 -3.38 15.52 -26.59
C PRO A 243 -2.47 14.43 -27.20
N HIS A 244 -1.30 14.18 -26.58
CA HIS A 244 -0.32 13.18 -27.05
C HIS A 244 -0.74 11.74 -26.70
N LEU A 245 -1.52 11.59 -25.61
CA LEU A 245 -1.89 10.27 -25.06
C LEU A 245 -2.69 9.44 -26.06
N GLU A 246 -3.64 10.07 -26.76
CA GLU A 246 -4.57 9.38 -27.69
C GLU A 246 -3.83 8.72 -28.87
N LEU A 247 -2.68 9.29 -29.25
CA LEU A 247 -1.84 8.76 -30.34
C LEU A 247 -1.16 7.44 -29.90
N LEU A 248 -0.59 7.47 -28.70
CA LEU A 248 0.13 6.31 -28.11
C LEU A 248 -0.84 5.25 -27.57
N ARG A 249 -2.06 5.72 -27.24
CA ARG A 249 -3.17 4.86 -26.80
C ARG A 249 -3.60 3.99 -28.00
N LYS A 250 -3.83 4.68 -29.13
CA LYS A 250 -4.22 4.07 -30.41
C LYS A 250 -3.16 3.03 -30.86
N LYS A 251 -1.90 3.45 -30.82
CA LYS A 251 -0.76 2.65 -31.30
C LYS A 251 -0.50 1.41 -30.42
N GLY A 252 -0.88 1.51 -29.13
CA GLY A 252 -0.73 0.40 -28.19
C GLY A 252 0.66 0.34 -27.57
N ILE A 253 1.05 1.44 -26.92
CA ILE A 253 2.21 1.47 -26.00
C ILE A 253 1.70 1.99 -24.64
N GLU A 254 2.22 1.42 -23.56
CA GLU A 254 1.73 1.71 -22.21
C GLU A 254 2.54 2.87 -21.62
N VAL A 255 1.81 3.87 -21.14
CA VAL A 255 2.36 5.10 -20.56
C VAL A 255 1.63 5.37 -19.24
N LEU A 256 2.36 5.27 -18.12
CA LEU A 256 1.81 5.51 -16.78
C LEU A 256 1.39 6.99 -16.61
N LEU A 257 0.12 7.19 -16.22
CA LEU A 257 -0.46 8.50 -15.89
C LEU A 257 -0.63 8.61 -14.36
N LEU A 258 0.23 9.42 -13.76
CA LEU A 258 0.35 9.60 -12.30
C LEU A 258 -0.44 10.86 -11.89
N SER A 259 -1.37 10.73 -10.92
CA SER A 259 -2.32 11.82 -10.55
C SER A 259 -2.29 12.14 -9.04
N ASP A 260 -1.22 11.72 -8.35
CA ASP A 260 -1.12 11.75 -6.87
C ASP A 260 -0.07 12.77 -6.40
N ARG A 261 -0.38 13.60 -5.39
CA ARG A 261 0.53 14.69 -4.93
C ARG A 261 1.80 14.16 -4.20
N ILE A 262 1.62 13.17 -3.32
CA ILE A 262 2.73 12.53 -2.54
C ILE A 262 3.77 11.84 -3.47
N ASP A 263 3.31 11.52 -4.69
CA ASP A 263 4.11 10.85 -5.73
C ASP A 263 5.38 11.65 -6.10
N GLU A 264 5.33 12.99 -5.90
CA GLU A 264 6.49 13.91 -6.06
C GLU A 264 7.69 13.37 -5.27
N TRP A 265 7.43 13.03 -4.00
CA TRP A 265 8.45 12.55 -3.08
C TRP A 265 8.77 11.06 -3.32
N MET A 266 7.78 10.27 -3.79
CA MET A 266 7.94 8.80 -3.96
C MET A 266 8.84 8.46 -5.15
N MET A 267 8.44 8.91 -6.34
CA MET A 267 9.12 8.60 -7.62
C MET A 267 10.49 9.30 -7.72
N ASN A 268 10.72 10.26 -6.80
CA ASN A 268 12.02 10.90 -6.56
C ASN A 268 13.09 9.83 -6.20
N TYR A 269 12.65 8.75 -5.53
CA TYR A 269 13.53 7.62 -5.14
C TYR A 269 13.26 6.38 -6.01
N LEU A 270 11.98 6.12 -6.34
CA LEU A 270 11.55 4.96 -7.16
C LEU A 270 11.97 5.23 -8.64
N THR A 271 13.25 4.96 -8.91
CA THR A 271 13.89 5.20 -10.21
C THR A 271 13.88 3.95 -11.11
N GLU A 272 13.72 2.74 -10.51
CA GLU A 272 13.75 1.47 -11.26
C GLU A 272 12.82 0.41 -10.62
N PHE A 273 12.31 -0.51 -11.46
CA PHE A 273 11.51 -1.68 -11.04
C PHE A 273 11.79 -2.86 -11.99
N ASP A 274 12.19 -3.99 -11.40
CA ASP A 274 12.40 -5.29 -12.08
C ASP A 274 13.51 -5.21 -13.16
N GLY A 275 14.47 -4.28 -12.94
CA GLY A 275 15.61 -4.10 -13.86
C GLY A 275 15.36 -3.05 -14.93
N LYS A 276 14.08 -2.70 -15.14
CA LYS A 276 13.66 -1.70 -16.15
C LYS A 276 13.66 -0.30 -15.51
N PRO A 277 14.48 0.67 -16.03
CA PRO A 277 14.53 2.03 -15.48
C PRO A 277 13.34 2.89 -15.96
N PHE A 278 12.88 3.75 -15.06
CA PHE A 278 11.80 4.69 -15.33
C PHE A 278 12.32 5.88 -16.15
N GLN A 279 11.58 6.24 -17.21
CA GLN A 279 11.90 7.37 -18.08
C GLN A 279 10.85 8.47 -17.87
N SER A 280 11.27 9.49 -17.11
CA SER A 280 10.44 10.66 -16.81
C SER A 280 10.60 11.74 -17.88
N VAL A 281 9.65 12.69 -17.90
CA VAL A 281 9.83 13.96 -18.62
C VAL A 281 10.66 14.94 -17.73
N SER A 282 10.59 14.70 -16.39
CA SER A 282 11.22 15.53 -15.35
C SER A 282 12.75 15.43 -15.37
N LYS A 283 13.26 14.26 -15.76
CA LYS A 283 14.70 13.99 -15.86
C LYS A 283 15.00 13.41 -17.25
N VAL A 284 16.24 13.61 -17.71
CA VAL A 284 16.70 13.14 -19.03
C VAL A 284 17.90 12.18 -18.89
N ASP A 285 18.25 11.53 -20.01
CA ASP A 285 19.44 10.65 -20.12
C ASP A 285 20.55 11.46 -20.84
N GLU A 286 21.77 10.90 -20.99
CA GLU A 286 22.89 11.59 -21.70
C GLU A 286 22.71 11.53 -23.25
N SER A 287 21.46 11.76 -23.72
CA SER A 287 21.07 11.56 -25.11
C SER A 287 21.35 12.83 -25.97
N LEU A 288 20.35 13.72 -26.08
CA LEU A 288 20.31 14.74 -27.15
C LEU A 288 20.81 16.11 -26.64
N GLU A 289 20.55 16.41 -25.36
CA GLU A 289 21.08 17.62 -24.68
C GLU A 289 22.63 17.57 -24.58
N LYS A 290 23.19 16.33 -24.60
CA LYS A 290 24.65 16.10 -24.67
C LYS A 290 25.20 16.64 -26.00
N LEU A 291 24.51 16.27 -27.08
CA LEU A 291 24.88 16.66 -28.45
C LEU A 291 24.69 18.18 -28.65
N ALA A 292 23.68 18.74 -27.96
CA ALA A 292 23.37 20.18 -27.99
C ALA A 292 24.44 20.97 -27.20
N MET B 17 15.42 19.83 -24.53
CA MET B 17 15.42 18.36 -24.39
C MET B 17 14.76 17.95 -23.07
N ALA B 18 13.59 17.31 -23.18
CA ALA B 18 12.85 16.71 -22.04
C ALA B 18 12.18 15.38 -22.48
N THR B 19 12.24 15.09 -23.79
CA THR B 19 11.62 13.91 -24.39
C THR B 19 12.55 12.69 -24.29
N SER B 20 12.49 12.03 -23.12
CA SER B 20 13.23 10.79 -22.87
C SER B 20 12.64 9.66 -23.72
N THR B 21 13.46 9.16 -24.67
CA THR B 21 13.10 8.08 -25.62
C THR B 21 12.15 8.58 -26.73
N LEU B 22 10.92 8.85 -26.36
CA LEU B 22 9.82 9.17 -27.28
C LEU B 22 8.73 9.94 -26.54
N ILE B 23 8.61 9.64 -25.23
CA ILE B 23 7.45 10.02 -24.46
C ILE B 23 7.43 11.53 -24.11
N LYS B 24 6.77 12.27 -25.01
CA LYS B 24 6.29 13.62 -24.77
C LYS B 24 4.77 13.50 -24.65
N ALA B 25 4.27 13.46 -23.42
CA ALA B 25 2.83 13.32 -23.15
C ALA B 25 2.28 14.63 -22.55
N ILE B 26 2.58 14.84 -21.26
CA ILE B 26 2.03 15.95 -20.47
C ILE B 26 3.10 17.06 -20.38
N ASP B 27 2.71 18.32 -20.63
CA ASP B 27 3.60 19.48 -20.49
C ASP B 27 3.56 19.95 -19.03
N GLY B 28 4.63 19.63 -18.28
CA GLY B 28 4.72 19.94 -16.84
C GLY B 28 5.61 21.15 -16.55
N ASP B 29 5.10 22.05 -15.67
CA ASP B 29 5.82 23.27 -15.25
C ASP B 29 7.00 22.93 -14.34
N THR B 30 8.10 23.70 -14.48
CA THR B 30 9.36 23.53 -13.72
C THR B 30 10.12 22.23 -14.12
N VAL B 31 9.51 21.44 -15.05
CA VAL B 31 9.98 20.11 -15.50
C VAL B 31 10.29 19.21 -14.28
N LYS B 32 9.28 19.09 -13.39
CA LYS B 32 9.34 18.28 -12.15
C LYS B 32 8.12 17.33 -12.07
N LEU B 33 8.03 16.59 -10.94
CA LEU B 33 6.99 15.58 -10.74
C LEU B 33 5.61 16.23 -10.38
N MET B 34 5.31 16.39 -9.08
CA MET B 34 3.97 16.83 -8.60
C MET B 34 4.12 18.08 -7.71
N TYR B 35 3.09 18.33 -6.86
CA TYR B 35 3.21 19.23 -5.72
C TYR B 35 3.78 18.42 -4.55
N LYS B 36 4.87 18.92 -3.92
CA LYS B 36 5.61 18.20 -2.86
C LYS B 36 4.70 17.84 -1.67
N GLY B 37 4.87 16.60 -1.14
CA GLY B 37 4.07 16.10 -0.02
C GLY B 37 4.57 16.58 1.35
N GLN B 38 4.13 15.91 2.43
CA GLN B 38 4.49 16.28 3.81
C GLN B 38 5.60 15.34 4.36
N PRO B 39 6.67 15.89 5.02
CA PRO B 39 7.71 15.06 5.67
C PRO B 39 7.29 14.67 7.12
N MET B 40 7.26 13.34 7.40
CA MET B 40 6.77 12.79 8.70
C MET B 40 7.39 11.42 8.98
N THR B 41 8.52 11.13 8.32
CA THR B 41 9.08 9.76 8.24
C THR B 41 10.21 9.51 9.26
N PHE B 42 10.23 8.28 9.79
CA PHE B 42 11.21 7.81 10.79
C PHE B 42 12.10 6.69 10.16
N ARG B 43 11.72 5.41 10.36
CA ARG B 43 12.43 4.23 9.79
C ARG B 43 11.63 2.95 10.10
N LEU B 44 10.95 2.40 9.06
CA LEU B 44 10.17 1.15 9.14
C LEU B 44 9.47 0.92 7.78
N LEU B 45 9.62 -0.29 7.17
CA LEU B 45 8.84 -0.73 5.98
C LEU B 45 8.73 -2.28 5.89
N LEU B 46 8.26 -2.74 4.71
CA LEU B 46 7.87 -4.14 4.45
C LEU B 46 9.10 -5.06 4.18
N VAL B 47 8.82 -6.36 3.85
CA VAL B 47 9.87 -7.37 3.55
C VAL B 47 9.87 -7.70 2.03
N ASP B 48 10.35 -8.92 1.63
CA ASP B 48 10.41 -9.35 0.21
C ASP B 48 9.01 -9.40 -0.48
N THR B 49 7.97 -9.81 0.28
CA THR B 49 6.54 -9.78 -0.14
C THR B 49 6.24 -10.70 -1.38
N PRO B 50 6.40 -12.07 -1.24
CA PRO B 50 6.16 -13.04 -2.33
C PRO B 50 4.91 -13.95 -2.11
N GLU B 51 3.71 -13.36 -2.21
CA GLU B 51 2.42 -14.08 -1.98
C GLU B 51 2.36 -14.65 -0.55
N THR B 52 2.74 -13.80 0.40
CA THR B 52 2.87 -14.11 1.84
C THR B 52 1.53 -14.64 2.44
N LYS B 53 0.39 -14.09 1.96
CA LYS B 53 -0.96 -14.44 2.50
C LYS B 53 -1.99 -14.62 1.35
N HIS B 54 -1.48 -14.84 0.12
CA HIS B 54 -2.30 -15.30 -1.02
C HIS B 54 -2.87 -16.74 -0.81
N PRO B 55 -2.04 -17.78 -0.40
CA PRO B 55 -2.57 -19.16 -0.18
C PRO B 55 -3.49 -19.27 1.07
N LYS B 56 -4.76 -18.87 0.86
CA LYS B 56 -5.83 -18.99 1.87
C LYS B 56 -6.61 -20.30 1.64
N LYS B 57 -7.24 -20.84 2.70
CA LYS B 57 -8.04 -22.08 2.61
C LYS B 57 -9.28 -21.99 3.50
N GLY B 58 -10.30 -22.78 3.13
CA GLY B 58 -11.58 -22.81 3.84
C GLY B 58 -12.50 -23.87 3.28
N VAL B 59 -13.82 -23.61 3.33
CA VAL B 59 -14.88 -24.53 2.90
C VAL B 59 -14.72 -25.91 3.59
N GLU B 60 -15.00 -25.92 4.90
CA GLU B 60 -14.81 -27.11 5.77
C GLU B 60 -15.69 -27.00 7.02
N LYS B 61 -15.70 -25.79 7.63
CA LYS B 61 -16.50 -25.44 8.81
C LYS B 61 -17.09 -24.04 8.63
N TYR B 62 -17.49 -23.38 9.75
CA TYR B 62 -18.31 -22.14 9.74
C TYR B 62 -19.68 -22.45 9.12
N GLY B 63 -19.75 -22.42 7.77
CA GLY B 63 -20.96 -22.74 7.01
C GLY B 63 -22.22 -22.05 7.52
N PRO B 64 -23.36 -22.79 7.66
CA PRO B 64 -24.55 -22.30 8.40
C PRO B 64 -24.32 -22.44 9.93
N GLU B 65 -24.98 -21.56 10.71
CA GLU B 65 -24.91 -21.50 12.21
C GLU B 65 -23.58 -20.85 12.69
N ALA B 66 -22.43 -21.50 12.32
CA ALA B 66 -21.05 -21.07 12.69
C ALA B 66 -20.85 -21.11 14.22
N SER B 67 -20.21 -22.23 14.67
CA SER B 67 -20.01 -22.59 16.09
C SER B 67 -21.34 -23.02 16.75
N ALA B 68 -21.23 -23.70 17.90
CA ALA B 68 -22.37 -24.13 18.70
C ALA B 68 -22.16 -23.67 20.15
N PHE B 69 -23.02 -22.77 20.63
CA PHE B 69 -22.95 -22.23 21.99
C PHE B 69 -23.54 -23.23 23.01
N THR B 70 -22.74 -24.27 23.34
CA THR B 70 -23.11 -25.36 24.26
C THR B 70 -24.34 -26.15 23.71
N LYS B 71 -25.56 -25.64 24.01
CA LYS B 71 -26.85 -26.21 23.59
C LYS B 71 -27.99 -25.35 24.19
N LYS B 72 -27.69 -24.03 24.33
CA LYS B 72 -28.50 -23.10 25.12
C LYS B 72 -29.92 -22.93 24.56
N MET B 73 -30.82 -23.78 25.05
CA MET B 73 -32.27 -23.72 24.74
C MET B 73 -32.94 -22.88 25.83
N VAL B 74 -32.78 -23.34 27.09
CA VAL B 74 -33.26 -22.64 28.29
C VAL B 74 -32.33 -21.47 28.67
N GLU B 75 -32.50 -20.92 29.89
CA GLU B 75 -31.65 -19.84 30.43
C GLU B 75 -30.22 -20.36 30.72
N ASN B 76 -30.14 -21.66 31.13
CA ASN B 76 -28.87 -22.36 31.47
C ASN B 76 -28.15 -21.66 32.64
N ALA B 77 -28.82 -21.66 33.81
CA ALA B 77 -28.27 -21.12 35.06
C ALA B 77 -27.34 -22.18 35.71
N ALA A 28 -21.63 -13.26 25.00
CA ALA A 28 -21.24 -11.91 25.46
C ALA A 28 -19.85 -11.94 26.11
N GLN A 29 -18.80 -11.95 25.27
CA GLN A 29 -17.39 -11.98 25.72
C GLN A 29 -16.51 -11.31 24.66
N ALA A 30 -15.28 -10.95 25.04
CA ALA A 30 -14.30 -10.30 24.15
C ALA A 30 -14.14 -11.09 22.83
N LEU A 31 -14.41 -10.42 21.70
CA LEU A 31 -14.31 -11.04 20.37
C LEU A 31 -12.85 -11.31 20.03
N TRP A 32 -11.97 -10.33 20.33
CA TRP A 32 -10.54 -10.42 19.98
C TRP A 32 -9.86 -11.65 20.63
N THR A 33 -10.17 -11.93 21.92
CA THR A 33 -9.49 -12.99 22.70
C THR A 33 -9.72 -14.40 22.11
N ARG A 34 -10.88 -14.58 21.44
CA ARG A 34 -11.26 -15.86 20.81
C ARG A 34 -10.46 -16.13 19.51
N ASN A 35 -10.60 -17.35 18.99
CA ASN A 35 -9.90 -17.82 17.77
C ASN A 35 -10.72 -17.47 16.52
N LYS A 36 -10.05 -17.45 15.34
CA LYS A 36 -10.69 -17.11 14.05
C LYS A 36 -11.82 -18.09 13.70
N SER A 37 -11.59 -19.36 14.04
CA SER A 37 -12.53 -20.47 13.74
C SER A 37 -13.80 -20.40 14.61
N GLU A 38 -13.72 -19.65 15.73
CA GLU A 38 -14.85 -19.46 16.67
C GLU A 38 -15.73 -18.26 16.25
N ILE A 39 -15.18 -17.36 15.40
CA ILE A 39 -15.82 -16.09 15.02
C ILE A 39 -16.14 -16.09 13.52
N THR A 40 -17.40 -15.84 13.15
CA THR A 40 -17.80 -15.77 11.74
C THR A 40 -17.43 -14.40 11.14
N ASP A 41 -17.34 -14.36 9.81
CA ASP A 41 -16.88 -13.19 9.03
C ASP A 41 -17.77 -11.95 9.26
N GLU A 42 -19.04 -12.18 9.61
CA GLU A 42 -20.02 -11.11 9.80
C GLU A 42 -19.77 -10.37 11.13
N GLU A 43 -19.35 -11.12 12.15
CA GLU A 43 -19.03 -10.56 13.47
C GLU A 43 -17.78 -9.67 13.38
N TYR A 44 -16.84 -10.00 12.46
CA TYR A 44 -15.67 -9.16 12.18
C TYR A 44 -16.09 -7.78 11.62
N LYS A 45 -17.06 -7.77 10.70
CA LYS A 45 -17.55 -6.52 10.09
C LYS A 45 -18.19 -5.62 11.16
N GLU A 46 -19.12 -6.22 11.92
CA GLU A 46 -19.88 -5.53 12.98
C GLU A 46 -18.96 -5.02 14.09
N PHE A 47 -17.96 -5.84 14.44
CA PHE A 47 -16.96 -5.50 15.47
C PHE A 47 -16.14 -4.29 15.03
N TYR A 48 -15.67 -4.31 13.77
CA TYR A 48 -14.94 -3.18 13.15
C TYR A 48 -15.75 -1.88 13.25
N LYS A 49 -17.04 -1.97 12.93
CA LYS A 49 -17.96 -0.82 12.91
C LYS A 49 -18.04 -0.14 14.29
N HIS A 50 -18.13 -0.96 15.35
CA HIS A 50 -18.33 -0.46 16.72
C HIS A 50 -17.00 0.07 17.34
N ILE A 51 -15.86 -0.57 16.99
CA ILE A 51 -14.54 -0.19 17.55
C ILE A 51 -13.94 1.04 16.84
N ALA A 52 -14.35 1.26 15.58
CA ALA A 52 -13.95 2.45 14.78
C ALA A 52 -14.98 3.57 14.93
N HIS A 53 -16.21 3.19 15.32
CA HIS A 53 -17.40 4.07 15.37
C HIS A 53 -17.76 4.57 13.95
N ASP A 54 -17.44 3.71 12.96
CA ASP A 54 -17.70 3.90 11.53
C ASP A 54 -18.67 2.79 11.08
N PHE A 55 -19.12 2.76 9.81
CA PHE A 55 -20.09 1.72 9.34
C PHE A 55 -19.71 1.14 7.97
N ASN A 56 -18.61 1.61 7.36
CA ASN A 56 -18.05 0.99 6.14
C ASN A 56 -17.49 -0.39 6.48
N ASP A 57 -17.81 -1.38 5.62
CA ASP A 57 -17.35 -2.77 5.79
C ASP A 57 -15.82 -2.88 5.63
N PRO A 58 -15.16 -3.89 6.28
CA PRO A 58 -13.77 -4.22 5.94
C PRO A 58 -13.70 -5.03 4.61
N LEU A 59 -12.74 -4.67 3.75
CA LEU A 59 -12.42 -5.39 2.51
C LEU A 59 -11.79 -6.75 2.87
N THR A 60 -10.89 -6.71 3.85
CA THR A 60 -10.31 -7.90 4.47
C THR A 60 -9.90 -7.56 5.91
N TRP A 61 -9.44 -8.59 6.64
CA TRP A 61 -8.95 -8.45 8.02
C TRP A 61 -7.86 -9.49 8.28
N SER A 62 -7.16 -9.33 9.41
CA SER A 62 -6.07 -10.23 9.81
C SER A 62 -6.13 -10.40 11.34
N HIS A 63 -6.85 -11.45 11.79
CA HIS A 63 -6.97 -11.78 13.21
C HIS A 63 -5.90 -12.81 13.57
N ASN A 64 -4.94 -12.44 14.41
CA ASN A 64 -3.89 -13.36 14.86
C ASN A 64 -3.62 -13.14 16.35
N ARG A 65 -3.74 -14.21 17.16
CA ARG A 65 -3.38 -14.17 18.58
C ARG A 65 -2.09 -14.96 18.77
N VAL A 66 -1.12 -14.33 19.45
CA VAL A 66 0.25 -14.83 19.59
C VAL A 66 0.54 -15.13 21.07
N GLU A 67 1.38 -16.15 21.31
CA GLU A 67 1.80 -16.58 22.65
C GLU A 67 3.30 -16.95 22.62
N GLY A 68 3.96 -17.02 23.78
CA GLY A 68 5.37 -17.43 23.90
C GLY A 68 6.18 -16.41 24.69
N LYS A 69 6.97 -15.60 23.96
CA LYS A 69 7.73 -14.47 24.55
C LYS A 69 6.75 -13.34 24.91
N GLN A 70 6.02 -12.87 23.88
CA GLN A 70 4.99 -11.84 24.02
C GLN A 70 3.64 -12.43 23.60
N GLU A 71 2.78 -12.66 24.59
CA GLU A 71 1.38 -13.01 24.37
C GLU A 71 0.61 -11.72 24.11
N TYR A 72 0.20 -11.53 22.86
CA TYR A 72 -0.60 -10.38 22.45
C TYR A 72 -1.60 -10.81 21.38
N THR A 73 -2.84 -10.34 21.52
CA THR A 73 -3.90 -10.56 20.55
C THR A 73 -4.00 -9.36 19.62
N SER A 74 -3.64 -9.54 18.34
CA SER A 74 -3.81 -8.51 17.32
C SER A 74 -5.01 -8.86 16.42
N LEU A 75 -5.74 -7.83 16.01
CA LEU A 75 -6.89 -7.95 15.11
C LEU A 75 -6.96 -6.66 14.26
N LEU A 76 -6.42 -6.77 13.05
CA LEU A 76 -6.30 -5.67 12.10
C LEU A 76 -7.47 -5.73 11.10
N TYR A 77 -7.90 -4.56 10.60
CA TYR A 77 -8.93 -4.45 9.55
C TYR A 77 -8.45 -3.50 8.45
N ILE A 78 -8.79 -3.84 7.20
CA ILE A 78 -8.64 -2.97 6.05
C ILE A 78 -10.02 -2.39 5.69
N PRO A 79 -10.27 -1.05 5.92
CA PRO A 79 -11.58 -0.42 5.61
C PRO A 79 -11.85 -0.32 4.09
N SER A 80 -13.12 -0.10 3.71
CA SER A 80 -13.52 0.10 2.30
C SER A 80 -13.55 1.59 1.92
N GLN A 81 -13.27 2.48 2.89
CA GLN A 81 -13.31 3.94 2.69
C GLN A 81 -12.42 4.61 3.75
N ALA A 82 -11.64 5.64 3.32
CA ALA A 82 -10.79 6.43 4.21
C ALA A 82 -11.64 7.28 5.15
N PRO A 83 -11.47 7.15 6.51
CA PRO A 83 -12.03 8.11 7.47
C PRO A 83 -11.46 9.52 7.24
N TRP A 84 -12.27 10.56 7.50
CA TRP A 84 -11.84 11.97 7.28
C TRP A 84 -10.66 12.29 8.22
N ASP A 85 -10.79 11.86 9.49
CA ASP A 85 -9.81 12.12 10.56
C ASP A 85 -8.50 11.36 10.39
N MET A 86 -8.43 10.47 9.39
CA MET A 86 -7.20 9.78 8.99
C MET A 86 -6.20 10.80 8.40
N TRP A 87 -6.76 11.78 7.67
CA TRP A 87 -5.98 12.80 6.94
C TRP A 87 -6.02 14.15 7.69
N ASN A 88 -6.73 14.17 8.83
CA ASN A 88 -6.74 15.31 9.76
C ASN A 88 -5.40 15.34 10.54
N ARG A 89 -5.04 16.52 11.05
CA ARG A 89 -3.80 16.72 11.80
C ARG A 89 -3.90 16.07 13.20
N ASP A 90 -5.15 15.79 13.64
CA ASP A 90 -5.41 15.06 14.90
C ASP A 90 -5.30 13.55 14.64
N HIS A 91 -4.84 12.80 15.66
CA HIS A 91 -4.69 11.34 15.58
C HIS A 91 -6.08 10.66 15.63
N LYS A 92 -6.25 9.63 14.80
CA LYS A 92 -7.45 8.74 14.85
C LYS A 92 -7.04 7.37 14.31
N HIS A 93 -6.14 7.38 13.31
CA HIS A 93 -5.54 6.15 12.77
C HIS A 93 -4.80 5.36 13.87
N GLY A 94 -4.69 4.04 13.68
CA GLY A 94 -4.00 3.17 14.64
C GLY A 94 -4.96 2.21 15.32
N LEU A 95 -4.47 1.56 16.38
CA LEU A 95 -5.15 0.43 17.03
C LEU A 95 -5.61 0.83 18.44
N LYS A 96 -6.69 0.20 18.93
CA LYS A 96 -7.15 0.37 20.31
C LYS A 96 -6.26 -0.47 21.23
N LEU A 97 -5.50 0.20 22.09
CA LEU A 97 -4.61 -0.46 23.05
C LEU A 97 -5.42 -1.02 24.25
N TYR A 98 -5.41 -2.35 24.35
CA TYR A 98 -5.83 -3.09 25.54
C TYR A 98 -4.58 -3.71 26.16
N VAL A 99 -4.51 -3.75 27.49
CA VAL A 99 -3.48 -4.47 28.23
C VAL A 99 -4.17 -5.43 29.19
N GLN A 100 -3.96 -6.75 28.97
CA GLN A 100 -4.50 -7.84 29.81
C GLN A 100 -6.05 -7.80 29.78
N ARG A 101 -6.57 -7.52 28.57
CA ARG A 101 -8.02 -7.47 28.24
C ARG A 101 -8.75 -6.24 28.86
N VAL A 102 -7.97 -5.38 29.52
CA VAL A 102 -8.45 -4.09 30.08
C VAL A 102 -8.13 -2.98 29.08
N PHE A 103 -9.16 -2.23 28.64
CA PHE A 103 -8.97 -1.09 27.73
C PHE A 103 -8.17 0.03 28.43
N ILE A 104 -7.15 0.54 27.74
CA ILE A 104 -6.24 1.57 28.30
C ILE A 104 -6.27 2.84 27.45
N MET A 105 -5.99 2.69 26.14
CA MET A 105 -5.75 3.83 25.24
C MET A 105 -6.37 3.56 23.86
N ASP A 106 -6.91 4.61 23.20
CA ASP A 106 -7.54 4.50 21.86
C ASP A 106 -6.73 5.30 20.82
N ASP A 107 -6.81 4.86 19.55
CA ASP A 107 -6.17 5.51 18.39
C ASP A 107 -4.64 5.56 18.57
N ALA A 108 -4.10 4.48 19.15
CA ALA A 108 -2.66 4.34 19.46
C ALA A 108 -1.89 4.06 18.17
N GLU A 109 -1.39 5.15 17.55
CA GLU A 109 -0.67 5.11 16.28
C GLU A 109 0.80 4.66 16.46
N GLN A 110 1.20 4.41 17.72
CA GLN A 110 2.55 3.94 18.06
C GLN A 110 2.68 2.41 17.86
N PHE A 111 1.57 1.73 17.52
CA PHE A 111 1.61 0.31 17.11
C PHE A 111 1.71 0.17 15.59
N MET A 112 1.39 1.24 14.85
CA MET A 112 1.39 1.21 13.37
C MET A 112 1.98 2.53 12.84
N PRO A 113 3.12 2.50 12.08
CA PRO A 113 3.74 3.73 11.51
C PRO A 113 2.81 4.53 10.56
N ASN A 114 3.23 5.76 10.25
CA ASN A 114 2.43 6.77 9.51
C ASN A 114 2.01 6.25 8.12
N TYR A 115 2.92 5.53 7.47
CA TYR A 115 2.73 4.98 6.09
C TYR A 115 1.95 3.64 6.08
N LEU A 116 1.51 3.19 7.27
CA LEU A 116 0.61 2.04 7.41
C LEU A 116 -0.68 2.49 8.15
N ARG A 117 -0.96 3.84 8.14
CA ARG A 117 -2.02 4.45 8.98
C ARG A 117 -3.45 3.97 8.64
N PHE A 118 -3.61 3.36 7.45
CA PHE A 118 -4.89 2.81 6.98
C PHE A 118 -5.41 1.65 7.86
N VAL A 119 -4.49 0.96 8.55
CA VAL A 119 -4.83 -0.14 9.46
C VAL A 119 -5.57 0.41 10.68
N ARG A 120 -6.84 -0.01 10.85
CA ARG A 120 -7.64 0.30 12.03
C ARG A 120 -8.08 -1.04 12.63
N GLY A 121 -8.02 -1.14 13.94
CA GLY A 121 -8.42 -2.33 14.67
C GLY A 121 -8.06 -2.20 16.13
N LEU A 122 -7.42 -3.22 16.70
CA LEU A 122 -7.04 -3.24 18.11
C LEU A 122 -5.90 -4.24 18.33
N ILE A 123 -5.21 -4.07 19.46
CA ILE A 123 -4.15 -4.97 19.91
C ILE A 123 -4.16 -4.99 21.45
N ASP A 124 -4.44 -6.18 21.99
CA ASP A 124 -4.33 -6.49 23.42
C ASP A 124 -2.97 -7.13 23.67
N SER A 125 -2.26 -6.71 24.72
CA SER A 125 -1.01 -7.34 25.14
C SER A 125 -1.05 -7.67 26.63
N SER A 126 -0.73 -8.92 26.96
CA SER A 126 -0.69 -9.43 28.35
C SER A 126 0.64 -9.07 29.04
N ASP A 127 1.68 -8.74 28.23
CA ASP A 127 3.06 -8.52 28.73
C ASP A 127 3.43 -7.03 28.82
N LEU A 128 2.77 -6.17 28.01
CA LEU A 128 2.95 -4.70 28.07
C LEU A 128 2.48 -4.17 29.46
N PRO A 129 3.07 -3.04 29.97
CA PRO A 129 2.64 -2.40 31.25
C PRO A 129 1.13 -2.05 31.27
N LEU A 130 0.45 -2.26 32.42
CA LEU A 130 -0.97 -1.88 32.59
C LEU A 130 -1.10 -0.36 32.66
N ASN A 131 -0.08 0.27 33.26
CA ASN A 131 0.04 1.73 33.42
C ASN A 131 0.65 2.39 32.17
N VAL A 132 0.72 1.64 31.05
CA VAL A 132 1.30 2.09 29.75
C VAL A 132 0.76 3.46 29.28
N SER A 133 1.66 4.27 28.69
CA SER A 133 1.35 5.61 28.19
C SER A 133 2.15 5.87 26.90
N ARG A 134 2.03 7.10 26.35
CA ARG A 134 2.66 7.51 25.07
C ARG A 134 4.20 7.36 25.07
N GLU A 135 4.83 7.61 26.24
CA GLU A 135 6.29 7.44 26.41
C GLU A 135 6.69 5.96 26.22
N ILE A 136 5.93 5.05 26.87
CA ILE A 136 6.15 3.60 26.74
C ILE A 136 5.95 3.17 25.26
N LEU A 137 4.85 3.65 24.67
CA LEU A 137 4.46 3.30 23.30
C LEU A 137 5.48 3.81 22.26
N GLN A 138 6.20 4.88 22.60
CA GLN A 138 7.22 5.46 21.72
C GLN A 138 8.52 4.63 21.76
N ASP A 139 9.19 4.63 22.94
CA ASP A 139 10.60 4.19 23.07
C ASP A 139 10.77 2.74 23.56
N SER A 140 9.78 2.17 24.29
CA SER A 140 9.94 0.83 24.90
C SER A 140 10.06 -0.27 23.82
N THR A 141 10.93 -1.25 24.07
CA THR A 141 11.28 -2.30 23.10
C THR A 141 10.17 -3.37 23.00
N VAL A 142 9.34 -3.48 24.06
CA VAL A 142 8.17 -4.38 24.04
C VAL A 142 7.13 -3.89 23.00
N THR A 143 6.96 -2.55 22.92
CA THR A 143 6.08 -1.90 21.93
C THR A 143 6.77 -1.75 20.56
N ARG A 144 8.10 -1.54 20.56
CA ARG A 144 8.89 -1.35 19.32
C ARG A 144 8.91 -2.64 18.49
N ASN A 145 9.23 -3.74 19.17
CA ASN A 145 9.22 -5.10 18.59
C ASN A 145 7.80 -5.47 18.10
N LEU A 146 6.80 -5.03 18.89
CA LEU A 146 5.37 -5.19 18.57
C LEU A 146 5.04 -4.48 17.24
N ARG A 147 5.53 -3.24 17.11
CA ARG A 147 5.26 -2.33 15.98
C ARG A 147 5.88 -2.86 14.67
N ASN A 148 7.10 -3.42 14.79
CA ASN A 148 7.81 -4.07 13.65
C ASN A 148 7.13 -5.40 13.28
N ALA A 149 6.64 -6.12 14.30
CA ALA A 149 5.96 -7.43 14.12
C ALA A 149 4.65 -7.27 13.32
N LEU A 150 3.87 -6.25 13.70
CA LEU A 150 2.57 -5.94 13.07
C LEU A 150 2.75 -5.55 11.59
N THR A 151 3.85 -4.84 11.29
CA THR A 151 4.20 -4.39 9.92
C THR A 151 4.33 -5.57 8.93
N LYS A 152 4.87 -6.70 9.43
CA LYS A 152 4.96 -7.96 8.65
C LYS A 152 3.56 -8.49 8.30
N ARG A 153 2.65 -8.43 9.28
CA ARG A 153 1.25 -8.87 9.10
C ARG A 153 0.49 -7.91 8.18
N VAL A 154 0.92 -6.63 8.13
CA VAL A 154 0.35 -5.61 7.22
C VAL A 154 0.80 -5.92 5.77
N LEU A 155 2.10 -6.25 5.59
CA LEU A 155 2.68 -6.67 4.28
C LEU A 155 1.82 -7.80 3.68
N GLN A 156 1.69 -8.85 4.49
CA GLN A 156 0.99 -10.07 4.10
C GLN A 156 -0.52 -9.80 3.90
N MET A 157 -1.09 -8.84 4.68
CA MET A 157 -2.55 -8.47 4.62
C MET A 157 -2.87 -7.63 3.37
N LEU A 158 -1.88 -6.86 2.89
CA LEU A 158 -2.00 -6.05 1.67
C LEU A 158 -2.02 -6.94 0.44
N GLU A 159 -1.08 -7.90 0.41
CA GLU A 159 -1.02 -8.89 -0.66
C GLU A 159 -2.21 -9.86 -0.56
N LYS A 160 -2.62 -10.16 0.69
CA LYS A 160 -3.80 -11.01 1.01
C LYS A 160 -5.07 -10.45 0.34
N LEU A 161 -5.16 -9.11 0.32
CA LEU A 161 -6.27 -8.37 -0.30
C LEU A 161 -6.14 -8.36 -1.85
N ALA A 162 -4.89 -8.17 -2.32
CA ALA A 162 -4.59 -8.14 -3.78
C ALA A 162 -4.88 -9.50 -4.45
N LYS A 163 -4.59 -10.59 -3.71
CA LYS A 163 -4.79 -11.97 -4.16
C LYS A 163 -6.24 -12.41 -3.95
N ASP A 164 -6.89 -11.83 -2.93
CA ASP A 164 -8.31 -12.10 -2.60
C ASP A 164 -9.19 -11.62 -3.75
N ASP A 165 -9.10 -10.31 -4.03
CA ASP A 165 -9.99 -9.62 -4.97
C ASP A 165 -9.39 -8.26 -5.34
N ALA A 166 -8.90 -8.14 -6.59
CA ALA A 166 -8.22 -6.92 -7.09
C ALA A 166 -9.18 -5.70 -7.15
N GLU A 167 -10.50 -5.97 -7.19
CA GLU A 167 -11.53 -4.92 -7.18
C GLU A 167 -11.62 -4.30 -5.76
N LYS A 168 -11.45 -5.14 -4.71
CA LYS A 168 -11.32 -4.67 -3.32
C LYS A 168 -10.04 -3.85 -3.16
N TYR A 169 -8.97 -4.29 -3.84
CA TYR A 169 -7.65 -3.61 -3.75
C TYR A 169 -7.67 -2.28 -4.53
N GLN A 170 -8.59 -2.16 -5.50
CA GLN A 170 -8.88 -0.88 -6.19
C GLN A 170 -9.59 0.08 -5.22
N THR A 171 -10.60 -0.47 -4.52
CA THR A 171 -11.35 0.26 -3.48
C THR A 171 -10.42 0.74 -2.35
N PHE A 172 -9.42 -0.10 -2.04
CA PHE A 172 -8.37 0.20 -1.07
C PHE A 172 -7.49 1.34 -1.59
N TRP A 173 -6.94 1.17 -2.79
CA TRP A 173 -5.95 2.10 -3.35
C TRP A 173 -6.51 3.53 -3.53
N GLN A 174 -7.77 3.60 -3.93
CA GLN A 174 -8.44 4.87 -4.29
C GLN A 174 -8.78 5.71 -3.01
N GLN A 175 -8.55 5.10 -1.82
CA GLN A 175 -8.79 5.74 -0.51
C GLN A 175 -7.48 5.85 0.30
N PHE A 176 -6.63 4.82 0.20
CA PHE A 176 -5.47 4.60 1.11
C PHE A 176 -4.15 4.52 0.32
N GLY A 177 -4.20 4.80 -0.99
CA GLY A 177 -3.06 4.64 -1.88
C GLY A 177 -1.95 5.64 -1.64
N LEU A 178 -2.34 6.87 -1.28
CA LEU A 178 -1.42 7.99 -1.02
C LEU A 178 -0.52 7.68 0.22
N VAL A 179 -1.01 6.78 1.08
CA VAL A 179 -0.30 6.34 2.30
C VAL A 179 0.89 5.42 1.92
N LEU A 180 0.63 4.51 0.96
CA LEU A 180 1.64 3.55 0.47
C LEU A 180 2.74 4.25 -0.38
N LYS A 181 2.49 5.50 -0.83
CA LYS A 181 3.49 6.28 -1.61
C LYS A 181 4.63 6.79 -0.70
N GLU A 182 4.34 6.91 0.62
CA GLU A 182 5.37 7.19 1.65
C GLU A 182 6.37 6.02 1.70
N GLY A 183 5.88 4.79 1.44
CA GLY A 183 6.68 3.55 1.52
C GLY A 183 8.01 3.58 0.73
N PRO A 184 8.00 3.63 -0.63
CA PRO A 184 9.25 3.66 -1.44
C PRO A 184 10.10 4.91 -1.14
N ALA A 185 9.43 5.97 -0.67
CA ALA A 185 10.03 7.25 -0.33
C ALA A 185 10.64 7.21 1.08
N GLU A 186 10.22 6.24 1.88
CA GLU A 186 10.71 6.04 3.24
C GLU A 186 12.05 5.29 3.19
N ASP A 187 12.00 3.99 2.92
CA ASP A 187 13.21 3.14 2.82
C ASP A 187 13.27 2.60 1.39
N PHE A 188 14.17 3.19 0.58
CA PHE A 188 14.33 2.87 -0.84
C PHE A 188 14.93 1.45 -1.04
N ALA A 189 15.51 0.88 0.04
CA ALA A 189 16.03 -0.48 0.02
C ALA A 189 14.89 -1.49 -0.22
N ASN A 190 13.80 -1.34 0.53
CA ASN A 190 12.63 -2.24 0.46
C ASN A 190 11.49 -1.58 -0.35
N GLN A 191 11.87 -0.72 -1.33
CA GLN A 191 10.90 -0.07 -2.23
C GLN A 191 10.22 -1.11 -3.16
N GLU A 192 10.92 -2.23 -3.40
CA GLU A 192 10.52 -3.27 -4.38
C GLU A 192 9.21 -3.98 -3.98
N ALA A 193 9.15 -4.47 -2.73
CA ALA A 193 7.97 -5.20 -2.20
C ALA A 193 6.71 -4.31 -2.20
N ILE A 194 6.93 -3.01 -1.95
CA ILE A 194 5.89 -1.99 -1.90
C ILE A 194 5.49 -1.55 -3.33
N ALA A 195 6.48 -1.54 -4.24
CA ALA A 195 6.29 -1.11 -5.66
C ALA A 195 5.34 -2.06 -6.40
N LYS A 196 5.40 -3.34 -6.00
CA LYS A 196 4.48 -4.39 -6.48
C LYS A 196 3.05 -4.16 -5.95
N LEU A 197 2.95 -3.60 -4.73
CA LEU A 197 1.67 -3.26 -4.09
C LEU A 197 1.12 -1.91 -4.62
N LEU A 198 1.99 -1.07 -5.21
CA LEU A 198 1.60 0.25 -5.77
C LEU A 198 0.76 0.06 -7.05
N ARG A 199 -0.19 0.98 -7.24
CA ARG A 199 -1.03 1.07 -8.44
C ARG A 199 -0.86 2.47 -9.06
N PHE A 200 -0.71 2.53 -10.39
CA PHE A 200 -0.58 3.78 -11.14
C PHE A 200 -1.65 3.79 -12.24
N ALA A 201 -2.14 4.97 -12.61
CA ALA A 201 -3.06 5.12 -13.74
C ALA A 201 -2.24 5.16 -15.04
N SER A 202 -2.90 5.02 -16.20
CA SER A 202 -2.19 4.92 -17.50
C SER A 202 -3.00 5.52 -18.64
N THR A 203 -2.37 5.58 -19.83
CA THR A 203 -3.03 5.98 -21.09
C THR A 203 -3.97 4.88 -21.62
N HIS A 204 -3.80 3.64 -21.09
CA HIS A 204 -4.63 2.46 -21.38
C HIS A 204 -6.13 2.77 -21.18
N THR A 205 -6.42 3.46 -20.07
CA THR A 205 -7.79 3.80 -19.66
C THR A 205 -7.81 5.26 -19.19
N ASP A 206 -8.71 6.10 -19.77
CA ASP A 206 -8.80 7.54 -19.43
C ASP A 206 -9.61 7.76 -18.11
N SER A 207 -9.83 6.67 -17.36
CA SER A 207 -10.43 6.71 -16.02
C SER A 207 -9.34 7.00 -14.96
N SER A 208 -9.72 7.75 -13.91
CA SER A 208 -8.82 8.15 -12.82
C SER A 208 -8.47 6.96 -11.88
N ALA A 209 -9.27 5.89 -11.96
CA ALA A 209 -9.05 4.64 -11.21
C ALA A 209 -7.70 4.01 -11.60
N GLN A 210 -6.77 3.94 -10.62
CA GLN A 210 -5.40 3.43 -10.84
C GLN A 210 -5.42 1.90 -10.79
N THR A 211 -5.88 1.27 -11.88
CA THR A 211 -6.05 -0.19 -11.96
C THR A 211 -4.71 -0.90 -12.29
N VAL A 212 -3.88 -0.23 -13.10
CA VAL A 212 -2.56 -0.74 -13.54
C VAL A 212 -1.56 -0.73 -12.37
N SER A 213 -0.63 -1.70 -12.38
CA SER A 213 0.52 -1.73 -11.48
C SER A 213 1.80 -1.78 -12.35
N LEU A 214 2.95 -1.79 -11.68
CA LEU A 214 4.24 -2.02 -12.36
C LEU A 214 4.29 -3.46 -12.95
N GLU A 215 3.55 -4.38 -12.31
CA GLU A 215 3.39 -5.78 -12.77
C GLU A 215 2.70 -5.82 -14.15
N ASP A 216 1.57 -5.07 -14.29
CA ASP A 216 0.86 -4.91 -15.58
C ASP A 216 1.80 -4.34 -16.63
N TYR A 217 2.52 -3.27 -16.24
CA TYR A 217 3.38 -2.50 -17.16
C TYR A 217 4.46 -3.38 -17.80
N VAL A 218 5.09 -4.26 -16.99
CA VAL A 218 6.15 -5.19 -17.46
C VAL A 218 5.62 -6.10 -18.58
N SER A 219 4.51 -6.80 -18.31
CA SER A 219 3.88 -7.72 -19.29
C SER A 219 3.17 -6.97 -20.43
N ARG A 220 3.14 -5.63 -20.35
CA ARG A 220 2.48 -4.76 -21.34
C ARG A 220 3.49 -3.80 -21.98
N MET A 221 4.80 -4.07 -21.79
CA MET A 221 5.87 -3.27 -22.41
C MET A 221 5.94 -3.49 -23.92
N LYS A 222 6.35 -2.44 -24.64
CA LYS A 222 6.61 -2.51 -26.08
C LYS A 222 7.98 -3.18 -26.32
N GLU A 223 8.13 -3.80 -27.49
CA GLU A 223 9.41 -4.40 -27.90
C GLU A 223 10.48 -3.28 -28.05
N GLY A 224 11.52 -3.34 -27.19
CA GLY A 224 12.54 -2.30 -27.14
C GLY A 224 12.31 -1.24 -26.05
N GLN A 225 11.08 -1.19 -25.48
CA GLN A 225 10.72 -0.22 -24.42
C GLN A 225 11.47 -0.56 -23.10
N GLU A 226 12.68 0.02 -23.00
CA GLU A 226 13.64 -0.27 -21.92
C GLU A 226 13.25 0.43 -20.61
N LYS A 227 12.57 1.57 -20.75
CA LYS A 227 12.31 2.49 -19.64
C LYS A 227 10.80 2.57 -19.37
N ILE A 228 10.47 2.86 -18.11
CA ILE A 228 9.09 3.05 -17.66
C ILE A 228 8.78 4.56 -17.66
N TYR A 229 7.83 4.98 -18.52
CA TYR A 229 7.45 6.39 -18.67
C TYR A 229 6.47 6.80 -17.56
N TYR A 230 6.75 7.92 -16.90
CA TYR A 230 5.86 8.52 -15.90
C TYR A 230 5.50 9.95 -16.32
N ILE A 231 4.26 10.36 -15.99
CA ILE A 231 3.76 11.74 -16.14
C ILE A 231 2.97 12.07 -14.88
N THR A 232 3.45 13.03 -14.07
CA THR A 232 2.75 13.45 -12.85
C THR A 232 1.94 14.72 -13.12
N ALA A 233 0.89 14.87 -12.33
CA ALA A 233 0.02 16.04 -12.31
C ALA A 233 -0.58 16.13 -10.91
N ASP A 234 -1.06 17.32 -10.56
CA ASP A 234 -1.70 17.58 -9.25
C ASP A 234 -3.01 16.77 -9.13
N SER A 235 -3.71 16.62 -10.27
CA SER A 235 -4.95 15.85 -10.39
C SER A 235 -4.93 15.12 -11.75
N TYR A 236 -5.66 13.99 -11.83
CA TYR A 236 -5.71 13.16 -13.06
C TYR A 236 -6.33 13.93 -14.23
N ALA A 237 -7.21 14.90 -13.93
CA ALA A 237 -7.88 15.75 -14.93
C ALA A 237 -6.86 16.56 -15.78
N ALA A 238 -5.80 17.06 -15.11
CA ALA A 238 -4.68 17.78 -15.77
C ALA A 238 -3.88 16.81 -16.65
N ALA A 239 -3.60 15.61 -16.11
CA ALA A 239 -2.89 14.53 -16.82
C ALA A 239 -3.65 14.10 -18.08
N LYS A 240 -4.97 13.96 -17.90
CA LYS A 240 -5.89 13.41 -18.92
C LYS A 240 -6.13 14.41 -20.05
N SER A 241 -5.94 15.71 -19.75
CA SER A 241 -6.22 16.83 -20.67
C SER A 241 -5.35 16.74 -21.94
N SER A 242 -4.17 16.11 -21.83
CA SER A 242 -3.27 15.86 -22.96
C SER A 242 -3.94 14.91 -23.99
N PRO A 243 -4.23 15.38 -25.25
CA PRO A 243 -4.84 14.53 -26.31
C PRO A 243 -3.84 13.47 -26.86
N HIS A 244 -2.55 13.77 -26.68
CA HIS A 244 -1.43 12.93 -27.18
C HIS A 244 -1.39 11.53 -26.52
N LEU A 245 -2.03 11.40 -25.36
CA LEU A 245 -2.09 10.14 -24.58
C LEU A 245 -2.75 9.02 -25.39
N GLU A 246 -3.84 9.39 -26.08
CA GLU A 246 -4.67 8.46 -26.87
C GLU A 246 -3.99 8.15 -28.22
N LEU A 247 -3.17 9.11 -28.70
CA LEU A 247 -2.33 8.95 -29.91
C LEU A 247 -1.22 7.91 -29.63
N LEU A 248 -0.73 7.89 -28.39
CA LEU A 248 0.28 6.93 -27.93
C LEU A 248 -0.34 5.56 -27.72
N ARG A 249 -1.56 5.53 -27.14
CA ARG A 249 -2.34 4.29 -26.99
C ARG A 249 -2.65 3.65 -28.38
N LYS A 250 -2.80 4.54 -29.40
CA LYS A 250 -2.99 4.12 -30.81
C LYS A 250 -1.69 3.48 -31.37
N LYS A 251 -0.53 4.08 -31.01
CA LYS A 251 0.82 3.51 -31.31
C LYS A 251 1.04 2.20 -30.53
N GLY A 252 0.33 2.08 -29.39
CA GLY A 252 0.46 0.94 -28.49
C GLY A 252 1.53 1.13 -27.43
N ILE A 253 2.03 2.37 -27.26
CA ILE A 253 2.94 2.73 -26.15
C ILE A 253 2.09 3.29 -25.00
N GLU A 254 2.46 2.94 -23.76
CA GLU A 254 1.68 3.28 -22.58
C GLU A 254 2.51 4.15 -21.65
N VAL A 255 1.90 5.24 -21.20
CA VAL A 255 2.52 6.20 -20.30
C VAL A 255 1.70 6.24 -19.00
N LEU A 256 2.39 6.15 -17.86
CA LEU A 256 1.74 6.18 -16.54
C LEU A 256 1.34 7.62 -16.19
N LEU A 257 0.09 7.82 -15.74
CA LEU A 257 -0.41 9.10 -15.22
C LEU A 257 -0.54 9.01 -13.69
N LEU A 258 0.15 9.91 -12.98
CA LEU A 258 0.30 9.88 -11.51
C LEU A 258 -0.28 11.19 -10.94
N SER A 259 -1.28 11.09 -10.06
CA SER A 259 -2.13 12.24 -9.71
C SER A 259 -2.14 12.54 -8.19
N ASP A 260 -1.16 12.02 -7.46
CA ASP A 260 -0.97 12.32 -6.03
C ASP A 260 0.09 13.42 -5.86
N ARG A 261 -0.06 14.24 -4.82
CA ARG A 261 0.90 15.32 -4.46
C ARG A 261 2.21 14.70 -3.93
N ILE A 262 2.05 13.56 -3.24
CA ILE A 262 3.15 12.83 -2.60
C ILE A 262 4.03 12.06 -3.64
N ASP A 263 3.52 11.92 -4.87
CA ASP A 263 4.30 11.35 -6.02
C ASP A 263 5.65 12.07 -6.18
N GLU A 264 5.63 13.39 -5.94
CA GLU A 264 6.82 14.25 -6.07
C GLU A 264 7.97 13.80 -5.14
N TRP A 265 7.63 13.36 -3.91
CA TRP A 265 8.64 12.88 -2.94
C TRP A 265 8.96 11.37 -3.15
N MET A 266 8.03 10.63 -3.78
CA MET A 266 8.16 9.16 -3.93
C MET A 266 9.24 8.77 -4.98
N MET A 267 9.16 9.40 -6.16
CA MET A 267 10.03 9.09 -7.33
C MET A 267 11.50 9.46 -7.05
N ASN A 268 11.66 10.40 -6.11
CA ASN A 268 12.96 10.87 -5.60
C ASN A 268 13.85 9.69 -5.18
N TYR A 269 13.21 8.64 -4.60
CA TYR A 269 13.87 7.39 -4.17
C TYR A 269 13.71 6.29 -5.23
N LEU A 270 12.56 6.29 -5.93
CA LEU A 270 12.24 5.33 -7.01
C LEU A 270 13.10 5.61 -8.27
N THR A 271 14.29 5.03 -8.31
CA THR A 271 15.24 5.15 -9.43
C THR A 271 14.99 4.08 -10.52
N GLU A 272 14.64 2.85 -10.08
CA GLU A 272 14.55 1.67 -10.98
C GLU A 272 13.67 0.57 -10.36
N PHE A 273 13.08 -0.27 -11.23
CA PHE A 273 12.33 -1.48 -10.84
C PHE A 273 12.61 -2.61 -11.84
N ASP A 274 13.06 -3.78 -11.32
CA ASP A 274 13.16 -5.05 -12.09
C ASP A 274 14.22 -4.95 -13.24
N GLY A 275 15.16 -3.99 -13.11
CA GLY A 275 16.22 -3.78 -14.10
C GLY A 275 15.85 -2.76 -15.19
N LYS A 276 14.60 -2.26 -15.13
CA LYS A 276 14.09 -1.25 -16.08
C LYS A 276 14.12 0.14 -15.41
N PRO A 277 14.96 1.10 -15.93
CA PRO A 277 15.11 2.45 -15.32
C PRO A 277 13.86 3.32 -15.51
N PHE A 278 13.54 4.10 -14.48
CA PHE A 278 12.42 5.06 -14.52
C PHE A 278 12.87 6.34 -15.24
N GLN A 279 12.06 6.80 -16.22
CA GLN A 279 12.35 8.06 -16.94
C GLN A 279 11.10 8.94 -17.03
N SER A 280 11.32 10.23 -16.87
CA SER A 280 10.33 11.29 -17.06
C SER A 280 10.33 11.78 -18.52
N VAL A 281 9.30 12.54 -18.89
CA VAL A 281 9.26 13.23 -20.18
C VAL A 281 10.37 14.33 -20.28
N SER A 282 10.84 14.80 -19.11
CA SER A 282 11.93 15.79 -18.99
C SER A 282 13.20 15.35 -19.77
N LYS A 283 13.36 14.03 -19.92
CA LYS A 283 14.42 13.42 -20.72
C LYS A 283 13.79 12.67 -21.89
N VAL A 284 14.61 12.32 -22.87
CA VAL A 284 14.18 11.54 -24.03
C VAL A 284 14.94 10.19 -24.05
N ASP A 285 14.28 9.15 -24.54
CA ASP A 285 14.87 7.82 -24.70
C ASP A 285 15.00 7.51 -26.21
N GLU A 286 15.11 6.22 -26.55
CA GLU A 286 15.27 5.76 -27.95
C GLU A 286 14.01 6.02 -28.82
N SER A 287 12.88 6.44 -28.21
CA SER A 287 11.66 6.84 -28.96
C SER A 287 11.98 7.99 -29.95
N LEU A 288 12.84 8.92 -29.51
CA LEU A 288 13.42 9.98 -30.38
C LEU A 288 14.96 9.92 -30.28
N GLU A 289 15.51 8.69 -30.47
CA GLU A 289 16.97 8.43 -30.39
C GLU A 289 17.75 9.36 -31.34
N LYS A 290 17.24 9.45 -32.59
CA LYS A 290 17.81 10.31 -33.63
C LYS A 290 17.35 11.77 -33.43
N LEU A 291 16.01 11.96 -33.32
CA LEU A 291 15.37 13.30 -33.40
C LEU A 291 15.84 14.23 -32.26
N ALA A 292 15.68 13.78 -31.01
CA ALA A 292 16.02 14.57 -29.82
C ALA A 292 17.35 14.07 -29.23
N MET B 17 13.00 24.62 -23.36
CA MET B 17 12.51 23.83 -22.20
C MET B 17 13.49 22.69 -21.87
N ALA B 18 13.61 21.72 -22.82
CA ALA B 18 14.36 20.45 -22.66
C ALA B 18 14.08 19.56 -23.89
N THR B 19 15.02 18.66 -24.23
CA THR B 19 14.79 17.65 -25.27
C THR B 19 13.93 16.51 -24.67
N SER B 20 12.61 16.70 -24.76
CA SER B 20 11.62 15.79 -24.19
C SER B 20 11.40 14.54 -25.05
N THR B 21 10.56 13.62 -24.53
CA THR B 21 10.16 12.39 -25.24
C THR B 21 9.26 12.73 -26.46
N LEU B 22 8.65 11.71 -27.11
CA LEU B 22 7.82 11.91 -28.32
C LEU B 22 6.60 12.83 -28.09
N ILE B 23 6.22 13.04 -26.81
CA ILE B 23 5.19 14.01 -26.38
C ILE B 23 5.77 14.98 -25.32
N LYS B 24 4.90 15.82 -24.71
CA LYS B 24 5.28 16.65 -23.54
C LYS B 24 4.49 16.18 -22.29
N ALA B 25 3.15 16.21 -22.36
CA ALA B 25 2.22 15.78 -21.28
C ALA B 25 2.63 16.32 -19.90
N ILE B 26 2.20 17.57 -19.59
CA ILE B 26 2.52 18.28 -18.33
C ILE B 26 4.06 18.42 -18.22
N ASP B 27 4.59 19.34 -19.06
CA ASP B 27 6.03 19.59 -19.18
C ASP B 27 6.44 20.85 -18.39
N GLY B 28 7.70 21.27 -18.57
CA GLY B 28 8.22 22.48 -17.96
C GLY B 28 9.73 22.52 -18.02
N ASP B 29 10.30 23.73 -18.02
CA ASP B 29 11.76 23.95 -18.02
C ASP B 29 12.31 23.66 -16.61
N THR B 30 13.35 22.79 -16.55
CA THR B 30 14.02 22.34 -15.30
C THR B 30 13.16 21.29 -14.52
N VAL B 31 11.85 21.19 -14.85
CA VAL B 31 10.95 20.22 -14.24
C VAL B 31 11.38 18.79 -14.61
N LYS B 32 12.14 18.17 -13.69
CA LYS B 32 12.60 16.78 -13.83
C LYS B 32 11.43 15.79 -13.69
N LEU B 33 10.27 16.28 -13.18
CA LEU B 33 9.10 15.49 -12.80
C LEU B 33 9.37 14.76 -11.48
N MET B 34 8.42 14.93 -10.52
CA MET B 34 8.43 14.25 -9.22
C MET B 34 9.78 14.41 -8.49
N TYR B 35 10.00 15.64 -8.00
CA TYR B 35 11.29 16.08 -7.45
C TYR B 35 11.05 16.82 -6.12
N LYS B 36 11.94 16.57 -5.12
CA LYS B 36 11.86 17.13 -3.75
C LYS B 36 10.64 16.61 -2.96
N GLY B 37 10.53 17.07 -1.70
CA GLY B 37 9.40 16.73 -0.85
C GLY B 37 9.56 17.25 0.56
N GLN B 38 8.59 16.92 1.43
CA GLN B 38 8.55 17.37 2.83
C GLN B 38 8.76 16.15 3.76
N PRO B 39 9.93 16.05 4.48
CA PRO B 39 10.23 14.91 5.39
C PRO B 39 9.29 14.89 6.62
N MET B 40 8.58 13.78 6.80
CA MET B 40 7.66 13.56 7.95
C MET B 40 7.80 12.09 8.44
N THR B 41 8.97 11.51 8.16
CA THR B 41 9.23 10.06 8.22
C THR B 41 10.48 9.74 9.09
N PHE B 42 10.68 8.44 9.45
CA PHE B 42 11.65 8.02 10.50
C PHE B 42 12.39 6.70 10.15
N ARG B 43 11.73 5.88 9.30
CA ARG B 43 12.24 4.62 8.71
C ARG B 43 12.00 3.41 9.63
N LEU B 44 11.15 2.50 9.14
CA LEU B 44 10.85 1.20 9.76
C LEU B 44 10.59 0.22 8.61
N LEU B 45 9.41 0.37 7.94
CA LEU B 45 8.97 -0.51 6.82
C LEU B 45 9.16 -2.03 7.04
N LEU B 46 9.14 -2.76 5.92
CA LEU B 46 9.08 -4.21 5.88
C LEU B 46 10.46 -4.80 6.21
N VAL B 47 10.42 -5.94 6.92
CA VAL B 47 11.62 -6.66 7.37
C VAL B 47 12.26 -7.46 6.19
N ASP B 48 13.47 -8.03 6.42
CA ASP B 48 14.20 -8.92 5.46
C ASP B 48 14.77 -8.15 4.25
N THR B 49 15.07 -6.84 4.42
CA THR B 49 15.79 -6.05 3.40
C THR B 49 16.78 -5.02 4.03
N PRO B 50 16.35 -4.11 5.00
CA PRO B 50 17.28 -3.12 5.62
C PRO B 50 18.11 -3.78 6.76
N GLU B 51 18.87 -4.83 6.39
CA GLU B 51 19.54 -5.77 7.31
C GLU B 51 20.37 -6.80 6.50
N THR B 52 20.88 -7.84 7.20
CA THR B 52 21.55 -9.01 6.57
C THR B 52 20.56 -9.85 5.71
N LYS B 53 19.25 -9.68 5.99
CA LYS B 53 18.11 -10.30 5.27
C LYS B 53 17.98 -11.78 5.66
N HIS B 54 17.05 -12.05 6.63
CA HIS B 54 16.81 -13.37 7.26
C HIS B 54 17.94 -13.71 8.25
N PRO B 55 17.62 -14.18 9.50
CA PRO B 55 18.64 -14.68 10.44
C PRO B 55 19.13 -16.10 10.03
N LYS B 56 19.89 -16.13 8.93
CA LYS B 56 20.44 -17.35 8.33
C LYS B 56 21.88 -17.55 8.81
N LYS B 57 22.08 -18.53 9.71
CA LYS B 57 23.41 -19.02 10.14
C LYS B 57 23.23 -20.27 11.02
N GLY B 58 23.69 -21.42 10.50
CA GLY B 58 23.74 -22.68 11.27
C GLY B 58 22.39 -23.39 11.47
N VAL B 59 21.29 -22.61 11.51
CA VAL B 59 19.93 -23.14 11.73
C VAL B 59 19.54 -24.13 10.60
N GLU B 60 19.55 -23.65 9.34
CA GLU B 60 19.13 -24.40 8.16
C GLU B 60 19.20 -23.50 6.92
N LYS B 61 18.81 -24.07 5.78
CA LYS B 61 18.53 -23.34 4.54
C LYS B 61 17.57 -24.20 3.70
N TYR B 62 16.66 -24.93 4.40
CA TYR B 62 15.73 -25.91 3.79
C TYR B 62 16.55 -27.08 3.17
N GLY B 63 16.99 -28.00 4.06
CA GLY B 63 17.84 -29.14 3.68
C GLY B 63 19.08 -28.76 2.85
N PRO B 64 20.02 -27.90 3.38
CA PRO B 64 21.11 -27.30 2.56
C PRO B 64 22.13 -28.35 2.02
N GLU B 65 22.58 -29.27 2.89
CA GLU B 65 23.60 -30.29 2.57
C GLU B 65 23.24 -31.65 3.20
N ALA B 66 22.06 -31.70 3.85
CA ALA B 66 21.57 -32.89 4.58
C ALA B 66 20.04 -32.81 4.66
N SER B 67 19.45 -33.64 5.53
CA SER B 67 18.03 -33.53 5.91
C SER B 67 17.82 -32.28 6.79
N ALA B 68 16.63 -31.67 6.71
CA ALA B 68 16.21 -30.57 7.61
C ALA B 68 15.70 -31.16 8.95
N PHE B 69 15.02 -30.34 9.77
CA PHE B 69 14.39 -30.81 11.02
C PHE B 69 13.11 -31.58 10.66
N THR B 70 13.33 -32.84 10.21
CA THR B 70 12.25 -33.74 9.81
C THR B 70 11.86 -34.62 11.01
N LYS B 71 12.88 -35.00 11.82
CA LYS B 71 12.76 -35.83 13.04
C LYS B 71 12.27 -37.27 12.69
N LYS B 72 12.80 -38.27 13.41
CA LYS B 72 12.42 -39.67 13.21
C LYS B 72 11.10 -39.97 13.96
N MET B 73 10.04 -39.35 13.45
CA MET B 73 8.69 -39.44 14.00
C MET B 73 7.72 -38.93 12.92
N VAL B 74 7.43 -39.80 11.96
CA VAL B 74 6.57 -39.47 10.80
C VAL B 74 5.11 -39.90 11.08
N GLU B 75 4.18 -39.32 10.28
CA GLU B 75 2.73 -39.56 10.38
C GLU B 75 2.13 -39.01 11.71
N ASN B 76 0.79 -38.95 11.80
CA ASN B 76 0.05 -38.45 12.99
C ASN B 76 0.28 -36.94 13.21
N ALA B 77 -0.62 -36.13 12.61
CA ALA B 77 -0.59 -34.67 12.70
C ALA B 77 -2.02 -34.13 12.39
N ALA A 28 -19.83 -14.34 24.97
CA ALA A 28 -19.40 -13.61 26.19
C ALA A 28 -17.92 -13.89 26.46
N GLN A 29 -17.10 -13.59 25.46
CA GLN A 29 -15.66 -13.79 25.48
C GLN A 29 -15.01 -12.75 24.57
N ALA A 30 -13.78 -12.35 24.88
CA ALA A 30 -12.97 -11.47 24.03
C ALA A 30 -12.88 -12.06 22.62
N LEU A 31 -13.49 -11.34 21.64
CA LEU A 31 -13.65 -11.80 20.26
C LEU A 31 -12.30 -12.19 19.65
N TRP A 32 -11.38 -11.22 19.67
CA TRP A 32 -10.01 -11.35 19.14
C TRP A 32 -9.26 -12.55 19.77
N THR A 33 -9.45 -12.75 21.10
CA THR A 33 -8.74 -13.78 21.89
C THR A 33 -9.15 -15.21 21.47
N ARG A 34 -10.33 -15.34 20.84
CA ARG A 34 -10.74 -16.59 20.16
C ARG A 34 -9.85 -16.84 18.92
N ASN A 35 -9.87 -18.07 18.42
CA ASN A 35 -9.28 -18.42 17.11
C ASN A 35 -10.29 -18.02 16.00
N LYS A 36 -9.78 -17.87 14.77
CA LYS A 36 -10.57 -17.49 13.58
C LYS A 36 -11.76 -18.46 13.33
N SER A 37 -11.59 -19.73 13.79
CA SER A 37 -12.60 -20.79 13.61
C SER A 37 -13.90 -20.51 14.40
N GLU A 38 -13.77 -19.82 15.55
CA GLU A 38 -14.92 -19.48 16.43
C GLU A 38 -15.58 -18.14 16.03
N ILE A 39 -14.97 -17.43 15.06
CA ILE A 39 -15.44 -16.09 14.64
C ILE A 39 -15.89 -16.14 13.16
N THR A 40 -17.10 -15.62 12.88
CA THR A 40 -17.61 -15.49 11.50
C THR A 40 -17.39 -14.04 11.00
N ASP A 41 -17.69 -13.82 9.69
CA ASP A 41 -17.54 -12.50 9.02
C ASP A 41 -18.29 -11.39 9.77
N GLU A 42 -19.51 -11.73 10.21
CA GLU A 42 -20.45 -10.81 10.90
C GLU A 42 -19.79 -10.15 12.12
N GLU A 43 -19.09 -10.99 12.90
CA GLU A 43 -18.45 -10.59 14.16
C GLU A 43 -17.31 -9.60 13.90
N TYR A 44 -16.45 -9.93 12.92
CA TYR A 44 -15.33 -9.07 12.51
C TYR A 44 -15.83 -7.68 12.04
N LYS A 45 -16.82 -7.71 11.14
CA LYS A 45 -17.33 -6.51 10.44
C LYS A 45 -17.99 -5.52 11.39
N GLU A 46 -18.70 -6.06 12.39
CA GLU A 46 -19.40 -5.25 13.41
C GLU A 46 -18.39 -4.70 14.43
N PHE A 47 -17.47 -5.57 14.87
CA PHE A 47 -16.42 -5.22 15.84
C PHE A 47 -15.52 -4.10 15.30
N TYR A 48 -15.26 -4.13 13.98
CA TYR A 48 -14.53 -3.06 13.26
C TYR A 48 -15.22 -1.71 13.50
N LYS A 49 -16.55 -1.68 13.28
CA LYS A 49 -17.34 -0.44 13.37
C LYS A 49 -17.39 0.11 14.81
N HIS A 50 -17.16 -0.79 15.77
CA HIS A 50 -17.13 -0.48 17.20
C HIS A 50 -15.78 0.14 17.60
N ILE A 51 -14.67 -0.44 17.09
CA ILE A 51 -13.29 -0.12 17.56
C ILE A 51 -12.59 0.97 16.74
N ALA A 52 -12.97 1.11 15.47
CA ALA A 52 -12.29 2.00 14.51
C ALA A 52 -12.89 3.40 14.51
N HIS A 53 -14.00 3.56 15.27
CA HIS A 53 -14.77 4.84 15.36
C HIS A 53 -15.36 5.20 13.97
N ASP A 54 -15.47 4.20 13.10
CA ASP A 54 -15.87 4.32 11.68
C ASP A 54 -16.99 3.30 11.41
N PHE A 55 -17.82 3.51 10.38
CA PHE A 55 -19.04 2.67 10.14
C PHE A 55 -19.11 2.13 8.71
N ASN A 56 -17.94 1.95 8.09
CA ASN A 56 -17.82 1.22 6.82
C ASN A 56 -17.72 -0.29 7.08
N ASP A 57 -18.21 -1.09 6.14
CA ASP A 57 -18.12 -2.56 6.22
C ASP A 57 -16.77 -3.01 5.62
N PRO A 58 -15.79 -3.53 6.44
CA PRO A 58 -14.37 -3.66 6.03
C PRO A 58 -14.16 -4.65 4.86
N LEU A 59 -13.27 -4.26 3.91
CA LEU A 59 -12.99 -5.02 2.67
C LEU A 59 -12.39 -6.40 2.99
N THR A 60 -11.43 -6.41 3.93
CA THR A 60 -10.84 -7.64 4.47
C THR A 60 -10.20 -7.34 5.83
N TRP A 61 -9.59 -8.35 6.46
CA TRP A 61 -8.98 -8.24 7.79
C TRP A 61 -7.88 -9.31 7.97
N SER A 62 -6.92 -9.03 8.86
CA SER A 62 -5.82 -9.94 9.21
C SER A 62 -5.91 -10.28 10.71
N HIS A 63 -6.57 -11.42 11.02
CA HIS A 63 -6.63 -11.94 12.39
C HIS A 63 -5.52 -12.99 12.58
N ASN A 64 -4.53 -12.62 13.38
CA ASN A 64 -3.42 -13.49 13.77
C ASN A 64 -3.19 -13.34 15.28
N ARG A 65 -3.17 -14.47 16.00
CA ARG A 65 -2.81 -14.49 17.43
C ARG A 65 -1.42 -15.12 17.55
N VAL A 66 -0.54 -14.46 18.31
CA VAL A 66 0.87 -14.81 18.41
C VAL A 66 1.19 -15.23 19.86
N GLU A 67 2.05 -16.25 20.00
CA GLU A 67 2.38 -16.87 21.28
C GLU A 67 3.91 -16.84 21.50
N GLY A 68 4.32 -16.87 22.78
CA GLY A 68 5.72 -16.86 23.16
C GLY A 68 6.08 -15.61 23.96
N LYS A 69 7.25 -15.01 23.65
CA LYS A 69 7.76 -13.81 24.35
C LYS A 69 6.86 -12.59 24.08
N GLN A 70 6.30 -12.52 22.87
CA GLN A 70 5.22 -11.57 22.53
C GLN A 70 3.92 -12.36 22.34
N GLU A 71 3.25 -12.66 23.46
CA GLU A 71 1.89 -13.19 23.42
C GLU A 71 0.93 -12.01 23.26
N TYR A 72 0.56 -11.76 22.01
CA TYR A 72 -0.37 -10.69 21.66
C TYR A 72 -1.31 -11.17 20.55
N THR A 73 -2.57 -10.77 20.63
CA THR A 73 -3.52 -10.98 19.54
C THR A 73 -3.62 -9.71 18.70
N SER A 74 -3.26 -9.81 17.43
CA SER A 74 -3.43 -8.71 16.47
C SER A 74 -4.64 -9.02 15.58
N LEU A 75 -5.61 -8.11 15.59
CA LEU A 75 -6.78 -8.18 14.74
C LEU A 75 -6.89 -6.83 14.02
N LEU A 76 -6.30 -6.79 12.82
CA LEU A 76 -6.22 -5.61 11.97
C LEU A 76 -7.31 -5.69 10.89
N TYR A 77 -7.73 -4.55 10.34
CA TYR A 77 -8.76 -4.46 9.28
C TYR A 77 -8.32 -3.49 8.18
N ILE A 78 -8.92 -3.66 6.99
CA ILE A 78 -8.84 -2.71 5.88
C ILE A 78 -10.17 -1.92 5.82
N PRO A 79 -10.14 -0.58 6.11
CA PRO A 79 -11.31 0.30 5.89
C PRO A 79 -11.70 0.41 4.41
N SER A 80 -13.00 0.50 4.14
CA SER A 80 -13.54 0.62 2.77
C SER A 80 -13.64 2.09 2.33
N GLN A 81 -13.37 3.02 3.25
CA GLN A 81 -13.50 4.46 3.00
C GLN A 81 -12.73 5.24 4.06
N ALA A 82 -11.99 6.27 3.62
CA ALA A 82 -11.24 7.16 4.50
C ALA A 82 -12.20 8.02 5.35
N PRO A 83 -12.07 8.00 6.71
CA PRO A 83 -12.79 8.96 7.59
C PRO A 83 -12.39 10.42 7.26
N TRP A 84 -13.26 11.39 7.59
CA TRP A 84 -13.03 12.82 7.27
C TRP A 84 -11.73 13.34 7.92
N ASP A 85 -11.46 12.86 9.15
CA ASP A 85 -10.27 13.29 9.93
C ASP A 85 -8.97 12.59 9.47
N MET A 86 -9.03 11.86 8.34
CA MET A 86 -7.85 11.22 7.74
C MET A 86 -6.85 12.29 7.25
N TRP A 87 -7.37 13.47 6.83
CA TRP A 87 -6.54 14.57 6.32
C TRP A 87 -6.85 15.87 7.12
N ASN A 88 -7.15 15.69 8.43
CA ASN A 88 -7.36 16.80 9.39
C ASN A 88 -6.24 16.78 10.46
N ARG A 89 -6.24 17.79 11.37
CA ARG A 89 -5.33 17.86 12.54
C ARG A 89 -5.75 16.86 13.65
N ASP A 90 -7.00 16.35 13.56
CA ASP A 90 -7.45 15.21 14.40
C ASP A 90 -6.96 13.92 13.72
N HIS A 91 -6.31 13.02 14.49
CA HIS A 91 -5.74 11.79 13.91
C HIS A 91 -6.79 10.66 13.89
N LYS A 92 -6.76 9.88 12.80
CA LYS A 92 -7.54 8.63 12.66
C LYS A 92 -6.60 7.42 12.55
N HIS A 93 -5.29 7.72 12.50
CA HIS A 93 -4.23 6.73 12.56
C HIS A 93 -4.13 6.15 13.97
N GLY A 94 -3.94 4.82 14.06
CA GLY A 94 -3.68 4.15 15.33
C GLY A 94 -4.51 2.90 15.56
N LEU A 95 -4.04 2.08 16.52
CA LEU A 95 -4.71 0.84 16.94
C LEU A 95 -5.10 0.97 18.41
N LYS A 96 -6.10 0.19 18.85
CA LYS A 96 -6.51 0.19 20.25
C LYS A 96 -5.60 -0.73 21.06
N LEU A 97 -4.88 -0.15 22.03
CA LEU A 97 -4.05 -0.91 22.97
C LEU A 97 -4.95 -1.58 24.03
N TYR A 98 -4.97 -2.92 23.98
CA TYR A 98 -5.51 -3.77 25.03
C TYR A 98 -4.35 -4.51 25.68
N VAL A 99 -4.37 -4.60 27.00
CA VAL A 99 -3.41 -5.38 27.78
C VAL A 99 -4.19 -6.33 28.67
N GLN A 100 -4.04 -7.64 28.41
CA GLN A 100 -4.67 -8.73 29.18
C GLN A 100 -6.21 -8.59 29.20
N ARG A 101 -6.76 -8.31 28.00
CA ARG A 101 -8.23 -8.18 27.74
C ARG A 101 -8.83 -6.94 28.45
N VAL A 102 -7.95 -5.99 28.82
CA VAL A 102 -8.35 -4.72 29.43
C VAL A 102 -8.05 -3.59 28.44
N PHE A 103 -8.99 -2.67 28.25
CA PHE A 103 -8.77 -1.46 27.45
C PHE A 103 -7.85 -0.48 28.22
N ILE A 104 -6.75 -0.04 27.59
CA ILE A 104 -5.87 1.03 28.14
C ILE A 104 -5.94 2.28 27.22
N MET A 105 -5.72 2.09 25.89
CA MET A 105 -5.69 3.22 24.91
C MET A 105 -6.44 2.83 23.63
N ASP A 106 -7.03 3.84 22.97
CA ASP A 106 -7.53 3.75 21.59
C ASP A 106 -6.81 4.77 20.71
N ASP A 107 -6.72 4.48 19.39
CA ASP A 107 -6.02 5.35 18.40
C ASP A 107 -4.53 5.54 18.76
N ALA A 108 -3.95 4.53 19.46
CA ALA A 108 -2.54 4.51 19.87
C ALA A 108 -1.68 4.18 18.65
N GLU A 109 -1.16 5.26 18.00
CA GLU A 109 -0.45 5.16 16.71
C GLU A 109 1.05 4.88 16.89
N GLN A 110 1.44 4.47 18.10
CA GLN A 110 2.80 4.00 18.41
C GLN A 110 2.96 2.51 18.02
N PHE A 111 1.84 1.86 17.67
CA PHE A 111 1.81 0.45 17.21
C PHE A 111 1.74 0.35 15.69
N MET A 112 1.61 1.49 15.00
CA MET A 112 1.50 1.51 13.54
C MET A 112 2.29 2.72 12.98
N PRO A 113 3.15 2.53 11.92
CA PRO A 113 3.79 3.67 11.20
C PRO A 113 2.78 4.51 10.39
N ASN A 114 3.26 5.67 9.89
CA ASN A 114 2.46 6.63 9.09
C ASN A 114 2.14 6.06 7.69
N TYR A 115 3.04 5.22 7.20
CA TYR A 115 2.94 4.61 5.85
C TYR A 115 1.84 3.54 5.83
N LEU A 116 1.51 3.04 7.05
CA LEU A 116 0.50 2.00 7.27
C LEU A 116 -0.67 2.61 8.08
N ARG A 117 -0.77 3.97 8.09
CA ARG A 117 -1.74 4.71 8.96
C ARG A 117 -3.23 4.37 8.72
N PHE A 118 -3.52 3.76 7.57
CA PHE A 118 -4.89 3.32 7.21
C PHE A 118 -5.39 2.18 8.12
N VAL A 119 -4.45 1.33 8.59
CA VAL A 119 -4.75 0.13 9.39
C VAL A 119 -5.54 0.50 10.66
N ARG A 120 -6.75 -0.05 10.74
CA ARG A 120 -7.65 0.12 11.88
C ARG A 120 -7.94 -1.25 12.50
N GLY A 121 -7.78 -1.32 13.83
CA GLY A 121 -7.97 -2.56 14.56
C GLY A 121 -7.52 -2.41 16.01
N LEU A 122 -6.87 -3.45 16.54
CA LEU A 122 -6.39 -3.47 17.93
C LEU A 122 -5.24 -4.47 18.07
N ILE A 123 -4.53 -4.34 19.21
CA ILE A 123 -3.47 -5.26 19.62
C ILE A 123 -3.59 -5.49 21.14
N ASP A 124 -3.80 -6.76 21.49
CA ASP A 124 -3.99 -7.21 22.87
C ASP A 124 -2.75 -7.97 23.36
N SER A 125 -1.87 -7.26 24.07
CA SER A 125 -0.59 -7.81 24.55
C SER A 125 -0.67 -8.15 26.05
N SER A 126 -0.44 -9.42 26.39
CA SER A 126 -0.47 -9.90 27.79
C SER A 126 0.85 -9.60 28.53
N ASP A 127 1.90 -9.25 27.76
CA ASP A 127 3.27 -8.98 28.27
C ASP A 127 3.42 -7.52 28.73
N LEU A 128 2.81 -6.59 27.94
CA LEU A 128 2.84 -5.14 28.21
C LEU A 128 2.23 -4.81 29.61
N PRO A 129 2.65 -3.71 30.29
CA PRO A 129 2.09 -3.31 31.61
C PRO A 129 0.61 -2.84 31.50
N LEU A 130 -0.11 -2.87 32.65
CA LEU A 130 -1.46 -2.27 32.76
C LEU A 130 -1.34 -0.76 33.03
N ASN A 131 -0.24 -0.36 33.70
CA ASN A 131 0.09 1.05 33.98
C ASN A 131 0.96 1.66 32.83
N VAL A 132 0.79 1.10 31.61
CA VAL A 132 1.53 1.55 30.42
C VAL A 132 1.00 2.91 29.93
N SER A 133 1.93 3.81 29.56
CA SER A 133 1.61 5.15 29.04
C SER A 133 1.92 5.21 27.55
N ARG A 134 1.33 6.22 26.89
CA ARG A 134 1.65 6.56 25.47
C ARG A 134 3.15 6.86 25.30
N GLU A 135 3.75 7.39 26.38
CA GLU A 135 5.19 7.64 26.47
C GLU A 135 5.99 6.35 26.36
N ILE A 136 5.59 5.30 27.13
CA ILE A 136 6.26 3.99 27.12
C ILE A 136 6.16 3.35 25.72
N LEU A 137 5.04 3.61 25.06
CA LEU A 137 4.78 3.13 23.69
C LEU A 137 5.72 3.85 22.68
N GLN A 138 5.97 5.15 22.95
CA GLN A 138 6.85 6.01 22.12
C GLN A 138 8.35 5.77 22.41
N ASP A 139 8.70 5.45 23.67
CA ASP A 139 10.11 5.38 24.13
C ASP A 139 10.67 3.96 24.05
N SER A 140 9.96 2.99 24.65
CA SER A 140 10.47 1.63 24.85
C SER A 140 10.69 0.89 23.52
N THR A 141 11.79 0.13 23.46
CA THR A 141 12.18 -0.62 22.27
C THR A 141 11.31 -1.88 22.12
N VAL A 142 10.67 -2.33 23.23
CA VAL A 142 9.76 -3.50 23.22
C VAL A 142 8.57 -3.24 22.26
N THR A 143 8.07 -2.00 22.31
CA THR A 143 6.90 -1.57 21.51
C THR A 143 7.24 -1.53 20.01
N ARG A 144 8.54 -1.36 19.69
CA ARG A 144 9.05 -1.40 18.31
C ARG A 144 8.91 -2.82 17.73
N ASN A 145 9.15 -3.84 18.58
CA ASN A 145 9.05 -5.28 18.19
C ASN A 145 7.58 -5.66 17.93
N LEU A 146 6.67 -5.16 18.80
CA LEU A 146 5.22 -5.31 18.62
C LEU A 146 4.79 -4.66 17.29
N ARG A 147 5.22 -3.41 17.08
CA ARG A 147 4.87 -2.57 15.90
C ARG A 147 5.40 -3.17 14.58
N ASN A 148 6.62 -3.72 14.61
CA ASN A 148 7.29 -4.30 13.43
C ASN A 148 6.60 -5.62 13.04
N ALA A 149 6.17 -6.38 14.06
CA ALA A 149 5.44 -7.64 13.88
C ALA A 149 4.02 -7.37 13.33
N LEU A 150 3.44 -6.23 13.72
CA LEU A 150 2.14 -5.74 13.18
C LEU A 150 2.30 -5.35 11.71
N THR A 151 3.42 -4.68 11.41
CA THR A 151 3.82 -4.26 10.06
C THR A 151 3.89 -5.47 9.09
N LYS A 152 4.27 -6.64 9.64
CA LYS A 152 4.31 -7.91 8.89
C LYS A 152 2.88 -8.31 8.47
N ARG A 153 1.90 -8.20 9.41
CA ARG A 153 0.49 -8.54 9.16
C ARG A 153 -0.18 -7.51 8.22
N VAL A 154 0.40 -6.30 8.15
CA VAL A 154 -0.04 -5.28 7.18
C VAL A 154 0.35 -5.73 5.76
N LEU A 155 1.63 -6.14 5.59
CA LEU A 155 2.17 -6.68 4.32
C LEU A 155 1.29 -7.85 3.84
N GLN A 156 1.03 -8.77 4.78
CA GLN A 156 0.21 -9.97 4.57
C GLN A 156 -1.20 -9.58 4.08
N MET A 157 -1.82 -8.61 4.77
CA MET A 157 -3.22 -8.19 4.54
C MET A 157 -3.39 -7.41 3.23
N LEU A 158 -2.32 -6.71 2.80
CA LEU A 158 -2.32 -5.89 1.57
C LEU A 158 -2.18 -6.77 0.33
N GLU A 159 -1.14 -7.64 0.33
CA GLU A 159 -0.90 -8.58 -0.78
C GLU A 159 -2.05 -9.59 -0.86
N LYS A 160 -2.59 -9.95 0.32
CA LYS A 160 -3.82 -10.77 0.44
C LYS A 160 -4.94 -10.14 -0.40
N LEU A 161 -5.26 -8.88 -0.06
CA LEU A 161 -6.39 -8.14 -0.67
C LEU A 161 -6.18 -7.90 -2.19
N ALA A 162 -4.92 -7.72 -2.59
CA ALA A 162 -4.53 -7.51 -4.01
C ALA A 162 -4.78 -8.77 -4.85
N LYS A 163 -4.67 -9.95 -4.20
CA LYS A 163 -4.88 -11.27 -4.84
C LYS A 163 -6.27 -11.84 -4.50
N ASP A 164 -6.91 -11.28 -3.44
CA ASP A 164 -8.23 -11.70 -2.94
C ASP A 164 -9.31 -11.18 -3.88
N ASP A 165 -9.27 -9.87 -4.12
CA ASP A 165 -10.23 -9.17 -4.96
C ASP A 165 -9.70 -7.77 -5.30
N ALA A 166 -9.27 -7.59 -6.57
CA ALA A 166 -8.65 -6.35 -7.06
C ALA A 166 -9.63 -5.14 -7.05
N GLU A 167 -10.95 -5.43 -7.03
CA GLU A 167 -12.00 -4.39 -6.97
C GLU A 167 -12.09 -3.80 -5.55
N LYS A 168 -11.97 -4.68 -4.52
CA LYS A 168 -11.86 -4.23 -3.11
C LYS A 168 -10.61 -3.37 -2.95
N TYR A 169 -9.48 -3.88 -3.48
CA TYR A 169 -8.17 -3.21 -3.38
C TYR A 169 -8.16 -1.90 -4.21
N GLN A 170 -9.05 -1.80 -5.21
CA GLN A 170 -9.24 -0.57 -6.01
C GLN A 170 -9.90 0.51 -5.15
N THR A 171 -10.94 0.10 -4.39
CA THR A 171 -11.65 0.98 -3.44
C THR A 171 -10.69 1.45 -2.32
N PHE A 172 -9.86 0.50 -1.86
CA PHE A 172 -8.83 0.73 -0.85
C PHE A 172 -7.80 1.78 -1.34
N TRP A 173 -7.30 1.61 -2.57
CA TRP A 173 -6.31 2.53 -3.16
C TRP A 173 -6.95 3.90 -3.46
N GLN A 174 -8.26 3.90 -3.75
CA GLN A 174 -9.03 5.12 -4.06
C GLN A 174 -9.26 6.00 -2.81
N GLN A 175 -8.97 5.43 -1.62
CA GLN A 175 -9.13 6.11 -0.32
C GLN A 175 -7.78 6.30 0.41
N PHE A 176 -6.86 5.32 0.23
CA PHE A 176 -5.61 5.20 1.03
C PHE A 176 -4.38 5.00 0.14
N GLY A 177 -4.53 5.27 -1.16
CA GLY A 177 -3.42 5.13 -2.13
C GLY A 177 -2.33 6.15 -1.94
N LEU A 178 -2.71 7.30 -1.37
CA LEU A 178 -1.77 8.38 -1.00
C LEU A 178 -0.86 7.88 0.13
N VAL A 179 -1.48 7.18 1.10
CA VAL A 179 -0.80 6.66 2.30
C VAL A 179 0.31 5.65 1.94
N LEU A 180 0.01 4.76 0.97
CA LEU A 180 0.98 3.74 0.50
C LEU A 180 2.14 4.37 -0.30
N LYS A 181 1.97 5.61 -0.78
CA LYS A 181 3.04 6.37 -1.48
C LYS A 181 4.02 7.03 -0.49
N GLU A 182 3.73 6.97 0.83
CA GLU A 182 4.69 7.34 1.89
C GLU A 182 5.81 6.29 1.98
N GLY A 183 5.44 5.02 1.66
CA GLY A 183 6.35 3.87 1.74
C GLY A 183 7.60 3.99 0.84
N PRO A 184 7.45 3.96 -0.51
CA PRO A 184 8.60 4.03 -1.47
C PRO A 184 9.27 5.42 -1.49
N ALA A 185 8.67 6.35 -0.73
CA ALA A 185 9.13 7.72 -0.56
C ALA A 185 10.00 7.88 0.68
N GLU A 186 9.89 6.92 1.61
CA GLU A 186 10.68 6.88 2.83
C GLU A 186 11.96 6.06 2.60
N ASP A 187 11.83 4.73 2.65
CA ASP A 187 12.99 3.82 2.66
C ASP A 187 13.11 3.07 1.33
N PHE A 188 14.18 3.42 0.61
CA PHE A 188 14.56 2.80 -0.66
C PHE A 188 14.99 1.32 -0.51
N ALA A 189 15.42 0.91 0.69
CA ALA A 189 15.95 -0.46 0.92
C ALA A 189 14.83 -1.51 0.82
N ASN A 190 13.61 -1.12 1.23
CA ASN A 190 12.43 -2.00 1.24
C ASN A 190 11.34 -1.51 0.26
N GLN A 191 11.77 -0.77 -0.80
CA GLN A 191 10.83 -0.11 -1.73
C GLN A 191 10.08 -1.09 -2.65
N GLU A 192 10.65 -2.30 -2.90
CA GLU A 192 10.13 -3.24 -3.91
C GLU A 192 8.86 -3.96 -3.39
N ALA A 193 8.90 -4.40 -2.13
CA ALA A 193 7.75 -5.09 -1.48
C ALA A 193 6.51 -4.15 -1.42
N ILE A 194 6.78 -2.84 -1.31
CA ILE A 194 5.76 -1.78 -1.32
C ILE A 194 5.36 -1.43 -2.77
N ALA A 195 6.34 -1.49 -3.69
CA ALA A 195 6.13 -1.24 -5.15
C ALA A 195 5.19 -2.29 -5.75
N LYS A 196 5.21 -3.47 -5.14
CA LYS A 196 4.32 -4.59 -5.46
C LYS A 196 2.83 -4.21 -5.22
N LEU A 197 2.65 -3.35 -4.20
CA LEU A 197 1.34 -2.90 -3.71
C LEU A 197 0.88 -1.58 -4.37
N LEU A 198 1.80 -0.89 -5.09
CA LEU A 198 1.53 0.43 -5.69
C LEU A 198 0.75 0.30 -7.01
N ARG A 199 -0.28 1.15 -7.16
CA ARG A 199 -1.15 1.18 -8.35
C ARG A 199 -1.09 2.60 -8.94
N PHE A 200 -0.85 2.70 -10.24
CA PHE A 200 -0.83 3.99 -10.97
C PHE A 200 -1.75 3.85 -12.18
N ALA A 201 -2.33 4.95 -12.64
CA ALA A 201 -3.17 4.94 -13.84
C ALA A 201 -2.24 4.96 -15.07
N SER A 202 -2.80 4.85 -16.29
CA SER A 202 -1.98 4.82 -17.52
C SER A 202 -2.81 5.19 -18.74
N THR A 203 -2.18 5.18 -19.93
CA THR A 203 -2.86 5.38 -21.22
C THR A 203 -3.66 4.13 -21.65
N HIS A 204 -3.59 3.03 -20.85
CA HIS A 204 -4.39 1.81 -21.07
C HIS A 204 -5.82 2.04 -20.56
N THR A 205 -5.94 2.70 -19.42
CA THR A 205 -7.20 2.88 -18.72
C THR A 205 -7.43 4.37 -18.46
N ASP A 206 -8.57 4.90 -18.97
CA ASP A 206 -8.90 6.34 -18.85
C ASP A 206 -9.67 6.64 -17.53
N SER A 207 -9.71 5.65 -16.62
CA SER A 207 -10.31 5.78 -15.28
C SER A 207 -9.44 6.67 -14.37
N SER A 208 -10.10 7.52 -13.55
CA SER A 208 -9.41 8.34 -12.53
C SER A 208 -8.82 7.46 -11.41
N ALA A 209 -9.48 6.32 -11.18
CA ALA A 209 -9.00 5.29 -10.26
C ALA A 209 -7.76 4.62 -10.86
N GLN A 210 -6.69 4.52 -10.04
CA GLN A 210 -5.39 4.01 -10.47
C GLN A 210 -5.47 2.47 -10.57
N THR A 211 -5.79 1.98 -11.79
CA THR A 211 -6.12 0.57 -12.05
C THR A 211 -4.87 -0.28 -12.32
N VAL A 212 -3.96 0.26 -13.14
CA VAL A 212 -2.73 -0.43 -13.56
C VAL A 212 -1.74 -0.49 -12.39
N SER A 213 -0.97 -1.56 -12.32
CA SER A 213 0.11 -1.71 -11.34
C SER A 213 1.45 -1.75 -12.10
N LEU A 214 2.55 -1.86 -11.35
CA LEU A 214 3.90 -1.78 -11.92
C LEU A 214 4.24 -3.02 -12.78
N GLU A 215 3.93 -4.23 -12.30
CA GLU A 215 4.20 -5.48 -13.06
C GLU A 215 3.08 -5.75 -14.09
N ASP A 216 1.90 -5.13 -13.89
CA ASP A 216 0.85 -5.06 -14.93
C ASP A 216 1.37 -4.27 -16.14
N TYR A 217 2.17 -3.21 -15.87
CA TYR A 217 2.81 -2.41 -16.93
C TYR A 217 3.84 -3.26 -17.71
N VAL A 218 4.55 -4.14 -16.99
CA VAL A 218 5.53 -5.06 -17.61
C VAL A 218 4.84 -6.01 -18.63
N SER A 219 3.58 -6.38 -18.33
CA SER A 219 2.73 -7.16 -19.26
C SER A 219 2.28 -6.30 -20.47
N ARG A 220 2.28 -4.96 -20.29
CA ARG A 220 1.83 -3.97 -21.30
C ARG A 220 3.00 -3.44 -22.16
N MET A 221 4.24 -3.88 -21.86
CA MET A 221 5.48 -3.42 -22.55
C MET A 221 5.66 -4.04 -23.96
N LYS A 222 6.59 -3.43 -24.73
CA LYS A 222 7.03 -3.94 -26.05
C LYS A 222 8.49 -4.46 -25.96
N GLU A 223 9.01 -4.92 -27.11
CA GLU A 223 10.42 -5.28 -27.27
C GLU A 223 11.29 -4.00 -27.32
N GLY A 224 12.29 -3.93 -26.43
CA GLY A 224 13.17 -2.75 -26.31
C GLY A 224 12.57 -1.65 -25.43
N GLN A 225 11.45 -1.96 -24.73
CA GLN A 225 10.78 -1.02 -23.82
C GLN A 225 11.51 -1.08 -22.45
N GLU A 226 12.71 -0.45 -22.42
CA GLU A 226 13.64 -0.54 -21.29
C GLU A 226 13.26 0.42 -20.16
N LYS A 227 12.35 1.37 -20.44
CA LYS A 227 11.96 2.41 -19.49
C LYS A 227 10.46 2.36 -19.20
N ILE A 228 10.12 2.74 -17.97
CA ILE A 228 8.74 2.86 -17.49
C ILE A 228 8.42 4.36 -17.40
N TYR A 229 7.41 4.83 -18.16
CA TYR A 229 7.19 6.27 -18.43
C TYR A 229 6.14 6.84 -17.48
N TYR A 230 6.44 7.95 -16.79
CA TYR A 230 5.51 8.54 -15.79
C TYR A 230 5.27 10.05 -16.05
N ILE A 231 3.99 10.46 -15.83
CA ILE A 231 3.55 11.87 -15.91
C ILE A 231 2.99 12.29 -14.54
N THR A 232 3.48 13.39 -13.98
CA THR A 232 2.93 13.98 -12.74
C THR A 232 1.72 14.86 -13.07
N ALA A 233 0.78 14.97 -12.13
CA ALA A 233 -0.42 15.82 -12.27
C ALA A 233 -0.97 16.17 -10.89
N ASP A 234 -1.68 17.30 -10.82
CA ASP A 234 -2.43 17.70 -9.62
C ASP A 234 -3.65 16.78 -9.47
N SER A 235 -4.29 16.50 -10.61
CA SER A 235 -5.44 15.59 -10.71
C SER A 235 -5.37 14.83 -12.04
N TYR A 236 -6.00 13.64 -12.08
CA TYR A 236 -6.00 12.77 -13.26
C TYR A 236 -6.70 13.46 -14.44
N ALA A 237 -7.72 14.27 -14.14
CA ALA A 237 -8.47 15.06 -15.15
C ALA A 237 -7.52 15.97 -15.96
N ALA A 238 -6.56 16.59 -15.25
CA ALA A 238 -5.54 17.47 -15.87
C ALA A 238 -4.60 16.67 -16.79
N ALA A 239 -4.20 15.48 -16.32
CA ALA A 239 -3.32 14.57 -17.08
C ALA A 239 -4.04 14.02 -18.34
N LYS A 240 -5.32 13.71 -18.16
CA LYS A 240 -6.17 13.03 -19.15
C LYS A 240 -6.51 13.97 -20.33
N SER A 241 -6.55 15.29 -20.04
CA SER A 241 -6.89 16.33 -21.03
C SER A 241 -5.84 16.40 -22.18
N SER A 242 -4.63 15.91 -21.90
CA SER A 242 -3.53 15.85 -22.89
C SER A 242 -3.89 14.85 -24.02
N PRO A 243 -4.00 15.33 -25.31
CA PRO A 243 -4.23 14.44 -26.48
C PRO A 243 -2.95 13.65 -26.88
N HIS A 244 -1.84 13.93 -26.18
CA HIS A 244 -0.51 13.35 -26.47
C HIS A 244 -0.41 11.89 -25.97
N LEU A 245 -1.29 11.55 -25.02
CA LEU A 245 -1.32 10.23 -24.36
C LEU A 245 -1.65 9.11 -25.37
N GLU A 246 -2.74 9.32 -26.10
CA GLU A 246 -3.32 8.30 -27.00
C GLU A 246 -2.53 8.22 -28.33
N LEU A 247 -1.70 9.26 -28.60
CA LEU A 247 -0.74 9.27 -29.72
C LEU A 247 0.25 8.11 -29.54
N LEU A 248 0.76 7.96 -28.30
CA LEU A 248 1.74 6.92 -27.95
C LEU A 248 1.10 5.54 -27.80
N ARG A 249 -0.20 5.49 -27.44
CA ARG A 249 -0.94 4.19 -27.39
C ARG A 249 -0.89 3.51 -28.77
N LYS A 250 -1.05 4.33 -29.83
CA LYS A 250 -0.99 3.87 -31.23
C LYS A 250 0.47 3.47 -31.58
N LYS A 251 1.46 4.18 -31.00
CA LYS A 251 2.90 3.84 -31.14
C LYS A 251 3.26 2.54 -30.36
N GLY A 252 2.34 2.11 -29.48
CA GLY A 252 2.54 0.91 -28.64
C GLY A 252 3.36 1.19 -27.39
N ILE A 253 3.52 2.47 -27.07
CA ILE A 253 4.11 2.93 -25.81
C ILE A 253 2.96 3.25 -24.85
N GLU A 254 3.13 2.93 -23.58
CA GLU A 254 2.13 3.22 -22.56
C GLU A 254 2.79 4.10 -21.49
N VAL A 255 2.06 5.13 -21.05
CA VAL A 255 2.58 6.12 -20.12
C VAL A 255 1.65 6.21 -18.90
N LEU A 256 2.23 5.99 -17.71
CA LEU A 256 1.52 6.02 -16.44
C LEU A 256 1.19 7.47 -16.03
N LEU A 257 -0.04 7.68 -15.50
CA LEU A 257 -0.54 8.99 -15.04
C LEU A 257 -0.67 8.97 -13.50
N LEU A 258 0.03 9.92 -12.85
CA LEU A 258 0.18 10.01 -11.39
C LEU A 258 -0.47 11.34 -10.97
N SER A 259 -1.46 11.27 -10.06
CA SER A 259 -2.42 12.36 -9.85
C SER A 259 -2.54 12.79 -8.38
N ASP A 260 -1.60 12.34 -7.55
CA ASP A 260 -1.62 12.59 -6.10
C ASP A 260 -0.49 13.56 -5.75
N ARG A 261 -0.69 14.47 -4.77
CA ARG A 261 0.36 15.43 -4.36
C ARG A 261 1.59 14.69 -3.78
N ILE A 262 1.32 13.56 -3.15
CA ILE A 262 2.31 12.82 -2.35
C ILE A 262 3.27 11.96 -3.22
N ASP A 263 2.91 11.69 -4.51
CA ASP A 263 3.82 10.91 -5.40
C ASP A 263 5.08 11.71 -5.74
N GLU A 264 5.02 13.04 -5.58
CA GLU A 264 6.19 13.92 -5.69
C GLU A 264 7.36 13.48 -4.78
N TRP A 265 7.03 13.15 -3.52
CA TRP A 265 8.02 12.65 -2.53
C TRP A 265 8.42 11.18 -2.83
N MET A 266 7.59 10.45 -3.62
CA MET A 266 7.78 9.02 -3.94
C MET A 266 9.02 8.74 -4.84
N MET A 267 9.08 9.38 -6.04
CA MET A 267 10.19 9.15 -7.03
C MET A 267 11.56 9.67 -6.54
N ASN A 268 11.53 10.34 -5.39
CA ASN A 268 12.72 10.78 -4.65
C ASN A 268 13.58 9.57 -4.22
N TYR A 269 12.93 8.39 -4.04
CA TYR A 269 13.60 7.11 -3.67
C TYR A 269 13.25 5.96 -4.66
N LEU A 270 12.00 5.94 -5.18
CA LEU A 270 11.56 4.91 -6.17
C LEU A 270 11.95 5.39 -7.60
N THR A 271 13.22 5.15 -7.97
CA THR A 271 13.76 5.53 -9.29
C THR A 271 13.71 4.38 -10.33
N GLU A 272 13.56 3.12 -9.86
CA GLU A 272 13.61 1.92 -10.75
C GLU A 272 12.70 0.79 -10.24
N PHE A 273 12.09 0.04 -11.20
CA PHE A 273 11.33 -1.20 -10.96
C PHE A 273 11.58 -2.20 -12.11
N ASP A 274 11.66 -3.51 -11.77
CA ASP A 274 11.86 -4.62 -12.74
C ASP A 274 13.22 -4.48 -13.49
N GLY A 275 14.19 -3.84 -12.80
CA GLY A 275 15.52 -3.56 -13.38
C GLY A 275 15.46 -2.56 -14.54
N LYS A 276 14.32 -1.88 -14.70
CA LYS A 276 14.08 -0.91 -15.76
C LYS A 276 13.96 0.50 -15.16
N PRO A 277 14.81 1.49 -15.60
CA PRO A 277 14.80 2.85 -15.03
C PRO A 277 13.56 3.63 -15.49
N PHE A 278 13.14 4.57 -14.65
CA PHE A 278 11.96 5.39 -14.91
C PHE A 278 12.32 6.59 -15.80
N GLN A 279 11.56 6.76 -16.89
CA GLN A 279 11.76 7.85 -17.85
C GLN A 279 10.60 8.82 -17.75
N SER A 280 10.88 9.96 -17.11
CA SER A 280 9.97 11.10 -17.05
C SER A 280 9.81 11.73 -18.44
N VAL A 281 8.66 12.40 -18.67
CA VAL A 281 8.44 13.25 -19.86
C VAL A 281 9.52 14.35 -19.93
N SER A 282 9.97 14.80 -18.75
CA SER A 282 10.88 15.92 -18.57
C SER A 282 12.37 15.52 -18.83
N LYS A 283 12.60 14.33 -19.41
CA LYS A 283 13.94 13.90 -19.91
C LYS A 283 13.75 13.04 -21.17
N VAL A 284 14.80 12.99 -22.02
CA VAL A 284 14.86 12.12 -23.21
C VAL A 284 15.86 10.96 -22.93
N ASP A 285 15.75 9.87 -23.72
CA ASP A 285 16.70 8.73 -23.67
C ASP A 285 17.66 8.79 -24.87
N GLU A 286 18.77 8.05 -24.80
CA GLU A 286 19.79 7.99 -25.86
C GLU A 286 19.49 6.84 -26.84
N SER A 287 19.02 5.70 -26.31
CA SER A 287 18.74 4.50 -27.13
C SER A 287 17.51 4.75 -28.03
N LEU A 288 16.61 5.63 -27.56
CA LEU A 288 15.41 6.07 -28.30
C LEU A 288 15.83 6.89 -29.54
N GLU A 289 16.96 7.61 -29.41
CA GLU A 289 17.54 8.43 -30.50
C GLU A 289 18.32 7.55 -31.49
N LYS A 290 18.84 6.41 -31.00
CA LYS A 290 19.59 5.43 -31.83
C LYS A 290 18.62 4.59 -32.69
N LEU A 291 17.32 4.60 -32.33
CA LEU A 291 16.26 3.95 -33.13
C LEU A 291 16.08 4.72 -34.45
N ALA A 292 15.89 6.05 -34.35
CA ALA A 292 15.71 6.93 -35.52
C ALA A 292 17.06 7.60 -35.87
N MET B 17 16.31 16.15 -29.87
CA MET B 17 16.66 16.91 -28.65
C MET B 17 15.56 17.95 -28.37
N ALA B 18 14.80 17.70 -27.30
CA ALA B 18 13.68 18.55 -26.87
C ALA B 18 13.50 18.41 -25.35
N THR B 19 12.56 19.18 -24.80
CA THR B 19 12.21 19.12 -23.37
C THR B 19 11.63 17.74 -23.01
N SER B 20 10.99 17.09 -24.00
CA SER B 20 10.37 15.77 -23.84
C SER B 20 10.99 14.73 -24.77
N THR B 21 10.80 13.43 -24.41
CA THR B 21 11.21 12.27 -25.22
C THR B 21 10.58 12.33 -26.63
N LEU B 22 9.24 12.48 -26.65
CA LEU B 22 8.44 12.62 -27.89
C LEU B 22 7.01 13.09 -27.56
N ILE B 23 6.49 12.65 -26.39
CA ILE B 23 5.07 12.83 -26.00
C ILE B 23 4.71 14.28 -25.65
N LYS B 24 5.47 14.88 -24.72
CA LYS B 24 5.16 16.19 -24.11
C LYS B 24 3.73 16.21 -23.53
N ALA B 25 3.53 15.38 -22.49
CA ALA B 25 2.28 15.36 -21.73
C ALA B 25 2.51 16.03 -20.38
N ILE B 26 1.89 17.22 -20.17
CA ILE B 26 1.95 18.04 -18.93
C ILE B 26 3.31 18.81 -18.80
N ASP B 27 4.32 18.40 -19.61
CA ASP B 27 5.60 19.10 -19.74
C ASP B 27 5.37 20.53 -20.27
N GLY B 28 6.15 21.49 -19.74
CA GLY B 28 6.07 22.87 -20.17
C GLY B 28 7.35 23.61 -19.83
N ASP B 29 8.40 23.39 -20.66
CA ASP B 29 9.71 24.10 -20.61
C ASP B 29 10.59 23.61 -19.43
N THR B 30 10.20 24.00 -18.19
CA THR B 30 10.96 23.66 -16.96
C THR B 30 10.90 22.15 -16.70
N VAL B 31 11.97 21.45 -17.10
CA VAL B 31 12.03 19.98 -17.09
C VAL B 31 12.56 19.44 -15.75
N LYS B 32 11.63 18.86 -14.98
CA LYS B 32 11.89 18.31 -13.64
C LYS B 32 10.73 17.38 -13.23
N LEU B 33 11.06 16.11 -12.90
CA LEU B 33 10.07 15.15 -12.39
C LEU B 33 9.92 15.36 -10.87
N MET B 34 8.77 15.91 -10.46
CA MET B 34 8.29 15.90 -9.05
C MET B 34 9.05 16.89 -8.13
N TYR B 35 8.28 17.73 -7.40
CA TYR B 35 8.84 18.61 -6.37
C TYR B 35 8.67 17.91 -5.02
N LYS B 36 9.74 17.23 -4.57
CA LYS B 36 9.74 16.43 -3.33
C LYS B 36 10.15 17.31 -2.13
N GLY B 37 9.98 16.72 -0.93
CA GLY B 37 10.35 17.38 0.32
C GLY B 37 9.42 16.93 1.46
N GLN B 38 9.28 17.79 2.49
CA GLN B 38 8.38 17.60 3.63
C GLN B 38 8.72 16.30 4.43
N PRO B 39 9.75 16.36 5.34
CA PRO B 39 10.04 15.24 6.25
C PRO B 39 9.04 15.22 7.44
N MET B 40 8.21 14.16 7.50
CA MET B 40 7.15 14.00 8.53
C MET B 40 7.07 12.53 9.01
N THR B 41 8.12 11.77 8.71
CA THR B 41 8.13 10.30 8.78
C THR B 41 9.44 9.82 9.47
N PHE B 42 9.43 8.63 10.11
CA PHE B 42 10.47 8.18 11.09
C PHE B 42 11.24 6.92 10.63
N ARG B 43 10.93 6.43 9.42
CA ARG B 43 11.46 5.18 8.82
C ARG B 43 11.03 3.90 9.57
N LEU B 44 10.11 3.12 8.93
CA LEU B 44 9.74 1.76 9.34
C LEU B 44 8.90 1.16 8.20
N LEU B 45 9.47 0.21 7.45
CA LEU B 45 8.82 -0.37 6.25
C LEU B 45 9.18 -1.84 6.09
N LEU B 46 8.22 -2.72 6.45
CA LEU B 46 8.22 -4.17 6.11
C LEU B 46 9.56 -4.87 6.46
N VAL B 47 9.86 -5.99 5.79
CA VAL B 47 11.17 -6.67 5.88
C VAL B 47 11.76 -6.88 4.47
N ASP B 48 10.86 -6.93 3.45
CA ASP B 48 11.19 -6.92 1.99
C ASP B 48 11.87 -8.21 1.52
N THR B 49 13.19 -8.33 1.82
CA THR B 49 14.09 -9.37 1.27
C THR B 49 13.56 -10.84 1.44
N PRO B 50 12.96 -11.26 2.61
CA PRO B 50 12.22 -12.56 2.69
C PRO B 50 11.05 -12.58 1.69
N GLU B 51 11.29 -13.24 0.55
CA GLU B 51 10.36 -13.31 -0.59
C GLU B 51 8.98 -13.87 -0.20
N THR B 52 7.92 -13.19 -0.63
CA THR B 52 6.54 -13.65 -0.44
C THR B 52 6.16 -14.64 -1.56
N LYS B 53 6.11 -14.15 -2.82
CA LYS B 53 5.87 -14.97 -4.02
C LYS B 53 6.79 -14.47 -5.16
N HIS B 54 8.11 -14.77 -5.02
CA HIS B 54 9.10 -14.46 -6.07
C HIS B 54 9.16 -15.54 -7.18
N PRO B 55 9.05 -16.90 -6.90
CA PRO B 55 9.01 -17.93 -7.97
C PRO B 55 7.71 -17.83 -8.81
N LYS B 56 7.71 -16.88 -9.74
CA LYS B 56 6.56 -16.57 -10.59
C LYS B 56 6.68 -17.26 -11.95
N LYS B 57 5.54 -17.47 -12.62
CA LYS B 57 5.49 -18.18 -13.91
C LYS B 57 5.00 -17.22 -15.00
N GLY B 58 5.94 -16.51 -15.67
CA GLY B 58 5.65 -15.63 -16.80
C GLY B 58 4.74 -14.46 -16.44
N VAL B 59 3.41 -14.71 -16.54
CA VAL B 59 2.35 -13.74 -16.16
C VAL B 59 2.26 -13.58 -14.62
N GLU B 60 2.92 -14.51 -13.88
CA GLU B 60 3.00 -14.58 -12.41
C GLU B 60 1.74 -15.24 -11.80
N LYS B 61 0.57 -14.62 -12.04
CA LYS B 61 -0.70 -14.90 -11.33
C LYS B 61 -1.08 -16.39 -11.34
N TYR B 62 -1.28 -16.92 -12.56
CA TYR B 62 -1.68 -18.34 -12.79
C TYR B 62 -2.99 -18.70 -12.03
N GLY B 63 -3.84 -17.68 -11.81
CA GLY B 63 -5.11 -17.84 -11.11
C GLY B 63 -6.30 -17.65 -12.05
N PRO B 64 -7.56 -17.78 -11.53
CA PRO B 64 -8.79 -17.45 -12.31
C PRO B 64 -8.95 -15.94 -12.54
N GLU B 65 -8.22 -15.15 -11.71
CA GLU B 65 -8.27 -13.66 -11.68
C GLU B 65 -9.66 -13.20 -11.18
N ALA B 66 -10.66 -13.22 -12.09
CA ALA B 66 -12.08 -13.07 -11.73
C ALA B 66 -12.64 -14.48 -11.50
N SER B 67 -12.89 -15.20 -12.60
CA SER B 67 -13.32 -16.60 -12.61
C SER B 67 -13.17 -17.12 -14.05
N ALA B 68 -14.12 -16.67 -14.93
CA ALA B 68 -14.15 -16.97 -16.38
C ALA B 68 -14.16 -18.50 -16.67
N PHE B 69 -12.98 -19.12 -16.58
CA PHE B 69 -12.76 -20.52 -16.95
C PHE B 69 -12.81 -21.44 -15.72
N THR B 70 -13.69 -22.46 -15.77
CA THR B 70 -13.71 -23.59 -14.82
C THR B 70 -13.93 -24.89 -15.62
N LYS B 71 -12.89 -25.75 -15.68
CA LYS B 71 -12.90 -27.01 -16.45
C LYS B 71 -14.03 -27.94 -16.00
N LYS B 72 -14.94 -28.30 -16.95
CA LYS B 72 -16.00 -29.32 -16.76
C LYS B 72 -16.87 -28.95 -15.51
N MET B 73 -17.35 -29.96 -14.74
CA MET B 73 -18.00 -29.80 -13.41
C MET B 73 -19.43 -29.22 -13.51
N VAL B 74 -19.55 -27.98 -13.98
CA VAL B 74 -20.82 -27.23 -14.07
C VAL B 74 -21.74 -27.83 -15.17
N GLU B 75 -22.56 -28.82 -14.77
CA GLU B 75 -23.61 -29.48 -15.59
C GLU B 75 -23.07 -30.06 -16.92
N ASN B 76 -22.59 -31.32 -16.86
CA ASN B 76 -22.01 -32.02 -18.02
C ASN B 76 -22.40 -33.51 -17.99
N ALA B 77 -22.67 -34.09 -19.17
CA ALA B 77 -23.03 -35.51 -19.30
C ALA B 77 -21.75 -36.39 -19.14
N ALA A 28 -20.64 -14.80 24.46
CA ALA A 28 -20.25 -13.38 24.52
C ALA A 28 -18.81 -13.26 25.05
N GLN A 29 -17.84 -13.48 24.15
CA GLN A 29 -16.40 -13.52 24.46
C GLN A 29 -15.66 -12.56 23.50
N ALA A 30 -14.52 -12.04 23.98
CA ALA A 30 -13.61 -11.16 23.21
C ALA A 30 -13.25 -11.78 21.84
N LEU A 31 -13.58 -11.06 20.74
CA LEU A 31 -13.46 -11.59 19.36
C LEU A 31 -12.02 -12.05 19.05
N TRP A 32 -11.05 -11.27 19.54
CA TRP A 32 -9.64 -11.48 19.25
C TRP A 32 -9.10 -12.80 19.89
N THR A 33 -9.53 -13.13 21.12
CA THR A 33 -9.00 -14.32 21.85
C THR A 33 -9.68 -15.62 21.37
N ARG A 34 -10.78 -15.48 20.60
CA ARG A 34 -11.52 -16.61 20.02
C ARG A 34 -10.81 -17.16 18.77
N ASN A 35 -10.98 -18.49 18.53
CA ASN A 35 -10.49 -19.15 17.30
C ASN A 35 -11.24 -18.62 16.07
N LYS A 36 -10.48 -18.36 15.00
CA LYS A 36 -11.01 -17.89 13.71
C LYS A 36 -11.98 -18.92 13.08
N SER A 37 -11.78 -20.22 13.39
CA SER A 37 -12.57 -21.31 12.81
C SER A 37 -14.07 -21.22 13.21
N GLU A 38 -14.34 -20.55 14.34
CA GLU A 38 -15.70 -20.30 14.84
C GLU A 38 -16.23 -18.94 14.38
N ILE A 39 -15.30 -18.01 14.10
CA ILE A 39 -15.66 -16.61 13.79
C ILE A 39 -15.96 -16.45 12.30
N THR A 40 -17.18 -16.00 12.01
CA THR A 40 -17.61 -15.68 10.64
C THR A 40 -17.21 -14.24 10.30
N ASP A 41 -17.31 -13.92 9.00
CA ASP A 41 -16.96 -12.60 8.45
C ASP A 41 -17.84 -11.49 9.07
N GLU A 42 -19.11 -11.83 9.36
CA GLU A 42 -20.11 -10.94 9.99
C GLU A 42 -19.59 -10.30 11.27
N GLU A 43 -18.97 -11.13 12.12
CA GLU A 43 -18.48 -10.71 13.43
C GLU A 43 -17.27 -9.77 13.29
N TYR A 44 -16.42 -10.03 12.29
CA TYR A 44 -15.28 -9.14 11.94
C TYR A 44 -15.79 -7.77 11.47
N LYS A 45 -16.89 -7.77 10.70
CA LYS A 45 -17.50 -6.56 10.13
C LYS A 45 -18.06 -5.66 11.24
N GLU A 46 -18.94 -6.24 12.07
CA GLU A 46 -19.64 -5.49 13.15
C GLU A 46 -18.67 -4.98 14.21
N PHE A 47 -17.67 -5.83 14.53
CA PHE A 47 -16.63 -5.50 15.53
C PHE A 47 -15.76 -4.34 15.03
N TYR A 48 -15.38 -4.39 13.72
CA TYR A 48 -14.62 -3.31 13.04
C TYR A 48 -15.33 -1.96 13.21
N LYS A 49 -16.61 -1.94 12.86
CA LYS A 49 -17.44 -0.72 12.83
C LYS A 49 -17.52 -0.05 14.22
N HIS A 50 -17.53 -0.88 15.27
CA HIS A 50 -17.59 -0.41 16.66
C HIS A 50 -16.22 0.15 17.10
N ILE A 51 -15.15 -0.63 16.84
CA ILE A 51 -13.77 -0.33 17.34
C ILE A 51 -13.06 0.76 16.51
N ALA A 52 -13.59 1.04 15.31
CA ALA A 52 -13.07 2.10 14.42
C ALA A 52 -13.98 3.34 14.47
N HIS A 53 -15.17 3.17 15.09
CA HIS A 53 -16.24 4.21 15.18
C HIS A 53 -16.77 4.57 13.76
N ASP A 54 -16.64 3.58 12.87
CA ASP A 54 -17.01 3.65 11.44
C ASP A 54 -18.28 2.79 11.22
N PHE A 55 -18.83 2.74 9.98
CA PHE A 55 -20.04 1.91 9.69
C PHE A 55 -19.93 1.17 8.33
N ASN A 56 -18.78 1.29 7.65
CA ASN A 56 -18.50 0.55 6.40
C ASN A 56 -18.09 -0.89 6.73
N ASP A 57 -18.43 -1.84 5.85
CA ASP A 57 -17.89 -3.22 5.91
C ASP A 57 -16.41 -3.19 5.50
N PRO A 58 -15.49 -3.85 6.27
CA PRO A 58 -14.05 -3.91 5.90
C PRO A 58 -13.81 -4.77 4.66
N LEU A 59 -12.92 -4.30 3.78
CA LEU A 59 -12.53 -5.00 2.54
C LEU A 59 -11.80 -6.32 2.87
N THR A 60 -10.85 -6.24 3.82
CA THR A 60 -10.18 -7.42 4.37
C THR A 60 -9.77 -7.16 5.83
N TRP A 61 -9.32 -8.22 6.48
CA TRP A 61 -8.86 -8.22 7.87
C TRP A 61 -7.70 -9.21 8.02
N SER A 62 -7.03 -9.18 9.18
CA SER A 62 -5.96 -10.13 9.52
C SER A 62 -6.00 -10.41 11.02
N HIS A 63 -6.59 -11.56 11.40
CA HIS A 63 -6.70 -12.00 12.79
C HIS A 63 -5.54 -12.94 13.03
N ASN A 64 -4.41 -12.40 13.47
CA ASN A 64 -3.17 -13.15 13.57
C ASN A 64 -2.64 -13.05 15.01
N ARG A 65 -2.39 -14.21 15.63
CA ARG A 65 -1.87 -14.25 17.01
C ARG A 65 -0.41 -14.69 16.96
N VAL A 66 0.40 -14.03 17.79
CA VAL A 66 1.85 -14.21 17.82
C VAL A 66 2.23 -14.77 19.19
N GLU A 67 3.19 -15.70 19.18
CA GLU A 67 3.56 -16.51 20.36
C GLU A 67 5.06 -16.81 20.35
N GLY A 68 5.52 -17.58 21.36
CA GLY A 68 6.92 -17.94 21.50
C GLY A 68 7.53 -17.15 22.64
N LYS A 69 8.18 -16.03 22.28
CA LYS A 69 8.71 -15.07 23.24
C LYS A 69 7.57 -14.17 23.76
N GLN A 70 7.04 -13.30 22.86
CA GLN A 70 5.96 -12.34 23.18
C GLN A 70 4.61 -12.93 22.73
N GLU A 71 3.68 -13.13 23.68
CA GLU A 71 2.35 -13.64 23.37
C GLU A 71 1.36 -12.44 23.30
N TYR A 72 0.87 -12.17 22.08
CA TYR A 72 -0.06 -11.07 21.82
C TYR A 72 -0.95 -11.37 20.61
N THR A 73 -2.24 -11.06 20.70
CA THR A 73 -3.21 -11.26 19.62
C THR A 73 -3.46 -9.93 18.89
N SER A 74 -3.08 -9.84 17.60
CA SER A 74 -3.35 -8.65 16.78
C SER A 74 -4.48 -8.96 15.79
N LEU A 75 -5.42 -8.02 15.62
CA LEU A 75 -6.55 -8.15 14.69
C LEU A 75 -6.71 -6.83 13.93
N LEU A 76 -6.26 -6.85 12.66
CA LEU A 76 -6.23 -5.69 11.77
C LEU A 76 -7.44 -5.69 10.82
N TYR A 77 -7.70 -4.53 10.20
CA TYR A 77 -8.82 -4.32 9.24
C TYR A 77 -8.41 -3.27 8.18
N ILE A 78 -9.09 -3.33 7.03
CA ILE A 78 -8.93 -2.37 5.91
C ILE A 78 -10.30 -1.70 5.61
N PRO A 79 -10.44 -0.34 5.79
CA PRO A 79 -11.68 0.41 5.47
C PRO A 79 -11.98 0.47 3.95
N SER A 80 -13.28 0.53 3.59
CA SER A 80 -13.73 0.72 2.20
C SER A 80 -13.67 2.20 1.79
N GLN A 81 -13.85 3.10 2.78
CA GLN A 81 -13.82 4.57 2.54
C GLN A 81 -12.88 5.26 3.52
N ALA A 82 -12.33 6.39 3.04
CA ALA A 82 -11.43 7.25 3.84
C ALA A 82 -12.26 8.08 4.84
N PRO A 83 -11.92 8.01 6.18
CA PRO A 83 -12.50 8.94 7.18
C PRO A 83 -12.09 10.39 6.93
N TRP A 84 -12.81 11.36 7.51
CA TRP A 84 -12.49 12.80 7.34
C TRP A 84 -11.14 13.10 8.03
N ASP A 85 -10.94 12.47 9.20
CA ASP A 85 -9.73 12.64 10.04
C ASP A 85 -8.50 11.90 9.47
N MET A 86 -8.66 11.30 8.28
CA MET A 86 -7.56 10.67 7.55
C MET A 86 -6.56 11.74 7.06
N TRP A 87 -7.05 13.00 6.91
CA TRP A 87 -6.23 14.13 6.42
C TRP A 87 -6.33 15.33 7.39
N ASN A 88 -6.67 15.02 8.66
CA ASN A 88 -6.72 16.01 9.76
C ASN A 88 -5.43 15.91 10.60
N ARG A 89 -5.15 16.98 11.39
CA ARG A 89 -3.97 17.02 12.28
C ARG A 89 -4.20 16.13 13.53
N ASP A 90 -5.48 15.80 13.81
CA ASP A 90 -5.85 14.89 14.91
C ASP A 90 -5.58 13.43 14.48
N HIS A 91 -4.99 12.63 15.38
CA HIS A 91 -4.66 11.22 15.07
C HIS A 91 -5.94 10.38 15.04
N LYS A 92 -6.02 9.49 14.03
CA LYS A 92 -7.09 8.48 13.95
C LYS A 92 -6.50 7.11 13.63
N HIS A 93 -5.21 7.10 13.24
CA HIS A 93 -4.48 5.85 12.99
C HIS A 93 -4.15 5.14 14.29
N GLY A 94 -3.96 3.83 14.19
CA GLY A 94 -3.59 3.00 15.33
C GLY A 94 -4.70 2.05 15.71
N LEU A 95 -4.45 1.31 16.79
CA LEU A 95 -5.29 0.19 17.21
C LEU A 95 -5.76 0.41 18.65
N LYS A 96 -6.83 -0.29 19.05
CA LYS A 96 -7.27 -0.29 20.45
C LYS A 96 -6.31 -1.15 21.28
N LEU A 97 -5.55 -0.50 22.16
CA LEU A 97 -4.65 -1.17 23.07
C LEU A 97 -5.44 -1.85 24.19
N TYR A 98 -5.38 -3.18 24.18
CA TYR A 98 -5.74 -4.03 25.30
C TYR A 98 -4.44 -4.64 25.81
N VAL A 99 -4.24 -4.63 27.12
CA VAL A 99 -3.14 -5.37 27.76
C VAL A 99 -3.76 -6.35 28.74
N GLN A 100 -3.38 -7.64 28.61
CA GLN A 100 -3.89 -8.72 29.49
C GLN A 100 -5.42 -8.89 29.33
N ARG A 101 -5.91 -8.55 28.11
CA ARG A 101 -7.33 -8.64 27.68
C ARG A 101 -8.17 -7.47 28.28
N VAL A 102 -7.51 -6.60 29.07
CA VAL A 102 -8.12 -5.45 29.73
C VAL A 102 -7.91 -4.19 28.86
N PHE A 103 -8.99 -3.45 28.58
CA PHE A 103 -8.94 -2.19 27.80
C PHE A 103 -8.08 -1.13 28.52
N ILE A 104 -7.15 -0.52 27.77
CA ILE A 104 -6.28 0.56 28.28
C ILE A 104 -6.61 1.87 27.56
N MET A 105 -6.39 1.90 26.23
CA MET A 105 -6.52 3.13 25.41
C MET A 105 -6.81 2.77 23.96
N ASP A 106 -7.85 3.38 23.36
CA ASP A 106 -8.21 3.17 21.95
C ASP A 106 -7.56 4.24 21.05
N ASP A 107 -7.57 4.00 19.71
CA ASP A 107 -6.90 4.87 18.70
C ASP A 107 -5.38 5.04 19.01
N ALA A 108 -4.78 4.00 19.64
CA ALA A 108 -3.39 4.01 20.08
C ALA A 108 -2.46 3.89 18.86
N GLU A 109 -2.01 5.06 18.39
CA GLU A 109 -1.19 5.23 17.17
C GLU A 109 0.25 4.71 17.35
N GLN A 110 0.55 4.28 18.56
CA GLN A 110 1.87 3.81 18.98
C GLN A 110 2.19 2.40 18.46
N PHE A 111 1.23 1.77 17.78
CA PHE A 111 1.42 0.44 17.14
C PHE A 111 1.42 0.54 15.60
N MET A 112 1.03 1.71 15.03
CA MET A 112 0.97 1.92 13.56
C MET A 112 1.58 3.29 13.17
N PRO A 113 2.61 3.33 12.25
CA PRO A 113 3.22 4.60 11.73
C PRO A 113 2.28 5.41 10.80
N ASN A 114 2.81 6.53 10.26
CA ASN A 114 2.06 7.45 9.37
C ASN A 114 1.91 6.87 7.95
N TYR A 115 2.78 5.91 7.61
CA TYR A 115 2.80 5.28 6.27
C TYR A 115 1.71 4.20 6.19
N LEU A 116 1.28 3.73 7.38
CA LEU A 116 0.24 2.69 7.54
C LEU A 116 -0.93 3.31 8.34
N ARG A 117 -1.19 4.62 8.14
CA ARG A 117 -2.18 5.38 8.96
C ARG A 117 -3.66 5.07 8.60
N PHE A 118 -3.87 4.10 7.70
CA PHE A 118 -5.21 3.61 7.29
C PHE A 118 -5.66 2.39 8.13
N VAL A 119 -4.68 1.70 8.74
CA VAL A 119 -4.91 0.44 9.46
C VAL A 119 -5.74 0.67 10.72
N ARG A 120 -6.87 -0.05 10.80
CA ARG A 120 -7.77 -0.05 11.97
C ARG A 120 -7.80 -1.45 12.58
N GLY A 121 -8.26 -1.52 13.84
CA GLY A 121 -8.37 -2.77 14.56
C GLY A 121 -7.99 -2.61 16.02
N LEU A 122 -7.24 -3.59 16.54
CA LEU A 122 -6.87 -3.67 17.94
C LEU A 122 -5.69 -4.64 18.12
N ILE A 123 -5.05 -4.54 19.30
CA ILE A 123 -3.97 -5.44 19.72
C ILE A 123 -4.09 -5.70 21.23
N ASP A 124 -4.16 -6.98 21.58
CA ASP A 124 -4.08 -7.45 22.96
C ASP A 124 -2.66 -7.97 23.22
N SER A 125 -1.96 -7.36 24.19
CA SER A 125 -0.61 -7.77 24.57
C SER A 125 -0.60 -8.32 26.00
N SER A 126 -0.25 -9.61 26.16
CA SER A 126 -0.07 -10.23 27.49
C SER A 126 1.36 -9.98 28.00
N ASP A 127 2.22 -9.51 27.07
CA ASP A 127 3.65 -9.29 27.28
C ASP A 127 3.92 -7.95 27.98
N LEU A 128 3.16 -6.91 27.59
CA LEU A 128 3.33 -5.53 28.08
C LEU A 128 2.74 -5.38 29.51
N PRO A 129 3.25 -4.39 30.34
CA PRO A 129 2.66 -4.06 31.68
C PRO A 129 1.22 -3.53 31.58
N LEU A 130 0.37 -3.86 32.55
CA LEU A 130 -1.05 -3.45 32.57
C LEU A 130 -1.19 -1.92 32.84
N ASN A 131 -0.19 -1.35 33.54
CA ASN A 131 -0.19 0.10 33.92
C ASN A 131 0.39 0.98 32.77
N VAL A 132 0.52 0.40 31.57
CA VAL A 132 1.17 1.04 30.42
C VAL A 132 0.41 2.33 29.98
N SER A 133 1.19 3.39 29.71
CA SER A 133 0.67 4.69 29.27
C SER A 133 1.32 5.05 27.92
N ARG A 134 0.82 6.10 27.23
CA ARG A 134 1.30 6.45 25.87
C ARG A 134 2.78 6.89 25.87
N GLU A 135 3.23 7.47 27.00
CA GLU A 135 4.64 7.87 27.19
C GLU A 135 5.57 6.64 27.24
N ILE A 136 5.07 5.51 27.80
CA ILE A 136 5.79 4.23 27.77
C ILE A 136 5.79 3.67 26.34
N LEU A 137 4.61 3.73 25.70
CA LEU A 137 4.42 3.27 24.30
C LEU A 137 5.31 4.04 23.31
N GLN A 138 5.70 5.27 23.68
CA GLN A 138 6.59 6.14 22.89
C GLN A 138 8.08 5.82 23.21
N ASP A 139 8.37 5.66 24.51
CA ASP A 139 9.76 5.57 25.03
C ASP A 139 10.35 4.15 24.86
N SER A 140 9.64 3.15 25.43
CA SER A 140 10.11 1.76 25.55
C SER A 140 10.37 1.11 24.18
N THR A 141 11.45 0.31 24.10
CA THR A 141 11.88 -0.38 22.88
C THR A 141 11.01 -1.64 22.63
N VAL A 142 10.36 -2.15 23.71
CA VAL A 142 9.45 -3.31 23.61
C VAL A 142 8.23 -2.98 22.72
N THR A 143 7.61 -1.81 22.97
CA THR A 143 6.47 -1.32 22.17
C THR A 143 6.93 -0.91 20.74
N ARG A 144 8.20 -0.51 20.63
CA ARG A 144 8.82 -0.16 19.34
C ARG A 144 8.97 -1.42 18.46
N ASN A 145 9.25 -2.56 19.12
CA ASN A 145 9.30 -3.90 18.48
C ASN A 145 7.90 -4.32 18.03
N LEU A 146 6.90 -4.11 18.92
CA LEU A 146 5.46 -4.38 18.65
C LEU A 146 4.98 -3.57 17.42
N ARG A 147 5.39 -2.30 17.37
CA ARG A 147 5.00 -1.35 16.32
C ARG A 147 5.54 -1.78 14.95
N ASN A 148 6.75 -2.35 14.98
CA ASN A 148 7.48 -2.80 13.77
C ASN A 148 6.99 -4.21 13.33
N ALA A 149 6.54 -5.01 14.32
CA ALA A 149 6.07 -6.39 14.09
C ALA A 149 4.71 -6.39 13.38
N LEU A 150 3.80 -5.54 13.86
CA LEU A 150 2.44 -5.39 13.30
C LEU A 150 2.50 -4.87 11.85
N THR A 151 3.52 -4.05 11.56
CA THR A 151 3.83 -3.55 10.21
C THR A 151 4.01 -4.71 9.18
N LYS A 152 4.68 -5.78 9.63
CA LYS A 152 4.83 -7.03 8.83
C LYS A 152 3.45 -7.67 8.49
N ARG A 153 2.52 -7.60 9.45
CA ARG A 153 1.15 -8.17 9.30
C ARG A 153 0.29 -7.25 8.41
N VAL A 154 0.59 -5.93 8.41
CA VAL A 154 -0.04 -4.97 7.49
C VAL A 154 0.31 -5.29 6.03
N LEU A 155 1.61 -5.58 5.76
CA LEU A 155 2.10 -5.98 4.40
C LEU A 155 1.27 -7.17 3.90
N GLN A 156 1.21 -8.21 4.76
CA GLN A 156 0.47 -9.45 4.51
C GLN A 156 -0.99 -9.15 4.13
N MET A 157 -1.61 -8.24 4.89
CA MET A 157 -3.03 -7.84 4.73
C MET A 157 -3.28 -7.08 3.41
N LEU A 158 -2.32 -6.22 3.01
CA LEU A 158 -2.42 -5.39 1.80
C LEU A 158 -2.36 -6.23 0.54
N GLU A 159 -1.30 -7.06 0.43
CA GLU A 159 -1.06 -7.89 -0.74
C GLU A 159 -2.07 -9.07 -0.77
N LYS A 160 -2.60 -9.45 0.43
CA LYS A 160 -3.69 -10.43 0.55
C LYS A 160 -4.96 -9.90 -0.13
N LEU A 161 -5.24 -8.60 0.05
CA LEU A 161 -6.39 -7.92 -0.56
C LEU A 161 -6.17 -7.77 -2.09
N ALA A 162 -4.90 -7.56 -2.47
CA ALA A 162 -4.47 -7.47 -3.89
C ALA A 162 -4.50 -8.86 -4.57
N LYS A 163 -4.65 -9.94 -3.76
CA LYS A 163 -4.86 -11.33 -4.25
C LYS A 163 -6.33 -11.76 -4.08
N ASP A 164 -7.02 -11.15 -3.09
CA ASP A 164 -8.43 -11.45 -2.76
C ASP A 164 -9.34 -10.95 -3.86
N ASP A 165 -9.39 -9.62 -3.96
CA ASP A 165 -10.20 -8.92 -4.94
C ASP A 165 -9.48 -7.63 -5.33
N ALA A 166 -8.94 -7.61 -6.56
CA ALA A 166 -8.31 -6.42 -7.15
C ALA A 166 -9.31 -5.23 -7.19
N GLU A 167 -10.61 -5.56 -7.26
CA GLU A 167 -11.71 -4.58 -7.22
C GLU A 167 -11.87 -3.94 -5.83
N LYS A 168 -11.70 -4.74 -4.74
CA LYS A 168 -11.70 -4.22 -3.36
C LYS A 168 -10.48 -3.34 -3.13
N TYR A 169 -9.30 -3.82 -3.58
CA TYR A 169 -8.04 -3.10 -3.42
C TYR A 169 -8.04 -1.81 -4.25
N GLN A 170 -8.81 -1.80 -5.36
CA GLN A 170 -8.99 -0.61 -6.20
C GLN A 170 -9.73 0.49 -5.42
N THR A 171 -10.77 0.08 -4.68
CA THR A 171 -11.55 0.95 -3.79
C THR A 171 -10.63 1.52 -2.68
N PHE A 172 -9.88 0.60 -2.03
CA PHE A 172 -8.85 0.92 -1.01
C PHE A 172 -7.87 1.99 -1.52
N TRP A 173 -7.43 1.81 -2.78
CA TRP A 173 -6.38 2.64 -3.36
C TRP A 173 -6.86 4.11 -3.55
N GLN A 174 -8.07 4.30 -4.09
CA GLN A 174 -8.65 5.65 -4.31
C GLN A 174 -8.82 6.42 -2.97
N GLN A 175 -8.96 5.67 -1.87
CA GLN A 175 -9.16 6.24 -0.52
C GLN A 175 -7.83 6.51 0.21
N PHE A 176 -6.84 5.59 0.06
CA PHE A 176 -5.62 5.55 0.92
C PHE A 176 -4.30 5.48 0.12
N GLY A 177 -4.38 5.77 -1.19
CA GLY A 177 -3.25 5.58 -2.11
C GLY A 177 -2.10 6.56 -1.93
N LEU A 178 -2.42 7.78 -1.51
CA LEU A 178 -1.44 8.87 -1.27
C LEU A 178 -0.52 8.53 -0.08
N VAL A 179 -1.06 7.70 0.84
CA VAL A 179 -0.39 7.32 2.11
C VAL A 179 0.72 6.28 1.88
N LEU A 180 0.42 5.29 1.00
CA LEU A 180 1.39 4.23 0.66
C LEU A 180 2.62 4.78 -0.08
N LYS A 181 2.48 5.96 -0.71
CA LYS A 181 3.57 6.62 -1.46
C LYS A 181 4.49 7.45 -0.53
N GLU A 182 4.14 7.53 0.78
CA GLU A 182 5.09 7.96 1.84
C GLU A 182 6.15 6.85 2.06
N GLY A 183 5.73 5.61 1.72
CA GLY A 183 6.53 4.41 1.90
C GLY A 183 7.91 4.46 1.21
N PRO A 184 8.00 4.36 -0.15
CA PRO A 184 9.33 4.28 -0.85
C PRO A 184 10.24 5.48 -0.54
N ALA A 185 9.64 6.64 -0.25
CA ALA A 185 10.36 7.90 0.07
C ALA A 185 10.98 7.87 1.48
N GLU A 186 10.46 6.99 2.34
CA GLU A 186 11.07 6.68 3.63
C GLU A 186 12.25 5.71 3.36
N ASP A 187 11.93 4.44 3.01
CA ASP A 187 12.94 3.40 2.70
C ASP A 187 12.75 2.89 1.26
N PHE A 188 13.72 3.22 0.42
CA PHE A 188 13.80 2.73 -0.96
C PHE A 188 14.20 1.24 -1.05
N ALA A 189 14.81 0.70 0.03
CA ALA A 189 15.39 -0.67 0.00
C ALA A 189 14.30 -1.78 -0.14
N ASN A 190 13.21 -1.66 0.62
CA ASN A 190 12.12 -2.68 0.69
C ASN A 190 10.93 -2.25 -0.20
N GLN A 191 11.25 -1.56 -1.32
CA GLN A 191 10.23 -0.99 -2.23
C GLN A 191 9.56 -2.07 -3.12
N GLU A 192 10.18 -3.26 -3.32
CA GLU A 192 9.52 -4.34 -4.13
C GLU A 192 8.25 -4.83 -3.41
N ALA A 193 8.15 -4.55 -2.10
CA ALA A 193 6.89 -4.64 -1.36
C ALA A 193 5.97 -3.47 -1.73
N ILE A 194 6.41 -2.25 -1.39
CA ILE A 194 5.53 -1.05 -1.37
C ILE A 194 5.25 -0.52 -2.79
N ALA A 195 6.31 -0.34 -3.58
CA ALA A 195 6.22 0.13 -4.98
C ALA A 195 5.41 -0.84 -5.85
N LYS A 196 5.40 -2.13 -5.49
CA LYS A 196 4.59 -3.15 -6.17
C LYS A 196 3.09 -3.00 -5.75
N LEU A 197 2.88 -2.58 -4.49
CA LEU A 197 1.54 -2.25 -3.93
C LEU A 197 1.07 -0.86 -4.41
N LEU A 198 2.00 -0.06 -4.98
CA LEU A 198 1.68 1.25 -5.58
C LEU A 198 1.06 1.08 -6.96
N ARG A 199 -0.06 1.76 -7.17
CA ARG A 199 -0.82 1.73 -8.42
C ARG A 199 -0.74 3.14 -9.05
N PHE A 200 -0.44 3.21 -10.36
CA PHE A 200 -0.34 4.47 -11.11
C PHE A 200 -1.44 4.49 -12.19
N ALA A 201 -1.95 5.70 -12.49
CA ALA A 201 -2.90 5.90 -13.59
C ALA A 201 -2.11 6.00 -14.89
N SER A 202 -2.76 5.80 -16.06
CA SER A 202 -2.06 5.78 -17.35
C SER A 202 -3.00 5.86 -18.55
N THR A 203 -2.38 5.82 -19.75
CA THR A 203 -3.06 5.73 -21.05
C THR A 203 -3.70 4.33 -21.26
N HIS A 204 -3.32 3.37 -20.41
CA HIS A 204 -3.90 1.99 -20.39
C HIS A 204 -5.44 2.04 -20.31
N THR A 205 -5.94 2.86 -19.38
CA THR A 205 -7.38 3.00 -19.12
C THR A 205 -7.75 4.48 -19.02
N ASP A 206 -8.92 4.81 -19.58
CA ASP A 206 -9.49 6.18 -19.62
C ASP A 206 -10.34 6.48 -18.36
N SER A 207 -10.11 5.71 -17.28
CA SER A 207 -10.82 5.89 -16.00
C SER A 207 -9.89 6.57 -14.98
N SER A 208 -10.48 7.32 -14.03
CA SER A 208 -9.73 8.08 -13.00
C SER A 208 -9.15 7.17 -11.89
N ALA A 209 -9.45 5.86 -11.97
CA ALA A 209 -8.89 4.83 -11.08
C ALA A 209 -7.48 4.43 -11.53
N GLN A 210 -6.54 4.33 -10.56
CA GLN A 210 -5.18 3.83 -10.83
C GLN A 210 -5.21 2.29 -10.87
N THR A 211 -5.53 1.71 -12.04
CA THR A 211 -5.69 0.26 -12.21
C THR A 211 -4.34 -0.44 -12.36
N VAL A 212 -3.41 0.22 -13.07
CA VAL A 212 -2.07 -0.32 -13.36
C VAL A 212 -1.18 -0.21 -12.11
N SER A 213 -0.35 -1.23 -11.91
CA SER A 213 0.69 -1.27 -10.86
C SER A 213 2.06 -1.10 -11.53
N LEU A 214 3.12 -0.85 -10.77
CA LEU A 214 4.49 -0.88 -11.31
C LEU A 214 4.84 -2.31 -11.80
N GLU A 215 4.35 -3.32 -11.07
CA GLU A 215 4.53 -4.76 -11.43
C GLU A 215 3.76 -5.06 -12.73
N ASP A 216 2.53 -4.53 -12.85
CA ASP A 216 1.66 -4.76 -14.01
C ASP A 216 2.19 -4.01 -15.24
N TYR A 217 2.89 -2.88 -15.01
CA TYR A 217 3.53 -2.13 -16.11
C TYR A 217 4.61 -3.01 -16.76
N VAL A 218 5.51 -3.54 -15.92
CA VAL A 218 6.64 -4.40 -16.37
C VAL A 218 6.10 -5.69 -17.04
N SER A 219 4.98 -6.20 -16.52
CA SER A 219 4.30 -7.39 -17.05
C SER A 219 3.61 -7.12 -18.41
N ARG A 220 3.31 -5.85 -18.70
CA ARG A 220 2.51 -5.45 -19.89
C ARG A 220 3.32 -4.60 -20.90
N MET A 221 4.53 -4.16 -20.51
CA MET A 221 5.35 -3.23 -21.35
C MET A 221 6.06 -4.00 -22.48
N LYS A 222 6.48 -3.25 -23.52
CA LYS A 222 7.17 -3.82 -24.68
C LYS A 222 8.65 -4.10 -24.39
N GLU A 223 9.19 -5.16 -25.04
CA GLU A 223 10.62 -5.48 -25.01
C GLU A 223 11.43 -4.39 -25.74
N GLY A 224 12.60 -4.05 -25.20
CA GLY A 224 13.43 -2.95 -25.72
C GLY A 224 13.18 -1.63 -25.00
N GLN A 225 11.99 -1.49 -24.39
CA GLN A 225 11.61 -0.30 -23.61
C GLN A 225 12.29 -0.41 -22.23
N GLU A 226 13.50 0.17 -22.12
CA GLU A 226 14.37 -0.03 -20.95
C GLU A 226 14.06 1.02 -19.84
N LYS A 227 13.18 1.98 -20.16
CA LYS A 227 12.74 3.02 -19.22
C LYS A 227 11.20 3.12 -19.20
N ILE A 228 10.62 3.22 -17.98
CA ILE A 228 9.17 3.38 -17.78
C ILE A 228 8.82 4.86 -17.99
N TYR A 229 7.84 5.15 -18.87
CA TYR A 229 7.41 6.54 -19.17
C TYR A 229 6.37 7.02 -18.14
N TYR A 230 6.58 8.27 -17.66
CA TYR A 230 5.71 8.92 -16.66
C TYR A 230 5.36 10.36 -17.09
N ILE A 231 4.37 10.95 -16.39
CA ILE A 231 4.03 12.40 -16.45
C ILE A 231 3.57 12.83 -15.06
N THR A 232 4.16 13.90 -14.52
CA THR A 232 3.67 14.54 -13.29
C THR A 232 2.65 15.61 -13.67
N ALA A 233 1.42 15.44 -13.15
CA ALA A 233 0.31 16.37 -13.39
C ALA A 233 -0.42 16.65 -12.07
N ASP A 234 -1.00 17.84 -11.96
CA ASP A 234 -1.72 18.31 -10.74
C ASP A 234 -2.82 17.34 -10.33
N SER A 235 -3.48 16.78 -11.34
CA SER A 235 -4.56 15.80 -11.18
C SER A 235 -4.65 14.95 -12.45
N TYR A 236 -5.36 13.82 -12.36
CA TYR A 236 -5.75 13.01 -13.53
C TYR A 236 -6.80 13.79 -14.34
N ALA A 237 -7.53 14.71 -13.66
CA ALA A 237 -8.44 15.67 -14.31
C ALA A 237 -7.69 16.53 -15.35
N ALA A 238 -6.56 17.12 -14.91
CA ALA A 238 -5.68 17.95 -15.76
C ALA A 238 -4.93 17.07 -16.80
N ALA A 239 -4.55 15.86 -16.38
CA ALA A 239 -3.76 14.92 -17.20
C ALA A 239 -4.58 14.39 -18.39
N LYS A 240 -5.81 13.93 -18.11
CA LYS A 240 -6.69 13.27 -19.12
C LYS A 240 -7.20 14.28 -20.17
N SER A 241 -7.25 15.58 -19.80
CA SER A 241 -7.65 16.68 -20.71
C SER A 241 -6.68 16.80 -21.91
N SER A 242 -5.46 16.27 -21.76
CA SER A 242 -4.45 16.23 -22.81
C SER A 242 -4.82 15.18 -23.89
N PRO A 243 -5.13 15.60 -25.16
CA PRO A 243 -5.53 14.66 -26.24
C PRO A 243 -4.31 13.90 -26.84
N HIS A 244 -3.10 14.41 -26.58
CA HIS A 244 -1.86 13.83 -27.14
C HIS A 244 -1.53 12.46 -26.51
N LEU A 245 -2.07 12.19 -25.31
CA LEU A 245 -1.91 10.89 -24.60
C LEU A 245 -2.43 9.71 -25.45
N GLU A 246 -3.50 9.98 -26.22
CA GLU A 246 -4.17 8.99 -27.08
C GLU A 246 -3.23 8.46 -28.19
N LEU A 247 -2.23 9.27 -28.58
CA LEU A 247 -1.26 8.91 -29.62
C LEU A 247 -0.41 7.70 -29.19
N LEU A 248 0.30 7.83 -28.05
CA LEU A 248 1.13 6.71 -27.49
C LEU A 248 0.25 5.54 -27.04
N ARG A 249 -0.96 5.85 -26.56
CA ARG A 249 -1.97 4.84 -26.20
C ARG A 249 -2.29 3.92 -27.41
N LYS A 250 -2.36 4.53 -28.61
CA LYS A 250 -2.64 3.81 -29.87
C LYS A 250 -1.34 3.17 -30.42
N LYS A 251 -0.18 3.81 -30.14
CA LYS A 251 1.17 3.28 -30.53
C LYS A 251 1.49 1.97 -29.78
N GLY A 252 0.86 1.78 -28.62
CA GLY A 252 1.08 0.62 -27.75
C GLY A 252 2.11 0.88 -26.66
N ILE A 253 2.45 2.16 -26.45
CA ILE A 253 3.29 2.61 -25.32
C ILE A 253 2.32 3.12 -24.24
N GLU A 254 2.65 2.85 -22.98
CA GLU A 254 1.84 3.27 -21.85
C GLU A 254 2.60 4.33 -21.05
N VAL A 255 1.94 5.47 -20.78
CA VAL A 255 2.54 6.59 -20.05
C VAL A 255 1.82 6.76 -18.70
N LEU A 256 2.53 6.44 -17.61
CA LEU A 256 1.99 6.51 -16.24
C LEU A 256 1.78 7.97 -15.80
N LEU A 257 0.50 8.37 -15.72
CA LEU A 257 0.06 9.67 -15.20
C LEU A 257 0.01 9.63 -13.66
N LEU A 258 0.77 10.54 -13.01
CA LEU A 258 0.79 10.71 -11.55
C LEU A 258 -0.11 11.88 -11.20
N SER A 259 -1.13 11.63 -10.37
CA SER A 259 -2.12 12.63 -9.96
C SER A 259 -1.98 12.93 -8.44
N ASP A 260 -0.83 12.52 -7.88
CA ASP A 260 -0.57 12.54 -6.44
C ASP A 260 0.05 13.88 -6.04
N ARG A 261 -0.15 14.29 -4.78
CA ARG A 261 0.52 15.48 -4.22
C ARG A 261 1.97 15.15 -3.77
N ILE A 262 2.21 13.85 -3.48
CA ILE A 262 3.49 13.35 -2.95
C ILE A 262 4.37 12.72 -4.07
N ASP A 263 3.84 12.70 -5.30
CA ASP A 263 4.46 12.03 -6.48
C ASP A 263 5.95 12.43 -6.69
N GLU A 264 6.26 13.69 -6.34
CA GLU A 264 7.61 14.27 -6.43
C GLU A 264 8.56 13.61 -5.39
N TRP A 265 8.20 13.72 -4.08
CA TRP A 265 9.05 13.25 -2.97
C TRP A 265 9.23 11.72 -2.98
N MET A 266 8.17 11.01 -3.45
CA MET A 266 8.17 9.53 -3.58
C MET A 266 9.35 9.04 -4.44
N MET A 267 9.50 9.67 -5.61
CA MET A 267 10.46 9.24 -6.66
C MET A 267 11.90 9.74 -6.40
N ASN A 268 12.12 10.45 -5.27
CA ASN A 268 13.48 10.77 -4.78
C ASN A 268 14.21 9.49 -4.34
N TYR A 269 13.42 8.50 -3.94
CA TYR A 269 13.90 7.20 -3.47
C TYR A 269 13.40 6.07 -4.39
N LEU A 270 12.18 6.23 -4.94
CA LEU A 270 11.65 5.31 -5.97
C LEU A 270 12.21 5.78 -7.33
N THR A 271 13.53 5.63 -7.52
CA THR A 271 14.23 6.06 -8.74
C THR A 271 14.29 4.90 -9.76
N GLU A 272 14.14 3.67 -9.26
CA GLU A 272 14.20 2.44 -10.05
C GLU A 272 13.30 1.37 -9.40
N PHE A 273 12.74 0.48 -10.25
CA PHE A 273 11.96 -0.70 -9.84
C PHE A 273 12.18 -1.80 -10.89
N ASP A 274 12.31 -3.07 -10.42
CA ASP A 274 12.56 -4.27 -11.29
C ASP A 274 14.01 -4.29 -11.86
N GLY A 275 14.84 -3.32 -11.41
CA GLY A 275 16.15 -3.07 -12.04
C GLY A 275 15.99 -2.26 -13.33
N LYS A 276 14.86 -1.56 -13.44
CA LYS A 276 14.46 -0.82 -14.64
C LYS A 276 14.35 0.69 -14.28
N PRO A 277 15.26 1.57 -14.82
CA PRO A 277 15.26 3.01 -14.47
C PRO A 277 14.04 3.75 -15.07
N PHE A 278 13.64 4.85 -14.42
CA PHE A 278 12.44 5.61 -14.79
C PHE A 278 12.77 6.83 -15.68
N GLN A 279 11.77 7.28 -16.45
CA GLN A 279 11.90 8.39 -17.39
C GLN A 279 10.52 9.05 -17.57
N SER A 280 10.45 10.37 -17.41
CA SER A 280 9.24 11.12 -17.75
C SER A 280 9.24 11.46 -19.25
N VAL A 281 8.07 11.86 -19.75
CA VAL A 281 7.82 12.14 -21.17
C VAL A 281 8.70 13.29 -21.73
N SER A 282 9.29 14.09 -20.81
CA SER A 282 10.20 15.22 -21.16
C SER A 282 11.36 14.77 -22.08
N LYS A 283 11.77 13.50 -21.92
CA LYS A 283 12.78 12.84 -22.78
C LYS A 283 12.31 11.40 -23.08
N VAL A 284 12.88 10.80 -24.14
CA VAL A 284 12.57 9.41 -24.55
C VAL A 284 13.80 8.51 -24.35
N ASP A 285 13.59 7.20 -24.53
CA ASP A 285 14.67 6.18 -24.52
C ASP A 285 14.91 5.70 -25.97
N GLU A 286 16.04 4.99 -26.21
CA GLU A 286 16.40 4.48 -27.56
C GLU A 286 15.92 3.03 -27.72
N SER A 287 14.69 2.77 -27.25
CA SER A 287 14.00 1.48 -27.37
C SER A 287 13.86 1.03 -28.84
N LEU A 288 13.68 2.02 -29.73
CA LEU A 288 13.41 1.81 -31.17
C LEU A 288 14.73 1.84 -31.97
N GLU A 289 15.86 1.47 -31.33
CA GLU A 289 17.19 1.34 -31.99
C GLU A 289 17.15 0.27 -33.12
N LYS A 290 16.23 -0.69 -32.96
CA LYS A 290 15.99 -1.77 -33.94
C LYS A 290 15.33 -1.21 -35.22
N LEU A 291 14.62 -0.08 -35.07
CA LEU A 291 13.96 0.65 -36.17
C LEU A 291 14.90 1.73 -36.74
N ALA A 292 15.76 2.27 -35.86
CA ALA A 292 16.70 3.36 -36.20
C ALA A 292 17.90 2.81 -37.01
N MET B 17 13.72 7.68 -36.69
CA MET B 17 14.68 7.11 -35.70
C MET B 17 14.04 7.10 -34.30
N ALA B 18 14.80 6.58 -33.31
CA ALA B 18 14.28 6.24 -31.96
C ALA B 18 14.02 7.48 -31.07
N THR B 19 12.97 8.25 -31.42
CA THR B 19 12.58 9.48 -30.69
C THR B 19 11.28 10.05 -31.28
N SER B 20 11.20 10.05 -32.63
CA SER B 20 10.13 10.72 -33.40
C SER B 20 8.95 9.76 -33.63
N THR B 21 8.62 8.98 -32.59
CA THR B 21 7.50 8.05 -32.57
C THR B 21 6.76 8.14 -31.22
N LEU B 22 7.28 9.00 -30.31
CA LEU B 22 6.61 9.33 -29.03
C LEU B 22 6.16 10.80 -29.04
N ILE B 23 5.09 11.09 -28.28
CA ILE B 23 4.56 12.46 -28.13
C ILE B 23 5.06 13.10 -26.83
N LYS B 24 5.09 14.43 -26.83
CA LYS B 24 5.49 15.26 -25.66
C LYS B 24 4.35 15.32 -24.63
N ALA B 25 3.10 15.35 -25.15
CA ALA B 25 1.86 15.46 -24.35
C ALA B 25 1.87 16.68 -23.41
N ILE B 26 2.26 16.47 -22.15
CA ILE B 26 2.29 17.51 -21.09
C ILE B 26 3.45 17.21 -20.15
N ASP B 27 3.67 18.12 -19.20
CA ASP B 27 4.71 17.97 -18.17
C ASP B 27 4.52 19.05 -17.09
N GLY B 28 4.05 20.23 -17.54
CA GLY B 28 3.91 21.40 -16.68
C GLY B 28 5.09 22.33 -16.85
N ASP B 29 6.24 21.91 -16.31
CA ASP B 29 7.50 22.69 -16.39
C ASP B 29 8.71 21.81 -15.99
N THR B 30 9.42 21.28 -17.01
CA THR B 30 10.68 20.50 -16.89
C THR B 30 10.63 19.42 -15.78
N VAL B 31 10.07 18.26 -16.11
CA VAL B 31 9.90 17.13 -15.18
C VAL B 31 11.17 16.26 -15.15
N LYS B 32 11.55 15.70 -16.32
CA LYS B 32 12.70 14.74 -16.48
C LYS B 32 12.40 13.40 -15.76
N LEU B 33 12.27 13.46 -14.42
CA LEU B 33 11.60 12.41 -13.62
C LEU B 33 11.25 13.05 -12.26
N MET B 34 10.05 13.66 -12.21
CA MET B 34 9.47 14.32 -11.02
C MET B 34 10.32 15.52 -10.54
N TYR B 35 9.92 16.08 -9.40
CA TYR B 35 10.63 17.16 -8.71
C TYR B 35 11.25 16.58 -7.41
N LYS B 36 12.40 17.15 -6.98
CA LYS B 36 13.15 16.61 -5.82
C LYS B 36 12.56 17.11 -4.49
N GLY B 37 13.03 16.50 -3.39
CA GLY B 37 12.56 16.78 -2.03
C GLY B 37 13.56 16.27 -0.99
N GLN B 38 13.12 16.18 0.29
CA GLN B 38 13.98 15.73 1.42
C GLN B 38 13.12 14.96 2.46
N PRO B 39 13.71 13.99 3.24
CA PRO B 39 12.98 13.22 4.27
C PRO B 39 12.34 14.11 5.36
N MET B 40 11.01 14.20 5.33
CA MET B 40 10.20 14.97 6.29
C MET B 40 9.45 14.01 7.24
N THR B 41 9.86 12.73 7.24
CA THR B 41 9.24 11.66 8.04
C THR B 41 10.29 11.00 8.96
N PHE B 42 9.92 9.91 9.65
CA PHE B 42 10.83 9.15 10.55
C PHE B 42 11.26 7.82 9.90
N ARG B 43 11.74 6.85 10.70
CA ARG B 43 12.25 5.54 10.21
C ARG B 43 11.33 4.40 10.68
N LEU B 44 10.55 3.80 9.74
CA LEU B 44 9.74 2.57 10.00
C LEU B 44 9.02 2.21 8.70
N LEU B 45 9.23 0.96 8.20
CA LEU B 45 8.47 0.38 7.06
C LEU B 45 8.41 -1.14 7.10
N LEU B 46 7.72 -1.66 6.06
CA LEU B 46 7.58 -3.09 5.76
C LEU B 46 8.97 -3.77 5.63
N VAL B 47 9.01 -5.06 5.96
CA VAL B 47 10.22 -5.91 5.88
C VAL B 47 9.90 -7.14 4.98
N ASP B 48 10.89 -8.02 4.70
CA ASP B 48 10.70 -9.28 3.94
C ASP B 48 10.07 -9.01 2.56
N THR B 49 10.67 -8.06 1.82
CA THR B 49 10.17 -7.54 0.53
C THR B 49 9.72 -8.66 -0.46
N PRO B 50 8.36 -8.88 -0.64
CA PRO B 50 7.81 -9.81 -1.63
C PRO B 50 7.90 -9.21 -3.03
N GLU B 51 8.92 -9.61 -3.77
CA GLU B 51 9.15 -9.14 -5.14
C GLU B 51 8.24 -9.91 -6.11
N THR B 52 8.24 -11.24 -5.96
CA THR B 52 7.44 -12.16 -6.80
C THR B 52 6.84 -13.28 -5.91
N LYS B 53 6.59 -12.95 -4.62
CA LYS B 53 5.89 -13.88 -3.69
C LYS B 53 4.37 -13.73 -3.87
N HIS B 54 3.92 -14.12 -5.07
CA HIS B 54 2.52 -14.11 -5.51
C HIS B 54 2.47 -14.71 -6.93
N PRO B 55 1.31 -15.27 -7.40
CA PRO B 55 1.15 -15.67 -8.81
C PRO B 55 1.38 -14.47 -9.77
N LYS B 56 0.52 -13.42 -9.61
CA LYS B 56 0.67 -12.10 -10.27
C LYS B 56 -0.55 -11.23 -9.90
N LYS B 57 -1.70 -11.58 -10.49
CA LYS B 57 -2.95 -10.81 -10.39
C LYS B 57 -4.12 -11.74 -10.74
N GLY B 58 -5.06 -11.93 -9.78
CA GLY B 58 -6.17 -12.87 -9.92
C GLY B 58 -7.30 -12.35 -10.80
N VAL B 59 -7.02 -12.30 -12.11
CA VAL B 59 -7.98 -11.96 -13.18
C VAL B 59 -7.61 -12.82 -14.42
N GLU B 60 -8.24 -12.55 -15.58
CA GLU B 60 -7.89 -13.22 -16.86
C GLU B 60 -6.70 -12.49 -17.54
N LYS B 61 -5.60 -12.32 -16.75
CA LYS B 61 -4.33 -11.66 -17.15
C LYS B 61 -4.55 -10.14 -17.42
N TYR B 62 -5.26 -9.84 -18.52
CA TYR B 62 -5.67 -8.46 -18.88
C TYR B 62 -6.90 -8.05 -18.02
N GLY B 63 -7.67 -9.08 -17.62
CA GLY B 63 -8.90 -8.89 -16.86
C GLY B 63 -10.11 -8.73 -17.77
N PRO B 64 -11.28 -8.28 -17.24
CA PRO B 64 -12.46 -7.96 -18.08
C PRO B 64 -12.24 -6.68 -18.91
N GLU B 65 -11.58 -5.69 -18.28
CA GLU B 65 -11.45 -4.29 -18.75
C GLU B 65 -12.83 -3.61 -18.84
N ALA B 66 -13.65 -4.04 -19.83
CA ALA B 66 -14.97 -3.48 -20.16
C ALA B 66 -14.84 -2.14 -20.91
N SER B 67 -14.13 -1.17 -20.28
CA SER B 67 -13.85 0.18 -20.83
C SER B 67 -15.07 1.12 -20.72
N ALA B 68 -16.25 0.63 -21.15
CA ALA B 68 -17.53 1.35 -21.08
C ALA B 68 -17.95 1.57 -19.61
N PHE B 69 -17.43 2.66 -19.00
CA PHE B 69 -17.81 3.13 -17.66
C PHE B 69 -18.25 4.59 -17.76
N THR B 70 -17.28 5.49 -18.05
CA THR B 70 -17.52 6.93 -18.21
C THR B 70 -16.79 7.46 -19.46
N LYS B 71 -15.45 7.18 -19.52
CA LYS B 71 -14.52 7.71 -20.55
C LYS B 71 -14.44 9.27 -20.45
N LYS B 72 -14.89 9.79 -19.30
CA LYS B 72 -15.04 11.23 -19.02
C LYS B 72 -14.72 11.48 -17.53
N MET B 73 -14.80 12.76 -17.13
CA MET B 73 -14.52 13.22 -15.75
C MET B 73 -15.71 14.04 -15.24
N VAL B 74 -15.70 14.33 -13.92
CA VAL B 74 -16.77 15.06 -13.16
C VAL B 74 -17.99 14.13 -12.90
N GLU B 75 -18.53 13.54 -13.99
CA GLU B 75 -19.69 12.61 -14.00
C GLU B 75 -20.92 13.15 -13.20
N ASN B 76 -21.85 12.24 -12.78
CA ASN B 76 -23.09 12.58 -12.02
C ASN B 76 -24.10 13.35 -12.88
N ALA B 77 -23.82 14.66 -13.13
CA ALA B 77 -24.68 15.58 -13.90
C ALA B 77 -26.00 15.86 -13.12
#